data_9W4B
#
_entry.id   9W4B
#
_cell.length_a   138.840
_cell.length_b   221.660
_cell.length_c   236.220
_cell.angle_alpha   90.000
_cell.angle_beta   90.000
_cell.angle_gamma   90.000
#
_symmetry.space_group_name_H-M   'P 21 21 21'
#
loop_
_entity.id
_entity.type
_entity.pdbx_description
1 polymer beta-glucosidase
2 non-polymer GLYCEROL
3 non-polymer 'SULFATE ION'
4 water water
#
_entity_poly.entity_id   1
_entity_poly.type   'polypeptide(L)'
_entity_poly.pdbx_seq_one_letter_code
;SMSFPKGFLWGAATASYQIEGAWNEDGKGESIWDRFTHQKGNILYGHNGDIACDHYHRFEEDVLLMKELGLKAYRFSIAW
TRIFPDGFGNVNQKGLEFYDRLINKLVENGIEPVITIYHWDLPQKLQDIGGWANSEIVNYYFDYAMLVINRYKDRVKYWI
TFNEPYCIAFLGHWHGVHAPGIKDFKVAIDVVHNIMLSHFKVVKAVKENNIDVEVGITLNLTPVYLQTERLGYKVSEIER
EMVNLSSQLDNELFLDPVLKGNYPQKLFDYLVQKDLLEAQKALSMQQEVKENFIFPDFLGINYYTRAVRLYDENSSWIFP
IRWEHPAGEYTEMGWEVFPQGLFDLLMWIKENYPQIPIYITENGAAYNDIVTEDGKVHDSKRIEYLKQHFDQARKAIENG
VDLRGYFVWSLMDNLEWAMGYTKRFGIIYVDYETQKRIKKDSFYFYQQYIKENS
;
_entity_poly.pdbx_strand_id   A,B,C,D,E,F,G,H,I,J,K,L
#
loop_
_chem_comp.id
_chem_comp.type
_chem_comp.name
_chem_comp.formula
GOL non-polymer GLYCEROL 'C3 H8 O3'
SO4 non-polymer 'SULFATE ION' 'O4 S -2'
#
# COMPACT_ATOMS: atom_id res chain seq x y z
N MET A 2 -60.05 98.53 32.62
CA MET A 2 -59.21 97.85 33.61
C MET A 2 -57.77 97.60 33.12
N SER A 3 -56.79 97.90 33.96
CA SER A 3 -55.39 97.71 33.59
C SER A 3 -54.81 96.49 34.30
N PHE A 4 -53.74 95.99 33.76
CA PHE A 4 -53.00 94.97 34.47
C PHE A 4 -52.24 95.60 35.64
N PRO A 5 -52.16 94.90 36.76
CA PRO A 5 -51.50 95.47 37.95
C PRO A 5 -50.04 95.76 37.69
N LYS A 6 -49.48 96.64 38.54
CA LYS A 6 -48.26 97.36 38.19
C LYS A 6 -47.12 96.43 37.81
N GLY A 7 -46.85 95.41 38.63
CA GLY A 7 -45.70 94.59 38.33
C GLY A 7 -46.00 93.25 37.67
N PHE A 8 -47.10 93.19 36.91
CA PHE A 8 -47.54 91.94 36.29
C PHE A 8 -46.42 91.25 35.53
N LEU A 9 -46.20 89.99 35.84
CA LEU A 9 -45.11 89.22 35.22
C LEU A 9 -45.54 88.76 33.83
N TRP A 10 -45.29 89.58 32.82
CA TRP A 10 -45.40 89.12 31.44
C TRP A 10 -44.19 88.23 31.11
N GLY A 11 -44.43 86.95 30.83
CA GLY A 11 -43.33 86.02 30.66
C GLY A 11 -43.47 85.15 29.42
N ALA A 12 -42.48 84.27 29.24
CA ALA A 12 -42.56 83.14 28.33
C ALA A 12 -41.92 81.97 29.03
N ALA A 13 -42.21 80.78 28.53
CA ALA A 13 -41.91 79.57 29.28
C ALA A 13 -41.34 78.50 28.37
N THR A 14 -40.37 77.77 28.92
CA THR A 14 -39.75 76.62 28.26
C THR A 14 -39.54 75.52 29.29
N ALA A 15 -39.04 74.36 28.82
CA ALA A 15 -38.58 73.27 29.68
C ALA A 15 -37.32 72.66 29.10
N SER A 16 -36.43 72.22 30.01
CA SER A 16 -35.07 71.81 29.68
C SER A 16 -35.01 70.73 28.59
N TYR A 17 -35.78 69.66 28.76
CA TYR A 17 -35.65 68.60 27.77
C TYR A 17 -36.19 69.06 26.43
N GLN A 18 -37.06 70.04 26.41
CA GLN A 18 -37.64 70.40 25.12
C GLN A 18 -36.73 71.33 24.32
N ILE A 19 -35.79 72.03 24.95
CA ILE A 19 -35.01 73.05 24.25
C ILE A 19 -33.50 72.92 24.42
N GLU A 20 -32.97 72.18 25.41
CA GLU A 20 -31.57 72.38 25.77
C GLU A 20 -30.58 71.58 24.89
N GLY A 21 -30.98 70.41 24.42
CA GLY A 21 -30.06 69.50 23.75
C GLY A 21 -28.88 69.16 24.63
N ALA A 22 -27.74 68.89 23.98
CA ALA A 22 -26.50 68.58 24.69
C ALA A 22 -26.76 67.50 25.71
N TRP A 23 -27.53 66.50 25.29
CA TRP A 23 -28.14 65.53 26.18
C TRP A 23 -27.13 64.72 26.94
N ASN A 24 -25.87 64.67 26.49
CA ASN A 24 -24.86 63.92 27.21
C ASN A 24 -23.53 64.67 27.30
N GLU A 25 -23.54 65.99 27.23
CA GLU A 25 -22.31 66.73 27.42
C GLU A 25 -22.05 66.99 28.91
N ASP A 26 -20.76 67.23 29.23
CA ASP A 26 -20.35 67.75 30.53
C ASP A 26 -20.79 66.83 31.68
N GLY A 27 -20.76 65.53 31.45
CA GLY A 27 -21.15 64.61 32.49
C GLY A 27 -22.63 64.52 32.79
N LYS A 28 -23.51 65.08 31.96
CA LYS A 28 -24.94 65.01 32.23
C LYS A 28 -25.43 63.56 32.21
N GLY A 29 -26.17 63.19 33.26
CA GLY A 29 -26.74 61.87 33.34
C GLY A 29 -27.85 61.63 32.33
N GLU A 30 -28.10 60.36 32.05
CA GLU A 30 -29.23 59.95 31.25
C GLU A 30 -30.53 60.15 32.03
N SER A 31 -31.51 60.79 31.40
CA SER A 31 -32.84 60.96 31.98
C SER A 31 -33.80 59.92 31.38
N ILE A 32 -34.96 59.78 32.02
CA ILE A 32 -35.95 58.87 31.47
C ILE A 32 -36.44 59.32 30.09
N TRP A 33 -36.33 60.61 29.76
CA TRP A 33 -36.71 61.03 28.42
C TRP A 33 -35.60 60.76 27.40
N ASP A 34 -34.33 60.82 27.80
CA ASP A 34 -33.28 60.30 26.92
C ASP A 34 -33.58 58.86 26.53
N ARG A 35 -33.85 58.03 27.53
CA ARG A 35 -34.14 56.61 27.30
C ARG A 35 -35.41 56.42 26.48
N PHE A 36 -36.42 57.25 26.75
CA PHE A 36 -37.73 57.08 26.11
C PHE A 36 -37.66 57.45 24.63
N THR A 37 -37.04 58.59 24.30
CA THR A 37 -36.94 58.97 22.91
C THR A 37 -35.89 58.16 22.15
N HIS A 38 -35.06 57.39 22.84
CA HIS A 38 -34.12 56.51 22.15
C HIS A 38 -34.70 55.13 21.89
N GLN A 39 -35.97 54.91 22.22
CA GLN A 39 -36.67 53.66 21.91
C GLN A 39 -37.56 53.87 20.69
N LYS A 40 -37.56 52.89 19.79
CA LYS A 40 -38.38 52.99 18.58
C LYS A 40 -39.85 52.94 18.93
N GLY A 41 -40.64 53.80 18.31
CA GLY A 41 -42.07 53.73 18.48
C GLY A 41 -42.65 54.61 19.56
N ASN A 42 -41.84 55.42 20.23
CA ASN A 42 -42.36 56.32 21.26
C ASN A 42 -42.69 57.71 20.75
N ILE A 43 -41.94 58.22 19.79
CA ILE A 43 -42.05 59.61 19.36
C ILE A 43 -42.37 59.63 17.88
N LEU A 44 -43.32 60.47 17.49
CA LEU A 44 -43.58 60.70 16.07
C LEU A 44 -42.27 60.90 15.31
N TYR A 45 -42.17 60.25 14.15
CA TYR A 45 -41.04 60.39 13.22
C TYR A 45 -39.70 60.07 13.88
N GLY A 46 -39.69 59.40 15.02
CA GLY A 46 -38.42 59.12 15.68
C GLY A 46 -37.63 60.32 16.15
N HIS A 47 -38.26 61.47 16.33
CA HIS A 47 -37.55 62.63 16.88
C HIS A 47 -37.03 62.34 18.30
N ASN A 48 -36.06 63.14 18.75
CA ASN A 48 -35.60 63.06 20.13
C ASN A 48 -35.14 64.43 20.61
N GLY A 49 -34.76 64.51 21.88
CA GLY A 49 -34.21 65.78 22.33
C GLY A 49 -32.69 65.87 22.44
N ASP A 50 -31.94 65.09 21.64
CA ASP A 50 -30.47 65.13 21.70
C ASP A 50 -29.92 66.52 21.37
N ILE A 51 -30.54 67.22 20.43
CA ILE A 51 -30.09 68.53 19.99
C ILE A 51 -31.13 69.62 20.30
N ALA A 52 -32.40 69.37 19.95
CA ALA A 52 -33.51 70.30 20.31
C ALA A 52 -33.19 71.66 19.70
N CYS A 53 -33.30 72.75 20.47
CA CYS A 53 -32.93 74.09 20.03
C CYS A 53 -31.51 74.43 20.44
N ASP A 54 -30.75 73.46 20.91
CA ASP A 54 -29.36 73.67 21.29
C ASP A 54 -29.20 74.84 22.25
N HIS A 55 -30.19 75.04 23.13
CA HIS A 55 -30.18 76.15 24.06
C HIS A 55 -29.01 76.07 25.03
N TYR A 56 -28.52 74.86 25.31
CA TYR A 56 -27.34 74.72 26.15
C TYR A 56 -26.19 75.58 25.63
N HIS A 57 -26.00 75.63 24.31
CA HIS A 57 -24.89 76.42 23.77
C HIS A 57 -25.32 77.82 23.35
N ARG A 58 -26.60 78.03 23.06
CA ARG A 58 -27.05 79.27 22.47
C ARG A 58 -27.80 80.15 23.45
N PHE A 59 -27.74 79.84 24.76
CA PHE A 59 -28.60 80.52 25.73
C PHE A 59 -28.37 82.03 25.74
N GLU A 60 -27.15 82.49 25.46
CA GLU A 60 -26.91 83.93 25.51
C GLU A 60 -27.75 84.67 24.47
N GLU A 61 -27.74 84.21 23.22
CA GLU A 61 -28.57 84.85 22.20
C GLU A 61 -30.04 84.74 22.57
N ASP A 62 -30.45 83.62 23.16
CA ASP A 62 -31.84 83.46 23.55
C ASP A 62 -32.23 84.46 24.64
N VAL A 63 -31.34 84.72 25.61
CA VAL A 63 -31.65 85.72 26.61
C VAL A 63 -31.73 87.12 25.98
N LEU A 64 -30.93 87.39 24.94
CA LEU A 64 -30.99 88.71 24.33
C LEU A 64 -32.29 88.93 23.56
N LEU A 65 -32.85 87.85 22.98
CA LEU A 65 -34.16 87.91 22.36
C LEU A 65 -35.24 88.18 23.41
N MET A 66 -35.10 87.60 24.61
CA MET A 66 -36.04 87.91 25.68
C MET A 66 -35.96 89.37 26.08
N LYS A 67 -34.75 89.95 26.08
CA LYS A 67 -34.62 91.37 26.38
C LYS A 67 -35.23 92.22 25.27
N GLU A 68 -35.03 91.81 24.02
CA GLU A 68 -35.68 92.50 22.92
C GLU A 68 -37.19 92.38 23.02
N LEU A 69 -37.70 91.21 23.40
CA LEU A 69 -39.13 91.02 23.58
C LEU A 69 -39.68 91.87 24.71
N GLY A 70 -38.84 92.25 25.67
CA GLY A 70 -39.35 92.99 26.81
C GLY A 70 -39.99 92.12 27.87
N LEU A 71 -39.62 90.84 27.96
CA LEU A 71 -40.19 89.97 28.99
C LEU A 71 -39.86 90.50 30.37
N LYS A 72 -40.87 90.50 31.26
CA LYS A 72 -40.60 90.76 32.67
C LYS A 72 -40.07 89.52 33.38
N ALA A 73 -40.40 88.32 32.86
CA ALA A 73 -39.94 87.11 33.51
C ALA A 73 -39.79 86.01 32.47
N TYR A 74 -39.08 84.97 32.85
CA TYR A 74 -38.84 83.87 31.96
C TYR A 74 -38.93 82.62 32.80
N ARG A 75 -39.80 81.69 32.42
CA ARG A 75 -39.99 80.44 33.13
C ARG A 75 -39.22 79.36 32.39
N PHE A 76 -38.30 78.69 33.10
CA PHE A 76 -37.56 77.54 32.57
C PHE A 76 -37.47 76.46 33.65
N SER A 77 -36.97 75.30 33.27
CA SER A 77 -36.75 74.20 34.20
C SER A 77 -35.27 73.84 34.23
N ILE A 78 -34.85 73.26 35.36
CA ILE A 78 -33.49 72.76 35.54
C ILE A 78 -33.49 71.25 35.28
N ALA A 79 -32.53 70.79 34.48
CA ALA A 79 -32.36 69.37 34.17
C ALA A 79 -31.67 68.70 35.35
N TRP A 80 -32.44 67.93 36.11
CA TRP A 80 -31.93 67.24 37.29
C TRP A 80 -30.63 66.49 36.98
N THR A 81 -30.56 65.85 35.80
CA THR A 81 -29.40 65.05 35.40
C THR A 81 -28.17 65.88 35.08
N ARG A 82 -28.30 67.20 34.94
CA ARG A 82 -27.11 68.05 34.84
C ARG A 82 -26.49 68.32 36.20
N ILE A 83 -27.29 68.30 37.26
CA ILE A 83 -26.80 68.60 38.60
C ILE A 83 -26.35 67.34 39.32
N PHE A 84 -27.20 66.32 39.32
CA PHE A 84 -26.91 65.00 39.89
C PHE A 84 -27.03 63.97 38.78
N PRO A 85 -25.96 63.70 38.03
CA PRO A 85 -26.05 62.72 36.93
C PRO A 85 -26.71 61.39 37.31
N ASP A 86 -26.60 60.94 38.56
CA ASP A 86 -27.26 59.70 38.97
C ASP A 86 -28.51 59.92 39.81
N GLY A 87 -28.97 61.17 39.97
CA GLY A 87 -30.15 61.44 40.77
C GLY A 87 -29.80 61.66 42.23
N PHE A 88 -28.96 60.78 42.74
CA PHE A 88 -28.29 60.89 44.02
C PHE A 88 -26.80 61.05 43.70
N GLY A 89 -25.97 60.97 44.73
CA GLY A 89 -24.53 60.94 44.51
C GLY A 89 -23.88 62.31 44.39
N ASN A 90 -22.81 62.38 43.58
CA ASN A 90 -21.99 63.57 43.49
C ASN A 90 -22.64 64.66 42.65
N VAL A 91 -22.48 65.91 43.09
CA VAL A 91 -22.94 67.04 42.29
C VAL A 91 -21.98 67.23 41.14
N ASN A 92 -22.52 67.66 40.00
CA ASN A 92 -21.73 67.90 38.79
C ASN A 92 -21.56 69.40 38.61
N GLN A 93 -20.30 69.86 38.71
CA GLN A 93 -20.00 71.29 38.70
C GLN A 93 -20.35 71.95 37.38
N LYS A 94 -20.13 71.26 36.26
CA LYS A 94 -20.45 71.89 34.98
C LYS A 94 -21.94 72.17 34.85
N GLY A 95 -22.77 71.28 35.39
CA GLY A 95 -24.19 71.53 35.41
C GLY A 95 -24.55 72.76 36.21
N LEU A 96 -23.97 72.91 37.39
CA LEU A 96 -24.27 74.12 38.17
C LEU A 96 -23.74 75.35 37.43
N GLU A 97 -22.58 75.20 36.80
CA GLU A 97 -21.99 76.31 36.05
C GLU A 97 -22.92 76.81 34.96
N PHE A 98 -23.58 75.91 34.23
CA PHE A 98 -24.47 76.33 33.16
C PHE A 98 -25.65 77.13 33.70
N TYR A 99 -26.29 76.64 34.74
CA TYR A 99 -27.44 77.40 35.23
C TYR A 99 -26.97 78.67 35.92
N ASP A 100 -25.74 78.68 36.45
CA ASP A 100 -25.18 79.91 37.00
C ASP A 100 -25.08 80.99 35.93
N ARG A 101 -24.65 80.59 34.73
CA ARG A 101 -24.45 81.58 33.67
C ARG A 101 -25.78 82.08 33.12
N LEU A 102 -26.72 81.15 32.93
CA LEU A 102 -28.05 81.52 32.46
C LEU A 102 -28.74 82.45 33.45
N ILE A 103 -28.77 82.05 34.73
CA ILE A 103 -29.45 82.86 35.73
C ILE A 103 -28.81 84.25 35.82
N ASN A 104 -27.47 84.32 35.78
CA ASN A 104 -26.83 85.64 35.87
C ASN A 104 -27.10 86.48 34.64
N LYS A 105 -27.06 85.85 33.46
CA LYS A 105 -27.41 86.58 32.24
C LYS A 105 -28.82 87.15 32.31
N LEU A 106 -29.76 86.38 32.90
CA LEU A 106 -31.14 86.87 33.03
C LEU A 106 -31.20 88.05 34.00
N VAL A 107 -30.66 87.88 35.20
CA VAL A 107 -30.62 88.97 36.17
C VAL A 107 -29.94 90.19 35.57
N GLU A 108 -28.87 89.97 34.81
CA GLU A 108 -28.13 91.05 34.15
C GLU A 108 -29.03 91.90 33.26
N ASN A 109 -29.96 91.25 32.57
CA ASN A 109 -30.85 91.91 31.63
C ASN A 109 -32.19 92.23 32.26
N GLY A 110 -32.29 92.20 33.58
CA GLY A 110 -33.49 92.65 34.26
C GLY A 110 -34.71 91.77 34.07
N ILE A 111 -34.52 90.46 33.95
CA ILE A 111 -35.60 89.51 33.71
C ILE A 111 -35.70 88.62 34.94
N GLU A 112 -36.91 88.54 35.52
CA GLU A 112 -37.13 87.72 36.70
C GLU A 112 -37.11 86.24 36.30
N PRO A 113 -36.18 85.44 36.82
CA PRO A 113 -36.23 84.00 36.56
C PRO A 113 -37.32 83.33 37.40
N VAL A 114 -38.01 82.38 36.77
CA VAL A 114 -39.05 81.55 37.39
C VAL A 114 -38.65 80.11 37.05
N ILE A 115 -38.36 79.29 38.06
CA ILE A 115 -37.69 78.02 37.81
C ILE A 115 -38.61 76.89 38.24
N THR A 116 -38.92 76.03 37.28
CA THR A 116 -39.56 74.76 37.51
C THR A 116 -38.49 73.74 37.88
N ILE A 117 -38.63 73.14 39.07
CA ILE A 117 -37.57 72.28 39.56
C ILE A 117 -37.66 70.90 38.90
N TYR A 118 -38.87 70.38 38.72
CA TYR A 118 -39.07 69.09 38.07
C TYR A 118 -40.05 69.24 36.91
N HIS A 119 -39.55 69.17 35.69
CA HIS A 119 -40.34 69.24 34.46
C HIS A 119 -40.08 67.99 33.63
N TRP A 120 -40.18 66.82 34.28
CA TRP A 120 -40.44 65.49 33.73
C TRP A 120 -39.18 64.67 33.45
N ASP A 121 -37.98 65.26 33.63
CA ASP A 121 -36.71 64.65 33.21
C ASP A 121 -36.00 63.97 34.39
N LEU A 122 -36.64 62.92 34.88
CA LEU A 122 -36.12 62.17 36.02
C LEU A 122 -34.82 61.46 35.64
N PRO A 123 -33.82 61.43 36.53
CA PRO A 123 -32.63 60.62 36.27
C PRO A 123 -33.00 59.14 36.07
N GLN A 124 -32.56 58.59 34.95
CA GLN A 124 -32.78 57.18 34.65
C GLN A 124 -32.26 56.27 35.76
N LYS A 125 -31.16 56.67 36.44
CA LYS A 125 -30.68 55.89 37.58
C LYS A 125 -31.72 55.84 38.71
N LEU A 126 -32.58 56.84 38.83
CA LEU A 126 -33.64 56.77 39.86
C LEU A 126 -34.83 55.96 39.36
N GLN A 127 -35.13 56.04 38.07
CA GLN A 127 -36.12 55.13 37.50
C GLN A 127 -35.72 53.68 37.75
N ASP A 128 -34.42 53.36 37.65
CA ASP A 128 -33.96 51.98 37.81
C ASP A 128 -34.28 51.40 39.19
N ILE A 129 -34.58 52.22 40.19
CA ILE A 129 -35.04 51.67 41.46
C ILE A 129 -36.49 52.02 41.75
N GLY A 130 -37.29 52.34 40.74
CA GLY A 130 -38.71 52.58 40.91
C GLY A 130 -39.18 53.97 40.52
N GLY A 131 -38.29 54.93 40.33
CA GLY A 131 -38.74 56.24 39.91
C GLY A 131 -39.70 56.85 40.92
N TRP A 132 -40.80 57.40 40.39
CA TRP A 132 -41.77 58.08 41.26
C TRP A 132 -42.69 57.10 41.99
N ALA A 133 -42.63 55.82 41.65
CA ALA A 133 -43.47 54.86 42.34
C ALA A 133 -42.82 54.40 43.63
N ASN A 134 -41.58 54.79 43.84
CA ASN A 134 -40.79 54.42 45.02
C ASN A 134 -40.80 55.58 46.01
N SER A 135 -41.19 55.29 47.25
CA SER A 135 -41.36 56.39 48.19
C SER A 135 -40.05 57.05 48.60
N GLU A 136 -38.89 56.41 48.41
CA GLU A 136 -37.63 57.10 48.68
C GLU A 136 -37.34 58.24 47.71
N ILE A 137 -37.99 58.23 46.53
CA ILE A 137 -37.89 59.38 45.62
C ILE A 137 -38.16 60.68 46.36
N VAL A 138 -38.98 60.65 47.42
CA VAL A 138 -39.32 61.90 48.11
C VAL A 138 -38.06 62.58 48.60
N ASN A 139 -37.14 61.81 49.20
CA ASN A 139 -35.91 62.39 49.77
C ASN A 139 -34.90 62.73 48.68
N TYR A 140 -34.80 61.88 47.64
CA TYR A 140 -33.89 62.19 46.53
C TYR A 140 -34.28 63.49 45.83
N TYR A 141 -35.58 63.72 45.65
CA TYR A 141 -36.06 64.98 45.09
C TYR A 141 -35.81 66.15 46.05
N PHE A 142 -36.02 65.92 47.35
CA PHE A 142 -35.84 66.99 48.33
C PHE A 142 -34.40 67.48 48.38
N ASP A 143 -33.43 66.55 48.36
CA ASP A 143 -32.03 66.97 48.38
C ASP A 143 -31.67 67.76 47.12
N TYR A 144 -32.18 67.32 45.97
CA TYR A 144 -31.97 68.07 44.73
C TYR A 144 -32.66 69.44 44.78
N ALA A 145 -33.88 69.51 45.29
CA ALA A 145 -34.60 70.79 45.25
C ALA A 145 -33.97 71.80 46.20
N MET A 146 -33.57 71.39 47.40
CA MET A 146 -32.94 72.34 48.30
C MET A 146 -31.56 72.78 47.84
N LEU A 147 -30.80 71.91 47.16
CA LEU A 147 -29.53 72.35 46.60
C LEU A 147 -29.71 73.55 45.68
N VAL A 148 -30.69 73.50 44.76
CA VAL A 148 -30.78 74.58 43.78
C VAL A 148 -31.50 75.79 44.38
N ILE A 149 -32.44 75.58 45.30
CA ILE A 149 -33.06 76.72 45.96
C ILE A 149 -32.02 77.51 46.76
N ASN A 150 -31.24 76.81 47.60
CA ASN A 150 -30.22 77.47 48.41
C ASN A 150 -29.13 78.11 47.54
N ARG A 151 -28.81 77.50 46.39
CA ARG A 151 -27.80 78.10 45.51
C ARG A 151 -28.34 79.36 44.81
N TYR A 152 -29.61 79.37 44.39
CA TYR A 152 -30.07 80.47 43.55
C TYR A 152 -31.02 81.44 44.25
N LYS A 153 -31.36 81.17 45.50
CA LYS A 153 -32.40 81.95 46.17
C LYS A 153 -32.09 83.44 46.15
N ASP A 154 -30.82 83.83 46.05
CA ASP A 154 -30.48 85.24 45.98
C ASP A 154 -30.90 85.88 44.66
N ARG A 155 -31.02 85.10 43.60
CA ARG A 155 -31.32 85.63 42.28
C ARG A 155 -32.68 85.23 41.74
N VAL A 156 -33.34 84.22 42.33
CA VAL A 156 -34.57 83.65 41.81
C VAL A 156 -35.58 83.62 42.95
N LYS A 157 -36.68 84.37 42.77
CA LYS A 157 -37.70 84.51 43.80
C LYS A 157 -38.89 83.58 43.64
N TYR A 158 -39.06 82.95 42.46
CA TYR A 158 -40.24 82.15 42.16
C TYR A 158 -39.79 80.75 41.83
N TRP A 159 -40.31 79.76 42.55
CA TRP A 159 -39.92 78.38 42.36
C TRP A 159 -41.18 77.55 42.21
N ILE A 160 -41.15 76.61 41.25
CA ILE A 160 -42.27 75.72 40.98
C ILE A 160 -41.76 74.29 41.20
N THR A 161 -42.32 73.58 42.17
CA THR A 161 -41.79 72.26 42.50
C THR A 161 -41.99 71.28 41.35
N PHE A 162 -43.20 71.23 40.77
CA PHE A 162 -43.57 70.26 39.74
C PHE A 162 -44.39 70.92 38.64
N ASN A 163 -44.14 70.51 37.41
CA ASN A 163 -44.99 70.90 36.30
C ASN A 163 -45.92 69.75 35.97
N GLU A 164 -47.23 70.01 36.01
CA GLU A 164 -48.26 69.09 35.53
C GLU A 164 -48.14 67.65 36.07
N PRO A 165 -48.31 67.48 37.40
CA PRO A 165 -48.34 66.13 37.98
C PRO A 165 -49.30 65.14 37.28
N TYR A 166 -50.43 65.62 36.76
CA TYR A 166 -51.37 64.75 36.06
C TYR A 166 -50.66 63.97 34.96
N CYS A 167 -49.80 64.65 34.20
CA CYS A 167 -49.06 64.02 33.12
C CYS A 167 -47.97 63.11 33.64
N ILE A 168 -47.23 63.54 34.67
CA ILE A 168 -46.15 62.73 35.23
C ILE A 168 -46.71 61.39 35.64
N ALA A 169 -47.88 61.42 36.29
CA ALA A 169 -48.54 60.24 36.81
C ALA A 169 -49.25 59.48 35.70
N PHE A 170 -50.26 60.09 35.08
CA PHE A 170 -51.13 59.27 34.25
C PHE A 170 -50.52 59.01 32.89
N LEU A 171 -49.96 60.03 32.23
CA LEU A 171 -49.37 59.79 30.92
C LEU A 171 -48.07 59.02 31.01
N GLY A 172 -47.33 59.20 32.10
CA GLY A 172 -46.07 58.49 32.27
C GLY A 172 -46.20 57.08 32.82
N HIS A 173 -47.25 56.82 33.59
CA HIS A 173 -47.37 55.57 34.34
C HIS A 173 -48.68 54.83 34.11
N TRP A 174 -49.69 55.47 33.53
CA TRP A 174 -50.93 54.79 33.19
C TRP A 174 -51.05 54.60 31.67
N HIS A 175 -51.09 55.68 30.91
CA HIS A 175 -51.20 55.54 29.45
C HIS A 175 -49.90 55.08 28.81
N GLY A 176 -48.76 55.31 29.48
CA GLY A 176 -47.48 54.92 28.94
C GLY A 176 -47.04 55.74 27.74
N VAL A 177 -47.70 56.86 27.48
CA VAL A 177 -47.34 57.66 26.31
C VAL A 177 -46.23 58.67 26.59
N HIS A 178 -45.88 58.88 27.86
CA HIS A 178 -44.73 59.66 28.30
C HIS A 178 -43.74 58.76 29.03
N ALA A 179 -42.50 59.21 29.12
CA ALA A 179 -41.55 58.52 29.98
C ALA A 179 -42.09 58.48 31.41
N PRO A 180 -41.85 57.37 32.15
CA PRO A 180 -41.06 56.18 31.80
C PRO A 180 -41.79 55.17 30.97
N GLY A 181 -42.99 55.44 30.48
CA GLY A 181 -43.70 54.47 29.65
C GLY A 181 -44.41 53.38 30.41
N ILE A 182 -44.67 53.56 31.71
CA ILE A 182 -45.32 52.51 32.48
C ILE A 182 -46.82 52.55 32.25
N LYS A 183 -47.50 51.38 32.40
CA LYS A 183 -48.93 51.26 32.08
C LYS A 183 -49.65 50.52 33.21
N ASP A 184 -50.01 51.25 34.27
CA ASP A 184 -50.59 50.63 35.47
C ASP A 184 -51.24 51.74 36.29
N PHE A 185 -52.57 51.80 36.30
CA PHE A 185 -53.24 52.90 36.98
C PHE A 185 -52.89 52.96 38.47
N LYS A 186 -52.66 51.80 39.09
CA LYS A 186 -52.35 51.77 40.51
C LYS A 186 -50.95 52.34 40.78
N VAL A 187 -50.01 52.13 39.86
CA VAL A 187 -48.71 52.79 39.99
C VAL A 187 -48.86 54.29 39.81
N ALA A 188 -49.73 54.68 38.89
CA ALA A 188 -49.96 56.11 38.65
C ALA A 188 -50.47 56.82 39.90
N ILE A 189 -51.38 56.22 40.65
CA ILE A 189 -51.88 56.88 41.86
C ILE A 189 -50.77 57.02 42.89
N ASP A 190 -49.92 55.97 43.01
CA ASP A 190 -48.75 56.02 43.88
C ASP A 190 -47.83 57.19 43.50
N VAL A 191 -47.67 57.40 42.19
CA VAL A 191 -46.89 58.54 41.71
C VAL A 191 -47.52 59.84 42.17
N VAL A 192 -48.85 59.97 41.99
CA VAL A 192 -49.54 61.17 42.45
C VAL A 192 -49.18 61.46 43.90
N HIS A 193 -49.18 60.42 44.73
CA HIS A 193 -48.97 60.62 46.15
C HIS A 193 -47.54 61.05 46.44
N ASN A 194 -46.57 60.38 45.81
CA ASN A 194 -45.17 60.71 46.11
C ASN A 194 -44.83 62.11 45.63
N ILE A 195 -45.50 62.58 44.58
CA ILE A 195 -45.32 63.95 44.14
C ILE A 195 -45.86 64.92 45.19
N MET A 196 -47.04 64.64 45.74
CA MET A 196 -47.62 65.54 46.75
C MET A 196 -46.70 65.64 47.95
N LEU A 197 -46.19 64.49 48.42
CA LEU A 197 -45.30 64.52 49.58
C LEU A 197 -44.01 65.23 49.27
N SER A 198 -43.45 64.98 48.07
CA SER A 198 -42.27 65.72 47.63
C SER A 198 -42.54 67.21 47.61
N HIS A 199 -43.68 67.64 47.05
CA HIS A 199 -44.01 69.05 47.00
C HIS A 199 -44.13 69.64 48.42
N PHE A 200 -44.82 68.92 49.32
CA PHE A 200 -45.02 69.39 50.69
C PHE A 200 -43.70 69.52 51.43
N LYS A 201 -42.81 68.54 51.28
CA LYS A 201 -41.56 68.58 52.03
C LYS A 201 -40.73 69.80 51.64
N VAL A 202 -40.67 70.14 50.35
CA VAL A 202 -39.94 71.32 49.91
C VAL A 202 -40.59 72.61 50.40
N VAL A 203 -41.91 72.76 50.26
CA VAL A 203 -42.56 74.00 50.71
C VAL A 203 -42.32 74.22 52.20
N LYS A 204 -42.46 73.17 53.00
CA LYS A 204 -42.20 73.25 54.44
C LYS A 204 -40.76 73.66 54.74
N ALA A 205 -39.79 73.04 54.06
CA ALA A 205 -38.40 73.41 54.25
C ALA A 205 -38.17 74.90 53.97
N VAL A 206 -38.82 75.44 52.95
CA VAL A 206 -38.62 76.84 52.62
C VAL A 206 -39.21 77.73 53.72
N LYS A 207 -40.39 77.38 54.26
CA LYS A 207 -40.96 78.22 55.31
C LYS A 207 -40.20 78.07 56.63
N GLU A 208 -39.88 76.84 57.01
CA GLU A 208 -39.19 76.61 58.28
C GLU A 208 -37.82 77.28 58.29
N ASN A 209 -37.07 77.19 57.19
CA ASN A 209 -35.75 77.79 57.16
C ASN A 209 -35.76 79.28 56.89
N ASN A 210 -36.93 79.91 56.78
CA ASN A 210 -37.05 81.36 56.50
C ASN A 210 -36.40 81.74 55.18
N ILE A 211 -36.46 80.88 54.16
CA ILE A 211 -35.88 81.27 52.88
C ILE A 211 -36.85 82.21 52.19
N ASP A 212 -36.36 83.39 51.81
CA ASP A 212 -37.24 84.42 51.25
C ASP A 212 -37.46 84.18 49.75
N VAL A 213 -38.24 83.15 49.44
CA VAL A 213 -38.66 82.90 48.06
C VAL A 213 -40.12 82.47 48.08
N GLU A 214 -40.78 82.63 46.93
CA GLU A 214 -42.13 82.12 46.73
C GLU A 214 -42.05 80.74 46.11
N VAL A 215 -42.72 79.77 46.69
CA VAL A 215 -42.71 78.44 46.12
C VAL A 215 -44.14 78.03 45.82
N GLY A 216 -44.35 77.51 44.62
CA GLY A 216 -45.63 77.06 44.14
C GLY A 216 -45.54 75.73 43.42
N ILE A 217 -46.61 75.34 42.72
CA ILE A 217 -46.66 74.12 41.92
C ILE A 217 -47.54 74.45 40.70
N THR A 218 -47.29 73.79 39.59
CA THR A 218 -48.04 74.09 38.37
C THR A 218 -48.95 72.94 37.98
N LEU A 219 -50.24 73.22 37.85
CA LEU A 219 -51.23 72.23 37.45
C LEU A 219 -51.84 72.61 36.11
N ASN A 220 -51.92 71.64 35.19
CA ASN A 220 -52.71 71.80 33.98
C ASN A 220 -54.16 71.53 34.35
N LEU A 221 -55.02 72.51 34.11
CA LEU A 221 -56.41 72.44 34.53
C LEU A 221 -57.29 72.53 33.30
N THR A 222 -58.37 71.77 33.32
CA THR A 222 -59.29 71.68 32.18
C THR A 222 -60.70 71.86 32.71
N PRO A 223 -61.31 73.02 32.49
CA PRO A 223 -62.73 73.18 32.84
C PRO A 223 -63.57 72.25 31.98
N VAL A 224 -64.45 71.52 32.62
CA VAL A 224 -65.28 70.51 31.98
C VAL A 224 -66.70 71.05 31.88
N TYR A 225 -67.31 70.91 30.71
CA TYR A 225 -68.67 71.38 30.44
C TYR A 225 -69.55 70.20 30.04
N LEU A 226 -70.85 70.31 30.32
CA LEU A 226 -71.80 69.24 30.03
C LEU A 226 -72.37 69.42 28.62
N GLN A 227 -72.23 68.38 27.78
CA GLN A 227 -72.87 68.47 26.47
C GLN A 227 -74.36 68.67 26.61
N THR A 228 -74.97 67.96 27.58
CA THR A 228 -76.40 68.08 27.83
C THR A 228 -76.84 69.51 28.04
N GLU A 229 -76.03 70.32 28.73
CA GLU A 229 -76.39 71.72 28.93
C GLU A 229 -76.13 72.56 27.69
N ARG A 230 -75.14 72.20 26.87
CA ARG A 230 -75.01 72.87 25.58
C ARG A 230 -76.24 72.61 24.70
N LEU A 231 -76.80 71.41 24.80
CA LEU A 231 -77.99 71.03 24.05
C LEU A 231 -79.28 71.54 24.65
N GLY A 232 -79.25 72.14 25.83
CA GLY A 232 -80.49 72.57 26.44
C GLY A 232 -81.40 71.42 26.85
N TYR A 233 -80.84 70.26 27.16
CA TYR A 233 -81.67 69.22 27.73
C TYR A 233 -81.62 69.30 29.25
N LYS A 234 -82.52 68.53 29.88
CA LYS A 234 -82.55 68.43 31.33
C LYS A 234 -81.42 67.51 31.76
N VAL A 235 -80.64 67.95 32.74
CA VAL A 235 -79.49 67.19 33.24
C VAL A 235 -79.98 66.22 34.31
N SER A 236 -79.81 64.92 34.07
CA SER A 236 -80.11 63.98 35.13
C SER A 236 -79.01 64.02 36.19
N GLU A 237 -79.35 63.48 37.37
CA GLU A 237 -78.43 63.56 38.50
C GLU A 237 -77.27 62.58 38.34
N ILE A 238 -77.52 61.39 37.76
CA ILE A 238 -76.42 60.47 37.51
C ILE A 238 -75.41 61.07 36.54
N GLU A 239 -75.88 61.69 35.45
CA GLU A 239 -74.96 62.30 34.49
C GLU A 239 -74.09 63.36 35.16
N ARG A 240 -74.69 64.24 35.96
CA ARG A 240 -73.90 65.26 36.66
C ARG A 240 -72.92 64.62 37.63
N GLU A 241 -73.36 63.59 38.35
CA GLU A 241 -72.47 62.88 39.27
C GLU A 241 -71.25 62.32 38.53
N MET A 242 -71.47 61.63 37.41
CA MET A 242 -70.36 60.95 36.73
C MET A 242 -69.48 61.94 35.98
N VAL A 243 -70.04 63.00 35.41
CA VAL A 243 -69.16 63.98 34.78
C VAL A 243 -68.29 64.66 35.85
N ASN A 244 -68.85 64.93 37.03
CA ASN A 244 -68.04 65.58 38.07
C ASN A 244 -66.96 64.65 38.60
N LEU A 245 -67.25 63.35 38.73
CA LEU A 245 -66.19 62.41 39.04
C LEU A 245 -65.09 62.48 38.00
N SER A 246 -65.47 62.49 36.72
CA SER A 246 -64.44 62.49 35.67
C SER A 246 -63.61 63.78 35.73
N SER A 247 -64.23 64.90 36.09
CA SER A 247 -63.44 66.11 36.14
C SER A 247 -62.64 66.21 37.44
N GLN A 248 -62.98 65.43 38.47
CA GLN A 248 -62.14 65.43 39.67
C GLN A 248 -60.80 64.77 39.39
N LEU A 249 -60.78 63.78 38.49
CA LEU A 249 -59.51 63.15 38.12
C LEU A 249 -58.55 64.15 37.45
N ASP A 250 -59.07 65.12 36.70
CA ASP A 250 -58.21 66.10 36.03
C ASP A 250 -57.75 67.19 37.00
N ASN A 251 -58.67 67.74 37.79
CA ASN A 251 -58.46 69.00 38.48
C ASN A 251 -58.40 68.81 39.99
N GLU A 252 -59.52 68.43 40.64
CA GLU A 252 -59.55 68.38 42.11
C GLU A 252 -58.56 67.38 42.67
N LEU A 253 -58.23 66.32 41.94
CA LEU A 253 -57.27 65.34 42.45
C LEU A 253 -55.93 66.00 42.77
N PHE A 254 -55.61 67.14 42.13
CA PHE A 254 -54.37 67.84 42.44
C PHE A 254 -54.60 69.15 43.19
N LEU A 255 -55.66 69.89 42.86
CA LEU A 255 -55.97 71.12 43.59
C LEU A 255 -56.33 70.84 45.04
N ASP A 256 -57.08 69.76 45.30
CA ASP A 256 -57.54 69.51 46.66
C ASP A 256 -56.37 69.26 47.61
N PRO A 257 -55.44 68.34 47.33
CA PRO A 257 -54.31 68.18 48.26
C PRO A 257 -53.36 69.37 48.29
N VAL A 258 -53.14 70.05 47.16
CA VAL A 258 -52.25 71.21 47.16
C VAL A 258 -52.87 72.39 47.93
N LEU A 259 -54.20 72.55 47.88
CA LEU A 259 -54.80 73.76 48.44
C LEU A 259 -55.62 73.54 49.70
N LYS A 260 -56.04 72.31 49.99
CA LYS A 260 -56.86 72.03 51.16
C LYS A 260 -56.32 70.90 52.02
N GLY A 261 -55.42 70.06 51.52
CA GLY A 261 -54.86 69.02 52.37
C GLY A 261 -55.73 67.78 52.46
N ASN A 262 -56.43 67.43 51.38
CA ASN A 262 -57.06 66.11 51.28
C ASN A 262 -57.22 65.74 49.80
N TYR A 263 -57.39 64.47 49.55
CA TYR A 263 -57.82 64.11 48.21
C TYR A 263 -59.35 64.20 48.09
N PRO A 264 -59.88 64.27 46.86
CA PRO A 264 -61.36 64.34 46.69
C PRO A 264 -62.04 63.04 47.08
N GLN A 265 -62.98 63.14 48.01
CA GLN A 265 -63.59 61.95 48.61
C GLN A 265 -64.49 61.21 47.62
N LYS A 266 -65.26 61.93 46.80
CA LYS A 266 -66.14 61.24 45.86
C LYS A 266 -65.33 60.35 44.92
N LEU A 267 -64.29 60.92 44.31
CA LEU A 267 -63.42 60.17 43.40
C LEU A 267 -62.83 58.94 44.07
N PHE A 268 -62.29 59.11 45.28
CA PHE A 268 -61.64 57.99 45.96
C PHE A 268 -62.63 56.87 46.26
N ASP A 269 -63.84 57.23 46.68
CA ASP A 269 -64.85 56.20 46.90
C ASP A 269 -65.13 55.45 45.62
N TYR A 270 -65.34 56.18 44.53
CA TYR A 270 -65.63 55.55 43.25
C TYR A 270 -64.48 54.64 42.82
N LEU A 271 -63.24 55.15 42.88
CA LEU A 271 -62.09 54.34 42.50
C LEU A 271 -61.99 53.09 43.35
N VAL A 272 -62.25 53.20 44.66
CA VAL A 272 -62.21 52.02 45.52
C VAL A 272 -63.35 51.08 45.16
N GLN A 273 -64.58 51.61 45.04
CA GLN A 273 -65.72 50.79 44.62
C GLN A 273 -65.40 50.00 43.35
N LYS A 274 -64.70 50.62 42.42
CA LYS A 274 -64.44 50.02 41.12
C LYS A 274 -63.18 49.17 41.11
N ASP A 275 -62.60 48.89 42.28
CA ASP A 275 -61.33 48.17 42.40
C ASP A 275 -60.19 48.85 41.66
N LEU A 276 -60.32 50.13 41.31
CA LEU A 276 -59.20 50.83 40.70
C LEU A 276 -58.18 51.27 41.74
N LEU A 277 -58.58 51.36 43.01
CA LEU A 277 -57.70 51.83 44.05
C LEU A 277 -58.00 51.03 45.31
N GLU A 278 -56.98 50.36 45.84
CA GLU A 278 -57.12 49.59 47.06
C GLU A 278 -57.59 50.47 48.20
N ALA A 279 -58.53 49.97 49.00
CA ALA A 279 -59.19 50.82 49.99
C ALA A 279 -58.25 51.27 51.09
N GLN A 280 -57.25 50.45 51.41
CA GLN A 280 -56.30 50.83 52.47
C GLN A 280 -55.40 51.96 52.00
N LYS A 281 -54.89 51.86 50.78
CA LYS A 281 -54.10 52.96 50.23
C LYS A 281 -54.89 54.26 50.24
N ALA A 282 -56.18 54.19 49.89
CA ALA A 282 -57.01 55.39 49.87
C ALA A 282 -57.06 56.06 51.25
N LEU A 283 -57.27 55.28 52.30
CA LEU A 283 -57.26 55.84 53.64
C LEU A 283 -55.87 56.31 54.05
N SER A 284 -54.83 55.54 53.69
CA SER A 284 -53.46 55.91 54.03
C SER A 284 -53.05 57.22 53.36
N MET A 285 -53.30 57.33 52.05
CA MET A 285 -53.02 58.56 51.30
C MET A 285 -53.73 59.76 51.95
N GLN A 286 -55.01 59.60 52.32
CA GLN A 286 -55.70 60.68 52.98
C GLN A 286 -55.00 61.09 54.27
N GLN A 287 -54.59 60.10 55.07
CA GLN A 287 -53.92 60.37 56.34
C GLN A 287 -52.58 61.09 56.11
N GLU A 288 -51.78 60.58 55.18
CA GLU A 288 -50.46 61.13 54.97
C GLU A 288 -50.52 62.55 54.40
N VAL A 289 -51.52 62.84 53.56
CA VAL A 289 -51.60 64.17 53.01
C VAL A 289 -52.03 65.16 54.08
N LYS A 290 -52.94 64.74 54.97
CA LYS A 290 -53.39 65.64 56.03
C LYS A 290 -52.27 65.93 57.00
N GLU A 291 -51.41 64.95 57.24
CA GLU A 291 -50.29 65.16 58.16
C GLU A 291 -49.25 66.11 57.57
N ASN A 292 -48.96 65.98 56.28
CA ASN A 292 -47.86 66.69 55.68
C ASN A 292 -48.29 67.97 54.97
N PHE A 293 -49.57 68.20 54.84
CA PHE A 293 -50.02 69.32 54.03
C PHE A 293 -49.50 70.66 54.57
N ILE A 294 -49.17 71.56 53.64
CA ILE A 294 -48.87 72.95 53.94
C ILE A 294 -49.20 73.75 52.69
N PHE A 295 -49.82 74.90 52.90
CA PHE A 295 -50.32 75.76 51.85
C PHE A 295 -49.15 76.33 51.07
N PRO A 296 -49.28 76.50 49.77
CA PRO A 296 -48.18 77.06 48.99
C PRO A 296 -48.30 78.58 48.87
N ASP A 297 -47.30 79.20 48.23
CA ASP A 297 -47.25 80.65 48.11
C ASP A 297 -48.01 81.15 46.89
N PHE A 298 -48.21 80.29 45.91
CA PHE A 298 -48.93 80.63 44.69
C PHE A 298 -49.30 79.35 43.97
N LEU A 299 -50.31 79.45 43.11
CA LEU A 299 -50.67 78.36 42.22
C LEU A 299 -50.31 78.74 40.79
N GLY A 300 -49.62 77.84 40.09
CA GLY A 300 -49.40 78.00 38.68
C GLY A 300 -50.41 77.17 37.91
N ILE A 301 -50.96 77.77 36.86
CA ILE A 301 -52.03 77.15 36.07
C ILE A 301 -51.58 77.11 34.61
N ASN A 302 -51.48 75.90 34.05
CA ASN A 302 -51.30 75.69 32.63
C ASN A 302 -52.70 75.52 32.04
N TYR A 303 -53.13 76.45 31.19
CA TYR A 303 -54.43 76.34 30.58
C TYR A 303 -54.30 76.32 29.07
N TYR A 304 -54.97 75.40 28.44
CA TYR A 304 -54.99 75.41 26.98
C TYR A 304 -56.40 75.30 26.41
N THR A 305 -57.29 74.55 27.03
CA THR A 305 -58.58 74.27 26.43
C THR A 305 -59.51 73.63 27.46
N ARG A 306 -60.77 73.49 27.09
CA ARG A 306 -61.79 72.86 27.93
C ARG A 306 -62.09 71.43 27.45
N ALA A 307 -62.99 70.76 28.16
CA ALA A 307 -63.54 69.50 27.71
C ALA A 307 -65.06 69.56 27.83
N VAL A 308 -65.75 68.98 26.85
CA VAL A 308 -67.20 68.81 26.85
C VAL A 308 -67.51 67.33 26.94
N ARG A 309 -68.26 66.94 27.97
CA ARG A 309 -68.46 65.53 28.31
C ARG A 309 -69.94 65.23 28.54
N LEU A 310 -70.29 63.97 28.34
CA LEU A 310 -71.62 63.48 28.61
C LEU A 310 -71.52 62.08 29.17
N TYR A 311 -72.60 61.63 29.79
CA TYR A 311 -72.70 60.33 30.40
C TYR A 311 -72.89 59.23 29.36
N ASP A 312 -72.19 58.10 29.53
CA ASP A 312 -72.34 56.98 28.61
C ASP A 312 -71.94 55.69 29.32
N GLU A 313 -72.92 54.81 29.56
CA GLU A 313 -72.68 53.57 30.29
C GLU A 313 -71.85 52.55 29.51
N ASN A 314 -71.65 52.73 28.21
CA ASN A 314 -70.84 51.78 27.44
C ASN A 314 -69.42 52.26 27.22
N SER A 315 -69.02 53.34 27.87
CA SER A 315 -67.72 53.94 27.61
C SER A 315 -66.61 52.99 28.04
N SER A 316 -65.48 53.05 27.36
CA SER A 316 -64.31 52.29 27.77
C SER A 316 -63.43 53.02 28.78
N TRP A 317 -63.74 54.28 29.08
CA TRP A 317 -63.01 55.09 30.07
C TRP A 317 -63.30 54.57 31.49
N ILE A 318 -62.45 54.95 32.44
CA ILE A 318 -62.64 54.46 33.80
C ILE A 318 -63.90 55.03 34.42
N PHE A 319 -64.41 56.13 33.90
CA PHE A 319 -65.71 56.65 34.24
C PHE A 319 -66.64 56.48 33.06
N PRO A 320 -67.92 56.29 33.29
CA PRO A 320 -68.84 56.09 32.16
C PRO A 320 -69.15 57.40 31.45
N ILE A 321 -68.19 57.96 30.71
CA ILE A 321 -68.37 59.23 30.03
C ILE A 321 -67.74 59.15 28.65
N ARG A 322 -68.21 60.03 27.76
CA ARG A 322 -67.60 60.25 26.46
C ARG A 322 -67.34 61.73 26.29
N TRP A 323 -66.53 62.05 25.29
CA TRP A 323 -66.20 63.42 24.95
C TRP A 323 -66.98 63.82 23.71
N GLU A 324 -67.40 65.08 23.64
CA GLU A 324 -68.06 65.64 22.47
C GLU A 324 -67.16 66.71 21.87
N HIS A 325 -67.46 67.09 20.64
CA HIS A 325 -66.61 68.01 19.87
C HIS A 325 -67.42 69.23 19.44
N PRO A 326 -67.45 70.30 20.23
CA PRO A 326 -68.22 71.48 19.84
C PRO A 326 -67.63 72.07 18.57
N ALA A 327 -68.46 72.78 17.82
CA ALA A 327 -67.95 73.46 16.64
C ALA A 327 -67.06 74.61 17.06
N GLY A 328 -66.06 74.89 16.27
CA GLY A 328 -65.26 76.08 16.47
C GLY A 328 -63.88 75.89 15.89
N GLU A 329 -62.96 76.72 16.37
CA GLU A 329 -61.59 76.74 15.89
C GLU A 329 -60.75 75.79 16.74
N TYR A 330 -59.91 75.01 16.07
CA TYR A 330 -59.02 74.06 16.71
C TYR A 330 -57.60 74.28 16.22
N THR A 331 -56.62 73.78 16.99
CA THR A 331 -55.19 73.94 16.74
C THR A 331 -54.64 72.64 16.16
N GLU A 332 -53.33 72.64 15.87
CA GLU A 332 -52.67 71.42 15.39
C GLU A 332 -52.67 70.32 16.44
N MET A 333 -53.04 70.65 17.68
CA MET A 333 -53.14 69.70 18.77
C MET A 333 -54.48 69.00 18.79
N GLY A 334 -55.45 69.52 18.03
CA GLY A 334 -56.80 69.06 18.17
C GLY A 334 -57.52 69.62 19.37
N TRP A 335 -57.08 70.76 19.89
CA TRP A 335 -57.64 71.39 21.07
C TRP A 335 -58.52 72.55 20.66
N GLU A 336 -59.75 72.55 21.16
CA GLU A 336 -60.66 73.65 20.91
C GLU A 336 -60.09 74.97 21.41
N VAL A 337 -60.18 76.01 20.57
CA VAL A 337 -59.84 77.37 20.98
C VAL A 337 -61.04 77.90 21.75
N PHE A 338 -60.88 78.13 23.05
CA PHE A 338 -62.01 78.42 23.93
C PHE A 338 -61.55 79.34 25.05
N PRO A 339 -61.30 80.62 24.73
CA PRO A 339 -60.75 81.53 25.75
C PRO A 339 -61.64 81.72 26.97
N GLN A 340 -62.96 81.61 26.81
CA GLN A 340 -63.86 81.77 27.94
C GLN A 340 -63.54 80.77 29.04
N GLY A 341 -62.99 79.62 28.67
CA GLY A 341 -62.64 78.62 29.67
C GLY A 341 -61.52 79.07 30.62
N LEU A 342 -60.62 79.93 30.13
CA LEU A 342 -59.63 80.52 31.02
C LEU A 342 -60.31 81.34 32.11
N PHE A 343 -61.26 82.19 31.71
CA PHE A 343 -62.01 83.01 32.66
C PHE A 343 -62.83 82.13 33.63
N ASP A 344 -63.62 81.19 33.11
CA ASP A 344 -64.46 80.37 33.99
C ASP A 344 -63.63 79.62 35.03
N LEU A 345 -62.54 79.00 34.57
CA LEU A 345 -61.61 78.29 35.45
C LEU A 345 -61.07 79.21 36.53
N LEU A 346 -60.59 80.39 36.15
CA LEU A 346 -60.04 81.30 37.14
C LEU A 346 -61.11 81.73 38.14
N MET A 347 -62.34 81.97 37.68
CA MET A 347 -63.40 82.30 38.62
C MET A 347 -63.72 81.10 39.49
N TRP A 348 -63.72 79.91 38.90
CA TRP A 348 -63.97 78.69 39.66
C TRP A 348 -62.90 78.45 40.72
N ILE A 349 -61.64 78.80 40.44
CA ILE A 349 -60.59 78.64 41.43
C ILE A 349 -60.81 79.62 42.58
N LYS A 350 -61.04 80.89 42.25
CA LYS A 350 -61.25 81.92 43.26
C LYS A 350 -62.41 81.58 44.20
N GLU A 351 -63.47 80.94 43.67
CA GLU A 351 -64.67 80.72 44.47
C GLU A 351 -64.67 79.40 45.22
N ASN A 352 -63.75 78.49 44.93
CA ASN A 352 -63.83 77.18 45.57
C ASN A 352 -62.62 76.83 46.42
N TYR A 353 -61.59 77.67 46.45
CA TYR A 353 -60.36 77.39 47.18
C TYR A 353 -59.94 78.64 47.94
N PRO A 354 -59.13 78.49 49.00
CA PRO A 354 -58.69 79.67 49.76
C PRO A 354 -57.95 80.65 48.85
N GLN A 355 -58.01 81.93 49.23
CA GLN A 355 -57.31 82.97 48.47
C GLN A 355 -55.84 82.58 48.29
N ILE A 356 -55.33 82.72 47.07
CA ILE A 356 -53.93 82.46 46.75
C ILE A 356 -53.56 83.24 45.48
N PRO A 357 -52.37 83.81 45.39
CA PRO A 357 -51.92 84.38 44.11
C PRO A 357 -51.83 83.31 43.03
N ILE A 358 -52.28 83.68 41.81
CA ILE A 358 -52.28 82.77 40.66
C ILE A 358 -51.42 83.37 39.56
N TYR A 359 -50.64 82.50 38.89
CA TYR A 359 -49.88 82.82 37.68
C TYR A 359 -50.34 81.85 36.59
N ILE A 360 -50.59 82.36 35.39
CA ILE A 360 -50.77 81.47 34.24
C ILE A 360 -49.38 81.10 33.74
N THR A 361 -48.92 79.89 34.06
CA THR A 361 -47.55 79.52 33.82
C THR A 361 -47.34 78.89 32.44
N GLU A 362 -48.43 78.67 31.69
CA GLU A 362 -48.40 78.10 30.34
C GLU A 362 -49.72 78.41 29.66
N ASN A 363 -49.66 79.03 28.48
CA ASN A 363 -50.81 79.19 27.61
C ASN A 363 -50.26 79.57 26.24
N GLY A 364 -50.83 78.98 25.19
CA GLY A 364 -50.31 79.14 23.84
C GLY A 364 -51.02 78.21 22.88
N ALA A 365 -50.52 78.16 21.63
CA ALA A 365 -51.22 77.41 20.60
C ALA A 365 -50.28 76.92 19.50
N ALA A 366 -50.55 75.72 19.00
CA ALA A 366 -49.75 75.10 17.96
C ALA A 366 -50.42 75.27 16.60
N TYR A 367 -49.71 75.95 15.70
CA TYR A 367 -50.14 76.13 14.32
C TYR A 367 -48.97 75.75 13.43
N ASN A 368 -49.29 75.31 12.21
CA ASN A 368 -48.30 74.73 11.29
C ASN A 368 -47.55 75.85 10.55
N ASP A 369 -46.61 76.48 11.26
CA ASP A 369 -45.98 77.70 10.74
C ASP A 369 -45.10 77.41 9.52
N ILE A 370 -45.10 78.36 8.59
CA ILE A 370 -44.23 78.33 7.42
C ILE A 370 -43.44 79.64 7.36
N VAL A 371 -42.16 79.54 7.03
CA VAL A 371 -41.36 80.75 6.84
C VAL A 371 -41.56 81.25 5.42
N THR A 372 -41.84 82.53 5.27
CA THR A 372 -42.10 83.04 3.94
C THR A 372 -40.78 83.38 3.24
N GLU A 373 -40.92 83.88 2.02
CA GLU A 373 -39.76 84.16 1.18
C GLU A 373 -38.90 85.26 1.80
N ASP A 374 -39.53 86.32 2.32
CA ASP A 374 -38.81 87.37 3.03
C ASP A 374 -38.60 87.02 4.51
N GLY A 375 -38.46 85.73 4.81
CA GLY A 375 -38.06 85.28 6.13
C GLY A 375 -38.96 85.68 7.28
N LYS A 376 -40.23 85.96 7.01
CA LYS A 376 -41.22 86.21 8.06
C LYS A 376 -42.04 84.95 8.35
N VAL A 377 -42.79 85.00 9.45
CA VAL A 377 -43.76 83.96 9.81
C VAL A 377 -45.01 84.70 10.24
N HIS A 378 -46.05 84.66 9.42
CA HIS A 378 -47.28 85.43 9.63
C HIS A 378 -48.29 84.53 10.34
N ASP A 379 -48.07 84.33 11.64
CA ASP A 379 -48.93 83.45 12.45
C ASP A 379 -50.09 84.24 13.06
N SER A 380 -50.97 84.74 12.18
CA SER A 380 -52.05 85.60 12.68
C SER A 380 -53.05 84.81 13.50
N LYS A 381 -53.07 83.49 13.34
CA LYS A 381 -53.95 82.66 14.17
C LYS A 381 -53.42 82.54 15.60
N ARG A 382 -52.10 82.49 15.76
CA ARG A 382 -51.52 82.54 17.10
C ARG A 382 -51.75 83.90 17.74
N ILE A 383 -51.61 84.99 16.97
CA ILE A 383 -51.84 86.32 17.51
C ILE A 383 -53.27 86.43 18.04
N GLU A 384 -54.23 85.90 17.27
CA GLU A 384 -55.64 85.95 17.66
C GLU A 384 -55.89 85.11 18.90
N TYR A 385 -55.28 83.92 18.97
CA TYR A 385 -55.35 83.10 20.17
C TYR A 385 -54.89 83.87 21.40
N LEU A 386 -53.71 84.45 21.31
CA LEU A 386 -53.12 85.14 22.47
C LEU A 386 -53.94 86.36 22.85
N LYS A 387 -54.29 87.19 21.87
CA LYS A 387 -55.11 88.37 22.13
C LYS A 387 -56.40 88.01 22.88
N GLN A 388 -57.05 86.92 22.48
CA GLN A 388 -58.33 86.61 23.12
C GLN A 388 -58.15 86.10 24.54
N HIS A 389 -57.10 85.31 24.78
CA HIS A 389 -56.83 84.82 26.12
C HIS A 389 -56.26 85.91 27.01
N PHE A 390 -55.46 86.82 26.46
CA PHE A 390 -55.01 87.98 27.24
C PHE A 390 -56.22 88.76 27.76
N ASP A 391 -57.28 88.83 26.95
CA ASP A 391 -58.46 89.61 27.30
C ASP A 391 -59.27 88.92 28.40
N GLN A 392 -59.36 87.60 28.36
CA GLN A 392 -60.01 86.89 29.45
C GLN A 392 -59.23 87.05 30.75
N ALA A 393 -57.90 87.10 30.66
CA ALA A 393 -57.11 87.28 31.87
C ALA A 393 -57.39 88.65 32.49
N ARG A 394 -57.37 89.71 31.69
CA ARG A 394 -57.71 91.04 32.20
C ARG A 394 -59.11 91.05 32.80
N LYS A 395 -60.08 90.44 32.11
CA LYS A 395 -61.45 90.36 32.63
C LYS A 395 -61.50 89.67 33.99
N ALA A 396 -60.75 88.56 34.14
CA ALA A 396 -60.71 87.87 35.42
C ALA A 396 -60.14 88.76 36.52
N ILE A 397 -59.12 89.56 36.19
CA ILE A 397 -58.57 90.47 37.19
C ILE A 397 -59.63 91.46 37.63
N GLU A 398 -60.43 91.94 36.68
CA GLU A 398 -61.52 92.86 37.00
C GLU A 398 -62.55 92.26 37.93
N ASN A 399 -62.69 90.93 37.93
CA ASN A 399 -63.64 90.21 38.75
C ASN A 399 -63.04 89.71 40.06
N GLY A 400 -61.84 90.16 40.42
CA GLY A 400 -61.24 89.85 41.70
C GLY A 400 -60.27 88.69 41.74
N VAL A 401 -59.92 88.09 40.60
CA VAL A 401 -58.96 86.99 40.61
C VAL A 401 -57.55 87.55 40.77
N ASP A 402 -56.80 87.03 41.74
CA ASP A 402 -55.48 87.58 42.03
C ASP A 402 -54.44 86.99 41.07
N LEU A 403 -54.55 87.42 39.82
CA LEU A 403 -53.70 86.94 38.75
C LEU A 403 -52.51 87.88 38.64
N ARG A 404 -51.31 87.33 38.82
CA ARG A 404 -50.10 88.17 38.95
C ARG A 404 -49.09 87.97 37.82
N GLY A 405 -49.40 87.13 36.85
CA GLY A 405 -48.44 86.88 35.81
C GLY A 405 -49.06 85.97 34.78
N TYR A 406 -48.43 85.97 33.60
CA TYR A 406 -48.92 85.21 32.45
C TYR A 406 -47.71 84.81 31.61
N PHE A 407 -47.50 83.52 31.40
CA PHE A 407 -46.33 83.02 30.67
C PHE A 407 -46.77 82.29 29.41
N VAL A 408 -46.37 82.82 28.25
CA VAL A 408 -46.82 82.23 26.99
C VAL A 408 -46.00 80.98 26.74
N TRP A 409 -46.67 79.90 26.39
CA TRP A 409 -45.99 78.73 25.87
C TRP A 409 -46.05 78.78 24.34
N SER A 410 -44.91 78.88 23.70
CA SER A 410 -43.56 78.82 24.24
C SER A 410 -42.76 79.98 23.65
N LEU A 411 -41.68 80.36 24.33
CA LEU A 411 -40.76 81.36 23.79
C LEU A 411 -40.26 80.97 22.40
N MET A 412 -39.99 79.68 22.18
CA MET A 412 -39.47 79.21 20.91
C MET A 412 -40.05 77.83 20.60
N ASP A 413 -40.22 77.53 19.30
CA ASP A 413 -40.55 76.16 18.92
C ASP A 413 -39.58 75.20 19.57
N ASN A 414 -40.04 73.97 19.85
CA ASN A 414 -39.23 73.03 20.61
C ASN A 414 -39.80 71.63 20.45
N LEU A 415 -39.20 70.67 21.17
CA LEU A 415 -39.67 69.29 21.11
C LEU A 415 -40.94 69.15 21.93
N GLU A 416 -42.05 68.82 21.26
CA GLU A 416 -43.34 68.65 21.91
C GLU A 416 -43.54 67.18 22.31
N TRP A 417 -42.69 66.75 23.23
CA TRP A 417 -42.73 65.43 23.86
C TRP A 417 -42.94 64.29 22.85
N ALA A 418 -44.05 63.56 22.92
CA ALA A 418 -44.22 62.43 22.00
C ALA A 418 -44.71 62.86 20.63
N MET A 419 -45.08 64.12 20.45
CA MET A 419 -45.36 64.66 19.13
C MET A 419 -44.11 65.05 18.37
N GLY A 420 -42.92 64.93 18.98
CA GLY A 420 -41.71 65.40 18.31
C GLY A 420 -41.78 66.90 18.04
N TYR A 421 -41.07 67.34 16.99
CA TYR A 421 -41.07 68.74 16.57
C TYR A 421 -42.17 69.05 15.59
N THR A 422 -43.18 68.17 15.45
CA THR A 422 -44.27 68.40 14.51
C THR A 422 -45.21 69.50 14.98
N LYS A 423 -45.20 69.86 16.26
CA LYS A 423 -46.07 70.90 16.81
C LYS A 423 -45.20 72.07 17.19
N ARG A 424 -45.46 73.23 16.60
CA ARG A 424 -44.74 74.45 16.89
C ARG A 424 -45.65 75.35 17.72
N PHE A 425 -45.16 75.74 18.90
CA PHE A 425 -45.83 76.60 19.89
C PHE A 425 -45.12 77.94 20.08
N GLY A 426 -43.94 78.14 19.49
CA GLY A 426 -43.16 79.33 19.77
C GLY A 426 -43.74 80.60 19.20
N ILE A 427 -43.37 81.72 19.86
CA ILE A 427 -43.43 83.00 19.20
C ILE A 427 -42.15 83.28 18.44
N ILE A 428 -41.21 82.35 18.48
CA ILE A 428 -39.96 82.43 17.75
C ILE A 428 -39.84 81.13 16.99
N TYR A 429 -39.72 81.22 15.68
CA TYR A 429 -39.55 80.03 14.86
C TYR A 429 -38.11 79.54 15.00
N VAL A 430 -37.94 78.22 15.07
CA VAL A 430 -36.61 77.65 15.09
C VAL A 430 -36.46 76.75 13.87
N ASP A 431 -35.53 77.11 13.00
CA ASP A 431 -35.09 76.20 11.95
C ASP A 431 -34.20 75.14 12.57
N TYR A 432 -34.69 73.90 12.65
CA TYR A 432 -33.91 72.89 13.36
C TYR A 432 -32.69 72.43 12.57
N GLU A 433 -32.58 72.79 11.30
CA GLU A 433 -31.37 72.38 10.58
C GLU A 433 -30.24 73.40 10.72
N THR A 434 -30.56 74.70 10.85
CA THR A 434 -29.52 75.71 11.03
C THR A 434 -29.50 76.33 12.42
N GLN A 435 -30.39 75.90 13.30
CA GLN A 435 -30.62 76.49 14.62
C GLN A 435 -30.92 77.99 14.59
N LYS A 436 -31.24 78.56 13.43
CA LYS A 436 -31.58 79.99 13.39
C LYS A 436 -32.91 80.25 14.09
N ARG A 437 -32.95 81.34 14.86
CA ARG A 437 -34.17 81.83 15.47
C ARG A 437 -34.77 82.93 14.59
N ILE A 438 -36.05 82.78 14.26
CA ILE A 438 -36.76 83.74 13.41
C ILE A 438 -37.97 84.23 14.20
N LYS A 439 -37.99 85.51 14.54
CA LYS A 439 -39.12 86.07 15.26
C LYS A 439 -40.39 85.97 14.40
N LYS A 440 -41.41 85.29 14.91
CA LYS A 440 -42.72 85.26 14.27
C LYS A 440 -43.43 86.59 14.48
N ASP A 441 -44.53 86.77 13.75
CA ASP A 441 -45.33 87.98 13.95
C ASP A 441 -45.86 88.08 15.37
N SER A 442 -46.20 86.94 15.98
CA SER A 442 -46.66 86.96 17.37
C SER A 442 -45.60 87.51 18.32
N PHE A 443 -44.31 87.40 17.98
CA PHE A 443 -43.26 87.98 18.83
C PHE A 443 -43.43 89.49 18.93
N TYR A 444 -43.65 90.14 17.79
CA TYR A 444 -43.83 91.59 17.75
C TYR A 444 -45.18 92.02 18.32
N PHE A 445 -46.22 91.19 18.18
CA PHE A 445 -47.47 91.47 18.86
C PHE A 445 -47.28 91.40 20.38
N TYR A 446 -46.67 90.31 20.87
CA TYR A 446 -46.44 90.19 22.30
C TYR A 446 -45.56 91.33 22.81
N GLN A 447 -44.50 91.63 22.06
CA GLN A 447 -43.66 92.78 22.37
C GLN A 447 -44.47 94.04 22.55
N GLN A 448 -45.40 94.30 21.63
CA GLN A 448 -46.21 95.50 21.73
C GLN A 448 -47.20 95.40 22.90
N TYR A 449 -47.80 94.22 23.11
CA TYR A 449 -48.77 94.07 24.18
C TYR A 449 -48.14 94.30 25.55
N ILE A 450 -46.91 93.83 25.73
CA ILE A 450 -46.20 94.05 26.99
C ILE A 450 -45.96 95.54 27.20
N LYS A 451 -45.32 96.18 26.21
CA LYS A 451 -45.09 97.63 26.23
C LYS A 451 -46.31 98.40 26.67
N GLU A 452 -47.50 98.03 26.19
CA GLU A 452 -48.67 98.84 26.49
C GLU A 452 -49.53 98.25 27.61
N ASN A 453 -49.06 97.23 28.32
CA ASN A 453 -49.77 96.79 29.52
C ASN A 453 -48.79 96.53 30.66
N SER A 454 -47.78 97.40 30.79
CA SER A 454 -46.84 97.27 31.89
C SER A 454 -46.48 98.66 32.44
N MET B 2 -6.98 0.77 -23.51
CA MET B 2 -8.00 0.05 -24.27
C MET B 2 -8.75 1.02 -25.18
N SER B 3 -9.73 0.53 -25.92
CA SER B 3 -10.62 1.36 -26.72
C SER B 3 -12.02 1.32 -26.12
N PHE B 4 -12.78 2.39 -26.34
CA PHE B 4 -14.14 2.44 -25.80
C PHE B 4 -15.02 1.44 -26.54
N PRO B 5 -15.88 0.69 -25.81
CA PRO B 5 -16.76 -0.29 -26.47
C PRO B 5 -17.53 0.27 -27.66
N LYS B 6 -17.99 -0.64 -28.53
CA LYS B 6 -18.52 -0.25 -29.82
C LYS B 6 -19.77 0.62 -29.69
N GLY B 7 -20.66 0.29 -28.76
CA GLY B 7 -21.88 1.06 -28.61
C GLY B 7 -21.89 2.09 -27.50
N PHE B 8 -20.71 2.57 -27.11
CA PHE B 8 -20.57 3.45 -25.96
C PHE B 8 -21.42 4.71 -26.10
N LEU B 9 -22.23 5.00 -25.08
CA LEU B 9 -23.16 6.13 -25.11
C LEU B 9 -22.43 7.40 -24.66
N TRP B 10 -21.83 8.11 -25.63
CA TRP B 10 -21.31 9.46 -25.40
C TRP B 10 -22.48 10.43 -25.43
N GLY B 11 -22.70 11.16 -24.35
CA GLY B 11 -23.89 11.97 -24.26
C GLY B 11 -23.66 13.28 -23.51
N ALA B 12 -24.74 14.03 -23.39
CA ALA B 12 -24.86 15.20 -22.54
C ALA B 12 -26.14 15.08 -21.73
N ALA B 13 -26.24 15.85 -20.64
CA ALA B 13 -27.35 15.71 -19.70
C ALA B 13 -27.89 17.07 -19.27
N THR B 14 -29.21 17.12 -19.05
CA THR B 14 -29.89 18.28 -18.48
C THR B 14 -30.97 17.81 -17.51
N ALA B 15 -31.62 18.76 -16.85
CA ALA B 15 -32.77 18.47 -16.00
C ALA B 15 -33.83 19.51 -16.32
N SER B 16 -35.10 19.13 -16.14
CA SER B 16 -36.19 19.94 -16.66
C SER B 16 -36.20 21.34 -16.05
N TYR B 17 -36.19 21.43 -14.71
CA TYR B 17 -36.31 22.73 -14.08
C TYR B 17 -35.12 23.63 -14.38
N GLN B 18 -33.97 23.04 -14.64
CA GLN B 18 -32.77 23.83 -14.88
C GLN B 18 -32.76 24.47 -16.27
N ILE B 19 -33.65 24.09 -17.18
CA ILE B 19 -33.52 24.59 -18.55
C ILE B 19 -34.86 24.95 -19.18
N GLU B 20 -35.95 24.36 -18.71
CA GLU B 20 -37.17 24.38 -19.52
C GLU B 20 -37.87 25.73 -19.48
N GLY B 21 -37.87 26.39 -18.33
CA GLY B 21 -38.66 27.60 -18.24
C GLY B 21 -40.12 27.27 -18.34
N ALA B 22 -40.90 28.24 -18.84
CA ALA B 22 -42.33 28.10 -19.09
C ALA B 22 -43.04 27.50 -17.89
N TRP B 23 -42.67 27.98 -16.71
CA TRP B 23 -43.02 27.32 -15.46
C TRP B 23 -44.52 27.27 -15.20
N ASN B 24 -45.33 27.97 -16.01
CA ASN B 24 -46.76 27.96 -15.77
C ASN B 24 -47.54 28.19 -17.07
N GLU B 25 -47.01 27.74 -18.21
CA GLU B 25 -47.77 27.66 -19.46
C GLU B 25 -48.44 26.29 -19.58
N ASP B 26 -49.54 26.26 -20.33
CA ASP B 26 -50.16 25.02 -20.76
C ASP B 26 -50.64 24.16 -19.59
N GLY B 27 -50.96 24.79 -18.46
CA GLY B 27 -51.49 24.07 -17.31
C GLY B 27 -50.48 23.37 -16.42
N LYS B 28 -49.17 23.51 -16.66
CA LYS B 28 -48.18 22.84 -15.82
C LYS B 28 -48.26 23.37 -14.38
N GLY B 29 -48.57 22.49 -13.45
CA GLY B 29 -48.76 22.89 -12.06
C GLY B 29 -47.48 23.40 -11.41
N GLU B 30 -47.66 23.91 -10.19
CA GLU B 30 -46.55 24.51 -9.44
C GLU B 30 -45.72 23.40 -8.78
N SER B 31 -44.42 23.38 -9.08
CA SER B 31 -43.51 22.43 -8.45
C SER B 31 -42.93 23.03 -7.16
N ILE B 32 -42.31 22.16 -6.36
CA ILE B 32 -41.70 22.63 -5.12
C ILE B 32 -40.52 23.58 -5.42
N TRP B 33 -39.84 23.40 -6.55
CA TRP B 33 -38.81 24.35 -6.90
C TRP B 33 -39.39 25.66 -7.43
N ASP B 34 -40.58 25.66 -8.01
CA ASP B 34 -41.27 26.93 -8.29
C ASP B 34 -41.58 27.66 -6.99
N ARG B 35 -42.19 26.96 -6.03
CA ARG B 35 -42.40 27.53 -4.69
C ARG B 35 -41.08 27.96 -4.03
N PHE B 36 -40.02 27.16 -4.18
CA PHE B 36 -38.77 27.40 -3.47
C PHE B 36 -38.05 28.64 -4.00
N THR B 37 -37.97 28.77 -5.33
CA THR B 37 -37.26 29.91 -5.90
C THR B 37 -38.07 31.19 -5.93
N HIS B 38 -39.35 31.14 -5.56
CA HIS B 38 -40.18 32.34 -5.49
C HIS B 38 -40.28 32.87 -4.07
N GLN B 39 -39.59 32.23 -3.12
CA GLN B 39 -39.44 32.70 -1.77
C GLN B 39 -38.05 33.32 -1.66
N LYS B 40 -37.98 34.46 -0.96
CA LYS B 40 -36.75 35.27 -0.96
C LYS B 40 -35.64 34.61 -0.12
N GLY B 41 -34.41 34.80 -0.54
CA GLY B 41 -33.30 34.29 0.23
C GLY B 41 -32.97 32.81 0.09
N ASN B 42 -33.63 32.09 -0.83
CA ASN B 42 -33.25 30.70 -1.10
C ASN B 42 -32.28 30.57 -2.24
N ILE B 43 -32.28 31.50 -3.21
CA ILE B 43 -31.38 31.41 -4.35
C ILE B 43 -30.49 32.64 -4.40
N LEU B 44 -29.22 32.43 -4.76
CA LEU B 44 -28.31 33.55 -5.01
C LEU B 44 -28.95 34.53 -6.00
N TYR B 45 -28.86 35.83 -5.68
CA TYR B 45 -29.30 36.91 -6.57
C TYR B 45 -30.77 36.80 -6.95
N GLY B 46 -31.56 36.11 -6.12
CA GLY B 46 -32.97 35.94 -6.39
C GLY B 46 -33.31 35.32 -7.74
N HIS B 47 -32.36 34.66 -8.39
CA HIS B 47 -32.66 33.99 -9.64
C HIS B 47 -33.76 32.93 -9.43
N ASN B 48 -34.39 32.55 -10.52
CA ASN B 48 -35.34 31.45 -10.50
C ASN B 48 -35.39 30.79 -11.87
N GLY B 49 -36.27 29.81 -12.00
CA GLY B 49 -36.35 29.04 -13.23
C GLY B 49 -37.61 29.32 -14.02
N ASP B 50 -38.21 30.49 -13.85
CA ASP B 50 -39.39 30.87 -14.62
C ASP B 50 -39.13 30.82 -16.13
N ILE B 51 -37.89 31.12 -16.57
CA ILE B 51 -37.53 31.17 -17.98
C ILE B 51 -36.37 30.23 -18.30
N ALA B 52 -35.29 30.31 -17.54
CA ALA B 52 -34.09 29.47 -17.67
C ALA B 52 -33.56 29.61 -19.10
N CYS B 53 -33.08 28.52 -19.71
CA CYS B 53 -32.71 28.50 -21.12
C CYS B 53 -33.94 28.47 -22.05
N ASP B 54 -35.16 28.61 -21.50
CA ASP B 54 -36.41 28.59 -22.28
C ASP B 54 -36.51 27.38 -23.20
N HIS B 55 -36.01 26.24 -22.74
CA HIS B 55 -35.89 25.06 -23.58
C HIS B 55 -37.24 24.53 -24.01
N TYR B 56 -38.30 24.85 -23.25
CA TYR B 56 -39.65 24.42 -23.58
C TYR B 56 -40.08 24.92 -24.96
N HIS B 57 -39.51 26.02 -25.45
CA HIS B 57 -39.82 26.54 -26.77
C HIS B 57 -38.69 26.37 -27.77
N ARG B 58 -37.46 26.13 -27.31
CA ARG B 58 -36.29 26.10 -28.18
C ARG B 58 -35.72 24.71 -28.38
N PHE B 59 -36.44 23.67 -27.95
CA PHE B 59 -35.90 22.31 -27.97
C PHE B 59 -35.41 21.89 -29.35
N GLU B 60 -36.05 22.39 -30.42
CA GLU B 60 -35.64 21.98 -31.77
C GLU B 60 -34.27 22.53 -32.11
N GLU B 61 -34.03 23.81 -31.83
CA GLU B 61 -32.70 24.38 -31.99
C GLU B 61 -31.67 23.56 -31.22
N ASP B 62 -32.02 23.17 -30.00
CA ASP B 62 -31.07 22.48 -29.15
C ASP B 62 -30.74 21.09 -29.69
N VAL B 63 -31.77 20.35 -30.12
CA VAL B 63 -31.55 18.97 -30.60
C VAL B 63 -30.59 18.98 -31.79
N LEU B 64 -30.75 19.94 -32.70
CA LEU B 64 -29.85 20.03 -33.84
C LEU B 64 -28.42 20.25 -33.39
N LEU B 65 -28.23 21.04 -32.33
CA LEU B 65 -26.89 21.21 -31.78
C LEU B 65 -26.32 19.86 -31.31
N MET B 66 -27.16 19.00 -30.75
CA MET B 66 -26.70 17.67 -30.32
C MET B 66 -26.34 16.81 -31.52
N LYS B 67 -27.10 16.92 -32.61
CA LYS B 67 -26.75 16.20 -33.84
C LYS B 67 -25.41 16.69 -34.38
N GLU B 68 -25.23 18.01 -34.42
CA GLU B 68 -23.94 18.57 -34.79
C GLU B 68 -22.84 18.07 -33.86
N LEU B 69 -23.14 17.94 -32.58
CA LEU B 69 -22.11 17.50 -31.64
C LEU B 69 -21.76 16.03 -31.82
N GLY B 70 -22.73 15.22 -32.26
CA GLY B 70 -22.51 13.80 -32.42
C GLY B 70 -22.87 12.97 -31.20
N LEU B 71 -23.73 13.49 -30.34
CA LEU B 71 -24.18 12.75 -29.16
C LEU B 71 -24.80 11.42 -29.56
N LYS B 72 -24.20 10.34 -29.07
CA LYS B 72 -24.86 9.04 -29.17
C LYS B 72 -26.16 9.03 -28.36
N ALA B 73 -26.19 9.73 -27.22
CA ALA B 73 -27.37 9.74 -26.36
C ALA B 73 -27.53 11.11 -25.70
N TYR B 74 -28.70 11.32 -25.09
CA TYR B 74 -29.04 12.60 -24.46
C TYR B 74 -29.96 12.32 -23.28
N ARG B 75 -29.54 12.79 -22.10
CA ARG B 75 -30.22 12.53 -20.85
C ARG B 75 -30.94 13.79 -20.41
N PHE B 76 -32.24 13.68 -20.21
CA PHE B 76 -33.07 14.79 -19.76
C PHE B 76 -34.08 14.23 -18.80
N SER B 77 -34.88 15.11 -18.25
CA SER B 77 -35.83 14.71 -17.23
C SER B 77 -37.21 15.15 -17.66
N ILE B 78 -38.22 14.47 -17.13
CA ILE B 78 -39.61 14.83 -17.36
C ILE B 78 -40.11 15.63 -16.17
N ALA B 79 -40.72 16.78 -16.46
CA ALA B 79 -41.31 17.61 -15.43
C ALA B 79 -42.65 17.01 -15.02
N TRP B 80 -42.69 16.40 -13.82
CA TRP B 80 -43.89 15.75 -13.32
C TRP B 80 -45.12 16.66 -13.40
N THR B 81 -44.94 17.97 -13.13
CA THR B 81 -46.09 18.85 -13.03
C THR B 81 -46.66 19.22 -14.39
N ARG B 82 -45.89 19.01 -15.47
CA ARG B 82 -46.45 19.14 -16.80
C ARG B 82 -47.40 18.00 -17.15
N ILE B 83 -47.24 16.84 -16.52
CA ILE B 83 -48.09 15.69 -16.83
C ILE B 83 -49.25 15.59 -15.87
N PHE B 84 -48.97 15.75 -14.57
CA PHE B 84 -49.99 15.80 -13.52
C PHE B 84 -49.86 17.13 -12.79
N PRO B 85 -50.54 18.19 -13.24
CA PRO B 85 -50.47 19.47 -12.52
C PRO B 85 -50.67 19.35 -11.01
N ASP B 86 -51.38 18.31 -10.56
CA ASP B 86 -51.65 18.13 -9.14
C ASP B 86 -50.97 16.89 -8.57
N GLY B 87 -50.09 16.24 -9.34
CA GLY B 87 -49.38 15.08 -8.87
C GLY B 87 -50.11 13.80 -9.19
N PHE B 88 -51.45 13.82 -9.11
CA PHE B 88 -52.27 12.66 -9.42
C PHE B 88 -53.57 13.15 -10.06
N GLY B 89 -54.17 12.26 -10.82
CA GLY B 89 -55.52 12.48 -11.34
C GLY B 89 -55.52 12.97 -12.77
N ASN B 90 -55.91 14.23 -12.96
CA ASN B 90 -56.10 14.80 -14.30
C ASN B 90 -54.78 14.87 -15.07
N VAL B 91 -54.74 14.22 -16.22
CA VAL B 91 -53.53 14.21 -17.04
C VAL B 91 -53.59 15.37 -18.01
N ASN B 92 -52.53 16.17 -18.05
CA ASN B 92 -52.48 17.34 -18.92
C ASN B 92 -51.94 16.93 -20.28
N GLN B 93 -52.77 17.10 -21.32
CA GLN B 93 -52.40 16.62 -22.64
C GLN B 93 -51.35 17.50 -23.29
N LYS B 94 -51.37 18.81 -22.99
CA LYS B 94 -50.31 19.67 -23.51
C LYS B 94 -48.94 19.30 -22.95
N GLY B 95 -48.91 18.72 -21.74
CA GLY B 95 -47.63 18.30 -21.18
C GLY B 95 -47.06 17.08 -21.87
N LEU B 96 -47.90 16.08 -22.15
CA LEU B 96 -47.44 14.93 -22.92
C LEU B 96 -47.04 15.34 -24.33
N GLU B 97 -47.77 16.31 -24.90
CA GLU B 97 -47.45 16.77 -26.26
C GLU B 97 -46.02 17.25 -26.37
N PHE B 98 -45.56 18.05 -25.41
CA PHE B 98 -44.20 18.59 -25.44
C PHE B 98 -43.16 17.48 -25.49
N TYR B 99 -43.28 16.50 -24.60
CA TYR B 99 -42.27 15.45 -24.56
C TYR B 99 -42.38 14.52 -25.74
N ASP B 100 -43.58 14.38 -26.31
CA ASP B 100 -43.76 13.67 -27.58
C ASP B 100 -42.93 14.32 -28.68
N ARG B 101 -43.04 15.64 -28.81
CA ARG B 101 -42.28 16.37 -29.83
C ARG B 101 -40.78 16.26 -29.58
N LEU B 102 -40.37 16.42 -28.31
CA LEU B 102 -38.94 16.40 -27.98
C LEU B 102 -38.36 15.02 -28.24
N ILE B 103 -39.07 13.96 -27.82
CA ILE B 103 -38.54 12.62 -27.98
C ILE B 103 -38.51 12.22 -29.45
N ASN B 104 -39.51 12.65 -30.23
CA ASN B 104 -39.57 12.25 -31.63
C ASN B 104 -38.48 12.94 -32.44
N LYS B 105 -38.29 14.24 -32.22
CA LYS B 105 -37.17 14.94 -32.83
C LYS B 105 -35.84 14.28 -32.47
N LEU B 106 -35.71 13.82 -31.23
CA LEU B 106 -34.49 13.13 -30.84
C LEU B 106 -34.33 11.82 -31.61
N VAL B 107 -35.40 11.02 -31.67
CA VAL B 107 -35.35 9.76 -32.42
C VAL B 107 -35.09 10.05 -33.90
N GLU B 108 -35.82 11.03 -34.45
CA GLU B 108 -35.59 11.54 -35.80
C GLU B 108 -34.11 11.64 -36.14
N ASN B 109 -33.33 12.32 -35.29
CA ASN B 109 -31.91 12.53 -35.54
C ASN B 109 -31.05 11.40 -35.00
N GLY B 110 -31.67 10.31 -34.55
CA GLY B 110 -30.89 9.16 -34.13
C GLY B 110 -30.17 9.33 -32.80
N ILE B 111 -30.69 10.15 -31.90
CA ILE B 111 -30.10 10.35 -30.58
C ILE B 111 -30.91 9.54 -29.58
N GLU B 112 -30.25 8.60 -28.93
CA GLU B 112 -30.92 7.75 -27.95
C GLU B 112 -31.37 8.58 -26.76
N PRO B 113 -32.67 8.72 -26.52
CA PRO B 113 -33.14 9.48 -25.33
C PRO B 113 -33.02 8.64 -24.07
N VAL B 114 -32.43 9.23 -23.02
CA VAL B 114 -32.32 8.61 -21.70
C VAL B 114 -33.06 9.53 -20.73
N ILE B 115 -34.09 9.00 -20.08
CA ILE B 115 -35.04 9.85 -19.36
C ILE B 115 -34.90 9.63 -17.87
N THR B 116 -34.65 10.71 -17.13
CA THR B 116 -34.77 10.72 -15.68
C THR B 116 -36.23 11.01 -15.31
N ILE B 117 -36.85 10.11 -14.56
CA ILE B 117 -38.29 10.26 -14.30
C ILE B 117 -38.51 11.35 -13.26
N TYR B 118 -37.67 11.41 -12.23
CA TYR B 118 -37.79 12.43 -11.19
C TYR B 118 -36.43 13.07 -10.94
N HIS B 119 -36.30 14.32 -11.34
CA HIS B 119 -35.10 15.13 -11.12
C HIS B 119 -35.43 16.35 -10.27
N TRP B 120 -36.20 16.12 -9.19
CA TRP B 120 -36.34 16.97 -8.00
C TRP B 120 -37.58 17.86 -8.01
N ASP B 121 -38.36 17.84 -9.10
CA ASP B 121 -39.40 18.83 -9.38
C ASP B 121 -40.79 18.34 -8.99
N LEU B 122 -40.91 17.83 -7.77
CA LEU B 122 -42.16 17.25 -7.27
C LEU B 122 -43.29 18.28 -7.30
N PRO B 123 -44.52 17.84 -7.61
CA PRO B 123 -45.68 18.74 -7.54
C PRO B 123 -45.89 19.30 -6.13
N GLN B 124 -46.10 20.62 -6.06
CA GLN B 124 -46.37 21.27 -4.78
C GLN B 124 -47.70 20.77 -4.17
N LYS B 125 -48.64 20.31 -5.00
CA LYS B 125 -49.86 19.72 -4.46
C LYS B 125 -49.55 18.46 -3.65
N LEU B 126 -48.50 17.73 -4.01
CA LEU B 126 -48.09 16.54 -3.27
C LEU B 126 -47.26 16.88 -2.05
N GLN B 127 -46.45 17.94 -2.14
CA GLN B 127 -45.75 18.41 -0.94
C GLN B 127 -46.74 18.85 0.14
N ASP B 128 -47.94 19.29 -0.25
CA ASP B 128 -48.93 19.77 0.71
C ASP B 128 -49.40 18.67 1.65
N ILE B 129 -49.44 17.41 1.19
CA ILE B 129 -49.78 16.29 2.07
C ILE B 129 -48.53 15.59 2.61
N GLY B 130 -47.34 16.18 2.44
CA GLY B 130 -46.12 15.66 3.03
C GLY B 130 -45.03 15.27 2.07
N GLY B 131 -45.25 15.36 0.76
CA GLY B 131 -44.24 15.02 -0.22
C GLY B 131 -43.64 13.64 -0.03
N TRP B 132 -42.32 13.56 -0.15
CA TRP B 132 -41.62 12.29 -0.06
C TRP B 132 -41.61 11.71 1.35
N ALA B 133 -41.93 12.52 2.37
CA ALA B 133 -42.01 12.04 3.75
C ALA B 133 -43.27 11.23 3.99
N ASN B 134 -44.27 11.38 3.13
CA ASN B 134 -45.54 10.69 3.23
C ASN B 134 -45.47 9.40 2.41
N SER B 135 -45.65 8.26 3.05
CA SER B 135 -45.44 7.01 2.35
C SER B 135 -46.46 6.80 1.24
N GLU B 136 -47.55 7.58 1.23
CA GLU B 136 -48.46 7.57 0.10
C GLU B 136 -47.81 8.06 -1.19
N ILE B 137 -46.66 8.74 -1.10
CA ILE B 137 -45.94 9.19 -2.28
C ILE B 137 -45.53 8.00 -3.17
N VAL B 138 -45.39 6.81 -2.60
CA VAL B 138 -44.85 5.70 -3.37
C VAL B 138 -45.80 5.34 -4.50
N ASN B 139 -47.11 5.40 -4.24
CA ASN B 139 -48.10 5.10 -5.26
C ASN B 139 -48.30 6.25 -6.25
N TYR B 140 -48.29 7.50 -5.79
CA TYR B 140 -48.35 8.62 -6.73
C TYR B 140 -47.17 8.60 -7.69
N TYR B 141 -45.97 8.37 -7.18
CA TYR B 141 -44.81 8.27 -8.07
C TYR B 141 -44.97 7.10 -9.03
N PHE B 142 -45.46 5.96 -8.54
CA PHE B 142 -45.60 4.78 -9.38
C PHE B 142 -46.53 5.04 -10.58
N ASP B 143 -47.67 5.68 -10.34
CA ASP B 143 -48.61 5.97 -11.42
C ASP B 143 -47.99 6.87 -12.46
N TYR B 144 -47.21 7.87 -12.03
CA TYR B 144 -46.58 8.77 -12.97
C TYR B 144 -45.47 8.06 -13.76
N ALA B 145 -44.62 7.32 -13.07
CA ALA B 145 -43.53 6.62 -13.76
C ALA B 145 -44.05 5.61 -14.76
N MET B 146 -45.12 4.88 -14.40
CA MET B 146 -45.67 3.89 -15.32
C MET B 146 -46.32 4.55 -16.54
N LEU B 147 -47.09 5.62 -16.33
CA LEU B 147 -47.70 6.37 -17.42
C LEU B 147 -46.66 6.77 -18.47
N VAL B 148 -45.54 7.35 -18.03
CA VAL B 148 -44.57 7.83 -19.01
C VAL B 148 -43.79 6.67 -19.62
N ILE B 149 -43.44 5.66 -18.81
CA ILE B 149 -42.78 4.49 -19.37
C ILE B 149 -43.70 3.82 -20.40
N ASN B 150 -44.99 3.65 -20.07
CA ASN B 150 -45.89 2.98 -21.00
C ASN B 150 -46.14 3.83 -22.24
N ARG B 151 -45.98 5.15 -22.12
CA ARG B 151 -46.21 6.01 -23.27
C ARG B 151 -45.00 6.09 -24.19
N TYR B 152 -43.80 5.97 -23.65
CA TYR B 152 -42.61 6.20 -24.46
C TYR B 152 -41.70 5.01 -24.60
N LYS B 153 -42.08 3.85 -24.04
CA LYS B 153 -41.20 2.68 -24.07
C LYS B 153 -40.77 2.31 -25.48
N ASP B 154 -41.52 2.69 -26.51
CA ASP B 154 -41.14 2.33 -27.87
C ASP B 154 -39.95 3.14 -28.38
N ARG B 155 -39.81 4.39 -27.92
CA ARG B 155 -38.74 5.26 -28.39
C ARG B 155 -37.63 5.48 -27.37
N VAL B 156 -37.84 5.09 -26.12
CA VAL B 156 -36.89 5.34 -25.04
C VAL B 156 -36.54 4.03 -24.37
N LYS B 157 -35.28 3.62 -24.52
CA LYS B 157 -34.82 2.36 -23.97
C LYS B 157 -34.27 2.51 -22.56
N TYR B 158 -33.92 3.73 -22.14
CA TYR B 158 -33.14 3.93 -20.93
C TYR B 158 -33.88 4.86 -19.98
N TRP B 159 -34.30 4.33 -18.83
CA TRP B 159 -35.08 5.09 -17.86
C TRP B 159 -34.34 5.12 -16.55
N ILE B 160 -34.47 6.25 -15.86
CA ILE B 160 -33.77 6.48 -14.60
C ILE B 160 -34.81 6.92 -13.59
N THR B 161 -35.01 6.14 -12.53
CA THR B 161 -36.11 6.41 -11.63
C THR B 161 -35.88 7.69 -10.85
N PHE B 162 -34.69 7.86 -10.26
CA PHE B 162 -34.40 9.01 -9.43
C PHE B 162 -33.00 9.53 -9.73
N ASN B 163 -32.86 10.86 -9.67
CA ASN B 163 -31.57 11.54 -9.69
C ASN B 163 -31.17 11.93 -8.28
N GLU B 164 -30.02 11.43 -7.82
CA GLU B 164 -29.32 11.79 -6.58
C GLU B 164 -30.26 11.80 -5.37
N PRO B 165 -30.75 10.62 -4.95
CA PRO B 165 -31.55 10.54 -3.73
C PRO B 165 -30.91 11.26 -2.54
N TYR B 166 -29.58 11.24 -2.44
CA TYR B 166 -28.90 11.93 -1.34
C TYR B 166 -29.31 13.39 -1.26
N CYS B 167 -29.32 14.08 -2.40
CA CYS B 167 -29.75 15.49 -2.40
C CYS B 167 -31.22 15.65 -2.08
N ILE B 168 -32.10 14.78 -2.62
CA ILE B 168 -33.54 14.92 -2.38
C ILE B 168 -33.85 14.81 -0.90
N ALA B 169 -33.19 13.87 -0.22
CA ALA B 169 -33.37 13.67 1.22
C ALA B 169 -32.65 14.75 2.03
N PHE B 170 -31.32 14.78 1.98
CA PHE B 170 -30.55 15.55 2.98
C PHE B 170 -30.51 17.03 2.64
N LEU B 171 -30.30 17.39 1.37
CA LEU B 171 -30.29 18.81 1.04
C LEU B 171 -31.70 19.38 1.04
N GLY B 172 -32.70 18.54 0.76
CA GLY B 172 -34.09 19.00 0.75
C GLY B 172 -34.83 18.92 2.06
N HIS B 173 -34.43 18.02 2.96
CA HIS B 173 -35.19 17.76 4.17
C HIS B 173 -34.35 17.80 5.43
N TRP B 174 -33.05 17.93 5.31
CA TRP B 174 -32.20 18.07 6.48
C TRP B 174 -31.50 19.43 6.50
N HIS B 175 -30.81 19.80 5.42
CA HIS B 175 -30.17 21.12 5.36
C HIS B 175 -31.11 22.22 4.90
N GLY B 176 -32.23 21.86 4.27
CA GLY B 176 -33.17 22.82 3.76
C GLY B 176 -32.63 23.74 2.69
N VAL B 177 -31.49 23.41 2.08
CA VAL B 177 -30.95 24.29 1.03
C VAL B 177 -31.56 24.01 -0.33
N HIS B 178 -32.26 22.89 -0.48
CA HIS B 178 -33.01 22.56 -1.68
C HIS B 178 -34.49 22.50 -1.31
N ALA B 179 -35.34 22.61 -2.32
CA ALA B 179 -36.76 22.36 -2.11
C ALA B 179 -36.97 20.95 -1.57
N PRO B 180 -37.91 20.76 -0.64
CA PRO B 180 -38.87 21.74 -0.15
C PRO B 180 -38.31 22.54 1.04
N GLY B 181 -37.00 22.48 1.27
CA GLY B 181 -36.39 23.29 2.31
C GLY B 181 -36.69 22.88 3.73
N ILE B 182 -37.00 21.61 3.97
CA ILE B 182 -37.27 21.13 5.32
C ILE B 182 -35.95 20.82 6.02
N LYS B 183 -35.97 20.87 7.36
CA LYS B 183 -34.75 20.79 8.19
C LYS B 183 -35.00 19.83 9.35
N ASP B 184 -34.89 18.54 9.07
CA ASP B 184 -35.20 17.52 10.07
C ASP B 184 -34.57 16.21 9.62
N PHE B 185 -33.52 15.80 10.30
CA PHE B 185 -32.77 14.62 9.87
C PHE B 185 -33.68 13.40 9.79
N LYS B 186 -34.60 13.23 10.75
CA LYS B 186 -35.43 12.03 10.76
C LYS B 186 -36.43 12.01 9.61
N VAL B 187 -36.91 13.18 9.18
CA VAL B 187 -37.68 13.25 7.95
C VAL B 187 -36.80 12.85 6.76
N ALA B 188 -35.55 13.33 6.74
CA ALA B 188 -34.65 13.01 5.63
C ALA B 188 -34.49 11.51 5.46
N ILE B 189 -34.39 10.77 6.57
CA ILE B 189 -34.23 9.32 6.46
C ILE B 189 -35.52 8.69 5.93
N ASP B 190 -36.68 9.16 6.40
CA ASP B 190 -37.95 8.70 5.84
C ASP B 190 -38.00 8.88 4.33
N VAL B 191 -37.51 10.03 3.86
CA VAL B 191 -37.47 10.32 2.43
C VAL B 191 -36.60 9.30 1.70
N VAL B 192 -35.37 9.08 2.18
CA VAL B 192 -34.49 8.05 1.60
C VAL B 192 -35.25 6.76 1.41
N HIS B 193 -35.96 6.33 2.45
CA HIS B 193 -36.66 5.04 2.42
C HIS B 193 -37.81 5.04 1.40
N ASN B 194 -38.60 6.12 1.35
CA ASN B 194 -39.71 6.17 0.40
C ASN B 194 -39.21 6.22 -1.04
N ILE B 195 -38.03 6.80 -1.27
CA ILE B 195 -37.42 6.75 -2.59
C ILE B 195 -37.02 5.33 -2.95
N MET B 196 -36.40 4.61 -2.00
CA MET B 196 -35.99 3.23 -2.27
C MET B 196 -37.21 2.36 -2.61
N LEU B 197 -38.32 2.52 -1.88
CA LEU B 197 -39.52 1.74 -2.21
C LEU B 197 -40.07 2.14 -3.57
N SER B 198 -40.12 3.44 -3.86
CA SER B 198 -40.67 3.87 -5.14
C SER B 198 -39.86 3.28 -6.28
N HIS B 199 -38.55 3.29 -6.15
CA HIS B 199 -37.68 2.73 -7.17
C HIS B 199 -37.97 1.24 -7.38
N PHE B 200 -37.96 0.46 -6.27
CA PHE B 200 -38.18 -0.98 -6.37
C PHE B 200 -39.50 -1.29 -7.08
N LYS B 201 -40.57 -0.54 -6.75
CA LYS B 201 -41.89 -0.81 -7.31
C LYS B 201 -41.90 -0.63 -8.82
N VAL B 202 -41.25 0.43 -9.31
CA VAL B 202 -41.22 0.67 -10.74
C VAL B 202 -40.40 -0.41 -11.46
N VAL B 203 -39.25 -0.78 -10.88
CA VAL B 203 -38.39 -1.79 -11.47
C VAL B 203 -39.07 -3.15 -11.50
N LYS B 204 -39.79 -3.50 -10.43
CA LYS B 204 -40.54 -4.75 -10.43
C LYS B 204 -41.58 -4.77 -11.53
N ALA B 205 -42.27 -3.64 -11.73
CA ALA B 205 -43.38 -3.60 -12.67
C ALA B 205 -42.87 -3.67 -14.11
N VAL B 206 -41.76 -3.00 -14.43
CA VAL B 206 -41.18 -3.15 -15.76
C VAL B 206 -40.85 -4.61 -16.02
N LYS B 207 -40.24 -5.28 -15.05
CA LYS B 207 -39.87 -6.68 -15.23
C LYS B 207 -41.11 -7.57 -15.31
N GLU B 208 -42.02 -7.47 -14.34
CA GLU B 208 -43.19 -8.33 -14.33
C GLU B 208 -44.11 -8.07 -15.53
N ASN B 209 -44.15 -6.85 -16.03
CA ASN B 209 -44.98 -6.58 -17.20
C ASN B 209 -44.25 -6.84 -18.51
N ASN B 210 -43.01 -7.34 -18.48
CA ASN B 210 -42.28 -7.65 -19.72
C ASN B 210 -42.15 -6.42 -20.60
N ILE B 211 -41.96 -5.26 -19.98
CA ILE B 211 -41.67 -4.04 -20.73
C ILE B 211 -40.21 -4.05 -21.12
N ASP B 212 -39.94 -3.93 -22.42
CA ASP B 212 -38.58 -4.07 -22.96
C ASP B 212 -37.82 -2.75 -22.87
N VAL B 213 -37.48 -2.36 -21.63
CA VAL B 213 -36.65 -1.19 -21.35
C VAL B 213 -35.65 -1.55 -20.25
N GLU B 214 -34.57 -0.78 -20.20
CA GLU B 214 -33.60 -0.86 -19.11
C GLU B 214 -33.96 0.17 -18.05
N VAL B 215 -34.03 -0.25 -16.79
CA VAL B 215 -34.36 0.65 -15.70
C VAL B 215 -33.22 0.70 -14.71
N GLY B 216 -32.79 1.90 -14.35
CA GLY B 216 -31.75 2.09 -13.35
C GLY B 216 -32.05 3.26 -12.43
N ILE B 217 -31.02 3.74 -11.73
CA ILE B 217 -31.14 4.88 -10.83
C ILE B 217 -29.79 5.58 -10.82
N THR B 218 -29.79 6.89 -10.57
CA THR B 218 -28.58 7.69 -10.60
C THR B 218 -28.18 8.10 -9.18
N LEU B 219 -26.95 7.79 -8.78
CA LEU B 219 -26.42 8.14 -7.47
C LEU B 219 -25.21 9.05 -7.63
N ASN B 220 -25.25 10.21 -7.00
CA ASN B 220 -24.03 10.98 -6.84
C ASN B 220 -23.16 10.25 -5.82
N LEU B 221 -21.93 9.93 -6.20
CA LEU B 221 -21.00 9.26 -5.30
C LEU B 221 -19.75 10.12 -5.14
N THR B 222 -19.25 10.22 -3.92
CA THR B 222 -18.03 11.00 -3.66
C THR B 222 -17.03 10.11 -2.91
N PRO B 223 -15.94 9.68 -3.55
CA PRO B 223 -14.98 8.82 -2.84
C PRO B 223 -14.28 9.60 -1.75
N VAL B 224 -14.02 8.94 -0.63
CA VAL B 224 -13.51 9.60 0.56
C VAL B 224 -12.11 9.09 0.84
N TYR B 225 -11.20 10.04 1.13
CA TYR B 225 -9.81 9.74 1.49
C TYR B 225 -9.52 10.28 2.88
N LEU B 226 -8.54 9.67 3.54
CA LEU B 226 -8.18 10.07 4.88
C LEU B 226 -7.00 11.04 4.81
N GLN B 227 -7.20 12.24 5.35
CA GLN B 227 -6.11 13.21 5.46
C GLN B 227 -4.94 12.60 6.20
N THR B 228 -5.23 11.81 7.24
CA THR B 228 -4.17 11.16 8.01
C THR B 228 -3.25 10.34 7.12
N GLU B 229 -3.82 9.69 6.09
CA GLU B 229 -2.97 8.90 5.19
C GLU B 229 -2.17 9.80 4.26
N ARG B 230 -2.79 10.88 3.76
CA ARG B 230 -2.06 11.86 2.96
C ARG B 230 -0.84 12.42 3.69
N LEU B 231 -0.90 12.49 5.02
CA LEU B 231 0.19 13.01 5.83
C LEU B 231 1.19 11.94 6.26
N GLY B 232 0.92 10.68 5.95
CA GLY B 232 1.81 9.61 6.37
C GLY B 232 1.81 9.34 7.86
N TYR B 233 0.67 9.51 8.52
CA TYR B 233 0.60 9.20 9.95
C TYR B 233 -0.01 7.81 10.12
N LYS B 234 0.16 7.27 11.33
CA LYS B 234 -0.54 6.03 11.67
C LYS B 234 -2.02 6.33 11.86
N VAL B 235 -2.86 5.59 11.14
CA VAL B 235 -4.31 5.77 11.23
C VAL B 235 -4.85 5.02 12.43
N SER B 236 -5.44 5.74 13.37
CA SER B 236 -6.04 5.09 14.52
C SER B 236 -7.30 4.32 14.13
N GLU B 237 -7.64 3.37 15.00
CA GLU B 237 -8.79 2.51 14.77
C GLU B 237 -10.07 3.34 14.74
N ILE B 238 -10.22 4.24 15.71
CA ILE B 238 -11.42 5.07 15.79
C ILE B 238 -11.53 6.01 14.59
N GLU B 239 -10.42 6.57 14.08
CA GLU B 239 -10.55 7.48 12.96
C GLU B 239 -11.05 6.75 11.72
N ARG B 240 -10.45 5.60 11.40
CA ARG B 240 -10.90 4.82 10.26
C ARG B 240 -12.38 4.48 10.38
N GLU B 241 -12.82 4.11 11.58
CA GLU B 241 -14.22 3.72 11.78
C GLU B 241 -15.14 4.91 11.58
N MET B 242 -14.76 6.08 12.11
CA MET B 242 -15.62 7.26 12.04
C MET B 242 -15.70 7.82 10.62
N VAL B 243 -14.57 7.83 9.92
CA VAL B 243 -14.55 8.28 8.52
C VAL B 243 -15.36 7.32 7.65
N ASN B 244 -15.26 6.02 7.91
CA ASN B 244 -16.07 5.04 7.18
C ASN B 244 -17.55 5.29 7.41
N LEU B 245 -17.94 5.53 8.65
CA LEU B 245 -19.32 5.93 8.94
C LEU B 245 -19.72 7.13 8.10
N SER B 246 -18.86 8.16 8.07
CA SER B 246 -19.21 9.38 7.37
C SER B 246 -19.37 9.14 5.89
N SER B 247 -18.60 8.22 5.32
CA SER B 247 -18.70 7.97 3.89
C SER B 247 -19.80 6.98 3.53
N GLN B 248 -20.28 6.18 4.49
CA GLN B 248 -21.47 5.37 4.25
C GLN B 248 -22.71 6.24 4.08
N LEU B 249 -22.78 7.38 4.80
CA LEU B 249 -23.90 8.30 4.61
C LEU B 249 -23.96 8.85 3.19
N ASP B 250 -22.81 9.03 2.55
CA ASP B 250 -22.80 9.53 1.18
C ASP B 250 -23.06 8.43 0.16
N ASN B 251 -22.56 7.22 0.41
CA ASN B 251 -22.45 6.22 -0.66
C ASN B 251 -23.17 4.94 -0.31
N GLU B 252 -22.67 4.17 0.66
CA GLU B 252 -23.28 2.88 0.99
C GLU B 252 -24.76 3.02 1.34
N LEU B 253 -25.16 4.17 1.90
CA LEU B 253 -26.56 4.36 2.25
C LEU B 253 -27.46 4.18 1.03
N PHE B 254 -26.94 4.46 -0.15
CA PHE B 254 -27.74 4.30 -1.34
C PHE B 254 -27.32 3.12 -2.20
N LEU B 255 -26.03 2.80 -2.23
CA LEU B 255 -25.60 1.67 -3.04
C LEU B 255 -26.08 0.34 -2.46
N ASP B 256 -26.06 0.22 -1.13
CA ASP B 256 -26.42 -1.05 -0.50
C ASP B 256 -27.88 -1.43 -0.78
N PRO B 257 -28.88 -0.59 -0.49
CA PRO B 257 -30.26 -1.03 -0.79
C PRO B 257 -30.49 -1.21 -2.29
N VAL B 258 -29.91 -0.36 -3.14
CA VAL B 258 -30.13 -0.48 -4.57
C VAL B 258 -29.53 -1.78 -5.12
N LEU B 259 -28.31 -2.12 -4.72
CA LEU B 259 -27.61 -3.24 -5.34
C LEU B 259 -27.62 -4.51 -4.50
N LYS B 260 -27.84 -4.41 -3.18
CA LYS B 260 -27.75 -5.54 -2.27
C LYS B 260 -29.03 -5.83 -1.51
N GLY B 261 -30.01 -4.94 -1.52
CA GLY B 261 -31.22 -5.19 -0.74
C GLY B 261 -31.03 -5.17 0.77
N ASN B 262 -30.20 -4.26 1.28
CA ASN B 262 -30.09 -3.99 2.70
C ASN B 262 -29.44 -2.62 2.85
N TYR B 263 -29.60 -2.03 4.05
CA TYR B 263 -28.97 -0.75 4.36
C TYR B 263 -27.63 -0.98 5.06
N PRO B 264 -26.66 -0.07 4.89
CA PRO B 264 -25.37 -0.23 5.58
C PRO B 264 -25.56 -0.38 7.09
N GLN B 265 -25.19 -1.56 7.60
CA GLN B 265 -25.47 -1.90 8.99
C GLN B 265 -24.67 -1.03 9.96
N LYS B 266 -23.40 -0.75 9.66
CA LYS B 266 -22.60 0.04 10.59
C LYS B 266 -23.18 1.44 10.74
N LEU B 267 -23.57 2.07 9.63
CA LEU B 267 -24.21 3.39 9.69
C LEU B 267 -25.43 3.37 10.59
N PHE B 268 -26.31 2.38 10.41
CA PHE B 268 -27.55 2.36 11.18
C PHE B 268 -27.29 2.15 12.68
N ASP B 269 -26.35 1.27 13.02
CA ASP B 269 -25.93 1.07 14.42
C ASP B 269 -25.52 2.38 15.07
N TYR B 270 -24.72 3.18 14.35
CA TYR B 270 -24.26 4.46 14.88
C TYR B 270 -25.42 5.43 15.03
N LEU B 271 -26.29 5.50 14.01
CA LEU B 271 -27.41 6.42 14.06
C LEU B 271 -28.34 6.07 15.20
N VAL B 272 -28.52 4.77 15.46
CA VAL B 272 -29.33 4.33 16.58
C VAL B 272 -28.66 4.70 17.90
N GLN B 273 -27.36 4.35 18.04
CA GLN B 273 -26.60 4.63 19.26
C GLN B 273 -26.64 6.10 19.65
N LYS B 274 -26.71 7.00 18.68
CA LYS B 274 -26.68 8.43 18.94
C LYS B 274 -28.06 9.05 18.90
N ASP B 275 -29.09 8.21 18.88
CA ASP B 275 -30.50 8.66 18.95
C ASP B 275 -30.85 9.59 17.78
N LEU B 276 -30.34 9.29 16.59
CA LEU B 276 -30.76 9.99 15.37
C LEU B 276 -31.77 9.18 14.58
N LEU B 277 -32.11 7.98 15.05
CA LEU B 277 -32.93 7.04 14.32
C LEU B 277 -33.28 5.94 15.32
N GLU B 278 -34.57 5.73 15.57
CA GLU B 278 -34.98 4.76 16.57
C GLU B 278 -34.67 3.34 16.09
N ALA B 279 -34.24 2.48 17.01
CA ALA B 279 -33.82 1.14 16.62
C ALA B 279 -34.95 0.39 15.92
N GLN B 280 -36.20 0.67 16.30
CA GLN B 280 -37.34 0.01 15.67
C GLN B 280 -37.49 0.45 14.22
N LYS B 281 -37.43 1.77 13.96
CA LYS B 281 -37.55 2.29 12.61
C LYS B 281 -36.45 1.74 11.70
N ALA B 282 -35.20 1.74 12.20
CA ALA B 282 -34.10 1.14 11.45
C ALA B 282 -34.39 -0.31 11.08
N LEU B 283 -34.94 -1.07 12.03
CA LEU B 283 -35.19 -2.48 11.75
C LEU B 283 -36.34 -2.65 10.76
N SER B 284 -37.39 -1.82 10.90
CA SER B 284 -38.48 -1.82 9.92
C SER B 284 -37.99 -1.49 8.52
N MET B 285 -37.04 -0.54 8.41
CA MET B 285 -36.52 -0.18 7.10
C MET B 285 -35.70 -1.31 6.50
N GLN B 286 -34.91 -1.99 7.33
CA GLN B 286 -34.17 -3.16 6.85
C GLN B 286 -35.14 -4.26 6.40
N GLN B 287 -36.25 -4.44 7.12
CA GLN B 287 -37.24 -5.46 6.79
C GLN B 287 -37.99 -5.11 5.51
N GLU B 288 -38.33 -3.83 5.32
CA GLU B 288 -39.08 -3.42 4.14
C GLU B 288 -38.22 -3.41 2.88
N VAL B 289 -36.94 -3.06 2.98
CA VAL B 289 -36.06 -3.14 1.82
C VAL B 289 -35.83 -4.61 1.44
N LYS B 290 -35.75 -5.50 2.44
CA LYS B 290 -35.61 -6.91 2.14
C LYS B 290 -36.83 -7.44 1.39
N GLU B 291 -38.02 -7.03 1.82
CA GLU B 291 -39.25 -7.52 1.20
C GLU B 291 -39.41 -7.03 -0.24
N ASN B 292 -38.90 -5.84 -0.57
CA ASN B 292 -39.21 -5.20 -1.85
C ASN B 292 -38.01 -5.12 -2.79
N PHE B 293 -36.83 -5.55 -2.37
CA PHE B 293 -35.63 -5.39 -3.18
C PHE B 293 -35.76 -6.09 -4.53
N ILE B 294 -35.21 -5.45 -5.55
CA ILE B 294 -34.99 -6.07 -6.85
C ILE B 294 -33.80 -5.37 -7.49
N PHE B 295 -32.88 -6.18 -8.02
CA PHE B 295 -31.71 -5.66 -8.70
C PHE B 295 -32.13 -4.82 -9.91
N PRO B 296 -31.43 -3.72 -10.21
CA PRO B 296 -31.76 -2.93 -11.40
C PRO B 296 -30.95 -3.33 -12.62
N ASP B 297 -31.24 -2.70 -13.77
CA ASP B 297 -30.58 -3.07 -15.02
C ASP B 297 -29.22 -2.42 -15.18
N PHE B 298 -28.97 -1.30 -14.50
CA PHE B 298 -27.75 -0.53 -14.65
C PHE B 298 -27.72 0.53 -13.56
N LEU B 299 -26.50 0.98 -13.23
CA LEU B 299 -26.30 1.99 -12.20
C LEU B 299 -25.79 3.27 -12.85
N GLY B 300 -26.49 4.38 -12.64
CA GLY B 300 -26.03 5.69 -13.09
C GLY B 300 -25.22 6.37 -12.01
N ILE B 301 -24.07 6.92 -12.40
CA ILE B 301 -23.14 7.57 -11.46
C ILE B 301 -23.00 9.04 -11.82
N ASN B 302 -23.16 9.91 -10.83
CA ASN B 302 -22.76 11.31 -10.97
C ASN B 302 -21.50 11.49 -10.16
N TYR B 303 -20.39 11.72 -10.84
CA TYR B 303 -19.12 12.00 -10.18
C TYR B 303 -18.66 13.41 -10.51
N TYR B 304 -18.10 14.09 -9.51
CA TYR B 304 -17.56 15.43 -9.67
C TYR B 304 -16.25 15.64 -8.93
N THR B 305 -16.08 15.03 -7.76
CA THR B 305 -14.93 15.32 -6.91
C THR B 305 -14.84 14.23 -5.84
N ARG B 306 -13.84 14.36 -4.97
CA ARG B 306 -13.64 13.51 -3.81
C ARG B 306 -13.85 14.31 -2.54
N ALA B 307 -13.55 13.67 -1.42
CA ALA B 307 -13.60 14.32 -0.13
C ALA B 307 -12.42 13.80 0.69
N VAL B 308 -11.76 14.71 1.40
CA VAL B 308 -10.66 14.35 2.27
C VAL B 308 -11.08 14.68 3.68
N ARG B 309 -11.05 13.67 4.54
CA ARG B 309 -11.66 13.75 5.86
C ARG B 309 -10.71 13.24 6.93
N LEU B 310 -10.93 13.72 8.15
CA LEU B 310 -10.17 13.30 9.30
C LEU B 310 -11.08 13.33 10.53
N TYR B 311 -10.71 12.53 11.51
CA TYR B 311 -11.41 12.48 12.80
C TYR B 311 -11.20 13.78 13.59
N ASP B 312 -12.30 14.31 14.15
CA ASP B 312 -12.24 15.52 14.97
C ASP B 312 -13.31 15.38 16.04
N GLU B 313 -12.89 15.14 17.29
CA GLU B 313 -13.86 14.73 18.31
C GLU B 313 -14.92 15.81 18.55
N ASN B 314 -14.56 17.08 18.38
CA ASN B 314 -15.46 18.19 18.68
C ASN B 314 -16.07 18.81 17.43
N SER B 315 -16.21 18.04 16.35
CA SER B 315 -16.86 18.56 15.17
C SER B 315 -18.37 18.69 15.42
N SER B 316 -19.01 19.51 14.60
CA SER B 316 -20.45 19.74 14.72
C SER B 316 -21.26 18.91 13.74
N TRP B 317 -20.61 18.17 12.85
CA TRP B 317 -21.28 17.20 12.00
C TRP B 317 -21.88 16.07 12.87
N ILE B 318 -22.81 15.31 12.27
CA ILE B 318 -23.43 14.19 12.98
C ILE B 318 -22.41 13.10 13.26
N PHE B 319 -21.34 13.06 12.50
CA PHE B 319 -20.16 12.28 12.77
C PHE B 319 -19.04 13.22 13.22
N PRO B 320 -18.18 12.78 14.11
CA PRO B 320 -17.02 13.59 14.51
C PRO B 320 -15.92 13.56 13.46
N ILE B 321 -16.14 14.27 12.35
CA ILE B 321 -15.17 14.34 11.28
C ILE B 321 -15.11 15.79 10.82
N ARG B 322 -13.99 16.12 10.18
CA ARG B 322 -13.71 17.43 9.61
C ARG B 322 -13.28 17.22 8.16
N TRP B 323 -13.47 18.24 7.34
CA TRP B 323 -13.02 18.21 5.95
C TRP B 323 -11.72 18.98 5.79
N GLU B 324 -10.87 18.50 4.90
CA GLU B 324 -9.65 19.20 4.53
C GLU B 324 -9.70 19.51 3.05
N HIS B 325 -8.97 20.53 2.64
CA HIS B 325 -8.82 20.86 1.23
C HIS B 325 -7.40 20.59 0.79
N PRO B 326 -7.14 19.50 0.08
CA PRO B 326 -5.79 19.29 -0.46
C PRO B 326 -5.50 20.38 -1.48
N ALA B 327 -4.21 20.69 -1.62
CA ALA B 327 -3.78 21.57 -2.69
C ALA B 327 -4.15 20.98 -4.05
N GLY B 328 -4.52 21.86 -4.98
CA GLY B 328 -4.80 21.46 -6.35
C GLY B 328 -5.61 22.53 -7.06
N GLU B 329 -6.17 22.13 -8.20
CA GLU B 329 -7.05 22.99 -8.98
C GLU B 329 -8.49 22.83 -8.52
N TYR B 330 -9.22 23.94 -8.48
CA TYR B 330 -10.60 23.93 -8.02
C TYR B 330 -11.44 24.63 -9.07
N THR B 331 -12.71 24.25 -9.14
CA THR B 331 -13.66 24.89 -10.03
C THR B 331 -14.36 26.02 -9.31
N GLU B 332 -15.29 26.68 -10.02
CA GLU B 332 -16.13 27.72 -9.43
C GLU B 332 -17.07 27.17 -8.37
N MET B 333 -17.23 25.85 -8.29
CA MET B 333 -18.06 25.22 -7.28
C MET B 333 -17.34 25.12 -5.95
N GLY B 334 -16.02 25.26 -5.95
CA GLY B 334 -15.24 24.89 -4.80
C GLY B 334 -14.91 23.42 -4.77
N TRP B 335 -14.99 22.73 -5.90
CA TRP B 335 -14.73 21.29 -5.95
C TRP B 335 -13.33 21.04 -6.47
N GLU B 336 -12.58 20.22 -5.74
CA GLU B 336 -11.27 19.79 -6.20
C GLU B 336 -11.41 19.01 -7.51
N VAL B 337 -10.65 19.43 -8.53
CA VAL B 337 -10.53 18.67 -9.77
C VAL B 337 -9.66 17.43 -9.48
N PHE B 338 -10.27 16.25 -9.43
CA PHE B 338 -9.56 15.05 -8.99
C PHE B 338 -9.94 13.85 -9.85
N PRO B 339 -9.44 13.80 -11.08
CA PRO B 339 -9.90 12.74 -12.01
C PRO B 339 -9.62 11.33 -11.52
N GLN B 340 -8.57 11.13 -10.73
CA GLN B 340 -8.26 9.81 -10.19
C GLN B 340 -9.34 9.28 -9.25
N GLY B 341 -10.15 10.17 -8.67
CA GLY B 341 -11.29 9.72 -7.88
C GLY B 341 -12.34 8.98 -8.71
N LEU B 342 -12.49 9.35 -9.98
CA LEU B 342 -13.41 8.62 -10.85
C LEU B 342 -12.97 7.16 -11.00
N PHE B 343 -11.69 6.94 -11.33
CA PHE B 343 -11.16 5.60 -11.51
C PHE B 343 -11.27 4.80 -10.22
N ASP B 344 -10.83 5.37 -9.10
CA ASP B 344 -10.93 4.68 -7.82
C ASP B 344 -12.36 4.35 -7.49
N LEU B 345 -13.27 5.27 -7.81
CA LEU B 345 -14.69 5.04 -7.56
C LEU B 345 -15.21 3.90 -8.40
N LEU B 346 -14.94 3.93 -9.71
CA LEU B 346 -15.42 2.87 -10.59
C LEU B 346 -14.84 1.51 -10.18
N MET B 347 -13.55 1.47 -9.82
CA MET B 347 -12.92 0.22 -9.39
C MET B 347 -13.54 -0.31 -8.11
N TRP B 348 -13.78 0.58 -7.14
CA TRP B 348 -14.38 0.21 -5.87
C TRP B 348 -15.80 -0.37 -6.05
N ILE B 349 -16.53 0.07 -7.08
CA ILE B 349 -17.86 -0.47 -7.35
C ILE B 349 -17.76 -1.87 -7.96
N LYS B 350 -16.84 -2.06 -8.90
CA LYS B 350 -16.55 -3.40 -9.42
C LYS B 350 -16.13 -4.34 -8.30
N GLU B 351 -15.36 -3.84 -7.32
CA GLU B 351 -14.79 -4.72 -6.31
C GLU B 351 -15.76 -5.05 -5.18
N ASN B 352 -16.79 -4.25 -4.98
CA ASN B 352 -17.60 -4.41 -3.79
C ASN B 352 -19.07 -4.68 -4.06
N TYR B 353 -19.52 -4.60 -5.30
CA TYR B 353 -20.93 -4.83 -5.55
C TYR B 353 -21.12 -5.82 -6.68
N PRO B 354 -22.25 -6.51 -6.71
CA PRO B 354 -22.51 -7.44 -7.82
C PRO B 354 -22.34 -6.74 -9.16
N GLN B 355 -21.96 -7.54 -10.16
CA GLN B 355 -21.81 -7.08 -11.54
C GLN B 355 -23.04 -6.32 -12.02
N ILE B 356 -22.81 -5.23 -12.74
CA ILE B 356 -23.90 -4.43 -13.31
C ILE B 356 -23.29 -3.46 -14.31
N PRO B 357 -23.94 -3.18 -15.43
CA PRO B 357 -23.45 -2.11 -16.31
C PRO B 357 -23.53 -0.76 -15.60
N ILE B 358 -22.52 0.08 -15.84
CA ILE B 358 -22.42 1.41 -15.25
C ILE B 358 -22.45 2.43 -16.37
N TYR B 359 -23.20 3.51 -16.16
CA TYR B 359 -23.17 4.70 -17.00
C TYR B 359 -22.80 5.88 -16.12
N ILE B 360 -21.76 6.62 -16.52
CA ILE B 360 -21.52 7.91 -15.89
C ILE B 360 -22.58 8.85 -16.44
N THR B 361 -23.57 9.18 -15.61
CA THR B 361 -24.70 9.97 -16.06
C THR B 361 -24.51 11.46 -15.79
N GLU B 362 -23.46 11.84 -15.07
CA GLU B 362 -23.11 13.25 -14.90
C GLU B 362 -21.63 13.34 -14.56
N ASN B 363 -20.92 14.20 -15.29
CA ASN B 363 -19.59 14.66 -14.94
C ASN B 363 -19.33 15.92 -15.74
N GLY B 364 -18.68 16.88 -15.11
CA GLY B 364 -18.45 18.15 -15.74
C GLY B 364 -17.85 19.13 -14.75
N ALA B 365 -17.83 20.40 -15.15
CA ALA B 365 -17.13 21.40 -14.35
C ALA B 365 -17.73 22.77 -14.59
N ALA B 366 -17.82 23.56 -13.51
CA ALA B 366 -18.22 24.96 -13.60
C ALA B 366 -16.98 25.84 -13.61
N TYR B 367 -16.89 26.69 -14.64
CA TYR B 367 -15.89 27.73 -14.72
C TYR B 367 -16.58 29.04 -15.05
N ASN B 368 -15.88 30.16 -14.86
CA ASN B 368 -16.48 31.47 -15.10
C ASN B 368 -16.23 31.83 -16.56
N ASP B 369 -17.19 31.48 -17.41
CA ASP B 369 -17.01 31.66 -18.85
C ASP B 369 -17.30 33.10 -19.26
N ILE B 370 -16.41 33.66 -20.08
CA ILE B 370 -16.60 34.96 -20.68
C ILE B 370 -16.53 34.80 -22.20
N VAL B 371 -17.50 35.38 -22.90
CA VAL B 371 -17.58 35.27 -24.35
C VAL B 371 -16.78 36.41 -24.97
N THR B 372 -15.71 36.07 -25.69
CA THR B 372 -14.74 37.06 -26.12
C THR B 372 -15.35 38.04 -27.12
N GLU B 373 -14.53 39.00 -27.56
CA GLU B 373 -15.01 40.04 -28.45
C GLU B 373 -15.57 39.46 -29.74
N ASP B 374 -14.93 38.41 -30.29
CA ASP B 374 -15.41 37.76 -31.49
C ASP B 374 -16.35 36.59 -31.20
N GLY B 375 -17.12 36.66 -30.12
CA GLY B 375 -18.20 35.70 -29.90
C GLY B 375 -17.76 34.26 -29.70
N LYS B 376 -16.64 34.06 -29.00
CA LYS B 376 -16.10 32.74 -28.70
C LYS B 376 -16.10 32.53 -27.19
N VAL B 377 -15.72 31.32 -26.76
CA VAL B 377 -15.56 30.99 -25.35
C VAL B 377 -14.42 29.97 -25.24
N HIS B 378 -13.27 30.41 -24.73
CA HIS B 378 -12.05 29.59 -24.70
C HIS B 378 -11.90 28.84 -23.37
N ASP B 379 -12.91 28.05 -23.02
CA ASP B 379 -12.91 27.34 -21.73
C ASP B 379 -11.86 26.23 -21.67
N SER B 380 -10.58 26.63 -21.73
CA SER B 380 -9.50 25.65 -21.76
C SER B 380 -9.46 24.78 -20.51
N LYS B 381 -9.85 25.34 -19.36
CA LYS B 381 -9.85 24.56 -18.12
C LYS B 381 -10.91 23.47 -18.15
N ARG B 382 -12.10 23.79 -18.68
CA ARG B 382 -13.12 22.77 -18.86
C ARG B 382 -12.60 21.63 -19.73
N ILE B 383 -12.04 21.98 -20.89
CA ILE B 383 -11.56 20.97 -21.84
C ILE B 383 -10.58 20.02 -21.17
N GLU B 384 -9.64 20.56 -20.38
CA GLU B 384 -8.66 19.72 -19.70
C GLU B 384 -9.29 18.90 -18.59
N TYR B 385 -10.31 19.45 -17.92
CA TYR B 385 -11.08 18.67 -16.96
C TYR B 385 -11.73 17.46 -17.63
N LEU B 386 -12.40 17.69 -18.76
CA LEU B 386 -13.01 16.58 -19.48
C LEU B 386 -11.96 15.58 -19.95
N LYS B 387 -10.90 16.08 -20.60
CA LYS B 387 -9.86 15.19 -21.12
C LYS B 387 -9.28 14.29 -20.03
N GLN B 388 -9.06 14.85 -18.83
CA GLN B 388 -8.46 14.08 -17.74
C GLN B 388 -9.41 13.06 -17.16
N HIS B 389 -10.71 13.32 -17.21
CA HIS B 389 -11.69 12.36 -16.73
C HIS B 389 -12.05 11.32 -17.77
N PHE B 390 -12.12 11.72 -19.04
CA PHE B 390 -12.25 10.75 -20.12
C PHE B 390 -11.17 9.69 -20.01
N ASP B 391 -9.92 10.13 -19.84
CA ASP B 391 -8.81 9.20 -19.78
C ASP B 391 -8.97 8.25 -18.60
N GLN B 392 -9.59 8.71 -17.52
CA GLN B 392 -9.79 7.81 -16.38
C GLN B 392 -10.88 6.79 -16.69
N ALA B 393 -11.92 7.20 -17.41
CA ALA B 393 -12.95 6.25 -17.82
C ALA B 393 -12.35 5.14 -18.69
N ARG B 394 -11.51 5.51 -19.67
CA ARG B 394 -10.84 4.51 -20.49
C ARG B 394 -9.94 3.61 -19.64
N LYS B 395 -9.21 4.20 -18.68
CA LYS B 395 -8.38 3.38 -17.81
C LYS B 395 -9.23 2.41 -17.01
N ALA B 396 -10.45 2.84 -16.63
CA ALA B 396 -11.37 1.97 -15.91
C ALA B 396 -11.84 0.80 -16.78
N ILE B 397 -12.19 1.07 -18.03
CA ILE B 397 -12.61 0.00 -18.93
C ILE B 397 -11.50 -1.03 -19.10
N GLU B 398 -10.30 -0.55 -19.42
CA GLU B 398 -9.15 -1.44 -19.56
C GLU B 398 -8.98 -2.36 -18.36
N ASN B 399 -9.36 -1.90 -17.17
CA ASN B 399 -9.21 -2.66 -15.94
C ASN B 399 -10.42 -3.53 -15.61
N GLY B 400 -11.40 -3.63 -16.51
CA GLY B 400 -12.50 -4.56 -16.33
C GLY B 400 -13.80 -3.97 -15.83
N VAL B 401 -13.96 -2.65 -15.83
CA VAL B 401 -15.17 -1.99 -15.35
C VAL B 401 -16.16 -1.88 -16.50
N ASP B 402 -17.40 -2.34 -16.27
CA ASP B 402 -18.42 -2.39 -17.31
C ASP B 402 -19.06 -1.03 -17.55
N LEU B 403 -18.24 -0.09 -18.02
CA LEU B 403 -18.68 1.27 -18.30
C LEU B 403 -19.21 1.36 -19.71
N ARG B 404 -20.46 1.81 -19.86
CA ARG B 404 -21.14 1.74 -21.14
C ARG B 404 -21.64 3.10 -21.65
N GLY B 405 -21.38 4.18 -20.91
CA GLY B 405 -21.82 5.50 -21.34
C GLY B 405 -21.17 6.58 -20.51
N TYR B 406 -21.25 7.80 -21.05
CA TYR B 406 -20.63 8.95 -20.40
C TYR B 406 -21.42 10.18 -20.83
N PHE B 407 -22.06 10.83 -19.87
CA PHE B 407 -22.92 11.97 -20.10
C PHE B 407 -22.29 13.20 -19.44
N VAL B 408 -21.93 14.19 -20.24
CA VAL B 408 -21.31 15.40 -19.72
C VAL B 408 -22.40 16.31 -19.13
N TRP B 409 -22.21 16.75 -17.89
CA TRP B 409 -23.02 17.83 -17.34
C TRP B 409 -22.27 19.14 -17.54
N SER B 410 -22.84 20.03 -18.33
CA SER B 410 -24.16 19.89 -18.94
C SER B 410 -24.08 20.25 -20.42
N LEU B 411 -25.16 20.00 -21.16
CA LEU B 411 -25.16 20.38 -22.58
C LEU B 411 -25.07 21.89 -22.72
N MET B 412 -25.97 22.62 -22.05
CA MET B 412 -25.95 24.08 -22.03
C MET B 412 -25.88 24.57 -20.58
N ASP B 413 -25.56 25.86 -20.43
CA ASP B 413 -25.53 26.51 -19.12
C ASP B 413 -26.93 26.63 -18.56
N ASN B 414 -27.16 26.13 -17.36
CA ASN B 414 -28.51 26.04 -16.78
C ASN B 414 -28.60 26.78 -15.44
N LEU B 415 -29.81 26.78 -14.87
CA LEU B 415 -29.98 27.20 -13.49
C LEU B 415 -29.36 26.16 -12.57
N GLU B 416 -28.36 26.58 -11.78
CA GLU B 416 -27.65 25.67 -10.88
C GLU B 416 -28.25 25.72 -9.47
N TRP B 417 -29.51 25.30 -9.40
CA TRP B 417 -30.29 25.17 -8.16
C TRP B 417 -30.06 26.41 -7.29
N ALA B 418 -29.70 26.28 -6.02
CA ALA B 418 -29.67 27.47 -5.17
C ALA B 418 -28.49 28.38 -5.46
N MET B 419 -27.59 28.01 -6.37
CA MET B 419 -26.53 28.87 -6.87
C MET B 419 -26.99 29.81 -7.97
N GLY B 420 -28.23 29.67 -8.45
CA GLY B 420 -28.75 30.48 -9.56
C GLY B 420 -27.98 30.24 -10.85
N TYR B 421 -27.96 31.26 -11.71
CA TYR B 421 -27.25 31.15 -12.98
C TYR B 421 -25.77 31.48 -12.87
N THR B 422 -25.25 31.62 -11.64
CA THR B 422 -23.86 32.02 -11.38
C THR B 422 -22.87 30.89 -11.64
N LYS B 423 -23.33 29.68 -11.95
CA LYS B 423 -22.44 28.55 -12.24
C LYS B 423 -22.78 28.01 -13.63
N ARG B 424 -21.82 28.10 -14.54
CA ARG B 424 -21.96 27.66 -15.92
C ARG B 424 -21.26 26.33 -16.07
N PHE B 425 -22.03 25.27 -16.30
CA PHE B 425 -21.50 23.92 -16.48
C PHE B 425 -21.49 23.47 -17.94
N GLY B 426 -22.11 24.23 -18.83
CA GLY B 426 -22.40 23.73 -20.17
C GLY B 426 -21.18 23.72 -21.07
N ILE B 427 -21.31 22.95 -22.16
CA ILE B 427 -20.36 22.99 -23.25
C ILE B 427 -20.91 23.99 -24.25
N ILE B 428 -22.01 24.64 -23.89
CA ILE B 428 -22.66 25.61 -24.74
C ILE B 428 -23.05 26.79 -23.87
N TYR B 429 -22.53 27.96 -24.21
CA TYR B 429 -22.83 29.16 -23.44
C TYR B 429 -24.22 29.66 -23.81
N VAL B 430 -24.98 30.04 -22.82
CA VAL B 430 -26.29 30.63 -23.03
C VAL B 430 -26.22 32.07 -22.54
N ASP B 431 -26.41 33.01 -23.46
CA ASP B 431 -26.75 34.37 -23.07
C ASP B 431 -28.20 34.38 -22.61
N TYR B 432 -28.43 34.67 -21.34
CA TYR B 432 -29.77 34.54 -20.78
C TYR B 432 -30.71 35.68 -21.15
N GLU B 433 -30.19 36.83 -21.60
CA GLU B 433 -31.09 37.89 -22.03
C GLU B 433 -31.61 37.67 -23.44
N THR B 434 -30.78 37.09 -24.31
CA THR B 434 -31.13 36.86 -25.71
C THR B 434 -31.36 35.39 -26.05
N GLN B 435 -31.20 34.49 -25.09
CA GLN B 435 -31.36 33.04 -25.27
C GLN B 435 -30.43 32.48 -26.35
N LYS B 436 -29.46 33.26 -26.82
CA LYS B 436 -28.57 32.76 -27.86
C LYS B 436 -27.71 31.62 -27.30
N ARG B 437 -27.44 30.64 -28.16
CA ARG B 437 -26.54 29.54 -27.82
C ARG B 437 -25.22 29.72 -28.56
N ILE B 438 -24.11 29.49 -27.87
CA ILE B 438 -22.78 29.76 -28.41
C ILE B 438 -21.87 28.58 -28.07
N LYS B 439 -21.37 27.90 -29.10
CA LYS B 439 -20.58 26.70 -28.85
C LYS B 439 -19.26 27.07 -28.20
N LYS B 440 -19.11 26.73 -26.93
CA LYS B 440 -17.82 26.85 -26.25
C LYS B 440 -16.79 25.97 -26.94
N ASP B 441 -15.53 26.25 -26.66
CA ASP B 441 -14.46 25.47 -27.28
C ASP B 441 -14.54 23.99 -26.89
N SER B 442 -15.04 23.69 -25.69
CA SER B 442 -15.19 22.30 -25.26
C SER B 442 -16.12 21.53 -26.19
N PHE B 443 -17.19 22.17 -26.66
CA PHE B 443 -18.10 21.59 -27.64
C PHE B 443 -17.34 20.86 -28.75
N TYR B 444 -16.46 21.61 -29.43
CA TYR B 444 -15.70 21.04 -30.54
C TYR B 444 -14.72 19.99 -30.05
N PHE B 445 -14.10 20.24 -28.89
CA PHE B 445 -13.22 19.22 -28.31
C PHE B 445 -13.98 17.93 -28.08
N TYR B 446 -15.23 18.04 -27.61
CA TYR B 446 -16.03 16.86 -27.35
C TYR B 446 -16.43 16.18 -28.66
N GLN B 447 -17.07 16.93 -29.55
CA GLN B 447 -17.44 16.45 -30.88
C GLN B 447 -16.28 15.69 -31.53
N GLN B 448 -15.06 16.20 -31.38
CA GLN B 448 -13.89 15.54 -31.94
C GLN B 448 -13.53 14.29 -31.17
N TYR B 449 -13.59 14.36 -29.83
CA TYR B 449 -13.27 13.20 -29.01
C TYR B 449 -14.28 12.08 -29.22
N ILE B 450 -15.56 12.43 -29.40
CA ILE B 450 -16.58 11.45 -29.77
C ILE B 450 -16.19 10.77 -31.07
N LYS B 451 -16.01 11.57 -32.14
CA LYS B 451 -15.55 11.12 -33.45
C LYS B 451 -14.39 10.13 -33.32
N GLU B 452 -13.45 10.43 -32.44
CA GLU B 452 -12.22 9.65 -32.34
C GLU B 452 -12.33 8.44 -31.41
N ASN B 453 -13.47 8.25 -30.73
CA ASN B 453 -13.66 7.09 -29.88
C ASN B 453 -15.02 6.44 -30.12
N SER B 454 -15.66 6.78 -31.23
CA SER B 454 -16.78 6.02 -31.76
C SER B 454 -16.28 4.80 -32.54
N MET C 2 26.74 -16.79 -27.23
CA MET C 2 25.83 -17.92 -27.50
C MET C 2 24.34 -17.59 -27.24
N SER C 3 23.59 -17.53 -28.32
CA SER C 3 22.20 -17.09 -28.27
C SER C 3 21.25 -18.27 -28.06
N PHE C 4 20.08 -17.97 -27.46
CA PHE C 4 18.92 -18.83 -27.44
C PHE C 4 18.31 -18.93 -28.83
N PRO C 5 17.84 -20.12 -29.23
CA PRO C 5 17.24 -20.28 -30.57
C PRO C 5 16.07 -19.33 -30.78
N LYS C 6 15.69 -19.21 -32.08
CA LYS C 6 14.83 -18.10 -32.52
C LYS C 6 13.45 -18.13 -31.87
N GLY C 7 12.85 -19.30 -31.76
CA GLY C 7 11.51 -19.29 -31.21
C GLY C 7 11.41 -19.75 -29.78
N PHE C 8 12.51 -19.68 -29.04
CA PHE C 8 12.52 -20.09 -27.64
C PHE C 8 11.31 -19.54 -26.88
N LEU C 9 10.58 -20.44 -26.23
CA LEU C 9 9.39 -20.05 -25.48
C LEU C 9 9.83 -19.54 -24.10
N TRP C 10 10.09 -18.24 -24.01
CA TRP C 10 10.14 -17.59 -22.70
C TRP C 10 8.73 -17.52 -22.14
N GLY C 11 8.52 -18.10 -20.95
CA GLY C 11 7.18 -18.17 -20.40
C GLY C 11 7.18 -18.00 -18.89
N ALA C 12 5.98 -18.12 -18.34
CA ALA C 12 5.77 -18.23 -16.89
C ALA C 12 4.56 -19.14 -16.67
N ALA C 13 4.45 -19.68 -15.45
CA ALA C 13 3.61 -20.84 -15.20
C ALA C 13 2.76 -20.67 -13.95
N THR C 14 1.57 -21.27 -13.98
CA THR C 14 0.67 -21.36 -12.84
C THR C 14 0.02 -22.73 -12.86
N ALA C 15 -0.72 -23.03 -11.79
CA ALA C 15 -1.64 -24.15 -11.71
C ALA C 15 -2.96 -23.64 -11.16
N SER C 16 -4.06 -24.31 -11.55
CA SER C 16 -5.41 -23.78 -11.38
C SER C 16 -5.78 -23.60 -9.90
N TYR C 17 -5.54 -24.62 -9.09
CA TYR C 17 -5.94 -24.51 -7.69
C TYR C 17 -5.14 -23.45 -6.95
N GLN C 18 -3.94 -23.13 -7.44
CA GLN C 18 -3.11 -22.17 -6.72
C GLN C 18 -3.49 -20.72 -7.01
N ILE C 19 -4.15 -20.43 -8.13
CA ILE C 19 -4.45 -19.03 -8.44
C ILE C 19 -5.93 -18.74 -8.62
N GLU C 20 -6.77 -19.72 -8.99
CA GLU C 20 -8.08 -19.41 -9.61
C GLU C 20 -9.08 -18.86 -8.59
N GLY C 21 -9.21 -19.51 -7.44
CA GLY C 21 -10.28 -19.28 -6.52
C GLY C 21 -11.59 -19.75 -7.12
N ALA C 22 -12.67 -19.06 -6.75
CA ALA C 22 -14.02 -19.39 -7.23
C ALA C 22 -14.30 -20.87 -7.07
N TRP C 23 -13.98 -21.39 -5.88
CA TRP C 23 -13.85 -22.85 -5.72
C TRP C 23 -15.18 -23.57 -5.85
N ASN C 24 -16.31 -22.88 -5.70
CA ASN C 24 -17.61 -23.52 -5.88
C ASN C 24 -18.59 -22.59 -6.58
N GLU C 25 -18.12 -21.80 -7.54
CA GLU C 25 -19.01 -21.04 -8.41
C GLU C 25 -19.26 -21.83 -9.69
N ASP C 26 -20.41 -21.53 -10.30
CA ASP C 26 -20.67 -21.90 -11.69
C ASP C 26 -20.64 -23.40 -11.87
N GLY C 27 -21.01 -24.10 -10.83
CA GLY C 27 -21.18 -25.51 -10.88
C GLY C 27 -19.95 -26.32 -10.56
N LYS C 28 -18.82 -25.68 -10.28
CA LYS C 28 -17.57 -26.43 -10.10
C LYS C 28 -17.75 -27.49 -9.01
N GLY C 29 -17.42 -28.74 -9.36
CA GLY C 29 -17.33 -29.80 -8.36
C GLY C 29 -16.26 -29.52 -7.32
N GLU C 30 -16.36 -30.27 -6.23
CA GLU C 30 -15.37 -30.26 -5.16
C GLU C 30 -14.18 -31.12 -5.58
N SER C 31 -12.96 -30.59 -5.44
CA SER C 31 -11.76 -31.35 -5.74
C SER C 31 -11.14 -31.88 -4.44
N ILE C 32 -10.17 -32.79 -4.60
CA ILE C 32 -9.51 -33.34 -3.42
C ILE C 32 -8.73 -32.27 -2.66
N TRP C 33 -8.29 -31.20 -3.34
CA TRP C 33 -7.66 -30.08 -2.63
C TRP C 33 -8.68 -29.13 -1.98
N ASP C 34 -9.89 -28.97 -2.53
CA ASP C 34 -10.95 -28.32 -1.76
C ASP C 34 -11.17 -29.06 -0.43
N ARG C 35 -11.29 -30.39 -0.50
CA ARG C 35 -11.47 -31.21 0.70
C ARG C 35 -10.28 -31.08 1.65
N PHE C 36 -9.06 -31.07 1.10
CA PHE C 36 -7.85 -31.20 1.90
C PHE C 36 -7.60 -29.94 2.71
N THR C 37 -7.66 -28.77 2.06
CA THR C 37 -7.50 -27.51 2.76
C THR C 37 -8.67 -27.18 3.68
N HIS C 38 -9.83 -27.85 3.56
CA HIS C 38 -10.97 -27.61 4.45
C HIS C 38 -10.95 -28.47 5.71
N GLN C 39 -9.95 -29.32 5.87
CA GLN C 39 -9.74 -30.08 7.10
C GLN C 39 -8.65 -29.39 7.89
N LYS C 40 -8.85 -29.28 9.20
CA LYS C 40 -7.87 -28.55 9.99
C LYS C 40 -6.60 -29.37 10.10
N GLY C 41 -5.46 -28.68 10.11
CA GLY C 41 -4.19 -29.34 10.31
C GLY C 41 -3.40 -29.65 9.06
N ASN C 42 -3.96 -29.47 7.87
CA ASN C 42 -3.25 -29.85 6.64
C ASN C 42 -2.38 -28.74 6.09
N ILE C 43 -2.76 -27.48 6.31
CA ILE C 43 -2.16 -26.33 5.65
C ILE C 43 -1.69 -25.33 6.70
N LEU C 44 -0.46 -24.87 6.58
CA LEU C 44 0.03 -23.78 7.41
C LEU C 44 -1.03 -22.68 7.50
N TYR C 45 -1.21 -22.17 8.72
CA TYR C 45 -2.11 -21.05 9.02
C TYR C 45 -3.54 -21.30 8.62
N GLY C 46 -3.91 -22.53 8.25
CA GLY C 46 -5.27 -22.77 7.82
C GLY C 46 -5.65 -22.11 6.51
N HIS C 47 -4.67 -21.68 5.72
CA HIS C 47 -4.96 -21.14 4.39
C HIS C 47 -5.67 -22.17 3.49
N ASN C 48 -6.45 -21.68 2.54
CA ASN C 48 -7.08 -22.55 1.55
C ASN C 48 -7.11 -21.83 0.21
N GLY C 49 -7.45 -22.58 -0.86
CA GLY C 49 -7.64 -21.97 -2.15
C GLY C 49 -9.03 -21.45 -2.52
N ASP C 50 -9.90 -21.20 -1.54
CA ASP C 50 -11.26 -20.73 -1.85
C ASP C 50 -11.24 -19.49 -2.75
N ILE C 51 -10.29 -18.59 -2.51
CA ILE C 51 -10.22 -17.29 -3.20
C ILE C 51 -8.93 -17.17 -4.01
N ALA C 52 -7.80 -17.54 -3.43
CA ALA C 52 -6.47 -17.58 -4.06
C ALA C 52 -6.16 -16.20 -4.66
N CYS C 53 -5.79 -16.13 -5.93
CA CYS C 53 -5.55 -14.88 -6.62
C CYS C 53 -6.76 -14.42 -7.39
N ASP C 54 -7.91 -15.06 -7.17
CA ASP C 54 -9.17 -14.71 -7.83
C ASP C 54 -9.02 -14.64 -9.34
N HIS C 55 -8.09 -15.43 -9.88
CA HIS C 55 -7.81 -15.43 -11.32
C HIS C 55 -9.04 -15.78 -12.14
N TYR C 56 -9.94 -16.58 -11.56
CA TYR C 56 -11.20 -16.87 -12.23
C TYR C 56 -11.92 -15.60 -12.65
N HIS C 57 -11.81 -14.54 -11.86
CA HIS C 57 -12.49 -13.30 -12.19
C HIS C 57 -11.60 -12.27 -12.88
N ARG C 58 -10.30 -12.24 -12.55
CA ARG C 58 -9.38 -11.20 -13.01
C ARG C 58 -8.47 -11.63 -14.14
N PHE C 59 -8.74 -12.78 -14.77
CA PHE C 59 -7.80 -13.31 -15.75
C PHE C 59 -7.50 -12.33 -16.88
N GLU C 60 -8.45 -11.44 -17.19
CA GLU C 60 -8.20 -10.48 -18.26
C GLU C 60 -7.13 -9.47 -17.86
N GLU C 61 -7.16 -9.00 -16.61
CA GLU C 61 -6.08 -8.14 -16.15
C GLU C 61 -4.75 -8.88 -16.20
N ASP C 62 -4.76 -10.15 -15.80
CA ASP C 62 -3.52 -10.93 -15.70
C ASP C 62 -2.92 -11.20 -17.07
N VAL C 63 -3.77 -11.42 -18.08
CA VAL C 63 -3.28 -11.62 -19.44
C VAL C 63 -2.68 -10.31 -19.96
N LEU C 64 -3.19 -9.16 -19.54
CA LEU C 64 -2.57 -7.91 -19.99
C LEU C 64 -1.20 -7.74 -19.35
N LEU C 65 -1.03 -8.25 -18.14
CA LEU C 65 0.29 -8.26 -17.53
C LEU C 65 1.24 -9.18 -18.30
N MET C 66 0.73 -10.30 -18.83
CA MET C 66 1.63 -11.17 -19.59
C MET C 66 2.07 -10.50 -20.88
N LYS C 67 1.14 -9.77 -21.50
CA LYS C 67 1.44 -9.03 -22.72
C LYS C 67 2.48 -7.93 -22.46
N GLU C 68 2.35 -7.23 -21.33
CA GLU C 68 3.31 -6.18 -21.00
C GLU C 68 4.67 -6.76 -20.65
N LEU C 69 4.70 -7.95 -20.06
CA LEU C 69 5.97 -8.60 -19.78
C LEU C 69 6.65 -9.11 -21.06
N GLY C 70 5.88 -9.42 -22.09
CA GLY C 70 6.43 -9.97 -23.30
C GLY C 70 6.59 -11.48 -23.34
N LEU C 71 5.80 -12.23 -22.56
CA LEU C 71 5.83 -13.68 -22.61
C LEU C 71 5.66 -14.23 -24.02
N LYS C 72 6.52 -15.16 -24.40
CA LYS C 72 6.20 -15.92 -25.60
C LYS C 72 5.13 -16.96 -25.34
N ALA C 73 5.03 -17.45 -24.10
CA ALA C 73 4.10 -18.51 -23.79
C ALA C 73 3.70 -18.41 -22.32
N TYR C 74 2.61 -19.08 -22.00
CA TYR C 74 2.06 -19.07 -20.65
C TYR C 74 1.58 -20.49 -20.34
N ARG C 75 2.04 -21.06 -19.23
CA ARG C 75 1.66 -22.43 -18.88
C ARG C 75 0.67 -22.40 -17.73
N PHE C 76 -0.52 -22.96 -17.94
CA PHE C 76 -1.56 -22.96 -16.93
C PHE C 76 -2.21 -24.33 -16.90
N SER C 77 -3.07 -24.57 -15.91
CA SER C 77 -3.69 -25.87 -15.76
C SER C 77 -5.19 -25.73 -15.85
N ILE C 78 -5.85 -26.76 -16.41
CA ILE C 78 -7.30 -26.79 -16.46
C ILE C 78 -7.82 -27.52 -15.24
N ALA C 79 -8.77 -26.89 -14.53
CA ALA C 79 -9.39 -27.49 -13.36
C ALA C 79 -10.42 -28.53 -13.81
N TRP C 80 -10.05 -29.80 -13.68
CA TRP C 80 -10.96 -30.91 -13.97
C TRP C 80 -12.36 -30.68 -13.39
N THR C 81 -12.47 -30.14 -12.16
CA THR C 81 -13.79 -30.05 -11.54
C THR C 81 -14.66 -28.96 -12.15
N ARG C 82 -14.08 -28.03 -12.90
CA ARG C 82 -14.92 -27.07 -13.60
C ARG C 82 -15.57 -27.66 -14.84
N ILE C 83 -14.97 -28.69 -15.43
CA ILE C 83 -15.44 -29.30 -16.67
C ILE C 83 -16.40 -30.45 -16.38
N PHE C 84 -15.98 -31.41 -15.56
CA PHE C 84 -16.82 -32.50 -15.06
C PHE C 84 -16.90 -32.36 -13.55
N PRO C 85 -17.87 -31.61 -13.02
CA PRO C 85 -18.03 -31.52 -11.55
C PRO C 85 -17.93 -32.87 -10.83
N ASP C 86 -18.44 -33.96 -11.41
CA ASP C 86 -18.35 -35.28 -10.80
C ASP C 86 -17.26 -36.16 -11.44
N GLY C 87 -16.37 -35.57 -12.24
CA GLY C 87 -15.24 -36.31 -12.77
C GLY C 87 -15.54 -36.99 -14.09
N PHE C 88 -16.79 -37.42 -14.24
CA PHE C 88 -17.28 -37.95 -15.50
C PHE C 88 -18.75 -37.57 -15.64
N GLY C 89 -19.30 -37.90 -16.80
CA GLY C 89 -20.72 -37.71 -17.08
C GLY C 89 -21.02 -36.31 -17.62
N ASN C 90 -21.81 -35.56 -16.86
CA ASN C 90 -22.29 -34.24 -17.26
C ASN C 90 -21.12 -33.28 -17.42
N VAL C 91 -21.02 -32.67 -18.59
CA VAL C 91 -20.02 -31.66 -18.85
C VAL C 91 -20.63 -30.30 -18.52
N ASN C 92 -19.87 -29.47 -17.79
CA ASN C 92 -20.34 -28.18 -17.29
C ASN C 92 -19.94 -27.09 -18.30
N GLN C 93 -20.93 -26.44 -18.91
CA GLN C 93 -20.64 -25.50 -19.98
C GLN C 93 -20.04 -24.19 -19.46
N LYS C 94 -20.41 -23.76 -18.25
CA LYS C 94 -19.76 -22.57 -17.70
C LYS C 94 -18.27 -22.81 -17.46
N GLY C 95 -17.87 -24.03 -17.11
CA GLY C 95 -16.45 -24.31 -16.96
C GLY C 95 -15.71 -24.23 -18.28
N LEU C 96 -16.28 -24.80 -19.34
CA LEU C 96 -15.64 -24.69 -20.65
C LEU C 96 -15.59 -23.25 -21.10
N GLU C 97 -16.62 -22.49 -20.77
CA GLU C 97 -16.68 -21.10 -21.20
C GLU C 97 -15.52 -20.31 -20.60
N PHE C 98 -15.21 -20.54 -19.34
CA PHE C 98 -14.09 -19.81 -18.74
C PHE C 98 -12.77 -20.09 -19.46
N TYR C 99 -12.51 -21.34 -19.83
CA TYR C 99 -11.23 -21.60 -20.48
C TYR C 99 -11.24 -21.17 -21.95
N ASP C 100 -12.40 -21.26 -22.62
CA ASP C 100 -12.61 -20.59 -23.90
C ASP C 100 -12.13 -19.14 -23.86
N ARG C 101 -12.65 -18.37 -22.89
CA ARG C 101 -12.33 -16.95 -22.83
C ARG C 101 -10.86 -16.73 -22.55
N LEU C 102 -10.29 -17.53 -21.64
CA LEU C 102 -8.88 -17.37 -21.31
C LEU C 102 -7.99 -17.70 -22.49
N ILE C 103 -8.22 -18.86 -23.13
CA ILE C 103 -7.39 -19.25 -24.25
C ILE C 103 -7.51 -18.24 -25.39
N ASN C 104 -8.74 -17.74 -25.66
CA ASN C 104 -8.94 -16.78 -26.74
C ASN C 104 -8.21 -15.47 -26.45
N LYS C 105 -8.26 -15.02 -25.20
CA LYS C 105 -7.50 -13.82 -24.85
C LYS C 105 -5.99 -14.03 -24.98
N LEU C 106 -5.49 -15.24 -24.71
CA LEU C 106 -4.04 -15.47 -24.86
C LEU C 106 -3.65 -15.45 -26.32
N VAL C 107 -4.42 -16.15 -27.15
CA VAL C 107 -4.15 -16.19 -28.59
C VAL C 107 -4.29 -14.80 -29.18
N GLU C 108 -5.30 -14.06 -28.73
CA GLU C 108 -5.48 -12.67 -29.10
C GLU C 108 -4.24 -11.84 -28.87
N ASN C 109 -3.54 -12.06 -27.75
CA ASN C 109 -2.35 -11.27 -27.45
C ASN C 109 -1.07 -11.96 -27.89
N GLY C 110 -1.17 -12.96 -28.76
CA GLY C 110 0.03 -13.57 -29.32
C GLY C 110 0.86 -14.37 -28.35
N ILE C 111 0.26 -14.89 -27.29
CA ILE C 111 0.94 -15.69 -26.27
C ILE C 111 0.61 -17.14 -26.51
N GLU C 112 1.62 -17.99 -26.59
CA GLU C 112 1.36 -19.41 -26.87
C GLU C 112 0.84 -20.09 -25.61
N PRO C 113 -0.37 -20.68 -25.62
CA PRO C 113 -0.82 -21.40 -24.43
C PRO C 113 -0.11 -22.75 -24.30
N VAL C 114 0.28 -23.10 -23.07
CA VAL C 114 0.84 -24.42 -22.76
C VAL C 114 -0.03 -24.95 -21.62
N ILE C 115 -0.81 -25.99 -21.89
CA ILE C 115 -1.83 -26.43 -20.94
C ILE C 115 -1.39 -27.71 -20.23
N THR C 116 -1.41 -27.66 -18.89
CA THR C 116 -1.28 -28.86 -18.07
C THR C 116 -2.66 -29.45 -17.83
N ILE C 117 -2.90 -30.66 -18.34
CA ILE C 117 -4.23 -31.26 -18.19
C ILE C 117 -4.52 -31.60 -16.74
N TYR C 118 -3.54 -32.14 -16.00
CA TYR C 118 -3.74 -32.56 -14.62
C TYR C 118 -2.63 -32.03 -13.73
N HIS C 119 -2.98 -31.08 -12.89
CA HIS C 119 -2.07 -30.51 -11.94
C HIS C 119 -2.68 -30.62 -10.56
N TRP C 120 -3.08 -31.84 -10.19
CA TRP C 120 -3.28 -32.32 -8.82
C TRP C 120 -4.71 -32.19 -8.31
N ASP C 121 -5.63 -31.56 -9.04
CA ASP C 121 -6.93 -31.25 -8.42
C ASP C 121 -8.00 -32.24 -8.87
N LEU C 122 -7.82 -33.48 -8.43
CA LEU C 122 -8.75 -34.53 -8.83
C LEU C 122 -10.14 -34.23 -8.28
N PRO C 123 -11.20 -34.47 -9.08
CA PRO C 123 -12.56 -34.39 -8.53
C PRO C 123 -12.75 -35.33 -7.33
N GLN C 124 -13.35 -34.80 -6.27
CA GLN C 124 -13.48 -35.58 -5.04
C GLN C 124 -14.41 -36.77 -5.25
N LYS C 125 -15.41 -36.62 -6.14
CA LYS C 125 -16.27 -37.77 -6.45
C LYS C 125 -15.48 -38.93 -7.04
N LEU C 126 -14.30 -38.69 -7.62
CA LEU C 126 -13.48 -39.81 -8.09
C LEU C 126 -12.60 -40.36 -6.98
N GLN C 127 -12.15 -39.47 -6.08
CA GLN C 127 -11.41 -39.93 -4.92
C GLN C 127 -12.28 -40.85 -4.08
N ASP C 128 -13.60 -40.61 -4.08
CA ASP C 128 -14.56 -41.43 -3.36
C ASP C 128 -14.62 -42.87 -3.84
N ILE C 129 -14.07 -43.20 -5.00
CA ILE C 129 -14.01 -44.58 -5.47
C ILE C 129 -12.60 -45.10 -5.54
N GLY C 130 -11.64 -44.38 -4.95
CA GLY C 130 -10.24 -44.76 -5.00
C GLY C 130 -9.32 -43.78 -5.70
N GLY C 131 -9.84 -42.87 -6.53
CA GLY C 131 -8.95 -41.93 -7.21
C GLY C 131 -7.89 -42.64 -8.02
N TRP C 132 -6.66 -42.16 -7.90
CA TRP C 132 -5.60 -42.67 -8.77
C TRP C 132 -5.21 -44.10 -8.43
N ALA C 133 -5.64 -44.62 -7.29
CA ALA C 133 -5.35 -46.00 -6.94
C ALA C 133 -6.30 -46.97 -7.63
N ASN C 134 -7.44 -46.49 -8.10
CA ASN C 134 -8.42 -47.30 -8.81
C ASN C 134 -8.13 -47.24 -10.31
N SER C 135 -7.84 -48.38 -10.93
CA SER C 135 -7.41 -48.31 -12.33
C SER C 135 -8.54 -47.89 -13.28
N GLU C 136 -9.77 -47.81 -12.78
CA GLU C 136 -10.84 -47.11 -13.49
C GLU C 136 -10.47 -45.68 -13.82
N ILE C 137 -9.53 -45.09 -13.08
CA ILE C 137 -9.23 -43.67 -13.27
C ILE C 137 -8.62 -43.43 -14.66
N VAL C 138 -7.96 -44.45 -15.23
CA VAL C 138 -7.32 -44.27 -16.53
C VAL C 138 -8.33 -43.81 -17.57
N ASN C 139 -9.48 -44.47 -17.63
CA ASN C 139 -10.49 -44.11 -18.62
C ASN C 139 -11.17 -42.78 -18.28
N TYR C 140 -11.39 -42.51 -16.99
CA TYR C 140 -12.03 -41.24 -16.65
C TYR C 140 -11.12 -40.07 -17.00
N TYR C 141 -9.81 -40.24 -16.78
CA TYR C 141 -8.89 -39.16 -17.10
C TYR C 141 -8.76 -39.01 -18.61
N PHE C 142 -8.78 -40.13 -19.32
CA PHE C 142 -8.67 -40.10 -20.77
C PHE C 142 -9.83 -39.34 -21.40
N ASP C 143 -11.07 -39.64 -20.97
CA ASP C 143 -12.22 -38.94 -21.53
C ASP C 143 -12.11 -37.43 -21.28
N TYR C 144 -11.68 -37.04 -20.08
CA TYR C 144 -11.48 -35.62 -19.80
C TYR C 144 -10.36 -35.06 -20.67
N ALA C 145 -9.24 -35.79 -20.79
CA ALA C 145 -8.10 -35.29 -21.55
C ALA C 145 -8.47 -35.09 -23.02
N MET C 146 -9.13 -36.08 -23.64
CA MET C 146 -9.53 -35.90 -25.02
C MET C 146 -10.65 -34.87 -25.17
N LEU C 147 -11.55 -34.71 -24.19
CA LEU C 147 -12.49 -33.60 -24.31
C LEU C 147 -11.76 -32.26 -24.51
N VAL C 148 -10.78 -31.94 -23.65
CA VAL C 148 -10.19 -30.60 -23.74
C VAL C 148 -9.26 -30.47 -24.94
N ILE C 149 -8.56 -31.55 -25.30
CA ILE C 149 -7.64 -31.49 -26.43
C ILE C 149 -8.42 -31.33 -27.72
N ASN C 150 -9.53 -32.05 -27.85
CA ASN C 150 -10.39 -31.90 -29.01
C ASN C 150 -11.05 -30.54 -29.07
N ARG C 151 -11.34 -29.95 -27.91
CA ARG C 151 -11.94 -28.61 -27.92
C ARG C 151 -10.91 -27.56 -28.32
N TYR C 152 -9.71 -27.59 -27.74
CA TYR C 152 -8.77 -26.47 -27.90
C TYR C 152 -7.64 -26.70 -28.87
N LYS C 153 -7.52 -27.88 -29.47
CA LYS C 153 -6.40 -28.18 -30.36
C LYS C 153 -6.19 -27.15 -31.47
N ASP C 154 -7.20 -26.33 -31.79
CA ASP C 154 -7.02 -25.30 -32.81
C ASP C 154 -6.25 -24.11 -32.29
N ARG C 155 -6.23 -23.91 -30.98
CA ARG C 155 -5.60 -22.76 -30.40
C ARG C 155 -4.42 -23.12 -29.49
N VAL C 156 -4.29 -24.37 -29.09
CA VAL C 156 -3.27 -24.78 -28.14
C VAL C 156 -2.44 -25.89 -28.78
N LYS C 157 -1.15 -25.63 -28.96
CA LYS C 157 -0.27 -26.62 -29.58
C LYS C 157 0.47 -27.48 -28.55
N TYR C 158 0.57 -27.04 -27.29
CA TYR C 158 1.43 -27.70 -26.30
C TYR C 158 0.60 -28.21 -25.13
N TRP C 159 0.65 -29.52 -24.91
CA TRP C 159 -0.16 -30.19 -23.90
C TRP C 159 0.71 -31.04 -23.00
N ILE C 160 0.47 -30.94 -21.70
CA ILE C 160 1.20 -31.69 -20.67
C ILE C 160 0.17 -32.58 -19.96
N THR C 161 0.34 -33.90 -20.06
CA THR C 161 -0.65 -34.80 -19.49
C THR C 161 -0.71 -34.66 -17.98
N PHE C 162 0.46 -34.59 -17.32
CA PHE C 162 0.58 -34.60 -15.87
C PHE C 162 1.70 -33.67 -15.41
N ASN C 163 1.46 -32.95 -14.31
CA ASN C 163 2.52 -32.24 -13.58
C ASN C 163 3.01 -33.08 -12.41
N GLU C 164 4.29 -33.45 -12.43
CA GLU C 164 5.00 -34.01 -11.27
C GLU C 164 4.33 -35.24 -10.68
N PRO C 165 4.37 -36.37 -11.39
CA PRO C 165 3.79 -37.60 -10.84
C PRO C 165 4.41 -38.03 -9.51
N TYR C 166 5.70 -37.77 -9.28
CA TYR C 166 6.31 -38.01 -7.98
C TYR C 166 5.47 -37.38 -6.85
N CYS C 167 5.06 -36.13 -7.01
CA CYS C 167 4.27 -35.52 -5.92
C CYS C 167 2.89 -36.14 -5.81
N ILE C 168 2.24 -36.43 -6.94
CA ILE C 168 0.88 -36.99 -6.86
C ILE C 168 0.90 -38.32 -6.11
N ALA C 169 1.84 -39.19 -6.47
CA ALA C 169 1.93 -40.49 -5.82
C ALA C 169 2.46 -40.38 -4.39
N PHE C 170 3.69 -39.88 -4.21
CA PHE C 170 4.30 -40.05 -2.89
C PHE C 170 3.81 -39.00 -1.88
N LEU C 171 3.73 -37.72 -2.26
CA LEU C 171 3.28 -36.72 -1.31
C LEU C 171 1.79 -36.82 -1.03
N GLY C 172 1.00 -37.27 -2.01
CA GLY C 172 -0.44 -37.42 -1.81
C GLY C 172 -0.87 -38.78 -1.31
N HIS C 173 -0.04 -39.82 -1.48
CA HIS C 173 -0.47 -41.15 -1.06
C HIS C 173 0.50 -41.89 -0.16
N TRP C 174 1.76 -41.46 -0.06
CA TRP C 174 2.70 -42.07 0.88
C TRP C 174 2.92 -41.18 2.11
N HIS C 175 3.52 -40.00 1.94
CA HIS C 175 3.62 -39.07 3.06
C HIS C 175 2.28 -38.48 3.48
N GLY C 176 1.31 -38.36 2.56
CA GLY C 176 0.06 -37.76 2.98
C GLY C 176 0.12 -36.29 3.29
N VAL C 177 1.16 -35.58 2.83
CA VAL C 177 1.26 -34.14 3.02
C VAL C 177 0.51 -33.35 1.96
N HIS C 178 0.16 -33.99 0.84
CA HIS C 178 -0.71 -33.43 -0.18
C HIS C 178 -2.00 -34.25 -0.24
N ALA C 179 -3.04 -33.62 -0.78
CA ALA C 179 -4.26 -34.34 -1.08
C ALA C 179 -3.97 -35.54 -1.98
N PRO C 180 -4.69 -36.63 -1.81
CA PRO C 180 -5.83 -36.80 -0.89
C PRO C 180 -5.41 -37.22 0.51
N GLY C 181 -4.12 -37.12 0.88
CA GLY C 181 -3.68 -37.33 2.25
C GLY C 181 -3.53 -38.78 2.67
N ILE C 182 -3.36 -39.68 1.72
CA ILE C 182 -3.23 -41.10 2.03
C ILE C 182 -1.80 -41.43 2.44
N LYS C 183 -1.64 -42.48 3.21
CA LYS C 183 -0.33 -42.78 3.77
C LYS C 183 -0.10 -44.29 3.64
N ASP C 184 0.38 -44.68 2.45
CA ASP C 184 0.53 -46.10 2.12
C ASP C 184 1.43 -46.22 0.89
N PHE C 185 2.68 -46.63 1.11
CA PHE C 185 3.65 -46.72 0.02
C PHE C 185 3.17 -47.61 -1.12
N LYS C 186 2.46 -48.69 -0.80
CA LYS C 186 2.00 -49.59 -1.86
C LYS C 186 0.93 -48.93 -2.73
N VAL C 187 0.04 -48.13 -2.12
CA VAL C 187 -0.92 -47.35 -2.91
C VAL C 187 -0.19 -46.36 -3.82
N ALA C 188 0.91 -45.76 -3.32
CA ALA C 188 1.64 -44.79 -4.13
C ALA C 188 2.23 -45.43 -5.41
N ILE C 189 2.75 -46.64 -5.30
CA ILE C 189 3.29 -47.27 -6.51
C ILE C 189 2.16 -47.63 -7.47
N ASP C 190 0.96 -47.91 -6.96
CA ASP C 190 -0.22 -48.06 -7.82
C ASP C 190 -0.55 -46.76 -8.55
N VAL C 191 -0.45 -45.64 -7.85
CA VAL C 191 -0.73 -44.34 -8.44
C VAL C 191 0.25 -44.04 -9.56
N VAL C 192 1.54 -44.30 -9.33
CA VAL C 192 2.56 -44.12 -10.37
C VAL C 192 2.16 -44.87 -11.63
N HIS C 193 1.72 -46.11 -11.45
CA HIS C 193 1.42 -46.94 -12.61
C HIS C 193 0.21 -46.40 -13.35
N ASN C 194 -0.85 -46.08 -12.62
CA ASN C 194 -2.05 -45.62 -13.29
C ASN C 194 -1.81 -44.32 -14.05
N ILE C 195 -0.95 -43.47 -13.52
CA ILE C 195 -0.58 -42.23 -14.21
C ILE C 195 0.15 -42.53 -15.52
N MET C 196 1.08 -43.49 -15.51
CA MET C 196 1.81 -43.80 -16.75
C MET C 196 0.88 -44.36 -17.82
N LEU C 197 0.01 -45.29 -17.43
CA LEU C 197 -0.99 -45.76 -18.38
C LEU C 197 -1.82 -44.60 -18.93
N SER C 198 -2.27 -43.68 -18.03
CA SER C 198 -3.09 -42.55 -18.47
C SER C 198 -2.31 -41.70 -19.46
N HIS C 199 -1.06 -41.38 -19.13
CA HIS C 199 -0.26 -40.58 -20.03
C HIS C 199 -0.11 -41.24 -21.39
N PHE C 200 0.27 -42.54 -21.39
CA PHE C 200 0.41 -43.28 -22.64
C PHE C 200 -0.86 -43.25 -23.47
N LYS C 201 -2.00 -43.43 -22.81
CA LYS C 201 -3.27 -43.56 -23.53
C LYS C 201 -3.58 -42.28 -24.29
N VAL C 202 -3.33 -41.13 -23.66
CA VAL C 202 -3.57 -39.87 -24.33
C VAL C 202 -2.61 -39.68 -25.51
N VAL C 203 -1.30 -39.85 -25.25
CA VAL C 203 -0.31 -39.72 -26.31
C VAL C 203 -0.65 -40.63 -27.49
N LYS C 204 -1.15 -41.84 -27.21
CA LYS C 204 -1.50 -42.77 -28.28
C LYS C 204 -2.67 -42.22 -29.09
N ALA C 205 -3.74 -41.82 -28.42
CA ALA C 205 -4.93 -41.34 -29.13
C ALA C 205 -4.62 -40.11 -29.95
N VAL C 206 -3.75 -39.23 -29.45
CA VAL C 206 -3.35 -38.08 -30.27
C VAL C 206 -2.64 -38.54 -31.54
N LYS C 207 -1.75 -39.52 -31.40
CA LYS C 207 -1.07 -40.02 -32.59
C LYS C 207 -2.05 -40.73 -33.50
N GLU C 208 -2.92 -41.58 -32.94
CA GLU C 208 -3.78 -42.42 -33.76
C GLU C 208 -4.86 -41.62 -34.46
N ASN C 209 -5.40 -40.57 -33.83
CA ASN C 209 -6.45 -39.77 -34.45
C ASN C 209 -5.89 -38.64 -35.31
N ASN C 210 -4.57 -38.54 -35.44
CA ASN C 210 -3.93 -37.55 -36.31
C ASN C 210 -4.21 -36.11 -35.84
N ILE C 211 -4.32 -35.92 -34.52
CA ILE C 211 -4.43 -34.57 -33.97
C ILE C 211 -3.06 -33.89 -33.98
N ASP C 212 -3.00 -32.68 -34.51
CA ASP C 212 -1.72 -32.02 -34.72
C ASP C 212 -1.38 -31.14 -33.51
N VAL C 213 -1.05 -31.79 -32.41
CA VAL C 213 -0.57 -31.11 -31.22
C VAL C 213 0.66 -31.85 -30.73
N GLU C 214 1.40 -31.19 -29.85
CA GLU C 214 2.53 -31.79 -29.15
C GLU C 214 2.07 -32.21 -27.77
N VAL C 215 2.31 -33.47 -27.39
CA VAL C 215 1.93 -33.95 -26.08
C VAL C 215 3.17 -34.30 -25.29
N GLY C 216 3.28 -33.72 -24.08
CA GLY C 216 4.39 -34.02 -23.20
C GLY C 216 3.95 -34.37 -21.79
N ILE C 217 4.90 -34.48 -20.86
CA ILE C 217 4.64 -34.74 -19.45
C ILE C 217 5.68 -33.98 -18.66
N THR C 218 5.34 -33.54 -17.45
CA THR C 218 6.26 -32.73 -16.65
C THR C 218 6.69 -33.52 -15.42
N LEU C 219 7.99 -33.78 -15.31
CA LEU C 219 8.58 -34.45 -14.14
C LEU C 219 9.38 -33.43 -13.34
N ASN C 220 9.18 -33.43 -12.04
CA ASN C 220 10.14 -32.74 -11.18
C ASN C 220 11.36 -33.65 -10.98
N LEU C 221 12.55 -33.17 -11.35
CA LEU C 221 13.76 -33.95 -11.31
C LEU C 221 14.77 -33.35 -10.34
N THR C 222 15.46 -34.21 -9.60
CA THR C 222 16.43 -33.78 -8.59
C THR C 222 17.77 -34.42 -8.90
N PRO C 223 18.77 -33.66 -9.35
CA PRO C 223 20.12 -34.22 -9.44
C PRO C 223 20.64 -34.55 -8.04
N VAL C 224 21.20 -35.76 -7.88
CA VAL C 224 21.67 -36.25 -6.58
C VAL C 224 23.19 -36.27 -6.56
N TYR C 225 23.79 -35.79 -5.47
CA TYR C 225 25.24 -35.76 -5.31
C TYR C 225 25.64 -36.49 -4.02
N LEU C 226 26.88 -36.98 -4.00
CA LEU C 226 27.40 -37.78 -2.88
C LEU C 226 28.12 -36.88 -1.89
N GLN C 227 27.67 -36.90 -0.63
CA GLN C 227 28.44 -36.18 0.39
C GLN C 227 29.86 -36.72 0.45
N THR C 228 30.01 -38.06 0.33
CA THR C 228 31.34 -38.68 0.36
C THR C 228 32.29 -38.08 -0.66
N GLU C 229 31.80 -37.82 -1.87
CA GLU C 229 32.67 -37.16 -2.84
C GLU C 229 32.95 -35.72 -2.45
N ARG C 230 31.96 -35.04 -1.83
CA ARG C 230 32.18 -33.65 -1.45
C ARG C 230 33.29 -33.55 -0.43
N LEU C 231 33.39 -34.55 0.45
CA LEU C 231 34.42 -34.68 1.47
C LEU C 231 35.73 -35.26 0.98
N GLY C 232 35.82 -35.70 -0.28
CA GLY C 232 37.07 -36.26 -0.76
C GLY C 232 37.42 -37.63 -0.23
N TYR C 233 36.44 -38.41 0.21
CA TYR C 233 36.69 -39.76 0.68
C TYR C 233 36.54 -40.72 -0.48
N LYS C 234 37.04 -41.94 -0.29
CA LYS C 234 36.77 -43.01 -1.23
C LYS C 234 35.31 -43.43 -1.10
N VAL C 235 34.60 -43.52 -2.22
CA VAL C 235 33.23 -43.99 -2.18
C VAL C 235 33.23 -45.51 -2.18
N SER C 236 32.57 -46.10 -1.19
CA SER C 236 32.33 -47.54 -1.23
C SER C 236 31.45 -47.91 -2.41
N GLU C 237 31.52 -49.20 -2.77
CA GLU C 237 30.59 -49.76 -3.74
C GLU C 237 29.17 -49.77 -3.19
N ILE C 238 29.00 -50.18 -1.93
CA ILE C 238 27.66 -50.24 -1.35
C ILE C 238 27.04 -48.86 -1.24
N GLU C 239 27.87 -47.82 -1.09
CA GLU C 239 27.32 -46.47 -1.00
C GLU C 239 26.79 -46.02 -2.34
N ARG C 240 27.58 -46.15 -3.40
CA ARG C 240 27.10 -45.78 -4.72
C ARG C 240 25.84 -46.56 -5.06
N GLU C 241 25.84 -47.85 -4.76
CA GLU C 241 24.67 -48.68 -5.05
C GLU C 241 23.42 -48.10 -4.40
N MET C 242 23.54 -47.68 -3.13
CA MET C 242 22.36 -47.35 -2.36
C MET C 242 21.91 -45.92 -2.61
N VAL C 243 22.85 -45.00 -2.80
CA VAL C 243 22.45 -43.66 -3.21
C VAL C 243 21.78 -43.71 -4.58
N ASN C 244 22.38 -44.46 -5.52
CA ASN C 244 21.77 -44.64 -6.83
C ASN C 244 20.33 -45.10 -6.71
N LEU C 245 20.08 -46.13 -5.89
CA LEU C 245 18.71 -46.58 -5.70
C LEU C 245 17.84 -45.42 -5.25
N SER C 246 18.32 -44.65 -4.25
CA SER C 246 17.48 -43.60 -3.70
C SER C 246 17.17 -42.55 -4.76
N SER C 247 18.10 -42.30 -5.67
CA SER C 247 17.83 -41.34 -6.72
C SER C 247 16.96 -41.92 -7.85
N GLN C 248 16.88 -43.25 -8.02
CA GLN C 248 15.94 -43.81 -8.98
C GLN C 248 14.50 -43.56 -8.56
N LEU C 249 14.23 -43.52 -7.24
CA LEU C 249 12.90 -43.18 -6.76
C LEU C 249 12.46 -41.79 -7.21
N ASP C 250 13.40 -40.84 -7.25
CA ASP C 250 13.10 -39.46 -7.63
C ASP C 250 12.94 -39.31 -9.14
N ASN C 251 13.89 -39.85 -9.91
CA ASN C 251 14.05 -39.52 -11.32
C ASN C 251 13.74 -40.71 -12.22
N GLU C 252 14.62 -41.73 -12.28
CA GLU C 252 14.46 -42.84 -13.23
C GLU C 252 13.09 -43.51 -13.11
N LEU C 253 12.51 -43.57 -11.91
CA LEU C 253 11.18 -44.19 -11.77
C LEU C 253 10.15 -43.57 -12.72
N PHE C 254 10.33 -42.30 -13.09
CA PHE C 254 9.39 -41.66 -14.00
C PHE C 254 9.96 -41.44 -15.38
N LEU C 255 11.26 -41.11 -15.45
CA LEU C 255 11.94 -40.93 -16.73
C LEU C 255 11.94 -42.21 -17.56
N ASP C 256 12.22 -43.36 -16.92
CA ASP C 256 12.41 -44.60 -17.68
C ASP C 256 11.11 -45.09 -18.34
N PRO C 257 9.96 -45.17 -17.66
CA PRO C 257 8.74 -45.52 -18.40
C PRO C 257 8.39 -44.52 -19.50
N VAL C 258 8.59 -43.23 -19.21
CA VAL C 258 8.13 -42.17 -20.11
C VAL C 258 8.97 -42.15 -21.36
N LEU C 259 10.27 -42.40 -21.22
CA LEU C 259 11.16 -42.27 -22.36
C LEU C 259 11.69 -43.59 -22.89
N LYS C 260 11.66 -44.65 -22.09
CA LYS C 260 12.25 -45.91 -22.52
C LYS C 260 11.27 -47.07 -22.56
N GLY C 261 10.12 -46.96 -21.90
CA GLY C 261 9.19 -48.06 -21.89
C GLY C 261 9.41 -49.11 -20.83
N ASN C 262 10.17 -48.81 -19.77
CA ASN C 262 10.29 -49.75 -18.66
C ASN C 262 10.56 -49.01 -17.35
N TYR C 263 10.18 -49.64 -16.25
CA TYR C 263 10.59 -49.13 -14.95
C TYR C 263 12.01 -49.57 -14.64
N PRO C 264 12.76 -48.83 -13.81
CA PRO C 264 14.15 -49.21 -13.48
C PRO C 264 14.24 -50.51 -12.68
N GLN C 265 15.06 -51.46 -13.17
CA GLN C 265 14.98 -52.81 -12.62
C GLN C 265 15.67 -52.91 -11.26
N LYS C 266 16.74 -52.15 -11.04
CA LYS C 266 17.41 -52.19 -9.75
C LYS C 266 16.50 -51.71 -8.63
N LEU C 267 15.69 -50.68 -8.90
CA LEU C 267 14.76 -50.18 -7.90
C LEU C 267 13.69 -51.21 -7.61
N PHE C 268 13.07 -51.72 -8.66
CA PHE C 268 12.01 -52.71 -8.47
C PHE C 268 12.53 -53.93 -7.72
N ASP C 269 13.73 -54.43 -8.07
CA ASP C 269 14.34 -55.55 -7.36
C ASP C 269 14.46 -55.27 -5.87
N TYR C 270 15.09 -54.16 -5.52
CA TYR C 270 15.20 -53.75 -4.13
C TYR C 270 13.84 -53.63 -3.45
N LEU C 271 12.87 -53.00 -4.10
CA LEU C 271 11.56 -52.82 -3.47
C LEU C 271 10.89 -54.15 -3.18
N VAL C 272 11.00 -55.10 -4.11
CA VAL C 272 10.42 -56.42 -3.84
C VAL C 272 11.18 -57.10 -2.70
N GLN C 273 12.51 -57.05 -2.73
CA GLN C 273 13.34 -57.60 -1.65
C GLN C 273 12.90 -57.06 -0.30
N LYS C 274 12.69 -55.75 -0.20
CA LYS C 274 12.30 -55.18 1.09
C LYS C 274 10.81 -55.25 1.33
N ASP C 275 10.10 -56.06 0.54
CA ASP C 275 8.67 -56.29 0.68
C ASP C 275 7.85 -55.01 0.62
N LEU C 276 8.40 -53.94 0.03
CA LEU C 276 7.66 -52.71 -0.17
C LEU C 276 6.79 -52.75 -1.42
N LEU C 277 6.98 -53.75 -2.28
CA LEU C 277 6.30 -53.85 -3.55
C LEU C 277 6.13 -55.34 -3.84
N GLU C 278 4.92 -55.77 -4.10
CA GLU C 278 4.69 -57.18 -4.34
C GLU C 278 5.36 -57.63 -5.63
N ALA C 279 5.88 -58.85 -5.60
CA ALA C 279 6.64 -59.38 -6.73
C ALA C 279 5.78 -59.48 -7.97
N GLN C 280 4.51 -59.84 -7.83
CA GLN C 280 3.72 -60.01 -9.03
C GLN C 280 3.28 -58.66 -9.58
N LYS C 281 3.03 -57.68 -8.70
CA LYS C 281 2.80 -56.31 -9.13
C LYS C 281 3.98 -55.76 -9.93
N ALA C 282 5.21 -55.99 -9.45
CA ALA C 282 6.38 -55.54 -10.20
C ALA C 282 6.42 -56.13 -11.61
N LEU C 283 6.10 -57.41 -11.76
CA LEU C 283 6.13 -58.02 -13.09
C LEU C 283 5.02 -57.48 -13.98
N SER C 284 3.83 -57.30 -13.40
CA SER C 284 2.70 -56.77 -14.16
C SER C 284 2.97 -55.35 -14.63
N MET C 285 3.55 -54.51 -13.77
CA MET C 285 3.81 -53.13 -14.13
C MET C 285 4.78 -53.05 -15.28
N GLN C 286 5.85 -53.85 -15.21
CA GLN C 286 6.79 -53.92 -16.31
C GLN C 286 6.10 -54.35 -17.59
N GLN C 287 5.27 -55.40 -17.51
CA GLN C 287 4.60 -55.90 -18.70
C GLN C 287 3.65 -54.84 -19.29
N GLU C 288 2.88 -54.17 -18.44
CA GLU C 288 1.84 -53.31 -19.00
C GLU C 288 2.44 -52.01 -19.56
N VAL C 289 3.52 -51.52 -18.96
CA VAL C 289 4.15 -50.33 -19.51
C VAL C 289 4.78 -50.67 -20.86
N LYS C 290 5.41 -51.84 -20.96
CA LYS C 290 5.96 -52.26 -22.24
C LYS C 290 4.91 -52.28 -23.34
N GLU C 291 3.75 -52.88 -23.06
CA GLU C 291 2.70 -53.00 -24.08
C GLU C 291 2.17 -51.63 -24.49
N ASN C 292 2.03 -50.71 -23.54
CA ASN C 292 1.36 -49.45 -23.82
C ASN C 292 2.33 -48.32 -24.11
N PHE C 293 3.64 -48.58 -24.03
CA PHE C 293 4.59 -47.50 -24.09
C PHE C 293 4.50 -46.76 -25.42
N ILE C 294 4.58 -45.44 -25.35
CA ILE C 294 4.73 -44.63 -26.55
C ILE C 294 5.54 -43.39 -26.18
N PHE C 295 6.50 -43.05 -27.05
CA PHE C 295 7.42 -41.94 -26.86
C PHE C 295 6.72 -40.60 -26.99
N PRO C 296 6.99 -39.64 -26.11
CA PRO C 296 6.22 -38.39 -26.12
C PRO C 296 6.86 -37.38 -27.07
N ASP C 297 6.25 -36.21 -27.17
CA ASP C 297 6.76 -35.22 -28.13
C ASP C 297 7.79 -34.29 -27.52
N PHE C 298 7.73 -34.13 -26.20
CA PHE C 298 8.69 -33.31 -25.47
C PHE C 298 8.70 -33.80 -24.04
N LEU C 299 9.76 -33.47 -23.32
CA LEU C 299 9.85 -33.68 -21.89
C LEU C 299 9.79 -32.33 -21.20
N GLY C 300 8.92 -32.19 -20.21
CA GLY C 300 8.91 -31.01 -19.35
C GLY C 300 9.68 -31.31 -18.08
N ILE C 301 10.45 -30.32 -17.61
CA ILE C 301 11.31 -30.47 -16.44
C ILE C 301 11.05 -29.30 -15.47
N ASN C 302 10.68 -29.64 -14.23
CA ASN C 302 10.60 -28.69 -13.12
C ASN C 302 11.87 -28.83 -12.31
N TYR C 303 12.73 -27.82 -12.32
CA TYR C 303 13.97 -27.90 -11.55
C TYR C 303 14.02 -26.81 -10.50
N TYR C 304 14.33 -27.20 -9.28
CA TYR C 304 14.48 -26.19 -8.23
C TYR C 304 15.79 -26.32 -7.48
N THR C 305 16.26 -27.54 -7.24
CA THR C 305 17.39 -27.73 -6.35
C THR C 305 17.91 -29.15 -6.54
N ARG C 306 19.04 -29.43 -5.91
CA ARG C 306 19.64 -30.75 -5.89
C ARG C 306 19.44 -31.38 -4.52
N ALA C 307 19.91 -32.63 -4.39
CA ALA C 307 20.04 -33.30 -3.10
C ALA C 307 21.46 -33.84 -2.94
N VAL C 308 21.98 -33.76 -1.71
CA VAL C 308 23.26 -34.35 -1.35
C VAL C 308 23.00 -35.47 -0.36
N ARG C 309 23.47 -36.69 -0.66
CA ARG C 309 23.10 -37.85 0.12
C ARG C 309 24.33 -38.67 0.49
N LEU C 310 24.16 -39.51 1.52
CA LEU C 310 25.20 -40.42 1.96
C LEU C 310 24.56 -41.69 2.51
N TYR C 311 25.36 -42.76 2.54
CA TYR C 311 24.92 -44.05 3.03
C TYR C 311 24.87 -44.06 4.55
N ASP C 312 23.76 -44.53 5.12
CA ASP C 312 23.58 -44.65 6.58
C ASP C 312 22.63 -45.82 6.82
N GLU C 313 23.20 -46.97 7.19
CA GLU C 313 22.43 -48.19 7.40
C GLU C 313 21.37 -48.03 8.47
N ASN C 314 21.55 -47.09 9.39
CA ASN C 314 20.58 -46.87 10.45
C ASN C 314 19.72 -45.64 10.18
N SER C 315 19.13 -45.60 8.98
CA SER C 315 18.19 -44.58 8.56
C SER C 315 16.76 -45.09 8.64
N SER C 316 15.82 -44.14 8.73
CA SER C 316 14.40 -44.47 8.73
C SER C 316 13.76 -44.40 7.34
N TRP C 317 14.48 -43.92 6.33
CA TRP C 317 13.97 -43.88 4.97
C TRP C 317 13.86 -45.30 4.42
N ILE C 318 13.11 -45.46 3.33
CA ILE C 318 13.02 -46.77 2.72
C ILE C 318 14.36 -47.21 2.15
N PHE C 319 15.29 -46.27 1.94
CA PHE C 319 16.65 -46.60 1.62
C PHE C 319 17.57 -46.20 2.76
N PRO C 320 18.62 -46.96 3.02
CA PRO C 320 19.56 -46.59 4.07
C PRO C 320 20.39 -45.40 3.66
N ILE C 321 19.81 -44.21 3.68
CA ILE C 321 20.51 -43.00 3.25
C ILE C 321 20.07 -41.84 4.15
N ARG C 322 20.84 -40.77 4.06
CA ARG C 322 20.69 -39.59 4.86
C ARG C 322 20.97 -38.41 3.94
N TRP C 323 20.35 -37.28 4.26
CA TRP C 323 20.55 -36.05 3.51
C TRP C 323 21.53 -35.13 4.24
N GLU C 324 22.38 -34.45 3.48
CA GLU C 324 23.28 -33.45 4.02
C GLU C 324 22.84 -32.10 3.47
N HIS C 325 23.32 -31.03 4.09
CA HIS C 325 22.98 -29.69 3.65
C HIS C 325 24.25 -28.89 3.49
N PRO C 326 24.76 -28.76 2.26
CA PRO C 326 25.99 -28.01 2.03
C PRO C 326 25.78 -26.55 2.36
N ALA C 327 26.87 -25.89 2.72
CA ALA C 327 26.80 -24.44 2.89
C ALA C 327 26.42 -23.79 1.58
N GLY C 328 25.67 -22.70 1.69
CA GLY C 328 25.44 -21.84 0.55
C GLY C 328 24.21 -21.00 0.81
N GLU C 329 23.69 -20.47 -0.29
CA GLU C 329 22.46 -19.68 -0.26
C GLU C 329 21.26 -20.63 -0.31
N TYR C 330 20.31 -20.41 0.60
CA TYR C 330 19.06 -21.15 0.64
C TYR C 330 17.88 -20.18 0.49
N THR C 331 16.76 -20.69 -0.08
CA THR C 331 15.53 -19.90 -0.25
C THR C 331 14.61 -20.14 0.95
N GLU C 332 13.41 -19.51 0.91
CA GLU C 332 12.43 -19.67 1.99
C GLU C 332 11.86 -21.07 2.04
N MET C 333 12.01 -21.87 0.99
CA MET C 333 11.64 -23.29 1.06
C MET C 333 12.65 -24.13 1.81
N GLY C 334 13.79 -23.53 2.21
CA GLY C 334 14.95 -24.32 2.60
C GLY C 334 15.57 -25.12 1.48
N TRP C 335 15.49 -24.64 0.25
CA TRP C 335 16.09 -25.32 -0.91
C TRP C 335 17.37 -24.63 -1.27
N GLU C 336 18.42 -25.41 -1.45
CA GLU C 336 19.71 -24.86 -1.81
C GLU C 336 19.65 -24.23 -3.19
N VAL C 337 20.21 -23.04 -3.31
CA VAL C 337 20.38 -22.36 -4.59
C VAL C 337 21.61 -22.97 -5.26
N PHE C 338 21.39 -23.67 -6.38
CA PHE C 338 22.42 -24.51 -7.00
C PHE C 338 22.18 -24.53 -8.50
N PRO C 339 22.45 -23.43 -9.20
CA PRO C 339 22.23 -23.39 -10.66
C PRO C 339 22.98 -24.47 -11.44
N GLN C 340 24.17 -24.85 -10.96
CA GLN C 340 24.93 -25.90 -11.64
C GLN C 340 24.11 -27.18 -11.76
N GLY C 341 23.16 -27.39 -10.84
CA GLY C 341 22.37 -28.60 -10.89
C GLY C 341 21.47 -28.65 -12.11
N LEU C 342 21.09 -27.48 -12.62
CA LEU C 342 20.26 -27.47 -13.81
C LEU C 342 21.05 -27.99 -15.00
N PHE C 343 22.30 -27.53 -15.13
CA PHE C 343 23.15 -27.91 -16.24
C PHE C 343 23.52 -29.38 -16.15
N ASP C 344 23.98 -29.81 -14.96
CA ASP C 344 24.29 -31.22 -14.75
C ASP C 344 23.11 -32.11 -15.12
N LEU C 345 21.90 -31.67 -14.81
CA LEU C 345 20.71 -32.47 -15.04
C LEU C 345 20.41 -32.57 -16.53
N LEU C 346 20.37 -31.41 -17.20
CA LEU C 346 20.13 -31.36 -18.63
C LEU C 346 21.17 -32.20 -19.40
N MET C 347 22.44 -32.12 -19.02
CA MET C 347 23.45 -32.92 -19.70
C MET C 347 23.26 -34.39 -19.41
N TRP C 348 22.81 -34.72 -18.20
CA TRP C 348 22.54 -36.11 -17.89
C TRP C 348 21.33 -36.64 -18.68
N ILE C 349 20.30 -35.81 -18.90
CA ILE C 349 19.15 -36.24 -19.71
C ILE C 349 19.60 -36.51 -21.13
N LYS C 350 20.37 -35.58 -21.70
CA LYS C 350 20.83 -35.69 -23.07
C LYS C 350 21.69 -36.95 -23.25
N GLU C 351 22.53 -37.27 -22.27
CA GLU C 351 23.48 -38.37 -22.44
C GLU C 351 22.88 -39.75 -22.18
N ASN C 352 21.76 -39.86 -21.44
CA ASN C 352 21.28 -41.17 -21.02
C ASN C 352 19.88 -41.50 -21.51
N TYR C 353 19.31 -40.68 -22.36
CA TYR C 353 17.95 -40.94 -22.81
C TYR C 353 17.89 -40.58 -24.29
N PRO C 354 16.91 -41.11 -25.02
CA PRO C 354 16.80 -40.77 -26.44
C PRO C 354 16.59 -39.28 -26.59
N GLN C 355 17.06 -38.77 -27.73
CA GLN C 355 16.91 -37.37 -28.08
C GLN C 355 15.45 -36.93 -28.01
N ILE C 356 15.19 -35.83 -27.32
CA ILE C 356 13.81 -35.33 -27.24
C ILE C 356 13.86 -33.83 -26.93
N PRO C 357 12.91 -33.02 -27.45
CA PRO C 357 12.88 -31.61 -27.06
C PRO C 357 12.56 -31.47 -25.57
N ILE C 358 13.16 -30.48 -24.93
CA ILE C 358 13.05 -30.30 -23.48
C ILE C 358 12.60 -28.89 -23.21
N TYR C 359 11.60 -28.74 -22.35
CA TYR C 359 11.13 -27.46 -21.86
C TYR C 359 11.38 -27.42 -20.36
N ILE C 360 12.00 -26.36 -19.88
CA ILE C 360 12.01 -26.16 -18.43
C ILE C 360 10.63 -25.61 -18.11
N THR C 361 9.76 -26.43 -17.53
CA THR C 361 8.40 -25.99 -17.35
C THR C 361 8.15 -25.33 -16.00
N GLU C 362 9.14 -25.38 -15.10
CA GLU C 362 9.11 -24.70 -13.81
C GLU C 362 10.55 -24.49 -13.33
N ASN C 363 10.89 -23.25 -12.95
CA ASN C 363 12.06 -22.90 -12.15
C ASN C 363 11.79 -21.54 -11.52
N GLY C 364 12.17 -21.37 -10.27
CA GLY C 364 12.00 -20.09 -9.60
C GLY C 364 12.36 -20.23 -8.14
N ALA C 365 12.10 -19.15 -7.38
CA ALA C 365 12.58 -19.07 -6.01
C ALA C 365 11.61 -18.33 -5.12
N ALA C 366 11.51 -18.76 -3.88
CA ALA C 366 10.64 -18.16 -2.87
C ALA C 366 11.48 -17.31 -1.92
N TYR C 367 11.26 -16.01 -1.91
CA TYR C 367 11.89 -15.08 -0.98
C TYR C 367 10.80 -14.26 -0.29
N ASN C 368 11.12 -13.69 0.87
CA ASN C 368 10.11 -13.06 1.73
C ASN C 368 9.86 -11.61 1.30
N ASP C 369 9.16 -11.45 0.19
CA ASP C 369 8.99 -10.11 -0.37
C ASP C 369 8.24 -9.21 0.60
N ILE C 370 8.61 -7.94 0.62
CA ILE C 370 7.85 -6.90 1.27
C ILE C 370 7.70 -5.76 0.30
N VAL C 371 6.53 -5.13 0.30
CA VAL C 371 6.29 -3.97 -0.55
C VAL C 371 6.85 -2.75 0.16
N THR C 372 7.67 -1.97 -0.56
CA THR C 372 8.25 -0.78 0.04
C THR C 372 7.21 0.35 0.17
N GLU C 373 7.65 1.42 0.82
CA GLU C 373 6.78 2.56 1.11
C GLU C 373 6.21 3.14 -0.19
N ASP C 374 7.01 3.23 -1.24
CA ASP C 374 6.52 3.62 -2.56
C ASP C 374 6.07 2.44 -3.41
N GLY C 375 5.64 1.35 -2.78
CA GLY C 375 4.94 0.30 -3.52
C GLY C 375 5.78 -0.45 -4.53
N LYS C 376 7.05 -0.70 -4.21
CA LYS C 376 7.90 -1.53 -5.02
C LYS C 376 8.27 -2.77 -4.22
N VAL C 377 8.73 -3.80 -4.93
CA VAL C 377 9.25 -5.02 -4.35
C VAL C 377 10.63 -5.26 -4.97
N HIS C 378 11.69 -4.97 -4.22
CA HIS C 378 13.08 -5.11 -4.69
C HIS C 378 13.60 -6.52 -4.41
N ASP C 379 13.08 -7.48 -5.19
CA ASP C 379 13.42 -8.89 -4.98
C ASP C 379 14.69 -9.25 -5.75
N SER C 380 15.80 -8.64 -5.30
CA SER C 380 17.06 -8.77 -6.02
C SER C 380 17.70 -10.14 -5.83
N LYS C 381 17.37 -10.83 -4.74
CA LYS C 381 17.78 -12.22 -4.63
C LYS C 381 17.01 -13.11 -5.61
N ARG C 382 15.73 -12.81 -5.88
CA ARG C 382 15.02 -13.55 -6.93
C ARG C 382 15.65 -13.28 -8.30
N ILE C 383 15.98 -12.00 -8.58
CA ILE C 383 16.62 -11.63 -9.84
C ILE C 383 17.94 -12.37 -10.01
N GLU C 384 18.75 -12.43 -8.94
CA GLU C 384 20.03 -13.13 -9.00
C GLU C 384 19.85 -14.62 -9.20
N TYR C 385 18.86 -15.21 -8.53
CA TYR C 385 18.56 -16.62 -8.75
C TYR C 385 18.23 -16.90 -10.21
N LEU C 386 17.47 -16.02 -10.86
CA LEU C 386 17.01 -16.31 -12.22
C LEU C 386 18.11 -16.14 -13.24
N LYS C 387 18.80 -15.00 -13.17
CA LYS C 387 20.00 -14.72 -13.94
C LYS C 387 20.94 -15.91 -13.98
N GLN C 388 21.15 -16.54 -12.82
CA GLN C 388 22.11 -17.62 -12.75
C GLN C 388 21.58 -18.87 -13.43
N HIS C 389 20.26 -19.11 -13.31
CA HIS C 389 19.70 -20.32 -13.92
C HIS C 389 19.50 -20.11 -15.43
N PHE C 390 19.02 -18.93 -15.85
CA PHE C 390 19.03 -18.62 -17.28
C PHE C 390 20.40 -18.91 -17.87
N ASP C 391 21.45 -18.52 -17.13
CA ASP C 391 22.82 -18.70 -17.60
C ASP C 391 23.19 -20.18 -17.73
N GLN C 392 22.71 -21.04 -16.82
CA GLN C 392 23.00 -22.45 -16.96
C GLN C 392 22.20 -23.07 -18.10
N ALA C 393 20.98 -22.56 -18.32
CA ALA C 393 20.22 -22.95 -19.50
C ALA C 393 21.01 -22.65 -20.78
N ARG C 394 21.47 -21.41 -20.92
CA ARG C 394 22.30 -21.02 -22.08
C ARG C 394 23.50 -21.94 -22.24
N LYS C 395 24.18 -22.23 -21.12
CA LYS C 395 25.30 -23.16 -21.17
C LYS C 395 24.86 -24.54 -21.64
N ALA C 396 23.68 -24.99 -21.23
CA ALA C 396 23.22 -26.30 -21.68
C ALA C 396 22.99 -26.31 -23.19
N ILE C 397 22.39 -25.25 -23.72
CA ILE C 397 22.16 -25.18 -25.16
C ILE C 397 23.50 -25.21 -25.91
N GLU C 398 24.51 -24.53 -25.37
CA GLU C 398 25.79 -24.52 -26.06
C GLU C 398 26.44 -25.89 -26.09
N ASN C 399 26.10 -26.76 -25.14
CA ASN C 399 26.59 -28.13 -25.14
C ASN C 399 25.66 -29.08 -25.89
N GLY C 400 24.67 -28.57 -26.63
CA GLY C 400 23.81 -29.41 -27.46
C GLY C 400 22.57 -29.99 -26.80
N VAL C 401 22.13 -29.48 -25.64
CA VAL C 401 20.81 -29.83 -25.11
C VAL C 401 19.75 -29.13 -25.95
N ASP C 402 18.74 -29.89 -26.38
CA ASP C 402 17.65 -29.34 -27.21
C ASP C 402 16.60 -28.63 -26.35
N LEU C 403 17.04 -27.59 -25.64
CA LEU C 403 16.15 -26.81 -24.77
C LEU C 403 15.35 -25.83 -25.63
N ARG C 404 14.02 -25.95 -25.59
CA ARG C 404 13.14 -25.12 -26.41
C ARG C 404 12.34 -24.10 -25.62
N GLY C 405 12.48 -24.05 -24.30
CA GLY C 405 11.69 -23.08 -23.57
C GLY C 405 11.97 -23.12 -22.09
N TYR C 406 11.55 -22.05 -21.41
CA TYR C 406 11.87 -21.83 -20.01
C TYR C 406 10.68 -21.09 -19.40
N PHE C 407 10.05 -21.68 -18.39
CA PHE C 407 8.85 -21.13 -17.78
C PHE C 407 9.16 -20.81 -16.33
N VAL C 408 9.15 -19.52 -15.99
CA VAL C 408 9.42 -19.14 -14.61
C VAL C 408 8.22 -19.51 -13.75
N TRP C 409 8.47 -20.26 -12.69
CA TRP C 409 7.49 -20.36 -11.62
C TRP C 409 7.78 -19.25 -10.60
N SER C 410 6.83 -18.35 -10.39
CA SER C 410 5.51 -18.32 -11.05
C SER C 410 5.21 -16.93 -11.61
N LEU C 411 4.22 -16.82 -12.49
CA LEU C 411 3.76 -15.49 -12.89
C LEU C 411 3.43 -14.62 -11.68
N MET C 412 2.82 -15.18 -10.65
CA MET C 412 2.32 -14.39 -9.54
C MET C 412 2.34 -15.23 -8.27
N ASP C 413 2.56 -14.57 -7.14
CA ASP C 413 2.42 -15.24 -5.85
C ASP C 413 1.12 -16.02 -5.81
N ASN C 414 1.09 -17.15 -5.12
CA ASN C 414 -0.12 -17.97 -5.13
C ASN C 414 -0.08 -18.92 -3.93
N LEU C 415 -1.09 -19.78 -3.80
CA LEU C 415 -1.12 -20.77 -2.74
C LEU C 415 -0.07 -21.86 -2.99
N GLU C 416 0.99 -21.88 -2.19
CA GLU C 416 2.00 -22.93 -2.30
C GLU C 416 1.58 -24.15 -1.46
N TRP C 417 0.47 -24.77 -1.90
CA TRP C 417 -0.05 -26.07 -1.40
C TRP C 417 0.01 -26.05 0.12
N ALA C 418 0.66 -27.02 0.76
CA ALA C 418 0.54 -27.14 2.20
C ALA C 418 1.22 -26.00 2.95
N MET C 419 1.97 -25.14 2.26
CA MET C 419 2.58 -23.98 2.90
C MET C 419 1.68 -22.75 2.91
N GLY C 420 0.48 -22.88 2.33
CA GLY C 420 -0.44 -21.77 2.23
C GLY C 420 0.17 -20.63 1.46
N TYR C 421 -0.21 -19.42 1.83
CA TYR C 421 0.31 -18.25 1.13
C TYR C 421 1.66 -17.79 1.66
N THR C 422 2.27 -18.51 2.61
CA THR C 422 3.50 -18.07 3.25
C THR C 422 4.73 -18.10 2.34
N LYS C 423 4.68 -18.74 1.17
CA LYS C 423 5.80 -18.71 0.22
C LYS C 423 5.39 -17.91 -1.00
N ARG C 424 6.25 -17.00 -1.46
CA ARG C 424 5.96 -16.12 -2.58
C ARG C 424 6.96 -16.42 -3.70
N PHE C 425 6.46 -16.93 -4.83
CA PHE C 425 7.29 -17.32 -5.95
C PHE C 425 7.16 -16.39 -7.15
N GLY C 426 6.22 -15.42 -7.10
CA GLY C 426 5.87 -14.72 -8.30
C GLY C 426 6.92 -13.72 -8.72
N ILE C 427 6.90 -13.38 -10.01
CA ILE C 427 7.53 -12.11 -10.37
C ILE C 427 6.54 -10.95 -10.24
N ILE C 428 5.27 -11.25 -9.90
CA ILE C 428 4.25 -10.25 -9.59
C ILE C 428 3.77 -10.52 -8.17
N TYR C 429 3.81 -9.50 -7.33
CA TYR C 429 3.32 -9.60 -5.97
C TYR C 429 1.81 -9.47 -5.97
N VAL C 430 1.15 -10.27 -5.15
CA VAL C 430 -0.29 -10.22 -4.98
C VAL C 430 -0.58 -9.89 -3.53
N ASP C 431 -1.15 -8.72 -3.30
CA ASP C 431 -1.72 -8.41 -2.00
C ASP C 431 -3.02 -9.18 -1.87
N TYR C 432 -3.06 -10.16 -0.97
CA TYR C 432 -4.28 -10.95 -0.87
C TYR C 432 -5.44 -10.20 -0.21
N GLU C 433 -5.19 -9.11 0.51
CA GLU C 433 -6.30 -8.32 1.03
C GLU C 433 -7.07 -7.65 -0.10
N THR C 434 -6.37 -7.01 -1.02
CA THR C 434 -7.00 -6.23 -2.07
C THR C 434 -6.98 -6.91 -3.43
N GLN C 435 -6.24 -8.02 -3.57
CA GLN C 435 -5.99 -8.67 -4.85
C GLN C 435 -5.23 -7.78 -5.81
N LYS C 436 -4.64 -6.70 -5.31
CA LYS C 436 -3.82 -5.83 -6.14
C LYS C 436 -2.60 -6.59 -6.65
N ARG C 437 -2.29 -6.43 -7.93
CA ARG C 437 -1.07 -6.97 -8.52
C ARG C 437 0.00 -5.89 -8.54
N ILE C 438 1.20 -6.23 -8.05
CA ILE C 438 2.32 -5.29 -8.01
C ILE C 438 3.50 -5.96 -8.68
N LYS C 439 4.02 -5.35 -9.74
CA LYS C 439 5.14 -5.92 -10.46
C LYS C 439 6.41 -5.81 -9.60
N LYS C 440 7.04 -6.96 -9.34
CA LYS C 440 8.32 -6.96 -8.63
C LYS C 440 9.43 -6.52 -9.57
N ASP C 441 10.55 -6.10 -8.99
CA ASP C 441 11.72 -5.80 -9.81
C ASP C 441 12.07 -6.98 -10.73
N SER C 442 11.82 -8.20 -10.28
CA SER C 442 12.11 -9.35 -11.13
C SER C 442 11.22 -9.37 -12.36
N PHE C 443 10.01 -8.80 -12.27
CA PHE C 443 9.18 -8.66 -13.47
C PHE C 443 9.88 -7.80 -14.52
N TYR C 444 10.49 -6.69 -14.09
CA TYR C 444 11.18 -5.81 -15.02
C TYR C 444 12.52 -6.39 -15.47
N PHE C 445 13.19 -7.14 -14.61
CA PHE C 445 14.39 -7.83 -15.06
C PHE C 445 14.04 -8.89 -16.12
N TYR C 446 12.96 -9.66 -15.92
CA TYR C 446 12.61 -10.70 -16.88
C TYR C 446 12.10 -10.11 -18.19
N GLN C 447 11.29 -9.05 -18.11
CA GLN C 447 10.87 -8.28 -19.27
C GLN C 447 12.05 -7.90 -20.14
N GLN C 448 13.09 -7.31 -19.53
CA GLN C 448 14.30 -6.98 -20.27
C GLN C 448 15.01 -8.23 -20.81
N TYR C 449 15.14 -9.27 -19.99
CA TYR C 449 15.88 -10.46 -20.42
C TYR C 449 15.24 -11.09 -21.67
N ILE C 450 13.91 -11.24 -21.67
CA ILE C 450 13.21 -11.76 -22.85
C ILE C 450 13.50 -10.90 -24.07
N LYS C 451 13.40 -9.58 -23.89
CA LYS C 451 13.65 -8.65 -24.99
C LYS C 451 15.01 -8.92 -25.63
N GLU C 452 16.06 -9.06 -24.80
CA GLU C 452 17.42 -9.27 -25.25
C GLU C 452 17.73 -10.69 -25.73
N ASN C 453 16.86 -11.67 -25.53
CA ASN C 453 17.19 -13.04 -25.89
C ASN C 453 16.09 -13.68 -26.72
N SER C 454 15.47 -12.87 -27.57
CA SER C 454 14.46 -13.33 -28.51
C SER C 454 14.49 -12.39 -29.72
N MET D 2 36.81 3.16 22.63
CA MET D 2 37.46 1.89 22.28
C MET D 2 36.46 0.85 21.85
N SER D 3 36.83 0.08 20.83
CA SER D 3 35.93 -0.96 20.33
C SER D 3 35.74 -2.07 21.36
N PHE D 4 36.82 -2.50 21.99
CA PHE D 4 36.77 -3.59 22.94
C PHE D 4 37.48 -3.16 24.21
N PRO D 5 36.91 -3.49 25.39
CA PRO D 5 37.53 -3.07 26.67
C PRO D 5 38.97 -3.54 26.82
N LYS D 6 39.60 -3.11 27.93
CA LYS D 6 41.05 -3.05 28.00
C LYS D 6 41.70 -4.45 27.98
N GLY D 7 41.20 -5.39 28.77
CA GLY D 7 41.87 -6.68 28.65
C GLY D 7 40.99 -7.76 28.02
N PHE D 8 40.25 -7.42 26.97
CA PHE D 8 39.30 -8.35 26.32
C PHE D 8 40.00 -9.65 25.94
N LEU D 9 39.39 -10.77 26.35
CA LEU D 9 40.01 -12.08 26.16
C LEU D 9 39.60 -12.64 24.80
N TRP D 10 40.37 -12.27 23.78
CA TRP D 10 40.30 -12.90 22.47
C TRP D 10 40.92 -14.30 22.57
N GLY D 11 40.14 -15.34 22.28
CA GLY D 11 40.64 -16.70 22.44
C GLY D 11 40.18 -17.66 21.36
N ALA D 12 40.42 -18.95 21.61
CA ALA D 12 39.93 -20.04 20.79
C ALA D 12 39.66 -21.22 21.71
N ALA D 13 38.77 -22.12 21.26
CA ALA D 13 38.26 -23.17 22.14
C ALA D 13 38.44 -24.53 21.51
N THR D 14 38.58 -25.54 22.39
CA THR D 14 38.59 -26.95 22.03
C THR D 14 37.92 -27.72 23.16
N ALA D 15 37.71 -29.02 22.94
CA ALA D 15 37.25 -29.92 23.98
C ALA D 15 38.07 -31.21 23.91
N SER D 16 38.28 -31.83 25.07
CA SER D 16 39.26 -32.90 25.21
C SER D 16 38.97 -34.07 24.27
N TYR D 17 37.76 -34.62 24.33
CA TYR D 17 37.42 -35.73 23.44
C TYR D 17 37.53 -35.34 21.98
N GLN D 18 37.44 -34.06 21.63
CA GLN D 18 37.40 -33.72 20.22
C GLN D 18 38.80 -33.60 19.60
N ILE D 19 39.86 -33.45 20.40
CA ILE D 19 41.19 -33.20 19.85
C ILE D 19 42.27 -34.12 20.40
N GLU D 20 42.12 -34.69 21.61
CA GLU D 20 43.26 -35.26 22.35
C GLU D 20 43.72 -36.61 21.76
N GLY D 21 42.80 -37.52 21.51
CA GLY D 21 43.19 -38.87 21.18
C GLY D 21 43.76 -39.57 22.40
N ALA D 22 44.74 -40.44 22.18
CA ALA D 22 45.36 -41.20 23.26
C ALA D 22 44.29 -41.74 24.19
N TRP D 23 43.23 -42.29 23.58
CA TRP D 23 42.02 -42.56 24.34
C TRP D 23 42.23 -43.63 25.40
N ASN D 24 43.23 -44.50 25.24
CA ASN D 24 43.46 -45.54 26.24
C ASN D 24 44.94 -45.62 26.67
N GLU D 25 45.65 -44.50 26.65
CA GLU D 25 47.05 -44.45 27.09
C GLU D 25 47.15 -43.97 28.53
N ASP D 26 48.19 -44.45 29.21
CA ASP D 26 48.58 -43.94 30.52
C ASP D 26 47.46 -44.10 31.55
N GLY D 27 46.76 -45.24 31.47
CA GLY D 27 45.71 -45.56 32.43
C GLY D 27 44.40 -44.80 32.26
N LYS D 28 44.27 -43.97 31.23
CA LYS D 28 43.00 -43.28 31.01
C LYS D 28 41.85 -44.28 30.96
N GLY D 29 40.83 -44.06 31.77
CA GLY D 29 39.63 -44.89 31.74
C GLY D 29 38.76 -44.64 30.51
N GLU D 30 37.77 -45.53 30.34
CA GLU D 30 36.84 -45.41 29.23
C GLU D 30 35.76 -44.39 29.58
N SER D 31 35.54 -43.42 28.69
CA SER D 31 34.44 -42.47 28.84
C SER D 31 33.25 -42.94 28.03
N ILE D 32 32.09 -42.35 28.32
CA ILE D 32 30.86 -42.66 27.59
C ILE D 32 31.03 -42.36 26.12
N TRP D 33 31.85 -41.38 25.76
CA TRP D 33 32.08 -41.12 24.35
C TRP D 33 33.01 -42.14 23.72
N ASP D 34 33.96 -42.71 24.48
CA ASP D 34 34.71 -43.86 23.97
C ASP D 34 33.75 -44.99 23.66
N ARG D 35 32.82 -45.24 24.58
CA ARG D 35 31.84 -46.31 24.42
C ARG D 35 30.90 -46.02 23.25
N PHE D 36 30.45 -44.76 23.12
CA PHE D 36 29.51 -44.36 22.06
C PHE D 36 30.14 -44.48 20.67
N THR D 37 31.34 -43.94 20.48
CA THR D 37 31.91 -44.00 19.15
C THR D 37 32.44 -45.39 18.78
N HIS D 38 32.37 -46.35 19.70
CA HIS D 38 32.83 -47.71 19.44
C HIS D 38 31.66 -48.65 19.15
N GLN D 39 30.45 -48.11 19.05
CA GLN D 39 29.26 -48.87 18.73
C GLN D 39 28.78 -48.42 17.35
N LYS D 40 28.50 -49.39 16.47
CA LYS D 40 28.29 -49.07 15.06
C LYS D 40 27.04 -48.22 14.92
N GLY D 41 27.09 -47.25 13.99
CA GLY D 41 25.93 -46.47 13.63
C GLY D 41 25.75 -45.16 14.38
N ASN D 42 26.55 -44.91 15.43
CA ASN D 42 26.38 -43.68 16.21
C ASN D 42 27.01 -42.45 15.55
N ILE D 43 28.03 -42.63 14.73
CA ILE D 43 28.84 -41.52 14.23
C ILE D 43 28.96 -41.68 12.72
N LEU D 44 28.76 -40.57 11.99
CA LEU D 44 28.98 -40.59 10.56
C LEU D 44 30.31 -41.26 10.22
N TYR D 45 30.31 -42.03 9.14
CA TYR D 45 31.50 -42.68 8.59
C TYR D 45 32.25 -43.54 9.61
N GLY D 46 31.63 -43.86 10.74
CA GLY D 46 32.25 -44.65 11.79
C GLY D 46 33.43 -43.99 12.47
N HIS D 47 33.59 -42.67 12.32
CA HIS D 47 34.69 -41.98 12.97
C HIS D 47 34.64 -42.14 14.48
N ASN D 48 35.79 -41.97 15.13
CA ASN D 48 35.85 -41.94 16.58
C ASN D 48 36.98 -41.04 17.07
N GLY D 49 37.09 -40.94 18.38
CA GLY D 49 38.02 -40.04 19.02
C GLY D 49 39.29 -40.72 19.47
N ASP D 50 39.60 -41.87 18.87
CA ASP D 50 40.78 -42.64 19.27
C ASP D 50 42.07 -41.84 19.11
N ILE D 51 42.26 -41.22 17.94
CA ILE D 51 43.45 -40.40 17.68
C ILE D 51 43.10 -38.91 17.62
N ALA D 52 41.99 -38.55 16.96
CA ALA D 52 41.53 -37.16 16.79
C ALA D 52 42.70 -36.33 16.26
N CYS D 53 43.02 -35.19 16.86
CA CYS D 53 44.14 -34.37 16.41
C CYS D 53 45.45 -34.73 17.10
N ASP D 54 45.47 -35.83 17.87
CA ASP D 54 46.68 -36.26 18.58
C ASP D 54 47.21 -35.14 19.48
N HIS D 55 46.30 -34.33 20.04
CA HIS D 55 46.74 -33.20 20.84
C HIS D 55 47.50 -33.65 22.08
N TYR D 56 47.18 -34.85 22.57
CA TYR D 56 47.88 -35.43 23.71
C TYR D 56 49.39 -35.43 23.50
N HIS D 57 49.86 -35.84 22.31
CA HIS D 57 51.29 -35.87 21.99
C HIS D 57 51.80 -34.63 21.26
N ARG D 58 50.93 -33.81 20.66
CA ARG D 58 51.37 -32.69 19.84
C ARG D 58 51.07 -31.33 20.47
N PHE D 59 50.64 -31.31 21.74
CA PHE D 59 50.18 -30.07 22.36
C PHE D 59 51.23 -28.96 22.32
N GLU D 60 52.53 -29.30 22.43
CA GLU D 60 53.55 -28.25 22.40
C GLU D 60 53.54 -27.49 21.10
N GLU D 61 53.46 -28.19 19.96
CA GLU D 61 53.32 -27.48 18.70
C GLU D 61 52.05 -26.63 18.67
N ASP D 62 50.95 -27.15 19.24
CA ASP D 62 49.67 -26.43 19.19
C ASP D 62 49.73 -25.14 20.01
N VAL D 63 50.41 -25.16 21.16
CA VAL D 63 50.54 -23.94 21.96
C VAL D 63 51.36 -22.89 21.22
N LEU D 64 52.38 -23.30 20.47
CA LEU D 64 53.14 -22.31 19.70
C LEU D 64 52.28 -21.68 18.61
N LEU D 65 51.37 -22.45 18.00
CA LEU D 65 50.44 -21.86 17.05
C LEU D 65 49.57 -20.81 17.72
N MET D 66 49.07 -21.11 18.93
CA MET D 66 48.33 -20.09 19.68
C MET D 66 49.18 -18.87 19.96
N LYS D 67 50.49 -19.06 20.24
CA LYS D 67 51.35 -17.91 20.53
C LYS D 67 51.56 -17.07 19.27
N GLU D 68 51.76 -17.74 18.14
CA GLU D 68 51.86 -17.03 16.88
C GLU D 68 50.56 -16.31 16.53
N LEU D 69 49.42 -16.87 16.94
CA LEU D 69 48.13 -16.25 16.63
C LEU D 69 47.92 -14.97 17.46
N GLY D 70 48.51 -14.90 18.64
CA GLY D 70 48.26 -13.78 19.52
C GLY D 70 47.08 -13.93 20.44
N LEU D 71 46.62 -15.16 20.66
CA LEU D 71 45.51 -15.38 21.58
C LEU D 71 45.84 -14.84 22.96
N LYS D 72 44.85 -14.18 23.58
CA LYS D 72 44.97 -13.83 25.00
C LYS D 72 44.57 -14.98 25.90
N ALA D 73 43.72 -15.88 25.43
CA ALA D 73 43.25 -16.97 26.26
C ALA D 73 42.98 -18.17 25.38
N TYR D 74 42.98 -19.33 26.02
CA TYR D 74 42.73 -20.59 25.34
C TYR D 74 41.80 -21.38 26.22
N ARG D 75 40.63 -21.75 25.70
CA ARG D 75 39.67 -22.53 26.44
C ARG D 75 39.79 -23.99 26.02
N PHE D 76 39.81 -24.90 26.99
CA PHE D 76 39.93 -26.32 26.74
C PHE D 76 39.29 -27.05 27.90
N SER D 77 39.16 -28.36 27.77
CA SER D 77 38.58 -29.14 28.85
C SER D 77 39.54 -30.23 29.34
N ILE D 78 39.36 -30.61 30.60
CA ILE D 78 40.08 -31.70 31.22
C ILE D 78 39.25 -32.97 31.08
N ALA D 79 39.87 -34.04 30.60
CA ALA D 79 39.22 -35.36 30.56
C ALA D 79 39.20 -35.98 31.94
N TRP D 80 38.02 -35.97 32.56
CA TRP D 80 37.78 -36.56 33.88
C TRP D 80 38.42 -37.93 33.98
N THR D 81 38.29 -38.68 32.90
CA THR D 81 38.73 -40.06 32.79
C THR D 81 40.26 -40.22 32.76
N ARG D 82 41.02 -39.13 32.59
CA ARG D 82 42.47 -39.22 32.77
C ARG D 82 42.88 -39.02 34.23
N ILE D 83 42.01 -38.47 35.05
CA ILE D 83 42.31 -38.22 36.45
C ILE D 83 41.80 -39.35 37.32
N PHE D 84 40.53 -39.72 37.14
CA PHE D 84 39.89 -40.82 37.85
C PHE D 84 39.43 -41.81 36.80
N PRO D 85 40.32 -42.70 36.35
CA PRO D 85 39.94 -43.71 35.35
C PRO D 85 38.62 -44.41 35.69
N ASP D 86 38.28 -44.48 36.98
CA ASP D 86 36.99 -45.02 37.39
C ASP D 86 36.05 -43.95 37.93
N GLY D 87 36.30 -42.68 37.63
CA GLY D 87 35.38 -41.62 38.03
C GLY D 87 35.61 -41.12 39.44
N PHE D 88 35.94 -42.05 40.35
CA PHE D 88 36.32 -41.74 41.72
C PHE D 88 37.37 -42.75 42.17
N GLY D 89 38.00 -42.49 43.31
CA GLY D 89 38.97 -43.40 43.88
C GLY D 89 40.40 -43.04 43.51
N ASN D 90 41.12 -43.99 42.89
CA ASN D 90 42.54 -43.81 42.63
C ASN D 90 42.75 -42.66 41.65
N VAL D 91 43.69 -41.81 41.97
CA VAL D 91 44.04 -40.70 41.09
C VAL D 91 45.17 -41.17 40.17
N ASN D 92 45.04 -40.86 38.89
CA ASN D 92 46.03 -41.25 37.89
C ASN D 92 47.06 -40.14 37.75
N GLN D 93 48.23 -40.36 38.34
CA GLN D 93 49.30 -39.38 38.32
C GLN D 93 49.72 -38.98 36.92
N LYS D 94 49.71 -39.94 35.99
CA LYS D 94 50.06 -39.62 34.61
C LYS D 94 49.04 -38.66 33.99
N GLY D 95 47.77 -38.77 34.40
CA GLY D 95 46.78 -37.82 33.91
C GLY D 95 47.04 -36.41 34.41
N LEU D 96 47.28 -36.28 35.72
CA LEU D 96 47.64 -34.97 36.26
C LEU D 96 48.90 -34.41 35.59
N GLU D 97 49.83 -35.28 35.19
CA GLU D 97 51.07 -34.82 34.58
C GLU D 97 50.82 -34.14 33.25
N PHE D 98 49.96 -34.73 32.42
CA PHE D 98 49.69 -34.15 31.11
C PHE D 98 49.13 -32.73 31.25
N TYR D 99 48.18 -32.53 32.15
CA TYR D 99 47.58 -31.21 32.27
C TYR D 99 48.53 -30.21 32.95
N ASP D 100 49.39 -30.70 33.86
CA ASP D 100 50.53 -29.90 34.33
C ASP D 100 51.36 -29.39 33.16
N ARG D 101 51.78 -30.29 32.26
CA ARG D 101 52.62 -29.88 31.14
C ARG D 101 51.90 -28.92 30.21
N LEU D 102 50.61 -29.18 29.96
CA LEU D 102 49.88 -28.32 29.03
C LEU D 102 49.66 -26.94 29.64
N ILE D 103 49.19 -26.88 30.88
CA ILE D 103 48.92 -25.59 31.51
C ILE D 103 50.20 -24.78 31.68
N ASN D 104 51.29 -25.43 32.12
CA ASN D 104 52.57 -24.71 32.23
C ASN D 104 53.01 -24.17 30.88
N LYS D 105 52.87 -24.97 29.82
CA LYS D 105 53.27 -24.47 28.51
C LYS D 105 52.45 -23.25 28.10
N LEU D 106 51.18 -23.19 28.53
CA LEU D 106 50.35 -22.03 28.22
C LEU D 106 50.78 -20.83 29.05
N VAL D 107 50.94 -21.02 30.35
CA VAL D 107 51.42 -19.94 31.21
C VAL D 107 52.77 -19.43 30.72
N GLU D 108 53.68 -20.34 30.39
CA GLU D 108 54.98 -20.00 29.85
C GLU D 108 54.89 -19.14 28.59
N ASN D 109 53.75 -19.15 27.90
CA ASN D 109 53.60 -18.38 26.67
C ASN D 109 52.60 -17.22 26.80
N GLY D 110 52.25 -16.84 28.02
CA GLY D 110 51.38 -15.69 28.23
C GLY D 110 49.97 -15.89 27.70
N ILE D 111 49.40 -17.07 27.92
CA ILE D 111 48.08 -17.39 27.42
C ILE D 111 47.24 -17.80 28.61
N GLU D 112 46.19 -17.04 28.86
CA GLU D 112 45.32 -17.36 29.98
C GLU D 112 44.62 -18.70 29.77
N PRO D 113 44.85 -19.69 30.62
CA PRO D 113 44.04 -20.91 30.55
C PRO D 113 42.59 -20.64 30.96
N VAL D 114 41.64 -21.20 30.21
CA VAL D 114 40.23 -21.19 30.56
C VAL D 114 39.75 -22.63 30.50
N ILE D 115 39.49 -23.24 31.65
CA ILE D 115 39.29 -24.69 31.71
C ILE D 115 37.83 -24.99 31.93
N THR D 116 37.26 -25.79 31.02
CA THR D 116 35.97 -26.44 31.19
C THR D 116 36.21 -27.74 31.95
N ILE D 117 35.59 -27.85 33.14
CA ILE D 117 35.76 -29.06 33.95
C ILE D 117 35.02 -30.24 33.34
N TYR D 118 33.78 -30.03 32.89
CA TYR D 118 33.01 -31.12 32.30
C TYR D 118 32.56 -30.74 30.90
N HIS D 119 33.20 -31.33 29.89
CA HIS D 119 32.81 -31.16 28.50
C HIS D 119 32.43 -32.51 27.89
N TRP D 120 31.55 -33.27 28.56
CA TRP D 120 30.72 -34.37 28.07
C TRP D 120 31.32 -35.78 28.24
N ASP D 121 32.55 -35.92 28.74
CA ASP D 121 33.27 -37.20 28.69
C ASP D 121 33.24 -37.92 30.05
N LEU D 122 32.01 -38.22 30.47
CA LEU D 122 31.77 -38.87 31.74
C LEU D 122 32.45 -40.24 31.79
N PRO D 123 33.06 -40.61 32.91
CA PRO D 123 33.65 -41.96 33.02
C PRO D 123 32.58 -43.04 32.84
N GLN D 124 32.86 -43.99 31.94
CA GLN D 124 31.89 -45.05 31.68
C GLN D 124 31.59 -45.83 32.96
N LYS D 125 32.56 -45.93 33.88
CA LYS D 125 32.28 -46.64 35.13
C LYS D 125 31.20 -45.93 35.93
N LEU D 126 31.04 -44.60 35.74
CA LEU D 126 29.98 -43.90 36.44
C LEU D 126 28.66 -44.03 35.68
N GLN D 127 28.72 -44.05 34.35
CA GLN D 127 27.53 -44.35 33.57
C GLN D 127 26.93 -45.68 34.00
N ASP D 128 27.79 -46.67 34.30
CA ASP D 128 27.31 -48.00 34.63
C ASP D 128 26.39 -48.01 35.84
N ILE D 129 26.56 -47.07 36.77
CA ILE D 129 25.61 -46.92 37.87
C ILE D 129 24.56 -45.85 37.58
N GLY D 130 24.53 -45.34 36.35
CA GLY D 130 23.46 -44.45 35.94
C GLY D 130 23.86 -43.04 35.58
N GLY D 131 25.15 -42.72 35.58
CA GLY D 131 25.65 -41.40 35.23
C GLY D 131 24.87 -40.25 35.85
N TRP D 132 24.62 -39.23 35.05
CA TRP D 132 23.97 -38.03 35.55
C TRP D 132 22.55 -38.27 36.07
N ALA D 133 21.91 -39.40 35.73
CA ALA D 133 20.58 -39.70 36.27
C ALA D 133 20.60 -40.19 37.70
N ASN D 134 21.78 -40.50 38.25
CA ASN D 134 21.92 -41.01 39.61
C ASN D 134 22.47 -39.90 40.49
N SER D 135 21.73 -39.52 41.53
CA SER D 135 22.15 -38.35 42.28
C SER D 135 23.50 -38.55 43.01
N GLU D 136 24.02 -39.78 43.08
CA GLU D 136 25.38 -40.00 43.58
C GLU D 136 26.41 -39.26 42.73
N ILE D 137 26.05 -38.92 41.48
CA ILE D 137 27.01 -38.30 40.57
C ILE D 137 27.41 -36.91 41.08
N VAL D 138 26.55 -36.26 41.86
CA VAL D 138 26.81 -34.87 42.23
C VAL D 138 28.08 -34.79 43.05
N ASN D 139 28.18 -35.64 44.08
CA ASN D 139 29.38 -35.70 44.93
C ASN D 139 30.60 -36.19 44.18
N TYR D 140 30.44 -37.16 43.27
CA TYR D 140 31.58 -37.64 42.50
C TYR D 140 32.12 -36.53 41.60
N TYR D 141 31.22 -35.75 40.99
CA TYR D 141 31.68 -34.65 40.15
C TYR D 141 32.34 -33.57 40.98
N PHE D 142 31.79 -33.33 42.17
CA PHE D 142 32.35 -32.33 43.08
C PHE D 142 33.79 -32.65 43.45
N ASP D 143 34.04 -33.88 43.93
CA ASP D 143 35.40 -34.22 44.32
C ASP D 143 36.37 -34.10 43.15
N TYR D 144 35.95 -34.53 41.96
CA TYR D 144 36.78 -34.33 40.78
C TYR D 144 37.01 -32.85 40.51
N ALA D 145 35.95 -32.04 40.60
CA ALA D 145 36.03 -30.61 40.29
C ALA D 145 36.94 -29.87 41.27
N MET D 146 36.87 -30.20 42.56
CA MET D 146 37.70 -29.51 43.54
C MET D 146 39.16 -29.94 43.46
N LEU D 147 39.40 -31.20 43.08
CA LEU D 147 40.77 -31.69 42.90
C LEU D 147 41.51 -30.88 41.85
N VAL D 148 40.87 -30.61 40.72
CA VAL D 148 41.56 -29.90 39.65
C VAL D 148 41.60 -28.41 39.93
N ILE D 149 40.53 -27.85 40.50
CA ILE D 149 40.59 -26.43 40.85
C ILE D 149 41.71 -26.19 41.85
N ASN D 150 41.77 -27.03 42.89
CA ASN D 150 42.75 -26.80 43.96
C ASN D 150 44.17 -26.92 43.42
N ARG D 151 44.37 -27.83 42.48
CA ARG D 151 45.71 -28.09 41.96
C ARG D 151 46.17 -27.00 41.00
N TYR D 152 45.27 -26.42 40.22
CA TYR D 152 45.71 -25.50 39.17
C TYR D 152 45.28 -24.06 39.41
N LYS D 153 44.59 -23.77 40.52
CA LYS D 153 44.11 -22.42 40.79
C LYS D 153 45.24 -21.39 40.73
N ASP D 154 46.48 -21.81 41.02
CA ASP D 154 47.62 -20.90 40.91
C ASP D 154 47.90 -20.46 39.47
N ARG D 155 47.40 -21.17 38.47
CA ARG D 155 47.75 -20.86 37.09
C ARG D 155 46.54 -20.57 36.22
N VAL D 156 45.34 -20.82 36.73
CA VAL D 156 44.13 -20.84 35.95
C VAL D 156 43.12 -20.03 36.74
N LYS D 157 42.81 -18.84 36.25
CA LYS D 157 41.85 -17.98 36.94
C LYS D 157 40.40 -18.32 36.55
N TYR D 158 40.15 -18.85 35.35
CA TYR D 158 38.80 -18.98 34.80
C TYR D 158 38.39 -20.44 34.68
N TRP D 159 37.33 -20.82 35.39
CA TRP D 159 36.80 -22.18 35.40
C TRP D 159 35.34 -22.22 34.99
N ILE D 160 35.02 -23.21 34.17
CA ILE D 160 33.68 -23.44 33.65
C ILE D 160 33.25 -24.80 34.15
N THR D 161 32.22 -24.83 35.00
CA THR D 161 31.78 -26.11 35.58
C THR D 161 31.31 -27.06 34.49
N PHE D 162 30.43 -26.58 33.59
CA PHE D 162 29.80 -27.43 32.58
C PHE D 162 29.74 -26.70 31.25
N ASN D 163 29.97 -27.43 30.17
CA ASN D 163 29.67 -26.95 28.83
C ASN D 163 28.31 -27.49 28.38
N GLU D 164 27.42 -26.58 27.97
CA GLU D 164 26.14 -26.86 27.32
C GLU D 164 25.35 -27.95 28.01
N PRO D 165 24.78 -27.69 29.19
CA PRO D 165 23.93 -28.69 29.83
C PRO D 165 22.75 -29.15 28.98
N TYR D 166 22.17 -28.28 28.15
CA TYR D 166 21.11 -28.70 27.23
C TYR D 166 21.53 -29.92 26.42
N CYS D 167 22.74 -29.89 25.85
CA CYS D 167 23.19 -31.04 25.07
C CYS D 167 23.42 -32.25 25.97
N ILE D 168 24.05 -32.04 27.13
CA ILE D 168 24.27 -33.15 28.08
C ILE D 168 22.95 -33.83 28.39
N ALA D 169 21.93 -33.06 28.72
CA ALA D 169 20.65 -33.63 29.11
C ALA D 169 19.85 -34.13 27.90
N PHE D 170 19.53 -33.24 26.96
CA PHE D 170 18.54 -33.64 25.96
C PHE D 170 19.17 -34.45 24.81
N LEU D 171 20.33 -34.05 24.30
CA LEU D 171 20.90 -34.84 23.22
C LEU D 171 21.41 -36.18 23.72
N GLY D 172 21.92 -36.22 24.95
CA GLY D 172 22.47 -37.45 25.51
C GLY D 172 21.44 -38.39 26.10
N HIS D 173 20.32 -37.85 26.60
CA HIS D 173 19.36 -38.64 27.36
C HIS D 173 17.93 -38.57 26.84
N TRP D 174 17.65 -37.70 25.87
CA TRP D 174 16.31 -37.63 25.29
C TRP D 174 16.33 -38.12 23.84
N HIS D 175 17.07 -37.44 22.98
CA HIS D 175 17.22 -37.88 21.60
C HIS D 175 18.19 -39.04 21.45
N GLY D 176 19.13 -39.21 22.39
CA GLY D 176 20.13 -40.26 22.28
C GLY D 176 21.09 -40.14 21.10
N VAL D 177 21.18 -38.97 20.46
CA VAL D 177 22.17 -38.80 19.40
C VAL D 177 23.58 -38.56 19.94
N HIS D 178 23.70 -38.28 21.25
CA HIS D 178 24.99 -38.12 21.93
C HIS D 178 25.10 -39.15 23.04
N ALA D 179 26.34 -39.47 23.42
CA ALA D 179 26.57 -40.32 24.58
C ALA D 179 25.86 -39.74 25.80
N PRO D 180 25.27 -40.58 26.65
CA PRO D 180 25.26 -42.05 26.62
C PRO D 180 24.20 -42.70 25.71
N GLY D 181 23.44 -41.94 24.91
CA GLY D 181 22.48 -42.56 24.01
C GLY D 181 21.14 -42.93 24.61
N ILE D 182 20.79 -42.37 25.74
CA ILE D 182 19.54 -42.68 26.40
C ILE D 182 18.41 -41.86 25.76
N LYS D 183 17.17 -42.36 25.83
CA LYS D 183 16.05 -41.74 25.10
C LYS D 183 14.83 -41.72 26.01
N ASP D 184 14.79 -40.76 26.93
CA ASP D 184 13.62 -40.60 27.78
C ASP D 184 13.62 -39.19 28.36
N PHE D 185 12.55 -38.44 28.07
CA PHE D 185 12.51 -37.02 28.42
C PHE D 185 12.54 -36.80 29.92
N LYS D 186 11.91 -37.69 30.68
CA LYS D 186 11.89 -37.52 32.12
C LYS D 186 13.27 -37.78 32.72
N VAL D 187 14.04 -38.71 32.15
CA VAL D 187 15.41 -38.87 32.60
C VAL D 187 16.19 -37.60 32.34
N ALA D 188 16.07 -37.07 31.12
CA ALA D 188 16.79 -35.85 30.75
C ALA D 188 16.54 -34.71 31.74
N ILE D 189 15.31 -34.58 32.26
CA ILE D 189 15.05 -33.52 33.23
C ILE D 189 15.76 -33.81 34.54
N ASP D 190 15.78 -35.08 34.97
CA ASP D 190 16.58 -35.46 36.14
C ASP D 190 18.03 -35.05 35.97
N VAL D 191 18.60 -35.35 34.80
CA VAL D 191 19.97 -34.98 34.49
C VAL D 191 20.18 -33.48 34.60
N VAL D 192 19.25 -32.69 34.02
CA VAL D 192 19.33 -31.23 34.13
C VAL D 192 19.51 -30.83 35.57
N HIS D 193 18.68 -31.40 36.45
CA HIS D 193 18.66 -31.01 37.85
C HIS D 193 19.93 -31.44 38.58
N ASN D 194 20.48 -32.61 38.24
CA ASN D 194 21.73 -33.01 38.87
C ASN D 194 22.89 -32.15 38.40
N ILE D 195 22.86 -31.66 37.16
CA ILE D 195 23.91 -30.75 36.70
C ILE D 195 23.82 -29.44 37.46
N MET D 196 22.61 -28.93 37.64
CA MET D 196 22.40 -27.69 38.38
C MET D 196 22.94 -27.81 39.79
N LEU D 197 22.74 -28.97 40.42
CA LEU D 197 23.20 -29.14 41.79
C LEU D 197 24.70 -29.32 41.87
N SER D 198 25.28 -30.01 40.88
CA SER D 198 26.72 -30.15 40.82
C SER D 198 27.38 -28.80 40.60
N HIS D 199 26.76 -27.96 39.77
CA HIS D 199 27.31 -26.63 39.52
C HIS D 199 27.24 -25.78 40.77
N PHE D 200 26.08 -25.73 41.43
CA PHE D 200 25.96 -24.95 42.65
C PHE D 200 26.95 -25.42 43.71
N LYS D 201 27.23 -26.73 43.77
CA LYS D 201 28.10 -27.21 44.84
C LYS D 201 29.52 -26.70 44.67
N VAL D 202 29.99 -26.55 43.42
CA VAL D 202 31.35 -26.08 43.19
C VAL D 202 31.45 -24.57 43.41
N VAL D 203 30.47 -23.80 42.92
CA VAL D 203 30.47 -22.36 43.14
C VAL D 203 30.47 -22.06 44.63
N LYS D 204 29.65 -22.81 45.39
CA LYS D 204 29.60 -22.64 46.85
C LYS D 204 30.95 -22.90 47.51
N ALA D 205 31.68 -23.93 47.08
CA ALA D 205 32.95 -24.25 47.73
C ALA D 205 34.03 -23.25 47.37
N VAL D 206 34.10 -22.88 46.09
CA VAL D 206 35.02 -21.84 45.67
C VAL D 206 34.82 -20.58 46.51
N LYS D 207 33.55 -20.19 46.70
CA LYS D 207 33.27 -18.99 47.49
C LYS D 207 33.52 -19.21 48.98
N GLU D 208 33.37 -20.43 49.48
CA GLU D 208 33.45 -20.61 50.92
C GLU D 208 34.85 -20.90 51.40
N ASN D 209 35.68 -21.53 50.57
CA ASN D 209 37.09 -21.68 50.89
C ASN D 209 37.94 -20.48 50.47
N ASN D 210 37.30 -19.44 49.92
CA ASN D 210 38.01 -18.22 49.53
C ASN D 210 39.04 -18.52 48.45
N ILE D 211 38.68 -19.36 47.48
CA ILE D 211 39.57 -19.66 46.38
C ILE D 211 39.47 -18.52 45.37
N ASP D 212 40.61 -17.95 45.01
CA ASP D 212 40.63 -16.77 44.13
C ASP D 212 40.64 -17.24 42.68
N VAL D 213 39.47 -17.68 42.21
CA VAL D 213 39.25 -17.93 40.80
C VAL D 213 37.88 -17.35 40.44
N GLU D 214 37.63 -17.22 39.13
CA GLU D 214 36.30 -16.95 38.60
C GLU D 214 35.70 -18.28 38.17
N VAL D 215 34.55 -18.62 38.73
CA VAL D 215 33.86 -19.84 38.32
C VAL D 215 32.55 -19.45 37.62
N GLY D 216 32.33 -20.04 36.45
CA GLY D 216 31.14 -19.81 35.66
C GLY D 216 30.62 -21.09 35.01
N ILE D 217 29.64 -20.93 34.11
CA ILE D 217 29.05 -22.04 33.37
C ILE D 217 28.74 -21.56 31.96
N THR D 218 28.87 -22.46 30.99
CA THR D 218 28.64 -22.16 29.58
C THR D 218 27.33 -22.78 29.12
N LEU D 219 26.48 -21.97 28.47
CA LEU D 219 25.19 -22.41 27.93
C LEU D 219 25.13 -22.07 26.44
N ASN D 220 24.73 -23.04 25.63
CA ASN D 220 24.37 -22.72 24.26
C ASN D 220 22.98 -22.09 24.30
N LEU D 221 22.86 -20.93 23.67
CA LEU D 221 21.64 -20.16 23.68
C LEU D 221 21.22 -19.95 22.24
N THR D 222 19.92 -19.95 22.01
CA THR D 222 19.38 -19.84 20.66
C THR D 222 18.25 -18.84 20.72
N PRO D 223 18.46 -17.62 20.24
CA PRO D 223 17.35 -16.66 20.17
C PRO D 223 16.30 -17.19 19.20
N VAL D 224 15.04 -17.07 19.58
CA VAL D 224 13.91 -17.64 18.85
C VAL D 224 13.07 -16.50 18.30
N TYR D 225 12.75 -16.57 17.01
CA TYR D 225 11.94 -15.59 16.29
C TYR D 225 10.70 -16.27 15.76
N LEU D 226 9.64 -15.48 15.57
CA LEU D 226 8.34 -16.00 15.13
C LEU D 226 8.24 -15.89 13.62
N GLN D 227 7.99 -17.02 12.97
CA GLN D 227 7.70 -16.96 11.55
C GLN D 227 6.51 -16.03 11.29
N THR D 228 5.48 -16.08 12.16
CA THR D 228 4.31 -15.24 11.97
C THR D 228 4.67 -13.75 11.85
N GLU D 229 5.64 -13.28 12.64
CA GLU D 229 6.04 -11.88 12.54
C GLU D 229 6.87 -11.60 11.30
N ARG D 230 7.74 -12.53 10.88
CA ARG D 230 8.40 -12.43 9.58
C ARG D 230 7.40 -12.26 8.45
N LEU D 231 6.29 -13.01 8.48
CA LEU D 231 5.26 -12.90 7.47
C LEU D 231 4.40 -11.63 7.62
N GLY D 232 4.50 -10.94 8.75
CA GLY D 232 3.66 -9.78 8.95
C GLY D 232 2.24 -10.10 9.35
N TYR D 233 1.92 -11.35 9.66
CA TYR D 233 0.58 -11.69 10.10
C TYR D 233 0.37 -11.19 11.53
N LYS D 234 -0.85 -11.38 12.06
CA LYS D 234 -1.14 -11.06 13.44
C LYS D 234 -0.92 -12.31 14.30
N VAL D 235 -0.15 -12.17 15.36
CA VAL D 235 0.24 -13.31 16.19
C VAL D 235 -0.88 -13.61 17.18
N SER D 236 -1.40 -14.83 17.13
CA SER D 236 -2.38 -15.22 18.12
C SER D 236 -1.70 -15.42 19.47
N GLU D 237 -2.50 -15.28 20.53
CA GLU D 237 -1.97 -15.45 21.89
C GLU D 237 -1.49 -16.88 22.14
N ILE D 238 -2.21 -17.88 21.64
CA ILE D 238 -1.79 -19.27 21.85
C ILE D 238 -0.47 -19.52 21.15
N GLU D 239 -0.21 -18.84 20.03
CA GLU D 239 1.07 -18.99 19.35
C GLU D 239 2.21 -18.37 20.18
N ARG D 240 2.05 -17.11 20.59
CA ARG D 240 3.09 -16.48 21.39
C ARG D 240 3.39 -17.28 22.65
N GLU D 241 2.34 -17.78 23.32
CA GLU D 241 2.57 -18.56 24.54
C GLU D 241 3.26 -19.89 24.23
N MET D 242 2.89 -20.55 23.12
CA MET D 242 3.46 -21.86 22.81
C MET D 242 4.89 -21.76 22.32
N VAL D 243 5.18 -20.82 21.43
CA VAL D 243 6.56 -20.58 21.03
C VAL D 243 7.40 -20.17 22.23
N ASN D 244 6.85 -19.31 23.11
CA ASN D 244 7.59 -18.89 24.31
C ASN D 244 7.97 -20.08 25.16
N LEU D 245 7.04 -21.02 25.33
CA LEU D 245 7.36 -22.22 26.09
C LEU D 245 8.51 -22.97 25.44
N SER D 246 8.49 -23.06 24.11
CA SER D 246 9.47 -23.89 23.43
C SER D 246 10.85 -23.28 23.53
N SER D 247 10.93 -21.96 23.56
CA SER D 247 12.22 -21.33 23.73
C SER D 247 12.67 -21.37 25.18
N GLN D 248 11.75 -21.57 26.11
CA GLN D 248 12.16 -21.75 27.50
C GLN D 248 12.92 -23.06 27.70
N LEU D 249 12.56 -24.10 26.95
CA LEU D 249 13.31 -25.35 27.06
C LEU D 249 14.76 -25.19 26.64
N ASP D 250 15.04 -24.28 25.70
CA ASP D 250 16.39 -24.00 25.22
C ASP D 250 17.18 -23.10 26.17
N ASN D 251 16.58 -21.98 26.60
CA ASN D 251 17.34 -20.91 27.22
C ASN D 251 16.99 -20.75 28.70
N GLU D 252 15.78 -20.29 29.04
CA GLU D 252 15.41 -20.02 30.43
C GLU D 252 15.55 -21.24 31.31
N LEU D 253 15.33 -22.46 30.76
CA LEU D 253 15.42 -23.66 31.59
C LEU D 253 16.75 -23.71 32.29
N PHE D 254 17.79 -23.14 31.68
CA PHE D 254 19.13 -23.15 32.22
C PHE D 254 19.61 -21.79 32.72
N LEU D 255 19.30 -20.71 32.01
CA LEU D 255 19.60 -19.37 32.51
C LEU D 255 18.94 -19.11 33.85
N ASP D 256 17.65 -19.49 34.01
CA ASP D 256 16.92 -19.09 35.22
C ASP D 256 17.49 -19.71 36.49
N PRO D 257 17.75 -21.02 36.55
CA PRO D 257 18.36 -21.55 37.79
C PRO D 257 19.75 -21.00 38.04
N VAL D 258 20.53 -20.78 36.98
CA VAL D 258 21.91 -20.33 37.11
C VAL D 258 21.98 -18.84 37.52
N LEU D 259 21.11 -17.99 36.98
CA LEU D 259 21.23 -16.57 37.29
C LEU D 259 20.19 -16.06 38.28
N LYS D 260 19.06 -16.76 38.43
CA LYS D 260 17.98 -16.22 39.25
C LYS D 260 17.55 -17.13 40.40
N GLY D 261 17.88 -18.42 40.36
CA GLY D 261 17.59 -19.31 41.46
C GLY D 261 16.26 -20.01 41.42
N ASN D 262 15.71 -20.24 40.22
CA ASN D 262 14.45 -20.97 40.04
C ASN D 262 14.36 -21.45 38.59
N TYR D 263 13.66 -22.57 38.37
CA TYR D 263 13.32 -22.98 37.02
C TYR D 263 12.11 -22.21 36.51
N PRO D 264 12.00 -21.99 35.20
CA PRO D 264 10.87 -21.18 34.68
C PRO D 264 9.52 -21.84 34.97
N GLN D 265 8.64 -21.08 35.60
CA GLN D 265 7.40 -21.63 36.12
C GLN D 265 6.42 -21.99 35.01
N LYS D 266 6.33 -21.17 33.97
CA LYS D 266 5.43 -21.49 32.87
C LYS D 266 5.83 -22.79 32.22
N LEU D 267 7.13 -22.98 31.97
CA LEU D 267 7.59 -24.24 31.41
C LEU D 267 7.23 -25.40 32.32
N PHE D 268 7.51 -25.26 33.62
CA PHE D 268 7.23 -26.36 34.53
C PHE D 268 5.73 -26.64 34.63
N ASP D 269 4.90 -25.59 34.66
CA ASP D 269 3.46 -25.80 34.68
C ASP D 269 2.99 -26.59 33.48
N TYR D 270 3.51 -26.25 32.30
CA TYR D 270 3.10 -26.96 31.09
C TYR D 270 3.59 -28.39 31.08
N LEU D 271 4.81 -28.64 31.57
CA LEU D 271 5.37 -29.99 31.52
C LEU D 271 4.62 -30.94 32.43
N VAL D 272 4.10 -30.43 33.56
CA VAL D 272 3.36 -31.29 34.47
C VAL D 272 1.97 -31.60 33.90
N GLN D 273 1.26 -30.57 33.41
CA GLN D 273 -0.04 -30.77 32.75
C GLN D 273 0.03 -31.79 31.63
N LYS D 274 1.16 -31.92 30.94
CA LYS D 274 1.28 -32.91 29.86
C LYS D 274 1.87 -34.23 30.33
N ASP D 275 1.99 -34.44 31.64
CA ASP D 275 2.65 -35.60 32.25
C ASP D 275 4.02 -35.89 31.65
N LEU D 276 4.74 -34.83 31.28
CA LEU D 276 6.15 -34.92 30.92
C LEU D 276 7.06 -34.71 32.12
N LEU D 277 6.48 -34.40 33.28
CA LEU D 277 7.20 -34.13 34.51
C LEU D 277 6.28 -34.47 35.66
N GLU D 278 6.72 -35.34 36.57
CA GLU D 278 5.91 -35.63 37.74
C GLU D 278 5.78 -34.39 38.59
N ALA D 279 4.56 -34.13 39.08
CA ALA D 279 4.33 -32.91 39.84
C ALA D 279 5.19 -32.84 41.09
N GLN D 280 5.39 -33.99 41.75
CA GLN D 280 6.21 -33.98 42.96
C GLN D 280 7.64 -33.62 42.64
N LYS D 281 8.17 -34.12 41.53
CA LYS D 281 9.53 -33.80 41.13
C LYS D 281 9.66 -32.30 40.84
N ALA D 282 8.64 -31.69 40.25
CA ALA D 282 8.70 -30.26 39.94
C ALA D 282 8.77 -29.42 41.21
N LEU D 283 7.99 -29.79 42.22
CA LEU D 283 8.03 -29.05 43.48
C LEU D 283 9.39 -29.19 44.16
N SER D 284 9.92 -30.41 44.20
CA SER D 284 11.18 -30.64 44.89
C SER D 284 12.32 -29.98 44.13
N MET D 285 12.31 -30.03 42.79
CA MET D 285 13.35 -29.34 42.04
C MET D 285 13.36 -27.86 42.32
N GLN D 286 12.18 -27.22 42.34
CA GLN D 286 12.13 -25.79 42.62
C GLN D 286 12.66 -25.51 44.01
N GLN D 287 12.36 -26.39 44.97
CA GLN D 287 12.80 -26.20 46.33
C GLN D 287 14.32 -26.39 46.46
N GLU D 288 14.87 -27.40 45.79
CA GLU D 288 16.32 -27.67 45.85
C GLU D 288 17.13 -26.58 45.18
N VAL D 289 16.65 -26.05 44.05
CA VAL D 289 17.40 -25.01 43.37
C VAL D 289 17.37 -23.72 44.16
N LYS D 290 16.25 -23.41 44.81
CA LYS D 290 16.20 -22.20 45.62
C LYS D 290 17.12 -22.31 46.84
N GLU D 291 17.28 -23.52 47.37
CA GLU D 291 18.07 -23.70 48.58
C GLU D 291 19.56 -23.64 48.28
N ASN D 292 19.98 -24.17 47.12
CA ASN D 292 21.39 -24.32 46.82
C ASN D 292 21.90 -23.27 45.85
N PHE D 293 21.01 -22.39 45.38
CA PHE D 293 21.37 -21.40 44.37
C PHE D 293 22.49 -20.50 44.89
N ILE D 294 23.48 -20.28 44.04
CA ILE D 294 24.52 -19.28 44.29
C ILE D 294 24.94 -18.66 42.96
N PHE D 295 24.98 -17.34 42.92
CA PHE D 295 25.29 -16.60 41.71
C PHE D 295 26.72 -16.88 41.26
N PRO D 296 26.95 -17.11 39.98
CA PRO D 296 28.32 -17.40 39.49
C PRO D 296 29.09 -16.12 39.21
N ASP D 297 30.36 -16.26 38.80
CA ASP D 297 31.20 -15.10 38.56
C ASP D 297 31.12 -14.59 37.14
N PHE D 298 30.79 -15.47 36.19
CA PHE D 298 30.58 -15.06 34.82
C PHE D 298 29.68 -16.08 34.19
N LEU D 299 29.11 -15.70 33.05
CA LEU D 299 28.29 -16.55 32.20
C LEU D 299 29.01 -16.73 30.88
N GLY D 300 29.16 -17.98 30.45
CA GLY D 300 29.66 -18.29 29.13
C GLY D 300 28.51 -18.60 28.20
N ILE D 301 28.54 -17.99 27.02
CA ILE D 301 27.50 -18.17 26.03
C ILE D 301 28.13 -18.79 24.80
N ASN D 302 27.54 -19.89 24.31
CA ASN D 302 27.85 -20.44 23.00
C ASN D 302 26.75 -20.01 22.04
N TYR D 303 27.11 -19.27 21.01
CA TYR D 303 26.15 -18.83 20.01
C TYR D 303 26.60 -19.28 18.63
N TYR D 304 25.67 -19.87 17.88
CA TYR D 304 25.93 -20.21 16.49
C TYR D 304 24.87 -19.67 15.55
N THR D 305 23.62 -19.61 16.00
CA THR D 305 22.51 -19.36 15.07
C THR D 305 21.20 -19.15 15.82
N ARG D 306 20.15 -18.81 15.10
CA ARG D 306 18.84 -18.58 15.71
C ARG D 306 17.89 -19.72 15.34
N ALA D 307 16.67 -19.62 15.86
CA ALA D 307 15.57 -20.46 15.43
C ALA D 307 14.35 -19.59 15.13
N VAL D 308 13.69 -19.91 14.03
CA VAL D 308 12.42 -19.34 13.60
C VAL D 308 11.36 -20.44 13.76
N ARG D 309 10.31 -20.17 14.52
CA ARG D 309 9.30 -21.16 14.87
C ARG D 309 7.88 -20.64 14.64
N LEU D 310 6.92 -21.55 14.65
CA LEU D 310 5.51 -21.18 14.55
C LEU D 310 4.66 -22.25 15.21
N TYR D 311 3.47 -21.83 15.64
CA TYR D 311 2.52 -22.72 16.30
C TYR D 311 1.92 -23.70 15.32
N ASP D 312 1.88 -24.98 15.68
CA ASP D 312 1.22 -26.00 14.87
C ASP D 312 0.61 -27.03 15.79
N GLU D 313 -0.72 -27.16 15.73
CA GLU D 313 -1.42 -28.14 16.55
C GLU D 313 -0.94 -29.56 16.29
N ASN D 314 -0.47 -29.83 15.08
CA ASN D 314 -0.22 -31.21 14.67
C ASN D 314 1.18 -31.73 15.03
N SER D 315 2.10 -30.84 15.41
CA SER D 315 3.50 -31.18 15.59
C SER D 315 3.70 -32.41 16.47
N SER D 316 4.80 -33.12 16.22
CA SER D 316 5.22 -34.24 17.03
C SER D 316 6.21 -33.86 18.12
N TRP D 317 6.73 -32.64 18.12
CA TRP D 317 7.52 -32.12 19.21
C TRP D 317 6.70 -32.17 20.50
N ILE D 318 7.36 -31.98 21.64
CA ILE D 318 6.62 -31.97 22.91
C ILE D 318 5.86 -30.68 23.09
N PHE D 319 6.13 -29.72 22.28
CA PHE D 319 5.39 -28.50 22.14
C PHE D 319 4.76 -28.44 20.76
N PRO D 320 3.58 -27.87 20.63
CA PRO D 320 2.94 -27.75 19.32
C PRO D 320 3.60 -26.71 18.42
N ILE D 321 4.85 -26.95 18.01
CA ILE D 321 5.57 -25.96 17.22
C ILE D 321 6.32 -26.64 16.07
N ARG D 322 6.63 -25.83 15.07
CA ARG D 322 7.37 -26.23 13.89
C ARG D 322 8.50 -25.23 13.67
N TRP D 323 9.55 -25.70 13.00
CA TRP D 323 10.67 -24.86 12.59
C TRP D 323 10.50 -24.41 11.15
N GLU D 324 11.08 -23.27 10.82
CA GLU D 324 11.07 -22.75 9.47
C GLU D 324 12.50 -22.38 9.11
N HIS D 325 12.75 -22.23 7.82
CA HIS D 325 14.10 -21.93 7.36
C HIS D 325 14.06 -20.67 6.52
N PRO D 326 14.38 -19.52 7.09
CA PRO D 326 14.42 -18.30 6.28
C PRO D 326 15.47 -18.43 5.18
N ALA D 327 15.24 -17.72 4.08
CA ALA D 327 16.28 -17.58 3.08
C ALA D 327 17.53 -16.96 3.71
N GLY D 328 18.69 -17.27 3.14
CA GLY D 328 19.94 -16.70 3.58
C GLY D 328 21.11 -17.65 3.35
N GLU D 329 22.24 -17.26 3.95
CA GLU D 329 23.44 -18.09 3.96
C GLU D 329 23.37 -19.11 5.08
N TYR D 330 23.82 -20.33 4.78
CA TYR D 330 23.85 -21.43 5.72
C TYR D 330 25.22 -22.10 5.66
N THR D 331 25.62 -22.71 6.77
CA THR D 331 26.93 -23.35 6.89
C THR D 331 26.78 -24.84 6.62
N GLU D 332 27.90 -25.58 6.71
CA GLU D 332 27.83 -27.02 6.50
C GLU D 332 26.99 -27.72 7.54
N MET D 333 26.68 -27.07 8.67
CA MET D 333 25.84 -27.70 9.69
C MET D 333 24.35 -27.57 9.40
N GLY D 334 23.98 -26.82 8.37
CA GLY D 334 22.59 -26.46 8.20
C GLY D 334 22.15 -25.30 9.04
N TRP D 335 23.10 -24.50 9.54
CA TRP D 335 22.82 -23.40 10.44
C TRP D 335 22.75 -22.08 9.67
N GLU D 336 21.67 -21.33 9.90
CA GLU D 336 21.53 -20.01 9.28
C GLU D 336 22.63 -19.11 9.80
N VAL D 337 23.27 -18.37 8.90
CA VAL D 337 24.24 -17.36 9.30
C VAL D 337 23.47 -16.11 9.67
N PHE D 338 23.40 -15.80 10.96
CA PHE D 338 22.54 -14.74 11.46
C PHE D 338 23.26 -13.97 12.56
N PRO D 339 24.20 -13.10 12.18
CA PRO D 339 24.97 -12.39 13.22
C PRO D 339 24.13 -11.45 14.06
N GLN D 340 23.07 -10.88 13.50
CA GLN D 340 22.21 -10.03 14.31
C GLN D 340 21.64 -10.79 15.50
N GLY D 341 21.53 -12.12 15.39
CA GLY D 341 21.06 -12.92 16.51
C GLY D 341 21.97 -12.89 17.71
N LEU D 342 23.28 -12.65 17.51
CA LEU D 342 24.19 -12.53 18.65
C LEU D 342 23.94 -11.23 19.42
N PHE D 343 23.77 -10.13 18.69
CA PHE D 343 23.43 -8.86 19.32
C PHE D 343 22.10 -8.95 20.07
N ASP D 344 21.03 -9.43 19.39
CA ASP D 344 19.72 -9.54 20.02
C ASP D 344 19.78 -10.37 21.30
N LEU D 345 20.54 -11.45 21.27
CA LEU D 345 20.64 -12.32 22.44
C LEU D 345 21.34 -11.59 23.60
N LEU D 346 22.46 -10.94 23.31
CA LEU D 346 23.22 -10.23 24.33
C LEU D 346 22.37 -9.12 24.97
N MET D 347 21.67 -8.34 24.13
CA MET D 347 20.77 -7.31 24.64
C MET D 347 19.69 -7.93 25.52
N TRP D 348 19.22 -9.12 25.13
CA TRP D 348 18.12 -9.75 25.85
C TRP D 348 18.57 -10.29 27.21
N ILE D 349 19.82 -10.78 27.31
CA ILE D 349 20.37 -11.18 28.60
C ILE D 349 20.59 -9.96 29.48
N LYS D 350 21.16 -8.89 28.91
CA LYS D 350 21.39 -7.66 29.66
C LYS D 350 20.10 -7.09 30.25
N GLU D 351 18.98 -7.29 29.60
CA GLU D 351 17.75 -6.66 30.05
C GLU D 351 16.88 -7.59 30.88
N ASN D 352 17.23 -8.87 30.99
CA ASN D 352 16.34 -9.79 31.67
C ASN D 352 17.01 -10.57 32.79
N TYR D 353 18.30 -10.41 32.98
CA TYR D 353 19.00 -11.13 34.03
C TYR D 353 19.82 -10.15 34.83
N PRO D 354 20.14 -10.49 36.09
CA PRO D 354 21.07 -9.67 36.88
C PRO D 354 22.38 -9.44 36.15
N GLN D 355 23.00 -8.28 36.42
CA GLN D 355 24.31 -7.97 35.85
C GLN D 355 25.28 -9.13 36.05
N ILE D 356 26.00 -9.48 35.00
CA ILE D 356 27.04 -10.49 35.14
C ILE D 356 27.99 -10.36 33.96
N PRO D 357 29.29 -10.47 34.16
CA PRO D 357 30.20 -10.49 33.02
C PRO D 357 29.85 -11.67 32.12
N ILE D 358 29.97 -11.47 30.82
CA ILE D 358 29.64 -12.45 29.80
C ILE D 358 30.85 -12.69 28.91
N TYR D 359 31.12 -13.95 28.61
CA TYR D 359 32.13 -14.34 27.65
C TYR D 359 31.45 -15.13 26.55
N ILE D 360 31.74 -14.80 25.29
CA ILE D 360 31.37 -15.71 24.22
C ILE D 360 32.41 -16.82 24.20
N THR D 361 32.07 -17.95 24.82
CA THR D 361 32.97 -19.10 24.93
C THR D 361 32.97 -20.00 23.70
N GLU D 362 32.05 -19.80 22.74
CA GLU D 362 32.08 -20.53 21.47
C GLU D 362 31.31 -19.74 20.42
N ASN D 363 31.93 -19.57 19.25
CA ASN D 363 31.26 -19.06 18.05
C ASN D 363 32.16 -19.38 16.87
N GLY D 364 31.58 -19.91 15.79
CA GLY D 364 32.38 -20.28 14.64
C GLY D 364 31.50 -20.97 13.62
N ALA D 365 32.12 -21.37 12.52
CA ALA D 365 31.35 -21.83 11.38
C ALA D 365 32.08 -22.96 10.66
N ALA D 366 31.29 -23.92 10.18
CA ALA D 366 31.79 -25.09 9.47
C ALA D 366 31.62 -24.89 7.97
N TYR D 367 32.75 -24.86 7.25
CA TYR D 367 32.72 -24.83 5.80
C TYR D 367 33.61 -25.95 5.29
N ASN D 368 33.37 -26.37 4.04
CA ASN D 368 34.03 -27.56 3.51
C ASN D 368 35.36 -27.16 2.87
N ASP D 369 36.36 -26.97 3.72
CA ASP D 369 37.65 -26.43 3.29
C ASP D 369 38.43 -27.46 2.46
N ILE D 370 39.15 -26.95 1.45
CA ILE D 370 40.07 -27.76 0.66
C ILE D 370 41.42 -27.06 0.66
N VAL D 371 42.48 -27.83 0.94
CA VAL D 371 43.83 -27.30 0.78
C VAL D 371 44.11 -27.11 -0.70
N THR D 372 44.67 -25.96 -1.06
CA THR D 372 45.01 -25.71 -2.45
C THR D 372 46.31 -26.40 -2.81
N GLU D 373 46.54 -26.51 -4.13
CA GLU D 373 47.75 -27.09 -4.68
C GLU D 373 49.00 -26.56 -3.98
N ASP D 374 49.01 -25.27 -3.62
CA ASP D 374 50.18 -24.66 -2.96
C ASP D 374 50.03 -24.59 -1.45
N GLY D 375 49.25 -25.48 -0.85
CA GLY D 375 49.26 -25.63 0.59
C GLY D 375 48.48 -24.62 1.39
N LYS D 376 47.65 -23.80 0.77
CA LYS D 376 46.88 -22.79 1.49
C LYS D 376 45.39 -23.14 1.49
N VAL D 377 44.65 -22.52 2.42
CA VAL D 377 43.23 -22.77 2.60
C VAL D 377 42.51 -21.42 2.65
N HIS D 378 41.76 -21.10 1.60
CA HIS D 378 41.13 -19.79 1.47
C HIS D 378 39.68 -19.88 1.90
N ASP D 379 39.51 -19.94 3.22
CA ASP D 379 38.19 -20.05 3.84
C ASP D 379 37.59 -18.65 4.03
N SER D 380 37.31 -17.99 2.90
CA SER D 380 36.81 -16.64 2.98
C SER D 380 35.39 -16.56 3.53
N LYS D 381 34.59 -17.63 3.38
CA LYS D 381 33.27 -17.62 4.01
C LYS D 381 33.41 -17.66 5.53
N ARG D 382 34.37 -18.43 6.05
CA ARG D 382 34.61 -18.41 7.49
C ARG D 382 35.05 -17.02 7.95
N ILE D 383 35.86 -16.34 7.14
CA ILE D 383 36.27 -14.98 7.50
C ILE D 383 35.05 -14.06 7.58
N GLU D 384 34.22 -14.06 6.54
CA GLU D 384 33.03 -13.21 6.58
C GLU D 384 32.15 -13.53 7.78
N TYR D 385 31.96 -14.83 8.09
CA TYR D 385 31.21 -15.21 9.28
C TYR D 385 31.77 -14.57 10.55
N LEU D 386 33.08 -14.72 10.77
CA LEU D 386 33.70 -14.17 11.95
C LEU D 386 33.64 -12.64 11.96
N LYS D 387 34.00 -12.01 10.84
CA LYS D 387 33.99 -10.55 10.77
C LYS D 387 32.62 -10.00 11.16
N GLN D 388 31.54 -10.67 10.72
CA GLN D 388 30.21 -10.12 10.98
C GLN D 388 29.79 -10.32 12.42
N HIS D 389 30.23 -11.42 13.05
CA HIS D 389 29.85 -11.61 14.44
C HIS D 389 30.70 -10.78 15.39
N PHE D 390 32.00 -10.63 15.08
CA PHE D 390 32.84 -9.67 15.79
C PHE D 390 32.18 -8.28 15.78
N ASP D 391 31.62 -7.89 14.64
CA ASP D 391 30.96 -6.59 14.55
C ASP D 391 29.76 -6.52 15.48
N GLN D 392 28.94 -7.57 15.50
CA GLN D 392 27.82 -7.58 16.42
C GLN D 392 28.28 -7.60 17.88
N ALA D 393 29.39 -8.30 18.18
CA ALA D 393 29.91 -8.23 19.53
C ALA D 393 30.32 -6.81 19.87
N ARG D 394 31.00 -6.14 18.94
CA ARG D 394 31.39 -4.75 19.17
C ARG D 394 30.16 -3.89 19.40
N LYS D 395 29.09 -4.13 18.62
CA LYS D 395 27.86 -3.37 18.79
C LYS D 395 27.20 -3.62 20.14
N ALA D 396 27.24 -4.86 20.64
CA ALA D 396 26.73 -5.12 21.99
C ALA D 396 27.50 -4.33 23.04
N ILE D 397 28.82 -4.27 22.91
CA ILE D 397 29.62 -3.57 23.90
C ILE D 397 29.28 -2.08 23.87
N GLU D 398 29.09 -1.54 22.67
CA GLU D 398 28.59 -0.18 22.50
C GLU D 398 27.32 0.09 23.31
N ASN D 399 26.42 -0.90 23.39
CA ASN D 399 25.12 -0.75 24.00
C ASN D 399 25.08 -1.25 25.44
N GLY D 400 26.22 -1.47 26.06
CA GLY D 400 26.25 -1.69 27.48
C GLY D 400 26.37 -3.12 27.94
N VAL D 401 26.43 -4.10 27.02
CA VAL D 401 26.61 -5.49 27.43
C VAL D 401 28.02 -5.66 27.94
N ASP D 402 28.16 -6.29 29.12
CA ASP D 402 29.47 -6.42 29.76
C ASP D 402 30.19 -7.66 29.21
N LEU D 403 30.60 -7.52 27.96
CA LEU D 403 31.25 -8.61 27.24
C LEU D 403 32.75 -8.54 27.49
N ARG D 404 33.33 -9.63 27.98
CA ARG D 404 34.71 -9.60 28.42
C ARG D 404 35.63 -10.56 27.68
N GLY D 405 35.11 -11.32 26.72
CA GLY D 405 35.93 -12.26 25.97
C GLY D 405 35.16 -12.85 24.82
N TYR D 406 35.89 -13.47 23.89
CA TYR D 406 35.30 -14.02 22.67
C TYR D 406 36.19 -15.16 22.20
N PHE D 407 35.69 -16.39 22.24
CA PHE D 407 36.51 -17.55 21.88
C PHE D 407 35.94 -18.13 20.59
N VAL D 408 36.75 -18.15 19.54
CA VAL D 408 36.36 -18.80 18.30
C VAL D 408 36.33 -20.32 18.50
N TRP D 409 35.21 -20.94 18.17
CA TRP D 409 35.22 -22.37 17.93
C TRP D 409 35.50 -22.56 16.45
N SER D 410 36.60 -23.23 16.12
CA SER D 410 37.57 -23.84 17.02
C SER D 410 39.01 -23.51 16.57
N LEU D 411 39.94 -23.68 17.51
CA LEU D 411 41.36 -23.47 17.19
C LEU D 411 41.80 -24.32 16.01
N MET D 412 41.35 -25.59 15.97
CA MET D 412 41.71 -26.51 14.90
C MET D 412 40.50 -27.36 14.53
N ASP D 413 40.51 -27.89 13.30
CA ASP D 413 39.50 -28.89 12.92
C ASP D 413 39.56 -30.06 13.89
N ASN D 414 38.43 -30.74 14.09
CA ASN D 414 38.40 -31.79 15.11
C ASN D 414 37.18 -32.69 14.91
N LEU D 415 37.00 -33.63 15.84
CA LEU D 415 35.87 -34.55 15.80
C LEU D 415 34.61 -33.83 16.29
N GLU D 416 33.72 -33.51 15.35
CA GLU D 416 32.44 -32.87 15.66
C GLU D 416 31.40 -33.90 16.10
N TRP D 417 31.71 -34.58 17.20
CA TRP D 417 30.77 -35.48 17.89
C TRP D 417 30.13 -36.39 16.83
N ALA D 418 28.80 -36.52 16.80
CA ALA D 418 28.14 -37.49 15.92
C ALA D 418 28.38 -37.21 14.43
N MET D 419 28.77 -35.98 14.06
CA MET D 419 29.12 -35.64 12.68
C MET D 419 30.49 -36.18 12.25
N GLY D 420 31.27 -36.75 13.16
CA GLY D 420 32.62 -37.20 12.76
C GLY D 420 33.52 -36.01 12.44
N TYR D 421 34.55 -36.27 11.60
CA TYR D 421 35.49 -35.28 11.09
C TYR D 421 34.98 -34.60 9.83
N THR D 422 33.73 -34.86 9.47
CA THR D 422 33.11 -34.29 8.28
C THR D 422 32.82 -32.79 8.39
N LYS D 423 32.83 -32.21 9.59
CA LYS D 423 32.61 -30.77 9.81
C LYS D 423 33.88 -30.15 10.36
N ARG D 424 34.43 -29.18 9.63
CA ARG D 424 35.66 -28.48 9.98
C ARG D 424 35.29 -27.08 10.44
N PHE D 425 35.52 -26.80 11.73
CA PHE D 425 35.29 -25.51 12.36
C PHE D 425 36.56 -24.72 12.61
N GLY D 426 37.72 -25.29 12.30
CA GLY D 426 38.97 -24.74 12.76
C GLY D 426 39.40 -23.53 11.96
N ILE D 427 40.18 -22.67 12.61
CA ILE D 427 40.96 -21.69 11.87
C ILE D 427 42.30 -22.28 11.48
N ILE D 428 42.65 -23.46 12.01
CA ILE D 428 43.78 -24.27 11.57
C ILE D 428 43.23 -25.57 10.99
N TYR D 429 43.62 -25.87 9.75
CA TYR D 429 43.27 -27.12 9.08
C TYR D 429 44.15 -28.25 9.59
N VAL D 430 43.54 -29.39 9.91
CA VAL D 430 44.24 -30.57 10.40
C VAL D 430 44.08 -31.69 9.37
N ASP D 431 45.18 -32.08 8.72
CA ASP D 431 45.21 -33.23 7.80
C ASP D 431 45.28 -34.50 8.65
N TYR D 432 44.16 -35.23 8.78
CA TYR D 432 44.14 -36.35 9.72
C TYR D 432 45.04 -37.50 9.30
N GLU D 433 45.47 -37.55 8.04
CA GLU D 433 46.41 -38.58 7.61
C GLU D 433 47.79 -38.38 8.24
N THR D 434 48.29 -37.14 8.21
CA THR D 434 49.64 -36.82 8.63
C THR D 434 49.71 -36.04 9.95
N GLN D 435 48.57 -35.67 10.53
CA GLN D 435 48.48 -34.78 11.70
C GLN D 435 49.13 -33.43 11.46
N LYS D 436 49.33 -33.06 10.19
CA LYS D 436 49.90 -31.75 9.87
C LYS D 436 48.90 -30.63 10.15
N ARG D 437 49.41 -29.55 10.76
CA ARG D 437 48.64 -28.34 10.96
C ARG D 437 48.91 -27.38 9.81
N ILE D 438 47.84 -26.90 9.18
CA ILE D 438 47.90 -25.86 8.14
C ILE D 438 47.07 -24.68 8.63
N LYS D 439 47.68 -23.49 8.65
CA LYS D 439 46.97 -22.26 9.01
C LYS D 439 46.05 -21.83 7.87
N LYS D 440 44.75 -21.85 8.10
CA LYS D 440 43.80 -21.31 7.12
C LYS D 440 43.94 -19.79 7.02
N ASP D 441 43.39 -19.20 5.97
CA ASP D 441 43.37 -17.74 5.87
C ASP D 441 42.71 -17.11 7.08
N SER D 442 41.68 -17.76 7.64
CA SER D 442 40.99 -17.17 8.78
C SER D 442 41.91 -17.06 9.98
N PHE D 443 42.92 -17.92 10.07
CA PHE D 443 43.97 -17.80 11.07
C PHE D 443 44.65 -16.44 10.98
N TYR D 444 44.96 -15.99 9.76
CA TYR D 444 45.65 -14.72 9.59
C TYR D 444 44.71 -13.55 9.79
N PHE D 445 43.45 -13.72 9.39
CA PHE D 445 42.45 -12.69 9.63
C PHE D 445 42.24 -12.46 11.12
N TYR D 446 42.08 -13.54 11.89
CA TYR D 446 41.92 -13.40 13.32
C TYR D 446 43.17 -12.81 13.95
N GLN D 447 44.37 -13.24 13.50
CA GLN D 447 45.63 -12.66 13.95
C GLN D 447 45.66 -11.15 13.76
N GLN D 448 45.26 -10.69 12.57
CA GLN D 448 45.19 -9.26 12.34
C GLN D 448 44.14 -8.61 13.25
N TYR D 449 42.95 -9.20 13.32
CA TYR D 449 41.85 -8.59 14.07
C TYR D 449 42.19 -8.39 15.53
N ILE D 450 42.88 -9.38 16.12
CA ILE D 450 43.28 -9.29 17.52
C ILE D 450 44.25 -8.13 17.71
N LYS D 451 45.24 -8.03 16.82
CA LYS D 451 46.20 -6.92 16.90
C LYS D 451 45.50 -5.57 16.89
N GLU D 452 44.58 -5.36 15.96
CA GLU D 452 43.94 -4.06 15.85
C GLU D 452 42.79 -3.87 16.83
N ASN D 453 42.53 -4.81 17.75
CA ASN D 453 41.44 -4.66 18.71
C ASN D 453 41.88 -5.15 20.08
N SER D 454 43.12 -4.88 20.44
CA SER D 454 43.63 -5.27 21.75
C SER D 454 44.64 -4.24 22.25
N MET E 2 112.23 -96.18 -82.90
CA MET E 2 111.71 -97.54 -82.86
C MET E 2 112.76 -98.48 -82.26
N SER E 3 114.03 -98.31 -82.64
CA SER E 3 115.11 -99.11 -82.08
C SER E 3 115.89 -98.32 -81.05
N PHE E 4 116.51 -99.02 -80.10
CA PHE E 4 117.37 -98.35 -79.14
C PHE E 4 118.67 -97.91 -79.83
N PRO E 5 119.21 -96.73 -79.48
CA PRO E 5 120.43 -96.26 -80.15
C PRO E 5 121.61 -97.21 -79.95
N LYS E 6 122.64 -97.00 -80.79
CA LYS E 6 123.63 -98.03 -81.09
C LYS E 6 124.44 -98.43 -79.86
N GLY E 7 124.92 -97.47 -79.10
CA GLY E 7 125.73 -97.85 -77.95
C GLY E 7 125.00 -97.76 -76.62
N PHE E 8 123.72 -98.12 -76.61
CA PHE E 8 122.90 -97.97 -75.42
C PHE E 8 123.43 -98.83 -74.28
N LEU E 9 123.66 -98.18 -73.14
CA LEU E 9 124.21 -98.86 -71.95
C LEU E 9 123.11 -99.61 -71.23
N TRP E 10 122.94 -100.89 -71.56
CA TRP E 10 122.10 -101.77 -70.76
C TRP E 10 122.89 -102.22 -69.55
N GLY E 11 122.32 -102.04 -68.36
CA GLY E 11 123.03 -102.35 -67.14
C GLY E 11 122.18 -102.80 -65.97
N ALA E 12 122.88 -103.07 -64.88
CA ALA E 12 122.34 -103.36 -63.57
C ALA E 12 123.12 -102.52 -62.55
N ALA E 13 122.46 -102.24 -61.43
CA ALA E 13 122.98 -101.35 -60.42
C ALA E 13 123.00 -102.04 -59.06
N THR E 14 124.02 -101.71 -58.27
CA THR E 14 124.13 -102.10 -56.88
C THR E 14 124.73 -100.93 -56.10
N ALA E 15 124.80 -101.08 -54.78
CA ALA E 15 125.46 -100.09 -53.93
C ALA E 15 126.25 -100.82 -52.86
N SER E 16 127.36 -100.20 -52.43
CA SER E 16 128.37 -100.88 -51.60
C SER E 16 127.79 -101.38 -50.28
N TYR E 17 127.02 -100.55 -49.58
CA TYR E 17 126.59 -101.04 -48.27
C TYR E 17 125.53 -102.10 -48.41
N GLN E 18 124.87 -102.15 -49.56
CA GLN E 18 123.80 -103.12 -49.75
C GLN E 18 124.30 -104.48 -50.15
N ILE E 19 125.52 -104.61 -50.69
CA ILE E 19 126.01 -105.90 -51.14
C ILE E 19 127.35 -106.31 -50.56
N GLU E 20 128.21 -105.41 -50.07
CA GLU E 20 129.62 -105.76 -49.88
C GLU E 20 129.87 -106.64 -48.65
N GLY E 21 129.20 -106.34 -47.55
CA GLY E 21 129.57 -106.96 -46.29
C GLY E 21 130.97 -106.56 -45.85
N ALA E 22 131.64 -107.48 -45.17
CA ALA E 22 133.05 -107.31 -44.78
C ALA E 22 133.25 -105.97 -44.10
N TRP E 23 132.32 -105.63 -43.21
CA TRP E 23 132.12 -104.25 -42.79
C TRP E 23 133.27 -103.69 -41.97
N ASN E 24 134.11 -104.56 -41.38
CA ASN E 24 135.24 -104.16 -40.56
C ASN E 24 136.49 -104.94 -40.92
N GLU E 25 136.61 -105.36 -42.18
CA GLU E 25 137.79 -106.05 -42.68
C GLU E 25 138.79 -105.05 -43.25
N ASP E 26 140.07 -105.44 -43.20
CA ASP E 26 141.14 -104.76 -43.95
C ASP E 26 141.16 -103.27 -43.67
N GLY E 27 140.97 -102.91 -42.41
CA GLY E 27 141.12 -101.53 -42.01
C GLY E 27 139.97 -100.62 -42.36
N LYS E 28 138.86 -101.15 -42.85
CA LYS E 28 137.74 -100.32 -43.23
C LYS E 28 137.17 -99.62 -42.01
N GLY E 29 137.05 -98.29 -42.09
CA GLY E 29 136.42 -97.53 -41.03
C GLY E 29 134.93 -97.84 -40.89
N GLU E 30 134.37 -97.40 -39.76
CA GLU E 30 132.94 -97.50 -39.50
C GLU E 30 132.23 -96.43 -40.31
N SER E 31 131.18 -96.83 -41.03
CA SER E 31 130.35 -95.85 -41.72
C SER E 31 129.15 -95.51 -40.86
N ILE E 32 128.46 -94.42 -41.23
CA ILE E 32 127.27 -94.02 -40.50
C ILE E 32 126.21 -95.09 -40.58
N TRP E 33 126.25 -95.95 -41.62
CA TRP E 33 125.29 -97.04 -41.76
C TRP E 33 125.69 -98.25 -40.90
N ASP E 34 126.99 -98.51 -40.73
CA ASP E 34 127.42 -99.41 -39.67
C ASP E 34 126.85 -98.98 -38.31
N ARG E 35 127.00 -97.70 -37.97
CA ARG E 35 126.47 -97.19 -36.71
C ARG E 35 124.96 -97.36 -36.65
N PHE E 36 124.28 -97.02 -37.75
CA PHE E 36 122.82 -96.99 -37.79
C PHE E 36 122.22 -98.38 -37.64
N THR E 37 122.71 -99.37 -38.39
CA THR E 37 122.16 -100.72 -38.27
C THR E 37 122.58 -101.42 -36.99
N HIS E 38 123.64 -100.96 -36.32
CA HIS E 38 124.07 -101.62 -35.09
C HIS E 38 123.40 -101.06 -33.86
N GLN E 39 122.46 -100.14 -34.04
CA GLN E 39 121.63 -99.57 -32.99
C GLN E 39 120.22 -100.10 -33.15
N LYS E 40 119.57 -100.34 -32.02
CA LYS E 40 118.35 -101.14 -32.03
C LYS E 40 117.15 -100.30 -32.45
N GLY E 41 116.26 -100.91 -33.23
CA GLY E 41 115.03 -100.25 -33.63
C GLY E 41 115.08 -99.41 -34.88
N ASN E 42 116.18 -99.45 -35.64
CA ASN E 42 116.30 -98.69 -36.87
C ASN E 42 115.95 -99.49 -38.12
N ILE E 43 116.26 -100.80 -38.13
CA ILE E 43 116.08 -101.67 -39.29
C ILE E 43 115.04 -102.74 -38.96
N LEU E 44 114.18 -103.06 -39.93
CA LEU E 44 113.28 -104.21 -39.79
C LEU E 44 114.08 -105.46 -39.42
N TYR E 45 113.55 -106.22 -38.47
CA TYR E 45 114.10 -107.49 -38.01
C TYR E 45 115.52 -107.39 -37.49
N GLY E 46 116.00 -106.17 -37.21
CA GLY E 46 117.37 -105.99 -36.78
C GLY E 46 118.41 -106.43 -37.80
N HIS E 47 118.07 -106.47 -39.09
CA HIS E 47 119.06 -106.81 -40.10
C HIS E 47 120.16 -105.75 -40.15
N ASN E 48 121.32 -106.13 -40.69
CA ASN E 48 122.39 -105.16 -40.91
C ASN E 48 123.18 -105.54 -42.14
N GLY E 49 124.16 -104.70 -42.48
CA GLY E 49 125.02 -104.92 -43.62
C GLY E 49 126.31 -105.66 -43.34
N ASP E 50 126.51 -106.20 -42.13
CA ASP E 50 127.79 -106.81 -41.76
C ASP E 50 128.30 -107.76 -42.84
N ILE E 51 127.42 -108.65 -43.31
CA ILE E 51 127.75 -109.63 -44.31
C ILE E 51 127.12 -109.30 -45.66
N ALA E 52 125.86 -108.85 -45.68
CA ALA E 52 125.13 -108.60 -46.92
C ALA E 52 125.26 -109.80 -47.86
N CYS E 53 125.50 -109.52 -49.14
CA CYS E 53 125.72 -110.57 -50.11
C CYS E 53 127.18 -111.00 -50.20
N ASP E 54 128.04 -110.54 -49.27
CA ASP E 54 129.45 -110.89 -49.22
C ASP E 54 130.17 -110.62 -50.55
N HIS E 55 129.73 -109.59 -51.29
CA HIS E 55 130.34 -109.27 -52.58
C HIS E 55 131.82 -108.93 -52.44
N TYR E 56 132.26 -108.44 -51.29
CA TYR E 56 133.68 -108.19 -51.07
C TYR E 56 134.53 -109.42 -51.38
N HIS E 57 134.07 -110.60 -50.95
CA HIS E 57 134.77 -111.84 -51.26
C HIS E 57 134.33 -112.52 -52.55
N ARG E 58 133.06 -112.38 -52.94
CA ARG E 58 132.47 -113.14 -54.02
C ARG E 58 132.39 -112.37 -55.34
N PHE E 59 133.06 -111.22 -55.42
CA PHE E 59 132.88 -110.32 -56.56
C PHE E 59 133.29 -110.97 -57.89
N GLU E 60 134.25 -111.91 -57.87
CA GLU E 60 134.67 -112.56 -59.11
C GLU E 60 133.52 -113.33 -59.75
N GLU E 61 132.84 -114.17 -58.97
CA GLU E 61 131.67 -114.87 -59.48
C GLU E 61 130.58 -113.89 -59.95
N ASP E 62 130.34 -112.83 -59.18
CA ASP E 62 129.27 -111.89 -59.54
C ASP E 62 129.58 -111.21 -60.86
N VAL E 63 130.86 -110.92 -61.13
CA VAL E 63 131.21 -110.32 -62.41
C VAL E 63 131.00 -111.33 -63.55
N LEU E 64 131.32 -112.59 -63.30
CA LEU E 64 131.04 -113.60 -64.30
C LEU E 64 129.55 -113.61 -64.64
N LEU E 65 128.70 -113.51 -63.61
CA LEU E 65 127.26 -113.46 -63.87
C LEU E 65 126.89 -112.28 -64.75
N MET E 66 127.55 -111.12 -64.54
CA MET E 66 127.29 -109.97 -65.39
C MET E 66 127.62 -110.28 -66.85
N LYS E 67 128.68 -111.05 -67.10
CA LYS E 67 129.04 -111.32 -68.49
C LYS E 67 128.08 -112.30 -69.13
N GLU E 68 127.62 -113.29 -68.38
CA GLU E 68 126.55 -114.18 -68.84
C GLU E 68 125.31 -113.38 -69.19
N LEU E 69 124.89 -112.48 -68.29
CA LEU E 69 123.74 -111.64 -68.57
C LEU E 69 123.95 -110.83 -69.84
N GLY E 70 125.20 -110.51 -70.19
CA GLY E 70 125.49 -109.72 -71.36
C GLY E 70 125.40 -108.23 -71.11
N LEU E 71 125.63 -107.79 -69.88
CA LEU E 71 125.56 -106.37 -69.56
C LEU E 71 126.57 -105.58 -70.38
N LYS E 72 126.13 -104.43 -70.88
CA LYS E 72 127.06 -103.44 -71.41
C LYS E 72 127.72 -102.66 -70.30
N ALA E 73 127.03 -102.52 -69.16
CA ALA E 73 127.52 -101.65 -68.11
C ALA E 73 127.04 -102.16 -66.77
N TYR E 74 127.75 -101.72 -65.72
CA TYR E 74 127.49 -102.13 -64.34
C TYR E 74 127.74 -100.93 -63.44
N ARG E 75 126.69 -100.49 -62.75
CA ARG E 75 126.75 -99.35 -61.84
C ARG E 75 126.90 -99.84 -60.40
N PHE E 76 127.97 -99.42 -59.74
CA PHE E 76 128.17 -99.71 -58.33
C PHE E 76 128.77 -98.49 -57.63
N SER E 77 128.94 -98.60 -56.33
CA SER E 77 129.49 -97.49 -55.56
C SER E 77 130.77 -97.92 -54.86
N ILE E 78 131.62 -96.93 -54.56
CA ILE E 78 132.84 -97.13 -53.77
C ILE E 78 132.53 -96.75 -52.33
N ALA E 79 132.89 -97.62 -51.39
CA ALA E 79 132.74 -97.35 -49.96
C ALA E 79 133.84 -96.40 -49.52
N TRP E 80 133.46 -95.16 -49.22
CA TRP E 80 134.41 -94.17 -48.75
C TRP E 80 135.25 -94.68 -47.56
N THR E 81 134.63 -95.44 -46.63
CA THR E 81 135.39 -95.88 -45.45
C THR E 81 136.43 -96.94 -45.78
N ARG E 82 136.37 -97.57 -46.95
CA ARG E 82 137.43 -98.49 -47.32
C ARG E 82 138.69 -97.76 -47.81
N ILE E 83 138.52 -96.53 -48.31
CA ILE E 83 139.62 -95.73 -48.86
C ILE E 83 140.21 -94.85 -47.77
N PHE E 84 139.37 -94.02 -47.14
CA PHE E 84 139.72 -93.23 -45.96
C PHE E 84 138.95 -93.75 -44.76
N PRO E 85 139.52 -94.64 -43.96
CA PRO E 85 138.78 -95.14 -42.77
C PRO E 85 138.30 -94.04 -41.83
N ASP E 86 139.01 -92.91 -41.76
CA ASP E 86 138.60 -91.76 -40.95
C ASP E 86 138.05 -90.62 -41.79
N GLY E 87 137.78 -90.86 -43.08
CA GLY E 87 137.19 -89.84 -43.92
C GLY E 87 138.22 -88.98 -44.60
N PHE E 88 139.29 -88.68 -43.89
CA PHE E 88 140.44 -88.03 -44.49
C PHE E 88 141.67 -88.61 -43.83
N GLY E 89 142.83 -88.05 -44.17
CA GLY E 89 144.06 -88.52 -43.59
C GLY E 89 144.56 -89.71 -44.35
N ASN E 90 144.80 -90.79 -43.61
CA ASN E 90 145.48 -91.94 -44.17
C ASN E 90 144.64 -92.57 -45.27
N VAL E 91 145.31 -93.08 -46.30
CA VAL E 91 144.66 -93.79 -47.39
C VAL E 91 144.96 -95.27 -47.22
N ASN E 92 143.91 -96.09 -47.22
CA ASN E 92 144.04 -97.52 -46.96
C ASN E 92 144.33 -98.25 -48.25
N GLN E 93 145.54 -98.81 -48.37
CA GLN E 93 145.92 -99.50 -49.61
C GLN E 93 145.00 -100.69 -49.86
N LYS E 94 144.69 -101.46 -48.82
CA LYS E 94 143.90 -102.67 -49.02
C LYS E 94 142.55 -102.35 -49.62
N GLY E 95 142.02 -101.16 -49.33
CA GLY E 95 140.73 -100.77 -49.90
C GLY E 95 140.84 -100.43 -51.37
N LEU E 96 141.89 -99.69 -51.75
CA LEU E 96 142.11 -99.40 -53.16
C LEU E 96 142.36 -100.69 -53.94
N GLU E 97 142.97 -101.68 -53.29
CA GLU E 97 143.25 -102.93 -53.98
C GLU E 97 141.97 -103.65 -54.40
N PHE E 98 140.97 -103.64 -53.51
CA PHE E 98 139.71 -104.30 -53.82
C PHE E 98 139.08 -103.71 -55.07
N TYR E 99 138.94 -102.38 -55.09
CA TYR E 99 138.30 -101.72 -56.23
C TYR E 99 139.17 -101.80 -57.48
N ASP E 100 140.49 -101.78 -57.31
CA ASP E 100 141.42 -102.13 -58.39
C ASP E 100 141.04 -103.46 -59.03
N ARG E 101 140.90 -104.51 -58.21
CA ARG E 101 140.62 -105.85 -58.70
C ARG E 101 139.25 -105.94 -59.34
N LEU E 102 138.26 -105.25 -58.76
CA LEU E 102 136.91 -105.33 -59.31
C LEU E 102 136.83 -104.63 -60.66
N ILE E 103 137.36 -103.40 -60.72
CA ILE E 103 137.33 -102.64 -61.96
C ILE E 103 138.06 -103.38 -63.07
N ASN E 104 139.17 -104.04 -62.73
CA ASN E 104 139.92 -104.77 -63.75
C ASN E 104 139.14 -105.97 -64.25
N LYS E 105 138.45 -106.69 -63.35
CA LYS E 105 137.65 -107.83 -63.79
C LYS E 105 136.49 -107.38 -64.69
N LEU E 106 135.94 -106.19 -64.44
CA LEU E 106 134.86 -105.67 -65.27
C LEU E 106 135.38 -105.28 -66.66
N VAL E 107 136.49 -104.53 -66.68
CA VAL E 107 137.09 -104.11 -67.93
C VAL E 107 137.54 -105.34 -68.73
N GLU E 108 138.19 -106.28 -68.04
CA GLU E 108 138.55 -107.56 -68.62
C GLU E 108 137.39 -108.18 -69.40
N ASN E 109 136.17 -108.07 -68.88
CA ASN E 109 135.02 -108.74 -69.47
C ASN E 109 134.20 -107.83 -70.39
N GLY E 110 134.74 -106.71 -70.85
CA GLY E 110 133.98 -105.80 -71.70
C GLY E 110 132.74 -105.19 -71.08
N ILE E 111 132.70 -105.02 -69.75
CA ILE E 111 131.61 -104.32 -69.08
C ILE E 111 132.10 -102.93 -68.69
N GLU E 112 131.42 -101.91 -69.19
CA GLU E 112 131.69 -100.51 -68.82
C GLU E 112 131.38 -100.25 -67.35
N PRO E 113 132.37 -99.98 -66.49
CA PRO E 113 132.05 -99.63 -65.09
C PRO E 113 131.44 -98.22 -65.01
N VAL E 114 130.39 -98.09 -64.20
CA VAL E 114 129.78 -96.79 -63.88
C VAL E 114 129.80 -96.67 -62.37
N ILE E 115 130.54 -95.70 -61.84
CA ILE E 115 130.85 -95.66 -60.42
C ILE E 115 130.11 -94.51 -59.77
N THR E 116 129.36 -94.84 -58.74
CA THR E 116 128.78 -93.87 -57.83
C THR E 116 129.79 -93.58 -56.73
N ILE E 117 130.20 -92.33 -56.60
CA ILE E 117 131.24 -91.98 -55.64
C ILE E 117 130.67 -91.99 -54.22
N TYR E 118 129.46 -91.47 -54.03
CA TYR E 118 128.82 -91.46 -52.71
C TYR E 118 127.42 -92.06 -52.83
N HIS E 119 127.24 -93.22 -52.22
CA HIS E 119 125.95 -93.90 -52.11
C HIS E 119 125.68 -94.16 -50.63
N TRP E 120 125.76 -93.11 -49.82
CA TRP E 120 125.14 -92.93 -48.50
C TRP E 120 126.00 -93.42 -47.34
N ASP E 121 127.16 -94.04 -47.59
CA ASP E 121 127.96 -94.63 -46.51
C ASP E 121 129.07 -93.69 -46.03
N LEU E 122 128.65 -92.54 -45.49
CA LEU E 122 129.59 -91.57 -44.98
C LEU E 122 130.41 -92.16 -43.83
N PRO E 123 131.72 -91.88 -43.76
CA PRO E 123 132.50 -92.30 -42.58
C PRO E 123 131.95 -91.73 -41.28
N GLN E 124 131.84 -92.58 -40.25
CA GLN E 124 131.32 -92.13 -38.97
C GLN E 124 132.21 -91.04 -38.34
N LYS E 125 133.53 -91.13 -38.54
CA LYS E 125 134.41 -90.09 -38.03
C LYS E 125 134.08 -88.71 -38.62
N LEU E 126 133.51 -88.66 -39.83
CA LEU E 126 133.07 -87.37 -40.36
C LEU E 126 131.68 -86.99 -39.87
N GLN E 127 130.80 -87.97 -39.65
CA GLN E 127 129.54 -87.66 -38.99
C GLN E 127 129.80 -87.07 -37.61
N ASP E 128 130.90 -87.50 -36.97
CA ASP E 128 131.24 -87.04 -35.63
C ASP E 128 131.44 -85.54 -35.57
N ILE E 129 131.77 -84.91 -36.69
CA ILE E 129 131.96 -83.47 -36.75
C ILE E 129 130.80 -82.79 -37.46
N GLY E 130 129.67 -83.48 -37.62
CA GLY E 130 128.48 -82.90 -38.23
C GLY E 130 128.12 -83.46 -39.59
N GLY E 131 128.93 -84.36 -40.14
CA GLY E 131 128.58 -84.98 -41.42
C GLY E 131 128.34 -83.96 -42.50
N TRP E 132 127.27 -84.18 -43.26
CA TRP E 132 126.97 -83.32 -44.39
C TRP E 132 126.45 -81.96 -43.97
N ALA E 133 126.18 -81.75 -42.68
CA ALA E 133 125.65 -80.46 -42.27
C ALA E 133 126.75 -79.45 -42.03
N ASN E 134 127.99 -79.92 -41.96
CA ASN E 134 129.17 -79.11 -41.72
C ASN E 134 129.83 -78.84 -43.07
N SER E 135 129.96 -77.58 -43.44
CA SER E 135 130.36 -77.26 -44.81
C SER E 135 131.80 -77.68 -45.12
N GLU E 136 132.61 -78.03 -44.11
CA GLU E 136 133.94 -78.58 -44.37
C GLU E 136 133.87 -79.95 -45.03
N ILE E 137 132.70 -80.59 -45.00
CA ILE E 137 132.51 -81.85 -45.70
C ILE E 137 132.79 -81.68 -47.20
N VAL E 138 132.58 -80.49 -47.73
CA VAL E 138 132.70 -80.28 -49.17
C VAL E 138 134.12 -80.62 -49.63
N ASN E 139 135.13 -80.14 -48.90
CA ASN E 139 136.52 -80.39 -49.26
C ASN E 139 136.92 -81.83 -48.94
N TYR E 140 136.44 -82.36 -47.81
CA TYR E 140 136.76 -83.75 -47.49
C TYR E 140 136.24 -84.68 -48.60
N TYR E 141 134.98 -84.49 -48.99
CA TYR E 141 134.42 -85.25 -50.11
C TYR E 141 135.23 -85.03 -51.39
N PHE E 142 135.54 -83.75 -51.67
CA PHE E 142 136.29 -83.43 -52.88
C PHE E 142 137.58 -84.24 -52.95
N ASP E 143 138.35 -84.25 -51.87
CA ASP E 143 139.61 -84.98 -51.85
C ASP E 143 139.39 -86.47 -52.09
N TYR E 144 138.33 -87.04 -51.52
CA TYR E 144 138.05 -88.46 -51.75
C TYR E 144 137.67 -88.70 -53.21
N ALA E 145 136.77 -87.86 -53.75
CA ALA E 145 136.33 -88.03 -55.14
C ALA E 145 137.52 -87.93 -56.11
N MET E 146 138.36 -86.91 -55.96
CA MET E 146 139.47 -86.75 -56.90
C MET E 146 140.52 -87.84 -56.74
N LEU E 147 140.64 -88.43 -55.55
CA LEU E 147 141.54 -89.57 -55.45
C LEU E 147 141.04 -90.75 -56.30
N VAL E 148 139.74 -91.08 -56.21
CA VAL E 148 139.30 -92.26 -56.96
C VAL E 148 139.16 -91.95 -58.45
N ILE E 149 138.75 -90.74 -58.81
CA ILE E 149 138.66 -90.37 -60.21
C ILE E 149 140.03 -90.42 -60.86
N ASN E 150 141.04 -89.85 -60.18
CA ASN E 150 142.39 -89.81 -60.73
C ASN E 150 142.99 -91.20 -60.81
N ARG E 151 142.68 -92.06 -59.85
CA ARG E 151 143.24 -93.40 -59.91
C ARG E 151 142.65 -94.20 -61.06
N TYR E 152 141.33 -94.12 -61.25
CA TYR E 152 140.63 -95.03 -62.14
C TYR E 152 140.18 -94.42 -63.46
N LYS E 153 140.45 -93.13 -63.70
CA LYS E 153 139.96 -92.50 -64.92
C LYS E 153 140.42 -93.22 -66.19
N ASP E 154 141.46 -94.05 -66.12
CA ASP E 154 141.86 -94.78 -67.31
C ASP E 154 140.92 -95.94 -67.64
N ARG E 155 140.14 -96.43 -66.67
CA ARG E 155 139.24 -97.57 -66.88
C ARG E 155 137.77 -97.21 -66.71
N VAL E 156 137.46 -96.05 -66.15
CA VAL E 156 136.11 -95.73 -65.70
C VAL E 156 135.76 -94.41 -66.37
N LYS E 157 134.83 -94.46 -67.32
CA LYS E 157 134.49 -93.29 -68.11
C LYS E 157 133.31 -92.52 -67.53
N TYR E 158 132.49 -93.16 -66.70
CA TYR E 158 131.25 -92.56 -66.20
C TYR E 158 131.27 -92.50 -64.68
N TRP E 159 131.06 -91.30 -64.16
CA TRP E 159 131.13 -91.07 -62.72
C TRP E 159 129.87 -90.38 -62.25
N ILE E 160 129.34 -90.87 -61.14
CA ILE E 160 128.19 -90.26 -60.48
C ILE E 160 128.69 -89.71 -59.17
N THR E 161 128.54 -88.40 -58.97
CA THR E 161 129.03 -87.77 -57.75
C THR E 161 128.23 -88.25 -56.54
N PHE E 162 126.90 -88.15 -56.63
CA PHE E 162 125.98 -88.51 -55.56
C PHE E 162 124.82 -89.35 -56.12
N ASN E 163 124.32 -90.26 -55.30
CA ASN E 163 123.08 -90.97 -55.57
C ASN E 163 121.99 -90.37 -54.68
N GLU E 164 120.89 -89.93 -55.30
CA GLU E 164 119.64 -89.55 -54.63
C GLU E 164 119.85 -88.58 -53.47
N PRO E 165 120.23 -87.32 -53.76
CA PRO E 165 120.38 -86.34 -52.68
C PRO E 165 119.14 -86.18 -51.81
N TYR E 166 117.96 -86.38 -52.39
CA TYR E 166 116.72 -86.24 -51.62
C TYR E 166 116.73 -87.15 -50.40
N CYS E 167 117.25 -88.35 -50.54
CA CYS E 167 117.23 -89.28 -49.42
C CYS E 167 118.29 -88.92 -48.41
N ILE E 168 119.50 -88.60 -48.91
CA ILE E 168 120.62 -88.23 -48.05
C ILE E 168 120.21 -87.10 -47.12
N ALA E 169 119.64 -86.03 -47.68
CA ALA E 169 119.16 -84.91 -46.88
C ALA E 169 117.92 -85.28 -46.07
N PHE E 170 116.83 -85.68 -46.74
CA PHE E 170 115.55 -85.68 -46.03
C PHE E 170 115.31 -86.93 -45.22
N LEU E 171 115.63 -88.11 -45.76
CA LEU E 171 115.43 -89.35 -45.00
C LEU E 171 116.49 -89.50 -43.91
N GLY E 172 117.71 -89.04 -44.18
CA GLY E 172 118.79 -89.11 -43.23
C GLY E 172 118.82 -88.00 -42.20
N HIS E 173 118.23 -86.84 -42.48
CA HIS E 173 118.35 -85.71 -41.58
C HIS E 173 117.03 -85.05 -41.20
N TRP E 174 115.92 -85.39 -41.84
CA TRP E 174 114.60 -84.87 -41.50
C TRP E 174 113.70 -85.94 -40.90
N HIS E 175 113.41 -87.01 -41.65
CA HIS E 175 112.66 -88.15 -41.11
C HIS E 175 113.49 -89.06 -40.22
N GLY E 176 114.82 -88.97 -40.27
CA GLY E 176 115.64 -89.82 -39.44
C GLY E 176 115.49 -91.31 -39.70
N VAL E 177 114.89 -91.70 -40.83
CA VAL E 177 114.71 -93.12 -41.10
C VAL E 177 115.93 -93.74 -41.76
N HIS E 178 116.90 -92.94 -42.23
CA HIS E 178 118.17 -93.40 -42.75
C HIS E 178 119.31 -92.82 -41.91
N ALA E 179 120.47 -93.47 -41.97
CA ALA E 179 121.66 -92.89 -41.37
C ALA E 179 121.88 -91.46 -41.88
N PRO E 180 122.33 -90.54 -41.03
CA PRO E 180 122.73 -90.69 -39.64
C PRO E 180 121.56 -90.57 -38.67
N GLY E 181 120.30 -90.60 -39.13
CA GLY E 181 119.16 -90.66 -38.23
C GLY E 181 118.74 -89.34 -37.61
N ILE E 182 119.16 -88.19 -38.18
CA ILE E 182 118.85 -86.88 -37.62
C ILE E 182 117.44 -86.48 -38.01
N LYS E 183 116.82 -85.63 -37.19
CA LYS E 183 115.43 -85.23 -37.36
C LYS E 183 115.37 -83.72 -37.18
N ASP E 184 115.53 -82.99 -38.29
CA ASP E 184 115.55 -81.53 -38.25
C ASP E 184 115.54 -80.97 -39.67
N PHE E 185 114.38 -80.46 -40.12
CA PHE E 185 114.25 -80.02 -41.51
C PHE E 185 115.33 -79.02 -41.91
N LYS E 186 115.68 -78.10 -41.00
CA LYS E 186 116.67 -77.08 -41.32
C LYS E 186 118.02 -77.70 -41.63
N VAL E 187 118.44 -78.68 -40.84
CA VAL E 187 119.67 -79.39 -41.16
C VAL E 187 119.55 -80.07 -42.52
N ALA E 188 118.40 -80.68 -42.81
CA ALA E 188 118.23 -81.37 -44.08
C ALA E 188 118.53 -80.45 -45.26
N ILE E 189 118.05 -79.20 -45.20
CA ILE E 189 118.31 -78.24 -46.27
C ILE E 189 119.79 -77.88 -46.34
N ASP E 190 120.45 -77.68 -45.20
CA ASP E 190 121.89 -77.51 -45.19
C ASP E 190 122.59 -78.67 -45.91
N VAL E 191 122.05 -79.88 -45.76
CA VAL E 191 122.65 -81.03 -46.41
C VAL E 191 122.44 -80.95 -47.92
N VAL E 192 121.25 -80.54 -48.37
CA VAL E 192 121.03 -80.34 -49.80
C VAL E 192 122.11 -79.41 -50.38
N HIS E 193 122.40 -78.31 -49.67
CA HIS E 193 123.30 -77.30 -50.22
C HIS E 193 124.74 -77.78 -50.30
N ASN E 194 125.22 -78.47 -49.26
CA ASN E 194 126.59 -78.96 -49.27
C ASN E 194 126.80 -80.11 -50.25
N ILE E 195 125.75 -80.89 -50.56
CA ILE E 195 125.85 -81.85 -51.65
C ILE E 195 126.01 -81.11 -52.98
N MET E 196 125.31 -80.00 -53.13
CA MET E 196 125.36 -79.23 -54.36
C MET E 196 126.78 -78.71 -54.60
N LEU E 197 127.33 -78.01 -53.61
CA LEU E 197 128.68 -77.50 -53.72
C LEU E 197 129.68 -78.64 -53.94
N SER E 198 129.50 -79.77 -53.25
CA SER E 198 130.45 -80.86 -53.42
C SER E 198 130.38 -81.40 -54.85
N HIS E 199 129.19 -81.43 -55.42
CA HIS E 199 129.04 -81.91 -56.79
C HIS E 199 129.71 -80.94 -57.78
N PHE E 200 129.36 -79.65 -57.70
CA PHE E 200 129.96 -78.65 -58.56
C PHE E 200 131.48 -78.70 -58.50
N LYS E 201 132.04 -78.77 -57.28
CA LYS E 201 133.48 -78.73 -57.13
C LYS E 201 134.16 -79.89 -57.87
N VAL E 202 133.54 -81.06 -57.88
CA VAL E 202 134.13 -82.18 -58.60
C VAL E 202 133.94 -82.02 -60.11
N VAL E 203 132.78 -81.53 -60.54
CA VAL E 203 132.56 -81.35 -61.97
C VAL E 203 133.50 -80.28 -62.49
N LYS E 204 133.57 -79.15 -61.79
CA LYS E 204 134.54 -78.11 -62.11
C LYS E 204 135.97 -78.67 -62.19
N ALA E 205 136.32 -79.61 -61.30
CA ALA E 205 137.70 -80.07 -61.28
C ALA E 205 137.98 -81.02 -62.44
N VAL E 206 137.02 -81.88 -62.79
CA VAL E 206 137.23 -82.75 -63.93
C VAL E 206 137.41 -81.92 -65.20
N LYS E 207 136.61 -80.87 -65.36
CA LYS E 207 136.69 -80.04 -66.56
C LYS E 207 137.97 -79.20 -66.59
N GLU E 208 138.39 -78.64 -65.46
CA GLU E 208 139.53 -77.74 -65.45
C GLU E 208 140.85 -78.50 -65.59
N ASN E 209 140.89 -79.76 -65.21
CA ASN E 209 142.11 -80.56 -65.34
C ASN E 209 142.10 -81.39 -66.59
N ASN E 210 141.06 -81.26 -67.42
CA ASN E 210 140.96 -82.01 -68.66
C ASN E 210 141.03 -83.51 -68.41
N ILE E 211 140.39 -83.98 -67.33
CA ILE E 211 140.23 -85.41 -67.15
C ILE E 211 139.14 -85.89 -68.09
N ASP E 212 139.46 -86.88 -68.93
CA ASP E 212 138.52 -87.30 -69.98
C ASP E 212 137.57 -88.37 -69.45
N VAL E 213 136.60 -87.93 -68.64
CA VAL E 213 135.54 -88.79 -68.15
C VAL E 213 134.25 -87.98 -68.15
N GLU E 214 133.13 -88.71 -68.07
CA GLU E 214 131.80 -88.11 -67.96
C GLU E 214 131.39 -88.11 -66.49
N VAL E 215 130.95 -86.96 -66.01
CA VAL E 215 130.57 -86.77 -64.61
C VAL E 215 129.11 -86.38 -64.57
N GLY E 216 128.35 -87.03 -63.71
CA GLY E 216 126.96 -86.68 -63.53
C GLY E 216 126.53 -86.82 -62.08
N ILE E 217 125.22 -86.86 -61.90
CA ILE E 217 124.61 -87.04 -60.58
C ILE E 217 123.30 -87.79 -60.81
N THR E 218 122.99 -88.71 -59.90
CA THR E 218 121.74 -89.44 -59.94
C THR E 218 120.74 -88.81 -58.98
N LEU E 219 119.55 -88.49 -59.51
CA LEU E 219 118.39 -88.00 -58.75
C LEU E 219 117.24 -88.98 -58.88
N ASN E 220 116.57 -89.25 -57.75
CA ASN E 220 115.31 -89.98 -57.80
C ASN E 220 114.19 -88.97 -58.05
N LEU E 221 113.44 -89.19 -59.11
CA LEU E 221 112.43 -88.25 -59.54
C LEU E 221 111.08 -88.94 -59.53
N THR E 222 110.08 -88.21 -59.09
CA THR E 222 108.73 -88.73 -58.93
C THR E 222 107.80 -87.79 -59.66
N PRO E 223 107.25 -88.17 -60.81
CA PRO E 223 106.22 -87.34 -61.45
C PRO E 223 105.00 -87.28 -60.56
N VAL E 224 104.46 -86.08 -60.38
CA VAL E 224 103.30 -85.86 -59.52
C VAL E 224 102.08 -85.60 -60.39
N TYR E 225 100.98 -86.27 -60.08
CA TYR E 225 99.72 -86.07 -60.78
C TYR E 225 98.69 -85.51 -59.82
N LEU E 226 97.70 -84.83 -60.38
CA LEU E 226 96.61 -84.25 -59.61
C LEU E 226 95.47 -85.24 -59.50
N GLN E 227 95.05 -85.55 -58.26
CA GLN E 227 93.84 -86.36 -58.10
C GLN E 227 92.64 -85.65 -58.67
N THR E 228 92.55 -84.33 -58.44
CA THR E 228 91.47 -83.53 -58.97
C THR E 228 91.33 -83.73 -60.48
N GLU E 229 92.45 -83.86 -61.19
CA GLU E 229 92.35 -84.08 -62.62
C GLU E 229 91.95 -85.51 -62.94
N ARG E 230 92.34 -86.48 -62.11
CA ARG E 230 91.88 -87.85 -62.34
C ARG E 230 90.36 -87.99 -62.21
N LEU E 231 89.75 -87.16 -61.37
CA LEU E 231 88.32 -87.12 -61.09
C LEU E 231 87.57 -86.21 -62.05
N GLY E 232 88.28 -85.56 -62.96
CA GLY E 232 87.63 -84.70 -63.93
C GLY E 232 87.01 -83.46 -63.34
N TYR E 233 87.54 -82.97 -62.23
CA TYR E 233 87.05 -81.73 -61.65
C TYR E 233 87.90 -80.57 -62.14
N LYS E 234 87.47 -79.37 -61.78
CA LYS E 234 88.22 -78.18 -62.14
C LYS E 234 89.20 -77.90 -61.03
N VAL E 235 90.46 -77.70 -61.40
CA VAL E 235 91.54 -77.51 -60.44
C VAL E 235 91.52 -76.06 -59.97
N SER E 236 91.43 -75.85 -58.67
CA SER E 236 91.49 -74.50 -58.14
C SER E 236 92.92 -73.95 -58.27
N GLU E 237 93.01 -72.62 -58.25
CA GLU E 237 94.32 -71.96 -58.35
C GLU E 237 95.19 -72.31 -57.15
N ILE E 238 94.60 -72.40 -55.96
CA ILE E 238 95.39 -72.76 -54.79
C ILE E 238 95.75 -74.24 -54.81
N GLU E 239 94.91 -75.08 -55.41
CA GLU E 239 95.28 -76.49 -55.63
C GLU E 239 96.58 -76.60 -56.40
N ARG E 240 96.60 -76.08 -57.62
CA ARG E 240 97.77 -76.23 -58.48
C ARG E 240 99.00 -75.61 -57.84
N GLU E 241 98.83 -74.50 -57.11
CA GLU E 241 99.97 -73.84 -56.50
C GLU E 241 100.61 -74.71 -55.42
N MET E 242 99.79 -75.35 -54.59
CA MET E 242 100.34 -76.12 -53.48
C MET E 242 100.89 -77.47 -53.93
N VAL E 243 100.18 -78.14 -54.83
CA VAL E 243 100.71 -79.38 -55.37
C VAL E 243 102.05 -79.11 -56.06
N ASN E 244 102.11 -78.04 -56.84
CA ASN E 244 103.37 -77.67 -57.49
C ASN E 244 104.47 -77.45 -56.46
N LEU E 245 104.17 -76.70 -55.39
CA LEU E 245 105.19 -76.50 -54.36
C LEU E 245 105.66 -77.83 -53.78
N SER E 246 104.73 -78.75 -53.55
CA SER E 246 105.09 -80.05 -52.99
C SER E 246 105.97 -80.86 -53.95
N SER E 247 105.73 -80.78 -55.26
CA SER E 247 106.56 -81.56 -56.17
C SER E 247 107.92 -80.92 -56.40
N GLN E 248 108.04 -79.60 -56.19
CA GLN E 248 109.35 -78.97 -56.24
C GLN E 248 110.23 -79.49 -55.12
N LEU E 249 109.64 -79.93 -54.00
CA LEU E 249 110.44 -80.54 -52.95
C LEU E 249 111.06 -81.84 -53.42
N ASP E 250 110.32 -82.63 -54.18
CA ASP E 250 110.85 -83.88 -54.69
C ASP E 250 111.85 -83.66 -55.83
N ASN E 251 111.51 -82.80 -56.79
CA ASN E 251 112.19 -82.82 -58.08
C ASN E 251 112.97 -81.53 -58.36
N GLU E 252 112.28 -80.39 -58.49
CA GLU E 252 112.95 -79.17 -58.92
C GLU E 252 114.02 -78.71 -57.93
N LEU E 253 113.86 -79.02 -56.64
CA LEU E 253 114.86 -78.62 -55.65
C LEU E 253 116.23 -79.18 -55.97
N PHE E 254 116.30 -80.27 -56.72
CA PHE E 254 117.57 -80.84 -57.13
C PHE E 254 117.84 -80.69 -58.61
N LEU E 255 116.81 -80.70 -59.46
CA LEU E 255 117.03 -80.48 -60.89
C LEU E 255 117.50 -79.06 -61.17
N ASP E 256 116.89 -78.07 -60.49
CA ASP E 256 117.19 -76.68 -60.80
C ASP E 256 118.65 -76.30 -60.48
N PRO E 257 119.21 -76.58 -59.30
CA PRO E 257 120.61 -76.21 -59.10
C PRO E 257 121.53 -77.02 -59.99
N VAL E 258 121.21 -78.29 -60.24
CA VAL E 258 122.10 -79.15 -61.00
C VAL E 258 122.12 -78.75 -62.48
N LEU E 259 120.99 -78.27 -63.01
CA LEU E 259 120.88 -78.05 -64.44
C LEU E 259 120.74 -76.60 -64.84
N LYS E 260 120.34 -75.73 -63.92
CA LYS E 260 120.06 -74.33 -64.25
C LYS E 260 120.78 -73.36 -63.32
N GLY E 261 121.50 -73.84 -62.32
CA GLY E 261 122.21 -72.95 -61.42
C GLY E 261 121.38 -72.14 -60.45
N ASN E 262 120.21 -72.62 -60.06
CA ASN E 262 119.48 -71.94 -59.00
C ASN E 262 118.54 -72.94 -58.33
N TYR E 263 118.16 -72.62 -57.06
CA TYR E 263 117.09 -73.34 -56.40
C TYR E 263 115.74 -72.76 -56.79
N PRO E 264 114.69 -73.59 -56.87
CA PRO E 264 113.35 -73.06 -57.23
C PRO E 264 112.85 -72.04 -56.22
N GLN E 265 112.48 -70.85 -56.72
CA GLN E 265 112.15 -69.73 -55.83
C GLN E 265 110.74 -69.79 -55.26
N LYS E 266 109.77 -70.36 -56.01
CA LYS E 266 108.46 -70.58 -55.42
C LYS E 266 108.55 -71.39 -54.13
N LEU E 267 109.40 -72.42 -54.14
CA LEU E 267 109.55 -73.28 -52.97
C LEU E 267 110.27 -72.54 -51.84
N PHE E 268 111.38 -71.86 -52.17
CA PHE E 268 112.15 -71.17 -51.14
C PHE E 268 111.31 -70.10 -50.47
N ASP E 269 110.60 -69.29 -51.26
CA ASP E 269 109.68 -68.32 -50.69
C ASP E 269 108.79 -68.97 -49.65
N TYR E 270 108.00 -69.96 -50.08
CA TYR E 270 107.06 -70.64 -49.20
C TYR E 270 107.76 -71.16 -47.95
N LEU E 271 108.91 -71.80 -48.12
CA LEU E 271 109.61 -72.37 -46.97
C LEU E 271 109.98 -71.28 -45.98
N VAL E 272 110.37 -70.10 -46.48
CA VAL E 272 110.75 -69.04 -45.57
C VAL E 272 109.52 -68.40 -44.93
N GLN E 273 108.41 -68.28 -45.69
CA GLN E 273 107.18 -67.78 -45.07
C GLN E 273 106.77 -68.63 -43.87
N LYS E 274 106.95 -69.94 -43.97
CA LYS E 274 106.54 -70.87 -42.94
C LYS E 274 107.65 -71.17 -41.94
N ASP E 275 108.70 -70.35 -41.92
CA ASP E 275 109.80 -70.51 -40.97
C ASP E 275 110.38 -71.94 -41.07
N LEU E 276 110.32 -72.54 -42.26
CA LEU E 276 111.00 -73.81 -42.42
C LEU E 276 112.44 -73.60 -42.85
N LEU E 277 112.77 -72.39 -43.28
CA LEU E 277 114.09 -72.04 -43.79
C LEU E 277 114.34 -70.59 -43.43
N GLU E 278 115.46 -70.31 -42.79
CA GLU E 278 115.82 -68.93 -42.50
C GLU E 278 116.05 -68.14 -43.79
N ALA E 279 115.55 -66.90 -43.80
CA ALA E 279 115.63 -66.09 -45.01
C ALA E 279 117.08 -65.88 -45.44
N GLN E 280 117.97 -65.69 -44.48
CA GLN E 280 119.38 -65.44 -44.79
C GLN E 280 119.99 -66.63 -45.51
N LYS E 281 119.83 -67.83 -44.93
CA LYS E 281 120.31 -69.05 -45.55
C LYS E 281 119.77 -69.18 -46.97
N ALA E 282 118.45 -68.99 -47.14
CA ALA E 282 117.84 -69.05 -48.46
C ALA E 282 118.54 -68.12 -49.44
N LEU E 283 118.98 -66.96 -48.96
CA LEU E 283 119.60 -65.97 -49.84
C LEU E 283 121.01 -66.38 -50.22
N SER E 284 121.81 -66.78 -49.24
CA SER E 284 123.19 -67.15 -49.52
C SER E 284 123.30 -68.49 -50.24
N MET E 285 122.28 -69.36 -50.13
CA MET E 285 122.28 -70.59 -50.92
C MET E 285 122.10 -70.28 -52.41
N GLN E 286 121.11 -69.46 -52.75
CA GLN E 286 120.93 -69.07 -54.14
C GLN E 286 122.19 -68.44 -54.69
N GLN E 287 122.80 -67.55 -53.92
CA GLN E 287 124.01 -66.87 -54.36
C GLN E 287 125.16 -67.85 -54.53
N GLU E 288 125.35 -68.76 -53.57
CA GLU E 288 126.50 -69.65 -53.63
C GLU E 288 126.37 -70.67 -54.75
N VAL E 289 125.15 -71.08 -55.07
CA VAL E 289 124.95 -72.01 -56.17
C VAL E 289 125.13 -71.32 -57.50
N LYS E 290 124.68 -70.07 -57.64
CA LYS E 290 124.89 -69.36 -58.89
C LYS E 290 126.38 -69.14 -59.14
N GLU E 291 127.15 -68.87 -58.09
CA GLU E 291 128.59 -68.69 -58.22
C GLU E 291 129.28 -69.98 -58.63
N ASN E 292 128.88 -71.10 -58.03
CA ASN E 292 129.62 -72.35 -58.23
C ASN E 292 129.01 -73.25 -59.29
N PHE E 293 127.93 -72.84 -59.92
CA PHE E 293 127.20 -73.72 -60.82
C PHE E 293 128.06 -74.12 -62.02
N ILE E 294 127.90 -75.37 -62.45
CA ILE E 294 128.51 -75.83 -63.68
C ILE E 294 127.71 -77.01 -64.22
N PHE E 295 127.32 -76.92 -65.48
CA PHE E 295 126.49 -77.94 -66.09
C PHE E 295 127.20 -79.28 -66.07
N PRO E 296 126.53 -80.37 -65.73
CA PRO E 296 127.17 -81.69 -65.67
C PRO E 296 127.22 -82.31 -67.06
N ASP E 297 127.87 -83.47 -67.16
CA ASP E 297 127.94 -84.17 -68.44
C ASP E 297 126.67 -84.94 -68.77
N PHE E 298 125.99 -85.48 -67.76
CA PHE E 298 124.75 -86.22 -67.98
C PHE E 298 123.91 -86.14 -66.73
N LEU E 299 122.67 -86.61 -66.84
CA LEU E 299 121.77 -86.75 -65.71
C LEU E 299 121.39 -88.21 -65.54
N GLY E 300 121.58 -88.73 -64.33
CA GLY E 300 121.05 -90.02 -63.95
C GLY E 300 119.70 -89.88 -63.27
N ILE E 301 118.73 -90.65 -63.72
CA ILE E 301 117.38 -90.66 -63.14
C ILE E 301 117.13 -92.05 -62.57
N ASN E 302 116.75 -92.09 -61.29
CA ASN E 302 116.18 -93.28 -60.66
C ASN E 302 114.67 -93.09 -60.66
N TYR E 303 113.95 -94.01 -61.30
CA TYR E 303 112.49 -93.95 -61.37
C TYR E 303 111.91 -95.25 -60.87
N TYR E 304 110.87 -95.15 -60.03
CA TYR E 304 110.11 -96.32 -59.62
C TYR E 304 108.61 -96.14 -59.76
N THR E 305 108.10 -94.95 -59.48
CA THR E 305 106.65 -94.76 -59.43
C THR E 305 106.35 -93.27 -59.44
N ARG E 306 105.07 -92.95 -59.40
CA ARG E 306 104.54 -91.60 -59.37
C ARG E 306 103.91 -91.31 -58.00
N ALA E 307 103.38 -90.10 -57.87
CA ALA E 307 102.61 -89.68 -56.71
C ALA E 307 101.37 -88.93 -57.20
N VAL E 308 100.23 -89.26 -56.61
CA VAL E 308 98.96 -88.61 -56.89
C VAL E 308 98.60 -87.83 -55.65
N ARG E 309 98.44 -86.53 -55.80
CA ARG E 309 98.27 -85.67 -54.64
C ARG E 309 97.06 -84.76 -54.84
N LEU E 310 96.65 -84.11 -53.75
CA LEU E 310 95.59 -83.11 -53.79
C LEU E 310 95.76 -82.15 -52.61
N TYR E 311 95.08 -81.01 -52.74
CA TYR E 311 95.11 -79.98 -51.71
C TYR E 311 94.29 -80.41 -50.50
N ASP E 312 94.79 -80.08 -49.30
CA ASP E 312 94.04 -80.35 -48.08
C ASP E 312 94.61 -79.44 -46.99
N GLU E 313 93.85 -78.41 -46.61
CA GLU E 313 94.25 -77.48 -45.56
C GLU E 313 94.63 -78.19 -44.26
N ASN E 314 93.96 -79.31 -43.94
CA ASN E 314 94.11 -79.97 -42.64
C ASN E 314 95.19 -81.04 -42.64
N SER E 315 96.17 -80.95 -43.52
CA SER E 315 97.23 -81.94 -43.55
C SER E 315 98.25 -81.67 -42.45
N SER E 316 99.02 -82.71 -42.13
CA SER E 316 100.14 -82.59 -41.21
C SER E 316 101.48 -82.39 -41.91
N TRP E 317 101.57 -82.65 -43.22
CA TRP E 317 102.78 -82.47 -44.01
C TRP E 317 103.18 -81.00 -44.02
N ILE E 318 104.37 -80.72 -44.57
CA ILE E 318 104.84 -79.34 -44.58
C ILE E 318 104.05 -78.50 -45.57
N PHE E 319 103.42 -79.12 -46.58
CA PHE E 319 102.50 -78.44 -47.47
C PHE E 319 101.08 -78.94 -47.22
N PRO E 320 100.08 -78.09 -47.42
CA PRO E 320 98.70 -78.54 -47.27
C PRO E 320 98.27 -79.51 -48.35
N ILE E 321 98.88 -80.70 -48.37
CA ILE E 321 98.59 -81.68 -49.41
C ILE E 321 98.41 -83.05 -48.78
N ARG E 322 97.84 -83.95 -49.57
CA ARG E 322 97.67 -85.33 -49.17
C ARG E 322 97.85 -86.21 -50.39
N TRP E 323 98.24 -87.44 -50.14
CA TRP E 323 98.42 -88.45 -51.16
C TRP E 323 97.14 -89.27 -51.32
N GLU E 324 96.91 -89.75 -52.54
CA GLU E 324 95.84 -90.67 -52.90
C GLU E 324 96.47 -91.94 -53.47
N HIS E 325 95.67 -92.98 -53.59
CA HIS E 325 96.15 -94.28 -54.05
C HIS E 325 95.30 -94.74 -55.20
N PRO E 326 95.74 -94.55 -56.44
CA PRO E 326 94.92 -94.99 -57.57
C PRO E 326 94.91 -96.51 -57.63
N ALA E 327 93.79 -97.05 -58.08
CA ALA E 327 93.74 -98.49 -58.32
C ALA E 327 94.88 -98.89 -59.23
N GLY E 328 95.36 -100.10 -59.06
CA GLY E 328 96.32 -100.68 -59.99
C GLY E 328 97.12 -101.78 -59.32
N GLU E 329 98.21 -102.16 -59.99
CA GLU E 329 99.14 -103.11 -59.42
C GLU E 329 100.14 -102.37 -58.56
N TYR E 330 100.49 -102.97 -57.41
CA TYR E 330 101.47 -102.39 -56.51
C TYR E 330 102.52 -103.44 -56.20
N THR E 331 103.70 -102.96 -55.75
CA THR E 331 104.82 -103.83 -55.39
C THR E 331 104.90 -104.00 -53.87
N GLU E 332 105.86 -104.83 -53.43
CA GLU E 332 106.08 -105.04 -52.01
C GLU E 332 106.52 -103.75 -51.32
N MET E 333 106.96 -102.74 -52.07
CA MET E 333 107.29 -101.47 -51.45
C MET E 333 106.03 -100.69 -51.14
N GLY E 334 104.90 -101.10 -51.68
CA GLY E 334 103.73 -100.26 -51.72
C GLY E 334 103.80 -99.19 -52.79
N TRP E 335 104.57 -99.43 -53.85
CA TRP E 335 104.69 -98.48 -54.96
C TRP E 335 103.79 -98.91 -56.11
N GLU E 336 102.97 -97.97 -56.59
CA GLU E 336 102.14 -98.21 -57.76
C GLU E 336 103.03 -98.50 -58.96
N VAL E 337 102.69 -99.56 -59.70
CA VAL E 337 103.35 -99.88 -60.96
C VAL E 337 102.72 -99.02 -62.06
N PHE E 338 103.52 -98.16 -62.67
CA PHE E 338 103.00 -97.05 -63.48
C PHE E 338 104.03 -96.66 -64.53
N PRO E 339 104.23 -97.49 -65.55
CA PRO E 339 105.31 -97.22 -66.52
C PRO E 339 105.14 -95.91 -67.28
N GLN E 340 103.90 -95.49 -67.57
CA GLN E 340 103.71 -94.25 -68.32
C GLN E 340 104.33 -93.04 -67.60
N GLY E 341 104.45 -93.13 -66.27
CA GLY E 341 105.08 -92.05 -65.53
C GLY E 341 106.54 -91.86 -65.92
N LEU E 342 107.21 -92.95 -66.33
CA LEU E 342 108.57 -92.84 -66.83
C LEU E 342 108.60 -92.02 -68.11
N PHE E 343 107.66 -92.31 -69.02
CA PHE E 343 107.55 -91.54 -70.26
C PHE E 343 107.28 -90.07 -69.96
N ASP E 344 106.25 -89.79 -69.14
CA ASP E 344 105.90 -88.41 -68.86
C ASP E 344 107.06 -87.66 -68.24
N LEU E 345 107.89 -88.36 -67.46
CA LEU E 345 108.96 -87.72 -66.74
C LEU E 345 110.07 -87.27 -67.69
N LEU E 346 110.54 -88.20 -68.52
CA LEU E 346 111.52 -87.88 -69.54
C LEU E 346 111.06 -86.70 -70.42
N MET E 347 109.77 -86.70 -70.84
CA MET E 347 109.30 -85.61 -71.69
C MET E 347 109.24 -84.30 -70.91
N TRP E 348 108.91 -84.38 -69.63
CA TRP E 348 108.98 -83.20 -68.79
C TRP E 348 110.42 -82.69 -68.68
N ILE E 349 111.40 -83.60 -68.51
CA ILE E 349 112.80 -83.18 -68.46
C ILE E 349 113.20 -82.54 -69.79
N LYS E 350 112.78 -83.14 -70.90
CA LYS E 350 113.23 -82.68 -72.22
C LYS E 350 112.68 -81.29 -72.54
N GLU E 351 111.58 -80.90 -71.93
CA GLU E 351 110.97 -79.64 -72.33
C GLU E 351 111.13 -78.52 -71.31
N ASN E 352 111.72 -78.79 -70.13
CA ASN E 352 111.91 -77.74 -69.13
C ASN E 352 113.35 -77.49 -68.76
N TYR E 353 114.28 -78.31 -69.24
CA TYR E 353 115.65 -78.16 -68.81
C TYR E 353 116.52 -78.18 -70.05
N PRO E 354 117.73 -77.61 -69.97
CA PRO E 354 118.63 -77.63 -71.13
C PRO E 354 118.85 -79.05 -71.61
N GLN E 355 119.28 -79.22 -72.85
CA GLN E 355 119.52 -80.55 -73.38
C GLN E 355 120.68 -81.21 -72.63
N ILE E 356 120.52 -82.48 -72.30
CA ILE E 356 121.56 -83.23 -71.62
C ILE E 356 121.28 -84.70 -71.83
N PRO E 357 122.29 -85.55 -72.01
CA PRO E 357 122.04 -87.00 -72.03
C PRO E 357 121.43 -87.43 -70.70
N ILE E 358 120.54 -88.42 -70.78
CA ILE E 358 119.89 -89.00 -69.62
C ILE E 358 120.24 -90.49 -69.54
N TYR E 359 120.53 -90.93 -68.33
CA TYR E 359 120.67 -92.34 -68.02
C TYR E 359 119.62 -92.67 -66.97
N ILE E 360 118.84 -93.73 -67.21
CA ILE E 360 118.03 -94.32 -66.17
C ILE E 360 118.96 -95.18 -65.34
N THR E 361 119.40 -94.66 -64.20
CA THR E 361 120.39 -95.34 -63.37
C THR E 361 119.77 -96.29 -62.35
N GLU E 362 118.45 -96.21 -62.12
CA GLU E 362 117.76 -97.19 -61.29
C GLU E 362 116.34 -97.31 -61.79
N ASN E 363 115.90 -98.55 -61.94
CA ASN E 363 114.51 -98.92 -62.13
C ASN E 363 114.41 -100.42 -61.89
N GLY E 364 113.45 -100.81 -61.07
CA GLY E 364 113.13 -102.20 -60.83
C GLY E 364 111.95 -102.27 -59.89
N ALA E 365 111.73 -103.46 -59.34
CA ALA E 365 110.55 -103.71 -58.52
C ALA E 365 110.85 -104.81 -57.49
N ALA E 366 110.16 -104.72 -56.37
CA ALA E 366 110.31 -105.66 -55.27
C ALA E 366 109.11 -106.61 -55.26
N TYR E 367 109.39 -107.90 -55.32
CA TYR E 367 108.36 -108.91 -55.17
C TYR E 367 108.84 -109.97 -54.19
N ASN E 368 107.90 -110.68 -53.58
CA ASN E 368 108.22 -111.62 -52.51
C ASN E 368 108.63 -112.98 -53.10
N ASP E 369 109.82 -112.98 -53.71
CA ASP E 369 110.30 -114.13 -54.46
C ASP E 369 110.43 -115.38 -53.58
N ILE E 370 110.09 -116.53 -54.14
CA ILE E 370 110.28 -117.83 -53.51
C ILE E 370 110.95 -118.76 -54.51
N VAL E 371 111.82 -119.61 -54.00
CA VAL E 371 112.58 -120.51 -54.85
C VAL E 371 111.80 -121.82 -54.95
N THR E 372 111.42 -122.18 -56.18
CA THR E 372 110.63 -123.39 -56.42
C THR E 372 111.41 -124.62 -56.00
N GLU E 373 110.77 -125.79 -56.03
CA GLU E 373 111.52 -127.01 -55.83
C GLU E 373 112.51 -127.23 -56.96
N ASP E 374 112.18 -126.75 -58.16
CA ASP E 374 113.12 -126.75 -59.29
C ASP E 374 114.41 -126.01 -58.98
N GLY E 375 114.47 -125.26 -57.89
CA GLY E 375 115.52 -124.25 -57.76
C GLY E 375 115.35 -123.08 -58.71
N LYS E 376 114.13 -122.81 -59.15
CA LYS E 376 113.87 -121.69 -60.03
C LYS E 376 113.12 -120.60 -59.26
N VAL E 377 113.20 -119.38 -59.78
CA VAL E 377 112.44 -118.27 -59.23
C VAL E 377 111.60 -117.70 -60.37
N HIS E 378 110.29 -117.79 -60.23
CA HIS E 378 109.38 -117.45 -61.32
C HIS E 378 108.73 -116.11 -61.04
N ASP E 379 109.51 -115.04 -61.25
CA ASP E 379 109.10 -113.69 -60.88
C ASP E 379 108.48 -112.98 -62.07
N SER E 380 107.37 -113.55 -62.54
CA SER E 380 106.78 -113.07 -63.79
C SER E 380 106.23 -111.67 -63.66
N LYS E 381 105.84 -111.26 -62.44
CA LYS E 381 105.42 -109.88 -62.25
C LYS E 381 106.60 -108.92 -62.39
N ARG E 382 107.81 -109.35 -61.99
CA ARG E 382 108.99 -108.53 -62.23
C ARG E 382 109.29 -108.41 -63.71
N ILE E 383 109.16 -109.52 -64.46
CA ILE E 383 109.38 -109.47 -65.90
C ILE E 383 108.41 -108.49 -66.54
N GLU E 384 107.14 -108.54 -66.14
CA GLU E 384 106.15 -107.63 -66.69
C GLU E 384 106.47 -106.18 -66.33
N TYR E 385 106.86 -105.94 -65.08
CA TYR E 385 107.27 -104.60 -64.69
C TYR E 385 108.38 -104.08 -65.60
N LEU E 386 109.42 -104.90 -65.83
CA LEU E 386 110.55 -104.43 -66.63
C LEU E 386 110.13 -104.21 -68.06
N LYS E 387 109.40 -105.17 -68.66
CA LYS E 387 109.00 -105.07 -70.05
C LYS E 387 108.29 -103.75 -70.31
N GLN E 388 107.30 -103.45 -69.49
CA GLN E 388 106.52 -102.24 -69.73
C GLN E 388 107.38 -100.98 -69.57
N HIS E 389 108.33 -100.98 -68.63
CA HIS E 389 109.15 -99.79 -68.49
C HIS E 389 110.16 -99.68 -69.64
N PHE E 390 110.77 -100.80 -70.04
CA PHE E 390 111.56 -100.81 -71.26
C PHE E 390 110.78 -100.20 -72.41
N ASP E 391 109.49 -100.56 -72.53
CA ASP E 391 108.67 -100.06 -73.62
C ASP E 391 108.49 -98.55 -73.53
N GLN E 392 108.31 -98.02 -72.33
CA GLN E 392 108.14 -96.58 -72.21
C GLN E 392 109.44 -95.86 -72.52
N ALA E 393 110.58 -96.49 -72.22
CA ALA E 393 111.87 -95.88 -72.56
C ALA E 393 112.01 -95.75 -74.06
N ARG E 394 111.77 -96.85 -74.79
CA ARG E 394 111.71 -96.85 -76.25
C ARG E 394 110.82 -95.72 -76.77
N LYS E 395 109.60 -95.64 -76.25
CA LYS E 395 108.68 -94.59 -76.67
C LYS E 395 109.26 -93.20 -76.41
N ALA E 396 110.02 -93.04 -75.34
CA ALA E 396 110.63 -91.73 -75.08
C ALA E 396 111.75 -91.42 -76.07
N ILE E 397 112.49 -92.44 -76.51
CA ILE E 397 113.54 -92.20 -77.50
C ILE E 397 112.92 -91.79 -78.82
N GLU E 398 111.82 -92.44 -79.21
CA GLU E 398 111.14 -92.08 -80.44
C GLU E 398 110.60 -90.66 -80.39
N ASN E 399 110.27 -90.16 -79.20
CA ASN E 399 109.79 -88.80 -79.07
C ASN E 399 110.89 -87.78 -78.84
N GLY E 400 112.16 -88.19 -78.90
CA GLY E 400 113.25 -87.24 -78.98
C GLY E 400 114.08 -87.04 -77.71
N VAL E 401 113.85 -87.79 -76.64
CA VAL E 401 114.67 -87.62 -75.44
C VAL E 401 116.00 -88.33 -75.64
N ASP E 402 117.08 -87.66 -75.25
CA ASP E 402 118.44 -88.19 -75.43
C ASP E 402 118.77 -89.18 -74.31
N LEU E 403 118.08 -90.32 -74.33
CA LEU E 403 118.30 -91.37 -73.35
C LEU E 403 119.41 -92.29 -73.87
N ARG E 404 120.42 -92.54 -73.03
CA ARG E 404 121.62 -93.28 -73.41
C ARG E 404 121.85 -94.57 -72.65
N GLY E 405 121.04 -94.88 -71.64
CA GLY E 405 121.26 -96.14 -70.94
C GLY E 405 120.17 -96.43 -69.94
N TYR E 406 120.17 -97.68 -69.45
CA TYR E 406 119.11 -98.18 -68.59
C TYR E 406 119.71 -99.20 -67.64
N PHE E 407 119.72 -98.88 -66.34
CA PHE E 407 120.33 -99.74 -65.34
C PHE E 407 119.22 -100.32 -64.46
N VAL E 408 119.05 -101.64 -64.54
CA VAL E 408 118.05 -102.33 -63.73
C VAL E 408 118.53 -102.36 -62.28
N TRP E 409 117.67 -101.90 -61.37
CA TRP E 409 117.86 -102.15 -59.94
C TRP E 409 117.07 -103.41 -59.57
N SER E 410 117.76 -104.47 -59.20
CA SER E 410 119.20 -104.55 -58.96
C SER E 410 119.74 -105.84 -59.54
N LEU E 411 121.07 -105.93 -59.62
CA LEU E 411 121.68 -107.16 -60.12
C LEU E 411 121.29 -108.34 -59.25
N MET E 412 121.36 -108.16 -57.93
CA MET E 412 121.05 -109.21 -56.99
C MET E 412 120.24 -108.60 -55.84
N ASP E 413 119.51 -109.49 -55.13
CA ASP E 413 118.82 -109.09 -53.91
C ASP E 413 119.85 -108.58 -52.91
N ASN E 414 119.40 -107.70 -52.01
CA ASN E 414 120.39 -107.08 -51.14
C ASN E 414 119.66 -106.43 -49.98
N LEU E 415 120.41 -105.70 -49.16
CA LEU E 415 119.89 -105.03 -47.97
C LEU E 415 119.20 -103.74 -48.38
N GLU E 416 117.87 -103.75 -48.37
CA GLU E 416 117.12 -102.55 -48.73
C GLU E 416 117.02 -101.60 -47.53
N TRP E 417 118.17 -101.09 -47.11
CA TRP E 417 118.32 -100.05 -46.07
C TRP E 417 117.43 -100.39 -44.89
N ALA E 418 116.53 -99.49 -44.46
CA ALA E 418 115.75 -99.73 -43.25
C ALA E 418 114.81 -100.94 -43.39
N MET E 419 114.44 -101.33 -44.61
CA MET E 419 113.61 -102.50 -44.77
C MET E 419 114.40 -103.80 -44.62
N GLY E 420 115.69 -103.72 -44.32
CA GLY E 420 116.48 -104.92 -44.17
C GLY E 420 116.45 -105.76 -45.44
N TYR E 421 116.53 -107.08 -45.26
CA TYR E 421 116.53 -108.03 -46.36
C TYR E 421 115.13 -108.43 -46.79
N THR E 422 114.08 -107.82 -46.22
CA THR E 422 112.69 -108.17 -46.49
C THR E 422 112.20 -107.76 -47.89
N LYS E 423 112.93 -106.90 -48.60
CA LYS E 423 112.55 -106.47 -49.94
C LYS E 423 113.60 -106.94 -50.95
N ARG E 424 113.18 -107.67 -51.98
CA ARG E 424 114.08 -108.29 -52.94
C ARG E 424 113.89 -107.62 -54.30
N PHE E 425 114.91 -106.90 -54.75
CA PHE E 425 114.90 -106.27 -56.04
C PHE E 425 115.74 -106.98 -57.10
N GLY E 426 116.50 -108.00 -56.77
CA GLY E 426 117.41 -108.56 -57.74
C GLY E 426 116.72 -109.26 -58.91
N ILE E 427 117.42 -109.25 -60.06
CA ILE E 427 117.19 -110.29 -61.06
C ILE E 427 117.98 -111.56 -60.74
N ILE E 428 118.73 -111.57 -59.65
CA ILE E 428 119.41 -112.76 -59.16
C ILE E 428 119.00 -112.95 -57.70
N TYR E 429 118.49 -114.13 -57.38
CA TYR E 429 118.09 -114.42 -56.00
C TYR E 429 119.33 -114.74 -55.20
N VAL E 430 119.43 -114.15 -54.01
CA VAL E 430 120.53 -114.43 -53.09
C VAL E 430 119.95 -115.16 -51.89
N ASP E 431 120.38 -116.40 -51.70
CA ASP E 431 120.09 -117.13 -50.47
C ASP E 431 121.12 -116.69 -49.44
N TYR E 432 120.68 -115.91 -48.45
CA TYR E 432 121.62 -115.33 -47.50
C TYR E 432 122.16 -116.37 -46.52
N GLU E 433 121.52 -117.53 -46.40
CA GLU E 433 122.09 -118.56 -45.54
C GLU E 433 123.34 -119.16 -46.16
N THR E 434 123.30 -119.45 -47.46
CA THR E 434 124.40 -120.12 -48.14
C THR E 434 125.22 -119.20 -49.04
N GLN E 435 124.76 -117.96 -49.27
CA GLN E 435 125.32 -117.01 -50.23
C GLN E 435 125.19 -117.48 -51.67
N LYS E 436 124.40 -118.50 -51.95
CA LYS E 436 124.20 -118.94 -53.32
C LYS E 436 123.43 -117.91 -54.14
N ARG E 437 123.88 -117.69 -55.36
CA ARG E 437 123.18 -116.86 -56.33
C ARG E 437 122.34 -117.75 -57.24
N ILE E 438 121.08 -117.38 -57.45
CA ILE E 438 120.16 -118.14 -58.27
C ILE E 438 119.55 -117.20 -59.28
N LYS E 439 119.81 -117.45 -60.57
CA LYS E 439 119.24 -116.63 -61.63
C LYS E 439 117.73 -116.76 -61.65
N LYS E 440 117.02 -115.66 -61.37
CA LYS E 440 115.58 -115.62 -61.52
C LYS E 440 115.20 -115.65 -63.01
N ASP E 441 113.91 -115.89 -63.26
CA ASP E 441 113.39 -115.85 -64.63
C ASP E 441 113.60 -114.47 -65.27
N SER E 442 113.51 -113.40 -64.47
CA SER E 442 113.80 -112.06 -65.01
C SER E 442 115.23 -111.98 -65.53
N PHE E 443 116.16 -112.74 -64.94
CA PHE E 443 117.53 -112.75 -65.44
C PHE E 443 117.55 -113.15 -66.91
N TYR E 444 116.86 -114.23 -67.24
CA TYR E 444 116.91 -114.75 -68.60
C TYR E 444 116.15 -113.85 -69.57
N PHE E 445 115.06 -113.25 -69.10
CA PHE E 445 114.34 -112.28 -69.91
C PHE E 445 115.24 -111.10 -70.29
N TYR E 446 115.85 -110.46 -69.28
CA TYR E 446 116.71 -109.31 -69.51
C TYR E 446 117.88 -109.69 -70.42
N GLN E 447 118.50 -110.82 -70.15
CA GLN E 447 119.55 -111.35 -71.03
C GLN E 447 119.08 -111.35 -72.48
N GLN E 448 117.88 -111.88 -72.71
CA GLN E 448 117.32 -111.90 -74.05
C GLN E 448 117.03 -110.49 -74.55
N TYR E 449 116.39 -109.67 -73.72
CA TYR E 449 116.04 -108.32 -74.16
C TYR E 449 117.27 -107.50 -74.54
N ILE E 450 118.39 -107.67 -73.83
CA ILE E 450 119.61 -106.97 -74.21
C ILE E 450 120.05 -107.42 -75.60
N LYS E 451 120.10 -108.75 -75.79
CA LYS E 451 120.54 -109.34 -77.05
C LYS E 451 119.71 -108.86 -78.24
N GLU E 452 118.39 -108.71 -78.07
CA GLU E 452 117.59 -108.27 -79.22
C GLU E 452 117.48 -106.76 -79.34
N ASN E 453 118.10 -106.01 -78.44
CA ASN E 453 117.99 -104.56 -78.53
C ASN E 453 119.33 -103.89 -78.32
N SER E 454 120.41 -104.62 -78.62
CA SER E 454 121.74 -104.02 -78.62
C SER E 454 122.28 -104.03 -80.04
N SER F 3 58.40 -15.35 -31.68
CA SER F 3 59.33 -16.41 -32.03
C SER F 3 58.68 -17.57 -32.82
N PHE F 4 57.45 -17.97 -32.46
CA PHE F 4 56.71 -18.80 -33.41
C PHE F 4 56.03 -17.91 -34.44
N PRO F 5 55.92 -18.32 -35.72
CA PRO F 5 55.21 -17.50 -36.72
C PRO F 5 53.79 -17.10 -36.29
N LYS F 6 53.26 -16.03 -36.91
CA LYS F 6 52.11 -15.30 -36.37
C LYS F 6 50.86 -16.16 -36.27
N GLY F 7 50.54 -16.91 -37.33
CA GLY F 7 49.32 -17.71 -37.30
C GLY F 7 49.60 -19.19 -37.18
N PHE F 8 50.58 -19.56 -36.36
CA PHE F 8 50.97 -20.95 -36.18
C PHE F 8 49.78 -21.78 -35.69
N LEU F 9 49.57 -22.93 -36.30
CA LEU F 9 48.40 -23.76 -35.98
C LEU F 9 48.72 -24.65 -34.78
N TRP F 10 48.55 -24.09 -33.57
CA TRP F 10 48.54 -24.90 -32.35
C TRP F 10 47.28 -25.74 -32.31
N GLY F 11 47.42 -27.05 -32.29
CA GLY F 11 46.24 -27.88 -32.28
C GLY F 11 46.38 -29.15 -31.46
N ALA F 12 45.39 -30.03 -31.63
CA ALA F 12 45.39 -31.37 -31.08
C ALA F 12 44.69 -32.26 -32.10
N ALA F 13 44.91 -33.57 -31.99
CA ALA F 13 44.52 -34.50 -33.03
C ALA F 13 43.83 -35.73 -32.46
N THR F 14 42.92 -36.27 -33.27
CA THR F 14 42.18 -37.50 -32.98
C THR F 14 41.96 -38.25 -34.28
N ALA F 15 41.30 -39.40 -34.20
CA ALA F 15 40.85 -40.14 -35.37
C ALA F 15 39.56 -40.85 -35.01
N SER F 16 38.72 -41.08 -36.04
CA SER F 16 37.31 -41.42 -35.83
C SER F 16 37.14 -42.71 -35.01
N TYR F 17 37.77 -43.80 -35.44
CA TYR F 17 37.55 -45.05 -34.72
C TYR F 17 38.12 -45.00 -33.30
N GLN F 18 39.07 -44.12 -33.03
CA GLN F 18 39.62 -44.06 -31.69
C GLN F 18 38.70 -43.33 -30.69
N ILE F 19 37.74 -42.51 -31.14
CA ILE F 19 36.99 -41.67 -30.19
C ILE F 19 35.48 -41.69 -30.37
N GLU F 20 34.94 -42.06 -31.56
CA GLU F 20 33.56 -41.69 -31.87
C GLU F 20 32.54 -42.59 -31.16
N GLY F 21 32.84 -43.88 -31.03
CA GLY F 21 31.79 -44.81 -30.64
C GLY F 21 30.70 -44.93 -31.70
N ALA F 22 29.48 -45.24 -31.24
CA ALA F 22 28.29 -45.30 -32.10
C ALA F 22 28.54 -46.19 -33.32
N TRP F 23 29.22 -47.31 -33.08
CA TRP F 23 29.85 -48.05 -34.15
C TRP F 23 28.84 -48.60 -35.15
N ASN F 24 27.58 -48.69 -34.76
CA ASN F 24 26.56 -49.18 -35.67
C ASN F 24 25.27 -48.35 -35.59
N GLU F 25 25.35 -47.03 -35.37
CA GLU F 25 24.15 -46.20 -35.33
C GLU F 25 23.95 -45.50 -36.66
N ASP F 26 22.71 -45.05 -36.88
CA ASP F 26 22.38 -44.13 -37.97
C ASP F 26 22.83 -44.70 -39.31
N GLY F 27 22.76 -46.03 -39.42
CA GLY F 27 23.11 -46.71 -40.64
C GLY F 27 24.57 -46.76 -40.96
N LYS F 28 25.45 -46.55 -39.99
CA LYS F 28 26.87 -46.67 -40.27
C LYS F 28 27.21 -48.12 -40.63
N GLY F 29 28.04 -48.30 -41.64
CA GLY F 29 28.43 -49.62 -42.04
C GLY F 29 29.56 -50.16 -41.19
N GLU F 30 29.89 -51.43 -41.44
CA GLU F 30 30.95 -52.09 -40.71
C GLU F 30 32.29 -51.75 -41.33
N SER F 31 33.21 -51.24 -40.51
CA SER F 31 34.54 -51.03 -41.01
C SER F 31 35.39 -52.25 -40.70
N ILE F 32 36.59 -52.28 -41.27
CA ILE F 32 37.51 -53.37 -40.99
C ILE F 32 37.96 -53.36 -39.54
N TRP F 33 37.88 -52.21 -38.86
CA TRP F 33 38.26 -52.24 -37.46
C TRP F 33 37.11 -52.67 -36.57
N ASP F 34 35.86 -52.43 -37.00
CA ASP F 34 34.74 -53.11 -36.35
C ASP F 34 34.93 -54.62 -36.41
N ARG F 35 35.27 -55.15 -37.59
CA ARG F 35 35.51 -56.58 -37.73
C ARG F 35 36.69 -57.04 -36.89
N PHE F 36 37.79 -56.29 -36.94
CA PHE F 36 39.04 -56.71 -36.30
C PHE F 36 38.89 -56.84 -34.78
N THR F 37 38.37 -55.78 -34.12
CA THR F 37 38.17 -55.78 -32.68
C THR F 37 37.04 -56.70 -32.22
N HIS F 38 36.17 -57.17 -33.11
CA HIS F 38 35.13 -58.11 -32.70
C HIS F 38 35.56 -59.56 -32.79
N GLN F 39 36.81 -59.81 -33.18
CA GLN F 39 37.36 -61.16 -33.20
C GLN F 39 38.30 -61.34 -32.02
N LYS F 40 38.12 -62.42 -31.28
CA LYS F 40 38.91 -62.67 -30.08
C LYS F 40 40.41 -62.63 -30.39
N GLY F 41 41.18 -62.05 -29.47
CA GLY F 41 42.62 -62.16 -29.55
C GLY F 41 43.32 -61.19 -30.48
N ASN F 42 42.66 -60.10 -30.90
CA ASN F 42 43.35 -59.09 -31.69
C ASN F 42 43.77 -57.87 -30.88
N ILE F 43 43.04 -57.56 -29.82
CA ILE F 43 43.22 -56.36 -29.03
C ILE F 43 43.46 -56.77 -27.58
N LEU F 44 44.37 -56.07 -26.91
CA LEU F 44 44.56 -56.26 -25.48
C LEU F 44 43.24 -56.14 -24.71
N TYR F 45 43.02 -57.05 -23.76
CA TYR F 45 41.88 -57.06 -22.83
C TYR F 45 40.53 -57.11 -23.56
N GLY F 46 40.56 -57.49 -24.83
CA GLY F 46 39.32 -57.56 -25.59
C GLY F 46 38.65 -56.21 -25.81
N HIS F 47 39.40 -55.12 -25.76
CA HIS F 47 38.79 -53.81 -25.98
C HIS F 47 38.35 -53.62 -27.44
N ASN F 48 37.41 -52.71 -27.64
CA ASN F 48 36.91 -52.40 -28.97
C ASN F 48 36.41 -50.96 -28.98
N GLY F 49 36.14 -50.46 -30.19
CA GLY F 49 35.73 -49.07 -30.36
C GLY F 49 34.23 -48.94 -30.45
N ASP F 50 33.48 -49.87 -29.85
CA ASP F 50 32.02 -49.77 -29.97
C ASP F 50 31.51 -48.47 -29.36
N ILE F 51 32.11 -48.06 -28.25
CA ILE F 51 31.71 -46.86 -27.53
C ILE F 51 32.83 -45.84 -27.50
N ALA F 52 34.04 -46.28 -27.19
CA ALA F 52 35.25 -45.45 -27.16
C ALA F 52 34.99 -44.24 -26.26
N CYS F 53 35.17 -43.02 -26.72
CA CYS F 53 34.89 -41.82 -25.94
C CYS F 53 33.52 -41.25 -26.24
N ASP F 54 32.73 -41.95 -27.06
CA ASP F 54 31.36 -41.56 -27.35
C ASP F 54 31.31 -40.16 -27.96
N HIS F 55 32.31 -39.83 -28.76
CA HIS F 55 32.42 -38.48 -29.31
C HIS F 55 31.32 -38.21 -30.31
N TYR F 56 30.79 -39.26 -30.97
CA TYR F 56 29.67 -39.07 -31.87
C TYR F 56 28.51 -38.37 -31.18
N HIS F 57 28.29 -38.65 -29.89
CA HIS F 57 27.24 -38.05 -29.09
C HIS F 57 27.71 -36.83 -28.29
N ARG F 58 28.97 -36.78 -27.83
CA ARG F 58 29.44 -35.72 -26.94
C ARG F 58 30.29 -34.66 -27.64
N PHE F 59 30.27 -34.58 -28.98
CA PHE F 59 31.20 -33.69 -29.69
C PHE F 59 31.02 -32.22 -29.32
N GLU F 60 29.79 -31.79 -29.01
CA GLU F 60 29.59 -30.38 -28.67
C GLU F 60 30.36 -30.00 -27.41
N GLU F 61 30.25 -30.81 -26.34
CA GLU F 61 31.05 -30.55 -25.16
C GLU F 61 32.56 -30.57 -25.48
N ASP F 62 32.98 -31.54 -26.30
CA ASP F 62 34.40 -31.67 -26.65
C ASP F 62 34.93 -30.44 -27.39
N VAL F 63 34.14 -29.90 -28.33
CA VAL F 63 34.55 -28.68 -29.03
C VAL F 63 34.69 -27.53 -28.04
N LEU F 64 33.81 -27.46 -27.04
CA LEU F 64 33.94 -26.38 -26.08
C LEU F 64 35.19 -26.56 -25.23
N LEU F 65 35.58 -27.81 -24.95
CA LEU F 65 36.89 -28.03 -24.33
C LEU F 65 38.01 -27.50 -25.23
N MET F 66 37.89 -27.66 -26.56
CA MET F 66 38.94 -27.11 -27.41
C MET F 66 38.92 -25.58 -27.36
N LYS F 67 37.74 -24.97 -27.35
CA LYS F 67 37.72 -23.51 -27.25
C LYS F 67 38.34 -23.05 -25.96
N GLU F 68 38.00 -23.70 -24.84
CA GLU F 68 38.64 -23.41 -23.57
C GLU F 68 40.15 -23.61 -23.65
N LEU F 69 40.60 -24.67 -24.34
CA LEU F 69 42.05 -24.90 -24.42
C LEU F 69 42.74 -23.77 -25.21
N GLY F 70 42.00 -23.12 -26.11
CA GLY F 70 42.56 -22.09 -26.96
C GLY F 70 43.16 -22.58 -28.25
N LEU F 71 42.76 -23.77 -28.71
CA LEU F 71 43.33 -24.34 -29.93
C LEU F 71 43.08 -23.43 -31.12
N LYS F 72 44.10 -23.30 -31.99
CA LYS F 72 43.89 -22.63 -33.27
C LYS F 72 43.29 -23.58 -34.30
N ALA F 73 43.47 -24.89 -34.12
CA ALA F 73 43.00 -25.84 -35.12
C ALA F 73 42.78 -27.19 -34.46
N TYR F 74 41.96 -28.02 -35.08
CA TYR F 74 41.68 -29.35 -34.55
C TYR F 74 41.77 -30.36 -35.68
N ARG F 75 42.58 -31.41 -35.51
CA ARG F 75 42.71 -32.43 -36.56
C ARG F 75 41.91 -33.68 -36.18
N PHE F 76 41.10 -34.16 -37.13
CA PHE F 76 40.27 -35.31 -36.88
C PHE F 76 40.05 -36.05 -38.19
N SER F 77 39.44 -37.22 -38.10
CA SER F 77 39.26 -38.06 -39.28
C SER F 77 37.76 -38.23 -39.54
N ILE F 78 37.41 -38.54 -40.78
CA ILE F 78 36.02 -38.81 -41.15
C ILE F 78 35.86 -40.32 -41.33
N ALA F 79 34.82 -40.89 -40.71
CA ALA F 79 34.57 -42.32 -40.86
C ALA F 79 33.92 -42.57 -42.21
N TRP F 80 34.71 -43.09 -43.16
CA TRP F 80 34.21 -43.50 -44.47
C TRP F 80 32.87 -44.23 -44.37
N THR F 81 32.75 -45.15 -43.41
CA THR F 81 31.56 -45.98 -43.25
C THR F 81 30.34 -45.19 -42.81
N ARG F 82 30.51 -43.99 -42.28
CA ARG F 82 29.36 -43.14 -41.98
C ARG F 82 28.81 -42.42 -43.23
N ILE F 83 29.62 -42.29 -44.27
CA ILE F 83 29.19 -41.62 -45.48
C ILE F 83 28.70 -42.63 -46.51
N PHE F 84 29.48 -43.68 -46.75
CA PHE F 84 29.15 -44.77 -47.66
C PHE F 84 29.21 -46.08 -46.87
N PRO F 85 28.13 -46.48 -46.25
CA PRO F 85 28.19 -47.69 -45.42
C PRO F 85 28.70 -48.93 -46.15
N ASP F 86 28.68 -48.95 -47.49
CA ASP F 86 29.30 -50.02 -48.27
C ASP F 86 30.39 -49.52 -49.20
N GLY F 87 30.99 -48.37 -48.93
CA GLY F 87 32.08 -47.89 -49.77
C GLY F 87 31.70 -47.05 -50.97
N PHE F 88 30.51 -47.27 -51.52
CA PHE F 88 30.09 -46.67 -52.78
C PHE F 88 28.59 -46.46 -52.79
N GLY F 89 28.15 -45.60 -53.69
CA GLY F 89 26.74 -45.57 -54.08
C GLY F 89 25.91 -44.67 -53.16
N ASN F 90 25.10 -45.29 -52.31
CA ASN F 90 24.07 -44.59 -51.55
C ASN F 90 24.71 -43.84 -50.38
N VAL F 91 24.69 -42.51 -50.45
CA VAL F 91 25.27 -41.69 -49.39
C VAL F 91 24.32 -41.66 -48.20
N ASN F 92 24.87 -41.76 -47.01
CA ASN F 92 24.07 -41.82 -45.79
C ASN F 92 23.93 -40.40 -45.23
N GLN F 93 22.69 -39.90 -45.23
CA GLN F 93 22.47 -38.51 -44.86
C GLN F 93 22.86 -38.25 -43.41
N LYS F 94 22.47 -39.14 -42.51
CA LYS F 94 22.77 -38.92 -41.09
C LYS F 94 24.26 -38.90 -40.84
N GLY F 95 25.04 -39.64 -41.64
CA GLY F 95 26.47 -39.54 -41.55
C GLY F 95 26.99 -38.17 -41.92
N LEU F 96 26.53 -37.61 -43.04
CA LEU F 96 27.02 -36.29 -43.40
C LEU F 96 26.54 -35.24 -42.41
N GLU F 97 25.34 -35.43 -41.89
CA GLU F 97 24.80 -34.54 -40.87
C GLU F 97 25.69 -34.43 -39.65
N PHE F 98 26.24 -35.57 -39.18
CA PHE F 98 27.12 -35.53 -38.01
C PHE F 98 28.33 -34.65 -38.26
N TYR F 99 29.00 -34.85 -39.40
CA TYR F 99 30.18 -34.04 -39.72
C TYR F 99 29.79 -32.63 -40.12
N ASP F 100 28.61 -32.43 -40.71
CA ASP F 100 28.11 -31.05 -40.87
C ASP F 100 28.13 -30.31 -39.54
N ARG F 101 27.54 -30.93 -38.50
CA ARG F 101 27.39 -30.28 -37.21
C ARG F 101 28.74 -30.05 -36.54
N LEU F 102 29.61 -31.05 -36.57
CA LEU F 102 30.93 -30.92 -35.95
C LEU F 102 31.71 -29.78 -36.59
N ILE F 103 31.80 -29.80 -37.93
CA ILE F 103 32.57 -28.77 -38.62
C ILE F 103 31.97 -27.39 -38.34
N ASN F 104 30.63 -27.26 -38.42
CA ASN F 104 30.01 -25.97 -38.16
C ASN F 104 30.30 -25.50 -36.76
N LYS F 105 30.19 -26.40 -35.78
CA LYS F 105 30.52 -26.05 -34.41
C LYS F 105 31.98 -25.62 -34.28
N LEU F 106 32.89 -26.26 -35.02
CA LEU F 106 34.29 -25.83 -34.96
C LEU F 106 34.46 -24.42 -35.53
N VAL F 107 33.93 -24.18 -36.72
CA VAL F 107 34.00 -22.86 -37.34
C VAL F 107 33.33 -21.82 -36.45
N GLU F 108 32.20 -22.18 -35.84
CA GLU F 108 31.49 -21.33 -34.91
C GLU F 108 32.39 -20.84 -33.78
N ASN F 109 33.29 -21.71 -33.28
CA ASN F 109 34.12 -21.37 -32.15
C ASN F 109 35.51 -20.90 -32.54
N GLY F 110 35.77 -20.69 -33.84
CA GLY F 110 37.04 -20.15 -34.28
C GLY F 110 38.18 -21.15 -34.35
N ILE F 111 37.90 -22.41 -34.65
CA ILE F 111 38.91 -23.45 -34.71
C ILE F 111 39.02 -23.88 -36.16
N GLU F 112 40.25 -23.86 -36.68
CA GLU F 112 40.50 -24.34 -38.04
C GLU F 112 40.30 -25.85 -38.06
N PRO F 113 39.40 -26.37 -38.87
CA PRO F 113 39.35 -27.83 -39.06
C PRO F 113 40.52 -28.30 -39.92
N VAL F 114 41.12 -29.43 -39.54
CA VAL F 114 42.09 -30.12 -40.39
C VAL F 114 41.58 -31.56 -40.50
N ILE F 115 41.24 -32.02 -41.70
CA ILE F 115 40.52 -33.28 -41.84
C ILE F 115 41.40 -34.32 -42.54
N THR F 116 41.55 -35.46 -41.88
CA THR F 116 42.16 -36.66 -42.45
C THR F 116 41.07 -37.45 -43.16
N ILE F 117 41.20 -37.61 -44.47
CA ILE F 117 40.17 -38.31 -45.22
C ILE F 117 40.15 -39.78 -44.82
N TYR F 118 41.32 -40.40 -44.70
CA TYR F 118 41.42 -41.83 -44.39
C TYR F 118 42.36 -42.06 -43.22
N HIS F 119 41.79 -42.53 -42.12
CA HIS F 119 42.57 -42.87 -40.95
C HIS F 119 42.23 -44.30 -40.51
N TRP F 120 42.29 -45.25 -41.46
CA TRP F 120 42.38 -46.70 -41.26
C TRP F 120 41.02 -47.39 -41.19
N ASP F 121 39.91 -46.64 -41.30
CA ASP F 121 38.55 -47.12 -41.05
C ASP F 121 37.83 -47.59 -42.33
N LEU F 122 38.49 -48.42 -43.14
CA LEU F 122 37.96 -48.81 -44.45
C LEU F 122 36.67 -49.61 -44.30
N PRO F 123 35.68 -49.38 -45.16
CA PRO F 123 34.45 -50.17 -45.12
C PRO F 123 34.73 -51.65 -45.34
N GLN F 124 34.13 -52.49 -44.48
CA GLN F 124 34.36 -53.93 -44.57
C GLN F 124 33.83 -54.51 -45.89
N LYS F 125 32.78 -53.90 -46.46
CA LYS F 125 32.29 -54.35 -47.76
C LYS F 125 33.33 -54.16 -48.86
N LEU F 126 34.18 -53.14 -48.74
CA LEU F 126 35.31 -53.00 -49.65
C LEU F 126 36.42 -53.98 -49.32
N GLN F 127 36.61 -54.29 -48.04
CA GLN F 127 37.61 -55.30 -47.71
C GLN F 127 37.24 -56.62 -48.36
N ASP F 128 35.94 -56.94 -48.36
CA ASP F 128 35.44 -58.17 -48.93
C ASP F 128 35.83 -58.39 -50.39
N ILE F 129 36.25 -57.35 -51.10
CA ILE F 129 36.66 -57.48 -52.49
C ILE F 129 38.12 -57.13 -52.65
N GLY F 130 38.89 -57.25 -51.56
CA GLY F 130 40.33 -57.08 -51.59
C GLY F 130 40.85 -55.83 -50.92
N GLY F 131 39.97 -54.88 -50.56
CA GLY F 131 40.40 -53.67 -49.88
C GLY F 131 41.48 -52.93 -50.67
N TRP F 132 42.51 -52.48 -49.96
CA TRP F 132 43.62 -51.74 -50.57
C TRP F 132 44.52 -52.62 -51.43
N ALA F 133 44.28 -53.93 -51.47
CA ALA F 133 45.02 -54.80 -52.37
C ALA F 133 44.38 -54.88 -53.75
N ASN F 134 43.16 -54.37 -53.86
CA ASN F 134 42.38 -54.37 -55.09
C ASN F 134 42.45 -52.97 -55.68
N SER F 135 43.13 -52.83 -56.82
CA SER F 135 43.40 -51.50 -57.36
C SER F 135 42.16 -50.72 -57.74
N GLU F 136 40.98 -51.36 -57.77
CA GLU F 136 39.72 -50.63 -57.90
C GLU F 136 39.49 -49.68 -56.72
N ILE F 137 40.14 -49.97 -55.58
CA ILE F 137 40.09 -49.11 -54.40
C ILE F 137 40.40 -47.66 -54.72
N VAL F 138 41.22 -47.42 -55.75
CA VAL F 138 41.60 -46.05 -56.07
C VAL F 138 40.36 -45.23 -56.49
N ASN F 139 39.41 -45.85 -57.20
CA ASN F 139 38.22 -45.12 -57.65
C ASN F 139 37.19 -44.96 -56.54
N TYR F 140 37.02 -46.00 -55.72
CA TYR F 140 36.11 -45.89 -54.59
C TYR F 140 36.58 -44.82 -53.63
N TYR F 141 37.88 -44.86 -53.29
CA TYR F 141 38.45 -43.83 -52.43
C TYR F 141 38.29 -42.46 -53.03
N PHE F 142 38.52 -42.34 -54.35
CA PHE F 142 38.46 -41.04 -55.01
C PHE F 142 37.06 -40.43 -54.95
N ASP F 143 36.04 -41.26 -55.20
CA ASP F 143 34.66 -40.81 -55.09
C ASP F 143 34.35 -40.33 -53.68
N TYR F 144 34.82 -41.09 -52.67
CA TYR F 144 34.53 -40.75 -51.27
C TYR F 144 35.23 -39.47 -50.88
N ALA F 145 36.50 -39.35 -51.28
CA ALA F 145 37.29 -38.19 -50.93
C ALA F 145 36.71 -36.94 -51.57
N MET F 146 36.31 -37.01 -52.84
CA MET F 146 35.86 -35.79 -53.48
C MET F 146 34.51 -35.33 -52.96
N LEU F 147 33.64 -36.26 -52.56
CA LEU F 147 32.39 -35.87 -51.93
C LEU F 147 32.65 -35.02 -50.70
N VAL F 148 33.52 -35.48 -49.79
CA VAL F 148 33.70 -34.73 -48.55
C VAL F 148 34.45 -33.44 -48.82
N ILE F 149 35.39 -33.44 -49.77
CA ILE F 149 36.09 -32.18 -50.08
C ILE F 149 35.11 -31.17 -50.66
N ASN F 150 34.34 -31.57 -51.67
CA ASN F 150 33.41 -30.63 -52.31
C ASN F 150 32.34 -30.16 -51.34
N ARG F 151 31.95 -30.99 -50.38
CA ARG F 151 30.92 -30.60 -49.42
C ARG F 151 31.45 -29.57 -48.41
N TYR F 152 32.68 -29.73 -47.94
CA TYR F 152 33.18 -28.89 -46.84
C TYR F 152 34.25 -27.91 -47.26
N LYS F 153 34.61 -27.84 -48.55
CA LYS F 153 35.69 -26.98 -49.00
C LYS F 153 35.54 -25.54 -48.52
N ASP F 154 34.31 -25.08 -48.31
CA ASP F 154 34.06 -23.72 -47.86
C ASP F 154 34.38 -23.51 -46.39
N ARG F 155 34.46 -24.58 -45.60
CA ARG F 155 34.73 -24.44 -44.18
C ARG F 155 36.03 -25.09 -43.74
N VAL F 156 36.63 -25.96 -44.55
CA VAL F 156 37.81 -26.70 -44.16
C VAL F 156 38.89 -26.42 -45.21
N LYS F 157 39.98 -25.79 -44.77
CA LYS F 157 41.04 -25.41 -45.69
C LYS F 157 42.16 -26.45 -45.79
N TYR F 158 42.32 -27.30 -44.78
CA TYR F 158 43.43 -28.24 -44.70
C TYR F 158 42.91 -29.66 -44.77
N TRP F 159 43.35 -30.40 -45.78
CA TRP F 159 42.90 -31.76 -45.98
C TRP F 159 44.10 -32.70 -46.01
N ILE F 160 43.94 -33.88 -45.41
CA ILE F 160 44.97 -34.91 -45.42
C ILE F 160 44.41 -36.16 -46.07
N THR F 161 45.02 -36.59 -47.18
CA THR F 161 44.51 -37.76 -47.90
C THR F 161 44.59 -39.00 -47.02
N PHE F 162 45.74 -39.24 -46.40
CA PHE F 162 46.00 -40.48 -45.70
C PHE F 162 46.78 -40.20 -44.42
N ASN F 163 46.57 -41.02 -43.40
CA ASN F 163 47.42 -41.01 -42.22
C ASN F 163 48.27 -42.29 -42.19
N GLU F 164 49.58 -42.12 -42.08
CA GLU F 164 50.56 -43.20 -41.86
C GLU F 164 50.36 -44.40 -42.78
N PRO F 165 50.58 -44.24 -44.08
CA PRO F 165 50.48 -45.39 -45.01
C PRO F 165 51.37 -46.56 -44.63
N TYR F 166 52.54 -46.29 -44.02
CA TYR F 166 53.36 -47.37 -43.49
C TYR F 166 52.54 -48.33 -42.64
N CYS F 167 51.71 -47.79 -41.74
CA CYS F 167 50.95 -48.69 -40.88
C CYS F 167 49.83 -49.37 -41.66
N ILE F 168 49.16 -48.64 -42.57
CA ILE F 168 48.07 -49.25 -43.33
C ILE F 168 48.57 -50.48 -44.07
N ALA F 169 49.62 -50.31 -44.86
CA ALA F 169 50.27 -51.42 -45.55
C ALA F 169 50.86 -52.46 -44.60
N PHE F 170 51.93 -52.09 -43.88
CA PHE F 170 52.78 -53.09 -43.23
C PHE F 170 52.15 -53.67 -41.96
N LEU F 171 51.60 -52.83 -41.09
CA LEU F 171 50.96 -53.36 -39.90
C LEU F 171 49.63 -54.03 -40.23
N GLY F 172 49.00 -53.69 -41.36
CA GLY F 172 47.70 -54.23 -41.67
C GLY F 172 47.73 -55.47 -42.57
N HIS F 173 48.72 -55.52 -43.48
CA HIS F 173 48.79 -56.58 -44.46
C HIS F 173 50.06 -57.42 -44.38
N TRP F 174 51.09 -56.97 -43.65
CA TRP F 174 52.31 -57.74 -43.45
C TRP F 174 52.35 -58.39 -42.07
N HIS F 175 52.45 -57.59 -41.00
CA HIS F 175 52.46 -58.14 -39.65
C HIS F 175 51.10 -58.65 -39.22
N GLY F 176 50.02 -58.03 -39.73
CA GLY F 176 48.67 -58.41 -39.38
C GLY F 176 48.24 -58.04 -37.99
N VAL F 177 48.92 -57.08 -37.36
CA VAL F 177 48.54 -56.60 -36.04
C VAL F 177 47.49 -55.49 -36.10
N HIS F 178 47.26 -54.87 -37.26
CA HIS F 178 46.20 -53.92 -37.54
C HIS F 178 45.18 -54.54 -38.50
N ALA F 179 43.94 -54.03 -38.45
CA ALA F 179 42.98 -54.39 -39.48
C ALA F 179 43.58 -54.11 -40.86
N PRO F 180 43.30 -54.94 -41.86
CA PRO F 180 42.40 -56.09 -41.84
C PRO F 180 43.06 -57.37 -41.34
N GLY F 181 44.30 -57.31 -40.85
CA GLY F 181 44.91 -58.45 -40.22
C GLY F 181 45.54 -59.46 -41.17
N ILE F 182 45.99 -59.01 -42.33
CA ILE F 182 46.57 -59.86 -43.35
C ILE F 182 48.07 -59.93 -43.13
N LYS F 183 48.68 -61.07 -43.49
CA LYS F 183 50.12 -61.32 -43.27
C LYS F 183 50.76 -61.73 -44.60
N ASP F 184 51.22 -60.75 -45.36
CA ASP F 184 51.82 -61.02 -46.66
C ASP F 184 52.56 -59.80 -47.20
N PHE F 185 53.88 -59.81 -47.12
CA PHE F 185 54.66 -58.64 -47.55
C PHE F 185 54.36 -58.25 -49.00
N LYS F 186 54.00 -59.21 -49.84
CA LYS F 186 53.73 -58.87 -51.24
C LYS F 186 52.44 -58.07 -51.35
N VAL F 187 51.40 -58.50 -50.65
CA VAL F 187 50.16 -57.73 -50.61
C VAL F 187 50.42 -56.34 -50.07
N ALA F 188 51.26 -56.23 -49.04
CA ALA F 188 51.50 -54.94 -48.42
C ALA F 188 52.12 -53.95 -49.38
N ILE F 189 52.98 -54.40 -50.29
CA ILE F 189 53.57 -53.46 -51.22
C ILE F 189 52.53 -53.02 -52.25
N ASP F 190 51.64 -53.92 -52.65
CA ASP F 190 50.49 -53.53 -53.46
C ASP F 190 49.64 -52.48 -52.76
N VAL F 191 49.55 -52.59 -51.42
CA VAL F 191 48.78 -51.61 -50.65
C VAL F 191 49.48 -50.25 -50.67
N VAL F 192 50.82 -50.24 -50.57
CA VAL F 192 51.52 -48.97 -50.62
C VAL F 192 51.24 -48.28 -51.95
N HIS F 193 51.23 -49.05 -53.04
CA HIS F 193 51.10 -48.46 -54.37
C HIS F 193 49.70 -47.89 -54.57
N ASN F 194 48.67 -48.67 -54.25
CA ASN F 194 47.30 -48.20 -54.43
C ASN F 194 47.00 -46.97 -53.59
N ILE F 195 47.66 -46.83 -52.43
CA ILE F 195 47.54 -45.62 -51.62
C ILE F 195 48.18 -44.43 -52.33
N MET F 196 49.33 -44.63 -52.94
CA MET F 196 49.97 -43.53 -53.65
C MET F 196 49.15 -43.08 -54.85
N LEU F 197 48.57 -44.04 -55.57
CA LEU F 197 47.72 -43.67 -56.70
C LEU F 197 46.47 -42.95 -56.21
N SER F 198 45.86 -43.45 -55.13
CA SER F 198 44.69 -42.77 -54.59
C SER F 198 45.05 -41.35 -54.20
N HIS F 199 46.18 -41.19 -53.52
CA HIS F 199 46.59 -39.87 -53.07
C HIS F 199 46.74 -38.93 -54.24
N PHE F 200 47.45 -39.37 -55.29
CA PHE F 200 47.73 -38.51 -56.43
C PHE F 200 46.45 -38.09 -57.13
N LYS F 201 45.52 -39.03 -57.32
CA LYS F 201 44.29 -38.72 -58.04
C LYS F 201 43.53 -37.58 -57.36
N VAL F 202 43.60 -37.50 -56.02
CA VAL F 202 42.85 -36.48 -55.28
C VAL F 202 43.59 -35.14 -55.29
N VAL F 203 44.93 -35.13 -55.23
CA VAL F 203 45.62 -33.85 -55.35
C VAL F 203 45.40 -33.27 -56.75
N LYS F 204 45.46 -34.13 -57.79
CA LYS F 204 45.22 -33.67 -59.15
C LYS F 204 43.82 -33.07 -59.28
N ALA F 205 42.81 -33.80 -58.78
CA ALA F 205 41.44 -33.33 -58.86
C ALA F 205 41.24 -31.99 -58.14
N VAL F 206 41.89 -31.79 -56.99
CA VAL F 206 41.74 -30.52 -56.31
C VAL F 206 42.34 -29.39 -57.17
N LYS F 207 43.53 -29.61 -57.74
CA LYS F 207 44.16 -28.59 -58.58
C LYS F 207 43.38 -28.36 -59.87
N GLU F 208 43.02 -29.45 -60.58
CA GLU F 208 42.41 -29.35 -61.90
C GLU F 208 41.00 -28.76 -61.86
N ASN F 209 40.30 -28.91 -60.74
CA ASN F 209 38.97 -28.35 -60.57
C ASN F 209 38.99 -26.98 -59.91
N ASN F 210 40.19 -26.44 -59.62
CA ASN F 210 40.34 -25.11 -59.01
C ASN F 210 39.62 -25.01 -57.66
N ILE F 211 39.68 -26.07 -56.86
CA ILE F 211 39.18 -26.08 -55.48
C ILE F 211 40.23 -25.44 -54.57
N ASP F 212 39.88 -24.32 -53.93
CA ASP F 212 40.84 -23.54 -53.14
C ASP F 212 41.00 -24.11 -51.73
N VAL F 213 41.63 -25.30 -51.66
CA VAL F 213 41.98 -25.92 -50.39
C VAL F 213 43.38 -26.51 -50.51
N GLU F 214 44.03 -26.71 -49.34
CA GLU F 214 45.35 -27.35 -49.23
C GLU F 214 45.18 -28.84 -48.98
N VAL F 215 45.90 -29.66 -49.72
CA VAL F 215 45.82 -31.10 -49.56
C VAL F 215 47.23 -31.64 -49.30
N GLY F 216 47.39 -32.40 -48.22
CA GLY F 216 48.64 -33.03 -47.88
C GLY F 216 48.44 -34.51 -47.56
N ILE F 217 49.52 -35.10 -47.06
CA ILE F 217 49.52 -36.48 -46.61
C ILE F 217 50.34 -36.50 -45.33
N THR F 218 49.92 -37.36 -44.39
CA THR F 218 50.61 -37.47 -43.11
C THR F 218 51.44 -38.77 -43.04
N LEU F 219 52.75 -38.62 -42.85
CA LEU F 219 53.64 -39.77 -42.74
C LEU F 219 54.26 -39.83 -41.34
N ASN F 220 54.36 -41.04 -40.79
CA ASN F 220 55.14 -41.26 -39.57
C ASN F 220 56.58 -41.52 -39.97
N LEU F 221 57.48 -40.73 -39.42
CA LEU F 221 58.89 -40.76 -39.79
C LEU F 221 59.72 -41.04 -38.54
N THR F 222 60.55 -42.07 -38.61
CA THR F 222 61.42 -42.51 -37.50
C THR F 222 62.85 -42.24 -37.91
N PRO F 223 63.49 -41.19 -37.38
CA PRO F 223 64.91 -40.98 -37.69
C PRO F 223 65.74 -42.12 -37.09
N VAL F 224 66.52 -42.79 -37.95
CA VAL F 224 67.30 -43.97 -37.59
C VAL F 224 68.73 -43.57 -37.28
N TYR F 225 69.29 -44.09 -36.17
CA TYR F 225 70.65 -43.82 -35.73
C TYR F 225 71.42 -45.12 -35.57
N LEU F 226 72.74 -45.00 -35.67
CA LEU F 226 73.64 -46.15 -35.68
C LEU F 226 74.18 -46.41 -34.28
N GLN F 227 73.95 -47.63 -33.78
CA GLN F 227 74.52 -48.03 -32.49
C GLN F 227 76.04 -47.96 -32.52
N THR F 228 76.64 -48.51 -33.59
CA THR F 228 78.08 -48.40 -33.82
C THR F 228 78.61 -46.99 -33.60
N GLU F 229 77.91 -46.01 -34.17
CA GLU F 229 78.31 -44.62 -33.95
C GLU F 229 78.15 -44.22 -32.50
N ARG F 230 77.11 -44.70 -31.81
CA ARG F 230 76.96 -44.43 -30.39
C ARG F 230 78.16 -44.97 -29.61
N LEU F 231 78.64 -46.16 -29.99
CA LEU F 231 79.75 -46.79 -29.30
C LEU F 231 81.12 -46.18 -29.60
N GLY F 232 81.24 -45.35 -30.63
CA GLY F 232 82.54 -44.84 -31.04
C GLY F 232 83.33 -45.76 -31.95
N TYR F 233 82.73 -46.83 -32.45
CA TYR F 233 83.42 -47.75 -33.34
C TYR F 233 83.39 -47.21 -34.76
N LYS F 234 84.16 -47.86 -35.63
CA LYS F 234 84.21 -47.49 -37.03
C LYS F 234 83.13 -48.26 -37.77
N VAL F 235 82.34 -47.55 -38.56
CA VAL F 235 81.18 -48.11 -39.22
C VAL F 235 81.63 -48.84 -40.49
N SER F 236 81.32 -50.13 -40.56
CA SER F 236 81.63 -50.87 -41.77
C SER F 236 80.80 -50.36 -42.95
N GLU F 237 81.24 -50.74 -44.15
CA GLU F 237 80.54 -50.34 -45.36
C GLU F 237 79.22 -51.09 -45.50
N ILE F 238 79.20 -52.39 -45.19
CA ILE F 238 77.95 -53.12 -45.27
C ILE F 238 76.99 -52.72 -44.17
N GLU F 239 77.50 -52.18 -43.06
CA GLU F 239 76.61 -51.71 -42.00
C GLU F 239 75.87 -50.46 -42.45
N ARG F 240 76.61 -49.44 -42.90
CA ARG F 240 75.98 -48.24 -43.42
C ARG F 240 75.02 -48.55 -44.53
N GLU F 241 75.36 -49.53 -45.38
CA GLU F 241 74.47 -49.94 -46.45
C GLU F 241 73.17 -50.51 -45.90
N MET F 242 73.27 -51.46 -44.98
CA MET F 242 72.07 -52.22 -44.60
C MET F 242 71.17 -51.41 -43.69
N VAL F 243 71.74 -50.58 -42.81
CA VAL F 243 70.91 -49.76 -41.93
C VAL F 243 70.11 -48.75 -42.75
N ASN F 244 70.75 -48.15 -43.75
CA ASN F 244 70.06 -47.23 -44.66
C ASN F 244 68.95 -47.93 -45.42
N LEU F 245 69.20 -49.15 -45.89
CA LEU F 245 68.14 -49.89 -46.58
C LEU F 245 66.97 -50.17 -45.65
N SER F 246 67.24 -50.39 -44.37
CA SER F 246 66.15 -50.65 -43.43
C SER F 246 65.40 -49.36 -43.10
N SER F 247 66.10 -48.23 -43.10
CA SER F 247 65.49 -46.95 -42.80
C SER F 247 64.74 -46.38 -44.00
N GLN F 248 65.07 -46.83 -45.22
CA GLN F 248 64.25 -46.44 -46.37
C GLN F 248 62.87 -47.09 -46.29
N LEU F 249 62.78 -48.31 -45.74
CA LEU F 249 61.46 -48.91 -45.62
C LEU F 249 60.55 -48.09 -44.71
N ASP F 250 61.13 -47.34 -43.76
CA ASP F 250 60.33 -46.49 -42.88
C ASP F 250 59.97 -45.17 -43.55
N ASN F 251 60.94 -44.50 -44.15
CA ASN F 251 60.79 -43.09 -44.50
C ASN F 251 60.78 -42.85 -46.00
N GLU F 252 61.89 -43.10 -46.71
CA GLU F 252 61.96 -42.78 -48.13
C GLU F 252 60.94 -43.56 -48.95
N LEU F 253 60.60 -44.78 -48.54
CA LEU F 253 59.58 -45.51 -49.26
C LEU F 253 58.27 -44.72 -49.36
N PHE F 254 58.07 -43.73 -48.51
CA PHE F 254 56.88 -42.90 -48.63
C PHE F 254 57.18 -41.45 -48.93
N LEU F 255 58.31 -40.91 -48.46
CA LEU F 255 58.67 -39.54 -48.80
C LEU F 255 59.06 -39.40 -50.26
N ASP F 256 59.66 -40.44 -50.86
CA ASP F 256 60.13 -40.32 -52.25
C ASP F 256 58.96 -40.21 -53.22
N PRO F 257 58.03 -41.17 -53.29
CA PRO F 257 56.92 -41.04 -54.25
C PRO F 257 56.05 -39.83 -53.97
N VAL F 258 56.02 -39.34 -52.72
CA VAL F 258 55.15 -38.22 -52.38
C VAL F 258 55.77 -36.90 -52.78
N LEU F 259 57.09 -36.74 -52.61
CA LEU F 259 57.74 -35.44 -52.79
C LEU F 259 58.63 -35.34 -54.03
N LYS F 260 58.87 -36.44 -54.74
CA LYS F 260 59.88 -36.49 -55.79
C LYS F 260 59.28 -37.13 -57.03
N GLY F 261 58.79 -38.35 -56.91
CA GLY F 261 58.06 -38.95 -58.00
C GLY F 261 58.42 -40.40 -58.25
N ASN F 262 59.22 -40.98 -57.35
CA ASN F 262 59.75 -42.33 -57.53
C ASN F 262 59.79 -43.04 -56.17
N TYR F 263 59.67 -44.37 -56.21
CA TYR F 263 60.09 -45.15 -55.06
C TYR F 263 61.63 -45.13 -54.95
N PRO F 264 62.19 -45.39 -53.76
CA PRO F 264 63.65 -45.39 -53.62
C PRO F 264 64.28 -46.61 -54.27
N GLN F 265 65.34 -46.35 -55.05
CA GLN F 265 65.86 -47.38 -55.96
C GLN F 265 66.62 -48.48 -55.22
N LYS F 266 67.58 -48.11 -54.36
CA LYS F 266 68.32 -49.15 -53.62
C LYS F 266 67.35 -50.10 -52.96
N LEU F 267 66.34 -49.54 -52.29
CA LEU F 267 65.38 -50.33 -51.54
C LEU F 267 64.65 -51.32 -52.44
N PHE F 268 64.16 -50.85 -53.59
CA PHE F 268 63.48 -51.75 -54.53
C PHE F 268 64.45 -52.79 -55.10
N ASP F 269 65.69 -52.39 -55.43
CA ASP F 269 66.66 -53.36 -55.94
C ASP F 269 66.85 -54.50 -54.97
N TYR F 270 67.08 -54.17 -53.70
CA TYR F 270 67.18 -55.16 -52.64
C TYR F 270 65.98 -56.11 -52.66
N LEU F 271 64.77 -55.56 -52.54
CA LEU F 271 63.60 -56.40 -52.29
C LEU F 271 63.30 -57.32 -53.46
N VAL F 272 63.66 -56.91 -54.67
CA VAL F 272 63.56 -57.81 -55.80
C VAL F 272 64.61 -58.91 -55.69
N GLN F 273 65.87 -58.53 -55.39
CA GLN F 273 66.94 -59.52 -55.23
C GLN F 273 66.58 -60.59 -54.20
N LYS F 274 65.92 -60.19 -53.10
CA LYS F 274 65.57 -61.12 -52.04
C LYS F 274 64.22 -61.80 -52.27
N ASP F 275 63.66 -61.70 -53.48
CA ASP F 275 62.39 -62.33 -53.85
C ASP F 275 61.21 -61.81 -53.02
N LEU F 276 61.37 -60.64 -52.40
CA LEU F 276 60.26 -60.02 -51.69
C LEU F 276 59.35 -59.27 -52.65
N LEU F 277 59.94 -58.63 -53.65
CA LEU F 277 59.20 -57.88 -54.66
C LEU F 277 59.42 -58.56 -56.01
N GLU F 278 58.31 -58.89 -56.69
CA GLU F 278 58.37 -59.36 -58.06
C GLU F 278 59.01 -58.29 -58.94
N ALA F 279 59.88 -58.71 -59.84
CA ALA F 279 60.68 -57.74 -60.57
C ALA F 279 59.85 -56.95 -61.57
N GLN F 280 58.76 -57.55 -62.06
CA GLN F 280 57.87 -56.83 -62.97
C GLN F 280 57.07 -55.78 -62.22
N LYS F 281 56.57 -56.13 -61.02
CA LYS F 281 55.87 -55.17 -60.18
C LYS F 281 56.74 -53.95 -59.89
N ALA F 282 58.04 -54.16 -59.63
CA ALA F 282 58.91 -53.03 -59.32
C ALA F 282 58.94 -52.04 -60.48
N LEU F 283 58.96 -52.56 -61.71
CA LEU F 283 59.13 -51.72 -62.90
C LEU F 283 57.88 -50.90 -63.18
N SER F 284 56.71 -51.55 -63.19
CA SER F 284 55.47 -50.85 -63.50
C SER F 284 55.07 -49.89 -62.37
N MET F 285 55.31 -50.28 -61.11
CA MET F 285 55.14 -49.36 -59.98
C MET F 285 55.94 -48.08 -60.16
N GLN F 286 57.20 -48.22 -60.56
CA GLN F 286 58.05 -47.06 -60.77
C GLN F 286 57.48 -46.17 -61.86
N GLN F 287 56.93 -46.78 -62.90
CA GLN F 287 56.47 -46.00 -64.04
C GLN F 287 55.16 -45.30 -63.71
N GLU F 288 54.21 -46.01 -63.09
CA GLU F 288 52.91 -45.45 -62.73
C GLU F 288 52.99 -44.31 -61.72
N VAL F 289 54.02 -44.28 -60.87
CA VAL F 289 54.19 -43.14 -59.97
C VAL F 289 54.78 -41.97 -60.71
N LYS F 290 55.64 -42.22 -61.70
CA LYS F 290 56.12 -41.11 -62.54
C LYS F 290 54.97 -40.55 -63.37
N GLU F 291 54.09 -41.44 -63.82
CA GLU F 291 52.96 -41.05 -64.67
C GLU F 291 51.89 -40.28 -63.91
N ASN F 292 51.66 -40.60 -62.64
CA ASN F 292 50.59 -39.98 -61.86
C ASN F 292 51.08 -39.01 -60.82
N PHE F 293 52.40 -38.79 -60.69
CA PHE F 293 52.93 -37.97 -59.62
C PHE F 293 52.36 -36.56 -59.67
N ILE F 294 52.15 -35.97 -58.51
CA ILE F 294 51.90 -34.53 -58.37
C ILE F 294 52.37 -34.13 -56.98
N PHE F 295 53.11 -33.02 -56.91
CA PHE F 295 53.59 -32.49 -55.65
C PHE F 295 52.40 -32.09 -54.78
N PRO F 296 52.52 -32.25 -53.42
CA PRO F 296 51.44 -31.83 -52.50
C PRO F 296 51.59 -30.42 -51.94
N ASP F 297 50.61 -29.95 -51.14
CA ASP F 297 50.58 -28.58 -50.61
C ASP F 297 51.31 -28.44 -49.29
N PHE F 298 51.35 -29.51 -48.51
CA PHE F 298 52.06 -29.49 -47.24
C PHE F 298 52.38 -30.94 -46.91
N LEU F 299 53.37 -31.12 -46.05
CA LEU F 299 53.72 -32.42 -45.51
C LEU F 299 53.31 -32.50 -44.05
N GLY F 300 52.58 -33.56 -43.71
CA GLY F 300 52.32 -33.91 -42.33
C GLY F 300 53.30 -34.92 -41.77
N ILE F 301 53.85 -34.62 -40.60
CA ILE F 301 54.82 -35.50 -39.95
C ILE F 301 54.28 -35.91 -38.58
N ASN F 302 54.13 -37.21 -38.37
CA ASN F 302 53.86 -37.77 -37.04
C ASN F 302 55.19 -38.29 -36.52
N TYR F 303 55.73 -37.62 -35.49
CA TYR F 303 56.94 -38.03 -34.83
C TYR F 303 56.66 -38.39 -33.37
N TYR F 304 57.18 -39.53 -32.93
CA TYR F 304 57.21 -39.86 -31.51
C TYR F 304 58.59 -40.23 -31.01
N THR F 305 59.39 -40.94 -31.81
CA THR F 305 60.64 -41.48 -31.28
C THR F 305 61.65 -41.69 -32.39
N ARG F 306 62.85 -42.12 -32.01
CA ARG F 306 63.86 -42.51 -32.98
C ARG F 306 64.01 -44.03 -33.00
N ALA F 307 64.94 -44.50 -33.82
CA ALA F 307 65.37 -45.88 -33.78
C ALA F 307 66.89 -45.93 -33.83
N VAL F 308 67.44 -46.95 -33.19
CA VAL F 308 68.88 -47.18 -33.12
C VAL F 308 69.12 -48.60 -33.59
N ARG F 309 69.87 -48.75 -34.69
CA ARG F 309 70.02 -50.05 -35.31
C ARG F 309 71.49 -50.41 -35.51
N LEU F 310 71.71 -51.67 -35.88
CA LEU F 310 73.04 -52.17 -36.21
C LEU F 310 72.90 -53.43 -37.06
N TYR F 311 73.98 -53.77 -37.73
CA TYR F 311 74.00 -54.93 -38.62
C TYR F 311 74.05 -56.24 -37.84
N ASP F 312 73.32 -57.24 -38.33
CA ASP F 312 73.32 -58.57 -37.72
C ASP F 312 72.79 -59.52 -38.79
N GLU F 313 73.68 -60.29 -39.41
CA GLU F 313 73.27 -61.13 -40.53
C GLU F 313 72.51 -62.38 -40.08
N ASN F 314 72.22 -62.53 -38.80
CA ASN F 314 71.38 -63.64 -38.34
C ASN F 314 69.98 -63.16 -37.95
N SER F 315 69.63 -61.94 -38.34
CA SER F 315 68.36 -61.33 -37.96
C SER F 315 67.19 -62.06 -38.63
N SER F 316 66.04 -62.04 -37.96
CA SER F 316 64.79 -62.53 -38.53
C SER F 316 64.02 -61.46 -39.29
N TRP F 317 64.51 -60.23 -39.30
CA TRP F 317 63.93 -59.17 -40.11
C TRP F 317 64.18 -59.42 -41.59
N ILE F 318 63.48 -58.67 -42.43
CA ILE F 318 63.73 -58.77 -43.87
C ILE F 318 65.01 -58.08 -44.28
N PHE F 319 65.60 -57.29 -43.40
CA PHE F 319 66.94 -56.80 -43.56
C PHE F 319 67.82 -57.35 -42.46
N PRO F 320 69.13 -57.51 -42.70
CA PRO F 320 70.00 -58.03 -41.59
C PRO F 320 70.27 -56.96 -40.53
N ILE F 321 69.29 -56.69 -39.72
CA ILE F 321 69.30 -55.55 -38.83
C ILE F 321 68.79 -55.97 -37.47
N ARG F 322 69.34 -55.38 -36.42
CA ARG F 322 68.83 -55.53 -35.06
C ARG F 322 68.71 -54.16 -34.44
N TRP F 323 67.80 -54.06 -33.46
CA TRP F 323 67.51 -52.82 -32.76
C TRP F 323 68.24 -52.80 -31.42
N GLU F 324 68.63 -51.60 -30.97
CA GLU F 324 69.30 -51.41 -29.69
C GLU F 324 68.56 -50.36 -28.87
N HIS F 325 68.39 -50.61 -27.57
CA HIS F 325 67.65 -49.69 -26.72
C HIS F 325 68.61 -48.86 -25.90
N PRO F 326 68.79 -47.58 -26.20
CA PRO F 326 69.70 -46.75 -25.39
C PRO F 326 69.11 -46.42 -24.04
N ALA F 327 69.99 -46.15 -23.07
CA ALA F 327 69.52 -45.67 -21.79
C ALA F 327 68.73 -44.37 -21.95
N GLY F 328 67.77 -44.17 -21.07
CA GLY F 328 67.07 -42.91 -20.97
C GLY F 328 65.65 -43.14 -20.54
N GLU F 329 64.83 -42.10 -20.71
CA GLU F 329 63.42 -42.19 -20.37
C GLU F 329 62.61 -42.82 -21.51
N TYR F 330 61.67 -43.68 -21.13
CA TYR F 330 60.74 -44.33 -22.06
C TYR F 330 59.32 -44.12 -21.57
N THR F 331 58.37 -44.18 -22.50
CA THR F 331 56.95 -44.04 -22.21
C THR F 331 56.35 -45.44 -22.10
N GLU F 332 55.03 -45.48 -21.88
CA GLU F 332 54.29 -46.74 -21.74
C GLU F 332 54.21 -47.51 -23.04
N MET F 333 54.44 -46.84 -24.19
CA MET F 333 54.62 -47.52 -25.46
C MET F 333 55.94 -48.26 -25.55
N GLY F 334 56.86 -48.01 -24.63
CA GLY F 334 58.21 -48.50 -24.82
C GLY F 334 59.00 -47.67 -25.80
N TRP F 335 58.64 -46.40 -25.95
CA TRP F 335 59.26 -45.51 -26.94
C TRP F 335 60.23 -44.59 -26.21
N GLU F 336 61.42 -44.46 -26.76
CA GLU F 336 62.42 -43.59 -26.16
C GLU F 336 62.00 -42.15 -26.30
N VAL F 337 62.16 -41.38 -25.22
CA VAL F 337 61.90 -39.96 -25.25
C VAL F 337 63.14 -39.29 -25.80
N PHE F 338 63.08 -38.83 -27.04
CA PHE F 338 64.25 -38.38 -27.77
C PHE F 338 63.90 -37.13 -28.56
N PRO F 339 63.77 -35.99 -27.88
CA PRO F 339 63.29 -34.77 -28.57
C PRO F 339 64.22 -34.29 -29.68
N GLN F 340 65.55 -34.53 -29.57
CA GLN F 340 66.47 -34.16 -30.63
C GLN F 340 66.11 -34.83 -31.95
N GLY F 341 65.54 -36.03 -31.88
CA GLY F 341 65.09 -36.70 -33.10
C GLY F 341 64.06 -35.93 -33.93
N LEU F 342 63.23 -35.10 -33.27
CA LEU F 342 62.33 -34.24 -34.02
C LEU F 342 63.11 -33.21 -34.82
N PHE F 343 63.99 -32.48 -34.13
CA PHE F 343 64.80 -31.47 -34.79
C PHE F 343 65.67 -32.09 -35.88
N ASP F 344 66.27 -33.24 -35.60
CA ASP F 344 67.09 -33.88 -36.63
C ASP F 344 66.26 -34.28 -37.83
N LEU F 345 65.01 -34.66 -37.60
CA LEU F 345 64.15 -35.09 -38.68
C LEU F 345 63.78 -33.93 -39.58
N LEU F 346 63.40 -32.79 -39.00
CA LEU F 346 62.93 -31.67 -39.80
C LEU F 346 64.06 -31.14 -40.68
N MET F 347 65.26 -30.99 -40.08
CA MET F 347 66.43 -30.52 -40.82
C MET F 347 66.77 -31.45 -41.98
N TRP F 348 66.80 -32.76 -41.72
CA TRP F 348 67.00 -33.72 -42.80
C TRP F 348 65.95 -33.55 -43.91
N ILE F 349 64.69 -33.30 -43.55
CA ILE F 349 63.66 -33.07 -44.55
C ILE F 349 63.99 -31.82 -45.35
N LYS F 350 64.34 -30.74 -44.66
CA LYS F 350 64.66 -29.47 -45.30
C LYS F 350 65.86 -29.62 -46.22
N GLU F 351 66.88 -30.37 -45.80
CA GLU F 351 68.10 -30.45 -46.57
C GLU F 351 68.05 -31.48 -47.69
N ASN F 352 67.00 -32.30 -47.76
CA ASN F 352 67.01 -33.42 -48.68
C ASN F 352 65.76 -33.52 -49.53
N TYR F 353 64.86 -32.57 -49.46
CA TYR F 353 63.66 -32.65 -50.26
C TYR F 353 63.26 -31.24 -50.68
N PRO F 354 62.50 -31.11 -51.76
CA PRO F 354 62.06 -29.78 -52.21
C PRO F 354 61.29 -29.06 -51.11
N GLN F 355 61.31 -27.74 -51.17
CA GLN F 355 60.65 -26.92 -50.15
C GLN F 355 59.16 -27.26 -50.07
N ILE F 356 58.64 -27.35 -48.85
CA ILE F 356 57.21 -27.60 -48.65
C ILE F 356 56.84 -27.16 -47.24
N PRO F 357 55.65 -26.61 -47.01
CA PRO F 357 55.20 -26.41 -45.62
C PRO F 357 55.08 -27.75 -44.90
N ILE F 358 55.50 -27.73 -43.63
CA ILE F 358 55.48 -28.91 -42.79
C ILE F 358 54.58 -28.61 -41.60
N TYR F 359 53.68 -29.53 -41.28
CA TYR F 359 52.93 -29.49 -40.03
C TYR F 359 53.29 -30.73 -39.22
N ILE F 360 53.52 -30.54 -37.92
CA ILE F 360 53.60 -31.70 -37.02
C ILE F 360 52.16 -32.12 -36.78
N THR F 361 51.73 -33.21 -37.41
CA THR F 361 50.34 -33.60 -37.26
C THR F 361 50.09 -34.56 -36.12
N GLU F 362 51.15 -35.15 -35.53
CA GLU F 362 51.01 -35.94 -34.31
C GLU F 362 52.30 -35.89 -33.53
N ASN F 363 52.23 -35.52 -32.26
CA ASN F 363 53.32 -35.76 -31.32
C ASN F 363 52.74 -35.76 -29.91
N GLY F 364 53.12 -36.75 -29.11
CA GLY F 364 52.67 -36.84 -27.73
C GLY F 364 53.27 -38.05 -27.05
N ALA F 365 52.77 -38.36 -25.85
CA ALA F 365 53.36 -39.45 -25.09
C ALA F 365 52.31 -40.15 -24.23
N ALA F 366 52.56 -41.43 -23.95
CA ALA F 366 51.66 -42.29 -23.18
C ALA F 366 52.26 -42.53 -21.80
N TYR F 367 51.53 -42.10 -20.77
CA TYR F 367 51.88 -42.30 -19.37
C TYR F 367 50.67 -42.89 -18.66
N ASN F 368 50.93 -43.70 -17.62
CA ASN F 368 49.86 -44.39 -16.89
C ASN F 368 49.17 -43.41 -15.93
N ASP F 369 48.24 -42.62 -16.46
CA ASP F 369 47.61 -41.54 -15.69
C ASP F 369 46.69 -42.10 -14.60
N ILE F 370 46.69 -41.43 -13.46
CA ILE F 370 45.86 -41.78 -12.30
C ILE F 370 45.12 -40.53 -11.84
N VAL F 371 43.80 -40.64 -11.64
CA VAL F 371 43.02 -39.50 -11.19
C VAL F 371 43.13 -39.43 -9.67
N THR F 372 43.44 -38.27 -9.15
CA THR F 372 43.57 -38.18 -7.70
C THR F 372 42.20 -38.19 -7.03
N GLU F 373 42.24 -38.36 -5.71
CA GLU F 373 41.05 -38.44 -4.87
C GLU F 373 40.14 -37.22 -5.01
N ASP F 374 40.61 -36.15 -5.66
CA ASP F 374 39.86 -34.90 -5.83
C ASP F 374 39.79 -34.46 -7.29
N GLY F 375 39.90 -35.38 -8.24
CA GLY F 375 39.59 -35.07 -9.62
C GLY F 375 40.69 -34.46 -10.45
N LYS F 376 41.96 -34.71 -10.12
CA LYS F 376 43.06 -34.14 -10.88
C LYS F 376 43.96 -35.24 -11.40
N VAL F 377 44.72 -34.92 -12.45
CA VAL F 377 45.70 -35.83 -13.03
C VAL F 377 47.01 -35.05 -13.11
N HIS F 378 48.04 -35.53 -12.41
CA HIS F 378 49.31 -34.78 -12.32
C HIS F 378 50.36 -35.40 -13.24
N ASP F 379 50.12 -35.27 -14.54
CA ASP F 379 50.98 -35.89 -15.55
C ASP F 379 52.18 -35.00 -15.87
N SER F 380 53.02 -34.82 -14.85
CA SER F 380 54.20 -33.98 -15.00
C SER F 380 55.16 -34.54 -16.04
N LYS F 381 55.15 -35.85 -16.26
CA LYS F 381 56.01 -36.42 -17.29
C LYS F 381 55.53 -36.06 -18.69
N ARG F 382 54.22 -36.09 -18.90
CA ARG F 382 53.70 -35.67 -20.20
C ARG F 382 54.07 -34.21 -20.47
N ILE F 383 53.91 -33.36 -19.45
CA ILE F 383 54.22 -31.93 -19.60
C ILE F 383 55.66 -31.74 -20.05
N GLU F 384 56.59 -32.38 -19.33
CA GLU F 384 57.99 -32.30 -19.71
C GLU F 384 58.22 -32.83 -21.12
N TYR F 385 57.59 -33.95 -21.48
CA TYR F 385 57.73 -34.46 -22.83
C TYR F 385 57.39 -33.38 -23.85
N LEU F 386 56.22 -32.74 -23.68
CA LEU F 386 55.75 -31.77 -24.65
C LEU F 386 56.66 -30.54 -24.70
N LYS F 387 56.97 -29.99 -23.53
CA LYS F 387 57.86 -28.82 -23.45
C LYS F 387 59.15 -29.05 -24.24
N GLN F 388 59.79 -30.21 -24.05
CA GLN F 388 61.05 -30.45 -24.73
C GLN F 388 60.86 -30.50 -26.24
N HIS F 389 59.76 -31.14 -26.70
CA HIS F 389 59.54 -31.26 -28.13
C HIS F 389 59.09 -29.94 -28.75
N PHE F 390 58.26 -29.17 -28.02
CA PHE F 390 57.93 -27.82 -28.45
C PHE F 390 59.19 -27.03 -28.68
N ASP F 391 60.17 -27.20 -27.78
CA ASP F 391 61.43 -26.45 -27.87
C ASP F 391 62.26 -26.88 -29.07
N GLN F 392 62.33 -28.18 -29.33
CA GLN F 392 62.95 -28.64 -30.57
C GLN F 392 62.17 -28.14 -31.80
N ALA F 393 60.85 -27.96 -31.67
CA ALA F 393 60.08 -27.39 -32.78
C ALA F 393 60.47 -25.95 -33.03
N ARG F 394 60.60 -25.17 -31.96
CA ARG F 394 61.02 -23.77 -32.09
C ARG F 394 62.44 -23.67 -32.65
N LYS F 395 63.36 -24.51 -32.15
CA LYS F 395 64.73 -24.52 -32.65
C LYS F 395 64.77 -24.79 -34.14
N ALA F 396 63.95 -25.73 -34.62
CA ALA F 396 63.92 -26.04 -36.05
C ALA F 396 63.45 -24.86 -36.88
N ILE F 397 62.44 -24.13 -36.39
CA ILE F 397 61.95 -22.95 -37.09
C ILE F 397 63.05 -21.92 -37.18
N GLU F 398 63.75 -21.68 -36.07
CA GLU F 398 64.87 -20.76 -36.07
C GLU F 398 65.96 -21.16 -37.05
N ASN F 399 66.04 -22.43 -37.44
CA ASN F 399 67.00 -22.87 -38.43
C ASN F 399 66.39 -22.95 -39.83
N GLY F 400 65.30 -22.23 -40.06
CA GLY F 400 64.75 -22.13 -41.39
C GLY F 400 63.89 -23.28 -41.84
N VAL F 401 63.38 -24.10 -40.93
CA VAL F 401 62.36 -25.08 -41.32
C VAL F 401 61.01 -24.37 -41.41
N ASP F 402 60.28 -24.65 -42.48
CA ASP F 402 58.96 -24.06 -42.75
C ASP F 402 57.86 -24.81 -41.98
N LEU F 403 57.97 -24.80 -40.66
CA LEU F 403 57.01 -25.48 -39.80
C LEU F 403 55.83 -24.54 -39.52
N ARG F 404 54.62 -24.98 -39.86
CA ARG F 404 53.45 -24.12 -39.78
C ARG F 404 52.43 -24.57 -38.75
N GLY F 405 52.69 -25.64 -38.00
CA GLY F 405 51.69 -26.14 -37.08
C GLY F 405 52.17 -27.36 -36.32
N TYR F 406 51.54 -27.57 -35.17
CA TYR F 406 51.92 -28.63 -34.24
C TYR F 406 50.65 -29.13 -33.57
N PHE F 407 50.34 -30.41 -33.79
CA PHE F 407 49.12 -31.03 -33.30
C PHE F 407 49.48 -32.09 -32.27
N VAL F 408 49.24 -31.78 -30.99
CA VAL F 408 49.47 -32.76 -29.93
C VAL F 408 48.56 -33.96 -30.14
N TRP F 409 49.12 -35.15 -30.13
CA TRP F 409 48.33 -36.35 -29.96
C TRP F 409 48.36 -36.70 -28.47
N SER F 410 47.19 -36.79 -27.85
CA SER F 410 45.89 -36.53 -28.44
C SER F 410 45.08 -35.54 -27.60
N LEU F 411 43.94 -35.09 -28.14
CA LEU F 411 43.07 -34.22 -27.35
C LEU F 411 42.60 -34.94 -26.09
N MET F 412 42.20 -36.19 -26.24
CA MET F 412 41.67 -36.95 -25.12
C MET F 412 42.20 -38.37 -25.22
N ASP F 413 42.15 -39.10 -24.10
CA ASP F 413 42.49 -40.51 -24.10
C ASP F 413 41.53 -41.25 -25.03
N ASN F 414 41.99 -42.34 -25.63
CA ASN F 414 41.17 -42.98 -26.64
C ASN F 414 41.68 -44.40 -26.85
N LEU F 415 41.01 -45.12 -27.75
CA LEU F 415 41.39 -46.49 -28.08
C LEU F 415 42.68 -46.46 -28.88
N GLU F 416 43.79 -46.87 -28.25
CA GLU F 416 45.08 -46.91 -28.93
C GLU F 416 45.23 -48.21 -29.72
N TRP F 417 44.29 -48.41 -30.64
CA TRP F 417 44.29 -49.51 -31.62
C TRP F 417 44.44 -50.84 -30.89
N ALA F 418 45.42 -51.69 -31.27
CA ALA F 418 45.51 -53.02 -30.68
C ALA F 418 46.00 -52.99 -29.23
N MET F 419 46.47 -51.84 -28.72
CA MET F 419 46.68 -51.69 -27.28
C MET F 419 45.39 -51.47 -26.50
N GLY F 420 44.24 -51.42 -27.18
CA GLY F 420 43.01 -51.09 -26.45
C GLY F 420 43.14 -49.74 -25.74
N TYR F 421 42.48 -49.63 -24.59
CA TYR F 421 42.46 -48.40 -23.82
C TYR F 421 43.57 -48.32 -22.79
N THR F 422 44.52 -49.28 -22.80
CA THR F 422 45.58 -49.34 -21.79
C THR F 422 46.61 -48.23 -21.98
N LYS F 423 46.60 -47.58 -23.12
CA LYS F 423 47.56 -46.51 -23.40
C LYS F 423 46.78 -45.21 -23.48
N ARG F 424 47.12 -44.27 -22.60
CA ARG F 424 46.46 -42.97 -22.47
C ARG F 424 47.40 -41.89 -23.01
N PHE F 425 46.99 -41.25 -24.11
CA PHE F 425 47.74 -40.18 -24.73
C PHE F 425 47.10 -38.80 -24.55
N GLY F 426 45.96 -38.69 -23.86
CA GLY F 426 45.22 -37.45 -23.89
C GLY F 426 45.84 -36.37 -23.02
N ILE F 427 45.57 -35.11 -23.35
CA ILE F 427 45.71 -34.05 -22.35
C ILE F 427 44.43 -33.91 -21.56
N ILE F 428 43.41 -34.66 -21.93
CA ILE F 428 42.15 -34.75 -21.21
C ILE F 428 41.96 -36.23 -20.90
N TYR F 429 41.83 -36.54 -19.61
CA TYR F 429 41.56 -37.90 -19.19
C TYR F 429 40.11 -38.23 -19.44
N VAL F 430 39.86 -39.47 -19.89
CA VAL F 430 38.52 -39.96 -20.14
C VAL F 430 38.29 -41.13 -19.21
N ASP F 431 37.30 -40.99 -18.34
CA ASP F 431 36.84 -42.10 -17.51
C ASP F 431 35.82 -42.89 -18.34
N TYR F 432 36.23 -44.07 -18.81
CA TYR F 432 35.39 -44.84 -19.73
C TYR F 432 34.17 -45.43 -19.06
N GLU F 433 34.11 -45.43 -17.72
CA GLU F 433 32.90 -45.91 -17.08
C GLU F 433 31.80 -44.88 -17.15
N THR F 434 32.15 -43.60 -16.96
CA THR F 434 31.16 -42.54 -16.93
C THR F 434 31.22 -41.61 -18.14
N GLN F 435 32.27 -41.69 -18.96
CA GLN F 435 32.53 -40.78 -20.08
C GLN F 435 32.81 -39.34 -19.65
N LYS F 436 33.13 -39.13 -18.37
CA LYS F 436 33.51 -37.81 -17.88
C LYS F 436 34.87 -37.42 -18.45
N ARG F 437 34.98 -36.17 -18.91
CA ARG F 437 36.25 -35.60 -19.35
C ARG F 437 36.86 -34.86 -18.17
N ILE F 438 38.10 -35.21 -17.82
CA ILE F 438 38.84 -34.53 -16.78
C ILE F 438 40.08 -33.91 -17.41
N LYS F 439 40.25 -32.61 -17.25
CA LYS F 439 41.44 -31.92 -17.74
C LYS F 439 42.68 -32.31 -16.93
N LYS F 440 43.66 -32.94 -17.60
CA LYS F 440 44.94 -33.25 -16.98
C LYS F 440 45.76 -31.98 -16.80
N ASP F 441 46.85 -32.10 -16.02
CA ASP F 441 47.70 -30.93 -15.85
C ASP F 441 48.34 -30.49 -17.17
N SER F 442 48.59 -31.43 -18.08
CA SER F 442 49.12 -31.02 -19.38
C SER F 442 48.13 -30.13 -20.13
N PHE F 443 46.83 -30.30 -19.91
CA PHE F 443 45.85 -29.44 -20.56
C PHE F 443 46.11 -27.98 -20.24
N TYR F 444 46.32 -27.67 -18.97
CA TYR F 444 46.55 -26.30 -18.53
C TYR F 444 47.94 -25.82 -18.95
N PHE F 445 48.89 -26.75 -19.08
CA PHE F 445 50.21 -26.38 -19.56
C PHE F 445 50.17 -25.98 -21.03
N TYR F 446 49.57 -26.83 -21.88
CA TYR F 446 49.43 -26.50 -23.30
C TYR F 446 48.63 -25.22 -23.46
N GLN F 447 47.58 -25.06 -22.65
CA GLN F 447 46.78 -23.84 -22.66
C GLN F 447 47.65 -22.61 -22.46
N GLN F 448 48.46 -22.62 -21.40
CA GLN F 448 49.38 -21.52 -21.17
C GLN F 448 50.39 -21.39 -22.31
N TYR F 449 50.91 -22.51 -22.78
CA TYR F 449 51.91 -22.44 -23.84
C TYR F 449 51.33 -21.82 -25.11
N ILE F 450 50.08 -22.15 -25.46
CA ILE F 450 49.46 -21.52 -26.63
C ILE F 450 49.32 -20.02 -26.40
N LYS F 451 48.91 -19.61 -25.19
CA LYS F 451 48.75 -18.18 -24.90
C LYS F 451 50.07 -17.42 -25.01
N GLU F 452 51.20 -18.05 -24.69
CA GLU F 452 52.49 -17.39 -24.73
C GLU F 452 53.15 -17.44 -26.11
N ASN F 453 52.55 -18.17 -27.06
CA ASN F 453 53.25 -18.44 -28.31
C ASN F 453 52.31 -18.36 -29.48
N SER F 454 51.29 -17.51 -29.37
CA SER F 454 50.34 -17.30 -30.45
C SER F 454 50.21 -15.81 -30.69
N MET G 2 75.01 -127.92 -57.56
CA MET G 2 74.65 -126.71 -56.82
C MET G 2 75.76 -126.22 -55.86
N SER G 3 75.87 -124.89 -55.74
CA SER G 3 76.87 -124.32 -54.86
C SER G 3 76.34 -123.20 -53.98
N PHE G 4 75.07 -122.80 -54.12
CA PHE G 4 74.50 -121.81 -53.22
C PHE G 4 73.17 -122.30 -52.66
N PRO G 5 72.93 -122.11 -51.37
CA PRO G 5 71.74 -122.70 -50.73
C PRO G 5 70.44 -122.17 -51.34
N LYS G 6 69.34 -122.80 -50.91
CA LYS G 6 68.07 -122.66 -51.60
C LYS G 6 67.59 -121.21 -51.63
N GLY G 7 67.57 -120.54 -50.48
CA GLY G 7 66.95 -119.23 -50.49
C GLY G 7 67.95 -118.10 -50.39
N PHE G 8 69.14 -118.31 -50.95
CA PHE G 8 70.24 -117.40 -50.73
C PHE G 8 69.85 -115.97 -51.10
N LEU G 9 70.14 -115.04 -50.20
CA LEU G 9 69.77 -113.63 -50.37
C LEU G 9 70.88 -112.89 -51.11
N TRP G 10 70.85 -112.98 -52.45
CA TRP G 10 71.60 -112.08 -53.30
C TRP G 10 71.01 -110.68 -53.23
N GLY G 11 71.78 -109.72 -52.73
CA GLY G 11 71.29 -108.36 -52.62
C GLY G 11 72.27 -107.25 -52.95
N ALA G 12 71.86 -106.02 -52.62
CA ALA G 12 72.69 -104.84 -52.74
C ALA G 12 72.38 -103.95 -51.55
N ALA G 13 73.33 -103.10 -51.19
CA ALA G 13 73.21 -102.36 -49.94
C ALA G 13 73.49 -100.88 -50.17
N THR G 14 72.79 -100.05 -49.39
CA THR G 14 72.95 -98.60 -49.37
C THR G 14 72.83 -98.12 -47.93
N ALA G 15 73.12 -96.86 -47.71
CA ALA G 15 72.87 -96.23 -46.42
C ALA G 15 72.17 -94.88 -46.65
N SER G 16 71.26 -94.51 -45.74
CA SER G 16 70.36 -93.38 -46.00
C SER G 16 71.14 -92.10 -46.30
N TYR G 17 72.09 -91.73 -45.44
CA TYR G 17 72.77 -90.46 -45.69
C TYR G 17 73.61 -90.50 -46.95
N GLN G 18 73.89 -91.68 -47.49
CA GLN G 18 74.77 -91.69 -48.65
C GLN G 18 74.02 -91.52 -49.96
N ILE G 19 72.68 -91.66 -49.93
CA ILE G 19 71.90 -91.68 -51.17
C ILE G 19 70.63 -90.83 -51.15
N GLU G 20 70.06 -90.55 -49.97
CA GLU G 20 68.70 -89.99 -49.93
C GLU G 20 68.65 -88.52 -50.35
N GLY G 21 69.64 -87.71 -49.98
CA GLY G 21 69.47 -86.27 -50.16
C GLY G 21 68.34 -85.72 -49.30
N ALA G 22 67.72 -84.64 -49.77
CA ALA G 22 66.53 -84.06 -49.13
C ALA G 22 66.77 -83.75 -47.64
N TRP G 23 67.95 -83.22 -47.33
CA TRP G 23 68.46 -83.22 -45.96
C TRP G 23 67.68 -82.32 -45.01
N ASN G 24 66.77 -81.48 -45.51
CA ASN G 24 65.97 -80.59 -44.67
C ASN G 24 64.57 -80.45 -45.23
N GLU G 25 64.03 -81.54 -45.75
CA GLU G 25 62.69 -81.59 -46.29
C GLU G 25 61.78 -82.34 -45.34
N ASP G 26 60.49 -82.01 -45.41
CA ASP G 26 59.43 -82.72 -44.70
C ASP G 26 59.68 -82.74 -43.20
N GLY G 27 60.38 -81.72 -42.72
CA GLY G 27 60.72 -81.60 -41.31
C GLY G 27 61.82 -82.50 -40.81
N LYS G 28 62.73 -82.96 -41.68
CA LYS G 28 63.78 -83.87 -41.24
C LYS G 28 64.76 -83.12 -40.35
N GLY G 29 65.04 -83.68 -39.17
CA GLY G 29 66.03 -83.10 -38.29
C GLY G 29 67.42 -83.07 -38.89
N GLU G 30 68.27 -82.24 -38.28
CA GLU G 30 69.68 -82.21 -38.63
C GLU G 30 70.39 -83.38 -37.98
N SER G 31 71.26 -84.04 -38.76
CA SER G 31 72.07 -85.13 -38.22
C SER G 31 73.49 -84.67 -38.01
N ILE G 32 74.26 -85.50 -37.29
CA ILE G 32 75.67 -85.18 -37.10
C ILE G 32 76.41 -85.18 -38.43
N TRP G 33 75.92 -85.90 -39.43
CA TRP G 33 76.59 -85.88 -40.73
C TRP G 33 76.24 -84.64 -41.54
N ASP G 34 75.03 -84.08 -41.36
CA ASP G 34 74.75 -82.76 -41.90
C ASP G 34 75.66 -81.71 -41.26
N ARG G 35 75.75 -81.72 -39.92
CA ARG G 35 76.68 -80.81 -39.27
C ARG G 35 78.10 -81.03 -39.80
N PHE G 36 78.53 -82.29 -39.84
CA PHE G 36 79.90 -82.62 -40.24
C PHE G 36 80.20 -82.17 -41.66
N THR G 37 79.32 -82.51 -42.62
CA THR G 37 79.67 -82.18 -43.99
C THR G 37 79.51 -80.70 -44.30
N HIS G 38 78.92 -79.94 -43.37
CA HIS G 38 78.71 -78.52 -43.52
C HIS G 38 79.79 -77.71 -42.85
N GLN G 39 80.72 -78.34 -42.15
CA GLN G 39 81.86 -77.65 -41.57
C GLN G 39 83.06 -77.80 -42.50
N LYS G 40 83.81 -76.71 -42.67
CA LYS G 40 84.91 -76.73 -43.61
C LYS G 40 86.03 -77.63 -43.08
N GLY G 41 86.66 -78.37 -44.00
CA GLY G 41 87.80 -79.18 -43.66
C GLY G 41 87.52 -80.66 -43.48
N ASN G 42 86.26 -81.07 -43.42
CA ASN G 42 85.93 -82.43 -43.02
C ASN G 42 85.85 -83.40 -44.20
N ILE G 43 85.27 -82.98 -45.33
CA ILE G 43 85.00 -83.83 -46.48
C ILE G 43 85.86 -83.38 -47.64
N LEU G 44 86.44 -84.35 -48.37
CA LEU G 44 87.17 -84.04 -49.58
C LEU G 44 86.31 -83.19 -50.51
N TYR G 45 86.94 -82.18 -51.13
CA TYR G 45 86.33 -81.26 -52.08
C TYR G 45 85.08 -80.56 -51.55
N GLY G 46 84.87 -80.56 -50.22
CA GLY G 46 83.69 -79.95 -49.64
C GLY G 46 82.37 -80.53 -50.07
N HIS G 47 82.36 -81.79 -50.53
CA HIS G 47 81.11 -82.47 -50.82
C HIS G 47 80.27 -82.62 -49.55
N ASN G 48 78.96 -82.80 -49.75
CA ASN G 48 78.04 -83.11 -48.66
C ASN G 48 76.93 -83.99 -49.17
N GLY G 49 76.08 -84.47 -48.25
CA GLY G 49 74.96 -85.30 -48.63
C GLY G 49 73.63 -84.58 -48.76
N ASP G 50 73.64 -83.29 -49.10
CA ASP G 50 72.38 -82.54 -49.20
C ASP G 50 71.49 -83.09 -50.31
N ILE G 51 72.07 -83.49 -51.45
CA ILE G 51 71.33 -84.03 -52.60
C ILE G 51 71.66 -85.50 -52.85
N ALA G 52 72.94 -85.85 -52.83
CA ALA G 52 73.42 -87.25 -52.95
C ALA G 52 72.83 -87.84 -54.23
N CYS G 53 72.16 -88.99 -54.17
CA CYS G 53 71.54 -89.55 -55.36
C CYS G 53 70.08 -89.21 -55.44
N ASP G 54 69.62 -88.29 -54.59
CA ASP G 54 68.20 -87.93 -54.50
C ASP G 54 67.30 -89.17 -54.51
N HIS G 55 67.70 -90.20 -53.75
CA HIS G 55 66.88 -91.39 -53.59
C HIS G 55 65.55 -91.05 -52.91
N TYR G 56 65.51 -89.97 -52.12
CA TYR G 56 64.27 -89.56 -51.46
C TYR G 56 63.13 -89.34 -52.45
N HIS G 57 63.44 -88.76 -53.61
CA HIS G 57 62.46 -88.52 -54.67
C HIS G 57 62.48 -89.60 -55.75
N ARG G 58 63.62 -90.22 -56.01
CA ARG G 58 63.77 -91.13 -57.13
C ARG G 58 63.68 -92.59 -56.75
N PHE G 59 63.31 -92.88 -55.49
CA PHE G 59 63.36 -94.25 -54.99
C PHE G 59 62.59 -95.22 -55.87
N GLU G 60 61.50 -94.76 -56.50
CA GLU G 60 60.70 -95.68 -57.31
C GLU G 60 61.49 -96.18 -58.51
N GLU G 61 62.17 -95.27 -59.21
CA GLU G 61 63.01 -95.69 -60.31
C GLU G 61 64.09 -96.65 -59.83
N ASP G 62 64.61 -96.44 -58.61
CA ASP G 62 65.68 -97.29 -58.13
C ASP G 62 65.18 -98.69 -57.74
N VAL G 63 63.93 -98.81 -57.28
CA VAL G 63 63.39 -100.15 -57.00
C VAL G 63 63.20 -100.92 -58.29
N LEU G 64 62.80 -100.24 -59.36
CA LEU G 64 62.64 -100.93 -60.64
C LEU G 64 63.97 -101.49 -61.12
N LEU G 65 65.07 -100.75 -60.90
CA LEU G 65 66.39 -101.27 -61.25
C LEU G 65 66.72 -102.52 -60.45
N MET G 66 66.39 -102.53 -59.16
CA MET G 66 66.56 -103.74 -58.35
C MET G 66 65.74 -104.88 -58.92
N LYS G 67 64.51 -104.61 -59.34
CA LYS G 67 63.70 -105.65 -59.98
C LYS G 67 64.33 -106.12 -61.28
N GLU G 68 64.75 -105.19 -62.15
CA GLU G 68 65.40 -105.58 -63.39
C GLU G 68 66.67 -106.39 -63.11
N LEU G 69 67.41 -106.03 -62.06
CA LEU G 69 68.64 -106.76 -61.72
C LEU G 69 68.34 -108.16 -61.17
N GLY G 70 67.16 -108.32 -60.56
CA GLY G 70 66.78 -109.62 -60.02
C GLY G 70 67.17 -109.83 -58.59
N LEU G 71 67.44 -108.76 -57.85
CA LEU G 71 67.80 -108.86 -56.45
C LEU G 71 66.74 -109.61 -55.66
N LYS G 72 67.20 -110.50 -54.76
CA LYS G 72 66.37 -111.14 -53.75
C LYS G 72 66.20 -110.25 -52.52
N ALA G 73 67.21 -109.47 -52.19
CA ALA G 73 67.10 -108.62 -51.04
C ALA G 73 67.73 -107.27 -51.36
N TYR G 74 67.34 -106.29 -50.57
CA TYR G 74 67.86 -104.94 -50.66
C TYR G 74 68.09 -104.48 -49.23
N ARG G 75 69.31 -104.07 -48.91
CA ARG G 75 69.66 -103.60 -47.58
C ARG G 75 69.77 -102.09 -47.62
N PHE G 76 69.08 -101.40 -46.71
CA PHE G 76 69.13 -99.95 -46.61
C PHE G 76 68.98 -99.56 -45.15
N SER G 77 69.18 -98.28 -44.84
CA SER G 77 69.10 -97.77 -43.48
C SER G 77 67.99 -96.73 -43.37
N ILE G 78 67.29 -96.72 -42.23
CA ILE G 78 66.32 -95.67 -41.96
C ILE G 78 67.04 -94.47 -41.35
N ALA G 79 66.74 -93.27 -41.83
CA ALA G 79 67.27 -92.04 -41.25
C ALA G 79 66.54 -91.71 -39.94
N TRP G 80 67.27 -91.80 -38.83
CA TRP G 80 66.73 -91.44 -37.53
C TRP G 80 66.07 -90.05 -37.55
N THR G 81 66.79 -89.05 -38.07
CA THR G 81 66.27 -87.68 -38.08
C THR G 81 64.98 -87.52 -38.90
N ARG G 82 64.62 -88.49 -39.72
CA ARG G 82 63.36 -88.37 -40.42
C ARG G 82 62.18 -88.81 -39.56
N ILE G 83 62.42 -89.67 -38.57
CA ILE G 83 61.33 -90.16 -37.72
C ILE G 83 61.23 -89.34 -36.45
N PHE G 84 62.37 -88.99 -35.88
CA PHE G 84 62.46 -88.19 -34.65
C PHE G 84 63.43 -87.08 -34.99
N PRO G 85 62.92 -85.94 -35.47
CA PRO G 85 63.83 -84.87 -35.88
C PRO G 85 64.70 -84.37 -34.76
N ASP G 86 64.26 -84.49 -33.51
CA ASP G 86 65.01 -84.05 -32.36
C ASP G 86 65.64 -85.21 -31.60
N GLY G 87 65.60 -86.42 -32.16
CA GLY G 87 66.17 -87.59 -31.49
C GLY G 87 65.16 -88.24 -30.57
N PHE G 88 64.40 -87.41 -29.85
CA PHE G 88 63.36 -87.86 -28.94
C PHE G 88 62.10 -87.06 -29.20
N GLY G 89 61.03 -87.49 -28.58
CA GLY G 89 59.81 -86.70 -28.57
C GLY G 89 58.90 -87.03 -29.74
N ASN G 90 58.56 -86.00 -30.52
CA ASN G 90 57.51 -86.14 -31.52
C ASN G 90 58.02 -86.87 -32.74
N VAL G 91 57.16 -87.68 -33.31
CA VAL G 91 57.50 -88.37 -34.55
C VAL G 91 57.03 -87.52 -35.74
N ASN G 92 57.89 -87.43 -36.76
CA ASN G 92 57.51 -86.76 -37.99
C ASN G 92 56.70 -87.73 -38.85
N GLN G 93 55.43 -87.40 -39.09
CA GLN G 93 54.57 -88.26 -39.88
C GLN G 93 55.07 -88.40 -41.30
N LYS G 94 55.56 -87.29 -41.88
CA LYS G 94 56.08 -87.33 -43.25
C LYS G 94 57.32 -88.23 -43.37
N GLY G 95 58.12 -88.33 -42.32
CA GLY G 95 59.21 -89.29 -42.34
C GLY G 95 58.71 -90.72 -42.39
N LEU G 96 57.69 -91.02 -41.60
CA LEU G 96 57.11 -92.36 -41.61
C LEU G 96 56.55 -92.71 -42.98
N GLU G 97 55.92 -91.75 -43.68
CA GLU G 97 55.34 -92.03 -44.99
C GLU G 97 56.39 -92.47 -46.02
N PHE G 98 57.59 -91.87 -45.97
CA PHE G 98 58.58 -92.17 -47.00
C PHE G 98 58.99 -93.63 -46.94
N TYR G 99 59.38 -94.12 -45.75
CA TYR G 99 59.76 -95.52 -45.61
C TYR G 99 58.58 -96.45 -45.83
N ASP G 100 57.35 -95.96 -45.55
CA ASP G 100 56.14 -96.68 -45.91
C ASP G 100 56.11 -96.96 -47.41
N ARG G 101 56.30 -95.91 -48.22
CA ARG G 101 56.28 -96.07 -49.68
C ARG G 101 57.40 -97.00 -50.13
N LEU G 102 58.62 -96.78 -49.64
CA LEU G 102 59.76 -97.57 -50.10
C LEU G 102 59.58 -99.05 -49.75
N ILE G 103 59.27 -99.34 -48.49
CA ILE G 103 59.11 -100.74 -48.07
C ILE G 103 57.97 -101.39 -48.85
N ASN G 104 56.86 -100.66 -49.02
CA ASN G 104 55.73 -101.18 -49.79
C ASN G 104 56.10 -101.42 -51.26
N LYS G 105 56.82 -100.49 -51.88
CA LYS G 105 57.25 -100.71 -53.26
C LYS G 105 58.21 -101.89 -53.39
N LEU G 106 59.06 -102.11 -52.38
CA LEU G 106 59.95 -103.27 -52.40
C LEU G 106 59.15 -104.56 -52.29
N VAL G 107 58.21 -104.59 -51.34
CA VAL G 107 57.41 -105.79 -51.07
C VAL G 107 56.55 -106.14 -52.28
N GLU G 108 56.05 -105.13 -52.98
CA GLU G 108 55.27 -105.44 -54.17
C GLU G 108 56.13 -105.87 -55.36
N ASN G 109 57.46 -105.84 -55.24
CA ASN G 109 58.33 -106.33 -56.30
C ASN G 109 59.07 -107.61 -55.91
N GLY G 110 58.72 -108.21 -54.79
CA GLY G 110 59.31 -109.48 -54.42
C GLY G 110 60.71 -109.38 -53.85
N ILE G 111 61.05 -108.25 -53.22
CA ILE G 111 62.40 -108.00 -52.73
C ILE G 111 62.34 -107.91 -51.22
N GLU G 112 63.08 -108.79 -50.56
CA GLU G 112 63.18 -108.84 -49.11
C GLU G 112 63.86 -107.58 -48.58
N PRO G 113 63.17 -106.71 -47.87
CA PRO G 113 63.87 -105.60 -47.20
C PRO G 113 64.72 -106.12 -46.06
N VAL G 114 65.91 -105.54 -45.92
CA VAL G 114 66.85 -105.78 -44.82
C VAL G 114 67.22 -104.42 -44.27
N ILE G 115 66.83 -104.11 -43.04
CA ILE G 115 66.89 -102.72 -42.59
C ILE G 115 67.98 -102.56 -41.55
N THR G 116 68.90 -101.64 -41.82
CA THR G 116 69.83 -101.17 -40.80
C THR G 116 69.16 -100.06 -40.00
N ILE G 117 69.02 -100.27 -38.69
CA ILE G 117 68.36 -99.28 -37.86
C ILE G 117 69.22 -98.04 -37.72
N TYR G 118 70.53 -98.22 -37.50
CA TYR G 118 71.48 -97.13 -37.30
C TYR G 118 72.69 -97.30 -38.20
N HIS G 119 72.85 -96.36 -39.14
CA HIS G 119 73.95 -96.33 -40.10
C HIS G 119 74.58 -94.95 -40.04
N TRP G 120 74.81 -94.50 -38.81
CA TRP G 120 75.75 -93.45 -38.47
C TRP G 120 75.11 -92.06 -38.38
N ASP G 121 73.84 -91.90 -38.76
CA ASP G 121 73.23 -90.57 -38.87
C ASP G 121 72.51 -90.17 -37.59
N LEU G 122 73.30 -89.99 -36.53
CA LEU G 122 72.73 -89.61 -35.25
C LEU G 122 72.05 -88.24 -35.36
N PRO G 123 70.87 -88.06 -34.76
CA PRO G 123 70.30 -86.71 -34.65
C PRO G 123 71.25 -85.77 -33.94
N GLN G 124 71.54 -84.63 -34.57
CA GLN G 124 72.44 -83.65 -33.97
C GLN G 124 71.95 -83.17 -32.61
N LYS G 125 70.65 -83.26 -32.32
CA LYS G 125 70.16 -82.87 -30.99
C LYS G 125 70.64 -83.84 -29.91
N LEU G 126 70.78 -85.13 -30.26
CA LEU G 126 71.29 -86.08 -29.29
C LEU G 126 72.78 -85.90 -29.09
N GLN G 127 73.50 -85.56 -30.16
CA GLN G 127 74.91 -85.20 -30.00
C GLN G 127 75.07 -84.05 -29.02
N ASP G 128 74.10 -83.12 -28.98
CA ASP G 128 74.19 -81.97 -28.09
C ASP G 128 74.24 -82.38 -26.62
N ILE G 129 73.57 -83.48 -26.26
CA ILE G 129 73.66 -83.98 -24.90
C ILE G 129 74.80 -84.99 -24.76
N GLY G 130 75.67 -85.06 -25.77
CA GLY G 130 76.85 -85.90 -25.73
C GLY G 130 76.80 -87.14 -26.61
N GLY G 131 75.63 -87.50 -27.15
CA GLY G 131 75.54 -88.57 -28.12
C GLY G 131 75.80 -89.95 -27.54
N TRP G 132 76.55 -90.78 -28.26
CA TRP G 132 76.88 -92.11 -27.75
C TRP G 132 77.83 -92.06 -26.55
N ALA G 133 78.40 -90.88 -26.25
CA ALA G 133 79.19 -90.73 -25.03
C ALA G 133 78.32 -90.69 -23.78
N ASN G 134 77.07 -90.25 -23.92
CA ASN G 134 76.13 -90.17 -22.82
C ASN G 134 75.39 -91.50 -22.77
N SER G 135 75.45 -92.18 -21.63
CA SER G 135 74.84 -93.50 -21.57
C SER G 135 73.32 -93.44 -21.67
N GLU G 136 72.73 -92.25 -21.58
CA GLU G 136 71.30 -92.11 -21.79
C GLU G 136 70.91 -92.47 -23.22
N ILE G 137 71.86 -92.41 -24.14
CA ILE G 137 71.67 -92.70 -25.56
C ILE G 137 71.05 -94.09 -25.73
N VAL G 138 71.24 -94.97 -24.74
CA VAL G 138 70.69 -96.32 -24.84
C VAL G 138 69.17 -96.26 -24.94
N ASN G 139 68.56 -95.42 -24.12
CA ASN G 139 67.10 -95.35 -24.10
C ASN G 139 66.57 -94.66 -25.35
N TYR G 140 67.23 -93.57 -25.77
CA TYR G 140 66.76 -92.88 -26.96
C TYR G 140 66.87 -93.78 -28.17
N TYR G 141 67.97 -94.54 -28.28
CA TYR G 141 68.08 -95.52 -29.36
C TYR G 141 66.97 -96.56 -29.26
N PHE G 142 66.71 -97.05 -28.05
CA PHE G 142 65.74 -98.12 -27.88
C PHE G 142 64.35 -97.68 -28.32
N ASP G 143 63.97 -96.45 -27.97
CA ASP G 143 62.64 -95.96 -28.35
C ASP G 143 62.50 -95.84 -29.86
N TYR G 144 63.46 -95.17 -30.49
CA TYR G 144 63.50 -95.09 -31.94
C TYR G 144 63.49 -96.48 -32.55
N ALA G 145 64.27 -97.41 -31.99
CA ALA G 145 64.41 -98.73 -32.60
C ALA G 145 63.09 -99.50 -32.60
N MET G 146 62.44 -99.59 -31.44
CA MET G 146 61.18 -100.35 -31.33
C MET G 146 60.07 -99.72 -32.14
N LEU G 147 60.06 -98.40 -32.27
CA LEU G 147 59.07 -97.75 -33.12
C LEU G 147 59.13 -98.32 -34.53
N VAL G 148 60.31 -98.27 -35.16
CA VAL G 148 60.40 -98.73 -36.55
C VAL G 148 60.22 -100.24 -36.63
N ILE G 149 60.67 -100.97 -35.61
CA ILE G 149 60.48 -102.42 -35.63
C ILE G 149 58.98 -102.75 -35.59
N ASN G 150 58.27 -102.14 -34.64
CA ASN G 150 56.85 -102.41 -34.52
C ASN G 150 56.09 -102.00 -35.76
N ARG G 151 56.45 -100.86 -36.36
CA ARG G 151 55.66 -100.37 -37.48
C ARG G 151 55.82 -101.27 -38.71
N TYR G 152 57.01 -101.84 -38.94
CA TYR G 152 57.26 -102.53 -40.20
C TYR G 152 57.45 -104.04 -40.05
N LYS G 153 57.42 -104.57 -38.82
CA LYS G 153 57.70 -105.99 -38.62
C LYS G 153 56.85 -106.88 -39.52
N ASP G 154 55.71 -106.38 -40.00
CA ASP G 154 54.85 -107.20 -40.83
C ASP G 154 55.40 -107.34 -42.25
N ARG G 155 56.30 -106.45 -42.66
CA ARG G 155 56.83 -106.43 -44.01
C ARG G 155 58.34 -106.60 -44.05
N VAL G 156 59.03 -106.49 -42.92
CA VAL G 156 60.48 -106.46 -42.85
C VAL G 156 60.91 -107.54 -41.89
N LYS G 157 61.48 -108.62 -42.42
CA LYS G 157 61.86 -109.73 -41.57
C LYS G 157 63.22 -109.52 -40.91
N TYR G 158 64.17 -108.90 -41.61
CA TYR G 158 65.57 -108.91 -41.20
C TYR G 158 65.98 -107.52 -40.75
N TRP G 159 66.46 -107.42 -39.52
CA TRP G 159 66.83 -106.13 -38.93
C TRP G 159 68.27 -106.16 -38.44
N ILE G 160 68.96 -105.05 -38.64
CA ILE G 160 70.35 -104.87 -38.21
C ILE G 160 70.36 -103.67 -37.26
N THR G 161 70.71 -103.90 -35.98
CA THR G 161 70.68 -102.79 -35.04
C THR G 161 71.70 -101.72 -35.41
N PHE G 162 72.95 -102.12 -35.68
CA PHE G 162 74.02 -101.17 -35.93
C PHE G 162 74.86 -101.62 -37.10
N ASN G 163 75.38 -100.65 -37.84
CA ASN G 163 76.39 -100.89 -38.87
C ASN G 163 77.75 -100.42 -38.35
N GLU G 164 78.71 -101.35 -38.31
CA GLU G 164 80.13 -101.12 -38.03
C GLU G 164 80.38 -100.29 -36.79
N PRO G 165 80.12 -100.84 -35.60
CA PRO G 165 80.46 -100.13 -34.35
C PRO G 165 81.89 -99.66 -34.28
N TYR G 166 82.82 -100.39 -34.90
CA TYR G 166 84.21 -99.95 -34.91
C TYR G 166 84.35 -98.54 -35.49
N CYS G 167 83.59 -98.23 -36.53
CA CYS G 167 83.71 -96.91 -37.17
C CYS G 167 82.99 -95.83 -36.37
N ILE G 168 81.75 -96.09 -35.95
CA ILE G 168 81.03 -95.18 -35.05
C ILE G 168 81.95 -94.74 -33.90
N ALA G 169 82.53 -95.72 -33.20
CA ALA G 169 83.32 -95.39 -32.01
C ALA G 169 84.67 -94.79 -32.39
N PHE G 170 85.47 -95.53 -33.16
CA PHE G 170 86.86 -95.13 -33.34
C PHE G 170 87.02 -94.04 -34.41
N LEU G 171 86.35 -94.18 -35.56
CA LEU G 171 86.46 -93.14 -36.56
C LEU G 171 85.72 -91.89 -36.13
N GLY G 172 84.58 -92.05 -35.44
CA GLY G 172 83.82 -90.90 -35.01
C GLY G 172 84.30 -90.24 -33.74
N HIS G 173 84.91 -91.00 -32.83
CA HIS G 173 85.23 -90.47 -31.51
C HIS G 173 86.69 -90.57 -31.11
N TRP G 174 87.51 -91.33 -31.84
CA TRP G 174 88.93 -91.40 -31.55
C TRP G 174 89.74 -90.66 -32.61
N HIS G 175 89.68 -91.10 -33.87
CA HIS G 175 90.36 -90.36 -34.93
C HIS G 175 89.59 -89.11 -35.34
N GLY G 176 88.28 -89.06 -35.09
CA GLY G 176 87.46 -87.92 -35.50
C GLY G 176 87.34 -87.69 -37.00
N VAL G 177 87.75 -88.66 -37.83
CA VAL G 177 87.59 -88.51 -39.28
C VAL G 177 86.13 -88.68 -39.72
N HIS G 178 85.31 -89.34 -38.91
CA HIS G 178 83.88 -89.41 -39.13
C HIS G 178 83.19 -88.46 -38.17
N ALA G 179 81.94 -88.16 -38.47
CA ALA G 179 81.08 -87.47 -37.53
C ALA G 179 80.89 -88.33 -36.28
N PRO G 180 80.84 -87.74 -35.09
CA PRO G 180 80.79 -86.31 -34.79
C PRO G 180 82.16 -85.62 -34.76
N GLY G 181 83.25 -86.34 -34.97
CA GLY G 181 84.55 -85.74 -35.01
C GLY G 181 85.25 -85.59 -33.67
N ILE G 182 84.75 -86.23 -32.62
CA ILE G 182 85.48 -86.29 -31.36
C ILE G 182 86.81 -87.05 -31.55
N LYS G 183 87.81 -86.71 -30.69
CA LYS G 183 89.15 -87.32 -30.75
C LYS G 183 89.62 -87.64 -29.33
N ASP G 184 89.11 -88.73 -28.76
CA ASP G 184 89.53 -89.16 -27.42
C ASP G 184 89.28 -90.65 -27.32
N PHE G 185 90.37 -91.42 -27.22
CA PHE G 185 90.25 -92.88 -27.18
C PHE G 185 89.35 -93.33 -26.04
N LYS G 186 89.46 -92.69 -24.87
CA LYS G 186 88.63 -93.07 -23.72
C LYS G 186 87.15 -92.95 -24.07
N VAL G 187 86.76 -91.83 -24.67
CA VAL G 187 85.38 -91.62 -25.09
C VAL G 187 84.97 -92.71 -26.09
N ALA G 188 85.85 -93.01 -27.04
CA ALA G 188 85.55 -94.03 -28.04
C ALA G 188 85.21 -95.37 -27.40
N ILE G 189 85.94 -95.76 -26.35
CA ILE G 189 85.62 -97.03 -25.68
C ILE G 189 84.25 -96.97 -25.05
N ASP G 190 83.95 -95.87 -24.32
CA ASP G 190 82.60 -95.61 -23.82
C ASP G 190 81.54 -95.81 -24.90
N VAL G 191 81.78 -95.26 -26.09
CA VAL G 191 80.84 -95.41 -27.20
C VAL G 191 80.63 -96.88 -27.54
N VAL G 192 81.73 -97.66 -27.66
CA VAL G 192 81.59 -99.10 -27.91
C VAL G 192 80.62 -99.71 -26.92
N HIS G 193 80.75 -99.33 -25.65
CA HIS G 193 80.00 -99.99 -24.60
C HIS G 193 78.52 -99.63 -24.69
N ASN G 194 78.22 -98.36 -24.94
CA ASN G 194 76.82 -97.93 -25.07
C ASN G 194 76.17 -98.47 -26.34
N ILE G 195 76.95 -98.64 -27.42
CA ILE G 195 76.41 -99.29 -28.60
C ILE G 195 76.02 -100.72 -28.28
N MET G 196 76.87 -101.43 -27.52
CA MET G 196 76.59 -102.82 -27.16
C MET G 196 75.35 -102.95 -26.29
N LEU G 197 75.24 -102.09 -25.26
CA LEU G 197 74.05 -102.14 -24.42
C LEU G 197 72.81 -101.82 -25.23
N SER G 198 72.92 -100.86 -26.16
CA SER G 198 71.78 -100.50 -27.01
C SER G 198 71.34 -101.67 -27.86
N HIS G 199 72.28 -102.33 -28.51
CA HIS G 199 71.99 -103.51 -29.30
C HIS G 199 71.32 -104.59 -28.43
N PHE G 200 71.86 -104.80 -27.22
CA PHE G 200 71.34 -105.83 -26.32
C PHE G 200 69.89 -105.54 -25.94
N LYS G 201 69.60 -104.28 -25.60
CA LYS G 201 68.26 -103.92 -25.14
C LYS G 201 67.22 -104.18 -26.23
N VAL G 202 67.58 -103.93 -27.49
CA VAL G 202 66.62 -104.15 -28.59
C VAL G 202 66.43 -105.64 -28.81
N VAL G 203 67.52 -106.41 -28.90
CA VAL G 203 67.43 -107.85 -29.10
C VAL G 203 66.57 -108.50 -28.03
N LYS G 204 66.76 -108.08 -26.77
CA LYS G 204 65.99 -108.64 -25.66
C LYS G 204 64.51 -108.29 -25.79
N ALA G 205 64.21 -107.05 -26.20
CA ALA G 205 62.82 -106.61 -26.31
C ALA G 205 62.10 -107.30 -27.45
N VAL G 206 62.79 -107.52 -28.57
CA VAL G 206 62.17 -108.27 -29.66
C VAL G 206 61.83 -109.69 -29.22
N LYS G 207 62.74 -110.31 -28.45
CA LYS G 207 62.48 -111.67 -28.00
C LYS G 207 61.38 -111.71 -26.95
N GLU G 208 61.44 -110.79 -25.98
CA GLU G 208 60.52 -110.84 -24.85
C GLU G 208 59.10 -110.51 -25.27
N ASN G 209 58.92 -109.67 -26.31
CA ASN G 209 57.60 -109.34 -26.82
C ASN G 209 57.17 -110.28 -27.93
N ASN G 210 57.94 -111.32 -28.19
CA ASN G 210 57.58 -112.32 -29.20
C ASN G 210 57.35 -111.70 -30.59
N ILE G 211 58.12 -110.66 -30.93
CA ILE G 211 58.08 -110.11 -32.29
C ILE G 211 58.82 -111.06 -33.22
N ASP G 212 58.13 -111.54 -34.26
CA ASP G 212 58.71 -112.54 -35.19
C ASP G 212 59.56 -111.85 -36.27
N VAL G 213 60.74 -111.39 -35.86
CA VAL G 213 61.73 -110.83 -36.78
C VAL G 213 63.12 -111.27 -36.34
N GLU G 214 64.05 -111.35 -37.31
CA GLU G 214 65.45 -111.65 -37.05
C GLU G 214 66.19 -110.34 -36.79
N VAL G 215 66.80 -110.22 -35.60
CA VAL G 215 67.62 -109.06 -35.28
C VAL G 215 69.08 -109.47 -35.26
N GLY G 216 69.92 -108.75 -36.00
CA GLY G 216 71.34 -108.96 -36.02
C GLY G 216 72.10 -107.66 -35.86
N ILE G 217 73.42 -107.75 -35.96
CA ILE G 217 74.32 -106.61 -35.98
C ILE G 217 75.37 -106.85 -37.08
N THR G 218 75.86 -105.77 -37.68
CA THR G 218 76.83 -105.82 -38.77
C THR G 218 78.19 -105.32 -38.29
N LEU G 219 79.20 -106.17 -38.45
CA LEU G 219 80.58 -105.87 -38.07
C LEU G 219 81.44 -105.85 -39.31
N ASN G 220 82.28 -104.84 -39.43
CA ASN G 220 83.36 -104.90 -40.41
C ASN G 220 84.49 -105.69 -39.80
N LEU G 221 84.94 -106.74 -40.48
CA LEU G 221 85.97 -107.63 -39.96
C LEU G 221 87.18 -107.64 -40.89
N THR G 222 88.38 -107.65 -40.30
CA THR G 222 89.63 -107.58 -41.05
C THR G 222 90.50 -108.76 -40.66
N PRO G 223 90.58 -109.80 -41.48
CA PRO G 223 91.52 -110.89 -41.18
C PRO G 223 92.95 -110.35 -41.21
N VAL G 224 93.68 -110.59 -40.13
CA VAL G 224 95.01 -110.03 -39.93
C VAL G 224 96.05 -111.13 -40.13
N TYR G 225 97.06 -110.84 -40.96
CA TYR G 225 98.12 -111.78 -41.32
C TYR G 225 99.46 -111.22 -40.84
N LEU G 226 100.41 -112.12 -40.60
CA LEU G 226 101.75 -111.71 -40.16
C LEU G 226 102.65 -111.56 -41.37
N GLN G 227 103.34 -110.41 -41.45
CA GLN G 227 104.38 -110.23 -42.46
C GLN G 227 105.53 -111.21 -42.22
N THR G 228 105.85 -111.49 -40.95
CA THR G 228 106.92 -112.41 -40.63
C THR G 228 106.68 -113.78 -41.25
N GLU G 229 105.42 -114.19 -41.32
CA GLU G 229 105.11 -115.46 -41.95
C GLU G 229 105.14 -115.36 -43.46
N ARG G 230 104.75 -114.19 -44.01
CA ARG G 230 104.90 -113.97 -45.44
C ARG G 230 106.36 -114.10 -45.86
N LEU G 231 107.27 -113.62 -45.02
CA LEU G 231 108.69 -113.68 -45.36
C LEU G 231 109.31 -115.06 -45.09
N GLY G 232 108.65 -115.91 -44.34
CA GLY G 232 109.23 -117.19 -43.99
C GLY G 232 110.06 -117.16 -42.73
N TYR G 233 110.05 -116.05 -42.00
CA TYR G 233 110.84 -116.01 -40.79
C TYR G 233 110.08 -116.68 -39.64
N LYS G 234 110.81 -116.92 -38.56
CA LYS G 234 110.25 -117.55 -37.38
C LYS G 234 109.60 -116.46 -36.55
N VAL G 235 108.37 -116.69 -36.11
CA VAL G 235 107.61 -115.67 -35.41
C VAL G 235 107.94 -115.69 -33.92
N SER G 236 108.38 -114.56 -33.40
CA SER G 236 108.66 -114.46 -31.97
C SER G 236 107.37 -114.50 -31.16
N GLU G 237 107.54 -114.67 -29.85
CA GLU G 237 106.38 -114.71 -28.96
C GLU G 237 105.79 -113.33 -28.75
N ILE G 238 106.64 -112.32 -28.56
CA ILE G 238 106.14 -110.97 -28.37
C ILE G 238 105.48 -110.44 -29.64
N GLU G 239 105.89 -110.92 -30.81
CA GLU G 239 105.24 -110.47 -32.04
C GLU G 239 103.83 -111.02 -32.12
N ARG G 240 103.69 -112.34 -32.04
CA ARG G 240 102.37 -112.98 -32.13
C ARG G 240 101.41 -112.38 -31.10
N GLU G 241 101.90 -112.16 -29.88
CA GLU G 241 101.07 -111.57 -28.81
C GLU G 241 100.59 -110.19 -29.20
N MET G 242 101.50 -109.34 -29.66
CA MET G 242 101.16 -107.96 -29.94
C MET G 242 100.33 -107.82 -31.20
N VAL G 243 100.57 -108.65 -32.22
CA VAL G 243 99.73 -108.57 -33.41
C VAL G 243 98.33 -109.08 -33.09
N ASN G 244 98.24 -110.14 -32.29
CA ASN G 244 96.94 -110.63 -31.85
C ASN G 244 96.16 -109.56 -31.08
N LEU G 245 96.83 -108.84 -30.18
CA LEU G 245 96.17 -107.75 -29.47
C LEU G 245 95.60 -106.73 -30.43
N SER G 246 96.36 -106.40 -31.47
CA SER G 246 95.92 -105.34 -32.36
C SER G 246 94.74 -105.80 -33.21
N SER G 247 94.70 -107.07 -33.59
CA SER G 247 93.54 -107.58 -34.31
C SER G 247 92.35 -107.79 -33.37
N GLN G 248 92.56 -107.79 -32.05
CA GLN G 248 91.42 -107.86 -31.15
C GLN G 248 90.64 -106.56 -31.18
N LEU G 249 91.34 -105.43 -31.30
CA LEU G 249 90.67 -104.14 -31.45
C LEU G 249 89.80 -104.10 -32.69
N ASP G 250 90.23 -104.75 -33.78
CA ASP G 250 89.43 -104.77 -34.99
C ASP G 250 88.22 -105.70 -34.84
N ASN G 251 88.43 -106.93 -34.38
CA ASN G 251 87.41 -107.96 -34.54
C ASN G 251 86.81 -108.45 -33.22
N GLU G 252 87.61 -109.07 -32.35
CA GLU G 252 87.05 -109.69 -31.16
C GLU G 252 86.43 -108.66 -30.22
N LEU G 253 86.96 -107.43 -30.19
CA LEU G 253 86.35 -106.40 -29.38
C LEU G 253 84.85 -106.26 -29.62
N PHE G 254 84.37 -106.65 -30.80
CA PHE G 254 82.94 -106.63 -31.13
C PHE G 254 82.31 -108.00 -31.26
N LEU G 255 82.98 -108.96 -31.89
CA LEU G 255 82.42 -110.31 -31.96
C LEU G 255 82.20 -110.89 -30.57
N ASP G 256 83.19 -110.72 -29.68
CA ASP G 256 83.12 -111.41 -28.38
C ASP G 256 81.90 -110.97 -27.57
N PRO G 257 81.64 -109.66 -27.36
CA PRO G 257 80.40 -109.31 -26.63
C PRO G 257 79.13 -109.71 -27.36
N VAL G 258 79.13 -109.64 -28.69
CA VAL G 258 77.92 -109.94 -29.45
C VAL G 258 77.64 -111.44 -29.49
N LEU G 259 78.67 -112.28 -29.47
CA LEU G 259 78.47 -113.72 -29.57
C LEU G 259 78.82 -114.51 -28.31
N LYS G 260 79.53 -113.90 -27.35
CA LYS G 260 79.94 -114.60 -26.14
C LYS G 260 79.58 -113.89 -24.83
N GLY G 261 79.18 -112.63 -24.87
CA GLY G 261 78.82 -111.97 -23.64
C GLY G 261 79.96 -111.43 -22.81
N ASN G 262 81.13 -111.19 -23.42
CA ASN G 262 82.26 -110.64 -22.69
C ASN G 262 83.18 -109.93 -23.67
N TYR G 263 83.86 -108.90 -23.18
CA TYR G 263 84.96 -108.29 -23.90
C TYR G 263 86.21 -109.19 -23.83
N PRO G 264 87.10 -109.07 -24.81
CA PRO G 264 88.34 -109.86 -24.79
C PRO G 264 89.26 -109.40 -23.67
N GLN G 265 89.64 -110.35 -22.81
CA GLN G 265 90.38 -110.00 -21.60
C GLN G 265 91.81 -109.59 -21.91
N LYS G 266 92.46 -110.25 -22.87
CA LYS G 266 93.83 -109.88 -23.22
C LYS G 266 93.88 -108.43 -23.67
N LEU G 267 92.91 -108.02 -24.49
CA LEU G 267 92.84 -106.63 -24.92
C LEU G 267 92.59 -105.69 -23.74
N PHE G 268 91.66 -106.05 -22.85
CA PHE G 268 91.35 -105.14 -21.75
C PHE G 268 92.52 -105.01 -20.78
N ASP G 269 93.20 -106.13 -20.49
CA ASP G 269 94.39 -106.07 -19.65
C ASP G 269 95.42 -105.10 -20.23
N TYR G 270 95.62 -105.16 -21.56
CA TYR G 270 96.61 -104.29 -22.19
C TYR G 270 96.21 -102.82 -22.05
N LEU G 271 94.94 -102.52 -22.31
CA LEU G 271 94.50 -101.13 -22.28
C LEU G 271 94.56 -100.55 -20.86
N VAL G 272 94.28 -101.37 -19.85
CA VAL G 272 94.44 -100.88 -18.48
C VAL G 272 95.90 -100.64 -18.14
N GLN G 273 96.76 -101.63 -18.41
CA GLN G 273 98.18 -101.47 -18.11
C GLN G 273 98.77 -100.23 -18.77
N LYS G 274 98.28 -99.86 -19.95
CA LYS G 274 98.85 -98.73 -20.66
C LYS G 274 98.06 -97.44 -20.46
N ASP G 275 97.08 -97.44 -19.56
CA ASP G 275 96.27 -96.25 -19.25
C ASP G 275 95.49 -95.72 -20.46
N LEU G 276 95.07 -96.62 -21.34
CA LEU G 276 94.11 -96.29 -22.37
C LEU G 276 92.68 -96.50 -21.91
N LEU G 277 92.51 -97.21 -20.82
CA LEU G 277 91.20 -97.58 -20.28
C LEU G 277 91.33 -97.61 -18.77
N GLU G 278 90.40 -96.95 -18.07
CA GLU G 278 90.46 -97.00 -16.62
C GLU G 278 89.98 -98.38 -16.11
N ALA G 279 90.66 -98.86 -15.07
CA ALA G 279 90.40 -100.22 -14.59
C ALA G 279 88.98 -100.36 -14.10
N GLN G 280 88.44 -99.31 -13.46
CA GLN G 280 87.06 -99.36 -13.00
C GLN G 280 86.09 -99.59 -14.16
N LYS G 281 86.27 -98.84 -15.26
CA LYS G 281 85.40 -99.01 -16.42
C LYS G 281 85.58 -100.40 -17.02
N ALA G 282 86.81 -100.90 -17.03
CA ALA G 282 87.06 -102.26 -17.51
C ALA G 282 86.25 -103.26 -16.71
N LEU G 283 86.23 -103.10 -15.38
CA LEU G 283 85.44 -104.01 -14.54
C LEU G 283 83.94 -103.83 -14.78
N SER G 284 83.49 -102.58 -14.87
CA SER G 284 82.06 -102.30 -15.00
C SER G 284 81.52 -102.77 -16.34
N MET G 285 82.27 -102.51 -17.44
CA MET G 285 81.83 -102.95 -18.76
C MET G 285 81.71 -104.46 -18.82
N GLN G 286 82.68 -105.19 -18.28
CA GLN G 286 82.59 -106.64 -18.26
C GLN G 286 81.35 -107.09 -17.51
N GLN G 287 81.05 -106.43 -16.39
CA GLN G 287 79.87 -106.79 -15.61
C GLN G 287 78.60 -106.51 -16.39
N GLU G 288 78.50 -105.33 -17.01
CA GLU G 288 77.25 -104.95 -17.65
C GLU G 288 76.99 -105.79 -18.89
N VAL G 289 78.03 -106.05 -19.68
CA VAL G 289 77.85 -106.96 -20.79
C VAL G 289 77.44 -108.33 -20.26
N LYS G 290 77.98 -108.72 -19.10
CA LYS G 290 77.60 -109.99 -18.50
C LYS G 290 76.11 -110.02 -18.19
N GLU G 291 75.60 -108.98 -17.52
CA GLU G 291 74.19 -108.95 -17.17
C GLU G 291 73.30 -108.91 -18.41
N ASN G 292 73.63 -108.06 -19.38
CA ASN G 292 72.70 -107.77 -20.46
C ASN G 292 72.88 -108.64 -21.69
N PHE G 293 73.98 -109.40 -21.79
CA PHE G 293 74.25 -110.16 -23.01
C PHE G 293 73.04 -111.01 -23.39
N ILE G 294 72.74 -110.99 -24.69
CA ILE G 294 71.74 -111.85 -25.31
C ILE G 294 72.21 -112.11 -26.74
N PHE G 295 72.14 -113.38 -27.15
CA PHE G 295 72.66 -113.82 -28.45
C PHE G 295 71.79 -113.29 -29.57
N PRO G 296 72.36 -112.79 -30.66
CA PRO G 296 71.55 -112.28 -31.78
C PRO G 296 71.10 -113.42 -32.69
N ASP G 297 70.32 -113.07 -33.72
CA ASP G 297 69.72 -114.03 -34.63
C ASP G 297 70.59 -114.32 -35.87
N PHE G 298 71.43 -113.37 -36.26
CA PHE G 298 72.37 -113.57 -37.35
C PHE G 298 73.53 -112.58 -37.18
N LEU G 299 74.62 -112.88 -37.88
CA LEU G 299 75.77 -111.98 -37.93
C LEU G 299 75.86 -111.36 -39.32
N GLY G 300 75.91 -110.03 -39.36
CA GLY G 300 76.23 -109.32 -40.58
C GLY G 300 77.73 -109.04 -40.64
N ILE G 301 78.36 -109.43 -41.75
CA ILE G 301 79.80 -109.24 -41.94
C ILE G 301 80.03 -108.30 -43.12
N ASN G 302 80.77 -107.21 -42.87
CA ASN G 302 81.25 -106.37 -43.97
C ASN G 302 82.71 -106.72 -44.22
N TYR G 303 83.03 -107.15 -45.44
CA TYR G 303 84.39 -107.57 -45.80
C TYR G 303 84.87 -106.85 -47.04
N TYR G 304 86.07 -106.27 -46.95
CA TYR G 304 86.68 -105.61 -48.11
C TYR G 304 88.10 -106.09 -48.35
N THR G 305 88.86 -106.36 -47.30
CA THR G 305 90.29 -106.53 -47.46
C THR G 305 90.84 -107.10 -46.17
N ARG G 306 92.14 -107.38 -46.18
CA ARG G 306 92.85 -107.91 -45.02
C ARG G 306 93.84 -106.86 -44.54
N ALA G 307 94.61 -107.24 -43.55
CA ALA G 307 95.71 -106.43 -43.03
C ALA G 307 96.91 -107.33 -42.85
N VAL G 308 98.09 -106.82 -43.21
CA VAL G 308 99.36 -107.49 -42.94
C VAL G 308 100.14 -106.65 -41.95
N ARG G 309 100.54 -107.26 -40.83
CA ARG G 309 101.07 -106.51 -39.70
C ARG G 309 102.33 -107.17 -39.17
N LEU G 310 103.10 -106.38 -38.41
CA LEU G 310 104.32 -106.91 -37.82
C LEU G 310 104.66 -106.09 -36.59
N TYR G 311 105.43 -106.72 -35.69
CA TYR G 311 105.81 -106.09 -34.45
C TYR G 311 106.77 -104.92 -34.70
N ASP G 312 106.69 -103.89 -33.86
CA ASP G 312 107.55 -102.71 -34.02
C ASP G 312 107.47 -101.88 -32.75
N GLU G 313 108.53 -101.91 -31.95
CA GLU G 313 108.49 -101.35 -30.60
C GLU G 313 108.25 -99.84 -30.62
N ASN G 314 108.85 -99.13 -31.58
CA ASN G 314 108.76 -97.68 -31.58
C ASN G 314 107.61 -97.16 -32.44
N SER G 315 106.51 -97.92 -32.56
CA SER G 315 105.42 -97.47 -33.40
C SER G 315 104.60 -96.40 -32.69
N SER G 316 103.90 -95.59 -33.49
CA SER G 316 103.03 -94.58 -32.94
C SER G 316 101.62 -95.09 -32.65
N TRP G 317 101.24 -96.23 -33.23
CA TRP G 317 99.98 -96.91 -32.92
C TRP G 317 99.91 -97.22 -31.42
N ILE G 318 98.70 -97.43 -30.91
CA ILE G 318 98.53 -97.76 -29.49
C ILE G 318 98.97 -99.17 -29.16
N PHE G 319 99.32 -99.97 -30.18
CA PHE G 319 99.99 -101.24 -30.05
C PHE G 319 101.32 -101.15 -30.78
N PRO G 320 102.33 -101.91 -30.34
CA PRO G 320 103.63 -101.85 -31.03
C PRO G 320 103.61 -102.59 -32.35
N ILE G 321 102.81 -102.11 -33.32
CA ILE G 321 102.71 -102.80 -34.60
C ILE G 321 102.79 -101.78 -35.74
N ARG G 322 103.10 -102.28 -36.92
CA ARG G 322 103.11 -101.51 -38.15
C ARG G 322 102.46 -102.34 -39.24
N TRP G 323 101.98 -101.65 -40.28
CA TRP G 323 101.36 -102.29 -41.43
C TRP G 323 102.36 -102.43 -42.59
N GLU G 324 102.22 -103.51 -43.34
CA GLU G 324 102.97 -103.75 -44.55
C GLU G 324 101.99 -103.81 -45.72
N HIS G 325 102.52 -103.66 -46.93
CA HIS G 325 101.72 -103.62 -48.14
C HIS G 325 102.15 -104.69 -49.13
N PRO G 326 101.46 -105.83 -49.18
CA PRO G 326 101.84 -106.89 -50.13
C PRO G 326 101.65 -106.48 -51.58
N ALA G 327 102.48 -107.03 -52.45
CA ALA G 327 102.26 -106.80 -53.88
C ALA G 327 100.87 -107.31 -54.28
N GLY G 328 100.32 -106.76 -55.35
CA GLY G 328 99.05 -107.23 -55.89
C GLY G 328 98.17 -106.05 -56.28
N GLU G 329 96.90 -106.35 -56.56
CA GLU G 329 95.96 -105.34 -57.04
C GLU G 329 95.33 -104.59 -55.87
N TYR G 330 95.11 -103.29 -56.05
CA TYR G 330 94.52 -102.44 -55.03
C TYR G 330 93.44 -101.56 -55.66
N THR G 331 92.45 -101.18 -54.87
CA THR G 331 91.34 -100.36 -55.35
C THR G 331 91.60 -98.87 -55.11
N GLU G 332 90.65 -98.03 -55.53
CA GLU G 332 90.79 -96.60 -55.32
C GLU G 332 90.75 -96.23 -53.86
N MET G 333 90.39 -97.17 -52.98
CA MET G 333 90.46 -96.99 -51.54
C MET G 333 91.86 -97.22 -51.02
N GLY G 334 92.74 -97.74 -51.87
CA GLY G 334 93.99 -98.27 -51.40
C GLY G 334 93.86 -99.58 -50.66
N TRP G 335 92.84 -100.37 -50.95
CA TRP G 335 92.61 -101.63 -50.25
C TRP G 335 93.13 -102.77 -51.12
N GLU G 336 93.87 -103.69 -50.51
CA GLU G 336 94.34 -104.85 -51.23
C GLU G 336 93.17 -105.73 -51.67
N VAL G 337 93.15 -106.13 -52.94
CA VAL G 337 92.19 -107.11 -53.45
C VAL G 337 92.69 -108.49 -53.00
N PHE G 338 91.98 -109.11 -52.06
CA PHE G 338 92.42 -110.34 -51.40
C PHE G 338 91.20 -111.19 -51.09
N PRO G 339 90.58 -111.77 -52.11
CA PRO G 339 89.34 -112.54 -51.86
C PRO G 339 89.55 -113.72 -50.93
N GLN G 340 90.73 -114.33 -50.98
CA GLN G 340 91.10 -115.41 -50.07
C GLN G 340 90.84 -115.06 -48.61
N GLY G 341 90.93 -113.77 -48.25
CA GLY G 341 90.66 -113.36 -46.88
C GLY G 341 89.19 -113.54 -46.50
N LEU G 342 88.29 -113.43 -47.46
CA LEU G 342 86.88 -113.67 -47.18
C LEU G 342 86.67 -115.11 -46.71
N PHE G 343 87.34 -116.05 -47.37
CA PHE G 343 87.25 -117.46 -46.98
C PHE G 343 87.89 -117.68 -45.62
N ASP G 344 89.15 -117.24 -45.46
CA ASP G 344 89.83 -117.42 -44.18
C ASP G 344 89.02 -116.83 -43.04
N LEU G 345 88.42 -115.67 -43.26
CA LEU G 345 87.58 -115.04 -42.25
C LEU G 345 86.36 -115.90 -41.95
N LEU G 346 85.69 -116.37 -43.00
CA LEU G 346 84.47 -117.13 -42.76
C LEU G 346 84.79 -118.45 -42.05
N MET G 347 85.95 -119.06 -42.33
CA MET G 347 86.34 -120.27 -41.59
C MET G 347 86.75 -119.95 -40.16
N TRP G 348 87.38 -118.81 -39.95
CA TRP G 348 87.74 -118.44 -38.59
C TRP G 348 86.50 -118.22 -37.72
N ILE G 349 85.47 -117.54 -38.25
CA ILE G 349 84.22 -117.34 -37.50
C ILE G 349 83.60 -118.69 -37.14
N LYS G 350 83.48 -119.58 -38.13
CA LYS G 350 82.87 -120.88 -37.93
C LYS G 350 83.57 -121.69 -36.85
N GLU G 351 84.90 -121.65 -36.81
CA GLU G 351 85.63 -122.50 -35.89
C GLU G 351 85.82 -121.88 -34.51
N ASN G 352 85.51 -120.59 -34.33
CA ASN G 352 85.81 -119.91 -33.08
C ASN G 352 84.58 -119.32 -32.40
N TYR G 353 83.41 -119.37 -33.02
CA TYR G 353 82.22 -118.78 -32.43
C TYR G 353 81.06 -119.74 -32.56
N PRO G 354 80.07 -119.68 -31.65
CA PRO G 354 78.86 -120.50 -31.77
C PRO G 354 78.25 -120.43 -33.16
N GLN G 355 77.59 -121.51 -33.57
CA GLN G 355 76.86 -121.51 -34.82
C GLN G 355 75.85 -120.36 -34.86
N ILE G 356 75.85 -119.62 -35.97
CA ILE G 356 74.90 -118.53 -36.20
C ILE G 356 74.84 -118.27 -37.69
N PRO G 357 73.67 -118.00 -38.27
CA PRO G 357 73.62 -117.64 -39.69
C PRO G 357 74.39 -116.36 -39.97
N ILE G 358 75.15 -116.35 -41.07
CA ILE G 358 76.01 -115.24 -41.44
C ILE G 358 75.51 -114.66 -42.76
N TYR G 359 75.40 -113.34 -42.81
CA TYR G 359 75.16 -112.62 -44.05
C TYR G 359 76.37 -111.74 -44.32
N ILE G 360 76.87 -111.80 -45.55
CA ILE G 360 77.84 -110.80 -46.00
C ILE G 360 77.04 -109.55 -46.35
N THR G 361 76.96 -108.60 -45.41
CA THR G 361 76.11 -107.44 -45.57
C THR G 361 76.75 -106.31 -46.38
N GLU G 362 78.05 -106.40 -46.69
CA GLU G 362 78.70 -105.51 -47.66
C GLU G 362 79.95 -106.18 -48.20
N ASN G 363 80.09 -106.13 -49.52
CA ASN G 363 81.38 -106.35 -50.16
C ASN G 363 81.30 -105.70 -51.53
N GLY G 364 82.41 -105.10 -51.96
CA GLY G 364 82.44 -104.36 -53.21
C GLY G 364 83.78 -103.67 -53.38
N ALA G 365 83.87 -102.80 -54.39
CA ALA G 365 85.15 -102.20 -54.73
C ALA G 365 84.96 -100.86 -55.42
N ALA G 366 85.90 -99.95 -55.18
CA ALA G 366 85.86 -98.61 -55.75
C ALA G 366 86.91 -98.54 -56.87
N TYR G 367 86.44 -98.24 -58.09
CA TYR G 367 87.26 -98.01 -59.26
C TYR G 367 86.80 -96.70 -59.88
N ASN G 368 87.67 -96.11 -60.70
CA ASN G 368 87.48 -94.74 -61.17
C ASN G 368 86.68 -94.71 -62.48
N ASP G 369 85.43 -95.18 -62.39
CA ASP G 369 84.59 -95.40 -63.56
C ASP G 369 84.49 -94.15 -64.43
N ILE G 370 84.44 -94.35 -65.75
CA ILE G 370 84.10 -93.28 -66.68
C ILE G 370 83.05 -93.81 -67.67
N VAL G 371 82.09 -92.95 -68.00
CA VAL G 371 81.08 -93.29 -69.01
C VAL G 371 81.73 -93.21 -70.40
N THR G 372 81.54 -94.25 -71.20
CA THR G 372 82.00 -94.19 -72.58
C THR G 372 81.15 -93.21 -73.38
N GLU G 373 81.73 -92.75 -74.49
CA GLU G 373 80.94 -92.08 -75.51
C GLU G 373 79.71 -92.92 -75.87
N ASP G 374 79.87 -94.24 -75.85
CA ASP G 374 78.80 -95.22 -76.07
C ASP G 374 77.66 -95.10 -75.07
N GLY G 375 77.86 -94.47 -73.92
CA GLY G 375 76.87 -94.50 -72.85
C GLY G 375 76.96 -95.69 -71.91
N LYS G 376 78.06 -96.42 -71.93
CA LYS G 376 78.27 -97.56 -71.04
C LYS G 376 79.41 -97.27 -70.07
N VAL G 377 79.55 -98.14 -69.08
CA VAL G 377 80.67 -98.13 -68.13
C VAL G 377 81.26 -99.53 -68.12
N HIS G 378 82.47 -99.68 -68.64
CA HIS G 378 83.10 -101.00 -68.68
C HIS G 378 83.97 -101.21 -67.44
N ASP G 379 83.31 -101.36 -66.29
CA ASP G 379 84.04 -101.61 -65.04
C ASP G 379 84.45 -103.08 -64.95
N SER G 380 85.42 -103.43 -65.80
CA SER G 380 85.80 -104.83 -65.91
C SER G 380 86.61 -105.30 -64.71
N LYS G 381 87.28 -104.39 -64.00
CA LYS G 381 87.95 -104.79 -62.77
C LYS G 381 86.94 -105.03 -61.64
N ARG G 382 85.91 -104.19 -61.51
CA ARG G 382 84.90 -104.42 -60.49
C ARG G 382 84.27 -105.79 -60.67
N ILE G 383 83.99 -106.18 -61.93
CA ILE G 383 83.50 -107.53 -62.21
C ILE G 383 84.46 -108.57 -61.67
N GLU G 384 85.75 -108.42 -61.99
CA GLU G 384 86.76 -109.38 -61.55
C GLU G 384 86.85 -109.47 -60.03
N TYR G 385 86.71 -108.34 -59.36
CA TYR G 385 86.63 -108.34 -57.91
C TYR G 385 85.43 -109.16 -57.42
N LEU G 386 84.23 -108.87 -57.96
CA LEU G 386 83.04 -109.59 -57.50
C LEU G 386 83.14 -111.09 -57.78
N LYS G 387 83.42 -111.48 -59.04
CA LYS G 387 83.63 -112.89 -59.38
C LYS G 387 84.46 -113.61 -58.33
N GLN G 388 85.66 -113.08 -58.07
CA GLN G 388 86.59 -113.75 -57.16
C GLN G 388 86.04 -113.86 -55.76
N HIS G 389 85.37 -112.82 -55.26
CA HIS G 389 84.82 -112.88 -53.92
C HIS G 389 83.59 -113.78 -53.85
N PHE G 390 82.72 -113.73 -54.87
CA PHE G 390 81.65 -114.73 -54.96
C PHE G 390 82.22 -116.14 -54.86
N ASP G 391 83.31 -116.38 -55.59
CA ASP G 391 83.89 -117.71 -55.63
C ASP G 391 84.36 -118.18 -54.26
N GLN G 392 84.97 -117.27 -53.50
CA GLN G 392 85.41 -117.65 -52.16
C GLN G 392 84.22 -117.87 -51.22
N ALA G 393 83.15 -117.08 -51.39
CA ALA G 393 81.92 -117.38 -50.67
C ALA G 393 81.45 -118.80 -50.94
N ARG G 394 81.37 -119.20 -52.21
CA ARG G 394 80.98 -120.56 -52.54
C ARG G 394 81.88 -121.60 -51.87
N LYS G 395 83.18 -121.35 -51.86
CA LYS G 395 84.10 -122.22 -51.15
C LYS G 395 83.81 -122.26 -49.65
N ALA G 396 83.51 -121.11 -49.05
CA ALA G 396 83.18 -121.12 -47.63
C ALA G 396 81.93 -121.97 -47.36
N ILE G 397 80.88 -121.78 -48.17
CA ILE G 397 79.69 -122.61 -48.07
C ILE G 397 80.05 -124.09 -48.18
N GLU G 398 80.87 -124.41 -49.19
CA GLU G 398 81.33 -125.79 -49.41
C GLU G 398 81.99 -126.37 -48.17
N ASN G 399 82.59 -125.55 -47.34
CA ASN G 399 83.25 -126.06 -46.15
C ASN G 399 82.41 -125.82 -44.90
N GLY G 400 81.09 -125.65 -45.06
CA GLY G 400 80.16 -125.71 -43.95
C GLY G 400 79.91 -124.42 -43.22
N VAL G 401 80.27 -123.28 -43.80
CA VAL G 401 79.87 -122.01 -43.22
C VAL G 401 78.40 -121.80 -43.52
N ASP G 402 77.68 -121.24 -42.54
CA ASP G 402 76.25 -120.97 -42.68
C ASP G 402 76.00 -119.60 -43.30
N LEU G 403 76.48 -119.48 -44.53
CA LEU G 403 76.39 -118.25 -45.30
C LEU G 403 75.04 -118.23 -46.01
N ARG G 404 74.22 -117.22 -45.71
CA ARG G 404 72.84 -117.17 -46.15
C ARG G 404 72.50 -115.96 -47.02
N GLY G 405 73.45 -115.07 -47.26
CA GLY G 405 73.21 -113.94 -48.15
C GLY G 405 74.48 -113.16 -48.42
N TYR G 406 74.41 -112.36 -49.47
CA TYR G 406 75.56 -111.63 -49.99
C TYR G 406 75.04 -110.33 -50.58
N PHE G 407 75.44 -109.21 -50.00
CA PHE G 407 74.98 -107.90 -50.43
C PHE G 407 76.18 -107.17 -51.05
N VAL G 408 76.06 -106.80 -52.33
CA VAL G 408 77.11 -106.02 -52.97
C VAL G 408 77.04 -104.58 -52.47
N TRP G 409 78.17 -104.05 -52.03
CA TRP G 409 78.28 -102.61 -51.83
C TRP G 409 78.87 -102.01 -53.11
N SER G 410 78.10 -101.20 -53.82
CA SER G 410 76.77 -100.71 -53.45
C SER G 410 75.87 -100.81 -54.64
N LEU G 411 74.58 -100.57 -54.45
CA LEU G 411 73.64 -100.56 -55.57
C LEU G 411 73.97 -99.45 -56.56
N MET G 412 74.28 -98.26 -56.06
CA MET G 412 74.58 -97.11 -56.90
C MET G 412 75.76 -96.31 -56.32
N ASP G 413 76.47 -95.58 -57.17
CA ASP G 413 77.48 -94.64 -56.68
C ASP G 413 76.84 -93.67 -55.69
N ASN G 414 77.58 -93.31 -54.65
CA ASN G 414 76.99 -92.50 -53.60
C ASN G 414 78.11 -91.79 -52.84
N LEU G 415 77.72 -91.09 -51.77
CA LEU G 415 78.63 -90.30 -50.95
C LEU G 415 79.42 -91.22 -50.02
N GLU G 416 80.73 -91.36 -50.27
CA GLU G 416 81.58 -92.24 -49.47
C GLU G 416 82.15 -91.47 -48.26
N TRP G 417 81.22 -90.98 -47.44
CA TRP G 417 81.53 -90.36 -46.13
C TRP G 417 82.58 -89.27 -46.35
N ALA G 418 83.70 -89.26 -45.63
CA ALA G 418 84.67 -88.19 -45.77
C ALA G 418 85.39 -88.22 -47.11
N MET G 419 85.26 -89.29 -47.89
CA MET G 419 85.77 -89.31 -49.25
C MET G 419 84.89 -88.54 -50.24
N GLY G 420 83.71 -88.07 -49.83
CA GLY G 420 82.80 -87.42 -50.79
C GLY G 420 82.35 -88.36 -51.91
N TYR G 421 82.11 -87.79 -53.10
CA TYR G 421 81.71 -88.55 -54.28
C TYR G 421 82.89 -89.10 -55.07
N THR G 422 84.11 -88.95 -54.56
CA THR G 422 85.32 -89.33 -55.28
C THR G 422 85.54 -90.84 -55.35
N LYS G 423 84.79 -91.64 -54.60
CA LYS G 423 84.90 -93.09 -54.69
C LYS G 423 83.58 -93.64 -55.20
N ARG G 424 83.63 -94.39 -56.30
CA ARG G 424 82.45 -94.98 -56.90
C ARG G 424 82.44 -96.46 -56.61
N PHE G 425 81.48 -96.90 -55.79
CA PHE G 425 81.31 -98.30 -55.45
C PHE G 425 80.15 -98.97 -56.18
N GLY G 426 79.32 -98.21 -56.90
CA GLY G 426 78.09 -98.77 -57.44
C GLY G 426 78.33 -99.79 -58.52
N ILE G 427 77.35 -100.70 -58.67
CA ILE G 427 77.16 -101.36 -59.97
C ILE G 427 76.26 -100.53 -60.87
N ILE G 428 75.74 -99.40 -60.40
CA ILE G 428 75.00 -98.43 -61.19
C ILE G 428 75.68 -97.07 -61.06
N TYR G 429 75.98 -96.45 -62.20
CA TYR G 429 76.67 -95.16 -62.21
C TYR G 429 75.68 -94.04 -62.00
N VAL G 430 76.01 -93.11 -61.12
CA VAL G 430 75.16 -91.94 -60.92
C VAL G 430 75.89 -90.70 -61.41
N ASP G 431 75.29 -90.03 -62.40
CA ASP G 431 75.73 -88.73 -62.89
C ASP G 431 75.10 -87.70 -61.97
N TYR G 432 75.89 -87.16 -61.06
CA TYR G 432 75.32 -86.30 -60.04
C TYR G 432 74.79 -84.99 -60.61
N GLU G 433 75.18 -84.63 -61.84
CA GLU G 433 74.69 -83.39 -62.43
C GLU G 433 73.23 -83.53 -62.87
N THR G 434 72.91 -84.66 -63.51
CA THR G 434 71.58 -84.90 -64.07
C THR G 434 70.77 -85.92 -63.30
N GLN G 435 71.37 -86.63 -62.34
CA GLN G 435 70.85 -87.77 -61.60
C GLN G 435 70.52 -88.99 -62.47
N LYS G 436 70.97 -89.02 -63.73
CA LYS G 436 70.82 -90.22 -64.55
C LYS G 436 71.48 -91.41 -63.89
N ARG G 437 70.76 -92.53 -63.86
CA ARG G 437 71.32 -93.82 -63.49
C ARG G 437 71.76 -94.57 -64.74
N ILE G 438 72.99 -95.05 -64.76
CA ILE G 438 73.53 -95.81 -65.90
C ILE G 438 74.03 -97.15 -65.39
N LYS G 439 73.48 -98.22 -65.97
CA LYS G 439 73.87 -99.57 -65.56
C LYS G 439 75.30 -99.83 -66.04
N LYS G 440 76.21 -100.06 -65.09
CA LYS G 440 77.57 -100.46 -65.44
C LYS G 440 77.59 -101.92 -65.88
N ASP G 441 78.72 -102.33 -66.47
CA ASP G 441 78.85 -103.72 -66.89
C ASP G 441 78.74 -104.66 -65.70
N SER G 442 79.15 -104.23 -64.52
CA SER G 442 79.00 -105.13 -63.38
C SER G 442 77.54 -105.34 -63.02
N PHE G 443 76.66 -104.38 -63.34
CA PHE G 443 75.22 -104.59 -63.18
C PHE G 443 74.78 -105.81 -63.96
N TYR G 444 75.19 -105.92 -65.22
CA TYR G 444 74.76 -107.03 -66.04
C TYR G 444 75.48 -108.32 -65.67
N PHE G 445 76.71 -108.23 -65.18
CA PHE G 445 77.37 -109.44 -64.72
C PHE G 445 76.71 -109.99 -63.47
N TYR G 446 76.31 -109.12 -62.54
CA TYR G 446 75.65 -109.58 -61.32
C TYR G 446 74.28 -110.16 -61.65
N GLN G 447 73.56 -109.50 -62.56
CA GLN G 447 72.31 -110.01 -63.08
C GLN G 447 72.46 -111.45 -63.54
N GLN G 448 73.38 -111.69 -64.47
CA GLN G 448 73.66 -113.06 -64.90
C GLN G 448 74.01 -113.97 -63.73
N TYR G 449 74.80 -113.46 -62.77
CA TYR G 449 75.32 -114.34 -61.73
C TYR G 449 74.21 -114.78 -60.80
N ILE G 450 73.23 -113.91 -60.56
CA ILE G 450 72.09 -114.28 -59.73
C ILE G 450 71.25 -115.33 -60.43
N LYS G 451 70.95 -115.11 -61.72
CA LYS G 451 70.17 -116.09 -62.47
C LYS G 451 70.81 -117.47 -62.41
N GLU G 452 72.12 -117.54 -62.59
CA GLU G 452 72.82 -118.82 -62.60
C GLU G 452 73.02 -119.45 -61.23
N ASN G 453 72.66 -118.77 -60.15
CA ASN G 453 72.96 -119.27 -58.81
C ASN G 453 71.80 -118.98 -57.87
N SER G 454 70.59 -119.24 -58.32
CA SER G 454 69.44 -119.10 -57.45
C SER G 454 68.41 -120.20 -57.73
N SER H 3 70.75 -47.92 9.61
CA SER H 3 72.16 -48.13 9.30
C SER H 3 72.46 -49.62 9.07
N PHE H 4 73.53 -49.89 8.32
CA PHE H 4 73.90 -51.22 7.90
C PHE H 4 74.56 -51.98 9.05
N PRO H 5 74.41 -53.31 9.09
CA PRO H 5 74.94 -54.08 10.24
C PRO H 5 76.47 -54.08 10.27
N LYS H 6 77.01 -54.40 11.43
CA LYS H 6 78.45 -54.41 11.59
C LYS H 6 79.05 -55.61 10.87
N GLY H 7 80.01 -55.35 9.98
CA GLY H 7 80.64 -56.38 9.20
C GLY H 7 80.06 -56.57 7.82
N PHE H 8 79.14 -55.69 7.40
CA PHE H 8 78.52 -55.78 6.08
C PHE H 8 79.57 -55.86 4.98
N LEU H 9 79.46 -56.88 4.13
CA LEU H 9 80.43 -57.05 3.06
C LEU H 9 80.06 -56.12 1.92
N TRP H 10 80.56 -54.87 2.00
CA TRP H 10 80.54 -54.03 0.80
C TRP H 10 81.57 -54.57 -0.18
N GLY H 11 81.13 -54.90 -1.39
CA GLY H 11 81.97 -55.57 -2.35
C GLY H 11 81.73 -55.08 -3.76
N ALA H 12 82.51 -55.66 -4.68
CA ALA H 12 82.28 -55.63 -6.11
C ALA H 12 82.49 -57.05 -6.62
N ALA H 13 82.03 -57.32 -7.84
CA ALA H 13 82.05 -58.68 -8.38
C ALA H 13 82.49 -58.68 -9.84
N THR H 14 83.19 -59.76 -10.20
CA THR H 14 83.62 -60.08 -11.56
C THR H 14 83.41 -61.57 -11.77
N ALA H 15 83.76 -62.01 -12.98
CA ALA H 15 83.72 -63.42 -13.38
C ALA H 15 84.87 -63.65 -14.36
N SER H 16 85.41 -64.88 -14.34
CA SER H 16 86.74 -65.13 -14.90
C SER H 16 86.80 -64.85 -16.39
N TYR H 17 85.84 -65.38 -17.16
CA TYR H 17 85.89 -65.17 -18.60
C TYR H 17 85.68 -63.71 -18.99
N GLN H 18 85.05 -62.90 -18.14
CA GLN H 18 84.76 -61.53 -18.55
C GLN H 18 85.94 -60.59 -18.34
N ILE H 19 86.93 -60.96 -17.53
CA ILE H 19 88.02 -60.03 -17.19
C ILE H 19 89.42 -60.62 -17.38
N GLU H 20 89.61 -61.93 -17.36
CA GLU H 20 90.97 -62.47 -17.16
C GLU H 20 91.82 -62.34 -18.41
N GLY H 21 91.27 -62.71 -19.57
CA GLY H 21 92.05 -62.89 -20.78
C GLY H 21 92.91 -64.14 -20.66
N ALA H 22 94.10 -64.08 -21.28
CA ALA H 22 95.09 -65.17 -21.21
C ALA H 22 94.42 -66.51 -21.48
N TRP H 23 93.58 -66.53 -22.51
CA TRP H 23 92.65 -67.62 -22.75
C TRP H 23 93.32 -68.93 -23.14
N ASN H 24 94.57 -68.88 -23.59
CA ASN H 24 95.25 -70.13 -23.93
C ASN H 24 96.69 -70.17 -23.46
N GLU H 25 97.02 -69.40 -22.43
CA GLU H 25 98.35 -69.32 -21.85
C GLU H 25 98.46 -70.25 -20.64
N ASP H 26 99.70 -70.65 -20.36
CA ASP H 26 100.03 -71.44 -19.18
C ASP H 26 99.20 -72.73 -19.12
N GLY H 27 98.99 -73.33 -20.29
CA GLY H 27 98.30 -74.59 -20.34
C GLY H 27 96.83 -74.56 -19.98
N LYS H 28 96.19 -73.39 -19.96
CA LYS H 28 94.75 -73.32 -19.71
C LYS H 28 93.98 -74.04 -20.81
N GLY H 29 93.06 -74.93 -20.44
CA GLY H 29 92.20 -75.56 -21.41
C GLY H 29 91.20 -74.59 -22.05
N GLU H 30 90.64 -75.03 -23.18
CA GLU H 30 89.59 -74.28 -23.85
C GLU H 30 88.28 -74.43 -23.10
N SER H 31 87.58 -73.32 -22.87
CA SER H 31 86.24 -73.36 -22.32
C SER H 31 85.18 -73.25 -23.42
N ILE H 32 83.94 -73.62 -23.08
CA ILE H 32 82.81 -73.44 -23.99
C ILE H 32 82.65 -72.01 -24.43
N TRP H 33 83.11 -71.04 -23.64
CA TRP H 33 83.02 -69.65 -24.04
C TRP H 33 84.19 -69.21 -24.89
N ASP H 34 85.36 -69.86 -24.78
CA ASP H 34 86.36 -69.73 -25.83
C ASP H 34 85.79 -70.20 -27.17
N ARG H 35 85.20 -71.40 -27.17
CA ARG H 35 84.56 -71.94 -28.36
C ARG H 35 83.44 -71.03 -28.87
N PHE H 36 82.56 -70.58 -27.95
CA PHE H 36 81.37 -69.82 -28.36
C PHE H 36 81.75 -68.48 -28.99
N THR H 37 82.60 -67.70 -28.32
CA THR H 37 82.96 -66.39 -28.86
C THR H 37 83.87 -66.49 -30.09
N HIS H 38 84.33 -67.68 -30.43
CA HIS H 38 85.16 -67.88 -31.62
C HIS H 38 84.35 -68.35 -32.83
N GLN H 39 83.01 -68.38 -32.73
CA GLN H 39 82.15 -68.56 -33.88
C GLN H 39 81.55 -67.23 -34.30
N LYS H 40 81.52 -66.98 -35.62
CA LYS H 40 80.89 -65.78 -36.15
C LYS H 40 79.41 -65.75 -35.78
N GLY H 41 78.94 -64.58 -35.33
CA GLY H 41 77.53 -64.33 -35.13
C GLY H 41 77.00 -64.51 -33.73
N ASN H 42 77.79 -65.09 -32.81
CA ASN H 42 77.32 -65.29 -31.44
C ASN H 42 77.44 -64.04 -30.59
N ILE H 43 78.44 -63.20 -30.85
CA ILE H 43 78.74 -62.04 -30.02
C ILE H 43 78.68 -60.78 -30.88
N LEU H 44 78.06 -59.74 -30.35
CA LEU H 44 78.01 -58.45 -31.03
C LEU H 44 79.41 -58.04 -31.47
N TYR H 45 79.49 -57.51 -32.68
CA TYR H 45 80.75 -57.02 -33.23
C TYR H 45 81.86 -58.06 -33.20
N GLY H 46 81.49 -59.34 -33.18
CA GLY H 46 82.47 -60.42 -33.09
C GLY H 46 83.49 -60.29 -31.98
N HIS H 47 83.11 -59.73 -30.82
CA HIS H 47 84.03 -59.61 -29.70
C HIS H 47 84.25 -60.97 -29.04
N ASN H 48 85.39 -61.10 -28.35
CA ASN H 48 85.69 -62.30 -27.57
C ASN H 48 86.39 -61.89 -26.28
N GLY H 49 86.65 -62.88 -25.43
CA GLY H 49 87.33 -62.61 -24.18
C GLY H 49 88.81 -62.99 -24.19
N ASP H 50 89.42 -63.08 -25.39
CA ASP H 50 90.83 -63.48 -25.51
C ASP H 50 91.74 -62.63 -24.64
N ILE H 51 91.59 -61.31 -24.70
CA ILE H 51 92.33 -60.38 -23.86
C ILE H 51 91.47 -59.86 -22.70
N ALA H 52 90.24 -59.44 -22.99
CA ALA H 52 89.31 -58.94 -21.98
C ALA H 52 89.99 -57.78 -21.25
N CYS H 53 90.01 -57.76 -19.92
CA CYS H 53 90.71 -56.72 -19.17
C CYS H 53 92.14 -57.11 -18.80
N ASP H 54 92.64 -58.24 -19.30
CA ASP H 54 94.01 -58.71 -19.06
C ASP H 54 94.28 -58.85 -17.56
N HIS H 55 93.24 -59.22 -16.82
CA HIS H 55 93.35 -59.32 -15.36
C HIS H 55 94.32 -60.40 -14.95
N TYR H 56 94.49 -61.44 -15.78
CA TYR H 56 95.47 -62.47 -15.49
C TYR H 56 96.82 -61.87 -15.15
N HIS H 57 97.23 -60.86 -15.93
CA HIS H 57 98.51 -60.21 -15.71
C HIS H 57 98.41 -58.99 -14.80
N ARG H 58 97.31 -58.25 -14.86
CA ARG H 58 97.20 -56.95 -14.21
C ARG H 58 96.48 -57.02 -12.87
N PHE H 59 96.27 -58.22 -12.34
CA PHE H 59 95.47 -58.39 -11.13
C PHE H 59 96.04 -57.62 -9.93
N GLU H 60 97.36 -57.44 -9.89
CA GLU H 60 97.95 -56.72 -8.76
C GLU H 60 97.50 -55.27 -8.75
N GLU H 61 97.56 -54.60 -9.91
CA GLU H 61 97.02 -53.26 -10.01
C GLU H 61 95.54 -53.22 -9.64
N ASP H 62 94.78 -54.22 -10.07
CA ASP H 62 93.34 -54.23 -9.79
C ASP H 62 93.07 -54.40 -8.29
N VAL H 63 93.78 -55.33 -7.63
CA VAL H 63 93.63 -55.47 -6.18
C VAL H 63 93.99 -54.18 -5.46
N LEU H 64 94.93 -53.42 -6.01
CA LEU H 64 95.29 -52.15 -5.38
C LEU H 64 94.15 -51.15 -5.46
N LEU H 65 93.38 -51.18 -6.55
CA LEU H 65 92.24 -50.27 -6.68
C LEU H 65 91.13 -50.64 -5.70
N MET H 66 90.92 -51.93 -5.45
CA MET H 66 89.90 -52.33 -4.47
C MET H 66 90.26 -51.86 -3.07
N LYS H 67 91.53 -51.99 -2.69
CA LYS H 67 92.01 -51.44 -1.44
C LYS H 67 91.78 -49.94 -1.38
N GLU H 68 92.09 -49.23 -2.47
CA GLU H 68 91.79 -47.80 -2.53
C GLU H 68 90.29 -47.54 -2.40
N LEU H 69 89.47 -48.39 -3.03
CA LEU H 69 88.03 -48.23 -2.95
C LEU H 69 87.52 -48.40 -1.51
N GLY H 70 88.14 -49.29 -0.75
CA GLY H 70 87.68 -49.62 0.56
C GLY H 70 86.85 -50.86 0.64
N LEU H 71 86.85 -51.68 -0.43
CA LEU H 71 86.05 -52.90 -0.49
C LEU H 71 86.31 -53.81 0.71
N LYS H 72 85.22 -54.21 1.37
CA LYS H 72 85.34 -55.23 2.40
C LYS H 72 85.56 -56.62 1.79
N ALA H 73 84.95 -56.89 0.64
CA ALA H 73 85.01 -58.22 0.03
C ALA H 73 85.06 -58.06 -1.47
N TYR H 74 85.45 -59.13 -2.15
CA TYR H 74 85.58 -59.10 -3.61
C TYR H 74 85.16 -60.45 -4.15
N ARG H 75 84.17 -60.46 -5.01
CA ARG H 75 83.63 -61.69 -5.54
C ARG H 75 84.23 -61.93 -6.92
N PHE H 76 84.77 -63.12 -7.12
CA PHE H 76 85.31 -63.46 -8.42
C PHE H 76 85.06 -64.95 -8.66
N SER H 77 85.40 -65.39 -9.85
CA SER H 77 85.21 -66.79 -10.19
C SER H 77 86.55 -67.39 -10.60
N ILE H 78 86.65 -68.71 -10.46
CA ILE H 78 87.83 -69.46 -10.80
C ILE H 78 87.58 -70.19 -12.12
N ALA H 79 88.47 -69.98 -13.09
CA ALA H 79 88.37 -70.65 -14.38
C ALA H 79 88.64 -72.15 -14.19
N TRP H 80 87.59 -72.95 -14.29
CA TRP H 80 87.75 -74.40 -14.25
C TRP H 80 88.87 -74.87 -15.19
N THR H 81 88.95 -74.30 -16.40
CA THR H 81 89.91 -74.79 -17.38
C THR H 81 91.35 -74.44 -17.02
N ARG H 82 91.56 -73.49 -16.11
CA ARG H 82 92.92 -73.21 -15.63
C ARG H 82 93.41 -74.25 -14.61
N ILE H 83 92.49 -74.89 -13.89
CA ILE H 83 92.84 -75.89 -12.87
C ILE H 83 92.92 -77.29 -13.47
N PHE H 84 91.89 -77.68 -14.23
CA PHE H 84 91.84 -78.94 -14.98
C PHE H 84 91.64 -78.57 -16.44
N PRO H 85 92.70 -78.53 -17.25
CA PRO H 85 92.51 -78.13 -18.66
C PRO H 85 91.56 -79.01 -19.44
N ASP H 86 91.38 -80.26 -19.01
CA ASP H 86 90.40 -81.14 -19.65
C ASP H 86 89.23 -81.46 -18.75
N GLY H 87 89.04 -80.70 -17.67
CA GLY H 87 87.94 -80.91 -16.75
C GLY H 87 88.22 -81.88 -15.63
N PHE H 88 89.14 -82.82 -15.84
CA PHE H 88 89.50 -83.80 -14.82
C PHE H 88 90.89 -84.33 -15.14
N GLY H 89 91.40 -85.21 -14.27
CA GLY H 89 92.73 -85.77 -14.43
C GLY H 89 93.86 -84.83 -14.04
N ASN H 90 94.63 -84.38 -15.02
CA ASN H 90 95.85 -83.61 -14.77
C ASN H 90 95.53 -82.24 -14.17
N VAL H 91 96.02 -81.98 -12.96
CA VAL H 91 95.91 -80.64 -12.36
C VAL H 91 97.03 -79.74 -12.90
N ASN H 92 96.65 -78.58 -13.40
CA ASN H 92 97.62 -77.62 -13.93
C ASN H 92 98.12 -76.73 -12.80
N GLN H 93 99.43 -76.79 -12.56
CA GLN H 93 100.01 -76.08 -11.42
C GLN H 93 100.10 -74.58 -11.68
N LYS H 94 100.34 -74.19 -12.92
CA LYS H 94 100.34 -72.76 -13.23
C LYS H 94 98.97 -72.14 -12.95
N GLY H 95 97.89 -72.90 -13.19
CA GLY H 95 96.56 -72.41 -12.85
C GLY H 95 96.38 -72.16 -11.36
N LEU H 96 96.72 -73.16 -10.54
CA LEU H 96 96.61 -73.01 -9.09
C LEU H 96 97.46 -71.84 -8.61
N GLU H 97 98.65 -71.70 -9.20
CA GLU H 97 99.57 -70.62 -8.83
C GLU H 97 98.93 -69.25 -9.00
N PHE H 98 98.16 -69.05 -10.07
CA PHE H 98 97.51 -67.76 -10.28
C PHE H 98 96.50 -67.46 -9.17
N TYR H 99 95.66 -68.43 -8.84
CA TYR H 99 94.67 -68.18 -7.80
C TYR H 99 95.33 -68.10 -6.43
N ASP H 100 96.48 -68.75 -6.25
CA ASP H 100 97.27 -68.54 -5.03
C ASP H 100 97.64 -67.07 -4.88
N ARG H 101 98.31 -66.51 -5.89
CA ARG H 101 98.76 -65.12 -5.80
C ARG H 101 97.59 -64.16 -5.59
N LEU H 102 96.51 -64.34 -6.38
CA LEU H 102 95.37 -63.43 -6.28
C LEU H 102 94.75 -63.48 -4.90
N ILE H 103 94.40 -64.68 -4.42
CA ILE H 103 93.81 -64.82 -3.09
C ILE H 103 94.75 -64.28 -2.02
N ASN H 104 96.06 -64.54 -2.16
CA ASN H 104 97.01 -64.05 -1.17
C ASN H 104 97.12 -62.54 -1.21
N LYS H 105 97.09 -61.95 -2.41
CA LYS H 105 97.10 -60.50 -2.52
C LYS H 105 95.86 -59.89 -1.87
N LEU H 106 94.70 -60.54 -2.02
CA LEU H 106 93.48 -60.02 -1.38
C LEU H 106 93.58 -60.12 0.14
N VAL H 107 93.91 -61.30 0.63
CA VAL H 107 94.08 -61.54 2.06
C VAL H 107 95.07 -60.55 2.67
N GLU H 108 96.21 -60.37 2.00
CA GLU H 108 97.20 -59.38 2.43
C GLU H 108 96.61 -57.98 2.53
N ASN H 109 95.66 -57.65 1.67
CA ASN H 109 95.09 -56.30 1.69
C ASN H 109 93.81 -56.22 2.51
N GLY H 110 93.48 -57.26 3.27
CA GLY H 110 92.30 -57.22 4.12
C GLY H 110 90.99 -57.20 3.38
N ILE H 111 90.93 -57.84 2.21
CA ILE H 111 89.70 -58.00 1.45
C ILE H 111 89.25 -59.44 1.58
N GLU H 112 87.99 -59.64 1.95
CA GLU H 112 87.45 -60.98 2.05
C GLU H 112 87.24 -61.53 0.64
N PRO H 113 87.85 -62.67 0.29
CA PRO H 113 87.56 -63.28 -1.02
C PRO H 113 86.24 -64.03 -0.93
N VAL H 114 85.37 -63.78 -1.92
CA VAL H 114 84.16 -64.57 -2.14
C VAL H 114 84.31 -65.21 -3.51
N ILE H 115 84.32 -66.54 -3.56
CA ILE H 115 84.66 -67.24 -4.79
C ILE H 115 83.45 -67.95 -5.32
N THR H 116 83.13 -67.70 -6.59
CA THR H 116 82.15 -68.47 -7.33
C THR H 116 82.88 -69.62 -8.02
N ILE H 117 82.52 -70.85 -7.67
CA ILE H 117 83.21 -72.02 -8.20
C ILE H 117 82.89 -72.22 -9.69
N TYR H 118 81.64 -72.01 -10.10
CA TYR H 118 81.26 -72.13 -11.51
C TYR H 118 80.53 -70.88 -11.99
N HIS H 119 81.17 -70.12 -12.86
CA HIS H 119 80.56 -68.95 -13.47
C HIS H 119 80.63 -69.08 -14.99
N TRP H 120 80.13 -70.21 -15.52
CA TRP H 120 79.74 -70.41 -16.91
C TRP H 120 80.85 -70.94 -17.82
N ASP H 121 82.09 -71.04 -17.36
CA ASP H 121 83.18 -71.47 -18.26
C ASP H 121 83.43 -72.97 -18.10
N LEU H 122 82.46 -73.77 -18.57
CA LEU H 122 82.65 -75.22 -18.57
C LEU H 122 83.84 -75.58 -19.46
N PRO H 123 84.68 -76.54 -19.05
CA PRO H 123 85.73 -77.02 -19.96
C PRO H 123 85.12 -77.62 -21.21
N GLN H 124 85.66 -77.23 -22.38
CA GLN H 124 85.09 -77.68 -23.65
C GLN H 124 85.10 -79.19 -23.76
N LYS H 125 86.15 -79.84 -23.25
CA LYS H 125 86.24 -81.29 -23.30
C LYS H 125 85.08 -81.95 -22.56
N LEU H 126 84.55 -81.29 -21.54
CA LEU H 126 83.38 -81.83 -20.85
C LEU H 126 82.12 -81.58 -21.66
N GLN H 127 82.06 -80.46 -22.39
CA GLN H 127 80.96 -80.24 -23.30
C GLN H 127 80.93 -81.30 -24.40
N ASP H 128 82.11 -81.85 -24.76
CA ASP H 128 82.17 -82.83 -25.84
C ASP H 128 81.44 -84.12 -25.50
N ILE H 129 81.37 -84.47 -24.21
CA ILE H 129 80.61 -85.65 -23.79
C ILE H 129 79.20 -85.29 -23.34
N GLY H 130 78.76 -84.04 -23.56
CA GLY H 130 77.39 -83.63 -23.24
C GLY H 130 77.25 -82.53 -22.21
N GLY H 131 78.32 -82.06 -21.58
CA GLY H 131 78.27 -80.92 -20.69
C GLY H 131 77.34 -81.16 -19.52
N TRP H 132 76.59 -80.12 -19.16
CA TRP H 132 75.66 -80.22 -18.04
C TRP H 132 74.50 -81.17 -18.32
N ALA H 133 74.26 -81.56 -19.57
CA ALA H 133 73.17 -82.48 -19.85
C ALA H 133 73.51 -83.94 -19.54
N ASN H 134 74.79 -84.24 -19.25
CA ASN H 134 75.25 -85.59 -18.92
C ASN H 134 75.46 -85.67 -17.41
N SER H 135 74.71 -86.55 -16.75
CA SER H 135 74.77 -86.61 -15.29
C SER H 135 76.16 -86.99 -14.77
N GLU H 136 77.06 -87.49 -15.62
CA GLU H 136 78.43 -87.66 -15.20
C GLU H 136 79.06 -86.34 -14.77
N ILE H 137 78.52 -85.22 -15.25
CA ILE H 137 79.05 -83.90 -14.92
C ILE H 137 79.04 -83.66 -13.41
N VAL H 138 78.12 -84.32 -12.68
CA VAL H 138 78.01 -84.07 -11.25
C VAL H 138 79.31 -84.43 -10.54
N ASN H 139 79.87 -85.60 -10.85
CA ASN H 139 81.10 -86.00 -10.17
C ASN H 139 82.31 -85.20 -10.64
N TYR H 140 82.37 -84.86 -11.94
CA TYR H 140 83.45 -84.01 -12.42
C TYR H 140 83.42 -82.64 -11.75
N TYR H 141 82.23 -82.05 -11.62
CA TYR H 141 82.13 -80.78 -10.92
C TYR H 141 82.51 -80.97 -9.45
N PHE H 142 81.99 -82.03 -8.82
CA PHE H 142 82.24 -82.26 -7.41
C PHE H 142 83.74 -82.30 -7.11
N ASP H 143 84.50 -83.07 -7.91
CA ASP H 143 85.95 -83.16 -7.70
C ASP H 143 86.60 -81.79 -7.84
N TYR H 144 86.25 -81.07 -8.91
CA TYR H 144 86.79 -79.73 -9.12
C TYR H 144 86.47 -78.81 -7.95
N ALA H 145 85.21 -78.80 -7.48
CA ALA H 145 84.83 -77.90 -6.38
C ALA H 145 85.59 -78.25 -5.10
N MET H 146 85.69 -79.54 -4.76
CA MET H 146 86.40 -79.94 -3.56
C MET H 146 87.89 -79.66 -3.63
N LEU H 147 88.50 -79.77 -4.81
CA LEU H 147 89.90 -79.40 -4.97
C LEU H 147 90.13 -77.95 -4.52
N VAL H 148 89.37 -77.00 -5.06
CA VAL H 148 89.65 -75.61 -4.76
C VAL H 148 89.19 -75.23 -3.35
N ILE H 149 88.08 -75.80 -2.87
CA ILE H 149 87.69 -75.56 -1.49
C ILE H 149 88.80 -76.00 -0.54
N ASN H 150 89.18 -77.28 -0.64
CA ASN H 150 90.20 -77.81 0.26
C ASN H 150 91.49 -77.02 0.17
N ARG H 151 91.88 -76.61 -1.05
CA ARG H 151 93.11 -75.86 -1.20
C ARG H 151 93.03 -74.45 -0.61
N TYR H 152 91.84 -73.80 -0.64
CA TYR H 152 91.75 -72.41 -0.22
C TYR H 152 90.93 -72.16 1.04
N LYS H 153 90.34 -73.20 1.65
CA LYS H 153 89.49 -73.00 2.83
C LYS H 153 90.18 -72.16 3.90
N ASP H 154 91.50 -72.20 3.97
CA ASP H 154 92.25 -71.46 4.98
C ASP H 154 92.13 -69.95 4.79
N ARG H 155 91.99 -69.49 3.55
CA ARG H 155 91.99 -68.07 3.24
C ARG H 155 90.64 -67.54 2.79
N VAL H 156 89.71 -68.43 2.46
CA VAL H 156 88.48 -68.09 1.75
C VAL H 156 87.32 -68.75 2.49
N LYS H 157 86.47 -67.93 3.11
CA LYS H 157 85.39 -68.44 3.93
C LYS H 157 84.08 -68.57 3.17
N TYR H 158 83.88 -67.79 2.09
CA TYR H 158 82.60 -67.71 1.39
C TYR H 158 82.73 -68.30 0.00
N TRP H 159 81.96 -69.36 -0.26
CA TRP H 159 82.00 -70.09 -1.53
C TRP H 159 80.62 -70.18 -2.12
N ILE H 160 80.51 -69.94 -3.42
CA ILE H 160 79.25 -69.99 -4.16
C ILE H 160 79.38 -71.12 -5.18
N THR H 161 78.53 -72.14 -5.07
CA THR H 161 78.72 -73.27 -5.98
C THR H 161 78.49 -72.85 -7.42
N PHE H 162 77.43 -72.06 -7.68
CA PHE H 162 76.96 -71.75 -9.03
C PHE H 162 76.46 -70.31 -9.12
N ASN H 163 76.76 -69.67 -10.24
CA ASN H 163 76.18 -68.37 -10.55
C ASN H 163 75.07 -68.52 -11.57
N GLU H 164 73.86 -68.13 -11.19
CA GLU H 164 72.69 -68.02 -12.07
C GLU H 164 72.38 -69.28 -12.87
N PRO H 165 71.96 -70.37 -12.23
CA PRO H 165 71.52 -71.56 -12.98
C PRO H 165 70.49 -71.29 -14.08
N TYR H 166 69.60 -70.32 -13.91
CA TYR H 166 68.63 -70.03 -14.96
C TYR H 166 69.34 -69.72 -16.28
N CYS H 167 70.42 -68.94 -16.23
CA CYS H 167 71.16 -68.64 -17.45
C CYS H 167 71.90 -69.86 -17.97
N ILE H 168 72.55 -70.63 -17.08
CA ILE H 168 73.29 -71.80 -17.53
C ILE H 168 72.36 -72.73 -18.29
N ALA H 169 71.19 -73.01 -17.70
CA ALA H 169 70.18 -73.84 -18.33
C ALA H 169 69.57 -73.17 -19.56
N PHE H 170 68.79 -72.11 -19.35
CA PHE H 170 67.88 -71.68 -20.41
C PHE H 170 68.55 -70.84 -21.48
N LEU H 171 69.41 -69.89 -21.09
CA LEU H 171 70.13 -69.12 -22.09
C LEU H 171 71.21 -69.95 -22.80
N GLY H 172 71.71 -71.01 -22.16
CA GLY H 172 72.76 -71.80 -22.75
C GLY H 172 72.23 -73.00 -23.51
N HIS H 173 71.07 -73.52 -23.08
CA HIS H 173 70.54 -74.76 -23.63
C HIS H 173 69.16 -74.66 -24.25
N TRP H 174 68.42 -73.56 -24.07
CA TRP H 174 67.11 -73.38 -24.68
C TRP H 174 67.11 -72.29 -25.74
N HIS H 175 67.41 -71.05 -25.35
CA HIS H 175 67.54 -69.95 -26.28
C HIS H 175 68.84 -69.99 -27.09
N GLY H 176 69.85 -70.76 -26.63
CA GLY H 176 71.09 -70.87 -27.37
C GLY H 176 71.86 -69.57 -27.53
N VAL H 177 71.54 -68.55 -26.73
CA VAL H 177 72.26 -67.27 -26.83
C VAL H 177 73.55 -67.28 -26.01
N HIS H 178 73.67 -68.15 -25.01
CA HIS H 178 74.89 -68.34 -24.23
C HIS H 178 75.54 -69.67 -24.59
N ALA H 179 76.83 -69.79 -24.25
CA ALA H 179 77.51 -71.07 -24.43
C ALA H 179 76.84 -72.13 -23.57
N PRO H 180 76.65 -73.36 -24.07
CA PRO H 180 77.19 -73.93 -25.33
C PRO H 180 76.36 -73.65 -26.59
N GLY H 181 75.26 -72.90 -26.51
CA GLY H 181 74.47 -72.61 -27.70
C GLY H 181 73.51 -73.70 -28.11
N ILE H 182 73.06 -74.51 -27.17
CA ILE H 182 72.09 -75.55 -27.45
C ILE H 182 70.68 -74.95 -27.38
N LYS H 183 69.73 -75.54 -28.13
CA LYS H 183 68.38 -74.97 -28.28
C LYS H 183 67.33 -76.06 -28.13
N ASP H 184 67.14 -76.54 -26.90
CA ASP H 184 66.04 -77.43 -26.59
C ASP H 184 65.66 -77.23 -25.12
N PHE H 185 64.36 -77.16 -24.87
CA PHE H 185 63.84 -76.91 -23.52
C PHE H 185 63.96 -78.14 -22.63
N LYS H 186 63.65 -79.34 -23.17
CA LYS H 186 63.84 -80.55 -22.37
C LYS H 186 65.30 -80.73 -21.95
N VAL H 187 66.25 -80.30 -22.79
CA VAL H 187 67.65 -80.37 -22.41
C VAL H 187 67.91 -79.42 -21.23
N ALA H 188 67.41 -78.19 -21.33
CA ALA H 188 67.63 -77.21 -20.28
C ALA H 188 67.13 -77.73 -18.93
N ILE H 189 65.97 -78.38 -18.91
CA ILE H 189 65.47 -78.93 -17.65
C ILE H 189 66.44 -79.95 -17.08
N ASP H 190 66.98 -80.83 -17.93
CA ASP H 190 68.02 -81.75 -17.50
C ASP H 190 69.19 -81.00 -16.86
N VAL H 191 69.61 -79.90 -17.49
CA VAL H 191 70.73 -79.11 -17.00
C VAL H 191 70.43 -78.56 -15.60
N VAL H 192 69.24 -77.99 -15.43
CA VAL H 192 68.78 -77.52 -14.11
C VAL H 192 68.97 -78.62 -13.05
N HIS H 193 68.42 -79.81 -13.32
CA HIS H 193 68.48 -80.88 -12.33
C HIS H 193 69.93 -81.26 -12.01
N ASN H 194 70.80 -81.35 -13.02
CA ASN H 194 72.18 -81.76 -12.75
C ASN H 194 72.93 -80.68 -11.97
N ILE H 195 72.60 -79.40 -12.18
CA ILE H 195 73.18 -78.34 -11.35
C ILE H 195 72.75 -78.51 -9.90
N MET H 196 71.50 -78.91 -9.66
CA MET H 196 71.02 -79.04 -8.28
C MET H 196 71.78 -80.14 -7.56
N LEU H 197 71.89 -81.31 -8.17
CA LEU H 197 72.62 -82.42 -7.56
C LEU H 197 74.09 -82.06 -7.37
N SER H 198 74.67 -81.35 -8.33
CA SER H 198 76.03 -80.83 -8.17
C SER H 198 76.12 -79.94 -6.93
N HIS H 199 75.18 -79.02 -6.81
CA HIS H 199 75.17 -78.12 -5.67
C HIS H 199 75.01 -78.89 -4.35
N PHE H 200 74.05 -79.80 -4.31
CA PHE H 200 73.80 -80.56 -3.08
C PHE H 200 75.03 -81.38 -2.68
N LYS H 201 75.72 -82.00 -3.64
CA LYS H 201 76.82 -82.90 -3.29
C LYS H 201 77.96 -82.14 -2.63
N VAL H 202 78.26 -80.93 -3.11
CA VAL H 202 79.31 -80.13 -2.51
C VAL H 202 78.91 -79.67 -1.12
N VAL H 203 77.67 -79.22 -0.94
CA VAL H 203 77.20 -78.76 0.36
C VAL H 203 77.27 -79.89 1.39
N LYS H 204 76.82 -81.09 1.01
CA LYS H 204 76.91 -82.25 1.88
C LYS H 204 78.36 -82.58 2.22
N ALA H 205 79.27 -82.48 1.25
CA ALA H 205 80.67 -82.82 1.51
C ALA H 205 81.31 -81.84 2.47
N VAL H 206 81.02 -80.55 2.32
CA VAL H 206 81.56 -79.55 3.23
C VAL H 206 81.07 -79.81 4.65
N LYS H 207 79.81 -80.25 4.81
CA LYS H 207 79.27 -80.53 6.15
C LYS H 207 79.84 -81.80 6.75
N GLU H 208 79.83 -82.91 5.99
CA GLU H 208 80.23 -84.20 6.53
C GLU H 208 81.71 -84.24 6.90
N ASN H 209 82.52 -83.40 6.25
CA ASN H 209 83.94 -83.36 6.49
C ASN H 209 84.34 -82.20 7.38
N ASN H 210 83.35 -81.51 7.97
CA ASN H 210 83.61 -80.45 8.93
C ASN H 210 84.56 -79.40 8.37
N ILE H 211 84.39 -79.06 7.10
CA ILE H 211 85.12 -77.95 6.51
C ILE H 211 84.47 -76.65 6.97
N ASP H 212 85.28 -75.74 7.49
CA ASP H 212 84.79 -74.51 8.11
C ASP H 212 84.75 -73.39 7.07
N VAL H 213 83.75 -73.51 6.19
CA VAL H 213 83.45 -72.51 5.17
C VAL H 213 81.93 -72.40 5.04
N GLU H 214 81.48 -71.26 4.50
CA GLU H 214 80.08 -71.08 4.16
C GLU H 214 79.92 -71.38 2.69
N VAL H 215 79.00 -72.28 2.35
CA VAL H 215 78.72 -72.63 0.97
C VAL H 215 77.32 -72.14 0.63
N GLY H 216 77.23 -71.31 -0.40
CA GLY H 216 75.93 -70.87 -0.88
C GLY H 216 75.73 -71.11 -2.35
N ILE H 217 74.74 -70.45 -2.93
CA ILE H 217 74.45 -70.48 -4.36
C ILE H 217 73.86 -69.12 -4.71
N THR H 218 74.11 -68.68 -5.94
CA THR H 218 73.66 -67.38 -6.43
C THR H 218 72.57 -67.58 -7.48
N LEU H 219 71.40 -66.97 -7.24
CA LEU H 219 70.28 -66.98 -8.17
C LEU H 219 69.96 -65.56 -8.63
N ASN H 220 69.82 -65.38 -9.95
CA ASN H 220 69.17 -64.17 -10.44
C ASN H 220 67.68 -64.31 -10.22
N LEU H 221 67.07 -63.29 -9.66
CA LEU H 221 65.67 -63.30 -9.30
C LEU H 221 65.01 -62.09 -9.92
N THR H 222 63.78 -62.28 -10.40
CA THR H 222 63.02 -61.24 -11.09
C THR H 222 61.67 -61.13 -10.40
N PRO H 223 61.43 -60.07 -9.62
CA PRO H 223 60.06 -59.86 -9.11
C PRO H 223 59.12 -59.59 -10.29
N VAL H 224 57.98 -60.27 -10.30
CA VAL H 224 57.04 -60.19 -11.43
C VAL H 224 55.80 -59.45 -10.97
N TYR H 225 55.37 -58.48 -11.78
CA TYR H 225 54.24 -57.60 -11.50
C TYR H 225 53.20 -57.74 -12.60
N LEU H 226 51.94 -57.53 -12.25
CA LEU H 226 50.83 -57.71 -13.17
C LEU H 226 50.47 -56.38 -13.82
N GLN H 227 50.61 -56.31 -15.15
CA GLN H 227 50.13 -55.14 -15.89
C GLN H 227 48.70 -54.81 -15.51
N THR H 228 47.84 -55.82 -15.42
CA THR H 228 46.44 -55.60 -15.12
C THR H 228 46.26 -54.80 -13.84
N GLU H 229 47.12 -55.04 -12.85
CA GLU H 229 47.06 -54.30 -11.60
C GLU H 229 47.64 -52.90 -11.76
N ARG H 230 48.61 -52.72 -12.66
CA ARG H 230 49.10 -51.38 -12.97
C ARG H 230 47.99 -50.50 -13.53
N LEU H 231 47.12 -51.08 -14.36
CA LEU H 231 46.02 -50.35 -15.01
C LEU H 231 44.79 -50.22 -14.14
N GLY H 232 44.72 -50.93 -13.01
CA GLY H 232 43.55 -50.89 -12.17
C GLY H 232 42.42 -51.81 -12.59
N TYR H 233 42.65 -52.71 -13.55
CA TYR H 233 41.58 -53.61 -13.92
C TYR H 233 41.43 -54.71 -12.87
N LYS H 234 40.34 -55.46 -12.99
CA LYS H 234 40.12 -56.66 -12.19
C LYS H 234 40.87 -57.83 -12.82
N VAL H 235 41.62 -58.56 -11.99
CA VAL H 235 42.48 -59.64 -12.45
C VAL H 235 41.66 -60.92 -12.59
N SER H 236 41.63 -61.49 -13.78
CA SER H 236 40.93 -62.75 -13.92
C SER H 236 41.70 -63.87 -13.21
N GLU H 237 40.98 -64.94 -12.91
CA GLU H 237 41.58 -66.11 -12.28
C GLU H 237 42.62 -66.76 -13.19
N ILE H 238 42.32 -66.89 -14.48
CA ILE H 238 43.28 -67.53 -15.38
C ILE H 238 44.54 -66.68 -15.50
N GLU H 239 44.39 -65.35 -15.56
CA GLU H 239 45.55 -64.46 -15.67
C GLU H 239 46.48 -64.65 -14.47
N ARG H 240 45.93 -64.61 -13.26
CA ARG H 240 46.78 -64.75 -12.08
C ARG H 240 47.52 -66.09 -12.07
N GLU H 241 46.79 -67.18 -12.30
CA GLU H 241 47.41 -68.50 -12.34
C GLU H 241 48.54 -68.55 -13.36
N MET H 242 48.33 -67.94 -14.52
CA MET H 242 49.31 -68.12 -15.58
C MET H 242 50.52 -67.22 -15.39
N VAL H 243 50.32 -65.99 -14.90
CA VAL H 243 51.48 -65.15 -14.65
C VAL H 243 52.35 -65.76 -13.57
N ASN H 244 51.74 -66.31 -12.53
CA ASN H 244 52.48 -66.98 -11.46
C ASN H 244 53.25 -68.18 -11.99
N LEU H 245 52.61 -69.02 -12.82
CA LEU H 245 53.34 -70.12 -13.43
C LEU H 245 54.60 -69.62 -14.11
N SER H 246 54.49 -68.51 -14.86
CA SER H 246 55.64 -67.97 -15.56
C SER H 246 56.70 -67.46 -14.58
N SER H 247 56.28 -66.84 -13.47
CA SER H 247 57.28 -66.36 -12.51
C SER H 247 57.90 -67.50 -11.71
N GLN H 248 57.25 -68.67 -11.67
CA GLN H 248 57.89 -69.83 -11.08
C GLN H 248 59.07 -70.30 -11.91
N LEU H 249 58.98 -70.17 -13.24
CA LEU H 249 60.11 -70.56 -14.05
C LEU H 249 61.34 -69.71 -13.72
N ASP H 250 61.12 -68.40 -13.46
CA ASP H 250 62.26 -67.55 -13.16
C ASP H 250 62.81 -67.81 -11.75
N ASN H 251 61.95 -68.01 -10.77
CA ASN H 251 62.35 -67.87 -9.37
C ASN H 251 62.21 -69.15 -8.55
N GLU H 252 60.98 -69.63 -8.30
CA GLU H 252 60.76 -70.82 -7.47
C GLU H 252 61.34 -72.09 -8.07
N LEU H 253 61.54 -72.14 -9.39
CA LEU H 253 62.16 -73.32 -9.96
C LEU H 253 63.52 -73.58 -9.33
N PHE H 254 64.23 -72.53 -8.94
CA PHE H 254 65.53 -72.65 -8.30
C PHE H 254 65.51 -72.42 -6.80
N LEU H 255 64.64 -71.54 -6.29
CA LEU H 255 64.63 -71.30 -4.85
C LEU H 255 64.01 -72.47 -4.10
N ASP H 256 62.96 -73.08 -4.67
CA ASP H 256 62.28 -74.16 -3.96
C ASP H 256 63.19 -75.36 -3.72
N PRO H 257 63.93 -75.87 -4.71
CA PRO H 257 64.81 -77.01 -4.38
C PRO H 257 65.98 -76.61 -3.49
N VAL H 258 66.65 -75.51 -3.78
CA VAL H 258 67.79 -75.02 -2.99
C VAL H 258 67.39 -74.80 -1.53
N LEU H 259 66.17 -74.36 -1.27
CA LEU H 259 65.85 -73.93 0.09
C LEU H 259 64.75 -74.73 0.76
N LYS H 260 63.94 -75.46 0.00
CA LYS H 260 62.87 -76.25 0.58
C LYS H 260 62.95 -77.72 0.22
N GLY H 261 63.78 -78.09 -0.75
CA GLY H 261 63.93 -79.47 -1.13
C GLY H 261 62.89 -80.04 -2.08
N ASN H 262 62.35 -79.24 -2.99
CA ASN H 262 61.43 -79.75 -4.01
C ASN H 262 61.32 -78.73 -5.14
N TYR H 263 60.96 -79.22 -6.31
CA TYR H 263 60.58 -78.33 -7.39
C TYR H 263 59.16 -77.83 -7.16
N PRO H 264 58.78 -76.69 -7.75
CA PRO H 264 57.38 -76.24 -7.68
C PRO H 264 56.42 -77.19 -8.41
N GLN H 265 55.43 -77.71 -7.68
CA GLN H 265 54.52 -78.68 -8.27
C GLN H 265 53.65 -78.07 -9.36
N LYS H 266 53.08 -76.89 -9.10
CA LYS H 266 52.24 -76.24 -10.11
C LYS H 266 52.99 -76.10 -11.42
N LEU H 267 54.21 -75.56 -11.36
CA LEU H 267 55.03 -75.46 -12.57
C LEU H 267 55.23 -76.81 -13.22
N PHE H 268 55.50 -77.86 -12.44
CA PHE H 268 55.78 -79.17 -13.03
C PHE H 268 54.52 -79.80 -13.64
N ASP H 269 53.37 -79.66 -12.96
CA ASP H 269 52.11 -80.13 -13.53
C ASP H 269 51.87 -79.50 -14.90
N TYR H 270 51.97 -78.17 -14.96
CA TYR H 270 51.77 -77.48 -16.23
C TYR H 270 52.76 -77.97 -17.30
N LEU H 271 54.04 -78.14 -16.95
CA LEU H 271 55.00 -78.51 -17.98
C LEU H 271 54.75 -79.93 -18.50
N VAL H 272 54.16 -80.78 -17.65
CA VAL H 272 53.83 -82.14 -18.08
C VAL H 272 52.56 -82.15 -18.93
N GLN H 273 51.53 -81.38 -18.54
CA GLN H 273 50.33 -81.29 -19.37
C GLN H 273 50.66 -80.78 -20.76
N LYS H 274 51.38 -79.68 -20.86
CA LYS H 274 51.76 -79.13 -22.15
C LYS H 274 52.86 -79.94 -22.83
N ASP H 275 53.19 -81.11 -22.29
CA ASP H 275 54.14 -82.04 -22.89
C ASP H 275 55.50 -81.38 -23.12
N LEU H 276 55.86 -80.42 -22.27
CA LEU H 276 57.20 -79.85 -22.28
C LEU H 276 58.14 -80.59 -21.37
N LEU H 277 57.60 -81.28 -20.37
CA LEU H 277 58.34 -82.11 -19.45
C LEU H 277 57.73 -83.51 -19.46
N GLU H 278 58.57 -84.51 -19.66
CA GLU H 278 58.10 -85.89 -19.62
C GLU H 278 57.65 -86.22 -18.21
N ALA H 279 56.55 -86.98 -18.11
CA ALA H 279 56.03 -87.32 -16.80
C ALA H 279 57.10 -88.00 -15.94
N GLN H 280 57.76 -89.01 -16.49
CA GLN H 280 58.70 -89.80 -15.70
C GLN H 280 59.87 -88.95 -15.21
N LYS H 281 60.47 -88.15 -16.11
CA LYS H 281 61.54 -87.25 -15.72
C LYS H 281 61.10 -86.31 -14.58
N ALA H 282 59.84 -85.89 -14.59
CA ALA H 282 59.37 -85.02 -13.53
C ALA H 282 59.28 -85.75 -12.20
N LEU H 283 58.75 -86.97 -12.20
CA LEU H 283 58.57 -87.70 -10.95
C LEU H 283 59.92 -88.13 -10.36
N SER H 284 60.92 -88.38 -11.21
CA SER H 284 62.23 -88.75 -10.71
C SER H 284 62.99 -87.53 -10.20
N MET H 285 62.98 -86.43 -10.97
CA MET H 285 63.59 -85.18 -10.52
C MET H 285 63.11 -84.80 -9.12
N GLN H 286 61.82 -85.02 -8.83
CA GLN H 286 61.30 -84.68 -7.51
C GLN H 286 61.82 -85.65 -6.46
N GLN H 287 61.91 -86.93 -6.80
CA GLN H 287 62.43 -87.90 -5.85
C GLN H 287 63.92 -87.68 -5.61
N GLU H 288 64.69 -87.38 -6.65
CA GLU H 288 66.13 -87.22 -6.48
C GLU H 288 66.47 -85.96 -5.70
N VAL H 289 65.67 -84.90 -5.83
CA VAL H 289 65.96 -83.70 -5.06
C VAL H 289 65.52 -83.87 -3.62
N LYS H 290 64.42 -84.58 -3.39
CA LYS H 290 63.99 -84.89 -2.03
C LYS H 290 65.10 -85.61 -1.28
N GLU H 291 65.65 -86.66 -1.89
CA GLU H 291 66.60 -87.48 -1.17
C GLU H 291 67.93 -86.75 -0.96
N ASN H 292 68.37 -85.92 -1.90
CA ASN H 292 69.67 -85.28 -1.84
C ASN H 292 69.63 -83.87 -1.25
N PHE H 293 68.48 -83.43 -0.77
CA PHE H 293 68.35 -82.04 -0.38
C PHE H 293 69.13 -81.76 0.89
N ILE H 294 69.88 -80.66 0.88
CA ILE H 294 70.56 -80.17 2.06
C ILE H 294 70.55 -78.65 2.02
N PHE H 295 70.11 -78.05 3.12
CA PHE H 295 70.01 -76.61 3.20
C PHE H 295 71.38 -75.96 3.02
N PRO H 296 71.47 -74.81 2.34
CA PRO H 296 72.78 -74.16 2.17
C PRO H 296 73.09 -73.20 3.31
N ASP H 297 74.26 -72.51 3.29
CA ASP H 297 74.66 -71.58 4.35
C ASP H 297 74.25 -70.13 4.09
N PHE H 298 74.12 -69.73 2.83
CA PHE H 298 73.64 -68.41 2.48
C PHE H 298 73.04 -68.45 1.09
N LEU H 299 72.18 -67.47 0.80
CA LEU H 299 71.58 -67.31 -0.52
C LEU H 299 72.18 -66.07 -1.17
N GLY H 300 72.73 -66.25 -2.36
CA GLY H 300 73.22 -65.14 -3.16
C GLY H 300 72.17 -64.74 -4.17
N ILE H 301 71.82 -63.45 -4.16
CA ILE H 301 70.84 -62.89 -5.08
C ILE H 301 71.52 -61.91 -6.02
N ASN H 302 71.29 -62.11 -7.32
CA ASN H 302 71.61 -61.12 -8.35
C ASN H 302 70.31 -60.40 -8.72
N TYR H 303 70.25 -59.09 -8.47
CA TYR H 303 69.07 -58.30 -8.81
C TYR H 303 69.42 -57.18 -9.78
N TYR H 304 68.65 -57.05 -10.85
CA TYR H 304 68.81 -55.94 -11.79
C TYR H 304 67.52 -55.19 -12.06
N THR H 305 66.41 -55.90 -12.22
CA THR H 305 65.19 -55.28 -12.72
C THR H 305 64.03 -56.22 -12.43
N ARG H 306 62.83 -55.75 -12.72
CA ARG H 306 61.61 -56.50 -12.53
C ARG H 306 61.07 -56.89 -13.91
N ALA H 307 59.93 -57.58 -13.91
CA ALA H 307 59.20 -57.84 -15.13
C ALA H 307 57.72 -57.56 -14.89
N VAL H 308 57.09 -56.91 -15.86
CA VAL H 308 55.65 -56.68 -15.86
C VAL H 308 55.04 -57.53 -16.96
N ARG H 309 54.07 -58.37 -16.59
CA ARG H 309 53.52 -59.38 -17.48
C ARG H 309 52.00 -59.36 -17.47
N LEU H 310 51.43 -60.00 -18.48
CA LEU H 310 49.98 -60.09 -18.60
C LEU H 310 49.63 -61.34 -19.39
N TYR H 311 48.41 -61.81 -19.16
CA TYR H 311 47.89 -63.00 -19.84
C TYR H 311 47.65 -62.72 -21.31
N ASP H 312 47.84 -63.74 -22.14
CA ASP H 312 47.69 -63.65 -23.60
C ASP H 312 47.65 -65.08 -24.13
N GLU H 313 46.46 -65.57 -24.46
CA GLU H 313 46.34 -66.96 -24.91
C GLU H 313 47.09 -67.19 -26.21
N ASN H 314 47.25 -66.15 -27.04
CA ASN H 314 47.94 -66.29 -28.33
C ASN H 314 49.37 -65.81 -28.24
N SER H 315 50.14 -66.31 -27.27
CA SER H 315 51.54 -65.95 -27.13
C SER H 315 52.43 -67.07 -27.63
N SER H 316 53.62 -66.71 -28.11
CA SER H 316 54.58 -67.70 -28.55
C SER H 316 55.47 -68.22 -27.42
N TRP H 317 55.32 -67.70 -26.21
CA TRP H 317 56.04 -68.21 -25.04
C TRP H 317 55.45 -69.55 -24.62
N ILE H 318 56.16 -70.24 -23.72
CA ILE H 318 55.69 -71.54 -23.24
C ILE H 318 54.58 -71.36 -22.24
N PHE H 319 54.43 -70.16 -21.73
CA PHE H 319 53.24 -69.77 -21.03
C PHE H 319 52.47 -68.75 -21.86
N PRO H 320 51.15 -68.67 -21.70
CA PRO H 320 50.35 -67.65 -22.42
C PRO H 320 50.47 -66.29 -21.75
N ILE H 321 51.60 -65.64 -22.00
CA ILE H 321 52.07 -64.47 -21.26
C ILE H 321 52.74 -63.51 -22.23
N ARG H 322 52.55 -62.20 -22.02
CA ARG H 322 53.32 -61.20 -22.74
C ARG H 322 53.93 -60.25 -21.73
N TRP H 323 54.98 -59.55 -22.17
CA TRP H 323 55.66 -58.57 -21.33
C TRP H 323 55.24 -57.17 -21.73
N GLU H 324 55.30 -56.26 -20.77
CA GLU H 324 54.93 -54.87 -20.99
C GLU H 324 56.09 -53.98 -20.57
N HIS H 325 56.13 -52.78 -21.13
CA HIS H 325 57.22 -51.85 -20.89
C HIS H 325 56.68 -50.66 -20.12
N PRO H 326 56.78 -50.62 -18.79
CA PRO H 326 56.34 -49.44 -18.06
C PRO H 326 57.22 -48.24 -18.38
N ALA H 327 56.64 -47.06 -18.24
CA ALA H 327 57.41 -45.83 -18.43
C ALA H 327 58.47 -45.68 -17.35
N GLY H 328 59.57 -45.05 -17.69
CA GLY H 328 60.56 -44.75 -16.69
C GLY H 328 61.95 -44.83 -17.25
N GLU H 329 62.92 -44.95 -16.35
CA GLU H 329 64.31 -44.94 -16.75
C GLU H 329 64.77 -46.33 -17.13
N TYR H 330 65.51 -46.43 -18.22
CA TYR H 330 66.05 -47.70 -18.65
C TYR H 330 67.56 -47.58 -18.83
N THR H 331 68.24 -48.73 -18.84
CA THR H 331 69.68 -48.75 -19.03
C THR H 331 70.00 -49.15 -20.46
N GLU H 332 71.30 -49.18 -20.79
CA GLU H 332 71.75 -49.67 -22.08
C GLU H 332 71.36 -51.13 -22.31
N MET H 333 71.00 -51.84 -21.25
CA MET H 333 70.52 -53.22 -21.38
C MET H 333 69.06 -53.29 -21.83
N GLY H 334 68.33 -52.18 -21.78
CA GLY H 334 66.87 -52.25 -21.88
C GLY H 334 66.22 -52.71 -20.60
N TRP H 335 66.84 -52.46 -19.45
CA TRP H 335 66.32 -52.87 -18.17
C TRP H 335 65.70 -51.68 -17.44
N GLU H 336 64.48 -51.86 -16.99
CA GLU H 336 63.83 -50.83 -16.21
C GLU H 336 64.62 -50.59 -14.94
N VAL H 337 64.82 -49.32 -14.59
CA VAL H 337 65.43 -49.00 -13.32
C VAL H 337 64.31 -49.01 -12.30
N PHE H 338 64.31 -50.01 -11.40
CA PHE H 338 63.19 -50.24 -10.50
C PHE H 338 63.72 -50.67 -9.14
N PRO H 339 64.28 -49.73 -8.37
CA PRO H 339 64.86 -50.11 -7.06
C PRO H 339 63.85 -50.72 -6.12
N GLN H 340 62.61 -50.26 -6.12
CA GLN H 340 61.60 -50.86 -5.26
C GLN H 340 61.54 -52.38 -5.41
N GLY H 341 61.80 -52.92 -6.61
CA GLY H 341 61.80 -54.36 -6.79
C GLY H 341 62.81 -55.08 -5.92
N LEU H 342 63.94 -54.44 -5.61
CA LEU H 342 64.91 -55.09 -4.72
C LEU H 342 64.30 -55.27 -3.33
N PHE H 343 63.64 -54.24 -2.82
CA PHE H 343 62.97 -54.36 -1.53
C PHE H 343 61.84 -55.39 -1.59
N ASP H 344 60.95 -55.29 -2.59
CA ASP H 344 59.86 -56.26 -2.70
C ASP H 344 60.38 -57.68 -2.77
N LEU H 345 61.48 -57.88 -3.51
CA LEU H 345 62.09 -59.19 -3.61
C LEU H 345 62.62 -59.67 -2.25
N LEU H 346 63.39 -58.83 -1.56
CA LEU H 346 63.98 -59.27 -0.30
C LEU H 346 62.90 -59.62 0.73
N MET H 347 61.81 -58.83 0.78
CA MET H 347 60.73 -59.13 1.73
C MET H 347 59.99 -60.40 1.36
N TRP H 348 59.82 -60.66 0.07
CA TRP H 348 59.25 -61.92 -0.39
C TRP H 348 60.11 -63.12 0.05
N ILE H 349 61.44 -63.04 -0.11
CA ILE H 349 62.32 -64.14 0.34
C ILE H 349 62.17 -64.36 1.83
N LYS H 350 62.26 -63.27 2.59
CA LYS H 350 62.12 -63.29 4.04
C LYS H 350 60.80 -63.89 4.47
N GLU H 351 59.72 -63.56 3.75
CA GLU H 351 58.39 -64.01 4.14
C GLU H 351 58.07 -65.43 3.66
N ASN H 352 58.78 -65.97 2.68
CA ASN H 352 58.32 -67.21 2.08
C ASN H 352 59.32 -68.36 2.11
N TYR H 353 60.48 -68.18 2.73
CA TYR H 353 61.48 -69.23 2.75
C TYR H 353 62.13 -69.28 4.12
N PRO H 354 62.71 -70.44 4.50
CA PRO H 354 63.34 -70.55 5.82
C PRO H 354 64.40 -69.48 6.06
N GLN H 355 64.68 -69.19 7.33
CA GLN H 355 65.72 -68.24 7.69
C GLN H 355 67.06 -68.61 7.04
N ILE H 356 67.65 -67.63 6.36
CA ILE H 356 68.94 -67.81 5.71
C ILE H 356 69.59 -66.43 5.51
N PRO H 357 70.88 -66.30 5.80
CA PRO H 357 71.59 -65.06 5.47
C PRO H 357 71.62 -64.83 3.96
N ILE H 358 71.36 -63.58 3.57
CA ILE H 358 71.25 -63.18 2.17
C ILE H 358 72.40 -62.22 1.83
N TYR H 359 72.99 -62.44 0.66
CA TYR H 359 73.95 -61.52 0.08
C TYR H 359 73.45 -61.09 -1.27
N ILE H 360 73.46 -59.78 -1.53
CA ILE H 360 73.27 -59.32 -2.90
C ILE H 360 74.61 -59.51 -3.60
N THR H 361 74.72 -60.60 -4.35
CA THR H 361 75.97 -60.92 -5.01
C THR H 361 76.17 -60.17 -6.32
N GLU H 362 75.17 -59.44 -6.80
CA GLU H 362 75.29 -58.63 -8.01
C GLU H 362 74.17 -57.60 -8.05
N ASN H 363 74.53 -56.40 -8.48
CA ASN H 363 73.57 -55.37 -8.82
C ASN H 363 74.33 -54.19 -9.41
N GLY H 364 73.87 -53.68 -10.54
CA GLY H 364 74.58 -52.61 -11.20
C GLY H 364 73.80 -52.17 -12.41
N ALA H 365 74.43 -51.33 -13.23
CA ALA H 365 73.73 -50.76 -14.38
C ALA H 365 74.72 -50.46 -15.51
N ALA H 366 74.23 -50.64 -16.74
CA ALA H 366 74.99 -50.35 -17.95
C ALA H 366 74.61 -48.98 -18.51
N TYR H 367 75.59 -48.08 -18.55
CA TYR H 367 75.45 -46.78 -19.20
C TYR H 367 76.59 -46.61 -20.20
N ASN H 368 76.32 -45.83 -21.25
CA ASN H 368 77.30 -45.65 -22.33
C ASN H 368 78.32 -44.60 -21.89
N ASP H 369 79.32 -45.07 -21.13
CA ASP H 369 80.26 -44.16 -20.49
C ASP H 369 81.18 -43.49 -21.50
N ILE H 370 81.50 -42.22 -21.22
CA ILE H 370 82.37 -41.41 -22.07
C ILE H 370 83.45 -40.79 -21.19
N VAL H 371 84.70 -41.04 -21.56
CA VAL H 371 85.85 -40.44 -20.90
C VAL H 371 86.01 -39.00 -21.39
N THR H 372 86.10 -38.07 -20.46
CA THR H 372 86.06 -36.66 -20.83
C THR H 372 87.43 -36.18 -21.25
N GLU H 373 87.45 -34.94 -21.75
CA GLU H 373 88.68 -34.31 -22.21
C GLU H 373 89.73 -34.27 -21.09
N ASP H 374 89.29 -34.05 -19.85
CA ASP H 374 90.19 -34.02 -18.69
C ASP H 374 90.47 -35.41 -18.12
N GLY H 375 89.88 -36.46 -18.67
CA GLY H 375 90.15 -37.82 -18.22
C GLY H 375 89.23 -38.35 -17.14
N LYS H 376 88.10 -37.70 -16.90
CA LYS H 376 87.12 -38.21 -15.95
C LYS H 376 86.08 -39.06 -16.67
N VAL H 377 85.22 -39.70 -15.88
CA VAL H 377 83.98 -40.31 -16.38
C VAL H 377 82.88 -39.87 -15.43
N HIS H 378 81.95 -39.06 -15.93
CA HIS H 378 80.89 -38.49 -15.10
C HIS H 378 79.61 -39.32 -15.25
N ASP H 379 79.66 -40.53 -14.68
CA ASP H 379 78.53 -41.45 -14.78
C ASP H 379 77.53 -41.19 -13.65
N SER H 380 76.83 -40.05 -13.77
CA SER H 380 75.89 -39.64 -12.73
C SER H 380 74.61 -40.48 -12.74
N LYS H 381 74.29 -41.11 -13.87
CA LYS H 381 73.13 -42.00 -13.86
C LYS H 381 73.45 -43.31 -13.13
N ARG H 382 74.66 -43.86 -13.30
CA ARG H 382 75.07 -45.02 -12.53
C ARG H 382 75.12 -44.72 -11.04
N ILE H 383 75.56 -43.50 -10.68
CA ILE H 383 75.58 -43.14 -9.27
C ILE H 383 74.16 -43.14 -8.73
N GLU H 384 73.24 -42.59 -9.51
CA GLU H 384 71.84 -42.54 -9.13
C GLU H 384 71.26 -43.94 -8.96
N TYR H 385 71.62 -44.84 -9.88
CA TYR H 385 71.13 -46.22 -9.80
C TYR H 385 71.58 -46.88 -8.49
N LEU H 386 72.87 -46.77 -8.16
CA LEU H 386 73.37 -47.43 -6.96
C LEU H 386 72.79 -46.81 -5.70
N LYS H 387 72.81 -45.48 -5.63
CA LYS H 387 72.30 -44.81 -4.44
C LYS H 387 70.90 -45.29 -4.09
N GLN H 388 70.04 -45.43 -5.09
CA GLN H 388 68.66 -45.85 -4.82
C GLN H 388 68.59 -47.33 -4.43
N HIS H 389 69.49 -48.15 -4.96
CA HIS H 389 69.43 -49.56 -4.61
C HIS H 389 70.07 -49.83 -3.25
N PHE H 390 71.16 -49.11 -2.95
CA PHE H 390 71.69 -49.10 -1.59
C PHE H 390 70.59 -48.75 -0.59
N ASP H 391 69.75 -47.77 -0.94
CA ASP H 391 68.71 -47.34 -0.03
C ASP H 391 67.64 -48.41 0.17
N GLN H 392 67.23 -49.07 -0.92
CA GLN H 392 66.25 -50.14 -0.76
C GLN H 392 66.84 -51.31 0.01
N ALA H 393 68.13 -51.58 -0.14
CA ALA H 393 68.73 -52.65 0.64
C ALA H 393 68.75 -52.27 2.12
N ARG H 394 69.09 -51.02 2.43
CA ARG H 394 68.98 -50.52 3.79
C ARG H 394 67.56 -50.67 4.31
N LYS H 395 66.56 -50.30 3.51
CA LYS H 395 65.18 -50.42 3.94
C LYS H 395 64.80 -51.87 4.20
N ALA H 396 65.29 -52.80 3.38
CA ALA H 396 65.07 -54.21 3.66
C ALA H 396 65.65 -54.59 5.04
N ILE H 397 66.89 -54.18 5.32
CA ILE H 397 67.50 -54.46 6.62
C ILE H 397 66.67 -53.87 7.75
N GLU H 398 66.19 -52.64 7.57
CA GLU H 398 65.28 -52.05 8.54
C GLU H 398 64.05 -52.91 8.79
N ASN H 399 63.63 -53.72 7.83
CA ASN H 399 62.43 -54.53 7.99
C ASN H 399 62.74 -55.97 8.37
N GLY H 400 63.96 -56.26 8.80
CA GLY H 400 64.30 -57.58 9.29
C GLY H 400 64.81 -58.58 8.27
N VAL H 401 65.24 -58.13 7.10
CA VAL H 401 65.87 -59.04 6.15
C VAL H 401 67.31 -59.25 6.58
N ASP H 402 67.73 -60.52 6.65
CA ASP H 402 69.10 -60.84 7.05
C ASP H 402 70.05 -60.64 5.87
N LEU H 403 70.23 -59.37 5.51
CA LEU H 403 71.13 -58.98 4.43
C LEU H 403 72.53 -58.71 4.99
N ARG H 404 73.54 -59.44 4.49
CA ARG H 404 74.89 -59.36 5.03
C ARG H 404 75.93 -58.84 4.06
N GLY H 405 75.53 -58.36 2.90
CA GLY H 405 76.53 -57.97 1.92
C GLY H 405 75.87 -57.49 0.65
N TYR H 406 76.69 -56.87 -0.20
CA TYR H 406 76.22 -56.17 -1.37
C TYR H 406 77.42 -56.00 -2.28
N PHE H 407 77.39 -56.66 -3.42
CA PHE H 407 78.50 -56.64 -4.36
C PHE H 407 78.01 -55.94 -5.61
N VAL H 408 78.65 -54.80 -5.92
CA VAL H 408 78.29 -54.06 -7.11
C VAL H 408 78.83 -54.77 -8.34
N TRP H 409 77.95 -55.01 -9.30
CA TRP H 409 78.41 -55.42 -10.61
C TRP H 409 78.55 -54.15 -11.44
N SER H 410 79.78 -53.83 -11.86
CA SER H 410 80.99 -54.62 -11.68
C SER H 410 82.16 -53.74 -11.27
N LEU H 411 83.24 -54.40 -10.82
CA LEU H 411 84.44 -53.69 -10.41
C LEU H 411 85.02 -52.87 -11.55
N MET H 412 85.05 -53.45 -12.76
CA MET H 412 85.55 -52.78 -13.94
C MET H 412 84.67 -53.18 -15.13
N ASP H 413 84.68 -52.33 -16.17
CA ASP H 413 84.01 -52.72 -17.42
C ASP H 413 84.62 -54.02 -17.93
N ASN H 414 83.83 -54.81 -18.65
CA ASN H 414 84.32 -56.14 -19.06
C ASN H 414 83.50 -56.65 -20.24
N LEU H 415 83.68 -57.93 -20.55
CA LEU H 415 82.93 -58.57 -21.63
C LEU H 415 81.55 -58.95 -21.12
N GLU H 416 80.52 -58.35 -21.69
CA GLU H 416 79.13 -58.65 -21.29
C GLU H 416 78.57 -59.78 -22.16
N TRP H 417 79.26 -60.93 -22.12
CA TRP H 417 78.83 -62.19 -22.76
C TRP H 417 78.45 -61.89 -24.22
N ALA H 418 77.25 -62.28 -24.69
CA ALA H 418 76.85 -62.07 -26.07
C ALA H 418 76.79 -60.61 -26.49
N MET H 419 76.81 -59.69 -25.55
CA MET H 419 76.82 -58.28 -25.90
C MET H 419 78.22 -57.76 -26.18
N GLY H 420 79.27 -58.56 -25.98
CA GLY H 420 80.59 -57.98 -26.24
C GLY H 420 80.92 -56.89 -25.22
N TYR H 421 81.85 -56.02 -25.61
CA TYR H 421 82.27 -54.92 -24.74
C TYR H 421 81.37 -53.71 -24.88
N THR H 422 80.22 -53.86 -25.56
CA THR H 422 79.32 -52.75 -25.85
C THR H 422 78.57 -52.27 -24.62
N LYS H 423 78.48 -53.07 -23.56
CA LYS H 423 77.81 -52.68 -22.32
C LYS H 423 78.86 -52.51 -21.24
N ARG H 424 78.88 -51.34 -20.59
CA ARG H 424 79.87 -50.97 -19.58
C ARG H 424 79.20 -50.90 -18.21
N PHE H 425 79.59 -51.82 -17.32
CA PHE H 425 79.01 -51.97 -15.99
C PHE H 425 79.95 -51.52 -14.89
N GLY H 426 81.18 -51.14 -15.21
CA GLY H 426 82.17 -50.99 -14.17
C GLY H 426 82.01 -49.70 -13.39
N ILE H 427 82.48 -49.71 -12.14
CA ILE H 427 82.80 -48.44 -11.50
C ILE H 427 84.18 -47.97 -11.89
N ILE H 428 84.92 -48.77 -12.64
CA ILE H 428 86.20 -48.41 -13.20
C ILE H 428 86.12 -48.61 -14.71
N TYR H 429 86.47 -47.55 -15.45
CA TYR H 429 86.48 -47.61 -16.91
C TYR H 429 87.72 -48.35 -17.37
N VAL H 430 87.56 -49.24 -18.34
CA VAL H 430 88.70 -49.92 -18.95
C VAL H 430 88.75 -49.51 -20.42
N ASP H 431 89.80 -48.78 -20.79
CA ASP H 431 90.13 -48.52 -22.19
C ASP H 431 90.79 -49.77 -22.74
N TYR H 432 90.12 -50.46 -23.64
CA TYR H 432 90.59 -51.79 -24.01
C TYR H 432 91.78 -51.77 -24.96
N GLU H 433 92.07 -50.63 -25.60
CA GLU H 433 93.26 -50.57 -26.44
C GLU H 433 94.53 -50.50 -25.59
N THR H 434 94.53 -49.65 -24.55
CA THR H 434 95.67 -49.46 -23.68
C THR H 434 95.60 -50.27 -22.38
N GLN H 435 94.44 -50.86 -22.07
CA GLN H 435 94.19 -51.58 -20.81
C GLN H 435 94.32 -50.67 -19.59
N LYS H 436 94.26 -49.35 -19.80
CA LYS H 436 94.34 -48.42 -18.69
C LYS H 436 93.04 -48.42 -17.87
N ARG H 437 93.18 -48.30 -16.56
CA ARG H 437 92.05 -48.25 -15.64
C ARG H 437 91.79 -46.80 -15.24
N ILE H 438 90.55 -46.36 -15.42
CA ILE H 438 90.15 -44.98 -15.16
C ILE H 438 88.98 -45.02 -14.19
N LYS H 439 89.16 -44.39 -13.04
CA LYS H 439 88.14 -44.42 -11.99
C LYS H 439 86.97 -43.54 -12.38
N LYS H 440 85.81 -44.15 -12.60
CA LYS H 440 84.62 -43.36 -12.87
C LYS H 440 84.24 -42.57 -11.62
N ASP H 441 83.32 -41.62 -11.79
CA ASP H 441 82.85 -40.87 -10.62
C ASP H 441 82.09 -41.77 -9.65
N SER H 442 81.53 -42.88 -10.15
CA SER H 442 80.83 -43.81 -9.26
C SER H 442 81.79 -44.52 -8.33
N PHE H 443 83.03 -44.73 -8.78
CA PHE H 443 84.07 -45.22 -7.89
C PHE H 443 84.19 -44.36 -6.65
N TYR H 444 84.29 -43.04 -6.83
CA TYR H 444 84.46 -42.19 -5.65
C TYR H 444 83.18 -42.12 -4.85
N PHE H 445 82.02 -42.18 -5.51
CA PHE H 445 80.76 -42.26 -4.77
C PHE H 445 80.74 -43.50 -3.89
N TYR H 446 81.00 -44.67 -4.48
CA TYR H 446 80.97 -45.91 -3.72
C TYR H 446 81.99 -45.88 -2.58
N GLN H 447 83.21 -45.43 -2.88
CA GLN H 447 84.24 -45.31 -1.86
C GLN H 447 83.76 -44.47 -0.69
N GLN H 448 83.05 -43.37 -0.98
CA GLN H 448 82.52 -42.55 0.10
C GLN H 448 81.31 -43.19 0.76
N TYR H 449 80.47 -43.91 0.01
CA TYR H 449 79.33 -44.57 0.63
C TYR H 449 79.79 -45.64 1.62
N ILE H 450 80.82 -46.41 1.25
CA ILE H 450 81.34 -47.42 2.18
C ILE H 450 81.87 -46.76 3.43
N LYS H 451 82.74 -45.76 3.26
CA LYS H 451 83.29 -45.00 4.38
C LYS H 451 82.19 -44.56 5.36
N GLU H 452 80.99 -44.28 4.87
CA GLU H 452 79.92 -43.79 5.75
C GLU H 452 78.99 -44.88 6.26
N ASN H 453 79.05 -46.08 5.72
CA ASN H 453 78.19 -47.17 6.18
C ASN H 453 79.01 -48.38 6.58
N SER H 454 80.11 -48.13 7.29
CA SER H 454 80.95 -49.18 7.84
C SER H 454 81.85 -48.59 8.94
N SER I 3 -90.50 113.07 31.03
CA SER I 3 -89.05 112.85 31.03
C SER I 3 -88.47 112.84 32.44
N PHE I 4 -87.47 112.00 32.66
CA PHE I 4 -86.79 111.88 33.95
C PHE I 4 -85.66 112.91 34.05
N PRO I 5 -85.50 113.52 35.22
CA PRO I 5 -84.54 114.61 35.37
C PRO I 5 -83.11 114.13 35.14
N LYS I 6 -82.28 115.03 34.62
CA LYS I 6 -80.86 114.74 34.49
C LYS I 6 -80.25 114.43 35.85
N GLY I 7 -79.44 113.40 35.90
CA GLY I 7 -78.85 112.94 37.14
C GLY I 7 -79.70 111.99 37.97
N PHE I 8 -80.92 111.67 37.52
CA PHE I 8 -81.81 110.78 38.25
C PHE I 8 -81.09 109.50 38.66
N LEU I 9 -81.32 109.07 39.89
CA LEU I 9 -80.56 107.95 40.46
C LEU I 9 -81.32 106.64 40.24
N TRP I 10 -81.10 106.02 39.08
CA TRP I 10 -81.55 104.66 38.78
C TRP I 10 -80.66 103.66 39.52
N GLY I 11 -81.24 102.92 40.45
CA GLY I 11 -80.46 102.11 41.36
C GLY I 11 -81.08 100.74 41.55
N ALA I 12 -80.37 99.90 42.29
CA ALA I 12 -80.87 98.66 42.85
C ALA I 12 -80.39 98.59 44.28
N ALA I 13 -81.15 97.92 45.14
CA ALA I 13 -80.84 97.92 46.57
C ALA I 13 -80.71 96.51 47.12
N THR I 14 -79.89 96.39 48.16
CA THR I 14 -79.68 95.16 48.91
C THR I 14 -79.62 95.52 50.39
N ALA I 15 -79.59 94.49 51.24
CA ALA I 15 -79.28 94.67 52.66
C ALA I 15 -78.31 93.57 53.06
N SER I 16 -77.42 93.91 54.02
CA SER I 16 -76.27 93.07 54.36
C SER I 16 -76.68 91.66 54.78
N TYR I 17 -77.60 91.52 55.74
CA TYR I 17 -77.92 90.18 56.22
C TYR I 17 -78.56 89.34 55.11
N GLN I 18 -79.20 89.97 54.13
CA GLN I 18 -79.87 89.22 53.09
C GLN I 18 -78.92 88.77 51.99
N ILE I 19 -77.69 89.30 51.87
CA ILE I 19 -76.87 88.90 50.73
C ILE I 19 -75.46 88.46 51.11
N GLU I 20 -74.94 88.97 52.24
CA GLU I 20 -73.51 88.94 52.48
C GLU I 20 -73.00 87.55 52.83
N GLY I 21 -73.70 86.84 53.70
CA GLY I 21 -73.08 85.60 54.13
C GLY I 21 -71.92 85.85 55.08
N ALA I 22 -71.03 84.87 55.14
CA ALA I 22 -69.83 84.95 55.97
C ALA I 22 -70.16 85.46 57.37
N TRP I 23 -71.16 84.83 57.99
CA TRP I 23 -71.77 85.36 59.21
C TRP I 23 -70.86 85.27 60.42
N ASN I 24 -69.76 84.51 60.35
CA ASN I 24 -68.83 84.46 61.47
C ASN I 24 -67.38 84.42 61.01
N GLU I 25 -67.05 85.14 59.95
CA GLU I 25 -65.69 85.27 59.46
C GLU I 25 -65.11 86.61 59.89
N ASP I 26 -63.78 86.65 59.99
CA ASP I 26 -63.07 87.91 60.15
C ASP I 26 -63.57 88.69 61.36
N GLY I 27 -63.86 87.97 62.44
CA GLY I 27 -64.23 88.58 63.69
C GLY I 27 -65.61 89.21 63.76
N LYS I 28 -66.51 88.92 62.81
CA LYS I 28 -67.84 89.50 62.89
C LYS I 28 -68.61 88.89 64.05
N GLY I 29 -69.20 89.75 64.88
CA GLY I 29 -70.02 89.28 65.98
C GLY I 29 -71.36 88.73 65.51
N GLU I 30 -72.07 88.09 66.45
CA GLU I 30 -73.40 87.58 66.17
C GLU I 30 -74.41 88.72 66.21
N SER I 31 -75.28 88.78 65.20
CA SER I 31 -76.35 89.75 65.20
C SER I 31 -77.64 89.11 65.70
N ILE I 32 -78.65 89.95 65.96
CA ILE I 32 -79.94 89.43 66.39
C ILE I 32 -80.63 88.59 65.32
N TRP I 33 -80.17 88.65 64.06
CA TRP I 33 -80.70 87.78 62.99
C TRP I 33 -79.92 86.50 62.84
N ASP I 34 -78.59 86.54 63.02
CA ASP I 34 -77.81 85.31 63.19
C ASP I 34 -78.38 84.46 64.32
N ARG I 35 -78.93 85.08 65.37
CA ARG I 35 -79.53 84.37 66.48
C ARG I 35 -80.93 83.89 66.11
N PHE I 36 -81.72 84.76 65.50
CA PHE I 36 -83.09 84.45 65.14
C PHE I 36 -83.17 83.25 64.18
N THR I 37 -82.37 83.28 63.11
CA THR I 37 -82.46 82.23 62.11
C THR I 37 -81.85 80.92 62.59
N HIS I 38 -81.07 80.95 63.67
CA HIS I 38 -80.48 79.75 64.26
C HIS I 38 -81.38 79.11 65.31
N GLN I 39 -82.53 79.70 65.60
CA GLN I 39 -83.54 79.12 66.48
C GLN I 39 -84.64 78.48 65.64
N LYS I 40 -85.08 77.29 66.04
CA LYS I 40 -86.02 76.54 65.22
C LYS I 40 -87.38 77.21 65.22
N GLY I 41 -88.05 77.17 64.06
CA GLY I 41 -89.40 77.67 63.94
C GLY I 41 -89.54 79.11 63.48
N ASN I 42 -88.46 79.85 63.35
CA ASN I 42 -88.59 81.26 62.99
C ASN I 42 -88.68 81.48 61.48
N ILE I 43 -87.94 80.71 60.71
CA ILE I 43 -87.78 80.93 59.28
C ILE I 43 -88.36 79.74 58.54
N LEU I 44 -89.05 80.01 57.43
CA LEU I 44 -89.52 78.92 56.58
C LEU I 44 -88.35 78.03 56.19
N TYR I 45 -88.60 76.72 56.15
CA TYR I 45 -87.68 75.70 55.63
C TYR I 45 -86.35 75.66 56.37
N GLY I 46 -86.29 76.27 57.55
CA GLY I 46 -85.05 76.33 58.32
C GLY I 46 -83.96 77.17 57.67
N HIS I 47 -84.29 78.05 56.73
CA HIS I 47 -83.30 78.85 56.03
C HIS I 47 -82.61 79.83 56.97
N ASN I 48 -81.39 80.23 56.62
CA ASN I 48 -80.65 81.19 57.42
C ASN I 48 -79.69 81.95 56.51
N GLY I 49 -79.13 83.03 57.04
CA GLY I 49 -78.17 83.81 56.27
C GLY I 49 -76.69 83.45 56.38
N ASP I 50 -76.35 82.23 56.83
CA ASP I 50 -74.94 81.87 57.03
C ASP I 50 -74.11 82.06 55.77
N ILE I 51 -74.69 81.76 54.61
CA ILE I 51 -74.02 81.92 53.33
C ILE I 51 -74.71 82.96 52.45
N ALA I 52 -76.05 82.96 52.42
CA ALA I 52 -76.85 83.90 51.63
C ALA I 52 -76.34 83.89 50.19
N CYS I 53 -76.08 85.02 49.57
CA CYS I 53 -75.54 85.10 48.23
C CYS I 53 -74.02 85.19 48.22
N ASP I 54 -73.39 85.00 49.38
CA ASP I 54 -71.93 85.03 49.51
C ASP I 54 -71.34 86.30 48.89
N HIS I 55 -72.08 87.41 49.05
CA HIS I 55 -71.62 88.68 48.53
C HIS I 55 -70.32 89.14 49.21
N TYR I 56 -70.11 88.73 50.47
CA TYR I 56 -68.86 89.06 51.16
C TYR I 56 -67.64 88.68 50.33
N HIS I 57 -67.70 87.54 49.64
CA HIS I 57 -66.61 87.09 48.79
C HIS I 57 -66.77 87.47 47.32
N ARG I 58 -67.99 87.70 46.86
CA ARG I 58 -68.26 87.79 45.43
C ARG I 58 -68.56 89.21 45.00
N PHE I 59 -68.38 90.18 45.90
CA PHE I 59 -68.86 91.54 45.66
C PHE I 59 -68.29 92.14 44.38
N GLU I 60 -67.04 91.79 44.02
CA GLU I 60 -66.41 92.39 42.84
C GLU I 60 -67.11 91.97 41.56
N GLU I 61 -67.46 90.67 41.46
CA GLU I 61 -68.32 90.21 40.38
C GLU I 61 -69.64 90.96 40.38
N ASP I 62 -70.21 91.20 41.57
CA ASP I 62 -71.53 91.82 41.66
C ASP I 62 -71.48 93.31 41.27
N VAL I 63 -70.37 93.99 41.55
CA VAL I 63 -70.26 95.38 41.11
C VAL I 63 -70.15 95.43 39.59
N LEU I 64 -69.39 94.50 38.99
CA LEU I 64 -69.27 94.44 37.54
C LEU I 64 -70.64 94.24 36.87
N LEU I 65 -71.48 93.38 37.45
CA LEU I 65 -72.86 93.26 36.96
C LEU I 65 -73.61 94.58 37.07
N MET I 66 -73.42 95.29 38.20
CA MET I 66 -74.00 96.64 38.33
C MET I 66 -73.51 97.55 37.20
N LYS I 67 -72.20 97.51 36.89
CA LYS I 67 -71.68 98.35 35.81
C LYS I 67 -72.26 97.94 34.47
N GLU I 68 -72.35 96.65 34.20
CA GLU I 68 -72.98 96.18 32.97
C GLU I 68 -74.44 96.61 32.90
N LEU I 69 -75.15 96.58 34.04
CA LEU I 69 -76.53 97.01 34.09
C LEU I 69 -76.69 98.50 33.80
N GLY I 70 -75.69 99.32 34.14
CA GLY I 70 -75.77 100.76 33.96
C GLY I 70 -76.24 101.55 35.16
N LEU I 71 -76.21 100.98 36.36
CA LEU I 71 -76.80 101.64 37.52
C LEU I 71 -76.13 102.98 37.80
N LYS I 72 -76.95 104.01 38.05
CA LYS I 72 -76.35 105.25 38.50
C LYS I 72 -75.91 105.14 39.96
N ALA I 73 -76.68 104.39 40.75
CA ALA I 73 -76.44 104.29 42.18
C ALA I 73 -76.69 102.85 42.62
N TYR I 74 -76.20 102.51 43.81
CA TYR I 74 -76.40 101.20 44.41
C TYR I 74 -76.60 101.41 45.90
N ARG I 75 -77.70 100.90 46.43
CA ARG I 75 -78.05 101.09 47.83
C ARG I 75 -77.79 99.78 48.57
N PHE I 76 -76.93 99.84 49.59
CA PHE I 76 -76.62 98.68 50.40
C PHE I 76 -76.51 99.13 51.86
N SER I 77 -76.35 98.17 52.73
CA SER I 77 -76.31 98.40 54.16
C SER I 77 -75.00 97.89 54.72
N ILE I 78 -74.53 98.53 55.79
CA ILE I 78 -73.34 98.12 56.52
C ILE I 78 -73.77 97.29 57.72
N ALA I 79 -73.26 96.08 57.85
CA ALA I 79 -73.48 95.23 59.02
C ALA I 79 -72.74 95.81 60.22
N TRP I 80 -73.49 96.40 61.16
CA TRP I 80 -72.99 96.92 62.43
C TRP I 80 -72.01 95.96 63.08
N THR I 81 -72.38 94.69 63.07
CA THR I 81 -71.67 93.66 63.79
C THR I 81 -70.31 93.33 63.15
N ARG I 82 -70.02 93.88 61.96
CA ARG I 82 -68.71 93.74 61.34
C ARG I 82 -67.76 94.85 61.77
N ILE I 83 -68.29 95.99 62.17
CA ILE I 83 -67.46 97.09 62.64
C ILE I 83 -67.24 97.01 64.16
N PHE I 84 -68.33 96.90 64.91
CA PHE I 84 -68.33 96.72 66.36
C PHE I 84 -68.88 95.33 66.65
N PRO I 85 -68.06 94.28 66.65
CA PRO I 85 -68.60 92.93 66.92
C PRO I 85 -69.45 92.87 68.18
N ASP I 86 -69.11 93.64 69.20
CA ASP I 86 -69.88 93.70 70.43
C ASP I 86 -70.78 94.92 70.49
N GLY I 87 -70.95 95.64 69.39
CA GLY I 87 -71.83 96.79 69.37
C GLY I 87 -71.23 98.11 69.80
N PHE I 88 -70.22 98.06 70.68
CA PHE I 88 -69.46 99.26 71.04
C PHE I 88 -68.06 98.81 71.37
N GLY I 89 -67.20 99.77 71.65
CA GLY I 89 -65.86 99.44 72.09
C GLY I 89 -64.92 99.15 70.94
N ASN I 90 -64.41 97.92 70.89
CA ASN I 90 -63.43 97.54 69.89
C ASN I 90 -64.01 97.68 68.48
N VAL I 91 -63.19 98.19 67.56
CA VAL I 91 -63.57 98.35 66.16
C VAL I 91 -62.79 97.33 65.35
N ASN I 92 -63.51 96.55 64.53
CA ASN I 92 -62.90 95.45 63.78
C ASN I 92 -62.32 96.00 62.49
N GLN I 93 -61.01 95.84 62.31
CA GLN I 93 -60.34 96.39 61.13
C GLN I 93 -60.71 95.61 59.87
N LYS I 94 -60.94 94.31 60.00
CA LYS I 94 -61.31 93.53 58.83
C LYS I 94 -62.68 93.94 58.32
N GLY I 95 -63.55 94.34 59.23
CA GLY I 95 -64.88 94.82 58.88
C GLY I 95 -64.82 96.12 58.09
N LEU I 96 -64.17 97.13 58.68
CA LEU I 96 -63.97 98.40 57.97
C LEU I 96 -63.27 98.18 56.63
N GLU I 97 -62.43 97.16 56.55
CA GLU I 97 -61.69 96.89 55.33
C GLU I 97 -62.58 96.33 54.23
N PHE I 98 -63.59 95.52 54.60
CA PHE I 98 -64.52 95.00 53.61
C PHE I 98 -65.27 96.13 52.92
N TYR I 99 -65.82 97.04 53.70
CA TYR I 99 -66.59 98.14 53.13
C TYR I 99 -65.69 99.12 52.40
N ASP I 100 -64.41 99.23 52.81
CA ASP I 100 -63.43 99.98 52.04
C ASP I 100 -63.33 99.43 50.62
N ARG I 101 -63.13 98.12 50.51
CA ARG I 101 -62.94 97.53 49.19
C ARG I 101 -64.19 97.69 48.34
N LEU I 102 -65.35 97.42 48.93
CA LEU I 102 -66.61 97.53 48.19
C LEU I 102 -66.87 98.96 47.75
N ILE I 103 -66.81 99.91 48.68
CA ILE I 103 -67.07 101.30 48.32
C ILE I 103 -66.11 101.77 47.24
N ASN I 104 -64.83 101.43 47.39
CA ASN I 104 -63.85 101.83 46.39
C ASN I 104 -64.15 101.18 45.04
N LYS I 105 -64.54 99.89 45.04
CA LYS I 105 -64.90 99.22 43.80
C LYS I 105 -66.08 99.92 43.13
N LEU I 106 -67.06 100.37 43.91
CA LEU I 106 -68.20 101.09 43.33
C LEU I 106 -67.74 102.43 42.75
N VAL I 107 -66.98 103.19 43.52
CA VAL I 107 -66.48 104.48 43.05
C VAL I 107 -65.59 104.28 41.82
N GLU I 108 -64.68 103.32 41.88
CA GLU I 108 -63.85 103.01 40.72
C GLU I 108 -64.67 102.76 39.46
N ASN I 109 -65.90 102.25 39.58
CA ASN I 109 -66.71 101.89 38.42
C ASN I 109 -67.85 102.85 38.14
N GLY I 110 -67.87 104.03 38.75
CA GLY I 110 -68.83 105.05 38.38
C GLY I 110 -70.17 104.98 39.07
N ILE I 111 -70.34 104.14 40.08
CA ILE I 111 -71.61 103.93 40.74
C ILE I 111 -71.61 104.71 42.05
N GLU I 112 -72.66 105.50 42.26
CA GLU I 112 -72.86 106.29 43.47
C GLU I 112 -73.26 105.37 44.62
N PRO I 113 -72.50 105.32 45.70
CA PRO I 113 -72.94 104.54 46.86
C PRO I 113 -74.04 105.26 47.66
N VAL I 114 -75.06 104.49 48.04
CA VAL I 114 -76.12 104.95 48.92
C VAL I 114 -76.17 103.94 50.06
N ILE I 115 -75.80 104.36 51.28
CA ILE I 115 -75.58 103.41 52.38
C ILE I 115 -76.69 103.54 53.41
N THR I 116 -77.28 102.40 53.76
CA THR I 116 -78.23 102.25 54.85
C THR I 116 -77.48 101.86 56.12
N ILE I 117 -77.46 102.77 57.09
CA ILE I 117 -76.65 102.56 58.29
C ILE I 117 -77.17 101.36 59.08
N TYR I 118 -78.48 101.27 59.29
CA TYR I 118 -79.07 100.15 60.02
C TYR I 118 -80.19 99.53 59.19
N HIS I 119 -79.97 98.29 58.74
CA HIS I 119 -80.98 97.49 58.06
C HIS I 119 -81.21 96.20 58.83
N TRP I 120 -81.48 96.32 60.15
CA TRP I 120 -82.10 95.33 61.04
C TRP I 120 -81.12 94.38 61.74
N ASP I 121 -79.81 94.47 61.49
CA ASP I 121 -78.87 93.44 61.97
C ASP I 121 -78.10 93.91 63.20
N LEU I 122 -78.87 94.24 64.23
CA LEU I 122 -78.34 94.72 65.50
C LEU I 122 -77.37 93.70 66.10
N PRO I 123 -76.22 94.12 66.61
CA PRO I 123 -75.35 93.18 67.34
C PRO I 123 -76.10 92.56 68.53
N GLN I 124 -75.92 91.25 68.68
CA GLN I 124 -76.68 90.51 69.69
C GLN I 124 -76.28 90.93 71.11
N LYS I 125 -75.02 91.28 71.32
CA LYS I 125 -74.58 91.78 72.62
C LYS I 125 -75.38 92.99 73.05
N LEU I 126 -75.73 93.86 72.09
CA LEU I 126 -76.62 94.98 72.43
C LEU I 126 -78.01 94.49 72.79
N GLN I 127 -78.47 93.40 72.17
CA GLN I 127 -79.77 92.86 72.51
C GLN I 127 -79.79 92.34 73.93
N ASP I 128 -78.64 91.85 74.40
CA ASP I 128 -78.54 91.36 75.78
C ASP I 128 -78.88 92.44 76.80
N ILE I 129 -78.69 93.71 76.44
CA ILE I 129 -79.00 94.81 77.35
C ILE I 129 -80.34 95.47 77.02
N GLY I 130 -81.16 94.82 76.19
CA GLY I 130 -82.48 95.33 75.83
C GLY I 130 -82.62 95.82 74.41
N GLY I 131 -81.51 96.00 73.70
CA GLY I 131 -81.57 96.43 72.31
C GLY I 131 -82.24 97.79 72.17
N TRP I 132 -83.16 97.88 71.21
CA TRP I 132 -83.82 99.14 70.91
C TRP I 132 -84.79 99.59 72.01
N ALA I 133 -85.10 98.72 72.97
CA ALA I 133 -85.93 99.15 74.09
C ALA I 133 -85.11 99.97 75.09
N ASN I 134 -83.87 99.55 75.34
CA ASN I 134 -82.93 100.30 76.17
C ASN I 134 -82.60 101.65 75.51
N SER I 135 -82.66 102.73 76.30
CA SER I 135 -82.38 104.03 75.70
C SER I 135 -80.88 104.30 75.57
N GLU I 136 -80.02 103.45 76.16
CA GLU I 136 -78.59 103.55 75.87
C GLU I 136 -78.28 103.34 74.40
N ILE I 137 -79.16 102.64 73.66
CA ILE I 137 -78.95 102.34 72.25
C ILE I 137 -78.79 103.61 71.43
N VAL I 138 -79.39 104.72 71.88
CA VAL I 138 -79.34 105.95 71.10
C VAL I 138 -77.91 106.42 70.92
N ASN I 139 -77.03 106.09 71.88
CA ASN I 139 -75.63 106.47 71.84
C ASN I 139 -74.73 105.40 71.24
N TYR I 140 -75.03 104.12 71.48
CA TYR I 140 -74.31 103.07 70.76
C TYR I 140 -74.52 103.23 69.26
N TYR I 141 -75.76 103.47 68.85
CA TYR I 141 -76.02 103.70 67.43
C TYR I 141 -75.34 104.97 66.95
N PHE I 142 -75.40 106.05 67.74
CA PHE I 142 -74.77 107.30 67.33
C PHE I 142 -73.27 107.11 67.09
N ASP I 143 -72.58 106.39 67.98
CA ASP I 143 -71.15 106.20 67.77
C ASP I 143 -70.87 105.41 66.51
N TYR I 144 -71.67 104.37 66.28
CA TYR I 144 -71.51 103.51 65.10
C TYR I 144 -71.77 104.30 63.81
N ALA I 145 -72.91 104.99 63.73
CA ALA I 145 -73.22 105.81 62.58
C ALA I 145 -72.05 106.75 62.24
N MET I 146 -71.59 107.55 63.22
CA MET I 146 -70.62 108.61 62.92
C MET I 146 -69.29 108.01 62.48
N LEU I 147 -68.86 106.91 63.09
CA LEU I 147 -67.65 106.24 62.63
C LEU I 147 -67.70 105.98 61.11
N VAL I 148 -68.80 105.38 60.62
CA VAL I 148 -68.82 105.05 59.19
C VAL I 148 -69.02 106.31 58.34
N ILE I 149 -69.85 107.26 58.79
CA ILE I 149 -70.01 108.48 58.01
C ILE I 149 -68.69 109.24 57.89
N ASN I 150 -67.94 109.35 59.00
CA ASN I 150 -66.64 110.03 58.94
C ASN I 150 -65.65 109.26 58.09
N ARG I 151 -65.75 107.93 58.06
CA ARG I 151 -64.80 107.15 57.26
C ARG I 151 -65.07 107.23 55.78
N TYR I 152 -66.34 107.38 55.36
CA TYR I 152 -66.69 107.20 53.96
C TYR I 152 -67.33 108.41 53.32
N LYS I 153 -67.45 109.52 54.06
CA LYS I 153 -68.06 110.73 53.55
C LYS I 153 -67.39 111.23 52.28
N ASP I 154 -66.09 111.01 52.11
CA ASP I 154 -65.45 111.44 50.87
C ASP I 154 -65.96 110.71 49.65
N ARG I 155 -66.52 109.49 49.81
CA ARG I 155 -66.97 108.70 48.68
C ARG I 155 -68.46 108.44 48.66
N VAL I 156 -69.17 108.71 49.75
CA VAL I 156 -70.58 108.36 49.87
C VAL I 156 -71.37 109.62 50.20
N LYS I 157 -72.19 110.07 49.25
CA LYS I 157 -72.97 111.28 49.40
C LYS I 157 -74.30 111.05 50.11
N TYR I 158 -74.84 109.84 50.03
CA TYR I 158 -76.21 109.58 50.48
C TYR I 158 -76.18 108.55 51.61
N TRP I 159 -76.78 108.91 52.74
CA TRP I 159 -76.82 108.04 53.91
C TRP I 159 -78.25 107.94 54.39
N ILE I 160 -78.68 106.73 54.71
CA ILE I 160 -80.00 106.50 55.27
C ILE I 160 -79.78 106.02 56.68
N THR I 161 -80.45 106.64 57.64
CA THR I 161 -80.22 106.24 59.04
C THR I 161 -80.83 104.88 59.31
N PHE I 162 -82.09 104.72 58.94
CA PHE I 162 -82.86 103.52 59.26
C PHE I 162 -83.65 103.08 58.03
N ASN I 163 -83.77 101.76 57.89
CA ASN I 163 -84.66 101.16 56.92
C ASN I 163 -85.90 100.67 57.67
N GLU I 164 -87.08 101.17 57.25
CA GLU I 164 -88.42 100.75 57.69
C GLU I 164 -88.54 100.57 59.21
N PRO I 165 -88.58 101.65 59.97
CA PRO I 165 -88.72 101.49 61.43
C PRO I 165 -90.02 100.80 61.85
N TYR I 166 -91.07 100.87 61.01
CA TYR I 166 -92.26 100.06 61.28
C TYR I 166 -91.89 98.60 61.51
N CYS I 167 -91.07 98.03 60.63
CA CYS I 167 -90.76 96.61 60.76
C CYS I 167 -89.92 96.34 61.99
N ILE I 168 -88.84 97.13 62.18
CA ILE I 168 -87.96 96.99 63.34
C ILE I 168 -88.76 96.90 64.62
N ALA I 169 -89.74 97.79 64.77
CA ALA I 169 -90.50 97.91 66.01
C ALA I 169 -91.59 96.84 66.12
N PHE I 170 -92.54 96.86 65.18
CA PHE I 170 -93.74 96.06 65.31
C PHE I 170 -93.53 94.60 64.90
N LEU I 171 -92.86 94.36 63.77
CA LEU I 171 -92.58 92.98 63.40
C LEU I 171 -91.53 92.38 64.33
N GLY I 172 -90.54 93.16 64.75
CA GLY I 172 -89.48 92.67 65.61
C GLY I 172 -89.79 92.62 67.09
N HIS I 173 -90.73 93.44 67.58
CA HIS I 173 -91.02 93.49 69.01
C HIS I 173 -92.49 93.37 69.38
N TRP I 174 -93.42 93.54 68.43
CA TRP I 174 -94.83 93.31 68.72
C TRP I 174 -95.27 91.93 68.26
N HIS I 175 -95.29 91.70 66.95
CA HIS I 175 -95.64 90.37 66.43
C HIS I 175 -94.54 89.34 66.68
N GLY I 176 -93.29 89.76 66.86
CA GLY I 176 -92.20 88.83 67.05
C GLY I 176 -91.84 87.94 65.87
N VAL I 177 -92.28 88.26 64.65
CA VAL I 177 -91.91 87.45 63.50
C VAL I 177 -90.55 87.81 62.92
N HIS I 178 -90.04 89.01 63.21
CA HIS I 178 -88.66 89.40 62.91
C HIS I 178 -87.82 89.30 64.18
N ALA I 179 -86.50 89.39 64.01
CA ALA I 179 -85.63 89.51 65.17
C ALA I 179 -85.89 90.85 65.86
N PRO I 180 -85.78 90.91 67.19
CA PRO I 180 -85.30 89.87 68.11
C PRO I 180 -86.36 88.84 68.48
N GLY I 181 -87.60 88.99 68.05
CA GLY I 181 -88.63 88.01 68.31
C GLY I 181 -89.50 88.30 69.51
N ILE I 182 -89.48 89.53 69.99
CA ILE I 182 -90.22 89.94 71.16
C ILE I 182 -91.67 90.20 70.79
N LYS I 183 -92.57 90.00 71.75
CA LYS I 183 -94.00 90.15 71.49
C LYS I 183 -94.63 91.03 72.56
N ASP I 184 -94.62 92.35 72.33
CA ASP I 184 -95.06 93.30 73.34
C ASP I 184 -95.31 94.65 72.70
N PHE I 185 -96.57 95.08 72.64
CA PHE I 185 -96.88 96.34 71.96
C PHE I 185 -96.14 97.50 72.60
N LYS I 186 -96.04 97.50 73.94
CA LYS I 186 -95.44 98.62 74.65
C LYS I 186 -93.95 98.73 74.33
N VAL I 187 -93.25 97.60 74.31
CA VAL I 187 -91.85 97.59 73.92
C VAL I 187 -91.67 98.15 72.51
N ALA I 188 -92.57 97.77 71.60
CA ALA I 188 -92.45 98.21 70.21
C ALA I 188 -92.56 99.72 70.09
N ILE I 189 -93.45 100.33 70.88
CA ILE I 189 -93.59 101.79 70.86
C ILE I 189 -92.30 102.45 71.35
N ASP I 190 -91.72 101.91 72.43
CA ASP I 190 -90.44 102.43 72.89
C ASP I 190 -89.37 102.29 71.80
N VAL I 191 -89.39 101.18 71.07
CA VAL I 191 -88.45 100.99 69.97
C VAL I 191 -88.65 102.08 68.91
N VAL I 192 -89.90 102.40 68.56
CA VAL I 192 -90.14 103.49 67.60
C VAL I 192 -89.51 104.78 68.09
N HIS I 193 -89.58 105.03 69.41
CA HIS I 193 -89.11 106.30 69.95
C HIS I 193 -87.59 106.38 69.91
N ASN I 194 -86.92 105.30 70.34
CA ASN I 194 -85.47 105.28 70.32
C ASN I 194 -84.92 105.45 68.92
N ILE I 195 -85.63 104.92 67.92
CA ILE I 195 -85.22 105.08 66.52
C ILE I 195 -85.31 106.54 66.10
N MET I 196 -86.39 107.23 66.46
CA MET I 196 -86.50 108.64 66.11
C MET I 196 -85.37 109.43 66.75
N LEU I 197 -85.14 109.23 68.05
CA LEU I 197 -84.07 109.94 68.74
C LEU I 197 -82.71 109.64 68.10
N SER I 198 -82.44 108.35 67.84
CA SER I 198 -81.22 107.97 67.14
C SER I 198 -81.09 108.68 65.80
N HIS I 199 -82.15 108.62 64.99
CA HIS I 199 -82.16 109.33 63.71
C HIS I 199 -81.88 110.82 63.90
N PHE I 200 -82.62 111.47 64.80
CA PHE I 200 -82.40 112.91 65.02
C PHE I 200 -80.96 113.21 65.43
N LYS I 201 -80.37 112.39 66.29
CA LYS I 201 -79.02 112.68 66.78
C LYS I 201 -77.99 112.67 65.66
N VAL I 202 -78.18 111.79 64.66
CA VAL I 202 -77.23 111.71 63.55
C VAL I 202 -77.42 112.87 62.60
N VAL I 203 -78.68 113.23 62.31
CA VAL I 203 -78.94 114.36 61.43
C VAL I 203 -78.40 115.64 62.04
N LYS I 204 -78.50 115.77 63.36
CA LYS I 204 -78.00 116.98 64.03
C LYS I 204 -76.49 117.04 63.96
N ALA I 205 -75.81 115.94 64.26
CA ALA I 205 -74.35 115.93 64.22
C ALA I 205 -73.84 116.22 62.82
N VAL I 206 -74.52 115.69 61.80
CA VAL I 206 -74.05 115.88 60.43
C VAL I 206 -74.16 117.36 60.04
N LYS I 207 -75.29 117.98 60.38
CA LYS I 207 -75.46 119.41 60.11
C LYS I 207 -74.49 120.24 60.94
N GLU I 208 -74.34 119.90 62.22
CA GLU I 208 -73.54 120.71 63.13
C GLU I 208 -72.04 120.60 62.83
N ASN I 209 -71.55 119.40 62.47
CA ASN I 209 -70.14 119.25 62.14
C ASN I 209 -69.83 119.71 60.73
N ASN I 210 -70.80 120.27 60.02
CA ASN I 210 -70.62 120.68 58.63
C ASN I 210 -70.04 119.54 57.79
N ILE I 211 -70.55 118.32 57.99
CA ILE I 211 -70.18 117.20 57.15
C ILE I 211 -71.04 117.23 55.89
N ASP I 212 -70.40 117.28 54.73
CA ASP I 212 -71.10 117.52 53.45
C ASP I 212 -71.67 116.23 52.88
N VAL I 213 -72.68 115.68 53.58
CA VAL I 213 -73.42 114.54 53.07
C VAL I 213 -74.92 114.79 53.22
N GLU I 214 -75.71 114.08 52.40
CA GLU I 214 -77.15 114.01 52.54
C GLU I 214 -77.51 112.87 53.48
N VAL I 215 -78.33 113.14 54.49
CA VAL I 215 -78.77 112.12 55.42
C VAL I 215 -80.30 112.09 55.42
N GLY I 216 -80.86 110.89 55.29
CA GLY I 216 -82.30 110.71 55.28
C GLY I 216 -82.69 109.46 56.02
N ILE I 217 -83.94 109.04 55.87
CA ILE I 217 -84.45 107.83 56.52
C ILE I 217 -85.42 107.19 55.55
N THR I 218 -85.52 105.86 55.62
CA THR I 218 -86.38 105.11 54.71
C THR I 218 -87.55 104.54 55.50
N LEU I 219 -88.76 104.85 55.05
CA LEU I 219 -89.98 104.35 55.63
C LEU I 219 -90.73 103.54 54.59
N ASN I 220 -91.35 102.45 55.03
CA ASN I 220 -92.28 101.72 54.17
C ASN I 220 -93.65 102.36 54.30
N LEU I 221 -94.21 102.78 53.18
CA LEU I 221 -95.50 103.44 53.14
C LEU I 221 -96.50 102.58 52.38
N THR I 222 -97.71 102.52 52.91
CA THR I 222 -98.82 101.78 52.31
C THR I 222 -100.04 102.68 52.22
N PRO I 223 -100.35 103.18 51.04
CA PRO I 223 -101.61 103.92 50.87
C PRO I 223 -102.79 103.01 51.19
N VAL I 224 -103.79 103.55 51.90
CA VAL I 224 -104.95 102.80 52.36
C VAL I 224 -106.19 103.30 51.64
N TYR I 225 -107.02 102.36 51.19
CA TYR I 225 -108.24 102.66 50.46
C TYR I 225 -109.40 101.96 51.17
N LEU I 226 -110.58 102.56 51.06
CA LEU I 226 -111.77 102.02 51.70
C LEU I 226 -112.46 101.03 50.77
N GLN I 227 -112.74 99.83 51.28
CA GLN I 227 -113.59 98.90 50.51
C GLN I 227 -114.96 99.51 50.26
N THR I 228 -115.50 100.25 51.24
CA THR I 228 -116.84 100.80 51.10
C THR I 228 -116.91 101.74 49.90
N GLU I 229 -115.83 102.47 49.64
CA GLU I 229 -115.77 103.31 48.46
C GLU I 229 -115.55 102.51 47.19
N ARG I 230 -114.86 101.38 47.26
CA ARG I 230 -114.77 100.53 46.07
C ARG I 230 -116.14 100.05 45.65
N LEU I 231 -117.01 99.77 46.64
CA LEU I 231 -118.38 99.32 46.39
C LEU I 231 -119.35 100.46 46.12
N GLY I 232 -118.90 101.71 46.29
CA GLY I 232 -119.77 102.86 46.10
C GLY I 232 -120.85 103.02 47.12
N TYR I 233 -120.73 102.38 48.27
CA TYR I 233 -121.69 102.59 49.34
C TYR I 233 -121.36 103.89 50.07
N LYS I 234 -122.26 104.31 50.96
CA LYS I 234 -121.98 105.47 51.80
C LYS I 234 -121.03 105.07 52.91
N VAL I 235 -120.03 105.91 53.14
CA VAL I 235 -119.03 105.65 54.17
C VAL I 235 -119.54 106.21 55.49
N SER I 236 -119.67 105.34 56.49
CA SER I 236 -120.03 105.80 57.82
C SER I 236 -118.91 106.65 58.40
N GLU I 237 -119.30 107.56 59.31
CA GLU I 237 -118.30 108.39 59.98
C GLU I 237 -117.39 107.55 60.85
N ILE I 238 -117.95 106.56 61.56
CA ILE I 238 -117.11 105.71 62.42
C ILE I 238 -116.13 104.90 61.59
N GLU I 239 -116.53 104.46 60.40
CA GLU I 239 -115.62 103.71 59.53
C GLU I 239 -114.47 104.60 59.07
N ARG I 240 -114.77 105.78 58.52
CA ARG I 240 -113.74 106.72 58.10
C ARG I 240 -112.76 107.01 59.23
N GLU I 241 -113.27 107.28 60.43
CA GLU I 241 -112.40 107.53 61.56
C GLU I 241 -111.51 106.32 61.85
N MET I 242 -112.11 105.14 61.89
CA MET I 242 -111.39 103.97 62.39
C MET I 242 -110.38 103.43 61.39
N VAL I 243 -110.69 103.52 60.09
CA VAL I 243 -109.70 103.17 59.09
C VAL I 243 -108.56 104.17 59.11
N ASN I 244 -108.90 105.46 59.23
CA ASN I 244 -107.88 106.50 59.31
C ASN I 244 -106.86 106.17 60.38
N LEU I 245 -107.33 105.95 61.62
CA LEU I 245 -106.42 105.61 62.72
C LEU I 245 -105.55 104.42 62.35
N SER I 246 -106.12 103.42 61.70
CA SER I 246 -105.32 102.25 61.35
C SER I 246 -104.25 102.59 60.33
N SER I 247 -104.54 103.54 59.44
CA SER I 247 -103.53 103.98 58.47
C SER I 247 -102.48 104.89 59.09
N GLN I 248 -102.74 105.45 60.28
CA GLN I 248 -101.72 106.25 60.96
C GLN I 248 -100.68 105.38 61.64
N LEU I 249 -101.05 104.17 62.07
CA LEU I 249 -100.02 103.26 62.58
C LEU I 249 -99.05 102.83 61.49
N ASP I 250 -99.49 102.86 60.22
CA ASP I 250 -98.64 102.48 59.11
C ASP I 250 -97.76 103.66 58.66
N ASN I 251 -98.38 104.81 58.45
CA ASN I 251 -97.74 105.90 57.72
C ASN I 251 -97.45 107.12 58.60
N GLU I 252 -98.47 107.77 59.17
CA GLU I 252 -98.24 109.00 59.93
C GLU I 252 -97.41 108.77 61.19
N LEU I 253 -97.44 107.56 61.77
CA LEU I 253 -96.68 107.29 62.99
C LEU I 253 -95.19 107.56 62.80
N PHE I 254 -94.68 107.37 61.58
CA PHE I 254 -93.28 107.60 61.33
C PHE I 254 -93.03 108.81 60.45
N LEU I 255 -93.97 109.17 59.58
CA LEU I 255 -93.83 110.36 58.74
C LEU I 255 -93.96 111.64 59.53
N ASP I 256 -94.90 111.70 60.49
CA ASP I 256 -95.12 112.92 61.27
C ASP I 256 -93.90 113.32 62.09
N PRO I 257 -93.33 112.45 62.94
CA PRO I 257 -92.12 112.86 63.67
C PRO I 257 -90.94 113.15 62.77
N VAL I 258 -90.82 112.44 61.64
CA VAL I 258 -89.63 112.56 60.81
C VAL I 258 -89.62 113.90 60.07
N LEU I 259 -90.80 114.37 59.63
CA LEU I 259 -90.94 115.55 58.79
C LEU I 259 -91.65 116.72 59.47
N LYS I 260 -92.32 116.49 60.59
CA LYS I 260 -93.08 117.53 61.26
C LYS I 260 -92.69 117.77 62.71
N GLY I 261 -92.08 116.80 63.38
CA GLY I 261 -91.63 116.98 64.75
C GLY I 261 -92.60 116.57 65.84
N ASN I 262 -93.66 115.83 65.51
CA ASN I 262 -94.66 115.42 66.49
C ASN I 262 -95.17 114.03 66.14
N TYR I 263 -95.67 113.35 67.15
CA TYR I 263 -96.35 112.11 66.80
C TYR I 263 -97.82 112.36 66.46
N PRO I 264 -98.43 111.52 65.61
CA PRO I 264 -99.84 111.76 65.22
C PRO I 264 -100.77 111.66 66.42
N GLN I 265 -101.52 112.73 66.66
CA GLN I 265 -102.17 112.90 67.97
C GLN I 265 -103.39 112.00 68.12
N LYS I 266 -104.28 112.00 67.12
CA LYS I 266 -105.44 111.13 67.13
C LYS I 266 -105.04 109.68 67.41
N LEU I 267 -103.97 109.22 66.77
CA LEU I 267 -103.50 107.86 66.99
C LEU I 267 -103.10 107.67 68.45
N PHE I 268 -102.37 108.62 69.01
CA PHE I 268 -101.91 108.50 70.39
C PHE I 268 -103.07 108.46 71.37
N ASP I 269 -104.05 109.36 71.18
CA ASP I 269 -105.27 109.32 71.98
C ASP I 269 -105.87 107.92 71.99
N TYR I 270 -106.24 107.42 70.81
CA TYR I 270 -106.79 106.08 70.72
C TYR I 270 -105.90 105.09 71.44
N LEU I 271 -104.60 105.18 71.22
CA LEU I 271 -103.67 104.20 71.79
C LEU I 271 -103.70 104.23 73.32
N VAL I 272 -103.80 105.42 73.93
CA VAL I 272 -103.78 105.48 75.39
C VAL I 272 -105.15 105.10 75.96
N GLN I 273 -106.24 105.50 75.29
CA GLN I 273 -107.58 105.10 75.72
C GLN I 273 -107.73 103.60 75.86
N LYS I 274 -106.90 102.82 75.18
CA LYS I 274 -107.07 101.37 75.10
C LYS I 274 -106.01 100.61 75.89
N ASP I 275 -105.29 101.28 76.79
CA ASP I 275 -104.22 100.66 77.58
C ASP I 275 -103.16 100.06 76.65
N LEU I 276 -103.02 100.59 75.45
CA LEU I 276 -101.93 100.10 74.63
C LEU I 276 -100.70 100.97 74.83
N LEU I 277 -100.91 102.24 75.11
CA LEU I 277 -99.83 103.20 75.34
C LEU I 277 -100.08 103.89 76.67
N GLU I 278 -99.06 103.94 77.52
CA GLU I 278 -99.15 104.67 78.78
C GLU I 278 -99.23 106.17 78.52
N ALA I 279 -100.12 106.85 79.25
CA ALA I 279 -100.34 108.28 79.04
C ALA I 279 -99.06 109.08 79.26
N GLN I 280 -98.26 108.70 80.27
CA GLN I 280 -97.04 109.45 80.55
C GLN I 280 -96.03 109.30 79.41
N LYS I 281 -95.85 108.07 78.93
CA LYS I 281 -94.98 107.84 77.78
C LYS I 281 -95.47 108.62 76.56
N ALA I 282 -96.78 108.64 76.34
CA ALA I 282 -97.33 109.39 75.21
C ALA I 282 -96.94 110.86 75.27
N LEU I 283 -96.90 111.44 76.47
CA LEU I 283 -96.60 112.85 76.60
C LEU I 283 -95.09 113.11 76.54
N SER I 284 -94.27 112.22 77.13
CA SER I 284 -92.83 112.43 77.05
C SER I 284 -92.33 112.29 75.62
N MET I 285 -92.78 111.26 74.89
CA MET I 285 -92.34 111.11 73.51
C MET I 285 -92.78 112.28 72.64
N GLN I 286 -93.96 112.85 72.92
CA GLN I 286 -94.41 114.02 72.17
C GLN I 286 -93.54 115.22 72.45
N GLN I 287 -92.96 115.31 73.65
CA GLN I 287 -92.10 116.44 73.96
C GLN I 287 -90.65 116.14 73.55
N GLU I 288 -90.13 114.95 73.90
CA GLU I 288 -88.77 114.58 73.52
C GLU I 288 -88.55 114.68 72.01
N VAL I 289 -89.58 114.37 71.23
CA VAL I 289 -89.46 114.50 69.78
C VAL I 289 -89.56 115.96 69.37
N LYS I 290 -90.47 116.71 70.03
CA LYS I 290 -90.54 118.16 69.83
C LYS I 290 -89.18 118.81 70.04
N GLU I 291 -88.43 118.34 71.04
CA GLU I 291 -87.17 118.97 71.41
C GLU I 291 -86.07 118.65 70.42
N ASN I 292 -85.99 117.40 69.97
CA ASN I 292 -84.88 116.93 69.17
C ASN I 292 -85.17 116.93 67.68
N PHE I 293 -86.31 117.48 67.26
CA PHE I 293 -86.67 117.40 65.85
C PHE I 293 -85.67 118.14 64.99
N ILE I 294 -85.42 117.59 63.80
CA ILE I 294 -84.67 118.28 62.76
C ILE I 294 -85.09 117.70 61.42
N PHE I 295 -85.45 118.58 60.48
CA PHE I 295 -85.84 118.13 59.16
C PHE I 295 -84.70 117.34 58.51
N PRO I 296 -85.01 116.30 57.76
CA PRO I 296 -83.98 115.54 57.04
C PRO I 296 -83.62 116.13 55.67
N ASP I 297 -82.62 115.52 55.03
CA ASP I 297 -82.18 115.99 53.74
C ASP I 297 -83.01 115.43 52.60
N PHE I 298 -83.60 114.25 52.77
CA PHE I 298 -84.44 113.61 51.77
C PHE I 298 -85.27 112.54 52.46
N LEU I 299 -86.43 112.27 51.91
CA LEU I 299 -87.26 111.16 52.37
C LEU I 299 -87.06 109.98 51.42
N GLY I 300 -86.80 108.81 52.00
CA GLY I 300 -86.75 107.57 51.26
C GLY I 300 -88.02 106.78 51.51
N ILE I 301 -88.61 106.27 50.43
CA ILE I 301 -89.89 105.58 50.47
C ILE I 301 -89.72 104.19 49.88
N ASN I 302 -90.11 103.18 50.65
CA ASN I 302 -90.27 101.82 50.15
C ASN I 302 -91.75 101.58 49.89
N TYR I 303 -92.11 101.37 48.63
CA TYR I 303 -93.48 101.14 48.24
C TYR I 303 -93.58 99.81 47.52
N TYR I 304 -94.49 98.96 47.97
CA TYR I 304 -94.79 97.73 47.25
C TYR I 304 -96.26 97.61 46.86
N THR I 305 -97.17 98.01 47.73
CA THR I 305 -98.59 97.74 47.49
C THR I 305 -99.44 98.67 48.35
N ARG I 306 -100.76 98.53 48.23
CA ARG I 306 -101.72 99.28 49.01
C ARG I 306 -102.38 98.37 50.04
N ALA I 307 -103.34 98.93 50.77
CA ALA I 307 -104.17 98.17 51.69
C ALA I 307 -105.61 98.63 51.55
N VAL I 308 -106.52 97.68 51.41
CA VAL I 308 -107.95 97.97 51.34
C VAL I 308 -108.58 97.50 52.64
N ARG I 309 -109.27 98.40 53.32
CA ARG I 309 -109.77 98.13 54.66
C ARG I 309 -111.23 98.55 54.79
N LEU I 310 -111.90 97.97 55.79
CA LEU I 310 -113.26 98.31 56.13
C LEU I 310 -113.47 98.10 57.63
N TYR I 311 -114.59 98.62 58.12
CA TYR I 311 -114.89 98.63 59.55
C TYR I 311 -115.54 97.32 59.98
N ASP I 312 -115.04 96.74 61.07
CA ASP I 312 -115.56 95.50 61.63
C ASP I 312 -115.31 95.55 63.14
N GLU I 313 -116.34 95.93 63.91
CA GLU I 313 -116.19 96.15 65.34
C GLU I 313 -115.64 94.92 66.04
N ASN I 314 -115.90 93.74 65.49
CA ASN I 314 -115.47 92.47 66.07
C ASN I 314 -114.10 92.03 65.55
N SER I 315 -113.19 92.96 65.29
CA SER I 315 -111.88 92.60 64.78
C SER I 315 -110.96 92.14 65.91
N SER I 316 -110.11 91.16 65.61
CA SER I 316 -109.05 90.78 66.52
C SER I 316 -107.85 91.72 66.45
N TRP I 317 -107.79 92.59 65.45
CA TRP I 317 -106.74 93.62 65.36
C TRP I 317 -106.93 94.65 66.47
N ILE I 318 -105.88 95.44 66.73
CA ILE I 318 -105.97 96.46 67.78
C ILE I 318 -106.85 97.63 67.36
N PHE I 319 -107.16 97.75 66.06
CA PHE I 319 -108.25 98.58 65.56
C PHE I 319 -109.39 97.70 65.07
N PRO I 320 -110.65 98.18 65.14
CA PRO I 320 -111.78 97.37 64.61
C PRO I 320 -111.90 97.49 63.10
N ILE I 321 -110.95 96.87 62.39
CA ILE I 321 -110.90 96.97 60.94
C ILE I 321 -110.53 95.60 60.41
N ARG I 322 -110.92 95.35 59.16
CA ARG I 322 -110.56 94.13 58.46
C ARG I 322 -110.06 94.51 57.08
N TRP I 323 -109.17 93.67 56.55
CA TRP I 323 -108.63 93.87 55.21
C TRP I 323 -109.50 93.16 54.18
N GLU I 324 -109.52 93.71 52.97
CA GLU I 324 -110.15 93.05 51.84
C GLU I 324 -109.11 92.80 50.75
N HIS I 325 -109.41 91.85 49.87
CA HIS I 325 -108.55 91.62 48.71
C HIS I 325 -109.30 92.00 47.45
N PRO I 326 -108.95 93.10 46.79
CA PRO I 326 -109.50 93.36 45.46
C PRO I 326 -109.02 92.31 44.47
N ALA I 327 -109.78 92.16 43.40
CA ALA I 327 -109.31 91.36 42.28
C ALA I 327 -108.09 92.03 41.64
N GLY I 328 -107.23 91.24 41.05
CA GLY I 328 -106.11 91.78 40.33
C GLY I 328 -104.96 90.79 40.28
N GLU I 329 -103.82 91.30 39.86
CA GLU I 329 -102.58 90.54 39.90
C GLU I 329 -101.97 90.63 41.28
N TYR I 330 -101.43 89.52 41.76
CA TYR I 330 -100.76 89.45 43.04
C TYR I 330 -99.42 88.77 42.87
N THR I 331 -98.47 89.11 43.76
CA THR I 331 -97.13 88.54 43.78
C THR I 331 -97.08 87.38 44.77
N GLU I 332 -95.95 86.67 44.77
CA GLU I 332 -95.75 85.53 45.67
C GLU I 332 -95.78 85.96 47.14
N MET I 333 -95.54 87.23 47.44
CA MET I 333 -95.74 87.78 48.78
C MET I 333 -97.22 87.85 49.16
N GLY I 334 -98.13 87.72 48.20
CA GLY I 334 -99.52 88.00 48.44
C GLY I 334 -99.89 89.47 48.32
N TRP I 335 -99.07 90.26 47.63
CA TRP I 335 -99.27 91.70 47.54
C TRP I 335 -99.91 92.06 46.21
N GLU I 336 -100.99 92.85 46.28
CA GLU I 336 -101.63 93.34 45.08
C GLU I 336 -100.67 94.24 44.30
N VAL I 337 -100.61 94.02 42.98
CA VAL I 337 -99.82 94.83 42.05
C VAL I 337 -100.67 96.04 41.68
N PHE I 338 -100.39 97.17 42.33
CA PHE I 338 -101.25 98.35 42.31
C PHE I 338 -100.40 99.57 42.03
N PRO I 339 -99.87 99.70 40.81
CA PRO I 339 -98.93 100.80 40.52
C PRO I 339 -99.51 102.18 40.79
N GLN I 340 -100.83 102.35 40.64
CA GLN I 340 -101.46 103.65 40.90
C GLN I 340 -101.19 104.14 42.32
N GLY I 341 -101.06 103.20 43.25
CA GLY I 341 -100.82 103.57 44.65
C GLY I 341 -99.52 104.29 44.88
N LEU I 342 -98.50 104.02 44.04
CA LEU I 342 -97.26 104.78 44.13
C LEU I 342 -97.47 106.24 43.76
N PHE I 343 -98.35 106.51 42.80
CA PHE I 343 -98.63 107.88 42.41
C PHE I 343 -99.51 108.59 43.44
N ASP I 344 -100.58 107.94 43.90
CA ASP I 344 -101.42 108.53 44.93
C ASP I 344 -100.59 108.87 46.17
N LEU I 345 -99.70 107.97 46.56
CA LEU I 345 -98.91 108.19 47.78
C LEU I 345 -97.92 109.34 47.59
N LEU I 346 -97.24 109.41 46.43
CA LEU I 346 -96.33 110.51 46.17
C LEU I 346 -97.05 111.86 46.18
N MET I 347 -98.24 111.94 45.57
CA MET I 347 -99.04 113.16 45.63
C MET I 347 -99.47 113.48 47.04
N TRP I 348 -99.78 112.44 47.82
CA TRP I 348 -100.21 112.69 49.19
C TRP I 348 -99.05 113.17 50.05
N ILE I 349 -97.85 112.62 49.82
CA ILE I 349 -96.66 113.14 50.50
C ILE I 349 -96.51 114.62 50.19
N LYS I 350 -96.63 114.96 48.91
CA LYS I 350 -96.39 116.33 48.48
C LYS I 350 -97.37 117.30 49.14
N GLU I 351 -98.67 117.02 49.01
CA GLU I 351 -99.67 117.98 49.47
C GLU I 351 -99.74 118.08 50.99
N ASN I 352 -99.24 117.10 51.74
CA ASN I 352 -99.47 117.03 53.17
C ASN I 352 -98.23 117.21 54.04
N TYR I 353 -97.04 117.27 53.45
CA TYR I 353 -95.81 117.39 54.20
C TYR I 353 -94.92 118.44 53.57
N PRO I 354 -94.02 119.05 54.35
CA PRO I 354 -93.16 120.09 53.79
C PRO I 354 -92.35 119.54 52.63
N GLN I 355 -91.95 120.44 51.73
CA GLN I 355 -91.21 120.02 50.55
C GLN I 355 -89.93 119.32 50.99
N ILE I 356 -89.60 118.24 50.29
CA ILE I 356 -88.39 117.48 50.56
C ILE I 356 -88.13 116.60 49.34
N PRO I 357 -86.88 116.44 48.96
CA PRO I 357 -86.54 115.44 47.93
C PRO I 357 -86.95 114.04 48.37
N ILE I 358 -87.43 113.25 47.41
CA ILE I 358 -87.91 111.89 47.66
C ILE I 358 -87.15 110.93 46.76
N TYR I 359 -86.63 109.85 47.36
CA TYR I 359 -86.01 108.72 46.66
C TYR I 359 -86.87 107.50 46.89
N ILE I 360 -87.32 106.87 45.81
CA ILE I 360 -87.88 105.53 45.96
C ILE I 360 -86.71 104.62 46.29
N THR I 361 -86.62 104.20 47.55
CA THR I 361 -85.48 103.39 47.95
C THR I 361 -85.74 101.88 47.90
N GLU I 362 -86.99 101.44 47.70
CA GLU I 362 -87.29 100.05 47.43
C GLU I 362 -88.60 99.94 46.65
N ASN I 363 -88.57 99.20 45.54
CA ASN I 363 -89.79 98.78 44.85
C ASN I 363 -89.45 97.56 43.99
N GLY I 364 -90.32 96.56 44.03
CA GLY I 364 -90.06 95.33 43.30
C GLY I 364 -91.16 94.33 43.53
N ALA I 365 -90.95 93.12 43.03
CA ALA I 365 -91.95 92.06 43.12
C ALA I 365 -91.29 90.71 43.19
N ALA I 366 -91.91 89.80 43.90
CA ALA I 366 -91.45 88.42 43.97
C ALA I 366 -92.29 87.59 43.03
N TYR I 367 -91.63 86.82 42.17
CA TYR I 367 -92.26 85.77 41.37
C TYR I 367 -91.48 84.48 41.58
N ASN I 368 -92.12 83.36 41.22
CA ASN I 368 -91.51 82.03 41.36
C ASN I 368 -90.62 81.74 40.15
N ASP I 369 -89.51 82.47 40.09
CA ASP I 369 -88.59 82.40 38.95
C ASP I 369 -88.04 81.00 38.76
N ILE I 370 -88.01 80.57 37.49
CA ILE I 370 -87.60 79.24 37.08
C ILE I 370 -86.55 79.41 35.99
N VAL I 371 -85.43 78.71 36.13
CA VAL I 371 -84.38 78.75 35.11
C VAL I 371 -84.68 77.70 34.05
N THR I 372 -84.94 78.16 32.83
CA THR I 372 -85.16 77.26 31.71
C THR I 372 -83.94 76.35 31.51
N GLU I 373 -84.10 75.35 30.65
CA GLU I 373 -82.93 74.58 30.24
C GLU I 373 -82.04 75.34 29.26
N ASP I 374 -82.50 76.45 28.68
CA ASP I 374 -81.61 77.37 27.98
C ASP I 374 -80.67 78.07 28.95
N GLY I 375 -80.97 78.03 30.24
CA GLY I 375 -80.28 78.85 31.21
C GLY I 375 -80.83 80.25 31.40
N LYS I 376 -82.00 80.54 30.86
CA LYS I 376 -82.61 81.87 30.98
C LYS I 376 -83.70 81.88 32.05
N VAL I 377 -84.14 83.09 32.40
CA VAL I 377 -85.21 83.31 33.36
C VAL I 377 -86.15 84.32 32.74
N HIS I 378 -87.33 83.87 32.34
CA HIS I 378 -88.27 84.73 31.63
C HIS I 378 -89.33 85.24 32.60
N ASP I 379 -88.88 86.19 33.44
CA ASP I 379 -89.74 86.84 34.43
C ASP I 379 -90.46 88.04 33.82
N SER I 380 -91.34 87.71 32.87
CA SER I 380 -92.06 88.74 32.13
C SER I 380 -93.06 89.48 33.02
N LYS I 381 -93.59 88.82 34.06
CA LYS I 381 -94.46 89.51 35.01
C LYS I 381 -93.68 90.54 35.86
N ARG I 382 -92.41 90.28 36.18
CA ARG I 382 -91.63 91.30 36.89
C ARG I 382 -91.36 92.49 35.99
N ILE I 383 -91.17 92.23 34.69
CA ILE I 383 -90.94 93.34 33.76
C ILE I 383 -92.18 94.21 33.66
N GLU I 384 -93.37 93.60 33.60
CA GLU I 384 -94.60 94.38 33.56
C GLU I 384 -94.78 95.17 34.84
N TYR I 385 -94.45 94.57 35.98
CA TYR I 385 -94.59 95.25 37.26
C TYR I 385 -93.72 96.50 37.30
N LEU I 386 -92.46 96.36 36.93
CA LEU I 386 -91.52 97.48 36.95
C LEU I 386 -91.95 98.57 35.97
N LYS I 387 -92.30 98.18 34.74
CA LYS I 387 -92.66 99.14 33.71
C LYS I 387 -93.79 100.03 34.16
N GLN I 388 -94.84 99.43 34.73
CA GLN I 388 -95.98 100.20 35.19
C GLN I 388 -95.62 101.10 36.35
N HIS I 389 -94.70 100.65 37.22
CA HIS I 389 -94.32 101.47 38.36
C HIS I 389 -93.38 102.60 37.96
N PHE I 390 -92.45 102.33 37.04
CA PHE I 390 -91.68 103.42 36.43
C PHE I 390 -92.61 104.48 35.84
N ASP I 391 -93.67 104.05 35.15
CA ASP I 391 -94.60 105.00 34.52
C ASP I 391 -95.32 105.86 35.55
N GLN I 392 -95.71 105.27 36.69
CA GLN I 392 -96.36 106.05 37.73
C GLN I 392 -95.40 107.07 38.34
N ALA I 393 -94.12 106.70 38.49
CA ALA I 393 -93.11 107.64 38.96
C ALA I 393 -92.92 108.79 37.96
N ARG I 394 -92.67 108.45 36.69
CA ARG I 394 -92.60 109.48 35.66
C ARG I 394 -93.83 110.37 35.68
N LYS I 395 -95.01 109.79 35.94
CA LYS I 395 -96.23 110.58 36.03
C LYS I 395 -96.21 111.49 37.27
N ALA I 396 -95.62 111.01 38.37
CA ALA I 396 -95.46 111.84 39.56
C ALA I 396 -94.52 113.01 39.29
N ILE I 397 -93.40 112.77 38.58
CA ILE I 397 -92.50 113.87 38.26
C ILE I 397 -93.20 114.91 37.40
N GLU I 398 -94.01 114.45 36.42
CA GLU I 398 -94.73 115.38 35.55
C GLU I 398 -95.64 116.31 36.35
N ASN I 399 -96.15 115.88 37.50
CA ASN I 399 -97.06 116.71 38.29
C ASN I 399 -96.39 117.37 39.50
N GLY I 400 -95.05 117.40 39.54
CA GLY I 400 -94.35 118.21 40.51
C GLY I 400 -93.88 117.52 41.77
N VAL I 401 -93.81 116.19 41.82
CA VAL I 401 -93.14 115.52 42.92
C VAL I 401 -91.63 115.58 42.71
N ASP I 402 -90.90 115.95 43.76
CA ASP I 402 -89.44 116.05 43.69
C ASP I 402 -88.84 114.66 43.84
N LEU I 403 -88.94 113.89 42.75
CA LEU I 403 -88.49 112.51 42.74
C LEU I 403 -87.10 112.43 42.12
N ARG I 404 -86.11 112.01 42.91
CA ARG I 404 -84.74 112.11 42.48
C ARG I 404 -84.05 110.77 42.28
N GLY I 405 -84.67 109.67 42.66
CA GLY I 405 -84.06 108.39 42.42
C GLY I 405 -85.10 107.30 42.48
N TYR I 406 -84.65 106.10 42.11
CA TYR I 406 -85.53 104.93 42.09
C TYR I 406 -84.65 103.68 42.19
N PHE I 407 -84.82 102.91 43.25
CA PHE I 407 -84.00 101.73 43.49
C PHE I 407 -84.90 100.50 43.42
N VAL I 408 -84.63 99.63 42.45
CA VAL I 408 -85.37 98.38 42.34
C VAL I 408 -84.89 97.41 43.41
N TRP I 409 -85.82 96.93 44.25
CA TRP I 409 -85.57 95.77 45.07
C TRP I 409 -85.92 94.52 44.27
N SER I 410 -84.94 93.66 44.04
CA SER I 410 -83.58 93.80 44.51
C SER I 410 -82.60 93.54 43.34
N LEU I 411 -81.30 93.76 43.58
CA LEU I 411 -80.30 93.47 42.57
C LEU I 411 -80.24 91.98 42.28
N MET I 412 -80.37 91.16 43.32
CA MET I 412 -80.24 89.71 43.20
C MET I 412 -81.23 89.08 44.17
N ASP I 413 -81.64 87.85 43.87
CA ASP I 413 -82.45 87.09 44.81
C ASP I 413 -81.68 86.94 46.12
N ASN I 414 -82.40 86.91 47.23
CA ASN I 414 -81.73 86.85 48.52
C ASN I 414 -82.65 86.22 49.55
N LEU I 415 -82.20 86.27 50.81
CA LEU I 415 -82.99 85.76 51.93
C LEU I 415 -84.08 86.77 52.30
N GLU I 416 -85.34 86.38 52.13
CA GLU I 416 -86.46 87.30 52.38
C GLU I 416 -86.94 87.16 53.84
N TRP I 417 -86.00 87.41 54.74
CA TRP I 417 -86.25 87.43 56.18
C TRP I 417 -86.96 86.12 56.57
N ALA I 418 -88.11 86.17 57.23
CA ALA I 418 -88.74 84.94 57.71
C ALA I 418 -89.32 84.08 56.60
N MET I 419 -89.39 84.60 55.38
CA MET I 419 -89.74 83.79 54.21
C MET I 419 -88.58 82.93 53.71
N GLY I 420 -87.38 83.12 54.25
CA GLY I 420 -86.22 82.43 53.70
C GLY I 420 -85.97 82.78 52.25
N TYR I 421 -85.40 81.83 51.52
CA TYR I 421 -85.12 82.02 50.10
C TYR I 421 -86.30 81.68 49.21
N THR I 422 -87.49 81.51 49.78
CA THR I 422 -88.66 81.15 48.96
C THR I 422 -89.19 82.32 48.15
N LYS I 423 -88.83 83.55 48.49
CA LYS I 423 -89.29 84.73 47.76
C LYS I 423 -88.11 85.34 47.02
N ARG I 424 -88.23 85.38 45.69
CA ARG I 424 -87.19 85.87 44.79
C ARG I 424 -87.63 87.22 44.26
N PHE I 425 -86.85 88.26 44.56
CA PHE I 425 -87.14 89.63 44.16
C PHE I 425 -86.12 90.17 43.16
N GLY I 426 -85.06 89.43 42.85
CA GLY I 426 -83.98 89.99 42.09
C GLY I 426 -84.30 90.16 40.61
N ILE I 427 -83.59 91.10 39.99
CA ILE I 427 -83.44 91.06 38.54
C ILE I 427 -82.31 90.12 38.14
N ILE I 428 -81.54 89.63 39.10
CA ILE I 428 -80.50 88.62 38.89
C ILE I 428 -80.86 87.41 39.72
N TYR I 429 -80.92 86.25 39.07
CA TYR I 429 -81.23 85.00 39.74
C TYR I 429 -79.96 84.46 40.39
N VAL I 430 -80.10 83.95 41.61
CA VAL I 430 -78.98 83.37 42.32
C VAL I 430 -79.30 81.91 42.55
N ASP I 431 -78.54 81.04 41.89
CA ASP I 431 -78.59 79.60 42.10
C ASP I 431 -77.89 79.30 43.41
N TYR I 432 -78.66 78.96 44.45
CA TYR I 432 -78.05 78.87 45.77
C TYR I 432 -77.15 77.66 45.93
N GLU I 433 -77.30 76.63 45.08
CA GLU I 433 -76.38 75.49 45.13
C GLU I 433 -74.96 75.89 44.74
N THR I 434 -74.82 76.62 43.63
CA THR I 434 -73.53 76.99 43.07
C THR I 434 -73.17 78.47 43.25
N GLN I 435 -74.08 79.30 43.74
CA GLN I 435 -73.90 80.75 43.89
C GLN I 435 -73.78 81.48 42.56
N LYS I 436 -73.95 80.77 41.44
CA LYS I 436 -73.96 81.38 40.13
C LYS I 436 -75.05 82.44 40.00
N ARG I 437 -74.70 83.56 39.37
CA ARG I 437 -75.61 84.67 39.13
C ARG I 437 -76.12 84.58 37.70
N ILE I 438 -77.43 84.65 37.53
CA ILE I 438 -78.04 84.52 36.21
C ILE I 438 -78.92 85.72 35.94
N LYS I 439 -78.53 86.54 34.98
CA LYS I 439 -79.32 87.72 34.64
C LYS I 439 -80.69 87.29 34.14
N LYS I 440 -81.73 87.72 34.82
CA LYS I 440 -83.08 87.49 34.35
C LYS I 440 -83.41 88.44 33.20
N ASP I 441 -84.56 88.19 32.55
CA ASP I 441 -85.00 89.08 31.49
C ASP I 441 -85.23 90.50 31.99
N SER I 442 -85.66 90.66 33.24
CA SER I 442 -85.83 92.02 33.79
C SER I 442 -84.50 92.78 33.89
N PHE I 443 -83.39 92.08 34.08
CA PHE I 443 -82.08 92.72 34.01
C PHE I 443 -81.94 93.47 32.69
N TYR I 444 -82.17 92.76 31.58
CA TYR I 444 -82.04 93.37 30.25
C TYR I 444 -83.08 94.45 30.02
N PHE I 445 -84.29 94.27 30.56
CA PHE I 445 -85.28 95.33 30.48
C PHE I 445 -84.82 96.58 31.24
N TYR I 446 -84.34 96.41 32.48
CA TYR I 446 -83.96 97.57 33.28
C TYR I 446 -82.74 98.26 32.69
N GLN I 447 -81.78 97.46 32.18
CA GLN I 447 -80.62 98.00 31.47
C GLN I 447 -81.04 98.90 30.32
N GLN I 448 -82.07 98.47 29.57
CA GLN I 448 -82.61 99.29 28.48
C GLN I 448 -83.33 100.51 29.02
N TYR I 449 -84.17 100.36 30.05
CA TYR I 449 -84.96 101.49 30.54
C TYR I 449 -84.05 102.61 31.03
N ILE I 450 -82.96 102.27 31.72
CA ILE I 450 -82.05 103.30 32.21
C ILE I 450 -81.40 104.01 31.05
N LYS I 451 -81.03 103.25 30.01
CA LYS I 451 -80.34 103.85 28.87
C LYS I 451 -81.21 104.93 28.22
N GLU I 452 -82.49 104.65 28.01
CA GLU I 452 -83.35 105.61 27.32
C GLU I 452 -84.03 106.59 28.26
N ASN I 453 -83.68 106.59 29.55
CA ASN I 453 -84.22 107.56 30.50
C ASN I 453 -83.14 108.12 31.40
N SER I 454 -81.90 108.11 30.96
CA SER I 454 -80.83 108.80 31.68
C SER I 454 -80.09 109.74 30.72
N MET J 2 13.57 48.59 -12.62
CA MET J 2 13.24 47.28 -13.14
C MET J 2 13.98 46.19 -12.33
N SER J 3 15.14 46.53 -11.78
CA SER J 3 15.82 45.67 -10.84
C SER J 3 15.34 45.98 -9.41
N PHE J 4 15.59 45.06 -8.49
CA PHE J 4 15.10 45.26 -7.13
C PHE J 4 15.90 46.34 -6.42
N PRO J 5 15.24 47.34 -5.82
CA PRO J 5 15.94 48.56 -5.39
C PRO J 5 17.08 48.27 -4.43
N LYS J 6 18.06 49.18 -4.45
CA LYS J 6 19.33 49.01 -3.75
C LYS J 6 19.08 48.74 -2.27
N GLY J 7 19.63 47.62 -1.78
CA GLY J 7 19.51 47.27 -0.38
C GLY J 7 18.30 46.43 -0.03
N PHE J 8 17.47 46.08 -1.01
CA PHE J 8 16.28 45.25 -0.81
C PHE J 8 16.56 44.07 0.11
N LEU J 9 15.70 43.90 1.12
CA LEU J 9 15.90 42.88 2.15
C LEU J 9 15.18 41.59 1.76
N TRP J 10 15.87 40.74 1.03
CA TRP J 10 15.41 39.37 0.80
C TRP J 10 15.60 38.57 2.07
N GLY J 11 14.52 37.97 2.56
CA GLY J 11 14.59 37.29 3.83
C GLY J 11 13.66 36.10 3.97
N ALA J 12 13.74 35.48 5.13
CA ALA J 12 12.85 34.43 5.56
C ALA J 12 12.40 34.77 6.97
N ALA J 13 11.22 34.28 7.36
CA ALA J 13 10.63 34.64 8.65
C ALA J 13 10.31 33.40 9.46
N THR J 14 10.38 33.52 10.79
CA THR J 14 9.84 32.52 11.71
C THR J 14 9.11 33.23 12.84
N ALA J 15 8.59 32.45 13.78
CA ALA J 15 8.05 32.92 15.05
C ALA J 15 8.50 31.96 16.13
N SER J 16 8.67 32.48 17.35
CA SER J 16 9.40 31.75 18.39
C SER J 16 8.67 30.48 18.81
N TYR J 17 7.34 30.56 19.01
CA TYR J 17 6.62 29.39 19.48
C TYR J 17 6.56 28.31 18.40
N GLN J 18 6.64 28.71 17.13
CA GLN J 18 6.50 27.74 16.07
C GLN J 18 7.76 26.93 15.81
N ILE J 19 8.92 27.36 16.29
CA ILE J 19 10.17 26.64 16.01
C ILE J 19 11.02 26.34 17.24
N GLU J 20 10.86 27.03 18.38
CA GLU J 20 11.94 27.00 19.37
C GLU J 20 11.97 25.72 20.19
N GLY J 21 10.81 25.18 20.52
CA GLY J 21 10.78 24.09 21.46
C GLY J 21 11.28 24.56 22.82
N ALA J 22 11.82 23.61 23.59
CA ALA J 22 12.43 23.88 24.88
C ALA J 22 11.50 24.73 25.72
N TRP J 23 10.25 24.29 25.81
CA TRP J 23 9.20 25.13 26.32
C TRP J 23 9.30 25.35 27.82
N ASN J 24 9.97 24.45 28.56
CA ASN J 24 10.12 24.60 30.00
C ASN J 24 11.57 24.49 30.43
N GLU J 25 12.48 24.97 29.60
CA GLU J 25 13.91 24.95 29.88
C GLU J 25 14.39 26.31 30.38
N ASP J 26 15.47 26.30 31.15
CA ASP J 26 16.21 27.52 31.51
C ASP J 26 15.33 28.57 32.18
N GLY J 27 14.30 28.12 32.89
CA GLY J 27 13.43 29.01 33.63
C GLY J 27 12.40 29.74 32.81
N LYS J 28 12.21 29.36 31.55
CA LYS J 28 11.17 29.96 30.72
C LYS J 28 9.79 29.71 31.32
N GLY J 29 9.03 30.78 31.48
CA GLY J 29 7.67 30.65 31.95
C GLY J 29 6.74 30.03 30.92
N GLU J 30 5.60 29.57 31.41
CA GLU J 30 4.54 29.08 30.54
C GLU J 30 3.90 30.24 29.78
N SER J 31 3.69 30.05 28.47
CA SER J 31 3.00 31.02 27.63
C SER J 31 1.59 30.53 27.34
N ILE J 32 0.73 31.44 26.86
CA ILE J 32 -0.67 31.06 26.59
C ILE J 32 -0.73 29.96 25.54
N TRP J 33 0.24 29.90 24.62
CA TRP J 33 0.26 28.80 23.66
C TRP J 33 0.72 27.48 24.27
N ASP J 34 1.65 27.50 25.25
CA ASP J 34 1.93 26.27 26.00
C ASP J 34 0.65 25.72 26.61
N ARG J 35 -0.06 26.56 27.36
CA ARG J 35 -1.35 26.18 27.95
C ARG J 35 -2.32 25.69 26.89
N PHE J 36 -2.46 26.46 25.81
CA PHE J 36 -3.45 26.17 24.78
C PHE J 36 -3.14 24.84 24.08
N THR J 37 -1.87 24.60 23.71
CA THR J 37 -1.61 23.34 23.03
C THR J 37 -1.63 22.15 23.97
N HIS J 38 -1.61 22.38 25.28
CA HIS J 38 -1.68 21.31 26.25
C HIS J 38 -3.12 20.99 26.69
N GLN J 39 -4.11 21.75 26.22
CA GLN J 39 -5.51 21.37 26.40
C GLN J 39 -5.99 20.57 25.21
N LYS J 40 -6.73 19.50 25.48
CA LYS J 40 -7.19 18.61 24.42
C LYS J 40 -8.29 19.24 23.58
N GLY J 41 -8.20 19.07 22.27
CA GLY J 41 -9.19 19.56 21.34
C GLY J 41 -8.82 20.83 20.61
N ASN J 42 -7.72 21.49 20.98
CA ASN J 42 -7.38 22.75 20.33
C ASN J 42 -6.55 22.56 19.06
N ILE J 43 -5.65 21.59 19.03
CA ILE J 43 -4.69 21.43 17.93
C ILE J 43 -4.94 20.11 17.23
N LEU J 44 -4.98 20.14 15.90
CA LEU J 44 -5.09 18.93 15.10
C LEU J 44 -4.08 17.89 15.56
N TYR J 45 -4.53 16.65 15.67
CA TYR J 45 -3.69 15.51 16.03
C TYR J 45 -3.03 15.66 17.40
N GLY J 46 -3.51 16.56 18.25
CA GLY J 46 -2.88 16.78 19.55
C GLY J 46 -1.47 17.32 19.51
N HIS J 47 -1.05 17.95 18.40
CA HIS J 47 0.31 18.46 18.32
C HIS J 47 0.53 19.64 19.28
N ASN J 48 1.79 19.89 19.61
CA ASN J 48 2.15 21.02 20.46
C ASN J 48 3.55 21.51 20.07
N GLY J 49 3.98 22.60 20.69
CA GLY J 49 5.25 23.22 20.36
C GLY J 49 6.35 22.93 21.37
N ASP J 50 6.15 21.90 22.21
CA ASP J 50 7.11 21.55 23.27
C ASP J 50 8.51 21.35 22.73
N ILE J 51 8.64 20.70 21.58
CA ILE J 51 9.90 20.49 20.90
C ILE J 51 10.00 21.32 19.61
N ALA J 52 8.93 21.37 18.83
CA ALA J 52 8.90 22.07 17.53
C ALA J 52 10.15 21.63 16.74
N CYS J 53 10.94 22.57 16.21
CA CYS J 53 12.17 22.24 15.50
C CYS J 53 13.40 22.35 16.39
N ASP J 54 13.22 22.33 17.72
CA ASP J 54 14.32 22.43 18.67
C ASP J 54 15.33 23.53 18.30
N HIS J 55 14.84 24.60 17.67
CA HIS J 55 15.69 25.69 17.25
C HIS J 55 16.37 26.38 18.43
N TYR J 56 15.84 26.21 19.65
CA TYR J 56 16.53 26.70 20.86
C TYR J 56 17.90 26.07 21.00
N HIS J 57 18.02 24.78 20.72
CA HIS J 57 19.30 24.11 20.74
C HIS J 57 20.03 24.15 19.40
N ARG J 58 19.30 24.20 18.28
CA ARG J 58 19.89 24.00 16.97
C ARG J 58 20.05 25.28 16.17
N PHE J 59 19.84 26.45 16.79
CA PHE J 59 19.90 27.71 16.03
C PHE J 59 21.22 27.91 15.30
N GLU J 60 22.32 27.29 15.78
CA GLU J 60 23.62 27.47 15.10
C GLU J 60 23.60 26.85 13.71
N GLU J 61 23.20 25.58 13.61
CA GLU J 61 23.00 24.95 12.30
C GLU J 61 22.06 25.77 11.42
N ASP J 62 20.99 26.32 11.99
CA ASP J 62 20.01 27.05 11.20
C ASP J 62 20.59 28.31 10.61
N VAL J 63 21.30 29.11 11.42
CA VAL J 63 21.89 30.35 10.91
C VAL J 63 22.83 30.06 9.74
N LEU J 64 23.64 28.98 9.85
CA LEU J 64 24.48 28.56 8.73
C LEU J 64 23.65 28.34 7.47
N LEU J 65 22.50 27.68 7.61
CA LEU J 65 21.62 27.48 6.47
C LEU J 65 21.14 28.80 5.87
N MET J 66 20.94 29.83 6.70
CA MET J 66 20.56 31.14 6.16
C MET J 66 21.73 31.80 5.45
N LYS J 67 22.96 31.60 5.94
CA LYS J 67 24.14 32.09 5.20
C LYS J 67 24.21 31.41 3.85
N GLU J 68 24.27 30.06 3.86
CA GLU J 68 24.26 29.28 2.62
C GLU J 68 23.17 29.74 1.67
N LEU J 69 22.03 30.20 2.21
CA LEU J 69 20.96 30.71 1.36
C LEU J 69 21.25 32.12 0.85
N GLY J 70 22.06 32.88 1.57
CA GLY J 70 22.31 34.25 1.16
C GLY J 70 21.20 35.20 1.52
N LEU J 71 20.58 35.01 2.68
CA LEU J 71 19.54 35.93 3.12
C LEU J 71 20.16 37.29 3.42
N LYS J 72 19.52 38.35 2.91
CA LYS J 72 19.85 39.68 3.39
C LYS J 72 19.35 39.90 4.81
N ALA J 73 18.27 39.22 5.21
CA ALA J 73 17.65 39.47 6.49
C ALA J 73 16.93 38.22 6.99
N TYR J 74 16.78 38.13 8.29
CA TYR J 74 16.05 37.04 8.92
C TYR J 74 15.08 37.63 9.95
N ARG J 75 13.79 37.35 9.78
CA ARG J 75 12.77 37.81 10.72
C ARG J 75 12.43 36.69 11.68
N PHE J 76 12.43 37.01 12.96
CA PHE J 76 12.14 36.04 14.01
C PHE J 76 11.53 36.81 15.17
N SER J 77 11.10 36.08 16.17
CA SER J 77 10.38 36.67 17.28
C SER J 77 11.04 36.27 18.60
N ILE J 78 10.95 37.16 19.58
CA ILE J 78 11.44 36.91 20.92
C ILE J 78 10.28 36.40 21.76
N ALA J 79 10.52 35.34 22.52
CA ALA J 79 9.54 34.77 23.44
C ALA J 79 9.57 35.59 24.74
N TRP J 80 8.54 36.40 24.94
CA TRP J 80 8.35 37.14 26.19
C TRP J 80 8.61 36.27 27.43
N THR J 81 8.12 35.02 27.44
CA THR J 81 8.29 34.21 28.64
C THR J 81 9.75 33.83 28.93
N ARG J 82 10.63 33.93 27.93
CA ARG J 82 12.04 33.67 28.19
C ARG J 82 12.74 34.84 28.89
N ILE J 83 12.26 36.07 28.73
CA ILE J 83 12.88 37.24 29.35
C ILE J 83 12.22 37.57 30.68
N PHE J 84 10.89 37.51 30.73
CA PHE J 84 10.10 37.72 31.94
C PHE J 84 9.20 36.51 32.06
N PRO J 85 9.68 35.42 32.68
CA PRO J 85 8.83 34.23 32.83
C PRO J 85 7.46 34.53 33.41
N ASP J 86 7.34 35.61 34.20
CA ASP J 86 6.10 36.07 34.79
C ASP J 86 5.54 37.32 34.10
N GLY J 87 6.01 37.63 32.89
CA GLY J 87 5.54 38.80 32.19
C GLY J 87 6.21 40.08 32.63
N PHE J 88 6.46 40.17 33.94
CA PHE J 88 7.07 41.32 34.60
C PHE J 88 7.98 40.82 35.71
N GLY J 89 8.64 41.75 36.38
CA GLY J 89 9.45 41.38 37.54
C GLY J 89 10.79 40.83 37.14
N ASN J 90 11.12 39.64 37.64
CA ASN J 90 12.47 39.12 37.54
C ASN J 90 12.83 38.80 36.10
N VAL J 91 13.81 39.52 35.55
CA VAL J 91 14.33 39.19 34.23
C VAL J 91 15.11 37.88 34.33
N ASN J 92 14.87 36.98 33.38
CA ASN J 92 15.57 35.70 33.35
C ASN J 92 16.83 35.84 32.52
N GLN J 93 17.99 35.61 33.15
CA GLN J 93 19.26 35.84 32.48
C GLN J 93 19.55 34.80 31.41
N LYS J 94 19.10 33.55 31.62
CA LYS J 94 19.26 32.52 30.59
C LYS J 94 18.58 32.93 29.29
N GLY J 95 17.41 33.57 29.41
CA GLY J 95 16.67 34.00 28.23
C GLY J 95 17.41 35.05 27.42
N LEU J 96 17.83 36.13 28.07
CA LEU J 96 18.64 37.11 27.34
C LEU J 96 19.90 36.48 26.76
N GLU J 97 20.51 35.56 27.50
CA GLU J 97 21.67 34.83 26.96
C GLU J 97 21.34 34.23 25.60
N PHE J 98 20.26 33.45 25.53
CA PHE J 98 19.92 32.77 24.28
C PHE J 98 19.83 33.75 23.12
N TYR J 99 19.08 34.84 23.30
CA TYR J 99 18.90 35.76 22.18
C TYR J 99 20.17 36.55 21.88
N ASP J 100 20.97 36.88 22.90
CA ASP J 100 22.29 37.48 22.64
C ASP J 100 23.11 36.61 21.69
N ARG J 101 23.18 35.30 21.95
CA ARG J 101 23.92 34.41 21.05
C ARG J 101 23.31 34.42 19.65
N LEU J 102 21.98 34.30 19.56
CA LEU J 102 21.34 34.21 18.26
C LEU J 102 21.55 35.48 17.46
N ILE J 103 21.35 36.64 18.09
CA ILE J 103 21.55 37.90 17.37
C ILE J 103 23.01 38.08 17.00
N ASN J 104 23.92 37.65 17.88
CA ASN J 104 25.33 37.81 17.58
C ASN J 104 25.76 36.88 16.44
N LYS J 105 25.23 35.66 16.41
CA LYS J 105 25.49 34.79 15.27
C LYS J 105 24.91 35.36 14.00
N LEU J 106 23.78 36.07 14.10
CA LEU J 106 23.17 36.62 12.90
C LEU J 106 24.02 37.75 12.32
N VAL J 107 24.51 38.65 13.17
CA VAL J 107 25.38 39.72 12.68
C VAL J 107 26.71 39.15 12.20
N GLU J 108 27.26 38.18 12.95
CA GLU J 108 28.52 37.55 12.60
C GLU J 108 28.53 36.93 11.20
N ASN J 109 27.36 36.58 10.66
CA ASN J 109 27.27 36.02 9.32
C ASN J 109 26.68 36.98 8.31
N GLY J 110 26.53 38.26 8.67
CA GLY J 110 26.11 39.28 7.72
C GLY J 110 24.61 39.41 7.48
N ILE J 111 23.77 38.88 8.38
CA ILE J 111 22.33 38.87 8.16
C ILE J 111 21.67 39.92 9.04
N GLU J 112 20.90 40.82 8.43
CA GLU J 112 20.14 41.84 9.15
C GLU J 112 19.05 41.23 10.03
N PRO J 113 19.18 41.27 11.36
CA PRO J 113 18.09 40.78 12.22
C PRO J 113 16.88 41.69 12.11
N VAL J 114 15.70 41.08 11.93
CA VAL J 114 14.42 41.76 11.99
C VAL J 114 13.61 41.04 13.06
N ILE J 115 13.20 41.78 14.09
CA ILE J 115 12.72 41.18 15.33
C ILE J 115 11.26 41.56 15.54
N THR J 116 10.42 40.55 15.74
CA THR J 116 9.03 40.75 16.13
C THR J 116 8.99 40.70 17.64
N ILE J 117 8.59 41.81 18.26
CA ILE J 117 8.54 41.86 19.72
C ILE J 117 7.46 40.92 20.25
N TYR J 118 6.27 40.95 19.66
CA TYR J 118 5.18 40.10 20.13
C TYR J 118 4.62 39.32 18.96
N HIS J 119 4.76 38.00 19.03
CA HIS J 119 4.23 37.08 18.03
C HIS J 119 3.40 36.00 18.72
N TRP J 120 2.46 36.41 19.58
CA TRP J 120 1.30 35.65 20.07
C TRP J 120 1.54 34.91 21.39
N ASP J 121 2.77 34.84 21.88
CA ASP J 121 3.06 33.97 23.03
C ASP J 121 3.09 34.78 24.34
N LEU J 122 1.92 35.29 24.70
CA LEU J 122 1.81 36.08 25.91
C LEU J 122 2.07 35.21 27.14
N PRO J 123 2.81 35.73 28.11
CA PRO J 123 3.02 34.96 29.35
C PRO J 123 1.71 34.65 30.04
N GLN J 124 1.53 33.37 30.37
CA GLN J 124 0.28 32.94 30.98
C GLN J 124 0.02 33.68 32.30
N LYS J 125 1.08 34.09 32.99
CA LYS J 125 0.91 34.88 34.20
C LYS J 125 0.19 36.19 33.88
N LEU J 126 0.53 36.83 32.76
CA LEU J 126 -0.24 38.00 32.34
C LEU J 126 -1.65 37.62 31.93
N GLN J 127 -1.84 36.43 31.36
CA GLN J 127 -3.17 36.00 30.95
C GLN J 127 -4.06 35.78 32.17
N ASP J 128 -3.46 35.36 33.29
CA ASP J 128 -4.26 35.09 34.48
C ASP J 128 -4.96 36.35 34.98
N ILE J 129 -4.37 37.53 34.76
CA ILE J 129 -5.01 38.76 35.20
C ILE J 129 -5.80 39.41 34.05
N GLY J 130 -6.06 38.65 32.98
CA GLY J 130 -6.91 39.10 31.90
C GLY J 130 -6.22 39.36 30.57
N GLY J 131 -4.88 39.32 30.53
CA GLY J 131 -4.18 39.43 29.27
C GLY J 131 -4.36 40.78 28.57
N TRP J 132 -4.59 40.70 27.25
CA TRP J 132 -4.79 41.89 26.44
C TRP J 132 -6.14 42.59 26.70
N ALA J 133 -7.05 41.97 27.45
CA ALA J 133 -8.29 42.66 27.82
C ALA J 133 -8.08 43.65 28.96
N ASN J 134 -7.04 43.44 29.77
CA ASN J 134 -6.74 44.25 30.96
C ASN J 134 -5.75 45.34 30.56
N SER J 135 -6.17 46.59 30.73
CA SER J 135 -5.36 47.70 30.23
C SER J 135 -4.00 47.79 30.92
N GLU J 136 -3.81 47.10 32.05
CA GLU J 136 -2.48 47.03 32.66
C GLU J 136 -1.45 46.47 31.68
N ILE J 137 -1.89 45.65 30.72
CA ILE J 137 -0.97 44.97 29.81
C ILE J 137 -0.14 45.95 29.00
N VAL J 138 -0.68 47.16 28.77
CA VAL J 138 0.01 48.12 27.91
C VAL J 138 1.37 48.49 28.49
N ASN J 139 1.44 48.67 29.81
CA ASN J 139 2.69 49.03 30.47
C ASN J 139 3.61 47.83 30.69
N TYR J 140 3.05 46.64 30.94
CA TYR J 140 3.90 45.45 30.94
C TYR J 140 4.52 45.21 29.57
N TYR J 141 3.75 45.38 28.50
CA TYR J 141 4.29 45.15 27.17
C TYR J 141 5.34 46.21 26.85
N PHE J 142 5.07 47.45 27.26
CA PHE J 142 6.01 48.55 27.04
C PHE J 142 7.36 48.28 27.72
N ASP J 143 7.34 47.84 28.99
CA ASP J 143 8.60 47.56 29.69
C ASP J 143 9.39 46.48 28.98
N TYR J 144 8.70 45.40 28.63
CA TYR J 144 9.34 44.30 27.92
C TYR J 144 9.90 44.77 26.59
N ALA J 145 9.14 45.60 25.88
CA ALA J 145 9.54 46.02 24.54
C ALA J 145 10.76 46.93 24.57
N MET J 146 10.84 47.82 25.57
CA MET J 146 11.99 48.71 25.62
C MET J 146 13.22 48.03 26.20
N LEU J 147 13.03 47.10 27.14
CA LEU J 147 14.15 46.28 27.59
C LEU J 147 14.88 45.65 26.40
N VAL J 148 14.14 44.99 25.49
CA VAL J 148 14.82 44.28 24.42
C VAL J 148 15.33 45.25 23.39
N ILE J 149 14.56 46.28 23.06
CA ILE J 149 15.05 47.29 22.11
C ILE J 149 16.34 47.91 22.62
N ASN J 150 16.35 48.31 23.90
CA ASN J 150 17.56 48.95 24.42
C ASN J 150 18.72 47.97 24.50
N ARG J 151 18.44 46.69 24.76
CA ARG J 151 19.51 45.70 24.81
C ARG J 151 20.13 45.44 23.44
N TYR J 152 19.33 45.48 22.36
CA TYR J 152 19.81 45.02 21.07
C TYR J 152 19.81 46.10 20.00
N LYS J 153 19.52 47.36 20.36
CA LYS J 153 19.53 48.44 19.38
C LYS J 153 20.85 48.54 18.61
N ASP J 154 21.93 48.03 19.19
CA ASP J 154 23.23 48.12 18.53
C ASP J 154 23.35 47.14 17.38
N ARG J 155 22.64 46.02 17.46
CA ARG J 155 22.75 44.96 16.48
C ARG J 155 21.48 44.78 15.65
N VAL J 156 20.35 45.37 16.08
CA VAL J 156 19.06 45.14 15.46
C VAL J 156 18.47 46.48 15.07
N LYS J 157 18.30 46.70 13.77
CA LYS J 157 17.80 47.97 13.26
C LYS J 157 16.30 47.97 13.00
N TYR J 158 15.69 46.81 12.79
CA TYR J 158 14.29 46.72 12.38
C TYR J 158 13.49 46.03 13.46
N TRP J 159 12.55 46.75 14.05
CA TRP J 159 11.71 46.21 15.09
C TRP J 159 10.26 46.25 14.65
N ILE J 160 9.53 45.19 14.97
CA ILE J 160 8.10 45.09 14.72
C ILE J 160 7.43 44.93 16.07
N THR J 161 6.46 45.80 16.36
CA THR J 161 5.82 45.76 17.67
C THR J 161 4.92 44.55 17.81
N PHE J 162 4.10 44.29 16.81
CA PHE J 162 3.10 43.23 16.86
C PHE J 162 3.06 42.51 15.53
N ASN J 163 2.69 41.23 15.57
CA ASN J 163 2.42 40.46 14.38
C ASN J 163 0.93 40.13 14.32
N GLU J 164 0.25 40.57 13.25
CA GLU J 164 -1.13 40.24 12.93
C GLU J 164 -2.09 40.51 14.08
N PRO J 165 -2.30 41.78 14.46
CA PRO J 165 -3.30 42.12 15.48
C PRO J 165 -4.68 41.55 15.24
N TYR J 166 -5.11 41.41 13.98
CA TYR J 166 -6.40 40.80 13.70
C TYR J 166 -6.51 39.40 14.33
N CYS J 167 -5.45 38.59 14.22
CA CYS J 167 -5.49 37.25 14.80
C CYS J 167 -5.46 37.31 16.32
N ILE J 168 -4.53 38.09 16.88
CA ILE J 168 -4.41 38.20 18.34
C ILE J 168 -5.78 38.49 18.93
N ALA J 169 -6.49 39.47 18.34
CA ALA J 169 -7.80 39.84 18.86
C ALA J 169 -8.89 38.84 18.45
N PHE J 170 -9.12 38.64 17.15
CA PHE J 170 -10.35 37.94 16.78
C PHE J 170 -10.20 36.43 16.88
N LEU J 171 -9.10 35.88 16.35
CA LEU J 171 -8.84 34.45 16.50
C LEU J 171 -8.58 34.08 17.96
N GLY J 172 -8.03 35.00 18.75
CA GLY J 172 -7.68 34.63 20.10
C GLY J 172 -8.78 34.91 21.10
N HIS J 173 -9.68 35.83 20.78
CA HIS J 173 -10.67 36.27 21.75
C HIS J 173 -12.10 36.34 21.23
N TRP J 174 -12.31 36.13 19.94
CA TRP J 174 -13.66 36.01 19.39
C TRP J 174 -13.94 34.59 18.94
N HIS J 175 -13.16 34.05 18.02
CA HIS J 175 -13.44 32.68 17.59
C HIS J 175 -12.94 31.65 18.59
N GLY J 176 -11.91 31.98 19.38
CA GLY J 176 -11.33 31.04 20.32
C GLY J 176 -10.50 29.94 19.70
N VAL J 177 -10.17 30.01 18.42
CA VAL J 177 -9.33 28.98 17.82
C VAL J 177 -7.85 29.20 18.06
N HIS J 178 -7.47 30.37 18.60
CA HIS J 178 -6.11 30.65 19.03
C HIS J 178 -6.10 30.93 20.52
N ALA J 179 -4.92 30.75 21.10
CA ALA J 179 -4.73 31.20 22.48
C ALA J 179 -5.10 32.68 22.59
N PRO J 180 -5.70 33.11 23.70
CA PRO J 180 -6.01 32.34 24.90
C PRO J 180 -7.31 31.57 24.81
N GLY J 181 -7.98 31.55 23.66
CA GLY J 181 -9.19 30.76 23.50
C GLY J 181 -10.47 31.39 24.00
N ILE J 182 -10.51 32.68 24.17
CA ILE J 182 -11.72 33.34 24.61
C ILE J 182 -12.62 33.56 23.40
N LYS J 183 -13.95 33.65 23.64
CA LYS J 183 -14.96 33.76 22.58
C LYS J 183 -15.92 34.90 22.92
N ASP J 184 -15.48 36.14 22.70
CA ASP J 184 -16.38 37.27 22.97
C ASP J 184 -15.95 38.47 22.12
N PHE J 185 -16.84 38.89 21.22
CA PHE J 185 -16.50 39.94 20.26
C PHE J 185 -16.16 41.26 20.96
N LYS J 186 -16.83 41.58 22.08
CA LYS J 186 -16.52 42.84 22.74
C LYS J 186 -15.14 42.79 23.38
N VAL J 187 -14.77 41.66 23.95
CA VAL J 187 -13.42 41.52 24.47
C VAL J 187 -12.42 41.78 23.35
N ALA J 188 -12.67 41.22 22.17
CA ALA J 188 -11.70 41.30 21.08
C ALA J 188 -11.48 42.73 20.62
N ILE J 189 -12.52 43.56 20.66
CA ILE J 189 -12.34 44.97 20.27
C ILE J 189 -11.46 45.68 21.28
N ASP J 190 -11.70 45.44 22.57
CA ASP J 190 -10.80 45.93 23.62
C ASP J 190 -9.37 45.48 23.38
N VAL J 191 -9.19 44.24 22.92
CA VAL J 191 -7.85 43.73 22.62
C VAL J 191 -7.23 44.56 21.51
N VAL J 192 -8.00 44.83 20.45
CA VAL J 192 -7.52 45.68 19.36
C VAL J 192 -7.00 46.99 19.93
N HIS J 193 -7.79 47.62 20.81
CA HIS J 193 -7.43 48.94 21.31
C HIS J 193 -6.13 48.89 22.11
N ASN J 194 -6.02 47.93 23.02
CA ASN J 194 -4.84 47.87 23.88
C ASN J 194 -3.56 47.54 23.10
N ILE J 195 -3.70 46.79 22.01
CA ILE J 195 -2.58 46.57 21.11
C ILE J 195 -2.17 47.88 20.44
N MET J 196 -3.15 48.70 20.05
CA MET J 196 -2.81 49.95 19.38
C MET J 196 -2.14 50.92 20.33
N LEU J 197 -2.67 51.04 21.55
CA LEU J 197 -2.00 51.88 22.54
C LEU J 197 -0.59 51.39 22.80
N SER J 198 -0.42 50.06 22.91
CA SER J 198 0.89 49.49 23.15
C SER J 198 1.85 49.85 22.02
N HIS J 199 1.40 49.67 20.77
CA HIS J 199 2.22 50.04 19.62
C HIS J 199 2.64 51.50 19.72
N PHE J 200 1.66 52.41 19.82
CA PHE J 200 1.96 53.84 19.88
C PHE J 200 2.97 54.18 20.97
N LYS J 201 2.74 53.66 22.19
CA LYS J 201 3.61 53.95 23.32
C LYS J 201 5.06 53.56 23.03
N VAL J 202 5.27 52.40 22.41
CA VAL J 202 6.63 52.00 22.04
C VAL J 202 7.18 52.90 20.93
N VAL J 203 6.40 53.16 19.88
CA VAL J 203 6.90 53.98 18.77
C VAL J 203 7.33 55.35 19.28
N LYS J 204 6.53 55.92 20.19
CA LYS J 204 6.83 57.24 20.76
C LYS J 204 8.13 57.20 21.56
N ALA J 205 8.30 56.18 22.40
CA ALA J 205 9.52 56.09 23.19
C ALA J 205 10.75 55.98 22.28
N VAL J 206 10.65 55.20 21.20
CA VAL J 206 11.75 55.08 20.27
C VAL J 206 12.15 56.44 19.72
N LYS J 207 11.17 57.27 19.38
CA LYS J 207 11.48 58.55 18.77
C LYS J 207 11.92 59.60 19.81
N GLU J 208 11.31 59.62 21.01
CA GLU J 208 11.68 60.63 21.99
C GLU J 208 13.08 60.39 22.53
N ASN J 209 13.35 59.16 22.99
CA ASN J 209 14.69 58.77 23.42
C ASN J 209 15.71 58.73 22.28
N ASN J 210 15.29 59.03 21.04
CA ASN J 210 16.21 59.16 19.91
C ASN J 210 17.03 57.89 19.71
N ILE J 211 16.33 56.78 19.59
CA ILE J 211 16.96 55.49 19.35
C ILE J 211 17.07 55.28 17.85
N ASP J 212 18.28 54.97 17.38
CA ASP J 212 18.47 54.78 15.94
C ASP J 212 18.06 53.35 15.57
N VAL J 213 16.74 53.16 15.48
CA VAL J 213 16.16 51.94 14.96
C VAL J 213 14.92 52.33 14.17
N GLU J 214 14.50 51.45 13.26
CA GLU J 214 13.23 51.59 12.57
C GLU J 214 12.25 50.63 13.23
N VAL J 215 11.10 51.15 13.67
CA VAL J 215 10.08 50.32 14.29
C VAL J 215 8.82 50.41 13.45
N GLY J 216 8.18 49.27 13.21
CA GLY J 216 6.93 49.22 12.49
C GLY J 216 5.94 48.23 13.10
N ILE J 217 4.96 47.81 12.31
CA ILE J 217 3.97 46.82 12.73
C ILE J 217 3.58 45.96 11.54
N THR J 218 3.39 44.67 11.77
CA THR J 218 3.01 43.75 10.71
C THR J 218 1.51 43.49 10.76
N LEU J 219 0.82 43.81 9.67
CA LEU J 219 -0.60 43.49 9.52
C LEU J 219 -0.77 42.43 8.44
N ASN J 220 -1.66 41.48 8.70
CA ASN J 220 -2.15 40.55 7.69
C ASN J 220 -3.30 41.23 6.95
N LEU J 221 -3.15 41.43 5.65
CA LEU J 221 -4.12 42.13 4.84
C LEU J 221 -4.68 41.21 3.78
N THR J 222 -5.97 41.36 3.49
CA THR J 222 -6.70 40.51 2.57
C THR J 222 -7.45 41.41 1.59
N PRO J 223 -7.03 41.47 0.33
CA PRO J 223 -7.80 42.27 -0.64
C PRO J 223 -9.13 41.58 -0.96
N VAL J 224 -10.21 42.34 -0.87
CA VAL J 224 -11.55 41.79 -0.99
C VAL J 224 -12.12 42.15 -2.35
N TYR J 225 -12.92 41.22 -2.90
CA TYR J 225 -13.41 41.29 -4.27
C TYR J 225 -14.87 40.87 -4.31
N LEU J 226 -15.67 41.57 -5.10
CA LEU J 226 -17.09 41.31 -5.18
C LEU J 226 -17.32 40.19 -6.20
N GLN J 227 -18.04 39.16 -5.77
CA GLN J 227 -18.42 38.11 -6.71
C GLN J 227 -19.33 38.67 -7.79
N THR J 228 -20.18 39.64 -7.42
CA THR J 228 -21.03 40.32 -8.40
C THR J 228 -20.23 40.82 -9.59
N GLU J 229 -19.05 41.40 -9.33
CA GLU J 229 -18.24 41.94 -10.42
C GLU J 229 -17.52 40.84 -11.18
N ARG J 230 -17.19 39.73 -10.52
CA ARG J 230 -16.66 38.58 -11.26
C ARG J 230 -17.68 38.04 -12.26
N LEU J 231 -18.97 38.08 -11.89
CA LEU J 231 -20.04 37.65 -12.77
C LEU J 231 -20.48 38.74 -13.74
N GLY J 232 -19.94 39.95 -13.59
CA GLY J 232 -20.37 41.03 -14.45
C GLY J 232 -21.77 41.51 -14.20
N TYR J 233 -22.32 41.29 -13.02
CA TYR J 233 -23.64 41.86 -12.75
C TYR J 233 -23.48 43.29 -12.27
N LYS J 234 -24.60 43.99 -12.14
CA LYS J 234 -24.57 45.34 -11.60
C LYS J 234 -24.58 45.27 -10.08
N VAL J 235 -23.60 45.91 -9.45
CA VAL J 235 -23.45 45.86 -8.00
C VAL J 235 -24.49 46.75 -7.34
N SER J 236 -25.22 46.16 -6.40
CA SER J 236 -26.25 46.86 -5.66
C SER J 236 -25.65 47.92 -4.74
N GLU J 237 -26.51 48.84 -4.31
CA GLU J 237 -26.11 49.82 -3.30
C GLU J 237 -25.72 49.12 -2.01
N ILE J 238 -26.66 48.35 -1.45
CA ILE J 238 -26.48 47.74 -0.14
C ILE J 238 -25.34 46.72 -0.16
N GLU J 239 -25.14 46.03 -1.30
CA GLU J 239 -24.07 45.05 -1.38
C GLU J 239 -22.71 45.71 -1.23
N ARG J 240 -22.43 46.75 -2.03
CA ARG J 240 -21.15 47.44 -1.91
C ARG J 240 -20.94 47.99 -0.52
N GLU J 241 -21.98 48.56 0.08
CA GLU J 241 -21.84 49.08 1.44
C GLU J 241 -21.48 47.96 2.41
N MET J 242 -22.25 46.87 2.39
CA MET J 242 -22.03 45.76 3.30
C MET J 242 -20.69 45.09 3.05
N VAL J 243 -20.34 44.85 1.79
CA VAL J 243 -19.07 44.19 1.52
C VAL J 243 -17.91 45.06 1.98
N ASN J 244 -18.02 46.38 1.81
CA ASN J 244 -16.96 47.28 2.26
C ASN J 244 -16.82 47.26 3.77
N LEU J 245 -17.94 47.23 4.48
CA LEU J 245 -17.90 47.06 5.92
C LEU J 245 -17.12 45.81 6.31
N SER J 246 -17.53 44.66 5.75
CA SER J 246 -16.89 43.39 6.08
C SER J 246 -15.39 43.43 5.85
N SER J 247 -14.93 44.19 4.87
CA SER J 247 -13.50 44.25 4.61
C SER J 247 -12.78 45.27 5.47
N GLN J 248 -13.49 46.28 5.98
CA GLN J 248 -12.88 47.18 6.93
C GLN J 248 -12.43 46.44 8.18
N LEU J 249 -13.25 45.48 8.65
CA LEU J 249 -12.88 44.67 9.81
C LEU J 249 -11.58 43.91 9.59
N ASP J 250 -11.33 43.43 8.36
CA ASP J 250 -10.08 42.75 8.08
C ASP J 250 -8.92 43.73 7.97
N ASN J 251 -9.13 44.89 7.34
CA ASN J 251 -8.02 45.69 6.86
C ASN J 251 -7.97 47.08 7.49
N GLU J 252 -8.99 47.92 7.24
CA GLU J 252 -8.96 49.31 7.68
C GLU J 252 -8.98 49.42 9.20
N LEU J 253 -9.57 48.44 9.90
CA LEU J 253 -9.61 48.51 11.36
C LEU J 253 -8.21 48.59 11.95
N PHE J 254 -7.20 48.18 11.21
CA PHE J 254 -5.84 48.20 11.69
C PHE J 254 -4.94 49.12 10.88
N LEU J 255 -5.20 49.30 9.59
CA LEU J 255 -4.39 50.24 8.83
C LEU J 255 -4.74 51.68 9.19
N ASP J 256 -6.01 51.95 9.56
CA ASP J 256 -6.40 53.33 9.82
C ASP J 256 -5.78 53.85 11.11
N PRO J 257 -5.94 53.18 12.27
CA PRO J 257 -5.27 53.68 13.49
C PRO J 257 -3.76 53.78 13.33
N VAL J 258 -3.13 52.79 12.68
CA VAL J 258 -1.68 52.73 12.61
C VAL J 258 -1.12 53.79 11.67
N LEU J 259 -1.83 54.12 10.58
CA LEU J 259 -1.30 55.03 9.57
C LEU J 259 -2.03 56.38 9.49
N LYS J 260 -3.27 56.47 9.99
CA LYS J 260 -4.04 57.71 9.90
C LYS J 260 -4.56 58.18 11.26
N GLY J 261 -4.29 57.47 12.35
CA GLY J 261 -4.68 57.95 13.65
C GLY J 261 -6.16 57.95 13.93
N ASN J 262 -6.91 57.03 13.33
CA ASN J 262 -8.32 56.90 13.70
C ASN J 262 -8.83 55.51 13.29
N TYR J 263 -9.90 55.09 13.93
CA TYR J 263 -10.54 53.86 13.48
C TYR J 263 -11.52 54.16 12.35
N PRO J 264 -11.74 53.22 11.42
CA PRO J 264 -12.74 53.46 10.36
C PRO J 264 -14.13 53.71 10.95
N GLN J 265 -14.73 54.84 10.54
CA GLN J 265 -15.96 55.29 11.22
C GLN J 265 -17.22 54.56 10.71
N LYS J 266 -17.26 54.20 9.42
CA LYS J 266 -18.42 53.46 8.94
C LYS J 266 -18.56 52.14 9.68
N LEU J 267 -17.47 51.39 9.78
CA LEU J 267 -17.47 50.15 10.56
C LEU J 267 -17.91 50.38 12.00
N PHE J 268 -17.34 51.41 12.65
CA PHE J 268 -17.69 51.66 14.05
C PHE J 268 -19.16 52.00 14.19
N ASP J 269 -19.68 52.85 13.29
CA ASP J 269 -21.12 53.14 13.27
C ASP J 269 -21.93 51.86 13.24
N TYR J 270 -21.63 51.00 12.26
CA TYR J 270 -22.37 49.76 12.10
C TYR J 270 -22.29 48.91 13.37
N LEU J 271 -21.08 48.80 13.95
CA LEU J 271 -20.89 47.92 15.10
C LEU J 271 -21.72 48.40 16.29
N VAL J 272 -21.76 49.72 16.51
CA VAL J 272 -22.64 50.28 17.55
C VAL J 272 -24.11 50.05 17.19
N GLN J 273 -24.48 50.23 15.92
CA GLN J 273 -25.88 50.05 15.52
C GLN J 273 -26.35 48.61 15.60
N LYS J 274 -25.46 47.64 15.84
CA LYS J 274 -25.87 46.26 16.07
C LYS J 274 -25.60 45.81 17.49
N ASP J 275 -25.20 46.74 18.38
CA ASP J 275 -24.86 46.42 19.77
C ASP J 275 -23.72 45.40 19.83
N LEU J 276 -22.73 45.57 18.94
CA LEU J 276 -21.47 44.84 19.01
C LEU J 276 -20.35 45.70 19.56
N LEU J 277 -20.67 46.93 19.97
CA LEU J 277 -19.70 47.88 20.48
C LEU J 277 -20.49 48.99 21.16
N GLU J 278 -20.14 49.30 22.40
CA GLU J 278 -20.82 50.35 23.15
C GLU J 278 -20.42 51.73 22.61
N ALA J 279 -21.39 52.61 22.50
CA ALA J 279 -21.12 53.92 21.90
C ALA J 279 -20.07 54.68 22.69
N GLN J 280 -20.07 54.52 24.02
CA GLN J 280 -19.07 55.18 24.84
C GLN J 280 -17.67 54.65 24.52
N LYS J 281 -17.52 53.32 24.50
CA LYS J 281 -16.24 52.73 24.12
C LYS J 281 -15.81 53.21 22.74
N ALA J 282 -16.75 53.30 21.81
CA ALA J 282 -16.41 53.69 20.45
C ALA J 282 -15.85 55.11 20.41
N LEU J 283 -16.44 56.03 21.17
CA LEU J 283 -15.93 57.41 21.09
C LEU J 283 -14.66 57.59 21.91
N SER J 284 -14.55 56.94 23.08
CA SER J 284 -13.31 57.01 23.82
C SER J 284 -12.16 56.41 23.02
N MET J 285 -12.40 55.27 22.34
CA MET J 285 -11.35 54.67 21.54
C MET J 285 -10.82 55.65 20.49
N GLN J 286 -11.75 56.33 19.80
CA GLN J 286 -11.33 57.26 18.75
C GLN J 286 -10.56 58.43 19.35
N GLN J 287 -11.00 58.92 20.51
CA GLN J 287 -10.27 59.95 21.23
C GLN J 287 -8.86 59.49 21.59
N GLU J 288 -8.75 58.29 22.17
CA GLU J 288 -7.46 57.84 22.66
C GLU J 288 -6.46 57.61 21.53
N VAL J 289 -6.94 57.24 20.35
CA VAL J 289 -6.02 57.00 19.25
C VAL J 289 -5.58 58.32 18.64
N LYS J 290 -6.51 59.27 18.52
CA LYS J 290 -6.16 60.60 18.02
C LYS J 290 -5.17 61.29 18.93
N GLU J 291 -5.33 61.11 20.25
CA GLU J 291 -4.40 61.71 21.20
C GLU J 291 -3.04 61.02 21.25
N ASN J 292 -2.98 59.72 20.95
CA ASN J 292 -1.74 58.97 21.07
C ASN J 292 -1.13 58.60 19.73
N PHE J 293 -1.78 58.95 18.63
CA PHE J 293 -1.33 58.47 17.33
C PHE J 293 0.08 58.94 17.05
N ILE J 294 0.88 58.06 16.49
CA ILE J 294 2.19 58.46 15.97
C ILE J 294 2.54 57.54 14.80
N PHE J 295 3.01 58.13 13.72
CA PHE J 295 3.28 57.39 12.49
C PHE J 295 4.51 56.49 12.67
N PRO J 296 4.43 55.24 12.21
CA PRO J 296 5.57 54.30 12.37
C PRO J 296 6.63 54.51 11.29
N ASP J 297 7.70 53.73 11.39
CA ASP J 297 8.78 53.88 10.43
C ASP J 297 8.58 53.03 9.19
N PHE J 298 7.81 51.94 9.29
CA PHE J 298 7.47 51.13 8.12
C PHE J 298 6.22 50.34 8.45
N LEU J 299 5.55 49.89 7.39
CA LEU J 299 4.43 48.97 7.50
C LEU J 299 4.90 47.60 7.03
N GLY J 300 4.65 46.58 7.86
CA GLY J 300 4.91 45.21 7.49
C GLY J 300 3.59 44.57 7.06
N ILE J 301 3.62 43.88 5.92
CA ILE J 301 2.43 43.27 5.34
C ILE J 301 2.62 41.77 5.25
N ASN J 302 1.71 41.02 5.85
CA ASN J 302 1.58 39.59 5.61
C ASN J 302 0.49 39.40 4.58
N TYR J 303 0.85 38.82 3.42
CA TYR J 303 -0.11 38.54 2.36
C TYR J 303 -0.01 37.07 1.96
N TYR J 304 -1.15 36.42 1.82
CA TYR J 304 -1.26 35.04 1.37
C TYR J 304 -2.31 34.86 0.29
N THR J 305 -3.46 35.51 0.42
CA THR J 305 -4.53 35.31 -0.55
C THR J 305 -5.49 36.49 -0.50
N ARG J 306 -6.57 36.36 -1.24
CA ARG J 306 -7.65 37.34 -1.26
C ARG J 306 -8.92 36.69 -0.72
N ALA J 307 -9.98 37.49 -0.70
CA ALA J 307 -11.34 37.02 -0.44
C ALA J 307 -12.20 37.46 -1.59
N VAL J 308 -13.29 36.72 -1.81
CA VAL J 308 -14.34 37.10 -2.75
C VAL J 308 -15.65 37.01 -1.99
N ARG J 309 -16.42 38.11 -1.97
CA ARG J 309 -17.58 38.21 -1.09
C ARG J 309 -18.79 38.72 -1.83
N LEU J 310 -19.97 38.47 -1.25
CA LEU J 310 -21.24 38.89 -1.82
C LEU J 310 -22.26 39.06 -0.70
N TYR J 311 -23.27 39.89 -0.97
CA TYR J 311 -24.30 40.20 -0.01
C TYR J 311 -25.23 39.00 0.19
N ASP J 312 -25.57 38.71 1.44
CA ASP J 312 -26.57 37.70 1.76
C ASP J 312 -27.27 38.13 3.04
N GLU J 313 -28.51 38.57 2.91
CA GLU J 313 -29.27 39.01 4.07
C GLU J 313 -29.32 37.96 5.16
N ASN J 314 -29.30 36.69 4.79
CA ASN J 314 -29.43 35.62 5.78
C ASN J 314 -28.09 34.94 5.98
N SER J 315 -27.11 35.71 6.43
CA SER J 315 -25.80 35.18 6.78
C SER J 315 -25.69 35.13 8.30
N SER J 316 -24.89 34.18 8.79
CA SER J 316 -24.61 34.10 10.22
C SER J 316 -23.45 34.98 10.65
N TRP J 317 -22.74 35.60 9.71
CA TRP J 317 -21.63 36.48 10.03
C TRP J 317 -22.13 37.78 10.66
N ILE J 318 -21.21 38.57 11.21
CA ILE J 318 -21.63 39.82 11.83
C ILE J 318 -22.11 40.80 10.78
N PHE J 319 -21.60 40.70 9.56
CA PHE J 319 -22.06 41.40 8.37
C PHE J 319 -22.86 40.43 7.51
N PRO J 320 -23.91 40.93 6.84
CA PRO J 320 -24.70 40.07 5.93
C PRO J 320 -23.96 39.73 4.65
N ILE J 321 -22.94 38.86 4.72
CA ILE J 321 -22.12 38.53 3.55
C ILE J 321 -21.79 37.05 3.55
N ARG J 322 -21.45 36.54 2.36
CA ARG J 322 -20.98 35.18 2.16
C ARG J 322 -19.68 35.20 1.38
N TRP J 323 -18.90 34.13 1.50
CA TRP J 323 -17.68 33.98 0.72
C TRP J 323 -17.94 33.11 -0.49
N GLU J 324 -17.15 33.32 -1.54
CA GLU J 324 -17.21 32.53 -2.76
C GLU J 324 -15.83 31.98 -3.06
N HIS J 325 -15.78 30.91 -3.84
CA HIS J 325 -14.52 30.28 -4.18
C HIS J 325 -14.35 30.31 -5.69
N PRO J 326 -13.52 31.21 -6.21
CA PRO J 326 -13.23 31.19 -7.65
C PRO J 326 -12.38 29.99 -8.01
N ALA J 327 -12.57 29.50 -9.23
CA ALA J 327 -11.72 28.44 -9.72
C ALA J 327 -10.27 28.90 -9.74
N GLY J 328 -9.36 27.97 -9.52
CA GLY J 328 -7.95 28.28 -9.59
C GLY J 328 -7.17 27.28 -8.75
N GLU J 329 -5.88 27.60 -8.57
CA GLU J 329 -5.02 26.77 -7.74
C GLU J 329 -5.19 27.16 -6.27
N TYR J 330 -5.15 26.15 -5.39
CA TYR J 330 -5.28 26.35 -3.96
C TYR J 330 -4.22 25.54 -3.25
N THR J 331 -3.81 26.02 -2.07
CA THR J 331 -2.79 25.36 -1.25
C THR J 331 -3.43 24.39 -0.27
N GLU J 332 -2.58 23.73 0.53
CA GLU J 332 -3.07 22.86 1.58
C GLU J 332 -3.83 23.61 2.67
N MET J 333 -3.72 24.94 2.71
CA MET J 333 -4.51 25.76 3.64
C MET J 333 -5.91 26.01 3.14
N GLY J 334 -6.21 25.63 1.90
CA GLY J 334 -7.44 26.04 1.27
C GLY J 334 -7.43 27.48 0.79
N TRP J 335 -6.25 28.04 0.53
CA TRP J 335 -6.10 29.44 0.16
C TRP J 335 -5.92 29.57 -1.35
N GLU J 336 -6.68 30.48 -1.93
CA GLU J 336 -6.56 30.76 -3.36
C GLU J 336 -5.20 31.35 -3.67
N VAL J 337 -4.49 30.74 -4.63
CA VAL J 337 -3.21 31.22 -5.13
C VAL J 337 -3.51 32.38 -6.09
N PHE J 338 -3.32 33.62 -5.63
CA PHE J 338 -3.79 34.81 -6.36
C PHE J 338 -2.73 35.90 -6.32
N PRO J 339 -1.57 35.67 -6.95
CA PRO J 339 -0.49 36.67 -6.87
C PRO J 339 -0.91 38.06 -7.34
N GLN J 340 -1.98 38.17 -8.12
CA GLN J 340 -2.45 39.47 -8.57
C GLN J 340 -2.86 40.34 -7.38
N GLY J 341 -3.52 39.73 -6.39
CA GLY J 341 -3.91 40.45 -5.19
C GLY J 341 -2.78 41.10 -4.44
N LEU J 342 -1.55 40.59 -4.57
CA LEU J 342 -0.41 41.23 -3.92
C LEU J 342 -0.12 42.58 -4.57
N PHE J 343 -0.01 42.60 -5.90
CA PHE J 343 0.05 43.85 -6.65
C PHE J 343 -1.15 44.73 -6.34
N ASP J 344 -2.36 44.17 -6.36
CA ASP J 344 -3.54 44.98 -6.14
C ASP J 344 -3.52 45.63 -4.75
N LEU J 345 -3.03 44.88 -3.76
CA LEU J 345 -2.99 45.38 -2.40
C LEU J 345 -1.92 46.45 -2.25
N LEU J 346 -0.71 46.15 -2.74
CA LEU J 346 0.40 47.09 -2.64
C LEU J 346 0.09 48.42 -3.31
N MET J 347 -0.73 48.40 -4.37
CA MET J 347 -1.17 49.65 -4.98
C MET J 347 -2.23 50.33 -4.14
N TRP J 348 -3.29 49.61 -3.77
CA TRP J 348 -4.31 50.18 -2.91
C TRP J 348 -3.71 50.87 -1.68
N ILE J 349 -2.63 50.32 -1.13
CA ILE J 349 -2.00 50.97 0.04
C ILE J 349 -1.36 52.29 -0.37
N LYS J 350 -0.43 52.21 -1.34
CA LYS J 350 0.26 53.36 -1.91
C LYS J 350 -0.67 54.52 -2.28
N GLU J 351 -1.92 54.22 -2.61
CA GLU J 351 -2.87 55.24 -3.07
C GLU J 351 -3.96 55.55 -2.05
N ASN J 352 -3.87 55.04 -0.83
CA ASN J 352 -4.90 55.33 0.17
C ASN J 352 -4.36 55.67 1.54
N TYR J 353 -3.04 55.58 1.75
CA TYR J 353 -2.43 55.84 3.05
C TYR J 353 -1.17 56.66 2.87
N PRO J 354 -0.81 57.46 3.89
CA PRO J 354 0.40 58.29 3.78
C PRO J 354 1.62 57.48 3.34
N GLN J 355 2.56 58.18 2.71
CA GLN J 355 3.78 57.52 2.24
C GLN J 355 4.42 56.75 3.37
N ILE J 356 4.84 55.52 3.08
CA ILE J 356 5.54 54.71 4.07
C ILE J 356 6.26 53.59 3.35
N PRO J 357 7.48 53.25 3.76
CA PRO J 357 8.09 52.00 3.30
C PRO J 357 7.22 50.81 3.70
N ILE J 358 7.09 49.87 2.77
CA ILE J 358 6.37 48.63 3.01
C ILE J 358 7.38 47.49 2.95
N TYR J 359 7.27 46.57 3.91
CA TYR J 359 7.98 45.31 3.89
C TYR J 359 6.95 44.19 3.80
N ILE J 360 7.11 43.30 2.82
CA ILE J 360 6.34 42.07 2.84
C ILE J 360 7.01 41.19 3.89
N THR J 361 6.36 41.06 5.04
CA THR J 361 6.98 40.37 6.16
C THR J 361 6.61 38.90 6.21
N GLU J 362 5.57 38.48 5.49
CA GLU J 362 5.26 37.05 5.32
C GLU J 362 4.62 36.86 3.96
N ASN J 363 5.08 35.85 3.25
CA ASN J 363 4.36 35.33 2.10
C ASN J 363 4.94 33.95 1.79
N GLY J 364 4.07 33.03 1.42
CA GLY J 364 4.46 31.65 1.23
C GLY J 364 3.22 30.80 1.06
N ALA J 365 3.45 29.48 1.00
CA ALA J 365 2.38 28.54 0.73
C ALA J 365 2.74 27.18 1.34
N ALA J 366 1.71 26.47 1.81
CA ALA J 366 1.87 25.14 2.37
C ALA J 366 1.51 24.11 1.31
N TYR J 367 2.42 23.17 1.03
CA TYR J 367 2.17 22.07 0.12
C TYR J 367 2.63 20.78 0.79
N ASN J 368 2.06 19.65 0.34
CA ASN J 368 2.21 18.35 1.02
C ASN J 368 3.53 17.69 0.65
N ASP J 369 4.61 18.24 1.18
CA ASP J 369 5.95 17.86 0.76
C ASP J 369 6.30 16.43 1.18
N ILE J 370 6.80 15.65 0.24
CA ILE J 370 7.33 14.33 0.54
C ILE J 370 8.83 14.31 0.22
N VAL J 371 9.59 13.64 1.07
CA VAL J 371 11.02 13.50 0.89
C VAL J 371 11.27 12.25 0.05
N THR J 372 12.00 12.41 -1.05
CA THR J 372 12.29 11.30 -1.94
C THR J 372 13.34 10.37 -1.33
N GLU J 373 13.53 9.23 -1.97
CA GLU J 373 14.50 8.25 -1.48
C GLU J 373 15.92 8.78 -1.57
N ASP J 374 16.20 9.63 -2.56
CA ASP J 374 17.51 10.26 -2.71
C ASP J 374 17.69 11.46 -1.79
N GLY J 375 16.68 11.80 -0.98
CA GLY J 375 16.80 12.88 -0.04
C GLY J 375 16.43 14.26 -0.55
N LYS J 376 15.69 14.34 -1.65
CA LYS J 376 15.25 15.61 -2.20
C LYS J 376 13.81 15.89 -1.76
N VAL J 377 13.32 17.08 -2.11
CA VAL J 377 11.93 17.47 -1.92
C VAL J 377 11.60 18.37 -3.10
N HIS J 378 10.77 17.87 -4.02
CA HIS J 378 10.62 18.53 -5.32
C HIS J 378 9.39 19.43 -5.31
N ASP J 379 9.44 20.46 -4.46
CA ASP J 379 8.28 21.35 -4.26
C ASP J 379 8.18 22.38 -5.39
N SER J 380 7.93 21.88 -6.60
CA SER J 380 7.80 22.74 -7.77
C SER J 380 6.61 23.68 -7.67
N LYS J 381 5.52 23.22 -7.04
CA LYS J 381 4.32 24.05 -6.90
C LYS J 381 4.57 25.23 -5.96
N ARG J 382 5.41 25.05 -4.95
CA ARG J 382 5.84 26.17 -4.12
C ARG J 382 6.71 27.13 -4.92
N ILE J 383 7.71 26.59 -5.63
CA ILE J 383 8.60 27.42 -6.44
C ILE J 383 7.79 28.27 -7.41
N GLU J 384 6.72 27.71 -7.95
CA GLU J 384 5.91 28.50 -8.87
C GLU J 384 5.08 29.54 -8.14
N TYR J 385 4.67 29.25 -6.90
CA TYR J 385 3.97 30.25 -6.08
C TYR J 385 4.86 31.46 -5.82
N LEU J 386 6.10 31.21 -5.37
CA LEU J 386 7.03 32.30 -5.05
C LEU J 386 7.40 33.10 -6.28
N LYS J 387 7.88 32.40 -7.32
CA LYS J 387 8.18 33.02 -8.61
C LYS J 387 7.12 34.03 -9.02
N GLN J 388 5.85 33.64 -8.92
CA GLN J 388 4.77 34.50 -9.39
C GLN J 388 4.50 35.66 -8.45
N HIS J 389 4.75 35.48 -7.16
CA HIS J 389 4.51 36.56 -6.23
C HIS J 389 5.66 37.54 -6.25
N PHE J 390 6.90 37.03 -6.28
CA PHE J 390 8.06 37.87 -6.54
C PHE J 390 7.79 38.79 -7.72
N ASP J 391 7.27 38.23 -8.82
CA ASP J 391 6.99 39.01 -10.01
C ASP J 391 6.02 40.13 -9.73
N GLN J 392 4.97 39.86 -8.95
CA GLN J 392 4.00 40.89 -8.69
C GLN J 392 4.56 41.94 -7.74
N ALA J 393 5.60 41.59 -6.97
CA ALA J 393 6.26 42.58 -6.15
C ALA J 393 7.10 43.50 -7.01
N ARG J 394 7.96 42.91 -7.85
CA ARG J 394 8.69 43.67 -8.86
C ARG J 394 7.75 44.56 -9.68
N LYS J 395 6.57 44.05 -10.04
CA LYS J 395 5.64 44.84 -10.82
C LYS J 395 5.08 46.01 -10.03
N ALA J 396 4.83 45.82 -8.73
CA ALA J 396 4.38 46.93 -7.89
C ALA J 396 5.51 47.91 -7.60
N ILE J 397 6.75 47.41 -7.57
CA ILE J 397 7.90 48.30 -7.53
C ILE J 397 7.89 49.23 -8.73
N GLU J 398 7.93 48.66 -9.94
CA GLU J 398 7.97 49.44 -11.18
C GLU J 398 6.77 50.35 -11.34
N ASN J 399 5.77 50.23 -10.46
CA ASN J 399 4.71 51.21 -10.38
C ASN J 399 4.86 52.10 -9.15
N GLY J 400 6.08 52.18 -8.60
CA GLY J 400 6.42 53.17 -7.60
C GLY J 400 6.04 52.88 -6.17
N VAL J 401 5.61 51.66 -5.84
CA VAL J 401 5.33 51.32 -4.45
C VAL J 401 6.65 51.09 -3.73
N ASP J 402 6.75 51.57 -2.49
CA ASP J 402 8.04 51.63 -1.78
C ASP J 402 8.28 50.30 -1.05
N LEU J 403 8.77 49.31 -1.80
CA LEU J 403 8.97 47.98 -1.27
C LEU J 403 10.44 47.80 -0.95
N ARG J 404 10.75 47.64 0.33
CA ARG J 404 12.13 47.47 0.70
C ARG J 404 12.51 46.04 0.99
N GLY J 405 11.57 45.12 1.04
CA GLY J 405 11.88 43.79 1.53
C GLY J 405 10.76 42.80 1.29
N TYR J 406 11.13 41.53 1.42
CA TYR J 406 10.26 40.42 1.11
C TYR J 406 10.79 39.27 1.94
N PHE J 407 10.02 38.84 2.92
CA PHE J 407 10.39 37.70 3.76
C PHE J 407 9.47 36.53 3.40
N VAL J 408 10.07 35.42 3.00
CA VAL J 408 9.32 34.21 2.69
C VAL J 408 9.00 33.49 3.98
N TRP J 409 7.70 33.25 4.22
CA TRP J 409 7.25 32.33 5.25
C TRP J 409 7.12 30.95 4.62
N SER J 410 7.89 29.98 5.11
CA SER J 410 8.80 30.11 6.22
C SER J 410 10.20 29.62 5.87
N LEU J 411 11.15 29.96 6.74
CA LEU J 411 12.50 29.41 6.61
C LEU J 411 12.47 27.89 6.66
N MET J 412 11.81 27.33 7.67
CA MET J 412 11.67 25.89 7.83
C MET J 412 10.21 25.52 8.08
N ASP J 413 9.89 24.24 7.94
CA ASP J 413 8.58 23.73 8.36
C ASP J 413 8.47 23.86 9.88
N ASN J 414 7.26 24.03 10.38
CA ASN J 414 7.07 24.38 11.79
C ASN J 414 5.63 24.14 12.23
N LEU J 415 5.38 24.43 13.51
CA LEU J 415 4.06 24.27 14.11
C LEU J 415 3.11 25.38 13.65
N GLU J 416 2.15 25.03 12.79
CA GLU J 416 1.24 25.99 12.19
C GLU J 416 -0.01 26.18 13.06
N TRP J 417 0.26 26.60 14.30
CA TRP J 417 -0.74 26.93 15.33
C TRP J 417 -1.78 25.81 15.37
N ALA J 418 -3.08 26.08 15.22
CA ALA J 418 -4.08 25.06 15.47
C ALA J 418 -4.06 23.93 14.44
N MET J 419 -3.27 24.08 13.37
CA MET J 419 -3.13 23.05 12.34
C MET J 419 -2.03 22.06 12.65
N GLY J 420 -1.31 22.26 13.76
CA GLY J 420 -0.18 21.41 14.12
C GLY J 420 0.88 21.43 13.03
N TYR J 421 1.56 20.30 12.88
CA TYR J 421 2.60 20.19 11.87
C TYR J 421 2.08 19.79 10.50
N THR J 422 0.76 19.61 10.34
CA THR J 422 0.21 19.11 9.07
C THR J 422 0.44 20.07 7.91
N LYS J 423 0.75 21.34 8.18
CA LYS J 423 0.97 22.32 7.14
C LYS J 423 2.45 22.68 7.12
N ARG J 424 3.08 22.44 5.98
CA ARG J 424 4.51 22.65 5.80
C ARG J 424 4.69 23.86 4.90
N PHE J 425 5.15 24.98 5.48
CA PHE J 425 5.42 26.22 4.77
C PHE J 425 6.90 26.42 4.45
N GLY J 426 7.80 25.66 5.07
CA GLY J 426 9.22 25.95 4.96
C GLY J 426 9.80 25.72 3.58
N ILE J 427 10.89 26.46 3.31
CA ILE J 427 11.76 26.13 2.18
C ILE J 427 12.83 25.15 2.59
N ILE J 428 12.83 24.75 3.86
CA ILE J 428 13.64 23.67 4.40
C ILE J 428 12.69 22.69 5.07
N TYR J 429 12.83 21.42 4.71
CA TYR J 429 12.00 20.36 5.28
C TYR J 429 12.57 19.96 6.61
N VAL J 430 11.72 19.83 7.62
CA VAL J 430 12.15 19.34 8.92
C VAL J 430 11.51 17.98 9.13
N ASP J 431 12.33 16.93 9.19
CA ASP J 431 11.90 15.63 9.69
C ASP J 431 11.84 15.73 11.21
N TYR J 432 10.63 15.67 11.77
CA TYR J 432 10.49 15.90 13.21
C TYR J 432 10.95 14.71 14.04
N GLU J 433 11.01 13.51 13.46
CA GLU J 433 11.57 12.38 14.20
C GLU J 433 13.03 12.61 14.53
N THR J 434 13.80 13.09 13.56
CA THR J 434 15.25 13.18 13.66
C THR J 434 15.77 14.61 13.77
N GLN J 435 14.91 15.62 13.60
CA GLN J 435 15.30 17.04 13.53
C GLN J 435 16.25 17.35 12.37
N LYS J 436 16.37 16.43 11.41
CA LYS J 436 17.12 16.72 10.19
C LYS J 436 16.50 17.92 9.48
N ARG J 437 17.35 18.84 9.06
CA ARG J 437 16.98 19.88 8.11
C ARG J 437 17.38 19.42 6.72
N ILE J 438 16.46 19.54 5.76
CA ILE J 438 16.63 19.03 4.41
C ILE J 438 16.25 20.15 3.45
N LYS J 439 17.20 20.60 2.64
CA LYS J 439 16.90 21.66 1.69
C LYS J 439 15.90 21.16 0.67
N LYS J 440 14.73 21.80 0.61
CA LYS J 440 13.81 21.57 -0.48
C LYS J 440 14.38 22.20 -1.75
N ASP J 441 13.68 21.99 -2.87
CA ASP J 441 14.06 22.64 -4.11
C ASP J 441 13.73 24.13 -4.07
N SER J 442 12.72 24.53 -3.29
CA SER J 442 12.43 25.95 -3.12
C SER J 442 13.61 26.67 -2.51
N PHE J 443 14.35 25.97 -1.64
CA PHE J 443 15.59 26.54 -1.12
C PHE J 443 16.46 27.02 -2.28
N TYR J 444 16.88 26.09 -3.14
CA TYR J 444 17.83 26.44 -4.19
C TYR J 444 17.26 27.48 -5.16
N PHE J 445 15.96 27.40 -5.46
CA PHE J 445 15.36 28.42 -6.32
C PHE J 445 15.48 29.82 -5.72
N TYR J 446 15.33 29.92 -4.40
CA TYR J 446 15.44 31.21 -3.71
C TYR J 446 16.91 31.63 -3.58
N GLN J 447 17.78 30.68 -3.26
CA GLN J 447 19.22 30.95 -3.23
C GLN J 447 19.65 31.66 -4.50
N GLN J 448 19.34 31.06 -5.65
CA GLN J 448 19.60 31.72 -6.93
C GLN J 448 18.89 33.06 -6.99
N TYR J 449 17.57 33.06 -6.81
CA TYR J 449 16.80 34.30 -6.99
C TYR J 449 17.37 35.45 -6.19
N ILE J 450 18.04 35.16 -5.08
CA ILE J 450 18.74 36.21 -4.35
C ILE J 450 19.89 36.74 -5.19
N LYS J 451 20.82 35.85 -5.53
CA LYS J 451 22.02 36.12 -6.32
C LYS J 451 21.73 36.85 -7.63
N GLU J 452 20.47 36.89 -8.04
CA GLU J 452 20.10 37.49 -9.31
C GLU J 452 19.36 38.83 -9.16
N ASN J 453 18.83 39.15 -7.97
CA ASN J 453 18.12 40.41 -7.81
C ASN J 453 18.54 41.16 -6.55
N SER J 454 19.65 40.75 -5.93
CA SER J 454 20.13 41.38 -4.71
C SER J 454 20.84 42.72 -4.95
N SER K 3 -72.67 80.60 -15.21
CA SER K 3 -71.74 80.12 -14.19
C SER K 3 -71.94 78.62 -13.83
N PHE K 4 -73.16 78.26 -13.42
CA PHE K 4 -73.61 76.89 -13.22
C PHE K 4 -74.40 76.42 -14.44
N PRO K 5 -74.32 75.15 -14.84
CA PRO K 5 -74.94 74.74 -16.11
C PRO K 5 -76.46 74.89 -16.06
N LYS K 6 -77.05 74.87 -17.26
CA LYS K 6 -78.43 75.32 -17.47
C LYS K 6 -79.42 74.61 -16.53
N GLY K 7 -79.47 73.28 -16.57
CA GLY K 7 -80.45 72.62 -15.73
C GLY K 7 -79.92 72.11 -14.40
N PHE K 8 -79.19 72.95 -13.66
CA PHE K 8 -78.50 72.50 -12.46
C PHE K 8 -79.50 72.17 -11.36
N LEU K 9 -79.36 70.98 -10.78
CA LEU K 9 -80.32 70.44 -9.81
C LEU K 9 -79.93 70.89 -8.40
N TRP K 10 -80.34 72.10 -8.07
CA TRP K 10 -80.20 72.62 -6.72
C TRP K 10 -81.22 71.93 -5.80
N GLY K 11 -80.74 71.11 -4.87
CA GLY K 11 -81.65 70.31 -4.05
C GLY K 11 -81.33 70.36 -2.57
N ALA K 12 -82.20 69.68 -1.82
CA ALA K 12 -81.97 69.27 -0.46
C ALA K 12 -82.30 67.78 -0.36
N ALA K 13 -81.89 67.16 0.75
CA ALA K 13 -82.03 65.72 0.89
C ALA K 13 -82.51 65.36 2.29
N THR K 14 -83.15 64.18 2.38
CA THR K 14 -83.51 63.49 3.61
C THR K 14 -83.36 62.00 3.40
N ALA K 15 -83.51 61.25 4.49
CA ALA K 15 -83.72 59.82 4.49
C ALA K 15 -85.00 59.53 5.27
N SER K 16 -85.59 58.36 5.01
CA SER K 16 -86.95 58.10 5.49
C SER K 16 -86.99 57.99 7.01
N TYR K 17 -86.13 57.14 7.58
CA TYR K 17 -86.13 56.93 9.02
C TYR K 17 -85.77 58.19 9.79
N GLN K 18 -85.09 59.14 9.16
CA GLN K 18 -84.64 60.31 9.88
C GLN K 18 -85.75 61.36 10.03
N ILE K 19 -86.75 61.34 9.15
CA ILE K 19 -87.76 62.39 9.16
C ILE K 19 -89.18 61.88 9.31
N GLU K 20 -89.47 60.61 8.96
CA GLU K 20 -90.86 60.26 8.62
C GLU K 20 -91.76 60.20 9.85
N GLY K 21 -91.30 59.54 10.92
CA GLY K 21 -92.19 59.24 12.02
C GLY K 21 -93.13 58.11 11.65
N ALA K 22 -94.27 58.07 12.35
CA ALA K 22 -95.32 57.08 12.11
C ALA K 22 -94.74 55.68 11.95
N TRP K 23 -93.87 55.31 12.89
CA TRP K 23 -93.00 54.15 12.71
C TRP K 23 -93.77 52.82 12.65
N ASN K 24 -94.98 52.74 13.23
CA ASN K 24 -95.78 51.52 13.13
C ASN K 24 -97.23 51.78 12.72
N GLU K 25 -97.49 52.86 11.98
CA GLU K 25 -98.80 53.17 11.45
C GLU K 25 -99.04 52.46 10.11
N ASP K 26 -100.33 52.28 9.80
CA ASP K 26 -100.80 51.78 8.51
C ASP K 26 -100.09 50.49 8.10
N GLY K 27 -99.85 49.62 9.08
CA GLY K 27 -99.29 48.31 8.81
C GLY K 27 -97.82 48.26 8.47
N LYS K 28 -97.09 49.37 8.56
CA LYS K 28 -95.65 49.38 8.27
C LYS K 28 -94.93 48.32 9.09
N GLY K 29 -94.02 47.60 8.45
CA GLY K 29 -93.19 46.65 9.18
C GLY K 29 -92.14 47.33 10.05
N GLU K 30 -91.54 46.53 10.94
CA GLU K 30 -90.45 46.98 11.79
C GLU K 30 -89.14 46.97 11.01
N SER K 31 -88.45 48.11 10.97
CA SER K 31 -87.12 48.16 10.38
C SER K 31 -86.04 47.85 11.41
N ILE K 32 -84.85 47.51 10.90
CA ILE K 32 -83.70 47.24 11.77
C ILE K 32 -83.35 48.45 12.62
N TRP K 33 -83.64 49.65 12.12
CA TRP K 33 -83.42 50.85 12.90
C TRP K 33 -84.52 51.05 13.93
N ASP K 34 -85.76 50.62 13.61
CA ASP K 34 -86.79 50.52 14.64
C ASP K 34 -86.32 49.60 15.77
N ARG K 35 -85.77 48.43 15.43
CA ARG K 35 -85.22 47.53 16.44
C ARG K 35 -83.99 48.11 17.12
N PHE K 36 -83.13 48.81 16.36
CA PHE K 36 -81.88 49.30 16.91
C PHE K 36 -82.11 50.47 17.87
N THR K 37 -82.93 51.45 17.48
CA THR K 37 -83.16 52.57 18.37
C THR K 37 -84.05 52.21 19.56
N HIS K 38 -84.70 51.05 19.53
CA HIS K 38 -85.49 50.62 20.67
C HIS K 38 -84.70 49.76 21.63
N GLN K 39 -83.48 49.41 21.29
CA GLN K 39 -82.59 48.78 22.25
C GLN K 39 -81.84 49.89 22.99
N LYS K 40 -81.70 49.75 24.30
CA LYS K 40 -81.05 50.81 25.07
C LYS K 40 -79.54 50.77 24.86
N GLY K 41 -78.93 51.95 24.83
CA GLY K 41 -77.49 52.05 24.70
C GLY K 41 -76.95 52.15 23.29
N ASN K 42 -77.81 52.28 22.28
CA ASN K 42 -77.33 52.46 20.91
C ASN K 42 -77.40 53.89 20.41
N ILE K 43 -78.30 54.72 20.95
CA ILE K 43 -78.50 56.10 20.51
C ILE K 43 -78.25 57.05 21.69
N LEU K 44 -77.50 58.12 21.44
CA LEU K 44 -77.33 59.17 22.44
C LEU K 44 -78.69 59.57 22.99
N TYR K 45 -78.77 59.78 24.32
CA TYR K 45 -79.98 60.23 25.02
C TYR K 45 -81.20 59.32 24.79
N GLY K 46 -81.00 58.10 24.29
CA GLY K 46 -82.10 57.17 24.08
C GLY K 46 -83.08 57.59 23.02
N HIS K 47 -82.68 58.53 22.15
CA HIS K 47 -83.54 59.02 21.08
C HIS K 47 -83.91 57.91 20.11
N ASN K 48 -85.01 58.11 19.38
CA ASN K 48 -85.44 57.16 18.36
C ASN K 48 -86.24 57.87 17.27
N GLY K 49 -86.53 57.13 16.20
CA GLY K 49 -87.22 57.72 15.08
C GLY K 49 -88.73 57.49 15.02
N ASP K 50 -89.36 57.20 16.16
CA ASP K 50 -90.79 56.87 16.18
C ASP K 50 -91.62 58.04 15.69
N ILE K 51 -91.31 59.24 16.12
CA ILE K 51 -92.00 60.46 15.70
C ILE K 51 -91.16 61.26 14.73
N ALA K 52 -89.88 61.49 15.07
CA ALA K 52 -88.92 62.17 14.20
C ALA K 52 -89.51 63.54 13.85
N CYS K 53 -89.57 63.91 12.57
CA CYS K 53 -90.16 65.16 12.13
C CYS K 53 -91.61 65.02 11.71
N ASP K 54 -92.19 63.82 11.91
CA ASP K 54 -93.58 63.52 11.54
C ASP K 54 -93.86 63.88 10.08
N HIS K 55 -92.85 63.67 9.22
CA HIS K 55 -93.00 63.95 7.79
C HIS K 55 -94.11 63.11 7.18
N TYR K 56 -94.32 61.89 7.68
CA TYR K 56 -95.43 61.06 7.23
C TYR K 56 -96.76 61.82 7.28
N HIS K 57 -97.01 62.58 8.35
CA HIS K 57 -98.24 63.35 8.45
C HIS K 57 -98.11 64.78 7.98
N ARG K 58 -96.88 65.32 7.93
CA ARG K 58 -96.66 66.74 7.73
C ARG K 58 -96.11 67.08 6.36
N PHE K 59 -95.98 66.09 5.47
CA PHE K 59 -95.23 66.28 4.22
C PHE K 59 -95.80 67.41 3.38
N GLU K 60 -97.10 67.69 3.48
CA GLU K 60 -97.67 68.74 2.66
C GLU K 60 -97.05 70.08 3.00
N GLU K 61 -96.96 70.40 4.28
CA GLU K 61 -96.29 71.63 4.71
C GLU K 61 -94.83 71.64 4.25
N ASP K 62 -94.16 70.47 4.32
CA ASP K 62 -92.74 70.40 3.98
C ASP K 62 -92.52 70.69 2.49
N VAL K 63 -93.38 70.14 1.62
CA VAL K 63 -93.23 70.39 0.18
C VAL K 63 -93.51 71.86 -0.13
N LEU K 64 -94.51 72.44 0.53
CA LEU K 64 -94.75 73.86 0.32
C LEU K 64 -93.52 74.68 0.68
N LEU K 65 -92.76 74.23 1.69
CA LEU K 65 -91.55 74.93 2.10
C LEU K 65 -90.44 74.78 1.06
N MET K 66 -90.28 73.59 0.48
CA MET K 66 -89.34 73.46 -0.64
C MET K 66 -89.70 74.40 -1.78
N LYS K 67 -91.00 74.56 -2.05
CA LYS K 67 -91.42 75.49 -3.10
C LYS K 67 -91.00 76.92 -2.75
N GLU K 68 -91.21 77.33 -1.49
CA GLU K 68 -90.76 78.65 -1.05
C GLU K 68 -89.26 78.79 -1.23
N LEU K 69 -88.52 77.69 -1.04
CA LEU K 69 -87.08 77.72 -1.16
C LEU K 69 -86.64 77.98 -2.59
N GLY K 70 -87.38 77.42 -3.56
CA GLY K 70 -86.93 77.42 -4.93
C GLY K 70 -86.16 76.19 -5.35
N LEU K 71 -86.31 75.07 -4.63
CA LEU K 71 -85.57 73.88 -4.97
C LEU K 71 -85.91 73.39 -6.37
N LYS K 72 -84.87 72.96 -7.10
CA LYS K 72 -85.12 72.32 -8.38
C LYS K 72 -85.42 70.85 -8.18
N ALA K 73 -84.70 70.20 -7.26
CA ALA K 73 -84.94 68.80 -6.96
C ALA K 73 -85.12 68.64 -5.45
N TYR K 74 -85.43 67.40 -5.06
CA TYR K 74 -85.55 67.02 -3.67
C TYR K 74 -85.25 65.54 -3.60
N ARG K 75 -84.27 65.17 -2.79
CA ARG K 75 -83.87 63.78 -2.65
C ARG K 75 -84.47 63.22 -1.36
N PHE K 76 -85.10 62.05 -1.47
CA PHE K 76 -85.63 61.34 -0.32
C PHE K 76 -85.46 59.85 -0.54
N SER K 77 -85.77 59.09 0.51
CA SER K 77 -85.70 57.64 0.48
C SER K 77 -87.09 57.04 0.71
N ILE K 78 -87.27 55.82 0.20
CA ILE K 78 -88.50 55.06 0.39
C ILE K 78 -88.24 54.04 1.49
N ALA K 79 -89.12 54.02 2.48
CA ALA K 79 -89.08 53.04 3.55
C ALA K 79 -89.49 51.70 2.98
N TRP K 80 -88.54 50.79 2.84
CA TRP K 80 -88.87 49.43 2.42
C TRP K 80 -90.05 48.88 3.22
N THR K 81 -90.03 49.10 4.55
CA THR K 81 -91.00 48.47 5.45
C THR K 81 -92.43 48.95 5.25
N ARG K 82 -92.63 50.12 4.64
CA ARG K 82 -93.97 50.55 4.29
C ARG K 82 -94.54 49.82 3.09
N ILE K 83 -93.71 49.11 2.32
CA ILE K 83 -94.11 48.49 1.07
C ILE K 83 -94.15 46.97 1.19
N PHE K 84 -93.07 46.38 1.71
CA PHE K 84 -93.03 44.95 2.07
C PHE K 84 -92.78 44.82 3.56
N PRO K 85 -93.80 45.03 4.40
CA PRO K 85 -93.63 44.90 5.86
C PRO K 85 -92.89 43.66 6.30
N ASP K 86 -92.91 42.59 5.50
CA ASP K 86 -92.11 41.41 5.76
C ASP K 86 -90.87 41.32 4.88
N GLY K 87 -90.60 42.32 4.05
CA GLY K 87 -89.46 42.25 3.16
C GLY K 87 -89.77 41.58 1.83
N PHE K 88 -90.49 40.47 1.89
CA PHE K 88 -91.05 39.81 0.73
C PHE K 88 -92.54 39.58 0.97
N GLY K 89 -93.23 39.12 -0.06
CA GLY K 89 -94.61 38.71 0.08
C GLY K 89 -95.56 39.83 -0.30
N ASN K 90 -96.51 40.12 0.58
CA ASN K 90 -97.63 40.97 0.25
C ASN K 90 -97.25 42.44 0.30
N VAL K 91 -97.66 43.18 -0.73
CA VAL K 91 -97.48 44.62 -0.73
C VAL K 91 -98.47 45.26 0.23
N ASN K 92 -98.14 46.47 0.69
CA ASN K 92 -99.02 47.26 1.56
C ASN K 92 -99.55 48.46 0.78
N GLN K 93 -100.86 48.46 0.51
CA GLN K 93 -101.46 49.49 -0.31
C GLN K 93 -101.41 50.86 0.36
N LYS K 94 -101.49 50.89 1.68
CA LYS K 94 -101.41 52.15 2.40
C LYS K 94 -100.01 52.74 2.28
N GLY K 95 -99.00 51.88 2.35
CA GLY K 95 -97.61 52.28 2.15
C GLY K 95 -97.43 52.99 0.83
N LEU K 96 -97.84 52.33 -0.27
CA LEU K 96 -97.75 52.98 -1.56
C LEU K 96 -98.48 54.31 -1.55
N GLU K 97 -99.71 54.32 -1.05
CA GLU K 97 -100.54 55.54 -1.07
C GLU K 97 -99.79 56.75 -0.52
N PHE K 98 -98.93 56.54 0.48
CA PHE K 98 -98.14 57.63 1.00
C PHE K 98 -97.23 58.21 -0.07
N TYR K 99 -96.49 57.35 -0.76
CA TYR K 99 -95.48 57.87 -1.67
C TYR K 99 -96.09 58.40 -2.96
N ASP K 100 -97.18 57.79 -3.46
CA ASP K 100 -97.95 58.45 -4.53
C ASP K 100 -98.32 59.86 -4.11
N ARG K 101 -98.91 60.01 -2.93
CA ARG K 101 -99.28 61.33 -2.46
C ARG K 101 -98.07 62.25 -2.36
N LEU K 102 -96.96 61.74 -1.78
CA LEU K 102 -95.75 62.56 -1.66
C LEU K 102 -95.19 62.91 -3.03
N ILE K 103 -94.91 61.89 -3.85
CA ILE K 103 -94.32 62.13 -5.17
C ILE K 103 -95.19 63.08 -5.97
N ASN K 104 -96.49 62.79 -6.01
CA ASN K 104 -97.39 63.60 -6.83
C ASN K 104 -97.37 65.05 -6.38
N LYS K 105 -97.50 65.30 -5.08
CA LYS K 105 -97.48 66.70 -4.64
C LYS K 105 -96.13 67.37 -4.89
N LEU K 106 -95.05 66.61 -5.00
CA LEU K 106 -93.78 67.17 -5.46
C LEU K 106 -93.94 67.72 -6.88
N VAL K 107 -94.21 66.83 -7.84
CA VAL K 107 -94.33 67.23 -9.24
C VAL K 107 -95.42 68.28 -9.43
N GLU K 108 -96.46 68.29 -8.58
CA GLU K 108 -97.43 69.39 -8.63
C GLU K 108 -96.76 70.73 -8.36
N ASN K 109 -95.87 70.78 -7.37
CA ASN K 109 -95.22 72.05 -7.01
C ASN K 109 -93.96 72.31 -7.81
N GLY K 110 -93.52 71.35 -8.61
CA GLY K 110 -92.52 71.62 -9.63
C GLY K 110 -91.15 71.17 -9.23
N ILE K 111 -91.05 69.95 -8.72
CA ILE K 111 -89.86 69.53 -8.01
C ILE K 111 -89.46 68.14 -8.50
N GLU K 112 -88.27 68.05 -9.08
CA GLU K 112 -87.77 66.79 -9.63
C GLU K 112 -87.56 65.79 -8.50
N PRO K 113 -88.29 64.68 -8.46
CA PRO K 113 -88.05 63.68 -7.42
C PRO K 113 -86.79 62.88 -7.70
N VAL K 114 -85.92 62.79 -6.70
CA VAL K 114 -84.76 61.90 -6.73
C VAL K 114 -84.92 60.93 -5.56
N ILE K 115 -85.03 59.63 -5.86
CA ILE K 115 -85.43 58.65 -4.84
C ILE K 115 -84.26 57.73 -4.54
N THR K 116 -83.84 57.73 -3.27
CA THR K 116 -82.99 56.67 -2.77
C THR K 116 -83.86 55.45 -2.51
N ILE K 117 -83.44 54.31 -3.02
CA ILE K 117 -84.26 53.12 -2.84
C ILE K 117 -83.98 52.49 -1.49
N TYR K 118 -82.71 52.34 -1.16
CA TYR K 118 -82.34 51.76 0.13
C TYR K 118 -81.44 52.72 0.90
N HIS K 119 -82.06 53.48 1.80
CA HIS K 119 -81.32 54.31 2.74
C HIS K 119 -81.39 53.74 4.15
N TRP K 120 -80.93 52.49 4.32
CA TRP K 120 -80.52 51.84 5.57
C TRP K 120 -81.65 51.16 6.34
N ASP K 121 -82.91 51.37 5.97
CA ASP K 121 -84.05 50.84 6.74
C ASP K 121 -84.49 49.47 6.22
N LEU K 122 -83.61 48.49 6.36
CA LEU K 122 -83.93 47.11 6.02
C LEU K 122 -85.15 46.63 6.81
N PRO K 123 -86.04 45.85 6.20
CA PRO K 123 -87.10 45.16 6.97
C PRO K 123 -86.51 44.19 7.96
N GLN K 124 -86.87 44.36 9.24
CA GLN K 124 -86.31 43.52 10.30
C GLN K 124 -86.57 42.05 10.04
N LYS K 125 -87.68 41.71 9.38
CA LYS K 125 -87.95 40.31 9.07
C LYS K 125 -86.90 39.73 8.15
N LEU K 126 -86.36 40.53 7.22
CA LEU K 126 -85.21 40.11 6.43
C LEU K 126 -83.94 39.99 7.27
N GLN K 127 -83.74 40.90 8.23
CA GLN K 127 -82.58 40.77 9.12
C GLN K 127 -82.63 39.47 9.90
N ASP K 128 -83.83 38.97 10.17
CA ASP K 128 -83.95 37.70 10.89
C ASP K 128 -83.38 36.56 10.08
N ILE K 129 -83.41 36.66 8.75
CA ILE K 129 -82.93 35.57 7.91
C ILE K 129 -81.52 35.95 7.45
N GLY K 130 -80.92 36.92 8.13
CA GLY K 130 -79.53 37.24 7.95
C GLY K 130 -79.26 38.57 7.27
N GLY K 131 -80.29 39.32 6.90
CA GLY K 131 -80.11 40.62 6.28
C GLY K 131 -79.17 40.59 5.09
N TRP K 132 -78.30 41.60 5.02
CA TRP K 132 -77.40 41.75 3.88
C TRP K 132 -76.32 40.69 3.83
N ALA K 133 -76.10 39.94 4.91
CA ALA K 133 -75.14 38.85 4.87
C ALA K 133 -75.69 37.62 4.13
N ASN K 134 -76.95 37.63 3.75
CA ASN K 134 -77.58 36.50 3.07
C ASN K 134 -77.72 36.89 1.61
N SER K 135 -77.08 36.12 0.72
CA SER K 135 -77.04 36.44 -0.70
C SER K 135 -78.42 36.47 -1.34
N GLU K 136 -79.40 35.79 -0.74
CA GLU K 136 -80.77 35.90 -1.23
C GLU K 136 -81.30 37.32 -1.16
N ILE K 137 -80.66 38.19 -0.36
CA ILE K 137 -81.07 39.58 -0.24
C ILE K 137 -81.09 40.26 -1.59
N VAL K 138 -80.28 39.76 -2.54
CA VAL K 138 -80.21 40.36 -3.87
C VAL K 138 -81.56 40.25 -4.55
N ASN K 139 -82.19 39.08 -4.43
CA ASN K 139 -83.54 38.88 -5.00
C ASN K 139 -84.59 39.66 -4.21
N TYR K 140 -84.58 39.51 -2.88
CA TYR K 140 -85.49 40.29 -2.04
C TYR K 140 -85.36 41.77 -2.34
N TYR K 141 -84.11 42.26 -2.44
CA TYR K 141 -83.90 43.66 -2.80
C TYR K 141 -84.39 43.95 -4.21
N PHE K 142 -84.08 43.04 -5.14
CA PHE K 142 -84.44 43.23 -6.55
C PHE K 142 -85.93 43.40 -6.75
N ASP K 143 -86.73 42.51 -6.13
CA ASP K 143 -88.18 42.58 -6.33
C ASP K 143 -88.75 43.87 -5.76
N TYR K 144 -88.26 44.27 -4.57
CA TYR K 144 -88.67 45.55 -3.99
C TYR K 144 -88.23 46.70 -4.88
N ALA K 145 -86.96 46.67 -5.31
CA ALA K 145 -86.43 47.71 -6.19
C ALA K 145 -87.32 47.90 -7.42
N MET K 146 -87.48 46.84 -8.22
CA MET K 146 -88.24 46.99 -9.47
C MET K 146 -89.66 47.44 -9.23
N LEU K 147 -90.30 46.92 -8.16
CA LEU K 147 -91.67 47.28 -7.87
C LEU K 147 -91.84 48.80 -7.79
N VAL K 148 -90.89 49.50 -7.16
CA VAL K 148 -91.05 50.93 -6.98
C VAL K 148 -90.66 51.70 -8.25
N ILE K 149 -89.67 51.20 -9.00
CA ILE K 149 -89.33 51.81 -10.29
C ILE K 149 -90.52 51.76 -11.25
N ASN K 150 -91.06 50.55 -11.49
CA ASN K 150 -92.24 50.42 -12.36
C ASN K 150 -93.32 51.42 -11.96
N ARG K 151 -93.67 51.47 -10.67
CA ARG K 151 -94.83 52.27 -10.31
C ARG K 151 -94.56 53.76 -10.50
N TYR K 152 -93.34 54.22 -10.24
CA TYR K 152 -93.08 55.66 -10.25
C TYR K 152 -92.26 56.14 -11.43
N LYS K 153 -91.74 55.24 -12.28
CA LYS K 153 -90.93 55.62 -13.43
C LYS K 153 -91.56 56.74 -14.28
N ASP K 154 -92.86 56.97 -14.15
CA ASP K 154 -93.54 57.99 -14.93
C ASP K 154 -93.43 59.37 -14.30
N ARG K 155 -93.02 59.45 -13.03
CA ARG K 155 -92.83 60.72 -12.36
C ARG K 155 -91.43 60.93 -11.83
N VAL K 156 -90.58 59.90 -11.86
CA VAL K 156 -89.28 59.92 -11.19
C VAL K 156 -88.22 59.52 -12.19
N LYS K 157 -87.37 60.46 -12.57
CA LYS K 157 -86.31 60.20 -13.55
C LYS K 157 -85.05 59.61 -12.92
N TYR K 158 -84.75 59.96 -11.68
CA TYR K 158 -83.45 59.71 -11.05
C TYR K 158 -83.59 58.80 -9.85
N TRP K 159 -82.85 57.69 -9.84
CA TRP K 159 -82.98 56.67 -8.82
C TRP K 159 -81.61 56.23 -8.31
N ILE K 160 -81.39 56.33 -7.00
CA ILE K 160 -80.18 55.81 -6.36
C ILE K 160 -80.53 54.48 -5.73
N THR K 161 -79.80 53.42 -6.10
CA THR K 161 -80.06 52.09 -5.55
C THR K 161 -79.70 52.04 -4.07
N PHE K 162 -78.53 52.55 -3.71
CA PHE K 162 -78.01 52.45 -2.35
C PHE K 162 -77.44 53.78 -1.90
N ASN K 163 -77.56 54.07 -0.61
CA ASN K 163 -76.92 55.23 -0.02
C ASN K 163 -75.86 54.76 0.95
N GLU K 164 -74.58 55.09 0.63
CA GLU K 164 -73.39 54.94 1.47
C GLU K 164 -73.09 53.51 1.88
N PRO K 165 -72.75 52.66 0.90
CA PRO K 165 -72.48 51.25 1.23
C PRO K 165 -71.40 51.06 2.29
N TYR K 166 -70.38 51.92 2.32
CA TYR K 166 -69.39 51.84 3.39
C TYR K 166 -70.07 51.78 4.77
N CYS K 167 -70.98 52.72 5.04
CA CYS K 167 -71.68 52.68 6.32
C CYS K 167 -72.53 51.42 6.48
N ILE K 168 -73.29 51.02 5.44
CA ILE K 168 -74.13 49.82 5.55
C ILE K 168 -73.30 48.62 5.95
N ALA K 169 -72.13 48.46 5.35
CA ALA K 169 -71.29 47.32 5.64
C ALA K 169 -70.51 47.49 6.94
N PHE K 170 -69.78 48.60 7.07
CA PHE K 170 -68.78 48.66 8.14
C PHE K 170 -69.35 49.20 9.45
N LEU K 171 -70.15 50.25 9.38
CA LEU K 171 -70.83 50.72 10.57
C LEU K 171 -71.90 49.70 11.02
N GLY K 172 -72.70 49.19 10.07
CA GLY K 172 -73.77 48.25 10.40
C GLY K 172 -73.27 46.87 10.83
N HIS K 173 -72.12 46.42 10.31
CA HIS K 173 -71.71 45.03 10.50
C HIS K 173 -70.29 44.83 10.96
N TRP K 174 -69.46 45.87 10.99
CA TRP K 174 -68.12 45.74 11.55
C TRP K 174 -68.01 46.46 12.88
N HIS K 175 -68.37 47.74 12.92
CA HIS K 175 -68.29 48.49 14.17
C HIS K 175 -69.53 48.29 15.03
N GLY K 176 -70.65 47.90 14.44
CA GLY K 176 -71.89 47.72 15.17
C GLY K 176 -72.48 48.99 15.73
N VAL K 177 -71.98 50.16 15.33
CA VAL K 177 -72.57 51.40 15.80
C VAL K 177 -73.82 51.76 15.02
N HIS K 178 -74.10 51.04 13.94
CA HIS K 178 -75.29 51.22 13.14
C HIS K 178 -76.09 49.92 13.09
N ALA K 179 -77.40 50.05 12.87
CA ALA K 179 -78.22 48.86 12.63
C ALA K 179 -77.70 48.11 11.42
N PRO K 180 -77.58 46.77 11.49
CA PRO K 180 -78.14 45.85 12.51
C PRO K 180 -77.30 45.64 13.75
N GLY K 181 -76.20 46.34 13.96
CA GLY K 181 -75.36 46.09 15.11
C GLY K 181 -74.47 44.87 15.04
N ILE K 182 -74.17 44.34 13.86
CA ILE K 182 -73.24 43.22 13.77
C ILE K 182 -71.80 43.74 13.92
N LYS K 183 -70.91 42.90 14.47
CA LYS K 183 -69.50 43.27 14.66
C LYS K 183 -68.59 42.14 14.13
N ASP K 184 -68.55 42.01 12.81
CA ASP K 184 -67.68 41.02 12.17
C ASP K 184 -67.21 41.59 10.85
N PHE K 185 -65.88 41.74 10.70
CA PHE K 185 -65.33 42.34 9.49
C PHE K 185 -65.58 41.47 8.26
N LYS K 186 -65.37 40.16 8.39
CA LYS K 186 -65.59 39.28 7.26
C LYS K 186 -67.05 39.35 6.81
N VAL K 187 -67.99 39.33 7.76
CA VAL K 187 -69.40 39.55 7.42
C VAL K 187 -69.56 40.90 6.73
N ALA K 188 -68.90 41.94 7.26
CA ALA K 188 -69.01 43.26 6.63
C ALA K 188 -68.61 43.20 5.16
N ILE K 189 -67.52 42.50 4.85
CA ILE K 189 -67.09 42.38 3.46
C ILE K 189 -68.17 41.68 2.63
N ASP K 190 -68.69 40.54 3.12
CA ASP K 190 -69.77 39.86 2.42
C ASP K 190 -70.95 40.80 2.17
N VAL K 191 -71.23 41.69 3.13
CA VAL K 191 -72.29 42.67 2.89
C VAL K 191 -71.94 43.52 1.68
N VAL K 192 -70.68 43.94 1.56
CA VAL K 192 -70.30 44.82 0.45
C VAL K 192 -70.61 44.16 -0.88
N HIS K 193 -70.21 42.89 -1.01
CA HIS K 193 -70.41 42.16 -2.24
C HIS K 193 -71.90 42.08 -2.58
N ASN K 194 -72.71 41.57 -1.64
CA ASN K 194 -74.13 41.43 -1.90
C ASN K 194 -74.76 42.77 -2.28
N ILE K 195 -74.23 43.88 -1.76
CA ILE K 195 -74.73 45.19 -2.17
C ILE K 195 -74.36 45.49 -3.62
N MET K 196 -73.18 45.06 -4.05
CA MET K 196 -72.76 45.33 -5.42
C MET K 196 -73.64 44.57 -6.40
N LEU K 197 -73.74 43.25 -6.19
CA LEU K 197 -74.61 42.41 -7.00
C LEU K 197 -76.02 42.98 -7.03
N SER K 198 -76.55 43.37 -5.87
CA SER K 198 -77.87 43.98 -5.81
C SER K 198 -77.93 45.22 -6.68
N HIS K 199 -76.90 46.07 -6.60
CA HIS K 199 -76.87 47.28 -7.42
C HIS K 199 -76.85 46.92 -8.91
N PHE K 200 -75.99 45.97 -9.28
CA PHE K 200 -75.84 45.59 -10.69
C PHE K 200 -77.15 45.07 -11.25
N LYS K 201 -77.70 44.04 -10.60
CA LYS K 201 -78.94 43.41 -11.05
C LYS K 201 -80.02 44.43 -11.40
N VAL K 202 -80.09 45.52 -10.64
CA VAL K 202 -81.15 46.49 -10.89
C VAL K 202 -80.81 47.39 -12.07
N VAL K 203 -79.54 47.80 -12.19
CA VAL K 203 -79.15 48.60 -13.36
C VAL K 203 -79.26 47.76 -14.63
N LYS K 204 -78.79 46.51 -14.57
CA LYS K 204 -78.95 45.59 -15.68
C LYS K 204 -80.40 45.53 -16.15
N ALA K 205 -81.34 45.44 -15.20
CA ALA K 205 -82.75 45.30 -15.55
C ALA K 205 -83.31 46.59 -16.15
N VAL K 206 -82.88 47.75 -15.65
CA VAL K 206 -83.38 49.00 -16.21
C VAL K 206 -82.90 49.17 -17.65
N LYS K 207 -81.75 48.61 -17.98
CA LYS K 207 -81.27 48.68 -19.35
C LYS K 207 -81.94 47.63 -20.22
N GLU K 208 -81.90 46.36 -19.77
CA GLU K 208 -82.47 45.26 -20.55
C GLU K 208 -83.94 45.52 -20.90
N ASN K 209 -84.79 45.74 -19.89
CA ASN K 209 -86.20 46.01 -20.13
C ASN K 209 -86.46 47.44 -20.59
N ASN K 210 -85.42 48.17 -20.97
CA ASN K 210 -85.51 49.52 -21.54
C ASN K 210 -86.44 50.43 -20.73
N ILE K 211 -86.17 50.55 -19.44
CA ILE K 211 -86.89 51.50 -18.61
C ILE K 211 -86.24 52.86 -18.77
N ASP K 212 -87.05 53.90 -18.97
CA ASP K 212 -86.54 55.24 -19.22
C ASP K 212 -86.30 55.98 -17.90
N VAL K 213 -85.31 55.50 -17.14
CA VAL K 213 -84.94 56.08 -15.85
C VAL K 213 -83.42 56.02 -15.66
N GLU K 214 -82.89 56.99 -14.92
CA GLU K 214 -81.47 57.06 -14.59
C GLU K 214 -81.20 56.33 -13.28
N VAL K 215 -80.48 55.21 -13.36
CA VAL K 215 -80.05 54.49 -12.17
C VAL K 215 -78.78 55.15 -11.62
N GLY K 216 -78.65 55.18 -10.29
CA GLY K 216 -77.46 55.72 -9.66
C GLY K 216 -77.04 54.89 -8.47
N ILE K 217 -75.91 55.28 -7.87
CA ILE K 217 -75.51 54.83 -6.54
C ILE K 217 -74.73 55.94 -5.86
N THR K 218 -74.99 56.14 -4.56
CA THR K 218 -74.43 57.26 -3.82
C THR K 218 -73.34 56.75 -2.90
N LEU K 219 -72.11 57.25 -3.08
CA LEU K 219 -70.99 56.87 -2.25
C LEU K 219 -70.58 58.05 -1.38
N ASN K 220 -70.27 57.75 -0.12
CA ASN K 220 -69.58 58.73 0.70
C ASN K 220 -68.09 58.60 0.43
N LEU K 221 -67.47 59.70 0.05
CA LEU K 221 -66.06 59.69 -0.35
C LEU K 221 -65.26 60.66 0.52
N THR K 222 -64.10 60.20 0.96
CA THR K 222 -63.22 60.97 1.84
C THR K 222 -61.84 61.12 1.22
N PRO K 223 -61.51 62.29 0.68
CA PRO K 223 -60.13 62.54 0.21
C PRO K 223 -59.14 62.43 1.37
N VAL K 224 -58.12 61.60 1.19
CA VAL K 224 -57.15 61.34 2.24
C VAL K 224 -55.86 62.10 1.94
N TYR K 225 -55.33 62.79 2.95
CA TYR K 225 -54.11 63.58 2.82
C TYR K 225 -53.06 63.08 3.79
N LEU K 226 -51.80 63.41 3.51
CA LEU K 226 -50.69 62.95 4.32
C LEU K 226 -50.28 64.04 5.30
N GLN K 227 -50.19 63.68 6.58
CA GLN K 227 -49.61 64.59 7.57
C GLN K 227 -48.16 64.90 7.25
N THR K 228 -47.38 63.87 6.88
CA THR K 228 -45.99 64.05 6.51
C THR K 228 -45.81 65.17 5.49
N GLU K 229 -46.72 65.27 4.52
CA GLU K 229 -46.57 66.32 3.52
C GLU K 229 -47.02 67.68 4.05
N ARG K 230 -47.99 67.71 4.96
CA ARG K 230 -48.34 68.97 5.59
C ARG K 230 -47.14 69.55 6.31
N LEU K 231 -46.33 68.70 6.93
CA LEU K 231 -45.10 69.07 7.60
C LEU K 231 -43.94 69.30 6.66
N GLY K 232 -44.07 68.94 5.39
CA GLY K 232 -42.96 69.15 4.48
C GLY K 232 -41.82 68.18 4.69
N TYR K 233 -42.08 67.02 5.28
CA TYR K 233 -41.06 66.00 5.36
C TYR K 233 -41.10 65.13 4.10
N LYS K 234 -40.10 64.26 3.97
CA LYS K 234 -40.05 63.33 2.85
C LYS K 234 -40.87 62.09 3.21
N VAL K 235 -41.76 61.71 2.30
CA VAL K 235 -42.65 60.58 2.57
C VAL K 235 -41.89 59.28 2.33
N SER K 236 -41.86 58.42 3.35
CA SER K 236 -41.31 57.10 3.16
C SER K 236 -42.18 56.29 2.20
N GLU K 237 -41.60 55.20 1.69
CA GLU K 237 -42.37 54.31 0.82
C GLU K 237 -43.48 53.62 1.62
N ILE K 238 -43.11 52.98 2.74
CA ILE K 238 -44.09 52.23 3.51
C ILE K 238 -45.22 53.14 3.95
N GLU K 239 -44.92 54.41 4.27
CA GLU K 239 -45.98 55.34 4.62
C GLU K 239 -46.94 55.55 3.45
N ARG K 240 -46.39 55.86 2.27
CA ARG K 240 -47.25 56.04 1.11
C ARG K 240 -48.06 54.78 0.83
N GLU K 241 -47.43 53.62 0.93
CA GLU K 241 -48.14 52.37 0.65
C GLU K 241 -49.28 52.16 1.64
N MET K 242 -49.00 52.26 2.94
CA MET K 242 -50.00 51.99 3.96
C MET K 242 -51.15 53.01 3.91
N VAL K 243 -50.83 54.30 3.76
CA VAL K 243 -51.90 55.29 3.73
C VAL K 243 -52.78 55.11 2.50
N ASN K 244 -52.20 54.68 1.38
CA ASN K 244 -53.01 54.48 0.16
C ASN K 244 -54.00 53.33 0.34
N LEU K 245 -53.55 52.22 0.93
CA LEU K 245 -54.45 51.14 1.32
C LEU K 245 -55.61 51.67 2.15
N SER K 246 -55.31 52.24 3.32
CA SER K 246 -56.31 52.77 4.24
C SER K 246 -57.36 53.58 3.49
N SER K 247 -56.94 54.38 2.53
CA SER K 247 -57.89 55.16 1.76
C SER K 247 -58.61 54.33 0.72
N GLN K 248 -58.06 53.19 0.34
CA GLN K 248 -58.80 52.33 -0.57
C GLN K 248 -60.03 51.72 0.10
N LEU K 249 -59.97 51.45 1.41
CA LEU K 249 -61.15 50.98 2.11
C LEU K 249 -62.27 52.00 2.06
N ASP K 250 -61.92 53.29 2.13
CA ASP K 250 -62.93 54.35 2.10
C ASP K 250 -63.54 54.52 0.72
N ASN K 251 -62.71 54.51 -0.34
CA ASN K 251 -63.16 55.07 -1.61
C ASN K 251 -63.05 54.11 -2.77
N GLU K 252 -61.89 53.47 -2.97
CA GLU K 252 -61.75 52.59 -4.12
C GLU K 252 -62.56 51.31 -3.94
N LEU K 253 -62.84 50.92 -2.69
CA LEU K 253 -63.53 49.66 -2.46
C LEU K 253 -64.92 49.69 -3.04
N PHE K 254 -65.46 50.87 -3.27
CA PHE K 254 -66.80 51.09 -3.77
C PHE K 254 -66.83 51.79 -5.12
N LEU K 255 -65.83 52.63 -5.42
CA LEU K 255 -65.75 53.22 -6.75
C LEU K 255 -65.30 52.20 -7.79
N ASP K 256 -64.35 51.33 -7.45
CA ASP K 256 -63.78 50.44 -8.46
C ASP K 256 -64.79 49.43 -8.98
N PRO K 257 -65.50 48.66 -8.16
CA PRO K 257 -66.52 47.77 -8.74
C PRO K 257 -67.67 48.54 -9.38
N VAL K 258 -68.06 49.68 -8.82
CA VAL K 258 -69.15 50.46 -9.39
C VAL K 258 -68.78 51.03 -10.75
N LEU K 259 -67.51 51.39 -10.96
CA LEU K 259 -67.13 52.08 -12.21
C LEU K 259 -66.18 51.29 -13.10
N LYS K 260 -65.55 50.24 -12.60
CA LYS K 260 -64.55 49.51 -13.37
C LYS K 260 -64.75 48.01 -13.31
N GLY K 261 -65.71 47.52 -12.52
CA GLY K 261 -66.00 46.10 -12.53
C GLY K 261 -65.03 45.24 -11.78
N ASN K 262 -64.26 45.82 -10.86
CA ASN K 262 -63.30 45.05 -10.10
C ASN K 262 -63.18 45.65 -8.70
N TYR K 263 -62.66 44.91 -7.86
CA TYR K 263 -62.28 45.37 -6.53
C TYR K 263 -60.80 45.76 -6.51
N PRO K 264 -60.45 46.78 -5.71
CA PRO K 264 -59.04 47.17 -5.55
C PRO K 264 -58.10 46.00 -5.22
N GLN K 265 -57.24 45.67 -6.17
CA GLN K 265 -56.42 44.48 -6.05
C GLN K 265 -55.37 44.62 -4.96
N LYS K 266 -54.79 45.82 -4.80
CA LYS K 266 -53.83 46.01 -3.72
C LYS K 266 -54.50 45.78 -2.38
N LEU K 267 -55.65 46.44 -2.17
CA LEU K 267 -56.42 46.28 -0.93
C LEU K 267 -56.74 44.82 -0.66
N PHE K 268 -57.36 44.14 -1.62
CA PHE K 268 -57.69 42.74 -1.44
C PHE K 268 -56.46 41.92 -1.07
N ASP K 269 -55.35 42.16 -1.77
CA ASP K 269 -54.10 41.47 -1.48
C ASP K 269 -53.73 41.58 -0.01
N TYR K 270 -53.74 42.82 0.51
CA TYR K 270 -53.41 43.05 1.91
C TYR K 270 -54.35 42.32 2.84
N LEU K 271 -55.66 42.41 2.56
CA LEU K 271 -56.65 41.83 3.46
C LEU K 271 -56.48 40.32 3.57
N VAL K 272 -56.15 39.66 2.46
CA VAL K 272 -55.91 38.22 2.51
C VAL K 272 -54.62 37.91 3.25
N GLN K 273 -53.57 38.70 3.00
CA GLN K 273 -52.30 38.47 3.69
C GLN K 273 -52.47 38.61 5.20
N LYS K 274 -53.38 39.46 5.64
CA LYS K 274 -53.57 39.70 7.07
C LYS K 274 -54.71 38.89 7.68
N ASP K 275 -55.24 37.88 6.95
CA ASP K 275 -56.32 37.01 7.44
C ASP K 275 -57.60 37.78 7.77
N LEU K 276 -57.80 38.92 7.12
CA LEU K 276 -59.06 39.64 7.23
C LEU K 276 -60.01 39.35 6.09
N LEU K 277 -59.57 38.60 5.09
CA LEU K 277 -60.40 38.26 3.94
C LEU K 277 -60.02 36.88 3.45
N GLU K 278 -61.02 36.04 3.20
CA GLU K 278 -60.77 34.66 2.83
C GLU K 278 -60.19 34.56 1.43
N ALA K 279 -59.06 33.84 1.31
CA ALA K 279 -58.42 33.65 0.02
C ALA K 279 -59.43 33.20 -1.03
N GLN K 280 -60.23 32.17 -0.71
CA GLN K 280 -61.28 31.72 -1.60
C GLN K 280 -62.24 32.84 -1.98
N LYS K 281 -62.68 33.62 -0.98
CA LYS K 281 -63.74 34.60 -1.21
C LYS K 281 -63.25 35.76 -2.07
N ALA K 282 -61.99 36.17 -1.90
CA ALA K 282 -61.49 37.30 -2.70
C ALA K 282 -61.56 37.01 -4.18
N LEU K 283 -61.26 35.76 -4.59
CA LEU K 283 -61.37 35.40 -6.00
C LEU K 283 -62.82 35.43 -6.47
N SER K 284 -63.72 34.81 -5.70
CA SER K 284 -65.13 34.69 -6.09
C SER K 284 -65.81 36.05 -6.24
N MET K 285 -65.53 36.99 -5.33
CA MET K 285 -66.13 38.32 -5.45
C MET K 285 -65.60 39.08 -6.65
N GLN K 286 -64.30 38.94 -6.94
CA GLN K 286 -63.72 39.51 -8.15
C GLN K 286 -64.34 38.87 -9.39
N GLN K 287 -64.52 37.55 -9.35
CA GLN K 287 -65.27 36.84 -10.38
C GLN K 287 -66.62 37.48 -10.59
N GLU K 288 -67.48 37.42 -9.57
CA GLU K 288 -68.88 37.76 -9.77
C GLU K 288 -69.09 39.22 -10.10
N VAL K 289 -68.18 40.09 -9.65
CA VAL K 289 -68.34 41.51 -10.00
C VAL K 289 -68.00 41.72 -11.47
N LYS K 290 -66.99 41.01 -11.97
CA LYS K 290 -66.68 41.08 -13.40
C LYS K 290 -67.81 40.47 -14.22
N GLU K 291 -68.35 39.33 -13.77
CA GLU K 291 -69.49 38.73 -14.48
C GLU K 291 -70.68 39.68 -14.54
N ASN K 292 -70.96 40.38 -13.45
CA ASN K 292 -72.20 41.14 -13.39
C ASN K 292 -72.01 42.64 -13.53
N PHE K 293 -70.77 43.12 -13.56
CA PHE K 293 -70.52 44.55 -13.66
C PHE K 293 -71.33 45.17 -14.79
N ILE K 294 -71.83 46.38 -14.56
CA ILE K 294 -72.40 47.19 -15.61
C ILE K 294 -72.33 48.63 -15.18
N PHE K 295 -71.92 49.48 -16.09
CA PHE K 295 -71.68 50.88 -15.78
C PHE K 295 -72.97 51.59 -15.43
N PRO K 296 -73.09 52.18 -14.23
CA PRO K 296 -74.28 52.99 -13.89
C PRO K 296 -74.48 54.20 -14.80
N ASP K 297 -75.50 55.00 -14.51
CA ASP K 297 -75.92 56.12 -15.34
C ASP K 297 -75.52 57.48 -14.78
N PHE K 298 -75.12 57.52 -13.52
CA PHE K 298 -74.58 58.72 -12.88
C PHE K 298 -74.07 58.30 -11.52
N LEU K 299 -73.23 59.14 -10.94
CA LEU K 299 -72.59 58.87 -9.66
C LEU K 299 -72.98 59.96 -8.68
N GLY K 300 -73.48 59.54 -7.52
CA GLY K 300 -73.84 60.47 -6.45
C GLY K 300 -72.77 60.45 -5.39
N ILE K 301 -72.31 61.63 -5.02
CA ILE K 301 -71.20 61.78 -4.08
C ILE K 301 -71.70 62.49 -2.84
N ASN K 302 -71.56 61.83 -1.68
CA ASN K 302 -71.70 62.45 -0.37
C ASN K 302 -70.31 62.90 0.09
N TYR K 303 -70.13 64.21 0.27
CA TYR K 303 -68.87 64.75 0.79
C TYR K 303 -69.15 65.66 1.98
N TYR K 304 -68.36 65.47 3.05
CA TYR K 304 -68.43 66.29 4.25
C TYR K 304 -67.08 66.83 4.70
N THR K 305 -66.01 66.07 4.53
CA THR K 305 -64.72 66.42 5.11
C THR K 305 -63.65 65.58 4.44
N ARG K 306 -62.41 65.80 4.85
CA ARG K 306 -61.27 65.01 4.43
C ARG K 306 -60.75 64.21 5.61
N ALA K 307 -59.72 63.40 5.37
CA ALA K 307 -58.97 62.80 6.45
C ALA K 307 -57.49 63.02 6.23
N VAL K 308 -56.75 63.25 7.31
CA VAL K 308 -55.30 63.44 7.28
C VAL K 308 -54.68 62.30 8.09
N ARG K 309 -53.80 61.51 7.46
CA ARG K 309 -53.29 60.28 8.05
C ARG K 309 -51.77 60.21 8.00
N LEU K 310 -51.22 59.24 8.72
CA LEU K 310 -49.77 59.04 8.74
C LEU K 310 -49.52 57.63 9.25
N TYR K 311 -48.36 57.11 8.87
CA TYR K 311 -48.01 55.75 9.21
C TYR K 311 -47.71 55.62 10.70
N ASP K 312 -48.10 54.50 11.28
CA ASP K 312 -47.89 54.23 12.69
C ASP K 312 -47.93 52.71 12.86
N GLU K 313 -46.74 52.11 12.93
CA GLU K 313 -46.65 50.65 12.89
C GLU K 313 -47.45 50.02 14.01
N ASN K 314 -47.59 50.70 15.14
CA ASN K 314 -48.27 50.13 16.29
C ASN K 314 -49.73 50.57 16.41
N SER K 315 -50.34 51.00 15.31
CA SER K 315 -51.74 51.36 15.36
C SER K 315 -52.60 50.15 15.70
N SER K 316 -53.80 50.40 16.21
CA SER K 316 -54.77 49.34 16.45
C SER K 316 -55.81 49.24 15.36
N TRP K 317 -55.70 50.02 14.29
CA TRP K 317 -56.57 49.91 13.12
C TRP K 317 -56.13 48.72 12.27
N ILE K 318 -56.90 48.44 11.22
CA ILE K 318 -56.55 47.31 10.36
C ILE K 318 -55.43 47.66 9.40
N PHE K 319 -55.21 48.92 9.16
CA PHE K 319 -54.00 49.43 8.53
C PHE K 319 -53.15 50.12 9.58
N PRO K 320 -51.83 50.01 9.51
CA PRO K 320 -50.96 50.70 10.49
C PRO K 320 -50.88 52.20 10.26
N ILE K 321 -51.98 52.90 10.58
CA ILE K 321 -52.08 54.33 10.34
C ILE K 321 -52.83 54.98 11.50
N ARG K 322 -52.56 56.27 11.69
CA ARG K 322 -53.27 57.10 12.67
C ARG K 322 -53.78 58.34 11.95
N TRP K 323 -54.77 58.98 12.55
CA TRP K 323 -55.32 60.23 12.05
C TRP K 323 -54.69 61.42 12.75
N GLU K 324 -54.65 62.55 12.05
CA GLU K 324 -54.21 63.81 12.62
C GLU K 324 -55.34 64.80 12.48
N HIS K 325 -55.30 65.87 13.26
CA HIS K 325 -56.32 66.91 13.18
C HIS K 325 -55.66 68.24 12.89
N PRO K 326 -55.61 68.67 11.65
CA PRO K 326 -55.04 69.99 11.35
C PRO K 326 -55.83 71.09 12.04
N ALA K 327 -55.14 72.19 12.32
CA ALA K 327 -55.84 73.39 12.77
C ALA K 327 -56.92 73.80 11.77
N GLY K 328 -57.94 74.49 12.28
CA GLY K 328 -58.99 75.01 11.44
C GLY K 328 -60.37 74.91 12.07
N GLU K 329 -61.40 75.23 11.28
CA GLU K 329 -62.77 75.19 11.74
C GLU K 329 -63.31 73.77 11.71
N TYR K 330 -64.15 73.46 12.69
CA TYR K 330 -64.73 72.13 12.85
C TYR K 330 -66.20 72.28 13.22
N THR K 331 -67.01 71.29 12.81
CA THR K 331 -68.44 71.25 13.08
C THR K 331 -68.72 70.47 14.36
N GLU K 332 -70.00 70.49 14.77
CA GLU K 332 -70.44 69.69 15.92
C GLU K 332 -70.18 68.19 15.74
N MET K 333 -69.92 67.74 14.50
CA MET K 333 -69.55 66.35 14.32
C MET K 333 -68.06 66.12 14.53
N GLY K 334 -67.30 67.18 14.82
CA GLY K 334 -65.84 67.06 14.84
C GLY K 334 -65.23 66.82 13.48
N TRP K 335 -65.93 67.20 12.41
CA TRP K 335 -65.40 67.11 11.06
C TRP K 335 -64.76 68.44 10.66
N GLU K 336 -63.58 68.35 10.05
CA GLU K 336 -62.90 69.54 9.55
C GLU K 336 -63.68 70.17 8.40
N VAL K 337 -63.85 71.49 8.49
CA VAL K 337 -64.37 72.30 7.39
C VAL K 337 -63.26 72.46 6.36
N PHE K 338 -63.32 71.70 5.27
CA PHE K 338 -62.25 71.66 4.26
C PHE K 338 -62.82 71.73 2.86
N PRO K 339 -63.38 72.88 2.46
CA PRO K 339 -64.02 72.96 1.13
C PRO K 339 -63.09 72.59 -0.02
N GLN K 340 -61.79 72.85 0.11
CA GLN K 340 -60.86 72.41 -0.92
C GLN K 340 -60.99 70.92 -1.20
N GLY K 341 -61.36 70.12 -0.20
CA GLY K 341 -61.41 68.67 -0.38
C GLY K 341 -62.47 68.25 -1.39
N LEU K 342 -63.55 69.03 -1.51
CA LEU K 342 -64.56 68.79 -2.53
C LEU K 342 -63.94 68.89 -3.92
N PHE K 343 -63.25 70.01 -4.19
CA PHE K 343 -62.63 70.21 -5.49
C PHE K 343 -61.59 69.14 -5.80
N ASP K 344 -60.71 68.83 -4.84
CA ASP K 344 -59.70 67.81 -5.09
C ASP K 344 -60.34 66.47 -5.41
N LEU K 345 -61.46 66.16 -4.76
CA LEU K 345 -62.11 64.87 -4.96
C LEU K 345 -62.70 64.76 -6.35
N LEU K 346 -63.45 65.79 -6.77
CA LEU K 346 -64.09 65.77 -8.08
C LEU K 346 -63.06 65.64 -9.19
N MET K 347 -61.96 66.41 -9.07
CA MET K 347 -60.88 66.34 -10.06
C MET K 347 -60.20 64.97 -10.05
N TRP K 348 -59.99 64.41 -8.86
CA TRP K 348 -59.47 63.05 -8.78
C TRP K 348 -60.43 62.04 -9.42
N ILE K 349 -61.74 62.29 -9.34
CA ILE K 349 -62.71 61.40 -9.97
C ILE K 349 -62.61 61.51 -11.50
N LYS K 350 -62.70 62.74 -12.00
CA LYS K 350 -62.64 62.99 -13.44
C LYS K 350 -61.39 62.40 -14.07
N GLU K 351 -60.24 62.61 -13.46
CA GLU K 351 -59.03 62.18 -14.11
C GLU K 351 -58.69 60.71 -13.87
N ASN K 352 -59.48 59.99 -13.07
CA ASN K 352 -59.16 58.58 -12.81
C ASN K 352 -60.22 57.60 -13.21
N TYR K 353 -61.45 58.04 -13.46
CA TYR K 353 -62.53 57.13 -13.77
C TYR K 353 -63.20 57.55 -15.07
N PRO K 354 -63.69 56.57 -15.85
CA PRO K 354 -64.47 56.89 -17.06
C PRO K 354 -65.42 58.03 -16.79
N GLN K 355 -65.67 58.89 -17.78
CA GLN K 355 -66.58 60.01 -17.55
C GLN K 355 -67.92 59.44 -17.05
N ILE K 356 -68.62 60.23 -16.25
CA ILE K 356 -69.94 59.89 -15.71
C ILE K 356 -70.55 61.17 -15.16
N PRO K 357 -71.85 61.39 -15.31
CA PRO K 357 -72.47 62.57 -14.66
C PRO K 357 -72.42 62.42 -13.14
N ILE K 358 -72.03 63.50 -12.46
CA ILE K 358 -71.78 63.45 -11.03
C ILE K 358 -72.76 64.37 -10.34
N TYR K 359 -73.39 63.85 -9.29
CA TYR K 359 -74.30 64.62 -8.45
C TYR K 359 -73.74 64.65 -7.03
N ILE K 360 -73.66 65.85 -6.45
CA ILE K 360 -73.37 65.96 -5.03
C ILE K 360 -74.70 65.72 -4.31
N THR K 361 -74.88 64.49 -3.81
CA THR K 361 -76.16 64.07 -3.23
C THR K 361 -76.30 64.41 -1.75
N GLU K 362 -75.20 64.70 -1.06
CA GLU K 362 -75.22 65.14 0.33
C GLU K 362 -74.01 66.03 0.57
N ASN K 363 -74.24 67.22 1.11
CA ASN K 363 -73.19 68.02 1.74
C ASN K 363 -73.85 69.08 2.60
N GLY K 364 -73.39 69.19 3.84
CA GLY K 364 -73.94 70.16 4.77
C GLY K 364 -73.10 70.16 6.01
N ALA K 365 -73.62 70.75 7.09
CA ALA K 365 -72.80 70.81 8.30
C ALA K 365 -73.68 71.08 9.52
N ALA K 366 -73.27 70.48 10.65
CA ALA K 366 -74.03 70.53 11.89
C ALA K 366 -73.48 71.62 12.82
N TYR K 367 -74.33 72.61 13.12
CA TYR K 367 -74.01 73.59 14.15
C TYR K 367 -75.07 73.50 15.23
N ASN K 368 -74.75 74.05 16.40
CA ASN K 368 -75.65 73.95 17.54
C ASN K 368 -76.58 75.15 17.49
N ASP K 369 -77.65 75.04 16.70
CA ASP K 369 -78.52 76.17 16.43
C ASP K 369 -79.39 76.52 17.63
N ILE K 370 -79.55 77.81 17.86
CA ILE K 370 -80.38 78.35 18.92
C ILE K 370 -81.47 79.20 18.30
N VAL K 371 -82.72 78.93 18.64
CA VAL K 371 -83.82 79.77 18.18
C VAL K 371 -83.85 81.02 19.05
N THR K 372 -83.65 82.16 18.43
CA THR K 372 -83.47 83.38 19.18
C THR K 372 -84.82 83.92 19.66
N GLU K 373 -84.74 84.98 20.45
CA GLU K 373 -85.93 85.44 21.18
C GLU K 373 -87.05 85.85 20.22
N ASP K 374 -86.71 86.52 19.13
CA ASP K 374 -87.72 86.88 18.14
C ASP K 374 -87.99 85.76 17.12
N GLY K 375 -87.56 84.53 17.39
CA GLY K 375 -87.96 83.42 16.56
C GLY K 375 -87.16 83.23 15.29
N LYS K 376 -85.85 83.49 15.33
CA LYS K 376 -84.97 83.26 14.20
C LYS K 376 -83.82 82.36 14.60
N VAL K 377 -83.06 81.90 13.60
CA VAL K 377 -81.90 81.05 13.78
C VAL K 377 -80.78 81.61 12.91
N HIS K 378 -79.83 82.32 13.52
CA HIS K 378 -78.76 83.01 12.79
C HIS K 378 -77.57 82.09 12.59
N ASP K 379 -77.77 81.04 11.79
CA ASP K 379 -76.71 80.05 11.59
C ASP K 379 -75.69 80.55 10.56
N SER K 380 -74.95 81.57 10.97
CA SER K 380 -74.03 82.19 10.01
C SER K 380 -72.85 81.28 9.66
N LYS K 381 -72.48 80.34 10.53
CA LYS K 381 -71.38 79.44 10.21
C LYS K 381 -71.82 78.39 9.18
N ARG K 382 -73.08 77.96 9.24
CA ARG K 382 -73.60 77.07 8.21
C ARG K 382 -73.60 77.77 6.85
N ILE K 383 -73.97 79.04 6.84
CA ILE K 383 -74.02 79.77 5.58
C ILE K 383 -72.64 79.82 4.94
N GLU K 384 -71.64 80.29 5.72
CA GLU K 384 -70.28 80.33 5.23
C GLU K 384 -69.77 78.95 4.83
N TYR K 385 -70.15 77.90 5.56
CA TYR K 385 -69.78 76.56 5.13
C TYR K 385 -70.32 76.29 3.73
N LEU K 386 -71.59 76.63 3.49
CA LEU K 386 -72.22 76.29 2.21
C LEU K 386 -71.63 77.13 1.08
N LYS K 387 -71.58 78.45 1.30
CA LYS K 387 -70.97 79.37 0.36
C LYS K 387 -69.65 78.83 -0.17
N GLN K 388 -68.78 78.39 0.74
CA GLN K 388 -67.45 77.91 0.35
C GLN K 388 -67.51 76.58 -0.39
N HIS K 389 -68.48 75.72 -0.06
CA HIS K 389 -68.56 74.45 -0.76
C HIS K 389 -69.24 74.61 -2.11
N PHE K 390 -70.22 75.51 -2.21
CA PHE K 390 -70.76 75.90 -3.52
C PHE K 390 -69.64 76.40 -4.41
N ASP K 391 -68.80 77.29 -3.86
CA ASP K 391 -67.73 77.92 -4.62
C ASP K 391 -66.73 76.88 -5.14
N GLN K 392 -66.50 75.81 -4.38
CA GLN K 392 -65.64 74.76 -4.88
C GLN K 392 -66.36 73.91 -5.91
N ALA K 393 -67.67 73.77 -5.76
CA ALA K 393 -68.51 73.12 -6.77
C ALA K 393 -68.36 73.82 -8.11
N ARG K 394 -68.49 75.14 -8.11
CA ARG K 394 -68.32 75.91 -9.33
C ARG K 394 -66.93 75.70 -9.93
N LYS K 395 -65.89 75.83 -9.08
CA LYS K 395 -64.53 75.71 -9.58
C LYS K 395 -64.29 74.37 -10.26
N ALA K 396 -64.94 73.30 -9.79
CA ALA K 396 -64.79 72.00 -10.43
C ALA K 396 -65.55 71.93 -11.75
N ILE K 397 -66.65 72.68 -11.86
CA ILE K 397 -67.32 72.84 -13.15
C ILE K 397 -66.41 73.54 -14.14
N GLU K 398 -65.86 74.70 -13.75
CA GLU K 398 -64.92 75.43 -14.59
C GLU K 398 -63.77 74.55 -15.09
N ASN K 399 -63.27 73.65 -14.25
CA ASN K 399 -62.25 72.71 -14.69
C ASN K 399 -62.85 71.48 -15.36
N GLY K 400 -64.10 71.56 -15.80
CA GLY K 400 -64.71 70.52 -16.60
C GLY K 400 -65.02 69.20 -15.91
N VAL K 401 -65.53 69.24 -14.68
CA VAL K 401 -66.13 68.08 -14.06
C VAL K 401 -67.60 68.09 -14.46
N ASP K 402 -68.17 66.91 -14.66
CA ASP K 402 -69.58 66.83 -15.06
C ASP K 402 -70.50 66.86 -13.83
N LEU K 403 -70.62 68.04 -13.26
CA LEU K 403 -71.41 68.23 -12.05
C LEU K 403 -72.80 68.74 -12.44
N ARG K 404 -73.81 67.90 -12.28
CA ARG K 404 -75.16 68.26 -12.69
C ARG K 404 -76.06 68.70 -11.54
N GLY K 405 -75.71 68.37 -10.29
CA GLY K 405 -76.57 68.73 -9.18
C GLY K 405 -75.86 68.71 -7.85
N TYR K 406 -76.45 69.43 -6.90
CA TYR K 406 -75.86 69.63 -5.58
C TYR K 406 -76.99 69.62 -4.56
N PHE K 407 -77.00 68.62 -3.69
CA PHE K 407 -78.07 68.41 -2.70
C PHE K 407 -77.57 68.76 -1.30
N VAL K 408 -78.11 69.84 -0.73
CA VAL K 408 -77.76 70.23 0.64
C VAL K 408 -78.38 69.24 1.62
N TRP K 409 -77.53 68.60 2.42
CA TRP K 409 -78.00 67.88 3.59
C TRP K 409 -78.03 68.84 4.77
N SER K 410 -79.21 69.15 5.28
CA SER K 410 -80.48 68.51 4.97
C SER K 410 -81.56 69.59 4.90
N LEU K 411 -82.71 69.24 4.34
CA LEU K 411 -83.83 70.19 4.27
C LEU K 411 -84.23 70.68 5.67
N MET K 412 -84.33 69.75 6.62
CA MET K 412 -84.79 70.07 7.97
C MET K 412 -83.95 69.27 8.97
N ASP K 413 -83.81 69.80 10.18
CA ASP K 413 -83.17 69.03 11.24
C ASP K 413 -83.92 67.73 11.42
N ASN K 414 -83.20 66.66 11.74
CA ASN K 414 -83.78 65.33 11.77
C ASN K 414 -82.95 64.44 12.69
N LEU K 415 -83.35 63.18 12.80
CA LEU K 415 -82.61 62.22 13.63
C LEU K 415 -81.29 61.86 12.93
N GLU K 416 -80.17 62.15 13.60
CA GLU K 416 -78.85 61.86 13.05
C GLU K 416 -78.33 60.51 13.55
N TRP K 417 -79.05 59.46 13.14
CA TRP K 417 -78.70 58.05 13.44
C TRP K 417 -78.28 57.97 14.91
N ALA K 418 -77.19 57.29 15.24
CA ALA K 418 -76.78 57.05 16.62
C ALA K 418 -76.49 58.33 17.41
N MET K 419 -76.45 59.51 16.78
CA MET K 419 -76.31 60.77 17.49
C MET K 419 -77.65 61.34 17.94
N GLY K 420 -78.75 60.66 17.65
CA GLY K 420 -80.02 61.21 18.06
C GLY K 420 -80.30 62.53 17.37
N TYR K 421 -81.03 63.39 18.07
CA TYR K 421 -81.38 64.72 17.57
C TYR K 421 -80.37 65.77 17.97
N THR K 422 -79.20 65.36 18.48
CA THR K 422 -78.23 66.30 18.99
C THR K 422 -77.44 67.01 17.89
N LYS K 423 -77.56 66.55 16.65
CA LYS K 423 -76.87 67.14 15.50
C LYS K 423 -77.92 67.71 14.56
N ARG K 424 -77.89 69.01 14.37
CA ARG K 424 -78.83 69.72 13.52
C ARG K 424 -78.14 70.09 12.22
N PHE K 425 -78.58 69.46 11.13
CA PHE K 425 -78.02 69.69 9.81
C PHE K 425 -78.92 70.55 8.91
N GLY K 426 -80.14 70.86 9.34
CA GLY K 426 -81.12 71.37 8.41
C GLY K 426 -80.95 72.83 8.13
N ILE K 427 -81.54 73.27 7.02
CA ILE K 427 -81.68 74.71 6.82
C ILE K 427 -82.99 75.18 7.39
N ILE K 428 -83.81 74.26 7.90
CA ILE K 428 -85.06 74.56 8.56
C ILE K 428 -84.97 73.95 9.96
N TYR K 429 -85.13 74.80 10.97
CA TYR K 429 -85.12 74.34 12.34
C TYR K 429 -86.44 73.64 12.67
N VAL K 430 -86.35 72.51 13.36
CA VAL K 430 -87.52 71.72 13.71
C VAL K 430 -87.60 71.69 15.22
N ASP K 431 -88.64 72.31 15.76
CA ASP K 431 -88.87 72.25 17.21
C ASP K 431 -89.59 70.94 17.48
N TYR K 432 -88.83 69.91 17.89
CA TYR K 432 -89.38 68.57 18.06
C TYR K 432 -90.45 68.50 19.14
N GLU K 433 -90.57 69.52 19.99
CA GLU K 433 -91.68 69.55 20.94
C GLU K 433 -93.00 69.79 20.23
N THR K 434 -93.05 70.84 19.40
CA THR K 434 -94.26 71.29 18.74
C THR K 434 -94.33 70.93 17.26
N GLN K 435 -93.26 70.38 16.67
CA GLN K 435 -93.15 70.04 15.26
C GLN K 435 -93.15 71.26 14.34
N LYS K 436 -93.18 72.45 14.93
CA LYS K 436 -93.02 73.72 14.21
C LYS K 436 -91.78 73.69 13.32
N ARG K 437 -91.85 74.39 12.19
CA ARG K 437 -90.72 74.56 11.29
C ARG K 437 -90.33 76.02 11.27
N ILE K 438 -89.06 76.29 11.59
CA ILE K 438 -88.52 77.65 11.56
C ILE K 438 -87.42 77.69 10.52
N LYS K 439 -87.53 78.65 9.60
CA LYS K 439 -86.53 78.80 8.56
C LYS K 439 -85.31 79.49 9.13
N LYS K 440 -84.17 78.81 9.04
CA LYS K 440 -82.93 79.40 9.50
C LYS K 440 -82.47 80.46 8.50
N ASP K 441 -81.53 81.29 8.94
CA ASP K 441 -80.89 82.22 8.01
C ASP K 441 -80.26 81.51 6.80
N SER K 442 -79.88 80.24 6.93
CA SER K 442 -79.34 79.52 5.78
C SER K 442 -80.41 79.14 4.76
N PHE K 443 -81.68 79.18 5.16
CA PHE K 443 -82.76 79.01 4.19
C PHE K 443 -82.75 80.18 3.20
N TYR K 444 -82.80 81.39 3.72
CA TYR K 444 -82.89 82.57 2.86
C TYR K 444 -81.59 82.77 2.07
N PHE K 445 -80.45 82.35 2.61
CA PHE K 445 -79.21 82.38 1.84
C PHE K 445 -79.26 81.38 0.68
N TYR K 446 -79.67 80.15 0.95
CA TYR K 446 -79.72 79.13 -0.11
C TYR K 446 -80.75 79.50 -1.17
N GLN K 447 -81.92 79.95 -0.74
CA GLN K 447 -82.96 80.43 -1.66
C GLN K 447 -82.39 81.43 -2.65
N GLN K 448 -81.85 82.53 -2.14
CA GLN K 448 -81.29 83.57 -3.02
C GLN K 448 -80.13 83.01 -3.86
N TYR K 449 -79.34 82.10 -3.29
CA TYR K 449 -78.22 81.57 -4.07
C TYR K 449 -78.70 80.73 -5.24
N ILE K 450 -79.76 79.94 -5.02
CA ILE K 450 -80.36 79.20 -6.13
C ILE K 450 -80.89 80.16 -7.16
N LYS K 451 -81.55 81.23 -6.70
CA LYS K 451 -82.10 82.24 -7.61
C LYS K 451 -81.01 82.74 -8.55
N GLU K 452 -79.88 83.17 -8.00
CA GLU K 452 -78.84 83.78 -8.81
C GLU K 452 -77.94 82.77 -9.48
N ASN K 453 -78.29 81.48 -9.49
CA ASN K 453 -77.42 80.48 -10.10
C ASN K 453 -78.17 79.39 -10.86
N SER K 454 -79.47 79.56 -11.09
CA SER K 454 -80.21 78.67 -11.97
C SER K 454 -80.86 79.50 -13.08
N MET L 2 -110.87 69.18 19.59
CA MET L 2 -112.08 68.38 19.83
C MET L 2 -113.16 69.24 20.49
N SER L 3 -114.42 68.98 20.16
CA SER L 3 -115.56 69.73 20.68
C SER L 3 -116.29 68.91 21.74
N PHE L 4 -117.34 69.49 22.28
CA PHE L 4 -118.06 68.89 23.41
C PHE L 4 -119.12 67.90 22.91
N PRO L 5 -119.49 66.90 23.75
CA PRO L 5 -120.62 66.02 23.42
C PRO L 5 -121.85 66.76 22.92
N LYS L 6 -122.70 66.05 22.16
CA LYS L 6 -123.76 66.72 21.40
C LYS L 6 -124.88 67.24 22.30
N GLY L 7 -125.19 66.54 23.39
CA GLY L 7 -126.20 67.07 24.30
C GLY L 7 -125.61 67.66 25.57
N PHE L 8 -124.57 68.48 25.43
CA PHE L 8 -123.85 68.98 26.58
C PHE L 8 -124.67 70.04 27.31
N LEU L 9 -124.72 69.93 28.64
CA LEU L 9 -125.61 70.76 29.46
C LEU L 9 -124.93 72.07 29.83
N TRP L 10 -124.91 73.01 28.88
CA TRP L 10 -124.51 74.37 29.16
C TRP L 10 -125.58 75.05 30.01
N GLY L 11 -125.24 75.36 31.27
CA GLY L 11 -126.20 75.94 32.17
C GLY L 11 -125.65 77.11 32.95
N ALA L 12 -126.54 77.74 33.71
CA ALA L 12 -126.22 78.64 34.80
C ALA L 12 -126.85 78.08 36.07
N ALA L 13 -126.41 78.60 37.21
CA ALA L 13 -126.94 78.15 38.49
C ALA L 13 -127.31 79.32 39.39
N THR L 14 -128.21 79.02 40.33
CA THR L 14 -128.61 79.91 41.43
C THR L 14 -128.94 79.03 42.62
N ALA L 15 -129.27 79.68 43.73
CA ALA L 15 -129.84 79.02 44.90
C ALA L 15 -130.92 79.92 45.50
N SER L 16 -131.95 79.29 46.08
CA SER L 16 -133.19 79.98 46.45
C SER L 16 -132.93 81.20 47.33
N TYR L 17 -132.24 81.02 48.46
CA TYR L 17 -132.06 82.14 49.37
C TYR L 17 -131.25 83.28 48.75
N GLN L 18 -130.47 83.00 47.71
CA GLN L 18 -129.62 84.05 47.17
C GLN L 18 -130.34 84.96 46.19
N ILE L 19 -131.44 84.50 45.60
CA ILE L 19 -132.09 85.24 44.51
C ILE L 19 -133.57 85.48 44.73
N GLU L 20 -134.26 84.69 45.56
CA GLU L 20 -135.73 84.67 45.48
C GLU L 20 -136.38 85.85 46.19
N GLY L 21 -135.79 86.33 47.29
CA GLY L 21 -136.49 87.30 48.09
C GLY L 21 -137.78 86.72 48.61
N ALA L 22 -138.75 87.61 48.86
CA ALA L 22 -140.08 87.22 49.34
C ALA L 22 -139.99 86.29 50.53
N TRP L 23 -139.16 86.68 51.51
CA TRP L 23 -138.76 85.76 52.57
C TRP L 23 -139.90 85.38 53.52
N ASN L 24 -140.97 86.18 53.59
CA ASN L 24 -142.10 85.84 54.46
C ASN L 24 -143.42 86.08 53.74
N GLU L 25 -143.49 85.72 52.47
CA GLU L 25 -144.70 85.81 51.66
C GLU L 25 -145.33 84.43 51.49
N ASP L 26 -146.65 84.44 51.25
CA ASP L 26 -147.41 83.26 50.87
C ASP L 26 -147.20 82.11 51.86
N GLY L 27 -147.10 82.43 53.14
CA GLY L 27 -146.98 81.43 54.17
C GLY L 27 -145.64 80.74 54.28
N LYS L 28 -144.60 81.23 53.58
CA LYS L 28 -143.28 80.61 53.64
C LYS L 28 -142.71 80.71 55.05
N GLY L 29 -142.18 79.61 55.56
CA GLY L 29 -141.60 79.61 56.90
C GLY L 29 -140.26 80.31 56.94
N GLU L 30 -139.77 80.48 58.16
CA GLU L 30 -138.45 81.09 58.38
C GLU L 30 -137.37 80.04 58.14
N SER L 31 -136.42 80.36 57.25
CA SER L 31 -135.24 79.51 57.10
C SER L 31 -134.16 79.91 58.11
N ILE L 32 -133.21 78.98 58.33
CA ILE L 32 -132.10 79.26 59.23
C ILE L 32 -131.27 80.45 58.75
N TRP L 33 -131.32 80.76 57.46
CA TRP L 33 -130.62 81.93 56.91
C TRP L 33 -131.45 83.20 57.03
N ASP L 34 -132.78 83.09 57.10
CA ASP L 34 -133.57 84.24 57.52
C ASP L 34 -133.16 84.66 58.92
N ARG L 35 -133.01 83.69 59.81
CA ARG L 35 -132.62 84.00 61.19
C ARG L 35 -131.19 84.52 61.25
N PHE L 36 -130.29 83.95 60.45
CA PHE L 36 -128.88 84.32 60.51
C PHE L 36 -128.66 85.78 60.10
N THR L 37 -129.29 86.19 58.99
CA THR L 37 -129.07 87.53 58.44
C THR L 37 -129.87 88.61 59.16
N HIS L 38 -130.85 88.23 59.99
CA HIS L 38 -131.58 89.17 60.83
C HIS L 38 -130.89 89.36 62.18
N GLN L 39 -129.78 88.68 62.40
CA GLN L 39 -128.94 88.87 63.58
C GLN L 39 -127.72 89.69 63.15
N LYS L 40 -127.40 90.72 63.94
CA LYS L 40 -126.35 91.68 63.58
C LYS L 40 -124.97 91.03 63.59
N GLY L 41 -124.13 91.44 62.65
CA GLY L 41 -122.76 90.99 62.70
C GLY L 41 -122.47 89.64 62.09
N ASN L 42 -123.41 89.08 61.33
CA ASN L 42 -123.17 87.85 60.59
C ASN L 42 -122.87 88.07 59.13
N ILE L 43 -123.45 89.13 58.55
CA ILE L 43 -123.33 89.42 57.13
C ILE L 43 -122.60 90.75 56.97
N LEU L 44 -121.77 90.86 55.92
CA LEU L 44 -121.13 92.13 55.62
C LEU L 44 -122.17 93.20 55.37
N TYR L 45 -121.93 94.40 55.94
CA TYR L 45 -122.79 95.57 55.79
C TYR L 45 -124.23 95.31 56.21
N GLY L 46 -124.47 94.26 56.99
CA GLY L 46 -125.82 93.95 57.39
C GLY L 46 -126.76 93.58 56.26
N HIS L 47 -126.24 93.11 55.13
CA HIS L 47 -127.14 92.69 54.07
C HIS L 47 -127.94 91.46 54.48
N ASN L 48 -129.06 91.22 53.77
CA ASN L 48 -129.85 90.00 53.98
C ASN L 48 -130.59 89.66 52.70
N GLY L 49 -131.23 88.50 52.71
CA GLY L 49 -131.94 88.06 51.53
C GLY L 49 -133.44 88.24 51.60
N ASP L 50 -133.91 89.27 52.31
CA ASP L 50 -135.35 89.58 52.37
C ASP L 50 -135.91 89.84 50.98
N ILE L 51 -135.17 90.58 50.15
CA ILE L 51 -135.62 90.96 48.81
C ILE L 51 -134.76 90.30 47.72
N ALA L 52 -133.44 90.29 47.90
CA ALA L 52 -132.50 89.70 46.94
C ALA L 52 -132.78 90.21 45.52
N CYS L 53 -132.83 89.30 44.55
CA CYS L 53 -133.15 89.68 43.18
C CYS L 53 -134.64 89.64 42.90
N ASP L 54 -135.47 89.41 43.92
CA ASP L 54 -136.92 89.32 43.77
C ASP L 54 -137.34 88.28 42.72
N HIS L 55 -136.51 87.23 42.56
CA HIS L 55 -136.81 86.17 41.59
C HIS L 55 -138.22 85.63 41.78
N TYR L 56 -138.66 85.50 43.04
CA TYR L 56 -140.02 85.05 43.34
C TYR L 56 -141.05 85.81 42.52
N HIS L 57 -140.83 87.11 42.32
CA HIS L 57 -141.79 87.93 41.59
C HIS L 57 -141.42 88.17 40.14
N ARG L 58 -140.14 88.16 39.77
CA ARG L 58 -139.71 88.47 38.40
C ARG L 58 -139.21 87.25 37.63
N PHE L 59 -139.50 86.03 38.11
CA PHE L 59 -138.93 84.82 37.52
C PHE L 59 -139.20 84.69 36.02
N GLU L 60 -140.36 85.14 35.54
CA GLU L 60 -140.67 85.01 34.11
C GLU L 60 -139.68 85.79 33.26
N GLU L 61 -139.43 87.06 33.63
CA GLU L 61 -138.43 87.85 32.91
C GLU L 61 -137.06 87.18 32.97
N ASP L 62 -136.78 86.47 34.07
CA ASP L 62 -135.50 85.79 34.21
C ASP L 62 -135.40 84.59 33.26
N VAL L 63 -136.50 83.85 33.08
CA VAL L 63 -136.45 82.69 32.20
C VAL L 63 -136.37 83.13 30.74
N LEU L 64 -136.93 84.29 30.41
CA LEU L 64 -136.78 84.80 29.05
C LEU L 64 -135.33 85.11 28.75
N LEU L 65 -134.59 85.58 29.76
CA LEU L 65 -133.16 85.81 29.58
C LEU L 65 -132.41 84.49 29.40
N MET L 66 -132.82 83.43 30.11
CA MET L 66 -132.24 82.11 29.85
C MET L 66 -132.55 81.64 28.45
N LYS L 67 -133.73 82.00 27.92
CA LYS L 67 -134.03 81.71 26.53
C LYS L 67 -133.11 82.51 25.60
N GLU L 68 -132.96 83.81 25.89
CA GLU L 68 -132.09 84.65 25.09
C GLU L 68 -130.64 84.19 25.14
N LEU L 69 -130.20 83.66 26.28
CA LEU L 69 -128.83 83.18 26.41
C LEU L 69 -128.63 81.85 25.68
N GLY L 70 -129.70 81.09 25.48
CA GLY L 70 -129.59 79.80 24.84
C GLY L 70 -129.15 78.68 25.73
N LEU L 71 -129.38 78.76 27.04
CA LEU L 71 -128.97 77.71 27.95
C LEU L 71 -129.62 76.38 27.60
N LYS L 72 -128.83 75.31 27.69
CA LYS L 72 -129.41 73.98 27.64
C LYS L 72 -130.10 73.63 28.95
N ALA L 73 -129.53 74.06 30.07
CA ALA L 73 -130.09 73.71 31.37
C ALA L 73 -130.05 74.92 32.30
N TYR L 74 -130.68 74.73 33.45
CA TYR L 74 -130.70 75.75 34.49
C TYR L 74 -130.76 75.05 35.84
N ARG L 75 -129.79 75.34 36.68
CA ARG L 75 -129.72 74.77 38.02
C ARG L 75 -130.25 75.79 39.03
N PHE L 76 -131.26 75.39 39.80
CA PHE L 76 -131.78 76.19 40.89
C PHE L 76 -132.06 75.27 42.07
N SER L 77 -132.50 75.88 43.16
CA SER L 77 -132.84 75.12 44.34
C SER L 77 -134.27 75.44 44.76
N ILE L 78 -134.85 74.52 45.54
CA ILE L 78 -136.19 74.68 46.09
C ILE L 78 -136.07 75.06 47.55
N ALA L 79 -136.74 76.14 47.93
CA ALA L 79 -136.81 76.57 49.31
C ALA L 79 -137.67 75.58 50.10
N TRP L 80 -137.02 74.79 50.96
CA TRP L 80 -137.73 73.89 51.84
C TRP L 80 -138.87 74.61 52.58
N THR L 81 -138.62 75.82 53.08
CA THR L 81 -139.65 76.53 53.84
C THR L 81 -140.81 77.01 52.97
N ARG L 82 -140.67 77.00 51.65
CA ARG L 82 -141.83 77.36 50.85
C ARG L 82 -142.84 76.22 50.75
N ILE L 83 -142.40 74.97 50.92
CA ILE L 83 -143.26 73.80 50.81
C ILE L 83 -143.75 73.33 52.16
N PHE L 84 -142.84 73.20 53.13
CA PHE L 84 -143.14 72.82 54.50
C PHE L 84 -142.68 73.95 55.40
N PRO L 85 -143.53 74.94 55.68
CA PRO L 85 -143.12 76.04 56.55
C PRO L 85 -142.61 75.59 57.90
N ASP L 86 -143.04 74.43 58.39
CA ASP L 86 -142.53 73.87 59.63
C ASP L 86 -141.59 72.69 59.42
N GLY L 87 -141.19 72.42 58.18
CA GLY L 87 -140.33 71.30 57.85
C GLY L 87 -141.09 70.03 57.51
N PHE L 88 -142.11 69.70 58.30
CA PHE L 88 -142.99 68.56 58.08
C PHE L 88 -144.44 69.01 58.27
N GLY L 89 -145.36 68.06 58.10
CA GLY L 89 -146.78 68.27 58.33
C GLY L 89 -147.52 69.07 57.26
N ASN L 90 -147.96 70.26 57.62
CA ASN L 90 -148.76 71.06 56.70
C ASN L 90 -147.95 71.40 55.45
N VAL L 91 -148.41 70.91 54.30
CA VAL L 91 -147.82 71.26 53.02
C VAL L 91 -148.43 72.58 52.55
N ASN L 92 -147.58 73.49 52.09
CA ASN L 92 -148.02 74.83 51.70
C ASN L 92 -148.33 74.85 50.21
N GLN L 93 -149.60 75.05 49.88
CA GLN L 93 -150.04 75.09 48.49
C GLN L 93 -149.45 76.28 47.74
N LYS L 94 -149.20 77.40 48.43
CA LYS L 94 -148.66 78.54 47.70
C LYS L 94 -147.20 78.35 47.32
N GLY L 95 -146.47 77.51 48.04
CA GLY L 95 -145.12 77.16 47.61
C GLY L 95 -145.11 76.27 46.39
N LEU L 96 -145.89 75.18 46.42
CA LEU L 96 -145.96 74.28 45.28
C LEU L 96 -146.33 75.03 44.01
N GLU L 97 -147.23 76.00 44.12
CA GLU L 97 -147.66 76.74 42.94
C GLU L 97 -146.52 77.52 42.32
N PHE L 98 -145.72 78.20 43.14
CA PHE L 98 -144.61 79.00 42.61
C PHE L 98 -143.67 78.15 41.76
N TYR L 99 -143.20 77.03 42.32
CA TYR L 99 -142.24 76.19 41.59
C TYR L 99 -142.91 75.50 40.42
N ASP L 100 -144.22 75.21 40.53
CA ASP L 100 -144.96 74.65 39.40
C ASP L 100 -144.89 75.58 38.19
N ARG L 101 -145.06 76.88 38.41
CA ARG L 101 -145.00 77.84 37.31
C ARG L 101 -143.56 78.03 36.82
N LEU L 102 -142.59 78.03 37.73
CA LEU L 102 -141.19 78.18 37.32
C LEU L 102 -140.74 77.00 36.48
N ILE L 103 -140.93 75.78 36.99
CA ILE L 103 -140.56 74.59 36.24
C ILE L 103 -141.30 74.52 34.91
N ASN L 104 -142.58 74.93 34.91
CA ASN L 104 -143.31 74.94 33.65
C ASN L 104 -142.71 75.96 32.69
N LYS L 105 -142.52 77.21 33.13
CA LYS L 105 -141.94 78.21 32.24
C LYS L 105 -140.58 77.77 31.68
N LEU L 106 -139.82 76.96 32.43
CA LEU L 106 -138.54 76.46 31.93
C LEU L 106 -138.74 75.42 30.83
N VAL L 107 -139.48 74.35 31.13
CA VAL L 107 -139.71 73.28 30.16
C VAL L 107 -140.47 73.78 28.94
N GLU L 108 -141.26 74.84 29.08
CA GLU L 108 -141.93 75.46 27.95
C GLU L 108 -141.00 76.31 27.08
N ASN L 109 -139.79 76.61 27.55
CA ASN L 109 -138.82 77.38 26.77
C ASN L 109 -137.64 76.53 26.30
N GLY L 110 -137.69 75.22 26.49
CA GLY L 110 -136.62 74.36 26.03
C GLY L 110 -135.41 74.27 26.94
N ILE L 111 -135.55 74.67 28.20
CA ILE L 111 -134.46 74.65 29.16
C ILE L 111 -134.67 73.46 30.08
N GLU L 112 -133.68 72.58 30.15
CA GLU L 112 -133.76 71.45 31.07
C GLU L 112 -133.61 71.92 32.51
N PRO L 113 -134.54 71.58 33.41
CA PRO L 113 -134.37 71.94 34.82
C PRO L 113 -133.45 70.97 35.54
N VAL L 114 -132.57 71.51 36.38
CA VAL L 114 -131.71 70.76 37.26
C VAL L 114 -131.94 71.32 38.66
N ILE L 115 -132.41 70.48 39.58
CA ILE L 115 -132.93 70.97 40.85
C ILE L 115 -132.04 70.49 41.99
N THR L 116 -131.59 71.44 42.80
CA THR L 116 -130.94 71.19 44.07
C THR L 116 -132.01 71.10 45.15
N ILE L 117 -132.15 69.94 45.77
CA ILE L 117 -133.19 69.75 46.78
C ILE L 117 -132.89 70.60 48.01
N TYR L 118 -131.66 70.53 48.51
CA TYR L 118 -131.26 71.29 49.70
C TYR L 118 -130.08 72.17 49.36
N HIS L 119 -130.26 73.48 49.48
CA HIS L 119 -129.21 74.48 49.27
C HIS L 119 -129.15 75.42 50.46
N TRP L 120 -129.07 74.87 51.67
CA TRP L 120 -128.61 75.50 52.92
C TRP L 120 -129.73 76.15 53.72
N ASP L 121 -130.93 76.30 53.19
CA ASP L 121 -132.01 77.03 53.86
C ASP L 121 -132.94 76.07 54.61
N LEU L 122 -132.36 75.36 55.57
CA LEU L 122 -133.14 74.51 56.45
C LEU L 122 -134.24 75.31 57.15
N PRO L 123 -135.44 74.74 57.31
CA PRO L 123 -136.48 75.41 58.10
C PRO L 123 -136.09 75.61 59.56
N GLN L 124 -136.31 76.82 60.07
CA GLN L 124 -135.91 77.16 61.44
C GLN L 124 -136.61 76.28 62.47
N LYS L 125 -137.85 75.85 62.20
CA LYS L 125 -138.53 74.93 63.13
C LYS L 125 -137.76 73.63 63.28
N LEU L 126 -137.06 73.19 62.23
CA LEU L 126 -136.20 72.01 62.34
C LEU L 126 -134.90 72.32 63.08
N GLN L 127 -134.36 73.53 62.92
CA GLN L 127 -133.20 73.93 63.72
C GLN L 127 -133.53 74.03 65.21
N ASP L 128 -134.81 74.21 65.56
CA ASP L 128 -135.20 74.33 66.97
C ASP L 128 -134.99 73.02 67.71
N ILE L 129 -135.19 71.89 67.03
CA ILE L 129 -135.00 70.56 67.63
C ILE L 129 -133.61 70.01 67.28
N GLY L 130 -132.76 70.84 66.68
CA GLY L 130 -131.35 70.50 66.53
C GLY L 130 -130.85 70.47 65.11
N GLY L 131 -131.67 70.78 64.11
CA GLY L 131 -131.25 70.78 62.72
C GLY L 131 -130.55 69.49 62.31
N TRP L 132 -129.49 69.64 61.53
CA TRP L 132 -128.77 68.48 61.00
C TRP L 132 -128.05 67.68 62.06
N ALA L 133 -127.90 68.19 63.26
CA ALA L 133 -127.27 67.45 64.36
C ALA L 133 -128.25 66.51 65.07
N ASN L 134 -129.48 66.40 64.58
CA ASN L 134 -130.48 65.45 65.10
C ASN L 134 -130.78 64.46 63.98
N SER L 135 -130.45 63.19 64.21
CA SER L 135 -130.62 62.17 63.18
C SER L 135 -132.05 62.02 62.69
N GLU L 136 -133.06 62.54 63.41
CA GLU L 136 -134.40 62.52 62.86
C GLU L 136 -134.50 63.33 61.57
N ILE L 137 -133.55 64.23 61.34
CA ILE L 137 -133.55 65.07 60.14
C ILE L 137 -133.45 64.25 58.86
N VAL L 138 -132.93 63.02 58.95
CA VAL L 138 -132.90 62.14 57.79
C VAL L 138 -134.33 61.92 57.28
N ASN L 139 -135.24 61.58 58.20
CA ASN L 139 -136.64 61.33 57.82
C ASN L 139 -137.31 62.60 57.29
N TYR L 140 -137.16 63.71 57.99
CA TYR L 140 -137.78 64.97 57.55
C TYR L 140 -137.27 65.37 56.17
N TYR L 141 -135.95 65.25 55.95
CA TYR L 141 -135.41 65.54 54.62
C TYR L 141 -135.94 64.55 53.59
N PHE L 142 -136.05 63.28 53.98
CA PHE L 142 -136.48 62.24 53.05
C PHE L 142 -137.88 62.51 52.52
N ASP L 143 -138.82 62.76 53.44
CA ASP L 143 -140.20 63.03 53.03
C ASP L 143 -140.26 64.26 52.14
N TYR L 144 -139.51 65.31 52.49
CA TYR L 144 -139.45 66.53 51.69
C TYR L 144 -138.92 66.23 50.29
N ALA L 145 -137.82 65.48 50.19
CA ALA L 145 -137.23 65.19 48.89
C ALA L 145 -138.17 64.38 47.99
N MET L 146 -138.85 63.38 48.54
CA MET L 146 -139.71 62.56 47.69
C MET L 146 -140.94 63.30 47.23
N LEU L 147 -141.44 64.26 48.03
CA LEU L 147 -142.55 65.07 47.60
C LEU L 147 -142.19 65.84 46.32
N VAL L 148 -141.06 66.54 46.33
CA VAL L 148 -140.70 67.35 45.16
C VAL L 148 -140.32 66.47 43.99
N ILE L 149 -139.58 65.39 44.26
CA ILE L 149 -139.23 64.44 43.20
C ILE L 149 -140.51 63.92 42.54
N ASN L 150 -141.42 63.37 43.36
CA ASN L 150 -142.62 62.75 42.80
C ASN L 150 -143.52 63.77 42.12
N ARG L 151 -143.58 65.00 42.62
CA ARG L 151 -144.38 66.02 41.95
C ARG L 151 -143.81 66.42 40.59
N TYR L 152 -142.48 66.42 40.43
CA TYR L 152 -141.90 67.00 39.23
C TYR L 152 -141.13 66.02 38.37
N LYS L 153 -141.09 64.72 38.74
CA LYS L 153 -140.36 63.73 37.96
C LYS L 153 -140.70 63.79 36.46
N ASP L 154 -141.94 64.15 36.12
CA ASP L 154 -142.35 64.18 34.72
C ASP L 154 -141.75 65.37 33.97
N ARG L 155 -141.26 66.38 34.69
CA ARG L 155 -140.70 67.57 34.06
C ARG L 155 -139.23 67.79 34.37
N VAL L 156 -138.63 67.06 35.31
CA VAL L 156 -137.28 67.36 35.78
C VAL L 156 -136.52 66.05 35.91
N LYS L 157 -135.47 65.88 35.10
CA LYS L 157 -134.73 64.62 35.05
C LYS L 157 -133.51 64.60 35.97
N TYR L 158 -132.95 65.75 36.32
CA TYR L 158 -131.70 65.83 37.08
C TYR L 158 -131.95 66.44 38.46
N TRP L 159 -131.60 65.69 39.50
CA TRP L 159 -131.85 66.09 40.88
C TRP L 159 -130.56 65.98 41.68
N ILE L 160 -130.23 67.04 42.41
CA ILE L 160 -129.09 67.04 43.32
C ILE L 160 -129.64 67.04 44.74
N THR L 161 -129.26 66.04 45.53
CA THR L 161 -129.75 65.98 46.90
C THR L 161 -129.22 67.13 47.73
N PHE L 162 -127.88 67.32 47.75
CA PHE L 162 -127.25 68.32 48.60
C PHE L 162 -126.22 69.13 47.81
N ASN L 163 -126.17 70.43 48.08
CA ASN L 163 -125.11 71.29 47.59
C ASN L 163 -124.07 71.51 48.68
N GLU L 164 -122.80 71.23 48.36
CA GLU L 164 -121.62 71.49 49.20
C GLU L 164 -121.81 71.03 50.64
N PRO L 165 -121.84 69.72 50.91
CA PRO L 165 -121.90 69.25 52.31
C PRO L 165 -120.81 69.83 53.19
N TYR L 166 -119.64 70.17 52.63
CA TYR L 166 -118.55 70.76 53.42
C TYR L 166 -119.00 72.05 54.11
N CYS L 167 -119.68 72.93 53.40
CA CYS L 167 -120.09 74.20 53.99
C CYS L 167 -121.20 74.00 55.02
N ILE L 168 -122.24 73.22 54.67
CA ILE L 168 -123.34 72.93 55.59
C ILE L 168 -122.80 72.48 56.94
N ALA L 169 -121.84 71.56 56.90
CA ALA L 169 -121.26 71.00 58.12
C ALA L 169 -120.27 71.96 58.77
N PHE L 170 -119.24 72.38 58.05
CA PHE L 170 -118.11 73.04 58.71
C PHE L 170 -118.30 74.54 58.85
N LEU L 171 -118.72 75.21 57.78
CA LEU L 171 -118.97 76.64 57.88
C LEU L 171 -120.17 76.95 58.77
N GLY L 172 -121.18 76.07 58.75
CA GLY L 172 -122.39 76.23 59.52
C GLY L 172 -122.33 75.74 60.96
N HIS L 173 -121.51 74.72 61.24
CA HIS L 173 -121.51 74.11 62.57
C HIS L 173 -120.13 74.02 63.22
N TRP L 174 -119.06 74.29 62.48
CA TRP L 174 -117.73 74.38 63.08
C TRP L 174 -117.26 75.83 63.19
N HIS L 175 -117.16 76.52 62.07
CA HIS L 175 -116.73 77.92 62.09
C HIS L 175 -117.85 78.89 62.41
N GLY L 176 -119.11 78.50 62.20
CA GLY L 176 -120.23 79.36 62.51
C GLY L 176 -120.34 80.60 61.67
N VAL L 177 -119.70 80.63 60.49
CA VAL L 177 -119.85 81.75 59.57
C VAL L 177 -121.03 81.57 58.63
N HIS L 178 -121.63 80.40 58.61
CA HIS L 178 -122.87 80.15 57.90
C HIS L 178 -123.93 79.75 58.91
N ALA L 179 -125.18 79.97 58.54
CA ALA L 179 -126.30 79.42 59.30
C ALA L 179 -126.10 77.91 59.46
N PRO L 180 -126.37 77.35 60.65
CA PRO L 180 -127.04 77.98 61.79
C PRO L 180 -126.10 78.70 62.74
N GLY L 181 -124.80 78.76 62.46
CA GLY L 181 -123.89 79.51 63.30
C GLY L 181 -123.38 78.77 64.51
N ILE L 182 -123.39 77.43 64.47
CA ILE L 182 -122.86 76.62 65.56
C ILE L 182 -121.34 76.55 65.44
N LYS L 183 -120.66 76.29 66.58
CA LYS L 183 -119.20 76.30 66.65
C LYS L 183 -118.67 75.08 67.43
N ASP L 184 -118.75 73.89 66.83
CA ASP L 184 -118.21 72.68 67.47
C ASP L 184 -117.84 71.66 66.41
N PHE L 185 -116.58 71.19 66.44
CA PHE L 185 -116.11 70.27 65.40
C PHE L 185 -116.87 68.94 65.43
N LYS L 186 -117.00 68.33 66.61
CA LYS L 186 -117.76 67.08 66.72
C LYS L 186 -119.12 67.23 66.08
N VAL L 187 -119.79 68.36 66.32
CA VAL L 187 -121.13 68.55 65.79
C VAL L 187 -121.10 68.53 64.28
N ALA L 188 -120.12 69.21 63.69
CA ALA L 188 -119.99 69.27 62.24
C ALA L 188 -119.79 67.87 61.65
N ILE L 189 -119.06 66.99 62.34
CA ILE L 189 -118.91 65.62 61.84
C ILE L 189 -120.26 64.91 61.88
N ASP L 190 -120.98 65.03 63.00
CA ASP L 190 -122.34 64.50 63.08
C ASP L 190 -123.18 65.00 61.92
N VAL L 191 -123.07 66.29 61.59
CA VAL L 191 -123.79 66.82 60.44
C VAL L 191 -123.35 66.10 59.16
N VAL L 192 -122.03 65.94 58.97
CA VAL L 192 -121.51 65.23 57.79
C VAL L 192 -122.19 63.87 57.65
N HIS L 193 -122.23 63.13 58.75
CA HIS L 193 -122.83 61.80 58.75
C HIS L 193 -124.31 61.86 58.35
N ASN L 194 -125.11 62.65 59.07
CA ASN L 194 -126.54 62.66 58.82
C ASN L 194 -126.86 63.13 57.40
N ILE L 195 -126.02 64.00 56.84
CA ILE L 195 -126.22 64.42 55.45
C ILE L 195 -126.01 63.25 54.51
N MET L 196 -125.04 62.37 54.81
CA MET L 196 -124.75 61.24 53.94
C MET L 196 -125.90 60.23 53.98
N LEU L 197 -126.33 59.85 55.17
CA LEU L 197 -127.52 59.00 55.34
C LEU L 197 -128.70 59.55 54.54
N SER L 198 -128.96 60.85 54.68
CA SER L 198 -130.05 61.49 53.95
C SER L 198 -129.88 61.36 52.45
N HIS L 199 -128.65 61.60 51.96
CA HIS L 199 -128.37 61.43 50.53
C HIS L 199 -128.67 60.00 50.09
N PHE L 200 -128.22 59.03 50.88
CA PHE L 200 -128.36 57.62 50.49
C PHE L 200 -129.82 57.21 50.40
N LYS L 201 -130.65 57.64 51.36
CA LYS L 201 -132.05 57.23 51.37
C LYS L 201 -132.76 57.66 50.09
N VAL L 202 -132.47 58.85 49.60
CA VAL L 202 -133.22 59.36 48.46
C VAL L 202 -132.80 58.68 47.17
N VAL L 203 -131.49 58.46 46.97
CA VAL L 203 -131.02 57.76 45.76
C VAL L 203 -131.51 56.32 45.75
N LYS L 204 -131.41 55.64 46.89
CA LYS L 204 -131.99 54.31 47.05
C LYS L 204 -133.47 54.31 46.70
N ALA L 205 -134.21 55.31 47.21
CA ALA L 205 -135.65 55.37 46.96
C ALA L 205 -135.97 55.58 45.49
N VAL L 206 -135.13 56.34 44.77
CA VAL L 206 -135.40 56.59 43.36
C VAL L 206 -135.23 55.31 42.55
N LYS L 207 -134.43 54.36 43.03
CA LYS L 207 -134.22 53.09 42.34
C LYS L 207 -135.22 52.02 42.80
N GLU L 208 -135.46 51.92 44.11
CA GLU L 208 -136.44 50.97 44.62
C GLU L 208 -137.85 51.29 44.13
N ASN L 209 -138.12 52.55 43.78
CA ASN L 209 -139.42 52.95 43.26
C ASN L 209 -139.44 53.05 41.74
N ASN L 210 -138.31 52.81 41.07
CA ASN L 210 -138.23 52.86 39.62
C ASN L 210 -138.69 54.21 39.07
N ILE L 211 -138.28 55.29 39.73
CA ILE L 211 -138.49 56.65 39.26
C ILE L 211 -137.40 56.99 38.24
N ASP L 212 -137.82 57.38 37.03
CA ASP L 212 -136.86 57.63 35.96
C ASP L 212 -136.31 59.04 36.05
N VAL L 213 -135.45 59.24 37.06
CA VAL L 213 -134.70 60.48 37.23
C VAL L 213 -133.28 60.12 37.68
N GLU L 214 -132.37 61.06 37.43
CA GLU L 214 -130.98 60.95 37.84
C GLU L 214 -130.79 61.67 39.17
N VAL L 215 -130.21 60.97 40.15
CA VAL L 215 -130.02 61.50 41.49
C VAL L 215 -128.54 61.57 41.81
N GLY L 216 -128.09 62.73 42.29
CA GLY L 216 -126.72 62.87 42.73
C GLY L 216 -126.50 63.92 43.80
N ILE L 217 -125.25 64.35 43.94
CA ILE L 217 -124.83 65.25 45.01
C ILE L 217 -123.69 66.12 44.50
N THR L 218 -123.70 67.38 44.91
CA THR L 218 -122.72 68.36 44.49
C THR L 218 -121.72 68.61 45.61
N LEU L 219 -120.43 68.44 45.31
CA LEU L 219 -119.37 68.67 46.29
C LEU L 219 -118.45 69.76 45.75
N ASN L 220 -118.08 70.69 46.63
CA ASN L 220 -117.04 71.66 46.32
C ASN L 220 -115.69 71.01 46.55
N LEU L 221 -114.88 70.95 45.50
CA LEU L 221 -113.60 70.26 45.54
C LEU L 221 -112.45 71.24 45.32
N THR L 222 -111.45 71.19 46.18
CA THR L 222 -110.29 72.05 46.04
C THR L 222 -109.05 71.20 45.81
N PRO L 223 -108.49 71.22 44.62
CA PRO L 223 -107.22 70.51 44.40
C PRO L 223 -106.10 71.16 45.23
N VAL L 224 -105.36 70.32 45.96
CA VAL L 224 -104.35 70.81 46.89
C VAL L 224 -102.96 70.53 46.31
N TYR L 225 -102.11 71.56 46.29
CA TYR L 225 -100.73 71.50 45.81
C TYR L 225 -99.78 71.88 46.94
N LEU L 226 -98.60 71.28 46.90
CA LEU L 226 -97.58 71.52 47.91
C LEU L 226 -96.71 72.70 47.47
N GLN L 227 -96.47 73.62 48.40
CA GLN L 227 -95.55 74.72 48.11
C GLN L 227 -94.13 74.20 47.91
N THR L 228 -93.72 73.24 48.75
CA THR L 228 -92.40 72.64 48.66
C THR L 228 -92.10 72.19 47.24
N GLU L 229 -93.08 71.62 46.55
CA GLU L 229 -92.89 71.22 45.17
C GLU L 229 -92.86 72.41 44.22
N ARG L 230 -93.67 73.44 44.43
CA ARG L 230 -93.57 74.65 43.61
C ARG L 230 -92.18 75.26 43.70
N LEU L 231 -91.51 75.10 44.84
CA LEU L 231 -90.17 75.65 45.02
C LEU L 231 -89.08 74.70 44.54
N GLY L 232 -89.42 73.48 44.18
CA GLY L 232 -88.45 72.51 43.75
C GLY L 232 -87.71 71.79 44.85
N TYR L 233 -88.05 72.04 46.12
CA TYR L 233 -87.36 71.34 47.20
C TYR L 233 -87.83 69.89 47.30
N LYS L 234 -87.18 69.15 48.19
CA LYS L 234 -87.53 67.76 48.47
C LYS L 234 -88.64 67.74 49.52
N VAL L 235 -89.72 67.05 49.21
CA VAL L 235 -90.85 66.93 50.12
C VAL L 235 -90.49 65.92 51.20
N SER L 236 -90.53 66.36 52.46
CA SER L 236 -90.33 65.42 53.55
C SER L 236 -91.51 64.48 53.66
N GLU L 237 -91.31 63.40 54.43
CA GLU L 237 -92.34 62.39 54.65
C GLU L 237 -93.49 62.94 55.48
N ILE L 238 -93.20 63.71 56.54
CA ILE L 238 -94.24 64.24 57.41
C ILE L 238 -95.05 65.32 56.69
N GLU L 239 -94.39 66.14 55.88
CA GLU L 239 -95.10 67.16 55.12
C GLU L 239 -96.13 66.54 54.19
N ARG L 240 -95.70 65.52 53.43
CA ARG L 240 -96.63 64.81 52.55
C ARG L 240 -97.83 64.28 53.34
N GLU L 241 -97.55 63.60 54.44
CA GLU L 241 -98.61 62.99 55.24
C GLU L 241 -99.61 64.02 55.75
N MET L 242 -99.12 65.11 56.35
CA MET L 242 -100.01 66.13 56.93
C MET L 242 -100.80 66.89 55.87
N VAL L 243 -100.15 67.29 54.78
CA VAL L 243 -100.87 67.99 53.72
C VAL L 243 -101.91 67.09 53.10
N ASN L 244 -101.64 65.78 52.99
CA ASN L 244 -102.63 64.85 52.44
C ASN L 244 -103.82 64.72 53.38
N LEU L 245 -103.54 64.60 54.68
CA LEU L 245 -104.60 64.64 55.69
C LEU L 245 -105.49 65.85 55.51
N SER L 246 -104.87 67.05 55.47
CA SER L 246 -105.63 68.30 55.41
C SER L 246 -106.50 68.35 54.17
N SER L 247 -106.05 67.78 53.05
CA SER L 247 -106.86 67.80 51.85
C SER L 247 -107.93 66.72 51.82
N GLN L 248 -107.88 65.80 52.77
CA GLN L 248 -108.93 64.80 52.89
C GLN L 248 -110.17 65.37 53.58
N LEU L 249 -109.98 66.32 54.51
CA LEU L 249 -111.12 67.03 55.09
C LEU L 249 -111.91 67.76 54.03
N ASP L 250 -111.21 68.34 53.06
CA ASP L 250 -111.85 69.11 52.00
C ASP L 250 -112.57 68.21 51.01
N ASN L 251 -111.97 67.08 50.62
CA ASN L 251 -112.48 66.38 49.45
C ASN L 251 -112.78 64.90 49.68
N GLU L 252 -111.87 64.16 50.32
CA GLU L 252 -112.07 62.73 50.41
C GLU L 252 -113.12 62.36 51.44
N LEU L 253 -113.27 63.20 52.48
CA LEU L 253 -114.29 62.98 53.50
C LEU L 253 -115.68 62.88 52.90
N PHE L 254 -115.90 63.50 51.75
CA PHE L 254 -117.18 63.45 51.05
C PHE L 254 -117.15 62.58 49.80
N LEU L 255 -116.00 62.52 49.14
CA LEU L 255 -115.90 61.77 47.88
C LEU L 255 -115.86 60.27 48.16
N ASP L 256 -115.17 59.85 49.22
CA ASP L 256 -115.13 58.43 49.56
C ASP L 256 -116.54 57.90 49.83
N PRO L 257 -117.33 58.46 50.76
CA PRO L 257 -118.64 57.83 51.05
C PRO L 257 -119.60 57.91 49.89
N VAL L 258 -119.62 59.02 49.16
CA VAL L 258 -120.56 59.16 48.04
C VAL L 258 -120.23 58.17 46.94
N LEU L 259 -118.95 57.91 46.70
CA LEU L 259 -118.53 57.13 45.54
C LEU L 259 -117.96 55.75 45.88
N LYS L 260 -117.48 55.53 47.10
CA LYS L 260 -116.90 54.25 47.52
C LYS L 260 -117.59 53.67 48.75
N GLY L 261 -118.57 54.37 49.32
CA GLY L 261 -119.26 53.88 50.49
C GLY L 261 -118.37 53.63 51.68
N ASN L 262 -117.41 54.50 51.94
CA ASN L 262 -116.67 54.47 53.20
C ASN L 262 -116.05 55.85 53.43
N TYR L 263 -115.53 56.07 54.67
CA TYR L 263 -114.88 57.33 55.01
C TYR L 263 -113.37 57.20 54.99
N PRO L 264 -112.64 58.26 54.63
CA PRO L 264 -111.17 58.19 54.58
C PRO L 264 -110.60 57.78 55.92
N GLN L 265 -109.95 56.60 55.94
CA GLN L 265 -109.57 55.98 57.20
C GLN L 265 -108.33 56.63 57.83
N LYS L 266 -107.43 57.19 57.02
CA LYS L 266 -106.33 57.96 57.62
C LYS L 266 -106.84 59.24 58.26
N LEU L 267 -107.84 59.88 57.64
CA LEU L 267 -108.42 61.07 58.23
C LEU L 267 -109.08 60.74 59.57
N PHE L 268 -109.86 59.64 59.60
CA PHE L 268 -110.56 59.31 60.84
C PHE L 268 -109.59 58.97 61.95
N ASP L 269 -108.53 58.21 61.64
CA ASP L 269 -107.54 57.85 62.65
C ASP L 269 -106.88 59.09 63.24
N TYR L 270 -106.51 60.05 62.39
CA TYR L 270 -105.91 61.28 62.88
C TYR L 270 -106.88 62.02 63.78
N LEU L 271 -108.12 62.18 63.33
CA LEU L 271 -109.12 62.90 64.12
C LEU L 271 -109.36 62.21 65.45
N VAL L 272 -109.34 60.87 65.46
CA VAL L 272 -109.48 60.14 66.72
C VAL L 272 -108.22 60.30 67.57
N GLN L 273 -107.05 60.20 66.94
CA GLN L 273 -105.79 60.38 67.64
C GLN L 273 -105.73 61.73 68.35
N LYS L 274 -106.41 62.75 67.82
CA LYS L 274 -106.31 64.11 68.32
C LYS L 274 -107.55 64.56 69.10
N ASP L 275 -108.50 63.66 69.35
CA ASP L 275 -109.72 63.93 70.12
C ASP L 275 -110.68 64.90 69.43
N LEU L 276 -110.63 65.03 68.11
CA LEU L 276 -111.66 65.75 67.38
C LEU L 276 -112.80 64.85 66.93
N LEU L 277 -112.59 63.54 67.00
CA LEU L 277 -113.59 62.53 66.77
C LEU L 277 -113.54 61.59 67.95
N GLU L 278 -114.67 61.02 68.31
CA GLU L 278 -114.67 59.94 69.29
C GLU L 278 -114.49 58.63 68.54
N ALA L 279 -113.66 57.75 69.10
CA ALA L 279 -113.43 56.44 68.47
C ALA L 279 -114.74 55.75 68.15
N GLN L 280 -115.70 55.82 69.08
CA GLN L 280 -116.95 55.10 68.93
C GLN L 280 -117.76 55.65 67.76
N LYS L 281 -117.87 56.97 67.66
CA LYS L 281 -118.55 57.55 66.51
C LYS L 281 -117.86 57.13 65.22
N ALA L 282 -116.52 57.23 65.19
CA ALA L 282 -115.76 56.86 64.00
C ALA L 282 -116.14 55.47 63.51
N LEU L 283 -116.23 54.50 64.43
CA LEU L 283 -116.59 53.15 64.02
C LEU L 283 -118.06 53.07 63.63
N SER L 284 -118.93 53.77 64.37
CA SER L 284 -120.35 53.73 64.04
C SER L 284 -120.61 54.31 62.66
N MET L 285 -120.00 55.47 62.35
CA MET L 285 -120.21 56.09 61.03
C MET L 285 -119.75 55.18 59.91
N GLN L 286 -118.61 54.49 60.10
CA GLN L 286 -118.12 53.59 59.05
C GLN L 286 -119.13 52.49 58.75
N GLN L 287 -119.72 51.89 59.79
CA GLN L 287 -120.72 50.85 59.58
C GLN L 287 -121.93 51.37 58.82
N GLU L 288 -122.42 52.56 59.18
CA GLU L 288 -123.69 53.03 58.65
C GLU L 288 -123.59 53.38 57.17
N VAL L 289 -122.47 53.99 56.76
CA VAL L 289 -122.32 54.31 55.34
C VAL L 289 -122.07 53.04 54.53
N LYS L 290 -121.34 52.09 55.10
CA LYS L 290 -121.20 50.79 54.44
C LYS L 290 -122.56 50.14 54.28
N GLU L 291 -123.42 50.24 55.30
CA GLU L 291 -124.74 49.61 55.26
C GLU L 291 -125.70 50.31 54.31
N ASN L 292 -125.56 51.63 54.13
CA ASN L 292 -126.54 52.39 53.38
C ASN L 292 -126.04 52.89 52.04
N PHE L 293 -124.76 52.70 51.74
CA PHE L 293 -124.18 53.28 50.53
C PHE L 293 -124.92 52.81 49.29
N ILE L 294 -125.05 53.71 48.33
CA ILE L 294 -125.46 53.35 47.00
C ILE L 294 -124.83 54.33 46.03
N PHE L 295 -124.35 53.83 44.92
CA PHE L 295 -123.69 54.68 43.94
C PHE L 295 -124.68 55.66 43.33
N PRO L 296 -124.34 56.93 43.22
CA PRO L 296 -125.22 57.90 42.54
C PRO L 296 -125.15 57.77 41.03
N ASP L 297 -126.09 58.44 40.38
CA ASP L 297 -126.15 58.43 38.93
C ASP L 297 -125.31 59.53 38.27
N PHE L 298 -124.92 60.56 39.02
CA PHE L 298 -123.92 61.52 38.55
C PHE L 298 -123.21 62.13 39.74
N LEU L 299 -122.17 62.91 39.44
CA LEU L 299 -121.41 63.64 40.44
C LEU L 299 -121.35 65.10 40.04
N GLY L 300 -121.75 65.98 40.97
CA GLY L 300 -121.68 67.41 40.74
C GLY L 300 -120.46 67.96 41.45
N ILE L 301 -119.70 68.78 40.73
CA ILE L 301 -118.47 69.39 41.24
C ILE L 301 -118.59 70.90 41.14
N ASN L 302 -118.49 71.58 42.27
CA ASN L 302 -118.30 73.01 42.30
C ASN L 302 -116.80 73.27 42.37
N TYR L 303 -116.25 73.91 41.36
CA TYR L 303 -114.82 74.20 41.34
C TYR L 303 -114.59 75.69 41.15
N TYR L 304 -113.77 76.27 42.01
CA TYR L 304 -113.44 77.68 41.89
C TYR L 304 -111.95 77.94 41.83
N THR L 305 -111.16 77.27 42.67
CA THR L 305 -109.76 77.59 42.75
C THR L 305 -109.05 76.41 43.39
N ARG L 306 -107.77 76.58 43.69
CA ARG L 306 -106.99 75.54 44.33
C ARG L 306 -106.53 76.02 45.70
N ALA L 307 -105.78 75.18 46.39
CA ALA L 307 -105.09 75.55 47.62
C ALA L 307 -103.63 75.16 47.49
N VAL L 308 -102.75 75.98 48.04
CA VAL L 308 -101.32 75.67 48.13
C VAL L 308 -100.96 75.62 49.60
N ARG L 309 -100.40 74.50 50.04
CA ARG L 309 -100.16 74.28 51.46
C ARG L 309 -98.73 73.81 51.69
N LEU L 310 -98.31 73.91 52.96
CA LEU L 310 -97.00 73.42 53.34
C LEU L 310 -97.01 73.14 54.83
N TYR L 311 -96.20 72.17 55.23
CA TYR L 311 -96.18 71.74 56.62
C TYR L 311 -95.75 72.87 57.52
N ASP L 312 -96.46 73.05 58.63
CA ASP L 312 -96.07 74.05 59.63
C ASP L 312 -96.41 73.49 61.01
N GLU L 313 -95.37 73.17 61.77
CA GLU L 313 -95.54 72.49 63.05
C GLU L 313 -96.31 73.33 64.06
N ASN L 314 -96.22 74.66 63.97
CA ASN L 314 -96.90 75.53 64.93
C ASN L 314 -98.16 76.18 64.36
N SER L 315 -98.82 75.50 63.43
CA SER L 315 -100.07 76.02 62.87
C SER L 315 -101.20 75.91 63.89
N SER L 316 -102.07 76.90 63.89
CA SER L 316 -103.24 76.89 64.77
C SER L 316 -104.42 76.15 64.17
N TRP L 317 -104.28 75.61 62.96
CA TRP L 317 -105.28 74.79 62.30
C TRP L 317 -105.29 73.39 62.96
N ILE L 318 -106.28 72.58 62.58
CA ILE L 318 -106.33 71.23 63.14
C ILE L 318 -105.37 70.28 62.45
N PHE L 319 -104.72 70.73 61.39
CA PHE L 319 -103.57 70.06 60.83
C PHE L 319 -102.37 70.99 60.90
N PRO L 320 -101.16 70.47 61.13
CA PRO L 320 -99.98 71.35 61.12
C PRO L 320 -99.62 71.78 59.71
N ILE L 321 -100.48 72.58 59.09
CA ILE L 321 -100.24 73.09 57.75
C ILE L 321 -100.54 74.58 57.74
N ARG L 322 -100.04 75.26 56.73
CA ARG L 322 -100.38 76.66 56.47
C ARG L 322 -100.60 76.82 54.98
N TRP L 323 -101.23 77.93 54.59
CA TRP L 323 -101.53 78.21 53.20
C TRP L 323 -100.52 79.20 52.63
N GLU L 324 -100.28 79.08 51.33
CA GLU L 324 -99.43 80.01 50.61
C GLU L 324 -100.26 80.62 49.49
N HIS L 325 -99.78 81.73 48.95
CA HIS L 325 -100.50 82.44 47.89
C HIS L 325 -99.57 82.60 46.70
N PRO L 326 -99.70 81.77 45.68
CA PRO L 326 -98.88 81.94 44.49
C PRO L 326 -99.20 83.25 43.77
N ALA L 327 -98.21 83.75 43.04
CA ALA L 327 -98.47 84.90 42.19
C ALA L 327 -99.50 84.51 41.14
N GLY L 328 -100.25 85.48 40.67
CA GLY L 328 -101.25 85.21 39.66
C GLY L 328 -102.44 86.15 39.79
N GLU L 329 -103.49 85.83 39.05
CA GLU L 329 -104.70 86.64 39.08
C GLU L 329 -105.62 86.14 40.18
N TYR L 330 -106.26 87.08 40.88
CA TYR L 330 -107.14 86.78 41.99
C TYR L 330 -108.46 87.54 41.83
N THR L 331 -109.51 86.96 42.39
CA THR L 331 -110.86 87.52 42.27
C THR L 331 -111.16 88.35 43.50
N GLU L 332 -112.36 88.95 43.48
CA GLU L 332 -112.81 89.66 44.68
C GLU L 332 -112.97 88.71 45.86
N MET L 333 -113.05 87.40 45.61
CA MET L 333 -113.14 86.43 46.70
C MET L 333 -111.80 86.18 47.36
N GLY L 334 -110.71 86.66 46.78
CA GLY L 334 -109.39 86.24 47.19
C GLY L 334 -109.00 84.86 46.69
N TRP L 335 -109.66 84.37 45.64
CA TRP L 335 -109.43 83.04 45.11
C TRP L 335 -108.52 83.11 43.90
N GLU L 336 -107.48 82.29 43.91
CA GLU L 336 -106.59 82.25 42.78
C GLU L 336 -107.33 81.78 41.54
N VAL L 337 -107.17 82.52 40.44
CA VAL L 337 -107.64 82.11 39.13
C VAL L 337 -106.70 81.02 38.63
N PHE L 338 -107.12 79.77 38.67
CA PHE L 338 -106.25 78.63 38.39
C PHE L 338 -107.01 77.59 37.57
N PRO L 339 -107.33 77.90 36.31
CA PRO L 339 -108.09 76.94 35.48
C PRO L 339 -107.44 75.56 35.36
N GLN L 340 -106.12 75.50 35.43
CA GLN L 340 -105.42 74.23 35.42
C GLN L 340 -105.95 73.29 36.48
N GLY L 341 -106.33 73.82 37.65
CA GLY L 341 -106.84 72.98 38.72
C GLY L 341 -108.12 72.25 38.37
N LEU L 342 -108.92 72.78 37.44
CA LEU L 342 -110.12 72.06 37.01
C LEU L 342 -109.76 70.76 36.29
N PHE L 343 -108.81 70.83 35.35
CA PHE L 343 -108.36 69.64 34.63
C PHE L 343 -107.65 68.65 35.56
N ASP L 344 -106.72 69.14 36.38
CA ASP L 344 -106.09 68.24 37.34
C ASP L 344 -107.11 67.57 38.24
N LEU L 345 -108.16 68.31 38.64
CA LEU L 345 -109.20 67.74 39.49
C LEU L 345 -109.99 66.67 38.74
N LEU L 346 -110.47 67.00 37.54
CA LEU L 346 -111.25 66.05 36.76
C LEU L 346 -110.47 64.75 36.51
N MET L 347 -109.19 64.86 36.13
CA MET L 347 -108.39 63.67 35.87
C MET L 347 -108.14 62.88 37.15
N TRP L 348 -107.95 63.57 38.29
CA TRP L 348 -107.72 62.88 39.55
C TRP L 348 -108.95 62.09 40.00
N ILE L 349 -110.15 62.64 39.74
CA ILE L 349 -111.40 61.91 40.01
C ILE L 349 -111.47 60.66 39.14
N LYS L 350 -111.28 60.85 37.83
CA LYS L 350 -111.27 59.75 36.88
C LYS L 350 -110.32 58.63 37.29
N GLU L 351 -109.11 58.97 37.70
CA GLU L 351 -108.09 57.97 37.94
C GLU L 351 -108.11 57.39 39.35
N ASN L 352 -109.02 57.85 40.21
CA ASN L 352 -109.09 57.35 41.57
C ASN L 352 -110.50 56.98 42.02
N TYR L 353 -111.51 57.25 41.23
CA TYR L 353 -112.88 56.96 41.64
C TYR L 353 -113.63 56.29 40.51
N PRO L 354 -114.62 55.46 40.84
CA PRO L 354 -115.32 54.70 39.80
C PRO L 354 -115.97 55.58 38.75
N GLN L 355 -115.96 55.10 37.51
CA GLN L 355 -116.60 55.79 36.40
C GLN L 355 -117.98 56.29 36.80
N ILE L 356 -118.26 57.55 36.48
CA ILE L 356 -119.50 58.22 36.86
C ILE L 356 -119.63 59.49 36.02
N PRO L 357 -120.80 59.76 35.45
CA PRO L 357 -120.95 61.02 34.72
C PRO L 357 -120.76 62.19 35.67
N ILE L 358 -120.13 63.24 35.17
CA ILE L 358 -119.70 64.37 35.98
C ILE L 358 -120.28 65.63 35.39
N TYR L 359 -120.87 66.45 36.24
CA TYR L 359 -121.35 67.76 35.84
C TYR L 359 -120.60 68.81 36.65
N ILE L 360 -120.15 69.87 35.96
CA ILE L 360 -119.62 71.05 36.64
C ILE L 360 -120.82 71.91 37.02
N THR L 361 -121.28 71.78 38.27
CA THR L 361 -122.51 72.45 38.69
C THR L 361 -122.29 73.87 39.20
N GLU L 362 -121.05 74.26 39.51
CA GLU L 362 -120.72 75.66 39.80
C GLU L 362 -119.29 75.93 39.37
N ASN L 363 -119.12 76.95 38.53
CA ASN L 363 -117.83 77.58 38.28
C ASN L 363 -118.08 79.03 37.90
N GLY L 364 -117.22 79.92 38.37
CA GLY L 364 -117.45 81.34 38.17
C GLY L 364 -116.52 82.17 39.02
N ALA L 365 -116.64 83.49 38.84
CA ALA L 365 -115.68 84.45 39.37
C ALA L 365 -116.37 85.74 39.75
N ALA L 366 -115.92 86.33 40.86
CA ALA L 366 -116.47 87.56 41.40
C ALA L 366 -115.56 88.74 41.04
N TYR L 367 -116.07 89.66 40.23
CA TYR L 367 -115.35 90.89 39.92
C TYR L 367 -116.21 92.11 40.29
N ASN L 368 -115.55 93.25 40.50
CA ASN L 368 -116.26 94.43 41.02
C ASN L 368 -116.84 95.23 39.86
N ASP L 369 -117.95 94.73 39.32
CA ASP L 369 -118.55 95.29 38.12
C ASP L 369 -119.15 96.68 38.35
N ILE L 370 -119.08 97.50 37.30
CA ILE L 370 -119.73 98.81 37.25
C ILE L 370 -120.42 98.91 35.89
N VAL L 371 -121.55 99.61 35.87
CA VAL L 371 -122.30 99.79 34.64
C VAL L 371 -121.84 101.07 33.98
N THR L 372 -121.49 100.99 32.70
CA THR L 372 -120.94 102.15 32.03
C THR L 372 -122.05 103.13 31.67
N GLU L 373 -121.63 104.33 31.25
CA GLU L 373 -122.58 105.42 31.03
C GLU L 373 -123.60 105.06 29.96
N ASP L 374 -123.21 104.27 28.96
CA ASP L 374 -124.17 103.77 27.99
C ASP L 374 -124.89 102.52 28.45
N GLY L 375 -124.75 102.14 29.72
CA GLY L 375 -125.54 101.04 30.28
C GLY L 375 -125.09 99.65 29.92
N LYS L 376 -123.78 99.40 29.85
CA LYS L 376 -123.21 98.08 29.64
C LYS L 376 -122.32 97.71 30.83
N VAL L 377 -121.77 96.50 30.80
CA VAL L 377 -120.83 96.04 31.82
C VAL L 377 -119.71 95.26 31.14
N HIS L 378 -118.52 95.87 31.01
CA HIS L 378 -117.41 95.26 30.27
C HIS L 378 -116.54 94.40 31.18
N ASP L 379 -117.10 93.28 31.63
CA ASP L 379 -116.41 92.39 32.57
C ASP L 379 -115.43 91.47 31.82
N SER L 380 -114.41 92.11 31.21
CA SER L 380 -113.50 91.35 30.36
C SER L 380 -112.73 90.29 31.14
N LYS L 381 -112.48 90.54 32.43
CA LYS L 381 -111.78 89.56 33.25
C LYS L 381 -112.65 88.36 33.58
N ARG L 382 -113.96 88.55 33.75
CA ARG L 382 -114.85 87.40 33.91
C ARG L 382 -114.90 86.57 32.63
N ILE L 383 -114.88 87.24 31.48
CA ILE L 383 -114.87 86.51 30.20
C ILE L 383 -113.59 85.70 30.08
N GLU L 384 -112.45 86.29 30.43
CA GLU L 384 -111.19 85.55 30.38
C GLU L 384 -111.20 84.38 31.36
N TYR L 385 -111.78 84.57 32.55
CA TYR L 385 -111.90 83.47 33.51
C TYR L 385 -112.68 82.29 32.92
N LEU L 386 -113.82 82.58 32.28
CA LEU L 386 -114.68 81.51 31.80
C LEU L 386 -114.07 80.82 30.58
N LYS L 387 -113.54 81.61 29.64
CA LYS L 387 -112.90 81.05 28.45
C LYS L 387 -111.81 80.05 28.82
N GLN L 388 -111.00 80.37 29.83
CA GLN L 388 -109.94 79.46 30.23
C GLN L 388 -110.50 78.21 30.89
N HIS L 389 -111.53 78.38 31.72
CA HIS L 389 -112.07 77.21 32.41
C HIS L 389 -112.85 76.33 31.44
N PHE L 390 -113.53 76.94 30.46
CA PHE L 390 -114.17 76.15 29.42
C PHE L 390 -113.12 75.32 28.69
N ASP L 391 -112.03 75.96 28.29
CA ASP L 391 -110.95 75.28 27.57
C ASP L 391 -110.33 74.15 28.38
N GLN L 392 -110.30 74.26 29.71
CA GLN L 392 -109.79 73.13 30.49
C GLN L 392 -110.81 72.00 30.60
N ALA L 393 -112.09 72.34 30.59
CA ALA L 393 -113.13 71.31 30.54
C ALA L 393 -113.07 70.54 29.22
N ARG L 394 -112.90 71.26 28.10
CA ARG L 394 -112.67 70.60 26.82
C ARG L 394 -111.47 69.68 26.88
N LYS L 395 -110.33 70.19 27.34
CA LYS L 395 -109.11 69.39 27.47
C LYS L 395 -109.38 68.12 28.28
N ALA L 396 -110.17 68.23 29.33
CA ALA L 396 -110.45 67.06 30.15
C ALA L 396 -111.26 66.03 29.36
N ILE L 397 -112.21 66.48 28.54
CA ILE L 397 -113.02 65.55 27.76
C ILE L 397 -112.12 64.76 26.81
N GLU L 398 -111.21 65.44 26.11
CA GLU L 398 -110.29 64.76 25.20
C GLU L 398 -109.49 63.68 25.90
N ASN L 399 -109.23 63.84 27.20
CA ASN L 399 -108.54 62.84 28.01
C ASN L 399 -109.49 61.85 28.66
N GLY L 400 -110.68 61.67 28.10
CA GLY L 400 -111.59 60.63 28.56
C GLY L 400 -112.25 60.86 29.90
N VAL L 401 -112.57 62.12 30.25
CA VAL L 401 -113.39 62.36 31.44
C VAL L 401 -114.83 62.43 30.99
N ASP L 402 -115.71 61.87 31.81
CA ASP L 402 -117.13 61.75 31.46
C ASP L 402 -117.88 63.02 31.90
N LEU L 403 -117.64 64.10 31.16
CA LEU L 403 -118.16 65.42 31.51
C LEU L 403 -119.40 65.70 30.68
N ARG L 404 -120.54 65.86 31.35
CA ARG L 404 -121.82 65.99 30.66
C ARG L 404 -122.44 67.37 30.76
N GLY L 405 -121.85 68.28 31.53
CA GLY L 405 -122.44 69.59 31.67
C GLY L 405 -121.52 70.55 32.39
N TYR L 406 -121.87 71.84 32.24
CA TYR L 406 -121.09 72.93 32.81
C TYR L 406 -122.05 74.05 33.18
N PHE L 407 -122.15 74.36 34.48
CA PHE L 407 -123.05 75.39 34.97
C PHE L 407 -122.23 76.56 35.52
N VAL L 408 -122.33 77.72 34.86
CA VAL L 408 -121.67 78.92 35.32
C VAL L 408 -122.37 79.46 36.55
N TRP L 409 -121.60 79.71 37.62
CA TRP L 409 -122.10 80.46 38.77
C TRP L 409 -121.68 81.92 38.61
N SER L 410 -122.67 82.80 38.42
CA SER L 410 -124.10 82.51 38.45
C SER L 410 -124.83 83.17 37.29
N LEU L 411 -126.14 82.90 37.19
CA LEU L 411 -126.94 83.52 36.15
C LEU L 411 -127.02 85.03 36.35
N MET L 412 -127.18 85.47 37.60
CA MET L 412 -127.23 86.88 37.94
C MET L 412 -126.54 87.11 39.27
N ASP L 413 -126.11 88.36 39.47
CA ASP L 413 -125.61 88.79 40.77
C ASP L 413 -126.61 88.47 41.86
N ASN L 414 -126.12 88.10 43.04
CA ASN L 414 -127.04 87.73 44.10
C ASN L 414 -126.37 87.91 45.45
N LEU L 415 -127.06 87.44 46.50
CA LEU L 415 -126.53 87.46 47.86
C LEU L 415 -125.49 86.39 48.03
N GLU L 416 -124.23 86.79 48.14
CA GLU L 416 -123.12 85.87 48.40
C GLU L 416 -122.98 85.64 49.91
N TRP L 417 -124.04 85.07 50.48
CA TRP L 417 -124.08 84.54 51.85
C TRP L 417 -123.51 85.57 52.82
N ALA L 418 -122.51 85.23 53.63
CA ALA L 418 -121.98 86.14 54.63
C ALA L 418 -121.21 87.32 54.03
N MET L 419 -120.97 87.34 52.73
CA MET L 419 -120.37 88.49 52.06
C MET L 419 -121.39 89.53 51.63
N GLY L 420 -122.68 89.24 51.76
CA GLY L 420 -123.69 90.15 51.28
C GLY L 420 -123.74 90.22 49.77
N TYR L 421 -124.13 91.38 49.27
CA TYR L 421 -124.15 91.67 47.85
C TYR L 421 -122.85 92.27 47.36
N THR L 422 -121.83 92.35 48.23
CA THR L 422 -120.54 92.91 47.84
C THR L 422 -119.79 92.06 46.81
N LYS L 423 -120.23 90.86 46.49
CA LYS L 423 -119.55 90.01 45.52
C LYS L 423 -120.50 89.66 44.39
N ARG L 424 -120.18 90.11 43.17
CA ARG L 424 -121.02 89.87 42.00
C ARG L 424 -120.43 88.75 41.16
N PHE L 425 -121.18 87.64 41.07
CA PHE L 425 -120.79 86.46 40.31
C PHE L 425 -121.51 86.32 38.97
N GLY L 426 -122.57 87.08 38.73
CA GLY L 426 -123.45 86.77 37.62
C GLY L 426 -122.92 87.22 36.27
N ILE L 427 -123.52 86.65 35.21
CA ILE L 427 -123.34 87.19 33.87
C ILE L 427 -124.43 88.20 33.56
N ILE L 428 -125.41 88.36 34.44
CA ILE L 428 -126.40 89.40 34.35
C ILE L 428 -126.24 90.31 35.56
N TYR L 429 -126.06 91.61 35.32
CA TYR L 429 -125.99 92.58 36.38
C TYR L 429 -127.37 92.80 36.98
N VAL L 430 -127.42 92.97 38.29
CA VAL L 430 -128.66 93.23 39.02
C VAL L 430 -128.48 94.52 39.78
N ASP L 431 -129.15 95.58 39.34
CA ASP L 431 -129.25 96.81 40.10
C ASP L 431 -130.24 96.56 41.24
N TYR L 432 -129.75 96.48 42.48
CA TYR L 432 -130.61 96.09 43.59
C TYR L 432 -131.60 97.18 44.01
N GLU L 433 -131.39 98.43 43.61
CA GLU L 433 -132.35 99.49 43.93
C GLU L 433 -133.59 99.42 43.03
N THR L 434 -133.38 99.24 41.72
CA THR L 434 -134.46 99.20 40.75
C THR L 434 -134.77 97.81 40.22
N GLN L 435 -133.98 96.81 40.61
CA GLN L 435 -134.13 95.42 40.20
C GLN L 435 -133.93 95.20 38.70
N LYS L 436 -133.39 96.17 37.97
CA LYS L 436 -133.16 95.96 36.55
C LYS L 436 -132.11 94.89 36.33
N ARG L 437 -132.35 94.04 35.34
CA ARG L 437 -131.35 93.10 34.85
C ARG L 437 -130.60 93.77 33.72
N ILE L 438 -129.26 93.67 33.73
CA ILE L 438 -128.42 94.22 32.68
C ILE L 438 -127.45 93.14 32.22
N LYS L 439 -127.53 92.77 30.95
CA LYS L 439 -126.66 91.73 30.42
C LYS L 439 -125.22 92.23 30.42
N LYS L 440 -124.39 91.64 31.27
CA LYS L 440 -122.96 91.91 31.22
C LYS L 440 -122.38 91.41 29.90
N ASP L 441 -121.18 91.85 29.57
CA ASP L 441 -120.55 91.41 28.34
C ASP L 441 -120.27 89.91 28.36
N SER L 442 -120.11 89.34 29.57
CA SER L 442 -119.93 87.91 29.66
C SER L 442 -121.18 87.17 29.23
N PHE L 443 -122.35 87.80 29.37
CA PHE L 443 -123.60 87.20 28.91
C PHE L 443 -123.53 86.87 27.43
N TYR L 444 -123.18 87.85 26.60
CA TYR L 444 -123.02 87.60 25.17
C TYR L 444 -121.87 86.64 24.87
N PHE L 445 -120.78 86.68 25.63
CA PHE L 445 -119.71 85.71 25.42
C PHE L 445 -120.22 84.29 25.66
N TYR L 446 -121.00 84.10 26.72
CA TYR L 446 -121.53 82.77 26.98
C TYR L 446 -122.58 82.36 25.96
N GLN L 447 -123.39 83.30 25.45
CA GLN L 447 -124.37 82.96 24.42
C GLN L 447 -123.68 82.57 23.12
N GLN L 448 -122.57 83.23 22.79
CA GLN L 448 -121.81 82.85 21.59
C GLN L 448 -121.10 81.51 21.80
N TYR L 449 -120.55 81.25 23.00
CA TYR L 449 -119.80 80.02 23.21
C TYR L 449 -120.71 78.79 23.15
N ILE L 450 -121.92 78.88 23.70
CA ILE L 450 -122.86 77.76 23.60
C ILE L 450 -123.25 77.50 22.14
N LYS L 451 -123.44 78.57 21.36
CA LYS L 451 -123.82 78.41 19.96
C LYS L 451 -122.79 77.61 19.17
N GLU L 452 -121.51 77.73 19.52
CA GLU L 452 -120.44 77.00 18.83
C GLU L 452 -120.11 75.66 19.47
N ASN L 453 -120.73 75.31 20.60
CA ASN L 453 -120.34 74.10 21.29
C ASN L 453 -121.53 73.20 21.61
N SER L 454 -122.55 73.20 20.76
CA SER L 454 -123.67 72.27 20.88
C SER L 454 -124.14 71.75 19.51
C1 GOL M . -65.03 73.31 36.68
O1 GOL M . -64.12 74.13 36.01
C2 GOL M . -64.56 71.83 36.51
O2 GOL M . -63.88 71.70 35.35
C3 GOL M . -63.67 71.46 37.75
O3 GOL M . -63.36 70.07 37.64
S SO4 N . -70.66 76.53 23.56
O1 SO4 N . -70.95 77.83 24.14
O2 SO4 N . -69.72 76.76 22.47
O3 SO4 N . -70.18 75.70 24.65
O4 SO4 N . -71.83 75.86 23.00
S SO4 O . -65.30 65.74 47.59
O1 SO4 O . -65.19 67.10 47.08
O2 SO4 O . -65.38 64.73 46.51
O3 SO4 O . -64.13 65.43 48.44
O4 SO4 O . -66.48 65.62 48.43
C1 GOL P . -15.30 4.76 -1.56
O1 GOL P . -14.52 5.91 -1.69
C2 GOL P . -15.77 4.74 -0.08
O2 GOL P . -14.98 5.58 0.71
C3 GOL P . -17.21 5.22 -0.16
O3 GOL P . -17.82 4.87 1.04
S SO4 Q . -3.30 13.33 -2.76
O1 SO4 Q . -3.41 14.71 -3.23
O2 SO4 Q . -3.50 12.39 -3.87
O3 SO4 Q . -1.98 13.15 -2.16
O4 SO4 Q . -4.30 12.99 -1.74
S SO4 R . -22.15 -2.68 6.63
O1 SO4 R . -22.10 -1.38 7.31
O2 SO4 R . -21.38 -2.67 5.39
O3 SO4 R . -21.62 -3.65 7.57
O4 SO4 R . -23.56 -3.00 6.31
C1 GOL S . 20.00 -39.22 -11.58
O1 GOL S . 19.04 -39.84 -10.71
C2 GOL S . 20.43 -37.83 -10.94
O2 GOL S . 21.24 -37.96 -9.82
C3 GOL S . 21.06 -36.97 -12.10
O3 GOL S . 22.26 -36.43 -11.63
S SO4 T . 29.89 -28.36 -3.78
O1 SO4 T . 29.85 -27.57 -5.02
O2 SO4 T . 29.18 -29.59 -4.12
O3 SO4 T . 31.26 -28.66 -3.40
O4 SO4 T . 29.30 -27.60 -2.69
S SO4 U . 18.14 -50.20 -14.24
O1 SO4 U . 17.91 -49.95 -12.81
O2 SO4 U . 16.91 -50.60 -14.92
O3 SO4 U . 19.14 -51.27 -14.38
O4 SO4 U . 18.69 -49.00 -14.85
C1 GOL V . 14.45 -15.09 21.77
O1 GOL V . 15.40 -14.05 21.56
C2 GOL V . 15.02 -15.97 22.89
O2 GOL V . 15.44 -15.17 23.91
C3 GOL V . 13.87 -16.92 23.34
O3 GOL V . 14.24 -17.61 24.56
S SO4 W . 14.44 -11.86 8.71
O1 SO4 W . 13.68 -10.81 8.04
O2 SO4 W . 14.30 -13.09 7.94
O3 SO4 W . 15.84 -11.50 8.70
O4 SO4 W . 13.95 -12.03 10.10
S SO4 X . 8.35 -17.93 34.14
O1 SO4 X . 9.18 -17.02 33.35
O2 SO4 X . 8.03 -19.10 33.32
O3 SO4 X . 9.04 -18.38 35.35
O4 SO4 X . 7.12 -17.22 34.51
C1 GOL Y . 107.19 -83.99 -63.14
O1 GOL Y . 106.16 -84.44 -64.00
C2 GOL Y . 106.60 -82.87 -62.17
O2 GOL Y . 105.30 -83.14 -61.72
C3 GOL Y . 107.60 -82.82 -61.02
O3 GOL Y . 107.60 -81.52 -60.45
S SO4 Z . 95.04 -92.81 -63.92
O1 SO4 Z . 95.92 -91.64 -64.11
O2 SO4 Z . 95.56 -93.90 -64.76
O3 SO4 Z . 95.03 -93.26 -62.53
O4 SO4 Z . 93.66 -92.51 -64.29
S SO4 AA . 110.52 -71.26 -59.58
O1 SO4 AA . 109.95 -69.93 -59.84
O2 SO4 AA . 111.99 -71.15 -59.52
O3 SO4 AA . 110.04 -71.75 -58.30
O4 SO4 AA . 110.12 -72.15 -60.67
C1 GOL BA . 66.53 -41.86 -41.31
O1 GOL BA . 66.03 -41.79 -42.67
C2 GOL BA . 67.37 -40.53 -41.03
O2 GOL BA . 66.65 -39.40 -41.39
C3 GOL BA . 67.80 -40.51 -39.50
O3 GOL BA . 69.00 -39.77 -39.27
S SO4 CA . 72.80 -40.93 -27.62
O1 SO4 CA . 72.43 -39.57 -27.24
O2 SO4 CA . 72.55 -41.11 -29.06
O3 SO4 CA . 74.22 -41.15 -27.38
O4 SO4 CA . 72.04 -41.88 -26.81
S SO4 DA . 67.58 -44.30 -53.87
O1 SO4 DA . 66.42 -44.05 -54.72
O2 SO4 DA . 68.64 -44.88 -54.69
O3 SO4 DA . 67.26 -45.29 -52.84
O4 SO4 DA . 68.07 -43.06 -53.25
C1 GOL EA . 92.01 -113.72 -37.39
O1 GOL EA . 91.23 -113.39 -38.52
C2 GOL EA . 92.33 -112.40 -36.71
O2 GOL EA . 92.74 -111.46 -37.65
C3 GOL EA . 91.00 -111.99 -36.00
O3 GOL EA . 91.30 -111.07 -34.98
S SO4 FA . 100.35 -113.62 -49.74
O1 SO4 FA . 100.80 -112.71 -50.78
O2 SO4 FA . 101.13 -114.84 -49.67
O3 SO4 FA . 100.49 -113.02 -48.41
O4 SO4 FA . 98.96 -113.95 -50.04
S SO4 GA . 90.80 -113.10 -24.40
O1 SO4 GA . 91.47 -112.00 -25.10
O2 SO4 GA . 90.29 -114.12 -25.32
O3 SO4 GA . 91.77 -113.68 -23.48
O4 SO4 GA . 89.68 -112.53 -23.64
C1 GOL HA . 58.20 -62.36 -6.35
O1 GOL HA . 57.88 -61.01 -6.53
C2 GOL HA . 57.61 -63.15 -7.54
O2 GOL HA . 57.76 -62.45 -8.74
C3 GOL HA . 58.37 -64.51 -7.52
O3 GOL HA . 58.02 -65.32 -8.65
S SO4 IA . 54.26 -48.68 -11.31
O1 SO4 IA . 54.71 -47.84 -10.21
O2 SO4 IA . 52.86 -48.37 -11.62
O3 SO4 IA . 55.09 -48.39 -12.47
O4 SO4 IA . 54.30 -50.09 -10.91
S SO4 JA . 53.89 -75.09 -5.70
O1 SO4 JA . 54.29 -73.98 -4.86
O2 SO4 JA . 53.94 -74.74 -7.13
O3 SO4 JA . 54.78 -76.23 -5.46
O4 SO4 JA . 52.51 -75.47 -5.35
C1 GOL KA . -101.86 107.48 52.22
O1 GOL KA . -102.71 107.26 51.09
C2 GOL KA . -102.70 107.30 53.53
O2 GOL KA . -103.51 106.16 53.46
C3 GOL KA . -101.66 107.27 54.71
O3 GOL KA . -102.36 107.23 55.94
S SO4 LA . -110.08 99.64 42.45
O1 SO4 LA . -109.47 100.24 43.64
O2 SO4 LA . -109.91 100.57 41.34
O3 SO4 LA . -111.50 99.41 42.73
O4 SO4 LA . -109.49 98.35 42.07
S SO4 MA . -103.11 113.93 63.98
O1 SO4 MA . -102.44 114.50 65.14
O2 SO4 MA . -102.16 113.80 62.88
O3 SO4 MA . -104.18 114.84 63.57
O4 SO4 MA . -103.63 112.60 64.33
C1 GOL NA . -8.62 45.87 0.06
O1 GOL NA . -8.15 46.37 -1.14
C2 GOL NA . -10.07 46.37 0.26
O2 GOL NA . -10.90 46.12 -0.85
C3 GOL NA . -10.56 45.64 1.52
O3 GOL NA . -10.63 46.57 2.58
S SO4 OA . -11.11 36.50 -11.24
O1 SO4 OA . -11.08 37.96 -11.18
O2 SO4 OA . -9.76 35.93 -11.26
O3 SO4 OA . -11.83 36.01 -10.07
O4 SO4 OA . -11.85 36.08 -12.44
S SO4 PA . -14.32 55.56 7.20
O1 SO4 PA . -13.45 56.20 8.20
O2 SO4 PA . -13.47 54.91 6.20
O3 SO4 PA . -15.25 54.62 7.85
O4 SO4 PA . -15.12 56.59 6.54
C1 GOL QA . -58.74 58.20 -2.35
O1 GOL QA . -58.35 57.07 -1.61
C2 GOL QA . -57.89 59.43 -1.94
O2 GOL QA . -56.57 59.08 -1.64
C3 GOL QA . -57.96 60.34 -3.20
O3 GOL QA . -58.46 61.58 -2.80
S SO4 RA . -53.45 72.23 5.09
O1 SO4 RA . -54.55 72.41 4.13
O2 SO4 RA . -53.17 70.81 5.27
O3 SO4 RA . -52.24 72.85 4.54
O4 SO4 RA . -53.78 72.84 6.37
S SO4 SA . -55.40 48.43 -7.52
O1 SO4 SA . -55.48 49.82 -7.97
O2 SO4 SA . -54.22 47.75 -8.03
O3 SO4 SA . -55.33 48.34 -6.06
O4 SO4 SA . -56.62 47.80 -8.01
C1 GOL TA . -105.80 66.22 44.54
O1 GOL TA . -106.11 67.29 43.72
C2 GOL TA . -106.06 66.65 46.00
O2 GOL TA . -106.31 68.00 46.11
C3 GOL TA . -107.22 65.77 46.50
O3 GOL TA . -107.27 65.93 47.89
S SO4 UA . -97.73 76.83 39.60
O1 SO4 UA . -97.93 78.22 40.00
O2 SO4 UA . -98.58 76.57 38.43
O3 SO4 UA . -96.34 76.68 39.19
O4 SO4 UA . -98.02 75.88 40.66
S SO4 VA . -107.83 56.30 53.11
O1 SO4 VA . -107.66 57.74 53.33
O2 SO4 VA . -107.05 55.90 51.95
O3 SO4 VA . -107.41 55.58 54.31
O4 SO4 VA . -109.23 55.96 52.84
#